data_5HKK
#
_entry.id   5HKK
#
_cell.length_a   147.820
_cell.length_b   130.790
_cell.length_c   210.390
_cell.angle_alpha   90.000
_cell.angle_beta   107.970
_cell.angle_gamma   90.000
#
_symmetry.space_group_name_H-M   'P 1 21 1'
#
loop_
_entity.id
_entity.type
_entity.pdbx_description
1 polymer 'ATP synthase subunit alpha'
2 polymer 'ATP synthase subunit beta'
3 polymer 'ATP synthase gamma chain'
4 polymer 'ATP synthase epsilon chain'
5 non-polymer "ADENOSINE-5'-DIPHOSPHATE"
6 non-polymer 'MAGNESIUM ION'
7 non-polymer GLYCEROL
8 non-polymer 'PHOSPHATE ION'
9 non-polymer "ADENOSINE-5'-TRIPHOSPHATE"
10 water water
#
loop_
_entity_poly.entity_id
_entity_poly.type
_entity_poly.pdbx_seq_one_letter_code
_entity_poly.pdbx_strand_id
1 'polypeptide(L)'
;MSIRPEEISALIKKQIENYEADLEVVEVGTVIQVGDGIARVHGLEKVMAGELLEFENGVMGMAQNLEEDNVGVVILGPYT
EIREGTQVKRTGRIMEVPVGEALLGRVVNPLGQPLDGRGPIETAEYRPIESPAPGVMDRKSVHEPLQTGIKAIDSMIPIG
RGQRELIIGDRQTGKTTIAIDTIINQKGQDVICIYVAIGQKQSTVAGVVETLRQHDALDYTIVVTASASEPAPLLYLAPY
AGCAMGEYFMYKGKHALVVYDDLSKQAAAYRELSLLLRRPPGREAYPGDVFYLHSRLLERAAKLSDEKGGGSLTALPFIE
TQAGDVSAYIPTNVISITDGQIFLESDLFYSGVRPAVNVGISVSRVGGAAQIKAMKKVAGTLRLDLAQYRELQAFAQFGS
DLDKATQAKLNRGERTVEILKQDEHKPMPVEEQVISIYAVTNGFMDDIPVEDVRRFEEELLSFMRANKDSLLDHIRQTGE
LPDTKELDAAIEEFKKGFTPSA
;
A,B,C,I,J,K
2 'polypeptide(L)'
;MNKGRIIQVMGPVVDIQFESGQLPDIYNAITIERPQGGTLTVEAAVHLGDNVVRCVAMASTDGLVRGLEAVDTGAPISVP
VGKATLGRVFNVLGEPIDEQGEVNAEERHPIHRPAPEFEELSTADEILETGIKVIDLLAPYAKGGKIGLFGGAGVGKTVL
IQELINNVAQEHGGLSVFAGVGERTREGNDLYHEMKDSGVISKTSMVFGQMNEPPGARLRVALTGLTMAEYFRDREGQDV
LLFIDNIFRFTQAGSEVSALLGRMPSAVGYQPTLATEMGQLQERITSTKKGSITSIQAIYVPADDYTDPAPATTFAHLDA
TTNLERKLAEMGIYPAVDPLASTSRILSPAVVGEEHYRVARGVQQVLQRYNDLQDIIAILGMDELSDEDKLIVARARKIQ
RFLSQPFHVAEQFTGMPGKYVPVKETVRGFKEILEGKHDNLPEEAFYMVGTIDEAVEKAKKL
;
D,E,F,L,M,N
3 'polypeptide(L)'
;MQGMREIKRRIRSVKNTRQITKAMKMVAAAKLRRAQETAENARPYADKIKEVISSIAAGTKDFSHPMLEARPVKKTGYMV
ITSDRGLAGPYNANILRLVSKTIEERHQSKDEYVIFAVGRKGRDFFKKRGYPVVEEVTGISDTPSLTEIQDIAQSAIGMF
ADETFDKLTIFYNEFVSPIVQRPVEKQLLPLTSEEVLDGPVSAYEYEPDSESVLEVLLPKYAETLIYSALLDAKASEFGA
RMTAMGNATDNATEMLETLTLQFNRARQAAITQEIAEIVAGANALR
;
G,O
4 'polypeptide(L)'
;MATVQVDIVTPERKVFQGEADIVIARGVEGELGVMAGHIPLVTPLKTAPVRIKQGDKETLIAVSGGFLEVRPDKVNILAD
TAELPEEIDVERAKKAKARHETILKRLDKTDKDYLRHKRALERAEVRLQVANSKS
;
H,P
#
loop_
_chem_comp.id
_chem_comp.type
_chem_comp.name
_chem_comp.formula
ADP non-polymer ADENOSINE-5'-DIPHOSPHATE 'C10 H15 N5 O10 P2'
ATP non-polymer ADENOSINE-5'-TRIPHOSPHATE 'C10 H16 N5 O13 P3'
GOL non-polymer GLYCEROL 'C3 H8 O3'
MG non-polymer 'MAGNESIUM ION' 'Mg 2'
PO4 non-polymer 'PHOSPHATE ION' 'O4 P -3'
#
# COMPACT_ATOMS: atom_id res chain seq x y z
N VAL A 26 -3.24 51.59 77.80
CA VAL A 26 -3.94 50.50 77.04
C VAL A 26 -5.36 50.83 76.52
N GLU A 27 -6.17 51.52 77.35
CA GLU A 27 -7.59 51.82 77.10
C GLU A 27 -8.50 50.75 76.56
N VAL A 28 -7.96 49.73 75.86
CA VAL A 28 -8.67 48.59 75.28
C VAL A 28 -9.65 48.96 74.16
N GLY A 29 -9.88 48.00 73.26
CA GLY A 29 -10.95 48.09 72.25
C GLY A 29 -11.61 46.75 72.06
N THR A 30 -12.81 46.77 71.49
CA THR A 30 -13.60 45.56 71.26
C THR A 30 -13.86 45.36 69.78
N VAL A 31 -13.87 44.10 69.35
CA VAL A 31 -14.04 43.75 67.94
C VAL A 31 -15.51 43.79 67.51
N ILE A 32 -15.82 44.63 66.54
CA ILE A 32 -17.18 44.75 65.97
C ILE A 32 -17.46 43.65 64.92
N GLN A 33 -16.49 43.43 64.02
CA GLN A 33 -16.60 42.50 62.90
C GLN A 33 -15.28 41.83 62.57
N VAL A 34 -15.33 40.58 62.11
CA VAL A 34 -14.14 39.82 61.73
C VAL A 34 -14.44 38.97 60.51
N GLY A 35 -13.45 38.84 59.61
CA GLY A 35 -13.59 38.00 58.43
C GLY A 35 -12.39 38.16 57.52
N ASP A 36 -11.93 37.03 56.97
CA ASP A 36 -10.83 37.00 56.00
C ASP A 36 -9.53 37.65 56.50
N GLY A 37 -9.22 37.50 57.77
CA GLY A 37 -8.00 38.01 58.37
C GLY A 37 -8.01 39.52 58.65
N ILE A 38 -9.20 40.14 58.64
CA ILE A 38 -9.38 41.55 58.97
C ILE A 38 -10.37 41.62 60.13
N ALA A 39 -10.08 42.49 61.11
CA ALA A 39 -11.05 42.88 62.12
C ALA A 39 -11.30 44.37 62.13
N ARG A 40 -12.54 44.76 62.39
CA ARG A 40 -12.87 46.16 62.64
C ARG A 40 -13.16 46.31 64.14
N VAL A 41 -12.54 47.29 64.76
CA VAL A 41 -12.44 47.40 66.22
C VAL A 41 -12.96 48.76 66.69
N HIS A 42 -13.89 48.73 67.66
CA HIS A 42 -14.40 49.93 68.34
C HIS A 42 -13.44 50.29 69.49
N GLY A 43 -13.33 51.58 69.74
CA GLY A 43 -12.43 52.08 70.76
C GLY A 43 -11.04 52.28 70.22
N LEU A 44 -10.04 52.10 71.09
CA LEU A 44 -8.65 52.39 70.76
C LEU A 44 -8.48 53.79 70.16
N GLU A 45 -9.11 54.79 70.81
CA GLU A 45 -9.17 56.16 70.29
C GLU A 45 -7.80 56.75 69.98
N LYS A 46 -6.84 56.51 70.85
CA LYS A 46 -5.53 57.17 70.75
C LYS A 46 -4.51 56.35 69.91
N VAL A 47 -4.95 55.31 69.17
CA VAL A 47 -4.01 54.44 68.42
C VAL A 47 -3.32 55.15 67.25
N MET A 48 -2.05 54.80 67.02
CA MET A 48 -1.31 55.33 65.89
C MET A 48 -1.60 54.52 64.64
N ALA A 49 -1.47 55.18 63.48
CA ALA A 49 -1.49 54.48 62.21
C ALA A 49 -0.21 53.65 62.08
N GLY A 50 -0.38 52.34 61.92
CA GLY A 50 0.71 51.39 61.79
C GLY A 50 1.15 50.74 63.09
N GLU A 51 0.37 50.97 64.15
CA GLU A 51 0.71 50.48 65.49
C GLU A 51 0.45 48.99 65.63
N LEU A 52 1.28 48.35 66.42
CA LEU A 52 1.16 46.92 66.72
C LEU A 52 0.10 46.79 67.83
N LEU A 53 -0.84 45.84 67.66
CA LEU A 53 -1.89 45.59 68.62
C LEU A 53 -1.89 44.13 69.03
N GLU A 54 -2.35 43.86 70.25
CA GLU A 54 -2.42 42.50 70.77
C GLU A 54 -3.87 42.15 71.08
N PHE A 55 -4.35 41.08 70.45
CA PHE A 55 -5.69 40.57 70.75
C PHE A 55 -5.65 39.77 72.06
N GLU A 56 -6.81 39.58 72.65
CA GLU A 56 -6.95 38.91 73.96
C GLU A 56 -6.17 37.60 74.06
N ASN A 57 -6.14 36.81 72.99
CA ASN A 57 -5.48 35.50 73.00
C ASN A 57 -4.01 35.47 72.54
N GLY A 58 -3.31 36.61 72.60
CA GLY A 58 -1.89 36.66 72.24
C GLY A 58 -1.53 36.81 70.76
N VAL A 59 -2.53 36.75 69.88
CA VAL A 59 -2.32 36.93 68.43
C VAL A 59 -2.15 38.43 68.17
N MET A 60 -1.14 38.80 67.39
CA MET A 60 -0.88 40.22 67.12
C MET A 60 -1.69 40.72 65.93
N GLY A 61 -1.83 42.04 65.84
CA GLY A 61 -2.42 42.70 64.66
C GLY A 61 -1.78 44.07 64.39
N MET A 62 -2.14 44.70 63.28
CA MET A 62 -1.63 45.99 62.89
C MET A 62 -2.75 46.94 62.50
N ALA A 63 -2.76 48.12 63.11
CA ALA A 63 -3.72 49.16 62.82
C ALA A 63 -3.38 49.75 61.46
N GLN A 64 -4.30 49.60 60.52
CA GLN A 64 -4.09 50.05 59.16
C GLN A 64 -4.95 51.23 58.80
N ASN A 65 -6.24 51.11 59.04
CA ASN A 65 -7.21 52.19 58.69
C ASN A 65 -7.74 52.80 60.00
N LEU A 66 -7.50 54.10 60.20
CA LEU A 66 -8.08 54.83 61.32
C LEU A 66 -9.37 55.53 60.83
N GLU A 67 -10.53 54.94 61.08
CA GLU A 67 -11.78 55.39 60.48
C GLU A 67 -12.54 56.24 61.46
N GLU A 68 -13.64 56.84 61.00
CA GLU A 68 -14.43 57.75 61.84
C GLU A 68 -14.96 57.07 63.09
N ASP A 69 -15.42 55.83 63.00
CA ASP A 69 -16.02 55.10 64.08
C ASP A 69 -15.54 53.64 64.32
N ASN A 70 -14.37 53.33 63.80
CA ASN A 70 -13.69 52.04 64.07
C ASN A 70 -12.21 52.18 63.70
N VAL A 71 -11.45 51.13 63.98
CA VAL A 71 -10.12 50.92 63.46
C VAL A 71 -10.07 49.62 62.66
N GLY A 72 -9.54 49.71 61.43
CA GLY A 72 -9.28 48.55 60.59
C GLY A 72 -7.96 47.93 61.01
N VAL A 73 -8.02 46.65 61.38
CA VAL A 73 -6.86 45.94 61.94
C VAL A 73 -6.62 44.66 61.15
N VAL A 74 -5.41 44.52 60.61
CA VAL A 74 -5.02 43.38 59.80
C VAL A 74 -4.27 42.38 60.72
N ILE A 75 -4.78 41.14 60.74
CA ILE A 75 -4.41 40.17 61.77
C ILE A 75 -3.19 39.43 61.30
N LEU A 76 -2.18 39.33 62.18
CA LEU A 76 -0.87 38.75 61.81
C LEU A 76 -0.70 37.34 62.36
N GLY A 77 -1.74 36.53 62.22
CA GLY A 77 -1.76 35.18 62.75
C GLY A 77 -3.14 34.55 62.62
N PRO A 78 -3.34 33.36 63.21
CA PRO A 78 -4.64 32.68 63.18
C PRO A 78 -5.75 33.59 63.69
N TYR A 79 -6.87 33.64 62.97
CA TYR A 79 -7.98 34.53 63.30
C TYR A 79 -9.31 33.80 63.58
N THR A 80 -9.29 32.47 63.73
CA THR A 80 -10.52 31.70 64.03
C THR A 80 -11.04 31.95 65.46
N GLU A 81 -10.11 32.14 66.39
CA GLU A 81 -10.43 32.43 67.80
C GLU A 81 -10.75 33.91 68.10
N ILE A 82 -10.64 34.78 67.09
CA ILE A 82 -11.08 36.17 67.19
C ILE A 82 -12.52 36.25 66.68
N ARG A 83 -13.38 36.89 67.49
CA ARG A 83 -14.83 36.99 67.26
C ARG A 83 -15.33 38.40 67.61
N GLU A 84 -16.64 38.60 67.52
CA GLU A 84 -17.26 39.83 67.94
C GLU A 84 -17.23 39.84 69.47
N GLY A 85 -16.66 40.88 70.05
CA GLY A 85 -16.49 41.00 71.49
C GLY A 85 -15.06 40.82 71.99
N THR A 86 -14.21 40.15 71.23
CA THR A 86 -12.82 39.91 71.66
C THR A 86 -12.08 41.23 71.84
N GLN A 87 -11.20 41.28 72.81
CA GLN A 87 -10.65 42.57 73.24
C GLN A 87 -9.26 42.76 72.63
N VAL A 88 -8.90 44.02 72.37
CA VAL A 88 -7.65 44.36 71.73
C VAL A 88 -6.95 45.45 72.53
N LYS A 89 -5.66 45.23 72.81
CA LYS A 89 -4.84 46.13 73.61
C LYS A 89 -3.89 46.84 72.67
N ARG A 90 -3.68 48.13 72.88
CA ARG A 90 -2.58 48.81 72.19
C ARG A 90 -1.25 48.36 72.78
N THR A 91 -0.19 48.44 72.00
CA THR A 91 1.17 48.30 72.53
C THR A 91 1.94 49.61 72.51
N GLY A 92 1.43 50.64 71.84
CA GLY A 92 2.16 51.90 71.68
C GLY A 92 3.41 51.82 70.80
N ARG A 93 3.64 50.71 70.10
CA ARG A 93 4.89 50.48 69.36
C ARG A 93 4.64 50.31 67.87
N ILE A 94 5.42 50.95 67.02
CA ILE A 94 5.41 50.65 65.53
C ILE A 94 6.19 49.32 65.39
N MET A 95 5.90 48.59 64.32
CA MET A 95 6.60 47.35 64.02
C MET A 95 8.16 47.48 64.03
N GLU A 96 8.72 46.52 64.77
CA GLU A 96 10.19 46.27 64.86
C GLU A 96 10.56 44.83 64.62
N VAL A 97 11.81 44.57 64.26
CA VAL A 97 12.30 43.20 64.07
C VAL A 97 13.71 43.02 64.65
N PRO A 98 14.01 41.82 65.19
CA PRO A 98 15.35 41.59 65.72
C PRO A 98 16.36 41.58 64.61
N VAL A 99 17.57 42.01 64.92
CA VAL A 99 18.57 42.31 63.89
C VAL A 99 19.95 41.93 64.41
N GLY A 100 20.89 41.77 63.48
CA GLY A 100 22.27 41.54 63.82
C GLY A 100 22.82 40.20 63.42
N GLU A 101 24.00 39.90 63.96
CA GLU A 101 24.81 38.75 63.52
C GLU A 101 24.21 37.43 63.94
N ALA A 102 23.34 37.44 64.96
CA ALA A 102 22.63 36.23 65.40
C ALA A 102 21.70 35.61 64.34
N LEU A 103 21.28 36.41 63.36
CA LEU A 103 20.42 35.93 62.26
C LEU A 103 21.14 35.17 61.16
N LEU A 104 22.45 35.38 61.03
CA LEU A 104 23.24 34.70 60.00
C LEU A 104 23.08 33.17 60.12
N GLY A 105 22.82 32.51 59.00
CA GLY A 105 22.57 31.07 58.97
C GLY A 105 21.20 30.62 59.47
N ARG A 106 20.35 31.55 59.88
CA ARG A 106 19.03 31.20 60.43
C ARG A 106 17.92 31.47 59.42
N VAL A 107 16.81 30.75 59.61
CA VAL A 107 15.60 30.93 58.80
C VAL A 107 14.55 31.53 59.73
N VAL A 108 14.05 32.71 59.36
CA VAL A 108 13.07 33.43 60.17
C VAL A 108 11.89 33.89 59.34
N ASN A 109 10.78 34.19 60.01
CA ASN A 109 9.64 34.84 59.39
C ASN A 109 9.82 36.38 59.42
N PRO A 110 8.88 37.16 58.86
CA PRO A 110 9.03 38.62 58.90
C PRO A 110 9.02 39.28 60.29
N LEU A 111 8.52 38.58 61.31
CA LEU A 111 8.61 39.03 62.72
C LEU A 111 9.96 38.67 63.40
N GLY A 112 10.84 37.94 62.71
CA GLY A 112 12.13 37.53 63.25
C GLY A 112 12.09 36.29 64.14
N GLN A 113 11.02 35.49 64.03
CA GLN A 113 10.87 34.29 64.82
C GLN A 113 11.46 33.10 64.06
N PRO A 114 12.27 32.26 64.72
CA PRO A 114 12.97 31.19 64.02
C PRO A 114 12.07 30.04 63.56
N LEU A 115 12.10 29.74 62.26
CA LEU A 115 11.32 28.67 61.67
C LEU A 115 12.09 27.36 61.50
N ASP A 116 13.42 27.44 61.59
CA ASP A 116 14.30 26.26 61.38
C ASP A 116 14.38 25.32 62.57
N GLY A 117 13.74 25.70 63.69
CA GLY A 117 13.68 24.84 64.88
C GLY A 117 15.01 24.63 65.58
N ARG A 118 15.93 25.59 65.43
CA ARG A 118 17.20 25.59 66.16
C ARG A 118 17.15 26.60 67.31
N GLY A 119 15.99 26.77 67.96
CA GLY A 119 15.89 27.58 69.15
C GLY A 119 16.02 29.07 68.91
N PRO A 120 16.07 29.86 69.99
CA PRO A 120 15.95 31.33 69.90
C PRO A 120 17.11 32.05 69.22
N ILE A 121 16.85 33.30 68.86
CA ILE A 121 17.80 34.17 68.18
C ILE A 121 18.38 35.14 69.24
N GLU A 122 19.56 34.81 69.75
CA GLU A 122 20.19 35.59 70.84
C GLU A 122 20.70 36.98 70.35
N THR A 123 19.84 37.99 70.39
CA THR A 123 20.23 39.36 70.02
C THR A 123 19.54 40.44 70.85
N ALA A 124 20.34 41.44 71.22
CA ALA A 124 19.87 42.60 71.99
C ALA A 124 19.44 43.77 71.09
N GLU A 125 19.80 43.74 69.81
CA GLU A 125 19.49 44.85 68.90
C GLU A 125 18.23 44.57 68.07
N TYR A 126 17.37 45.57 67.98
CA TYR A 126 16.19 45.59 67.14
C TYR A 126 16.25 46.79 66.20
N ARG A 127 15.39 46.81 65.18
CA ARG A 127 15.34 47.89 64.21
C ARG A 127 13.93 48.00 63.59
N PRO A 128 13.45 49.23 63.32
CA PRO A 128 12.07 49.38 62.87
C PRO A 128 11.88 48.97 61.41
N ILE A 129 10.72 48.37 61.10
CA ILE A 129 10.48 47.79 59.79
C ILE A 129 10.31 48.90 58.73
N GLU A 130 9.59 49.96 59.09
CA GLU A 130 9.48 51.17 58.29
C GLU A 130 10.58 52.09 58.82
N SER A 131 11.41 52.62 57.92
CA SER A 131 12.47 53.55 58.28
C SER A 131 12.83 54.43 57.08
N PRO A 132 13.19 55.71 57.31
CA PRO A 132 13.49 56.60 56.19
C PRO A 132 14.74 56.18 55.41
N ALA A 133 14.76 56.49 54.12
CA ALA A 133 15.88 56.14 53.26
C ALA A 133 16.96 57.19 53.41
N PRO A 134 18.22 56.82 53.11
CA PRO A 134 19.29 57.83 53.05
C PRO A 134 18.92 58.95 52.10
N GLY A 135 19.01 60.19 52.55
CA GLY A 135 18.65 61.36 51.74
C GLY A 135 19.68 61.65 50.66
N VAL A 136 19.48 62.73 49.93
CA VAL A 136 20.30 63.00 48.74
C VAL A 136 21.77 63.23 49.11
N MET A 137 22.02 63.85 50.27
CA MET A 137 23.38 64.17 50.72
C MET A 137 24.08 63.05 51.47
N ASP A 138 23.37 61.99 51.83
CA ASP A 138 23.96 60.87 52.60
C ASP A 138 24.61 59.78 51.75
N ARG A 139 24.67 59.99 50.45
CA ARG A 139 25.09 58.98 49.49
C ARG A 139 26.36 59.36 48.76
N LYS A 140 26.95 58.34 48.13
CA LYS A 140 28.06 58.48 47.20
C LYS A 140 27.73 57.67 45.94
N SER A 141 28.18 58.17 44.79
CA SER A 141 27.95 57.47 43.52
C SER A 141 28.49 56.07 43.59
N VAL A 142 27.73 55.11 43.07
CA VAL A 142 28.11 53.70 43.16
C VAL A 142 29.36 53.54 42.33
N HIS A 143 30.37 52.92 42.94
CA HIS A 143 31.68 52.74 42.29
C HIS A 143 32.35 51.37 42.53
N GLU A 144 31.77 50.52 43.36
CA GLU A 144 32.41 49.26 43.79
C GLU A 144 31.63 48.07 43.19
N PRO A 145 32.33 47.11 42.56
CA PRO A 145 31.60 45.95 42.00
C PRO A 145 30.89 45.07 43.02
N LEU A 146 29.73 44.54 42.63
CA LEU A 146 29.14 43.37 43.28
C LEU A 146 29.16 42.30 42.20
N GLN A 147 30.14 41.39 42.31
CA GLN A 147 30.36 40.40 41.26
C GLN A 147 29.33 39.29 41.47
N THR A 148 28.47 39.06 40.47
CA THR A 148 27.53 37.95 40.52
C THR A 148 28.21 36.61 40.26
N GLY A 149 29.32 36.66 39.53
CA GLY A 149 29.95 35.46 39.03
C GLY A 149 29.37 34.91 37.76
N ILE A 150 28.48 35.67 37.13
CA ILE A 150 27.78 35.26 35.93
C ILE A 150 28.31 36.17 34.81
N LYS A 151 29.03 35.59 33.86
CA LYS A 151 29.70 36.34 32.79
C LYS A 151 28.75 37.35 32.11
N ALA A 152 27.61 36.85 31.68
CA ALA A 152 26.60 37.68 31.03
C ALA A 152 26.29 38.95 31.82
N ILE A 153 26.14 38.83 33.14
CA ILE A 153 25.75 39.95 34.00
C ILE A 153 26.94 40.85 34.30
N ASP A 154 28.01 40.29 34.87
CA ASP A 154 29.19 41.07 35.27
C ASP A 154 29.88 41.80 34.13
N SER A 155 29.70 41.31 32.89
CA SER A 155 30.28 41.95 31.70
C SER A 155 29.36 42.97 31.05
N MET A 156 28.09 42.61 30.84
CA MET A 156 27.13 43.44 30.09
C MET A 156 26.17 44.25 30.95
N ILE A 157 25.74 43.71 32.10
CA ILE A 157 24.77 44.38 32.98
C ILE A 157 25.34 44.48 34.41
N PRO A 158 26.47 45.19 34.57
CA PRO A 158 27.23 45.12 35.81
C PRO A 158 26.49 45.71 36.99
N ILE A 159 26.45 44.96 38.09
CA ILE A 159 25.83 45.42 39.33
C ILE A 159 26.92 45.97 40.24
N GLY A 160 26.59 47.05 40.94
CA GLY A 160 27.48 47.72 41.91
C GLY A 160 26.91 47.78 43.32
N ARG A 161 27.78 48.03 44.29
CA ARG A 161 27.37 48.01 45.70
C ARG A 161 26.58 49.27 46.00
N GLY A 162 25.31 49.07 46.35
CA GLY A 162 24.35 50.16 46.51
C GLY A 162 23.30 50.27 45.41
N GLN A 163 23.46 49.46 44.36
CA GLN A 163 22.56 49.48 43.21
C GLN A 163 21.29 48.67 43.48
N ARG A 164 20.22 49.04 42.80
CA ARG A 164 19.01 48.23 42.76
C ARG A 164 18.91 47.75 41.32
N GLU A 165 18.92 46.43 41.13
CA GLU A 165 18.86 45.85 39.78
C GLU A 165 17.72 44.83 39.73
N LEU A 166 16.69 45.12 38.92
CA LEU A 166 15.53 44.25 38.81
C LEU A 166 15.88 42.97 38.04
N ILE A 167 15.46 41.82 38.55
CA ILE A 167 15.51 40.57 37.78
C ILE A 167 14.05 40.24 37.41
N ILE A 168 13.77 40.23 36.11
CA ILE A 168 12.39 40.17 35.61
C ILE A 168 12.30 39.13 34.50
N GLY A 169 11.21 38.36 34.51
CA GLY A 169 10.98 37.36 33.43
C GLY A 169 9.84 36.44 33.81
N ASP A 170 9.41 35.63 32.85
CA ASP A 170 8.36 34.65 33.09
C ASP A 170 8.78 33.63 34.15
N ARG A 171 7.82 32.84 34.59
CA ARG A 171 8.13 31.67 35.41
C ARG A 171 9.09 30.72 34.66
N GLN A 172 9.98 30.06 35.40
CA GLN A 172 10.93 29.07 34.83
C GLN A 172 11.90 29.64 33.77
N THR A 173 12.27 30.90 33.90
CA THR A 173 13.29 31.50 33.03
C THR A 173 14.67 31.63 33.70
N GLY A 174 14.77 31.24 34.97
CA GLY A 174 16.06 31.15 35.68
C GLY A 174 16.39 32.30 36.61
N LYS A 175 15.36 32.92 37.21
CA LYS A 175 15.52 34.12 38.07
C LYS A 175 16.10 33.79 39.43
N THR A 176 15.50 32.82 40.13
CA THR A 176 15.98 32.41 41.45
C THR A 176 17.42 31.90 41.38
N THR A 177 17.74 31.07 40.39
CA THR A 177 19.13 30.58 40.24
C THR A 177 20.16 31.69 40.01
N ILE A 178 19.77 32.82 39.44
CA ILE A 178 20.70 33.98 39.33
C ILE A 178 21.05 34.52 40.72
N ALA A 179 20.04 34.71 41.56
CA ALA A 179 20.25 35.23 42.91
C ALA A 179 21.00 34.23 43.81
N ILE A 180 20.65 32.95 43.72
CA ILE A 180 21.36 31.90 44.48
C ILE A 180 22.85 31.84 44.09
N ASP A 181 23.13 31.89 42.80
CA ASP A 181 24.51 31.90 42.31
C ASP A 181 25.25 33.17 42.75
N THR A 182 24.54 34.29 42.81
CA THR A 182 25.13 35.56 43.26
C THR A 182 25.50 35.52 44.74
N ILE A 183 24.63 34.94 45.56
CA ILE A 183 24.88 34.76 47.00
C ILE A 183 26.09 33.84 47.20
N ILE A 184 26.09 32.69 46.56
CA ILE A 184 27.22 31.74 46.59
C ILE A 184 28.56 32.41 46.24
N ASN A 185 28.55 33.30 45.25
CA ASN A 185 29.77 34.00 44.82
C ASN A 185 30.27 35.05 45.81
N GLN A 186 29.45 35.43 46.80
CA GLN A 186 29.89 36.32 47.88
C GLN A 186 30.67 35.60 49.01
N LYS A 187 30.91 34.29 48.87
CA LYS A 187 31.75 33.54 49.80
C LYS A 187 33.13 34.18 49.94
N GLY A 188 33.47 34.56 51.16
CA GLY A 188 34.74 35.24 51.44
C GLY A 188 34.90 36.68 50.95
N GLN A 189 33.84 37.31 50.43
CA GLN A 189 33.90 38.70 49.96
C GLN A 189 33.46 39.69 51.04
N ASP A 190 33.14 39.17 52.22
CA ASP A 190 32.68 39.96 53.35
C ASP A 190 31.42 40.76 52.98
N VAL A 191 30.43 40.03 52.44
CA VAL A 191 29.15 40.61 52.05
C VAL A 191 28.05 39.74 52.66
N ILE A 192 27.20 40.38 53.46
CA ILE A 192 26.13 39.68 54.16
C ILE A 192 24.95 39.63 53.19
N CYS A 193 24.37 38.43 53.05
CA CYS A 193 23.29 38.22 52.09
C CYS A 193 21.98 37.97 52.81
N ILE A 194 20.88 38.47 52.21
CA ILE A 194 19.54 38.26 52.78
C ILE A 194 18.59 37.81 51.64
N TYR A 195 18.10 36.58 51.73
CA TYR A 195 17.15 36.06 50.76
C TYR A 195 15.76 36.13 51.37
N VAL A 196 14.94 37.05 50.83
CA VAL A 196 13.56 37.20 51.27
C VAL A 196 12.64 36.44 50.31
N ALA A 197 11.87 35.49 50.85
CA ALA A 197 11.01 34.64 50.04
C ALA A 197 9.57 34.98 50.32
N ILE A 198 8.95 35.72 49.40
CA ILE A 198 7.57 36.17 49.55
C ILE A 198 6.65 35.32 48.68
N GLY A 199 5.75 34.59 49.33
CA GLY A 199 4.66 33.91 48.63
C GLY A 199 5.03 32.59 48.00
N GLN A 200 6.24 32.08 48.26
CA GLN A 200 6.66 30.82 47.67
C GLN A 200 6.08 29.67 48.43
N LYS A 201 6.13 28.50 47.82
CA LYS A 201 5.86 27.25 48.52
C LYS A 201 7.04 27.02 49.47
N GLN A 202 6.75 26.49 50.64
CA GLN A 202 7.73 26.39 51.72
C GLN A 202 8.77 25.30 51.42
N SER A 203 8.34 24.21 50.78
CA SER A 203 9.25 23.16 50.30
C SER A 203 10.36 23.75 49.41
N THR A 204 9.99 24.65 48.51
CA THR A 204 10.95 25.35 47.65
C THR A 204 11.97 26.15 48.47
N VAL A 205 11.50 26.82 49.52
CA VAL A 205 12.37 27.62 50.39
C VAL A 205 13.34 26.70 51.15
N ALA A 206 12.84 25.55 51.61
CA ALA A 206 13.69 24.52 52.22
C ALA A 206 14.77 24.02 51.25
N GLY A 207 14.38 23.86 49.99
CA GLY A 207 15.30 23.53 48.91
C GLY A 207 16.38 24.60 48.69
N VAL A 208 16.00 25.87 48.79
CA VAL A 208 16.96 26.98 48.64
C VAL A 208 18.00 26.96 49.76
N VAL A 209 17.55 26.84 51.01
CA VAL A 209 18.49 26.83 52.14
C VAL A 209 19.45 25.64 52.04
N GLU A 210 18.95 24.50 51.59
CA GLU A 210 19.78 23.32 51.41
C GLU A 210 20.84 23.51 50.31
N THR A 211 20.49 24.19 49.22
CA THR A 211 21.44 24.48 48.14
C THR A 211 22.55 25.42 48.64
N LEU A 212 22.17 26.39 49.48
CA LEU A 212 23.15 27.31 50.07
C LEU A 212 24.10 26.61 51.02
N ARG A 213 23.55 25.74 51.86
CA ARG A 213 24.31 24.91 52.80
C ARG A 213 25.40 24.12 52.07
N GLN A 214 25.02 23.44 50.99
CA GLN A 214 25.95 22.60 50.24
C GLN A 214 27.06 23.36 49.52
N HIS A 215 26.83 24.63 49.17
CA HIS A 215 27.87 25.49 48.56
C HIS A 215 28.57 26.38 49.61
N ASP A 216 28.28 26.12 50.90
CA ASP A 216 28.91 26.76 52.04
C ASP A 216 28.69 28.28 51.98
N ALA A 217 27.44 28.65 51.66
CA ALA A 217 27.01 30.03 51.59
C ALA A 217 25.99 30.40 52.67
N LEU A 218 25.58 29.43 53.49
CA LEU A 218 24.53 29.69 54.47
C LEU A 218 25.02 30.47 55.69
N ASP A 219 26.25 30.28 56.11
CA ASP A 219 26.75 30.97 57.34
C ASP A 219 26.89 32.51 57.22
N TYR A 220 26.83 33.09 56.02
CA TYR A 220 26.77 34.55 55.87
C TYR A 220 25.43 35.05 55.30
N THR A 221 24.41 34.20 55.34
CA THR A 221 23.12 34.48 54.71
C THR A 221 21.96 34.37 55.70
N ILE A 222 21.11 35.40 55.73
CA ILE A 222 19.86 35.37 56.48
C ILE A 222 18.72 35.01 55.50
N VAL A 223 17.78 34.19 55.96
CA VAL A 223 16.65 33.78 55.13
C VAL A 223 15.32 34.19 55.77
N VAL A 224 14.63 35.18 55.18
CA VAL A 224 13.32 35.62 55.62
C VAL A 224 12.28 34.96 54.72
N THR A 225 11.18 34.44 55.29
CA THR A 225 10.18 33.66 54.54
C THR A 225 8.76 33.92 55.00
N ALA A 226 7.94 34.44 54.10
CA ALA A 226 6.50 34.48 54.30
C ALA A 226 5.93 33.53 53.27
N SER A 227 5.67 32.29 53.71
CA SER A 227 5.22 31.26 52.79
C SER A 227 3.79 31.53 52.34
N ALA A 228 3.37 30.84 51.27
CA ALA A 228 2.06 31.06 50.65
C ALA A 228 0.86 30.86 51.59
N SER A 229 1.01 30.04 52.63
CA SER A 229 -0.04 29.81 53.62
C SER A 229 -0.15 30.90 54.70
N GLU A 230 0.88 31.72 54.85
CA GLU A 230 0.86 32.79 55.86
C GLU A 230 -0.20 33.86 55.53
N PRO A 231 -0.73 34.55 56.54
CA PRO A 231 -1.63 35.66 56.25
C PRO A 231 -0.99 36.76 55.43
N ALA A 232 -1.80 37.41 54.60
CA ALA A 232 -1.32 38.43 53.65
C ALA A 232 -0.41 39.50 54.27
N PRO A 233 -0.73 40.00 55.47
CA PRO A 233 0.14 41.02 56.07
C PRO A 233 1.61 40.62 56.27
N LEU A 234 1.88 39.32 56.45
CA LEU A 234 3.27 38.84 56.56
C LEU A 234 3.98 38.87 55.22
N LEU A 235 3.28 38.51 54.15
CA LEU A 235 3.81 38.63 52.77
C LEU A 235 4.10 40.11 52.46
N TYR A 236 3.20 40.99 52.91
CA TYR A 236 3.38 42.45 52.79
C TYR A 236 4.64 42.96 53.53
N LEU A 237 4.85 42.49 54.75
CA LEU A 237 5.97 42.93 55.58
C LEU A 237 7.31 42.26 55.26
N ALA A 238 7.29 41.06 54.71
CA ALA A 238 8.51 40.26 54.51
C ALA A 238 9.68 41.02 53.89
N PRO A 239 9.45 41.79 52.80
CA PRO A 239 10.56 42.55 52.22
C PRO A 239 11.10 43.66 53.11
N TYR A 240 10.23 44.34 53.86
CA TYR A 240 10.68 45.40 54.75
C TYR A 240 11.51 44.84 55.91
N ALA A 241 11.16 43.66 56.40
CA ALA A 241 11.92 42.96 57.44
C ALA A 241 13.34 42.65 56.95
N GLY A 242 13.44 42.00 55.80
CA GLY A 242 14.73 41.73 55.17
C GLY A 242 15.55 42.98 54.93
N CYS A 243 14.88 44.07 54.54
CA CYS A 243 15.54 45.35 54.30
C CYS A 243 16.21 45.86 55.58
N ALA A 244 15.46 45.88 56.67
CA ALA A 244 15.98 46.28 57.99
C ALA A 244 17.14 45.42 58.46
N MET A 245 17.04 44.11 58.23
CA MET A 245 18.13 43.19 58.56
C MET A 245 19.43 43.51 57.84
N GLY A 246 19.32 43.99 56.60
CA GLY A 246 20.49 44.38 55.80
C GLY A 246 20.96 45.78 56.09
N GLU A 247 20.01 46.67 56.41
CA GLU A 247 20.30 48.06 56.77
C GLU A 247 21.25 48.14 57.98
N TYR A 248 21.02 47.30 58.96
CA TYR A 248 21.89 47.17 60.13
C TYR A 248 23.36 47.10 59.77
N PHE A 249 23.69 46.26 58.80
CA PHE A 249 25.08 46.12 58.34
C PHE A 249 25.55 47.34 57.54
N MET A 250 24.65 47.94 56.76
CA MET A 250 24.99 49.14 55.96
C MET A 250 25.37 50.32 56.86
N TYR A 251 24.58 50.55 57.90
CA TYR A 251 24.80 51.69 58.80
C TYR A 251 25.97 51.49 59.79
N LYS A 252 26.52 50.29 59.87
CA LYS A 252 27.80 50.03 60.57
C LYS A 252 29.01 50.01 59.60
N GLY A 253 28.85 50.50 58.37
CA GLY A 253 29.95 50.55 57.43
C GLY A 253 30.32 49.25 56.72
N LYS A 254 29.50 48.21 56.90
CA LYS A 254 29.66 46.93 56.17
C LYS A 254 28.75 46.92 54.92
N HIS A 255 28.82 45.84 54.16
CA HIS A 255 28.15 45.73 52.87
C HIS A 255 27.18 44.56 52.83
N ALA A 256 25.95 44.80 52.40
CA ALA A 256 24.93 43.76 52.33
C ALA A 256 24.27 43.64 50.96
N LEU A 257 23.61 42.50 50.76
CA LEU A 257 22.87 42.19 49.54
C LEU A 257 21.51 41.61 49.93
N VAL A 258 20.43 42.23 49.44
CA VAL A 258 19.08 41.73 49.72
C VAL A 258 18.38 41.31 48.43
N VAL A 259 17.69 40.16 48.49
CA VAL A 259 16.94 39.60 47.36
C VAL A 259 15.47 39.50 47.78
N TYR A 260 14.59 40.13 47.00
CA TYR A 260 13.15 40.01 47.20
C TYR A 260 12.55 39.12 46.09
N ASP A 261 12.17 37.89 46.45
CA ASP A 261 11.75 36.86 45.50
C ASP A 261 10.33 36.39 45.92
N ASP A 262 9.25 37.03 45.45
CA ASP A 262 9.28 38.18 44.51
C ASP A 262 8.29 39.29 44.92
N LEU A 263 8.48 40.49 44.35
CA LEU A 263 7.60 41.61 44.65
C LEU A 263 6.21 41.55 44.01
N SER A 264 6.06 40.69 42.99
CA SER A 264 4.76 40.46 42.38
C SER A 264 3.78 39.91 43.42
N LYS A 265 4.24 38.93 44.19
CA LYS A 265 3.41 38.31 45.23
C LYS A 265 3.19 39.23 46.44
N GLN A 266 4.18 40.06 46.75
CA GLN A 266 4.03 41.08 47.79
C GLN A 266 2.94 42.09 47.42
N ALA A 267 3.00 42.58 46.18
CA ALA A 267 1.99 43.53 45.70
C ALA A 267 0.59 42.93 45.73
N ALA A 268 0.45 41.67 45.31
CA ALA A 268 -0.85 40.96 45.37
C ALA A 268 -1.38 40.86 46.79
N ALA A 269 -0.47 40.62 47.73
CA ALA A 269 -0.82 40.53 49.14
C ALA A 269 -1.29 41.86 49.70
N TYR A 270 -0.58 42.94 49.35
CA TYR A 270 -0.99 44.28 49.74
C TYR A 270 -2.32 44.70 49.10
N ARG A 271 -2.57 44.21 47.89
CA ARG A 271 -3.86 44.42 47.23
C ARG A 271 -4.99 43.73 47.98
N GLU A 272 -4.79 42.47 48.35
CA GLU A 272 -5.75 41.70 49.16
C GLU A 272 -6.13 42.51 50.39
N LEU A 273 -5.10 43.00 51.09
CA LEU A 273 -5.28 43.79 52.29
C LEU A 273 -6.05 45.09 52.02
N SER A 274 -5.59 45.85 51.01
CA SER A 274 -6.22 47.11 50.65
C SER A 274 -7.69 46.95 50.25
N LEU A 275 -8.00 45.87 49.54
CA LEU A 275 -9.38 45.59 49.10
C LEU A 275 -10.29 45.16 50.24
N LEU A 276 -9.74 44.39 51.19
CA LEU A 276 -10.50 44.01 52.39
C LEU A 276 -10.82 45.22 53.26
N LEU A 277 -9.93 46.22 53.28
CA LEU A 277 -10.18 47.49 53.95
C LEU A 277 -10.98 48.48 53.08
N ARG A 278 -11.50 48.01 51.94
CA ARG A 278 -12.30 48.83 51.03
C ARG A 278 -11.64 50.12 50.54
N ARG A 279 -10.33 50.10 50.37
CA ARG A 279 -9.61 51.19 49.72
C ARG A 279 -9.83 51.11 48.21
N PRO A 280 -10.14 52.24 47.54
CA PRO A 280 -10.59 52.20 46.15
C PRO A 280 -9.56 51.57 45.20
N PRO A 281 -10.00 50.59 44.39
CA PRO A 281 -9.11 49.95 43.43
C PRO A 281 -8.90 50.78 42.17
N GLY A 282 -7.73 50.58 41.53
CA GLY A 282 -7.42 51.17 40.24
C GLY A 282 -7.04 50.11 39.26
N ARG A 283 -6.04 50.36 38.42
CA ARG A 283 -5.54 49.38 37.44
C ARG A 283 -5.29 48.01 38.05
N GLU A 284 -5.79 46.96 37.39
CA GLU A 284 -5.66 45.55 37.87
C GLU A 284 -6.07 45.36 39.35
N ALA A 285 -7.00 46.22 39.80
CA ALA A 285 -7.50 46.30 41.18
C ALA A 285 -6.48 46.69 42.27
N TYR A 286 -5.30 47.14 41.88
CA TYR A 286 -4.30 47.59 42.86
C TYR A 286 -4.67 48.94 43.42
N PRO A 287 -4.23 49.24 44.66
CA PRO A 287 -4.48 50.54 45.23
C PRO A 287 -3.58 51.60 44.61
N GLY A 288 -3.93 52.87 44.81
CA GLY A 288 -3.14 53.99 44.31
C GLY A 288 -1.72 54.02 44.82
N ASP A 289 -1.51 53.53 46.05
CA ASP A 289 -0.18 53.58 46.68
C ASP A 289 0.67 52.31 46.48
N VAL A 290 0.34 51.47 45.49
CA VAL A 290 1.13 50.24 45.27
C VAL A 290 2.51 50.57 44.68
N PHE A 291 2.62 51.68 43.96
CA PHE A 291 3.92 52.18 43.50
C PHE A 291 4.78 52.60 44.70
N TYR A 292 4.18 53.42 45.56
CA TYR A 292 4.81 53.86 46.80
C TYR A 292 5.29 52.69 47.66
N LEU A 293 4.53 51.60 47.72
CA LEU A 293 4.92 50.36 48.42
C LEU A 293 6.31 49.87 48.04
N HIS A 294 6.61 49.85 46.75
CA HIS A 294 7.89 49.37 46.27
C HIS A 294 8.97 50.44 46.25
N SER A 295 8.57 51.70 46.01
CA SER A 295 9.54 52.76 45.92
C SER A 295 10.19 53.07 47.28
N ARG A 296 9.40 53.10 48.37
CA ARG A 296 9.95 53.21 49.73
C ARG A 296 10.98 52.13 50.04
N LEU A 297 10.60 50.90 49.69
CA LEU A 297 11.42 49.72 49.96
C LEU A 297 12.75 49.82 49.27
N LEU A 298 12.74 50.09 47.97
CA LEU A 298 13.94 50.00 47.16
C LEU A 298 14.85 51.21 47.28
N GLU A 299 14.31 52.35 47.70
CA GLU A 299 15.14 53.54 47.93
C GLU A 299 15.99 53.41 49.22
N ARG A 300 15.57 52.57 50.15
CA ARG A 300 16.34 52.25 51.37
C ARG A 300 17.64 51.47 51.12
N ALA A 301 17.72 50.80 49.97
CA ALA A 301 18.98 50.26 49.45
C ALA A 301 19.75 51.40 48.82
N ALA A 302 21.03 51.53 49.18
CA ALA A 302 21.86 52.64 48.76
C ALA A 302 23.33 52.41 48.99
N LYS A 303 24.15 53.34 48.50
CA LYS A 303 25.58 53.42 48.80
C LYS A 303 25.80 54.70 49.61
N LEU A 304 26.18 54.56 50.88
CA LEU A 304 26.36 55.70 51.77
C LEU A 304 27.65 56.45 51.48
N SER A 305 27.69 57.72 51.90
CA SER A 305 28.87 58.56 51.78
C SER A 305 29.96 58.11 52.73
N ASP A 306 31.17 58.65 52.54
CA ASP A 306 32.30 58.32 53.42
C ASP A 306 32.05 58.80 54.84
N GLU A 307 31.41 59.97 54.96
CA GLU A 307 31.02 60.53 56.26
C GLU A 307 30.04 59.66 57.03
N LYS A 308 29.11 59.03 56.32
CA LYS A 308 28.10 58.14 56.95
C LYS A 308 28.59 56.70 57.10
N GLY A 309 29.86 56.41 56.83
CA GLY A 309 30.45 55.09 57.10
C GLY A 309 30.83 54.26 55.88
N GLY A 310 30.40 54.69 54.69
CA GLY A 310 30.76 54.02 53.44
C GLY A 310 30.09 52.67 53.16
N GLY A 311 29.17 52.24 54.00
CA GLY A 311 28.51 50.95 53.84
C GLY A 311 27.48 50.99 52.73
N SER A 312 27.01 49.81 52.33
CA SER A 312 26.06 49.68 51.22
C SER A 312 25.02 48.61 51.46
N LEU A 313 23.85 48.79 50.85
CA LEU A 313 22.88 47.72 50.69
C LEU A 313 22.53 47.67 49.21
N THR A 314 22.80 46.51 48.60
CA THR A 314 22.51 46.27 47.18
C THR A 314 21.22 45.45 47.14
N ALA A 315 20.32 45.77 46.20
CA ALA A 315 19.01 45.08 46.10
C ALA A 315 18.77 44.40 44.76
N LEU A 316 18.25 43.17 44.82
CA LEU A 316 17.82 42.42 43.64
C LEU A 316 16.34 42.06 43.79
N PRO A 317 15.44 43.01 43.47
CA PRO A 317 14.01 42.67 43.49
C PRO A 317 13.67 41.81 42.26
N PHE A 318 12.63 40.98 42.40
CA PHE A 318 12.18 40.10 41.34
C PHE A 318 10.79 40.53 40.91
N ILE A 319 10.53 40.42 39.61
CA ILE A 319 9.18 40.51 39.09
C ILE A 319 8.93 39.28 38.21
N GLU A 320 7.76 38.65 38.40
CA GLU A 320 7.35 37.56 37.54
C GLU A 320 6.32 38.09 36.56
N THR A 321 6.71 38.16 35.28
CA THR A 321 5.80 38.57 34.21
C THR A 321 4.90 37.42 33.80
N GLN A 322 3.80 37.77 33.13
CA GLN A 322 2.88 36.82 32.53
C GLN A 322 2.96 36.93 31.02
N ALA A 323 3.40 35.84 30.34
CA ALA A 323 3.54 35.83 28.88
C ALA A 323 4.45 36.95 28.38
N GLY A 324 5.50 37.27 29.14
CA GLY A 324 6.45 38.29 28.75
C GLY A 324 5.94 39.72 28.72
N ASP A 325 4.82 39.99 29.38
CA ASP A 325 4.21 41.34 29.39
C ASP A 325 4.94 42.23 30.40
N VAL A 326 5.99 42.91 29.94
CA VAL A 326 6.74 43.87 30.78
C VAL A 326 6.07 45.24 30.87
N SER A 327 5.01 45.46 30.09
CA SER A 327 4.24 46.70 30.13
C SER A 327 3.06 46.65 31.10
N ALA A 328 2.92 45.55 31.85
CA ALA A 328 1.86 45.44 32.86
C ALA A 328 2.12 46.42 34.02
N TYR A 329 1.12 46.59 34.87
CA TYR A 329 1.17 47.64 35.87
C TYR A 329 2.33 47.50 36.87
N ILE A 330 2.40 46.36 37.54
CA ILE A 330 3.43 46.15 38.58
C ILE A 330 4.83 46.08 37.98
N PRO A 331 5.00 45.36 36.86
CA PRO A 331 6.34 45.38 36.24
C PRO A 331 6.84 46.77 35.87
N THR A 332 5.99 47.60 35.25
CA THR A 332 6.41 48.96 34.88
C THR A 332 6.76 49.79 36.12
N ASN A 333 6.02 49.60 37.23
CA ASN A 333 6.33 50.31 38.46
C ASN A 333 7.76 50.03 38.88
N VAL A 334 8.10 48.75 38.99
CA VAL A 334 9.40 48.35 39.52
C VAL A 334 10.52 48.63 38.54
N ILE A 335 10.27 48.54 37.23
CA ILE A 335 11.25 48.98 36.22
C ILE A 335 11.59 50.45 36.40
N SER A 336 10.57 51.30 36.63
CA SER A 336 10.81 52.74 36.77
C SER A 336 11.47 53.12 38.12
N ILE A 337 11.50 52.20 39.09
CA ILE A 337 12.13 52.43 40.38
C ILE A 337 13.62 52.10 40.37
N THR A 338 13.98 50.95 39.79
CA THR A 338 15.34 50.40 39.94
C THR A 338 16.36 51.10 39.05
N ASP A 339 17.64 50.71 39.17
CA ASP A 339 18.75 51.27 38.37
C ASP A 339 19.13 50.41 37.15
N GLY A 340 18.12 49.81 36.52
CA GLY A 340 18.36 48.85 35.47
C GLY A 340 17.63 47.56 35.72
N GLN A 341 17.74 46.65 34.76
CA GLN A 341 17.02 45.41 34.81
C GLN A 341 17.72 44.35 33.97
N ILE A 342 17.51 43.09 34.39
CA ILE A 342 17.97 41.91 33.69
C ILE A 342 16.71 41.18 33.26
N PHE A 343 16.42 41.21 31.96
CA PHE A 343 15.25 40.52 31.43
C PHE A 343 15.67 39.10 30.99
N LEU A 344 14.91 38.10 31.43
CA LEU A 344 15.12 36.71 31.02
C LEU A 344 13.99 36.22 30.11
N GLU A 345 14.32 35.46 29.07
CA GLU A 345 13.31 35.03 28.10
C GLU A 345 13.24 33.53 27.92
N SER A 346 12.04 33.02 27.71
CA SER A 346 11.79 31.58 27.51
C SER A 346 12.38 31.09 26.22
N ASP A 347 12.18 31.83 25.13
CA ASP A 347 12.77 31.50 23.82
C ASP A 347 14.28 31.31 23.90
N LEU A 348 14.97 32.20 24.59
CA LEU A 348 16.42 32.05 24.82
C LEU A 348 16.73 30.79 25.62
N PHE A 349 15.98 30.59 26.71
CA PHE A 349 16.22 29.47 27.63
C PHE A 349 16.12 28.14 26.88
N TYR A 350 15.04 27.95 26.13
CA TYR A 350 14.81 26.69 25.44
C TYR A 350 15.69 26.48 24.20
N SER A 351 16.25 27.56 23.65
CA SER A 351 17.27 27.47 22.61
C SER A 351 18.69 27.17 23.13
N GLY A 352 18.85 26.99 24.45
CA GLY A 352 20.15 26.65 25.05
C GLY A 352 21.00 27.81 25.56
N VAL A 353 20.50 29.04 25.44
CA VAL A 353 21.16 30.20 26.01
C VAL A 353 20.75 30.27 27.48
N ARG A 354 21.63 29.78 28.35
CA ARG A 354 21.38 29.74 29.80
C ARG A 354 22.67 30.20 30.49
N PRO A 355 22.65 31.24 31.33
CA PRO A 355 21.45 31.98 31.74
C PRO A 355 20.82 32.76 30.61
N ALA A 356 19.49 32.85 30.61
CA ALA A 356 18.74 33.30 29.44
C ALA A 356 18.55 34.82 29.41
N VAL A 357 19.67 35.53 29.47
CA VAL A 357 19.68 36.97 29.57
C VAL A 357 19.54 37.58 28.19
N ASN A 358 18.43 38.30 27.97
CA ASN A 358 18.37 39.19 26.81
C ASN A 358 19.32 40.35 27.01
N VAL A 359 20.48 40.29 26.36
CA VAL A 359 21.55 41.25 26.53
C VAL A 359 21.20 42.58 25.86
N GLY A 360 20.48 42.54 24.75
CA GLY A 360 20.10 43.76 24.04
C GLY A 360 19.18 44.66 24.82
N ILE A 361 18.11 44.08 25.38
CA ILE A 361 17.08 44.83 26.09
C ILE A 361 17.44 45.13 27.56
N SER A 362 18.24 44.28 28.19
CA SER A 362 18.63 44.47 29.61
C SER A 362 19.63 45.59 29.73
N VAL A 363 19.71 46.19 30.92
CA VAL A 363 20.36 47.50 31.14
C VAL A 363 20.94 47.63 32.57
N SER A 364 22.16 48.18 32.73
CA SER A 364 22.63 48.69 34.01
C SER A 364 22.89 50.19 33.91
N ARG A 365 22.09 50.98 34.62
CA ARG A 365 22.20 52.45 34.56
C ARG A 365 23.48 52.97 35.22
N VAL A 366 24.06 52.17 36.11
CA VAL A 366 25.34 52.46 36.75
C VAL A 366 26.51 52.18 35.80
N GLY A 367 26.47 51.03 35.13
CA GLY A 367 27.40 50.73 34.05
C GLY A 367 28.84 50.55 34.51
N GLY A 368 29.77 51.13 33.74
CA GLY A 368 31.22 50.90 33.92
C GLY A 368 31.77 51.27 35.28
N ALA A 369 31.13 52.23 35.94
CA ALA A 369 31.42 52.58 37.33
C ALA A 369 31.44 51.38 38.29
N ALA A 370 30.62 50.35 38.00
CA ALA A 370 30.53 49.14 38.84
C ALA A 370 31.39 47.95 38.34
N GLN A 371 32.50 48.26 37.69
CA GLN A 371 33.34 47.25 37.01
C GLN A 371 34.81 47.57 37.25
N ILE A 372 35.62 46.53 37.43
CA ILE A 372 37.07 46.71 37.47
C ILE A 372 37.58 47.09 36.08
N LYS A 373 38.64 47.89 36.02
CA LYS A 373 39.15 48.44 34.75
C LYS A 373 39.41 47.39 33.67
N ALA A 374 39.86 46.21 34.11
CA ALA A 374 40.10 45.10 33.17
C ALA A 374 38.82 44.71 32.45
N MET A 375 37.75 44.55 33.20
CA MET A 375 36.45 44.11 32.68
C MET A 375 35.80 45.20 31.82
N LYS A 376 35.92 46.46 32.25
CA LYS A 376 35.42 47.57 31.46
C LYS A 376 36.11 47.65 30.09
N LYS A 377 37.39 47.25 30.05
CA LYS A 377 38.13 47.27 28.80
C LYS A 377 37.71 46.17 27.83
N VAL A 378 37.68 44.92 28.33
CA VAL A 378 37.39 43.77 27.48
C VAL A 378 35.92 43.68 27.10
N ALA A 379 35.03 44.16 27.98
CA ALA A 379 33.59 44.14 27.72
C ALA A 379 33.11 45.18 26.67
N GLY A 380 33.85 46.30 26.64
CA GLY A 380 33.74 47.26 25.53
C GLY A 380 33.60 46.65 24.14
N THR A 381 34.47 45.70 23.79
CA THR A 381 34.50 44.99 22.52
C THR A 381 33.46 43.87 22.36
N LEU A 382 33.09 43.28 23.51
CA LEU A 382 32.06 42.21 23.53
C LEU A 382 30.72 42.79 23.12
N ARG A 383 30.39 43.98 23.65
CA ARG A 383 29.12 44.63 23.38
C ARG A 383 29.00 44.98 21.90
N LEU A 384 30.00 45.65 21.34
CA LEU A 384 30.03 45.96 19.93
C LEU A 384 30.02 44.71 19.05
N ASP A 385 30.70 43.63 19.47
CA ASP A 385 30.68 42.37 18.71
C ASP A 385 29.28 41.74 18.64
N LEU A 386 28.57 41.74 19.77
CA LEU A 386 27.22 41.16 19.82
C LEU A 386 26.15 42.03 19.17
N ALA A 387 26.31 43.35 19.25
CA ALA A 387 25.41 44.29 18.56
C ALA A 387 25.43 44.08 17.05
N GLN A 388 26.64 43.84 16.52
CA GLN A 388 26.86 43.52 15.11
C GLN A 388 26.32 42.11 14.77
N TYR A 389 26.49 41.18 15.72
CA TYR A 389 25.95 39.86 15.54
C TYR A 389 24.43 39.82 15.44
N ARG A 390 23.79 40.54 16.34
CA ARG A 390 22.30 40.60 16.40
C ARG A 390 21.71 41.25 15.17
N GLU A 391 22.38 42.25 14.60
CA GLU A 391 21.95 42.88 13.34
C GLU A 391 22.13 41.90 12.17
N LEU A 392 23.32 41.30 12.09
CA LEU A 392 23.63 40.38 11.00
C LEU A 392 23.01 39.01 11.12
N GLN A 393 22.33 38.68 12.22
CA GLN A 393 21.78 37.32 12.44
C GLN A 393 20.81 36.81 11.40
N ALA A 394 20.05 37.70 10.76
CA ALA A 394 19.19 37.35 9.61
C ALA A 394 19.92 36.61 8.47
N PHE A 395 21.16 36.97 8.22
CA PHE A 395 22.05 36.42 7.21
C PHE A 395 22.81 35.11 7.58
N ALA A 396 22.45 34.42 8.66
CA ALA A 396 23.12 33.22 9.15
C ALA A 396 22.74 31.87 8.44
N GLN A 397 21.53 31.82 7.88
CA GLN A 397 21.16 30.74 6.95
C GLN A 397 21.81 30.83 5.56
N PHE A 398 22.47 31.97 5.24
CA PHE A 398 23.20 32.15 3.97
C PHE A 398 24.69 31.89 4.17
N GLY A 399 25.07 30.75 4.75
CA GLY A 399 26.48 30.51 5.10
C GLY A 399 27.36 30.32 3.88
N SER A 400 28.49 31.05 3.77
CA SER A 400 29.38 31.04 2.61
C SER A 400 28.86 31.69 1.26
N ASP A 401 27.62 32.22 1.26
CA ASP A 401 27.23 33.22 0.20
C ASP A 401 27.68 34.66 0.54
N LEU A 402 27.83 34.91 1.82
CA LEU A 402 28.12 36.23 2.37
C LEU A 402 29.60 36.60 2.14
N ASP A 403 29.83 37.90 1.94
CA ASP A 403 31.20 38.45 1.88
C ASP A 403 31.98 38.14 3.18
N LYS A 404 33.29 38.07 3.06
CA LYS A 404 34.14 37.58 4.14
C LYS A 404 34.11 38.44 5.43
N ALA A 405 33.76 39.71 5.31
CA ALA A 405 33.61 40.60 6.48
C ALA A 405 32.45 40.17 7.38
N THR A 406 31.28 39.97 6.78
CA THR A 406 30.09 39.57 7.54
C THR A 406 30.18 38.12 8.01
N GLN A 407 30.83 37.25 7.22
CA GLN A 407 31.08 35.86 7.63
C GLN A 407 31.83 35.80 8.98
N ALA A 408 32.88 36.62 9.11
CA ALA A 408 33.71 36.67 10.32
C ALA A 408 32.96 37.22 11.52
N LYS A 409 32.12 38.22 11.29
CA LYS A 409 31.24 38.78 12.33
C LYS A 409 30.24 37.78 12.87
N LEU A 410 29.69 36.93 11.99
CA LEU A 410 28.84 35.83 12.43
C LEU A 410 29.61 34.77 13.22
N ASN A 411 30.83 34.44 12.76
CA ASN A 411 31.68 33.48 13.45
C ASN A 411 32.17 33.93 14.82
N ARG A 412 32.52 35.21 14.94
CA ARG A 412 32.84 35.82 16.23
C ARG A 412 31.62 35.83 17.14
N GLY A 413 30.47 36.18 16.60
CA GLY A 413 29.22 36.22 17.34
C GLY A 413 28.80 34.89 17.97
N GLU A 414 28.78 33.81 17.18
CA GLU A 414 28.39 32.52 17.74
C GLU A 414 29.33 32.04 18.85
N ARG A 415 30.59 32.42 18.75
CA ARG A 415 31.59 32.04 19.75
C ARG A 415 31.42 32.81 21.05
N THR A 416 31.19 34.14 20.96
CA THR A 416 30.97 34.94 22.18
C THR A 416 29.66 34.51 22.88
N VAL A 417 28.65 34.10 22.11
CA VAL A 417 27.42 33.57 22.69
C VAL A 417 27.72 32.33 23.53
N GLU A 418 28.57 31.45 23.02
CA GLU A 418 28.98 30.24 23.74
C GLU A 418 29.73 30.52 25.04
N ILE A 419 30.55 31.57 25.01
CA ILE A 419 31.26 32.02 26.21
C ILE A 419 30.30 32.50 27.30
N LEU A 420 29.23 33.21 26.90
CA LEU A 420 28.25 33.75 27.85
C LEU A 420 27.21 32.73 28.37
N LYS A 421 27.18 31.56 27.77
CA LYS A 421 26.50 30.42 28.38
C LYS A 421 27.30 29.98 29.58
N GLN A 422 26.63 29.48 30.60
CA GLN A 422 27.27 29.22 31.88
C GLN A 422 26.43 28.29 32.71
N ASP A 423 27.09 27.30 33.30
CA ASP A 423 26.41 26.27 34.07
C ASP A 423 25.85 26.84 35.35
N GLU A 424 24.82 26.15 35.83
CA GLU A 424 24.11 26.56 37.03
C GLU A 424 24.97 26.26 38.25
N HIS A 425 24.83 27.07 39.29
CA HIS A 425 25.68 26.96 40.52
C HIS A 425 27.17 26.86 40.28
N LYS A 426 27.68 27.59 39.30
CA LYS A 426 29.12 27.59 38.97
C LYS A 426 29.57 29.00 38.68
N PRO A 427 29.68 29.82 39.74
CA PRO A 427 30.12 31.20 39.56
C PRO A 427 31.61 31.26 39.23
N MET A 428 32.01 32.28 38.50
CA MET A 428 33.38 32.49 38.05
C MET A 428 33.99 33.71 38.70
N PRO A 429 35.23 33.61 39.16
CA PRO A 429 35.94 34.81 39.63
C PRO A 429 36.11 35.83 38.52
N VAL A 430 36.12 37.12 38.86
CA VAL A 430 36.21 38.18 37.84
C VAL A 430 37.50 38.09 37.04
N GLU A 431 38.61 37.76 37.69
CA GLU A 431 39.90 37.61 36.99
C GLU A 431 39.84 36.53 35.88
N GLU A 432 39.12 35.44 36.13
CA GLU A 432 38.94 34.38 35.13
C GLU A 432 37.99 34.80 34.00
N GLN A 433 36.97 35.58 34.34
CA GLN A 433 36.04 36.15 33.34
C GLN A 433 36.76 37.07 32.38
N VAL A 434 37.59 37.95 32.92
CA VAL A 434 38.33 38.91 32.08
C VAL A 434 39.21 38.19 31.05
N ILE A 435 39.87 37.10 31.49
CA ILE A 435 40.73 36.33 30.56
C ILE A 435 39.90 35.64 29.48
N SER A 436 38.81 35.02 29.90
CA SER A 436 37.93 34.30 28.98
C SER A 436 37.31 35.22 27.93
N ILE A 437 36.88 36.40 28.35
CA ILE A 437 36.28 37.39 27.45
C ILE A 437 37.36 38.00 26.57
N TYR A 438 38.53 38.25 27.14
CA TYR A 438 39.70 38.72 26.37
C TYR A 438 40.05 37.75 25.24
N ALA A 439 40.08 36.46 25.56
CA ALA A 439 40.41 35.41 24.61
C ALA A 439 39.50 35.44 23.38
N VAL A 440 38.20 35.39 23.61
CA VAL A 440 37.22 35.32 22.52
C VAL A 440 37.12 36.62 21.72
N THR A 441 37.20 37.77 22.38
CA THR A 441 37.07 39.07 21.71
C THR A 441 38.29 39.48 20.90
N ASN A 442 39.47 38.93 21.21
CA ASN A 442 40.68 39.19 20.42
C ASN A 442 41.01 38.09 19.39
N GLY A 443 40.06 37.16 19.20
CA GLY A 443 40.12 36.19 18.12
C GLY A 443 40.76 34.86 18.43
N PHE A 444 41.16 34.63 19.68
CA PHE A 444 41.89 33.41 20.02
C PHE A 444 41.07 32.13 19.93
N MET A 445 39.75 32.23 19.76
CA MET A 445 38.89 31.06 19.52
C MET A 445 38.32 30.95 18.09
N ASP A 446 38.74 31.85 17.20
CA ASP A 446 38.25 31.86 15.82
C ASP A 446 38.63 30.60 15.00
N ASP A 447 39.76 29.96 15.35
CA ASP A 447 40.23 28.71 14.77
C ASP A 447 39.52 27.43 15.27
N ILE A 448 38.75 27.59 16.35
CA ILE A 448 38.22 26.45 17.08
C ILE A 448 36.77 26.27 16.68
N PRO A 449 36.30 25.01 16.56
CA PRO A 449 34.89 24.74 16.33
C PRO A 449 33.96 25.36 17.39
N VAL A 450 32.77 25.77 16.96
CA VAL A 450 31.81 26.39 17.85
C VAL A 450 31.42 25.43 18.98
N GLU A 451 31.24 24.14 18.64
CA GLU A 451 30.92 23.12 19.64
C GLU A 451 32.02 22.89 20.71
N ASP A 452 33.27 23.24 20.40
CA ASP A 452 34.39 23.10 21.34
C ASP A 452 34.63 24.32 22.25
N VAL A 453 33.97 25.45 21.99
CA VAL A 453 34.33 26.72 22.66
C VAL A 453 34.23 26.63 24.19
N ARG A 454 33.17 26.01 24.69
CA ARG A 454 32.91 25.96 26.13
C ARG A 454 33.93 25.08 26.87
N ARG A 455 34.35 23.99 26.23
CA ARG A 455 35.40 23.12 26.77
C ARG A 455 36.77 23.79 26.68
N PHE A 456 37.01 24.50 25.58
CA PHE A 456 38.22 25.31 25.41
C PHE A 456 38.41 26.30 26.56
N GLU A 457 37.32 26.93 26.98
CA GLU A 457 37.33 27.89 28.09
C GLU A 457 37.68 27.21 29.41
N GLU A 458 36.99 26.13 29.71
CA GLU A 458 37.22 25.36 30.94
C GLU A 458 38.67 24.85 31.02
N GLU A 459 39.16 24.29 29.91
CA GLU A 459 40.56 23.84 29.80
C GLU A 459 41.56 25.01 29.87
N LEU A 460 41.21 26.16 29.28
CA LEU A 460 42.08 27.35 29.34
C LEU A 460 42.28 27.86 30.75
N LEU A 461 41.18 27.98 31.49
CA LEU A 461 41.23 28.54 32.84
C LEU A 461 41.94 27.61 33.82
N SER A 462 41.72 26.29 33.73
CA SER A 462 42.47 25.33 34.57
C SER A 462 43.97 25.37 34.27
N PHE A 463 44.30 25.66 33.00
CA PHE A 463 45.68 25.91 32.61
C PHE A 463 46.22 27.20 33.24
N MET A 464 45.47 28.30 33.11
CA MET A 464 45.88 29.59 33.69
C MET A 464 46.04 29.53 35.22
N ARG A 465 45.14 28.82 35.90
CA ARG A 465 45.22 28.67 37.37
C ARG A 465 46.46 27.88 37.80
N ALA A 466 46.68 26.73 37.17
CA ALA A 466 47.81 25.85 37.51
C ALA A 466 49.17 26.45 37.14
N ASN A 467 49.27 27.02 35.94
CA ASN A 467 50.56 27.42 35.36
C ASN A 467 50.84 28.94 35.28
N LYS A 468 49.82 29.75 35.01
CA LYS A 468 50.03 31.20 34.77
C LYS A 468 49.33 32.09 35.81
N ASP A 469 49.37 31.65 37.07
CA ASP A 469 48.67 32.37 38.13
C ASP A 469 49.18 33.80 38.40
N SER A 470 50.42 34.07 38.00
CA SER A 470 50.97 35.43 38.12
C SER A 470 50.17 36.44 37.28
N LEU A 471 49.65 36.00 36.13
CA LEU A 471 48.78 36.84 35.29
C LEU A 471 47.39 37.09 35.88
N LEU A 472 46.74 36.03 36.35
CA LEU A 472 45.47 36.13 37.07
C LEU A 472 45.59 37.03 38.30
N ASP A 473 46.67 36.82 39.08
CA ASP A 473 46.89 37.60 40.31
C ASP A 473 47.08 39.09 40.05
N HIS A 474 47.72 39.45 38.95
CA HIS A 474 47.85 40.86 38.55
C HIS A 474 46.47 41.54 38.58
N ILE A 475 45.48 40.86 38.00
CA ILE A 475 44.12 41.39 37.89
C ILE A 475 43.45 41.50 39.27
N ARG A 476 43.58 40.47 40.11
CA ARG A 476 43.02 40.50 41.49
C ARG A 476 43.56 41.63 42.35
N GLN A 477 44.81 42.04 42.11
CA GLN A 477 45.50 43.06 42.92
C GLN A 477 45.28 44.46 42.34
N THR A 478 45.60 44.64 41.06
CA THR A 478 45.55 45.96 40.41
C THR A 478 44.17 46.32 39.86
N GLY A 479 43.39 45.31 39.50
CA GLY A 479 42.14 45.51 38.75
C GLY A 479 42.34 45.89 37.29
N GLU A 480 43.59 45.76 36.81
CA GLU A 480 43.97 46.19 35.46
C GLU A 480 44.31 44.93 34.68
N LEU A 481 44.34 45.05 33.35
CA LEU A 481 44.83 43.96 32.51
C LEU A 481 46.35 43.79 32.70
N PRO A 482 46.86 42.55 32.61
CA PRO A 482 48.32 42.40 32.53
C PRO A 482 48.87 42.85 31.19
N ASP A 483 50.18 42.77 31.02
CA ASP A 483 50.78 43.23 29.76
C ASP A 483 50.30 42.26 28.63
N THR A 484 49.65 42.89 27.64
CA THR A 484 48.95 42.16 26.58
C THR A 484 49.83 41.17 25.82
N LYS A 485 51.11 41.47 25.67
CA LYS A 485 52.05 40.60 24.96
C LYS A 485 52.31 39.28 25.73
N GLU A 486 52.47 39.41 27.06
CA GLU A 486 52.61 38.23 27.93
C GLU A 486 51.37 37.37 27.94
N LEU A 487 50.22 38.02 27.91
CA LEU A 487 48.91 37.36 27.96
C LEU A 487 48.62 36.60 26.66
N ASP A 488 48.85 37.27 25.53
CA ASP A 488 48.70 36.65 24.20
C ASP A 488 49.57 35.39 24.07
N ALA A 489 50.82 35.48 24.52
CA ALA A 489 51.75 34.37 24.50
C ALA A 489 51.25 33.17 25.32
N ALA A 490 50.77 33.46 26.53
CA ALA A 490 50.30 32.43 27.46
C ALA A 490 49.08 31.66 26.96
N ILE A 491 48.19 32.35 26.23
CA ILE A 491 47.02 31.72 25.62
C ILE A 491 47.47 30.86 24.44
N GLU A 492 48.36 31.41 23.60
CA GLU A 492 48.85 30.66 22.44
C GLU A 492 49.66 29.44 22.83
N GLU A 493 50.30 29.53 24.00
CA GLU A 493 50.98 28.39 24.64
C GLU A 493 49.98 27.29 24.96
N PHE A 494 48.87 27.66 25.60
CA PHE A 494 47.80 26.72 25.93
C PHE A 494 47.22 26.06 24.68
N LYS A 495 46.97 26.89 23.66
CA LYS A 495 46.35 26.46 22.40
C LYS A 495 47.04 25.27 21.74
N LYS A 496 48.37 25.25 21.81
CA LYS A 496 49.17 24.16 21.21
C LYS A 496 48.99 22.78 21.86
N GLY A 497 48.44 22.75 23.08
CA GLY A 497 48.07 21.50 23.76
C GLY A 497 46.59 21.18 23.76
N PHE A 498 45.81 21.87 22.94
CA PHE A 498 44.35 21.66 22.86
C PHE A 498 43.98 20.85 21.62
N THR A 499 43.28 19.73 21.81
CA THR A 499 42.80 18.88 20.71
C THR A 499 41.29 19.08 20.48
N PRO A 500 40.88 19.56 19.28
CA PRO A 500 39.46 19.42 18.89
C PRO A 500 38.98 17.97 18.65
N GLU B 27 -33.56 84.63 47.12
CA GLU B 27 -33.39 83.38 46.27
C GLU B 27 -31.91 82.85 46.30
N VAL B 28 -31.54 82.49 47.54
CA VAL B 28 -30.19 82.01 47.91
C VAL B 28 -30.13 80.52 48.25
N GLY B 29 -28.95 79.91 48.08
CA GLY B 29 -28.66 78.56 48.53
C GLY B 29 -27.26 78.46 49.08
N THR B 30 -27.00 77.43 49.88
CA THR B 30 -25.69 77.19 50.49
C THR B 30 -25.09 75.88 50.03
N VAL B 31 -23.78 75.84 49.87
CA VAL B 31 -23.07 74.67 49.37
C VAL B 31 -22.85 73.63 50.47
N ILE B 32 -23.39 72.43 50.28
CA ILE B 32 -23.23 71.31 51.21
C ILE B 32 -21.92 70.56 51.03
N GLN B 33 -21.56 70.28 49.77
CA GLN B 33 -20.37 69.46 49.41
C GLN B 33 -19.78 69.96 48.09
N VAL B 34 -18.45 69.88 47.96
CA VAL B 34 -17.75 70.27 46.73
C VAL B 34 -16.57 69.34 46.47
N GLY B 35 -16.33 69.06 45.21
CA GLY B 35 -15.09 68.41 44.80
C GLY B 35 -14.95 68.40 43.29
N ASP B 36 -13.76 68.71 42.78
CA ASP B 36 -13.45 68.66 41.35
C ASP B 36 -14.40 69.48 40.48
N GLY B 37 -14.75 70.68 40.95
CA GLY B 37 -15.65 71.56 40.22
C GLY B 37 -17.12 71.19 40.17
N ILE B 38 -17.56 70.27 41.02
CA ILE B 38 -18.97 69.87 41.16
C ILE B 38 -19.41 70.12 42.59
N ALA B 39 -20.57 70.73 42.77
CA ALA B 39 -21.07 71.10 44.09
C ALA B 39 -22.50 70.62 44.28
N ARG B 40 -22.84 70.23 45.49
CA ARG B 40 -24.23 70.00 45.87
C ARG B 40 -24.69 71.15 46.76
N VAL B 41 -25.85 71.70 46.45
CA VAL B 41 -26.33 72.95 47.05
C VAL B 41 -27.69 72.75 47.71
N HIS B 42 -27.82 73.16 48.97
CA HIS B 42 -29.09 73.18 49.70
C HIS B 42 -29.81 74.49 49.41
N GLY B 43 -31.14 74.43 49.38
CA GLY B 43 -31.95 75.59 49.05
C GLY B 43 -32.15 75.69 47.56
N LEU B 44 -32.29 76.92 47.08
CA LEU B 44 -32.65 77.21 45.70
C LEU B 44 -33.89 76.42 45.27
N GLU B 45 -34.93 76.43 46.12
CA GLU B 45 -36.14 75.62 45.91
C GLU B 45 -36.79 75.87 44.55
N LYS B 46 -36.85 77.13 44.15
CA LYS B 46 -37.55 77.55 42.95
C LYS B 46 -36.70 77.47 41.64
N VAL B 47 -35.49 76.90 41.69
CA VAL B 47 -34.56 76.93 40.54
C VAL B 47 -35.02 76.08 39.37
N MET B 48 -34.75 76.56 38.16
CA MET B 48 -35.04 75.79 36.94
C MET B 48 -33.91 74.81 36.66
N ALA B 49 -34.26 73.71 35.99
CA ALA B 49 -33.27 72.79 35.46
C ALA B 49 -32.53 73.46 34.31
N GLY B 50 -31.22 73.61 34.43
CA GLY B 50 -30.41 74.28 33.40
C GLY B 50 -30.17 75.76 33.63
N GLU B 51 -30.58 76.25 34.79
CA GLU B 51 -30.46 77.65 35.16
C GLU B 51 -29.05 78.09 35.47
N LEU B 52 -28.73 79.32 35.08
CA LEU B 52 -27.46 79.94 35.40
C LEU B 52 -27.48 80.43 36.83
N LEU B 53 -26.42 80.15 37.58
CA LEU B 53 -26.31 80.52 39.00
C LEU B 53 -25.02 81.31 39.22
N GLU B 54 -25.04 82.19 40.21
CA GLU B 54 -23.87 82.99 40.56
C GLU B 54 -23.45 82.70 42.00
N PHE B 55 -22.22 82.26 42.18
CA PHE B 55 -21.64 82.04 43.49
C PHE B 55 -21.25 83.37 44.12
N GLU B 56 -21.11 83.34 45.44
CA GLU B 56 -20.71 84.47 46.29
C GLU B 56 -19.59 85.32 45.67
N ASN B 57 -18.57 84.66 45.10
CA ASN B 57 -17.39 85.37 44.58
C ASN B 57 -17.43 85.74 43.09
N GLY B 58 -18.61 85.82 42.50
CA GLY B 58 -18.75 86.20 41.08
C GLY B 58 -18.64 85.09 40.04
N VAL B 59 -18.18 83.90 40.45
CA VAL B 59 -17.98 82.78 39.53
C VAL B 59 -19.34 82.16 39.23
N MET B 60 -19.61 81.87 37.97
CA MET B 60 -20.90 81.32 37.56
C MET B 60 -20.97 79.80 37.72
N GLY B 61 -22.19 79.28 37.73
CA GLY B 61 -22.45 77.84 37.75
C GLY B 61 -23.73 77.48 37.02
N MET B 62 -24.01 76.17 36.90
CA MET B 62 -25.18 75.68 36.17
C MET B 62 -25.87 74.61 36.99
N ALA B 63 -27.18 74.79 37.19
CA ALA B 63 -28.01 73.78 37.84
C ALA B 63 -28.22 72.67 36.84
N GLN B 64 -27.75 71.47 37.18
CA GLN B 64 -27.85 70.31 36.32
C GLN B 64 -28.88 69.30 36.85
N ASN B 65 -28.76 68.94 38.12
CA ASN B 65 -29.64 67.98 38.75
C ASN B 65 -30.51 68.62 39.77
N LEU B 66 -31.83 68.55 39.61
CA LEU B 66 -32.78 68.94 40.66
C LEU B 66 -33.16 67.68 41.43
N GLU B 67 -32.58 67.55 42.63
CA GLU B 67 -32.88 66.40 43.51
C GLU B 67 -33.95 66.82 44.52
N GLU B 68 -34.33 65.89 45.38
CA GLU B 68 -35.51 66.07 46.23
C GLU B 68 -35.35 67.25 47.18
N ASP B 69 -34.19 67.42 47.81
CA ASP B 69 -33.97 68.65 48.61
C ASP B 69 -32.59 69.31 48.43
N ASN B 70 -31.87 68.96 47.37
CA ASN B 70 -30.63 69.63 46.97
C ASN B 70 -30.50 69.79 45.46
N VAL B 71 -29.51 70.56 45.04
CA VAL B 71 -29.29 70.84 43.62
C VAL B 71 -27.85 70.45 43.25
N GLY B 72 -27.70 69.66 42.18
CA GLY B 72 -26.40 69.37 41.58
C GLY B 72 -25.99 70.53 40.70
N VAL B 73 -24.83 71.12 40.99
CA VAL B 73 -24.35 72.33 40.33
C VAL B 73 -22.95 72.14 39.76
N VAL B 74 -22.77 72.42 38.48
CA VAL B 74 -21.45 72.35 37.83
C VAL B 74 -20.87 73.77 37.80
N ILE B 75 -19.66 73.93 38.30
CA ILE B 75 -19.01 75.24 38.38
C ILE B 75 -18.33 75.58 37.06
N LEU B 76 -18.60 76.78 36.54
CA LEU B 76 -18.17 77.21 35.20
C LEU B 76 -17.02 78.21 35.30
N GLY B 77 -16.02 77.87 36.11
CA GLY B 77 -14.90 78.77 36.37
C GLY B 77 -14.04 78.30 37.53
N PRO B 78 -13.08 79.13 37.98
CA PRO B 78 -12.17 78.75 39.07
C PRO B 78 -12.95 78.34 40.32
N TYR B 79 -12.58 77.20 40.92
CA TYR B 79 -13.35 76.65 42.03
C TYR B 79 -12.59 76.48 43.35
N THR B 80 -11.41 77.09 43.48
CA THR B 80 -10.61 76.94 44.74
C THR B 80 -11.25 77.72 45.91
N GLU B 81 -11.82 78.88 45.59
CA GLU B 81 -12.49 79.76 46.56
C GLU B 81 -13.96 79.34 46.89
N ILE B 82 -14.47 78.31 46.19
CA ILE B 82 -15.76 77.73 46.52
C ILE B 82 -15.55 76.55 47.47
N ARG B 83 -16.32 76.54 48.54
CA ARG B 83 -16.21 75.59 49.68
C ARG B 83 -17.59 75.31 50.26
N GLU B 84 -17.65 74.51 51.31
CA GLU B 84 -18.88 74.25 52.02
C GLU B 84 -19.20 75.53 52.79
N GLY B 85 -20.41 76.03 52.58
CA GLY B 85 -20.85 77.30 53.18
C GLY B 85 -20.95 78.46 52.21
N THR B 86 -20.26 78.40 51.07
CA THR B 86 -20.36 79.46 50.06
C THR B 86 -21.80 79.56 49.56
N GLN B 87 -22.22 80.76 49.24
CA GLN B 87 -23.63 81.02 48.97
C GLN B 87 -23.80 81.13 47.47
N VAL B 88 -24.98 80.75 46.97
CA VAL B 88 -25.27 80.75 45.55
C VAL B 88 -26.60 81.45 45.29
N LYS B 89 -26.62 82.35 44.32
CA LYS B 89 -27.80 83.12 43.96
C LYS B 89 -28.34 82.60 42.66
N ARG B 90 -29.65 82.50 42.53
CA ARG B 90 -30.24 82.26 41.20
C ARG B 90 -30.09 83.49 40.34
N THR B 91 -30.09 83.33 39.03
CA THR B 91 -30.26 84.45 38.09
C THR B 91 -31.63 84.47 37.43
N GLY B 92 -32.41 83.39 37.58
CA GLY B 92 -33.71 83.30 36.92
C GLY B 92 -33.70 83.19 35.41
N ARG B 93 -32.50 82.98 34.84
CA ARG B 93 -32.27 82.88 33.40
C ARG B 93 -31.71 81.49 33.11
N ILE B 94 -32.22 80.85 32.05
CA ILE B 94 -31.73 79.54 31.57
C ILE B 94 -30.33 79.76 31.00
N MET B 95 -29.50 78.71 30.94
CA MET B 95 -28.13 78.82 30.45
C MET B 95 -28.02 79.53 29.09
N GLU B 96 -27.33 80.67 29.05
CA GLU B 96 -27.46 81.70 27.99
C GLU B 96 -26.06 82.23 27.68
N VAL B 97 -25.94 82.83 26.49
CA VAL B 97 -24.78 83.65 26.16
C VAL B 97 -25.21 84.97 25.49
N PRO B 98 -24.45 86.07 25.76
CA PRO B 98 -24.75 87.32 25.06
C PRO B 98 -24.42 87.17 23.61
N VAL B 99 -25.16 87.85 22.76
CA VAL B 99 -25.17 87.58 21.32
C VAL B 99 -25.28 88.90 20.55
N GLY B 100 -24.90 88.84 19.27
CA GLY B 100 -25.11 89.95 18.36
C GLY B 100 -23.81 90.60 17.88
N GLU B 101 -23.97 91.82 17.37
CA GLU B 101 -22.92 92.54 16.70
C GLU B 101 -21.81 93.00 17.65
N ALA B 102 -22.14 93.13 18.94
CA ALA B 102 -21.14 93.53 19.93
C ALA B 102 -19.98 92.54 20.12
N LEU B 103 -20.21 91.28 19.76
CA LEU B 103 -19.18 90.23 19.86
C LEU B 103 -18.16 90.22 18.75
N LEU B 104 -18.52 90.78 17.59
CA LEU B 104 -17.61 90.82 16.44
C LEU B 104 -16.28 91.48 16.83
N GLY B 105 -15.17 90.85 16.47
CA GLY B 105 -13.84 91.34 16.84
C GLY B 105 -13.41 91.10 18.27
N ARG B 106 -14.26 90.47 19.08
CA ARG B 106 -13.97 90.24 20.50
C ARG B 106 -13.55 88.80 20.76
N VAL B 107 -12.80 88.61 21.84
CA VAL B 107 -12.38 87.30 22.32
C VAL B 107 -13.11 87.07 23.65
N VAL B 108 -13.91 86.01 23.71
CA VAL B 108 -14.72 85.70 24.87
C VAL B 108 -14.57 84.25 25.28
N ASN B 109 -14.94 83.95 26.53
CA ASN B 109 -15.03 82.57 27.00
C ASN B 109 -16.45 82.02 26.68
N PRO B 110 -16.73 80.76 27.03
CA PRO B 110 -18.08 80.20 26.76
C PRO B 110 -19.26 80.87 27.47
N LEU B 111 -19.01 81.62 28.55
CA LEU B 111 -20.04 82.45 29.21
C LEU B 111 -20.25 83.82 28.54
N GLY B 112 -19.45 84.17 27.53
CA GLY B 112 -19.52 85.48 26.87
C GLY B 112 -18.81 86.61 27.59
N GLN B 113 -17.88 86.28 28.48
CA GLN B 113 -17.12 87.28 29.23
C GLN B 113 -15.84 87.62 28.47
N PRO B 114 -15.52 88.91 28.32
CA PRO B 114 -14.40 89.31 27.45
C PRO B 114 -13.02 89.00 28.05
N LEU B 115 -12.21 88.26 27.30
CA LEU B 115 -10.85 87.89 27.73
C LEU B 115 -9.76 88.81 27.16
N ASP B 116 -10.11 89.59 26.12
CA ASP B 116 -9.14 90.45 25.41
C ASP B 116 -8.82 91.76 26.14
N GLY B 117 -9.50 92.02 27.26
CA GLY B 117 -9.23 93.20 28.07
C GLY B 117 -9.61 94.52 27.42
N ARG B 118 -10.57 94.50 26.51
CA ARG B 118 -11.14 95.72 25.92
C ARG B 118 -12.51 96.02 26.52
N GLY B 119 -12.70 95.74 27.82
CA GLY B 119 -13.92 96.14 28.51
C GLY B 119 -15.17 95.36 28.10
N PRO B 120 -16.34 95.79 28.60
CA PRO B 120 -17.56 95.00 28.52
C PRO B 120 -18.13 94.80 27.12
N ILE B 121 -19.08 93.87 27.02
CA ILE B 121 -19.76 93.55 25.77
C ILE B 121 -21.16 94.18 25.81
N GLU B 122 -21.31 95.39 25.26
CA GLU B 122 -22.57 96.12 25.25
C GLU B 122 -23.61 95.50 24.32
N THR B 123 -24.42 94.58 24.86
CA THR B 123 -25.51 93.97 24.09
C THR B 123 -26.76 93.65 24.92
N ALA B 124 -27.92 93.94 24.34
CA ALA B 124 -29.22 93.67 24.94
C ALA B 124 -29.79 92.31 24.53
N GLU B 125 -29.25 91.68 23.50
CA GLU B 125 -29.75 90.37 23.05
C GLU B 125 -28.95 89.21 23.59
N TYR B 126 -29.65 88.18 24.04
CA TYR B 126 -29.05 86.93 24.54
C TYR B 126 -29.62 85.77 23.72
N ARG B 127 -29.03 84.61 23.87
CA ARG B 127 -29.54 83.39 23.23
C ARG B 127 -29.18 82.15 24.06
N PRO B 128 -30.11 81.17 24.17
CA PRO B 128 -29.86 80.04 25.02
C PRO B 128 -28.86 79.04 24.42
N ILE B 129 -28.04 78.45 25.27
CA ILE B 129 -26.93 77.61 24.84
C ILE B 129 -27.43 76.28 24.28
N GLU B 130 -28.44 75.70 24.95
CA GLU B 130 -29.19 74.56 24.43
C GLU B 130 -30.39 75.11 23.70
N SER B 131 -30.59 74.68 22.47
CA SER B 131 -31.74 75.13 21.67
C SER B 131 -32.08 74.09 20.60
N PRO B 132 -33.37 73.93 20.26
CA PRO B 132 -33.75 72.93 19.24
C PRO B 132 -33.21 73.24 17.85
N ALA B 133 -32.95 72.19 17.08
CA ALA B 133 -32.45 72.36 15.71
C ALA B 133 -33.63 72.64 14.79
N PRO B 134 -33.38 73.30 13.65
CA PRO B 134 -34.41 73.44 12.63
C PRO B 134 -34.96 72.08 12.24
N GLY B 135 -36.30 71.97 12.27
CA GLY B 135 -36.98 70.69 12.00
C GLY B 135 -36.99 70.39 10.51
N VAL B 136 -37.73 69.33 10.16
CA VAL B 136 -37.64 68.76 8.81
C VAL B 136 -38.16 69.76 7.77
N MET B 137 -39.20 70.53 8.11
CA MET B 137 -39.81 71.48 7.19
C MET B 137 -39.16 72.85 7.15
N ASP B 138 -38.23 73.13 8.07
CA ASP B 138 -37.61 74.46 8.15
C ASP B 138 -36.37 74.63 7.27
N ARG B 139 -36.04 73.63 6.45
CA ARG B 139 -34.77 73.66 5.72
C ARG B 139 -34.97 73.69 4.20
N LYS B 140 -33.87 74.01 3.51
CA LYS B 140 -33.73 73.89 2.06
C LYS B 140 -32.41 73.20 1.73
N SER B 141 -32.38 72.40 0.65
CA SER B 141 -31.14 71.80 0.16
C SER B 141 -30.05 72.85 -0.02
N VAL B 142 -28.85 72.49 0.42
CA VAL B 142 -27.70 73.38 0.34
C VAL B 142 -27.41 73.58 -1.12
N HIS B 143 -27.28 74.85 -1.52
CA HIS B 143 -27.03 75.21 -2.93
C HIS B 143 -26.06 76.38 -3.15
N GLU B 144 -25.58 77.02 -2.08
CA GLU B 144 -24.75 78.23 -2.20
C GLU B 144 -23.30 77.93 -1.77
N PRO B 145 -22.29 78.32 -2.57
CA PRO B 145 -20.90 78.06 -2.15
C PRO B 145 -20.44 78.75 -0.87
N LEU B 146 -19.60 78.09 -0.08
CA LEU B 146 -18.72 78.74 0.89
C LEU B 146 -17.33 78.47 0.39
N GLN B 147 -16.72 79.47 -0.25
CA GLN B 147 -15.41 79.31 -0.88
C GLN B 147 -14.36 79.40 0.20
N THR B 148 -13.59 78.33 0.41
CA THR B 148 -12.49 78.34 1.38
C THR B 148 -11.29 79.10 0.88
N GLY B 149 -11.14 79.20 -0.43
CA GLY B 149 -9.93 79.75 -1.05
C GLY B 149 -8.80 78.77 -1.19
N ILE B 150 -9.08 77.49 -0.93
CA ILE B 150 -8.08 76.45 -0.97
C ILE B 150 -8.45 75.54 -2.15
N LYS B 151 -7.60 75.54 -3.17
CA LYS B 151 -7.87 74.82 -4.43
C LYS B 151 -8.37 73.38 -4.19
N ALA B 152 -7.58 72.65 -3.43
CA ALA B 152 -7.87 71.27 -3.10
C ALA B 152 -9.30 71.08 -2.58
N ILE B 153 -9.75 71.98 -1.72
CA ILE B 153 -11.07 71.87 -1.09
C ILE B 153 -12.18 72.36 -2.01
N ASP B 154 -12.08 73.60 -2.48
CA ASP B 154 -13.12 74.19 -3.34
C ASP B 154 -13.34 73.47 -4.64
N SER B 155 -12.34 72.71 -5.12
CA SER B 155 -12.48 71.92 -6.34
C SER B 155 -12.97 70.50 -6.09
N MET B 156 -12.38 69.80 -5.13
CA MET B 156 -12.65 68.38 -4.87
C MET B 156 -13.64 68.09 -3.74
N ILE B 157 -13.59 68.88 -2.68
CA ILE B 157 -14.45 68.65 -1.49
C ILE B 157 -15.23 69.94 -1.15
N PRO B 158 -16.10 70.37 -2.08
CA PRO B 158 -16.69 71.71 -1.98
C PRO B 158 -17.63 71.84 -0.80
N ILE B 159 -17.47 72.91 -0.04
CA ILE B 159 -18.33 73.20 1.10
C ILE B 159 -19.39 74.20 0.66
N GLY B 160 -20.61 74.00 1.17
CA GLY B 160 -21.76 74.88 0.91
C GLY B 160 -22.37 75.49 2.17
N ARG B 161 -23.16 76.54 1.98
CA ARG B 161 -23.71 77.27 3.11
C ARG B 161 -24.84 76.48 3.75
N GLY B 162 -24.62 76.08 5.00
CA GLY B 162 -25.52 75.18 5.73
C GLY B 162 -24.96 73.78 5.93
N GLN B 163 -23.81 73.51 5.32
CA GLN B 163 -23.20 72.17 5.36
C GLN B 163 -22.41 72.00 6.68
N ARG B 164 -22.28 70.75 7.12
CA ARG B 164 -21.38 70.40 8.18
C ARG B 164 -20.31 69.55 7.51
N GLU B 165 -19.05 69.99 7.56
CA GLU B 165 -17.95 69.29 6.91
C GLU B 165 -16.86 69.05 7.95
N LEU B 166 -16.62 67.77 8.27
CA LEU B 166 -15.62 67.42 9.28
C LEU B 166 -14.21 67.64 8.73
N ILE B 167 -13.34 68.28 9.52
CA ILE B 167 -11.92 68.33 9.23
C ILE B 167 -11.23 67.40 10.23
N ILE B 168 -10.60 66.36 9.73
CA ILE B 168 -10.13 65.24 10.56
C ILE B 168 -8.70 64.88 10.14
N GLY B 169 -7.86 64.60 11.12
CA GLY B 169 -6.47 64.24 10.87
C GLY B 169 -5.63 64.24 12.11
N ASP B 170 -4.43 63.69 12.02
CA ASP B 170 -3.51 63.67 13.16
C ASP B 170 -3.14 65.08 13.59
N ARG B 171 -2.49 65.20 14.73
CA ARG B 171 -1.89 66.45 15.15
C ARG B 171 -0.89 66.93 14.10
N GLN B 172 -0.79 68.25 13.89
CA GLN B 172 0.20 68.86 12.97
C GLN B 172 0.05 68.42 11.50
N THR B 173 -1.18 68.14 11.06
CA THR B 173 -1.45 67.84 9.66
C THR B 173 -2.05 69.02 8.85
N GLY B 174 -2.30 70.13 9.53
CA GLY B 174 -2.72 71.38 8.87
C GLY B 174 -4.20 71.71 8.97
N LYS B 175 -4.85 71.27 10.07
CA LYS B 175 -6.29 71.42 10.27
C LYS B 175 -6.68 72.88 10.61
N THR B 176 -6.04 73.45 11.62
CA THR B 176 -6.32 74.82 12.04
C THR B 176 -6.06 75.83 10.92
N THR B 177 -4.93 75.66 10.19
CA THR B 177 -4.64 76.55 9.06
C THR B 177 -5.71 76.50 7.96
N ILE B 178 -6.42 75.38 7.78
CA ILE B 178 -7.52 75.33 6.83
C ILE B 178 -8.65 76.28 7.26
N ALA B 179 -9.03 76.22 8.54
CA ALA B 179 -10.10 77.04 9.06
C ALA B 179 -9.74 78.52 9.11
N ILE B 180 -8.51 78.84 9.51
CA ILE B 180 -8.03 80.23 9.52
C ILE B 180 -8.03 80.85 8.12
N ASP B 181 -7.55 80.08 7.14
CA ASP B 181 -7.57 80.51 5.75
C ASP B 181 -8.98 80.69 5.23
N THR B 182 -9.90 79.82 5.67
CA THR B 182 -11.31 79.88 5.25
C THR B 182 -11.99 81.15 5.79
N ILE B 183 -11.70 81.48 7.05
CA ILE B 183 -12.23 82.69 7.68
C ILE B 183 -11.71 83.94 6.94
N ILE B 184 -10.39 84.01 6.75
CA ILE B 184 -9.75 85.10 6.00
C ILE B 184 -10.39 85.31 4.62
N ASN B 185 -10.73 84.21 3.93
CA ASN B 185 -11.31 84.29 2.58
C ASN B 185 -12.77 84.76 2.57
N GLN B 186 -13.43 84.81 3.74
CA GLN B 186 -14.76 85.41 3.86
C GLN B 186 -14.77 86.94 3.94
N LYS B 187 -13.59 87.58 3.87
CA LYS B 187 -13.47 89.05 3.79
C LYS B 187 -14.31 89.57 2.60
N GLY B 188 -15.27 90.44 2.90
CA GLY B 188 -16.14 91.01 1.88
C GLY B 188 -17.21 90.11 1.30
N GLN B 189 -17.36 88.89 1.81
CA GLN B 189 -18.41 87.94 1.35
C GLN B 189 -19.65 88.02 2.24
N ASP B 190 -19.61 88.90 3.24
CA ASP B 190 -20.71 89.12 4.15
C ASP B 190 -21.11 87.82 4.87
N VAL B 191 -20.10 87.19 5.47
CA VAL B 191 -20.26 85.95 6.25
C VAL B 191 -19.60 86.15 7.60
N ILE B 192 -20.38 85.96 8.66
CA ILE B 192 -19.91 86.14 10.02
C ILE B 192 -19.26 84.84 10.46
N CYS B 193 -18.04 84.94 11.00
CA CYS B 193 -17.25 83.77 11.36
C CYS B 193 -17.15 83.63 12.87
N ILE B 194 -17.15 82.38 13.35
CA ILE B 194 -16.96 82.11 14.78
C ILE B 194 -15.95 80.98 14.95
N TYR B 195 -14.81 81.31 15.56
CA TYR B 195 -13.76 80.33 15.85
C TYR B 195 -13.87 79.93 17.30
N VAL B 196 -14.31 78.69 17.54
CA VAL B 196 -14.39 78.14 18.89
C VAL B 196 -13.14 77.30 19.16
N ALA B 197 -12.39 77.64 20.19
CA ALA B 197 -11.14 76.96 20.53
C ALA B 197 -11.33 76.19 21.82
N ILE B 198 -11.50 74.88 21.70
CA ILE B 198 -11.73 73.99 22.84
C ILE B 198 -10.44 73.22 23.16
N GLY B 199 -9.84 73.48 24.29
CA GLY B 199 -8.73 72.67 24.80
C GLY B 199 -7.37 72.89 24.14
N GLN B 200 -7.26 73.98 23.38
CA GLN B 200 -5.99 74.35 22.77
C GLN B 200 -5.16 75.06 23.79
N LYS B 201 -3.86 75.16 23.45
CA LYS B 201 -2.96 76.01 24.19
C LYS B 201 -3.37 77.46 23.89
N GLN B 202 -3.27 78.30 24.91
CA GLN B 202 -3.78 79.66 24.82
C GLN B 202 -2.88 80.53 23.93
N SER B 203 -1.56 80.25 23.95
CA SER B 203 -0.59 80.89 23.03
C SER B 203 -1.03 80.75 21.58
N THR B 204 -1.48 79.54 21.19
CA THR B 204 -2.00 79.29 19.86
C THR B 204 -3.19 80.16 19.53
N VAL B 205 -4.11 80.32 20.49
CA VAL B 205 -5.31 81.13 20.29
C VAL B 205 -4.93 82.61 20.12
N ALA B 206 -3.95 83.07 20.91
CA ALA B 206 -3.42 84.43 20.76
C ALA B 206 -2.80 84.63 19.37
N GLY B 207 -2.10 83.59 18.89
CA GLY B 207 -1.56 83.57 17.55
C GLY B 207 -2.62 83.63 16.47
N VAL B 208 -3.76 82.94 16.67
CA VAL B 208 -4.87 82.97 15.71
C VAL B 208 -5.45 84.36 15.60
N VAL B 209 -5.75 85.00 16.74
CA VAL B 209 -6.38 86.33 16.69
C VAL B 209 -5.45 87.33 15.99
N GLU B 210 -4.14 87.22 16.25
CA GLU B 210 -3.18 88.10 15.63
C GLU B 210 -3.09 87.89 14.10
N THR B 211 -3.18 86.64 13.65
CA THR B 211 -3.18 86.34 12.20
C THR B 211 -4.41 86.90 11.52
N LEU B 212 -5.55 86.85 12.21
CA LEU B 212 -6.81 87.41 11.68
C LEU B 212 -6.74 88.92 11.58
N ARG B 213 -6.21 89.56 12.62
CA ARG B 213 -6.02 91.01 12.65
C ARG B 213 -5.19 91.49 11.43
N GLN B 214 -4.08 90.81 11.17
CA GLN B 214 -3.19 91.18 10.09
C GLN B 214 -3.77 91.00 8.68
N HIS B 215 -4.71 90.08 8.51
CA HIS B 215 -5.41 89.85 7.24
C HIS B 215 -6.76 90.59 7.18
N ASP B 216 -7.02 91.43 8.20
CA ASP B 216 -8.22 92.25 8.29
C ASP B 216 -9.48 91.38 8.24
N ALA B 217 -9.42 90.28 8.98
CA ALA B 217 -10.51 89.33 9.12
C ALA B 217 -11.12 89.27 10.51
N LEU B 218 -10.58 90.06 11.44
CA LEU B 218 -11.04 90.03 12.82
C LEU B 218 -12.36 90.78 13.04
N ASP B 219 -12.59 91.86 12.29
CA ASP B 219 -13.82 92.63 12.49
C ASP B 219 -15.14 91.93 12.12
N TYR B 220 -15.11 90.79 11.41
CA TYR B 220 -16.32 89.99 11.19
C TYR B 220 -16.26 88.62 11.88
N THR B 221 -15.35 88.47 12.85
CA THR B 221 -15.09 87.17 13.49
C THR B 221 -15.22 87.25 15.01
N ILE B 222 -16.00 86.33 15.57
CA ILE B 222 -16.07 86.14 17.02
C ILE B 222 -15.15 84.98 17.42
N VAL B 223 -14.44 85.13 18.53
CA VAL B 223 -13.54 84.10 19.03
C VAL B 223 -13.93 83.60 20.43
N VAL B 224 -14.44 82.37 20.52
CA VAL B 224 -14.78 81.73 21.79
C VAL B 224 -13.62 80.80 22.17
N THR B 225 -13.21 80.80 23.45
CA THR B 225 -12.02 80.05 23.91
C THR B 225 -12.17 79.46 25.29
N ALA B 226 -12.08 78.14 25.38
CA ALA B 226 -11.91 77.43 26.64
C ALA B 226 -10.54 76.80 26.58
N SER B 227 -9.54 77.46 27.12
CA SER B 227 -8.14 76.97 26.99
C SER B 227 -7.93 75.70 27.83
N ALA B 228 -6.82 75.03 27.56
CA ALA B 228 -6.52 73.72 28.20
C ALA B 228 -6.49 73.72 29.72
N SER B 229 -6.17 74.86 30.33
CA SER B 229 -6.16 75.00 31.80
C SER B 229 -7.54 75.21 32.42
N GLU B 230 -8.53 75.61 31.62
CA GLU B 230 -9.89 75.84 32.14
C GLU B 230 -10.54 74.53 32.61
N PRO B 231 -11.45 74.64 33.60
CA PRO B 231 -12.17 73.45 34.03
C PRO B 231 -13.01 72.84 32.90
N ALA B 232 -13.15 71.51 32.99
CA ALA B 232 -13.81 70.72 31.96
C ALA B 232 -15.17 71.24 31.51
N PRO B 233 -16.02 71.69 32.46
CA PRO B 233 -17.35 72.16 32.00
C PRO B 233 -17.34 73.32 30.99
N LEU B 234 -16.28 74.15 31.02
CA LEU B 234 -16.17 75.24 30.04
C LEU B 234 -15.81 74.70 28.66
N LEU B 235 -14.92 73.71 28.62
CA LEU B 235 -14.59 73.00 27.39
C LEU B 235 -15.82 72.31 26.82
N TYR B 236 -16.64 71.73 27.69
CA TYR B 236 -17.91 71.12 27.33
C TYR B 236 -18.89 72.12 26.70
N LEU B 237 -19.01 73.31 27.29
CA LEU B 237 -19.95 74.31 26.82
C LEU B 237 -19.47 75.15 25.61
N ALA B 238 -18.16 75.28 25.45
CA ALA B 238 -17.59 76.18 24.45
C ALA B 238 -18.23 76.07 23.05
N PRO B 239 -18.40 74.85 22.52
CA PRO B 239 -19.03 74.72 21.19
C PRO B 239 -20.49 75.17 21.13
N TYR B 240 -21.26 74.91 22.18
CA TYR B 240 -22.66 75.31 22.21
C TYR B 240 -22.80 76.84 22.26
N ALA B 241 -21.88 77.49 22.98
CA ALA B 241 -21.85 78.95 23.03
C ALA B 241 -21.60 79.56 21.64
N GLY B 242 -20.54 79.08 20.98
CA GLY B 242 -20.26 79.49 19.63
C GLY B 242 -21.41 79.23 18.66
N CYS B 243 -22.09 78.10 18.83
CA CYS B 243 -23.24 77.74 18.01
C CYS B 243 -24.35 78.78 18.12
N ALA B 244 -24.72 79.12 19.36
CA ALA B 244 -25.72 80.16 19.63
C ALA B 244 -25.33 81.53 19.04
N MET B 245 -24.05 81.88 19.16
CA MET B 245 -23.55 83.13 18.59
C MET B 245 -23.73 83.21 17.07
N GLY B 246 -23.63 82.07 16.41
CA GLY B 246 -23.82 82.00 14.95
C GLY B 246 -25.26 81.84 14.55
N GLU B 247 -26.03 81.15 15.39
CA GLU B 247 -27.46 80.96 15.18
C GLU B 247 -28.22 82.28 15.07
N TYR B 248 -27.84 83.23 15.94
CA TYR B 248 -28.39 84.57 15.91
C TYR B 248 -28.43 85.17 14.51
N PHE B 249 -27.31 85.06 13.80
CA PHE B 249 -27.22 85.57 12.43
C PHE B 249 -28.02 84.73 11.42
N MET B 250 -28.06 83.42 11.63
CA MET B 250 -28.83 82.53 10.76
C MET B 250 -30.33 82.84 10.79
N TYR B 251 -30.86 83.01 12.00
CA TYR B 251 -32.29 83.25 12.17
C TYR B 251 -32.75 84.67 11.80
N LYS B 252 -31.80 85.59 11.57
CA LYS B 252 -32.09 86.90 10.96
C LYS B 252 -31.83 86.93 9.46
N GLY B 253 -31.71 85.77 8.81
CA GLY B 253 -31.54 85.70 7.35
C GLY B 253 -30.14 86.00 6.84
N LYS B 254 -29.15 86.12 7.74
CA LYS B 254 -27.75 86.27 7.35
C LYS B 254 -27.04 84.90 7.38
N HIS B 255 -25.76 84.90 7.02
CA HIS B 255 -24.99 83.67 6.84
C HIS B 255 -23.78 83.63 7.75
N ALA B 256 -23.63 82.53 8.49
CA ALA B 256 -22.52 82.38 9.43
C ALA B 256 -21.71 81.10 9.20
N LEU B 257 -20.51 81.10 9.78
CA LEU B 257 -19.58 79.98 9.73
C LEU B 257 -19.02 79.74 11.13
N VAL B 258 -19.19 78.53 11.66
CA VAL B 258 -18.66 78.18 12.98
C VAL B 258 -17.61 77.06 12.85
N VAL B 259 -16.51 77.23 13.59
CA VAL B 259 -15.40 76.26 13.63
C VAL B 259 -15.26 75.78 15.06
N TYR B 260 -15.33 74.46 15.24
CA TYR B 260 -15.08 73.83 16.54
C TYR B 260 -13.72 73.10 16.48
N ASP B 261 -12.72 73.69 17.17
CA ASP B 261 -11.33 73.25 17.11
C ASP B 261 -10.86 72.94 18.52
N ASP B 262 -11.04 71.71 19.04
CA ASP B 262 -11.66 70.57 18.35
C ASP B 262 -12.63 69.81 19.24
N LEU B 263 -13.48 68.99 18.63
CA LEU B 263 -14.47 68.19 19.35
C LEU B 263 -13.88 66.97 20.07
N SER B 264 -12.67 66.56 19.72
CA SER B 264 -11.96 65.51 20.45
C SER B 264 -11.74 65.91 21.89
N LYS B 265 -11.29 67.14 22.09
CA LYS B 265 -11.03 67.67 23.43
C LYS B 265 -12.31 67.99 24.19
N GLN B 266 -13.35 68.39 23.48
CA GLN B 266 -14.68 68.56 24.08
C GLN B 266 -15.22 67.24 24.61
N ALA B 267 -15.16 66.19 23.79
CA ALA B 267 -15.61 64.86 24.20
C ALA B 267 -14.85 64.36 25.42
N ALA B 268 -13.52 64.55 25.44
CA ALA B 268 -12.68 64.18 26.61
C ALA B 268 -13.12 64.91 27.88
N ALA B 269 -13.47 66.19 27.71
CA ALA B 269 -13.93 67.02 28.82
C ALA B 269 -15.28 66.54 29.33
N TYR B 270 -16.19 66.21 28.42
CA TYR B 270 -17.49 65.66 28.81
C TYR B 270 -17.38 64.28 29.44
N ARG B 271 -16.36 63.51 29.04
CA ARG B 271 -16.04 62.23 29.69
C ARG B 271 -15.59 62.47 31.15
N GLU B 272 -14.66 63.40 31.34
CA GLU B 272 -14.19 63.79 32.68
C GLU B 272 -15.38 64.12 33.55
N LEU B 273 -16.27 64.95 33.04
CA LEU B 273 -17.49 65.37 33.76
C LEU B 273 -18.39 64.19 34.07
N SER B 274 -18.69 63.36 33.06
CA SER B 274 -19.54 62.19 33.24
C SER B 274 -18.97 61.20 34.25
N LEU B 275 -17.66 61.02 34.25
CA LEU B 275 -16.99 60.09 35.19
C LEU B 275 -16.96 60.64 36.62
N LEU B 276 -16.80 61.96 36.77
CA LEU B 276 -16.88 62.58 38.09
C LEU B 276 -18.29 62.48 38.69
N LEU B 277 -19.31 62.49 37.84
CA LEU B 277 -20.69 62.23 38.28
C LEU B 277 -21.02 60.72 38.36
N ARG B 278 -20.01 59.88 38.22
CA ARG B 278 -20.16 58.42 38.27
C ARG B 278 -21.18 57.82 37.31
N ARG B 279 -21.34 58.44 36.14
CA ARG B 279 -22.17 57.88 35.07
C ARG B 279 -21.38 56.75 34.38
N PRO B 280 -22.06 55.60 34.14
CA PRO B 280 -21.35 54.41 33.67
C PRO B 280 -20.58 54.60 32.37
N PRO B 281 -19.29 54.22 32.37
CA PRO B 281 -18.49 54.31 31.16
C PRO B 281 -18.75 53.17 30.18
N GLY B 282 -18.53 53.45 28.89
CA GLY B 282 -18.67 52.47 27.80
C GLY B 282 -17.37 52.42 27.03
N ARG B 283 -17.46 52.33 25.70
CA ARG B 283 -16.27 52.29 24.83
C ARG B 283 -15.30 53.45 25.11
N GLU B 284 -14.01 53.14 25.22
CA GLU B 284 -12.95 54.11 25.55
C GLU B 284 -13.27 55.01 26.77
N ALA B 285 -14.07 54.46 27.69
CA ALA B 285 -14.60 55.13 28.89
C ALA B 285 -15.54 56.32 28.66
N TYR B 286 -16.00 56.53 27.45
CA TYR B 286 -16.96 57.60 27.17
C TYR B 286 -18.33 57.20 27.63
N PRO B 287 -19.19 58.19 27.96
CA PRO B 287 -20.56 57.86 28.32
C PRO B 287 -21.40 57.48 27.09
N GLY B 288 -22.55 56.86 27.34
CA GLY B 288 -23.46 56.47 26.28
C GLY B 288 -23.94 57.63 25.41
N ASP B 289 -24.06 58.81 26.02
CA ASP B 289 -24.58 59.98 25.30
C ASP B 289 -23.53 60.89 24.64
N VAL B 290 -22.30 60.37 24.45
CA VAL B 290 -21.24 61.16 23.81
C VAL B 290 -21.53 61.40 22.31
N PHE B 291 -22.26 60.48 21.69
CA PHE B 291 -22.75 60.69 20.32
C PHE B 291 -23.76 61.84 20.28
N TYR B 292 -24.74 61.77 21.16
CA TYR B 292 -25.76 62.81 21.33
C TYR B 292 -25.12 64.19 21.54
N LEU B 293 -24.03 64.25 22.31
CA LEU B 293 -23.26 65.48 22.54
C LEU B 293 -22.93 66.23 21.26
N HIS B 294 -22.43 65.50 20.28
CA HIS B 294 -22.03 66.08 19.00
C HIS B 294 -23.16 66.22 18.01
N SER B 295 -24.11 65.28 18.06
CA SER B 295 -25.20 65.28 17.09
C SER B 295 -26.16 66.45 17.28
N ARG B 296 -26.52 66.76 18.53
CA ARG B 296 -27.36 67.94 18.79
C ARG B 296 -26.66 69.21 18.38
N LEU B 297 -25.36 69.30 18.65
CA LEU B 297 -24.57 70.48 18.29
C LEU B 297 -24.60 70.73 16.78
N LEU B 298 -24.28 69.69 16.02
CA LEU B 298 -24.06 69.84 14.58
C LEU B 298 -25.34 69.90 13.75
N GLU B 299 -26.43 69.38 14.29
CA GLU B 299 -27.75 69.46 13.62
C GLU B 299 -28.31 70.90 13.66
N ARG B 300 -27.88 71.71 14.65
CA ARG B 300 -28.27 73.12 14.76
C ARG B 300 -27.68 74.01 13.67
N ALA B 301 -26.60 73.55 13.04
CA ALA B 301 -26.09 74.13 11.79
C ALA B 301 -26.94 73.62 10.65
N ALA B 302 -27.39 74.52 9.79
CA ALA B 302 -28.33 74.16 8.71
C ALA B 302 -28.44 75.28 7.69
N LYS B 303 -29.17 74.97 6.63
CA LYS B 303 -29.61 75.94 5.62
C LYS B 303 -31.13 76.05 5.74
N LEU B 304 -31.62 77.22 6.16
CA LEU B 304 -33.05 77.43 6.38
C LEU B 304 -33.79 77.60 5.06
N SER B 305 -35.10 77.36 5.11
CA SER B 305 -35.97 77.54 3.96
C SER B 305 -36.18 79.04 3.67
N ASP B 306 -36.78 79.32 2.53
CA ASP B 306 -37.07 80.67 2.10
C ASP B 306 -38.04 81.36 3.06
N GLU B 307 -39.02 80.59 3.53
CA GLU B 307 -40.02 81.05 4.49
C GLU B 307 -39.41 81.46 5.83
N LYS B 308 -38.39 80.73 6.28
CA LYS B 308 -37.71 81.03 7.56
C LYS B 308 -36.57 82.04 7.41
N GLY B 309 -36.42 82.66 6.24
CA GLY B 309 -35.46 83.76 6.06
C GLY B 309 -34.26 83.47 5.18
N GLY B 310 -34.07 82.20 4.81
CA GLY B 310 -32.97 81.80 3.92
C GLY B 310 -31.56 81.85 4.51
N GLY B 311 -31.42 82.11 5.81
CA GLY B 311 -30.10 82.21 6.42
C GLY B 311 -29.49 80.85 6.63
N SER B 312 -28.19 80.83 6.94
CA SER B 312 -27.45 79.57 7.09
C SER B 312 -26.41 79.64 8.20
N LEU B 313 -26.13 78.49 8.78
CA LEU B 313 -24.99 78.31 9.66
C LEU B 313 -24.22 77.11 9.10
N THR B 314 -22.97 77.35 8.69
CA THR B 314 -22.09 76.32 8.16
C THR B 314 -21.15 75.93 9.28
N ALA B 315 -20.89 74.62 9.42
CA ALA B 315 -20.03 74.11 10.52
C ALA B 315 -18.81 73.34 10.03
N LEU B 316 -17.65 73.65 10.65
CA LEU B 316 -16.43 72.90 10.44
C LEU B 316 -15.94 72.32 11.76
N PRO B 317 -16.51 71.18 12.19
CA PRO B 317 -15.98 70.53 13.40
C PRO B 317 -14.65 69.86 13.10
N PHE B 318 -13.80 69.74 14.11
CA PHE B 318 -12.48 69.13 13.99
C PHE B 318 -12.47 67.85 14.80
N ILE B 319 -11.78 66.84 14.30
CA ILE B 319 -11.41 65.67 15.07
C ILE B 319 -9.91 65.43 14.92
N GLU B 320 -9.25 65.15 16.04
CA GLU B 320 -7.85 64.80 16.06
C GLU B 320 -7.73 63.29 16.24
N THR B 321 -7.30 62.61 15.18
CA THR B 321 -7.06 61.17 15.23
C THR B 321 -5.71 60.86 15.87
N GLN B 322 -5.56 59.60 16.27
CA GLN B 322 -4.29 59.06 16.77
C GLN B 322 -3.77 58.03 15.76
N ALA B 323 -2.59 58.31 15.17
CA ALA B 323 -1.97 57.43 14.19
C ALA B 323 -2.90 57.15 12.97
N GLY B 324 -3.67 58.17 12.58
CA GLY B 324 -4.57 58.04 11.45
C GLY B 324 -5.75 57.09 11.61
N ASP B 325 -6.09 56.73 12.85
CA ASP B 325 -7.18 55.77 13.13
C ASP B 325 -8.55 56.47 13.01
N VAL B 326 -9.13 56.42 11.80
CA VAL B 326 -10.47 56.99 11.56
C VAL B 326 -11.60 56.06 12.00
N SER B 327 -11.27 54.83 12.38
CA SER B 327 -12.26 53.87 12.86
C SER B 327 -12.44 53.90 14.38
N ALA B 328 -11.77 54.82 15.08
CA ALA B 328 -11.95 54.95 16.53
C ALA B 328 -13.35 55.45 16.87
N TYR B 329 -13.71 55.38 18.15
CA TYR B 329 -15.10 55.64 18.56
C TYR B 329 -15.57 57.07 18.24
N ILE B 330 -14.85 58.07 18.73
CA ILE B 330 -15.29 59.46 18.53
C ILE B 330 -15.21 59.88 17.07
N PRO B 331 -14.13 59.53 16.36
CA PRO B 331 -14.11 59.87 14.93
C PRO B 331 -15.28 59.27 14.14
N THR B 332 -15.61 58.00 14.35
CA THR B 332 -16.75 57.39 13.65
C THR B 332 -18.08 58.08 13.99
N ASN B 333 -18.23 58.52 15.25
CA ASN B 333 -19.43 59.25 15.66
C ASN B 333 -19.60 60.49 14.78
N VAL B 334 -18.55 61.31 14.73
CA VAL B 334 -18.62 62.60 14.03
C VAL B 334 -18.66 62.43 12.52
N ILE B 335 -18.01 61.40 11.98
CA ILE B 335 -18.15 61.05 10.55
C ILE B 335 -19.60 60.74 10.21
N SER B 336 -20.29 59.97 11.07
CA SER B 336 -21.68 59.60 10.81
C SER B 336 -22.68 60.76 11.00
N ILE B 337 -22.24 61.85 11.63
CA ILE B 337 -23.06 63.05 11.83
C ILE B 337 -22.99 64.01 10.64
N THR B 338 -21.77 64.30 10.16
CA THR B 338 -21.53 65.39 9.20
C THR B 338 -21.91 65.05 7.78
N ASP B 339 -21.80 66.03 6.86
CA ASP B 339 -22.13 65.86 5.42
C ASP B 339 -20.88 65.62 4.57
N GLY B 340 -19.93 64.84 5.09
CA GLY B 340 -18.64 64.66 4.39
C GLY B 340 -17.49 65.00 5.33
N GLN B 341 -16.29 64.72 4.84
CA GLN B 341 -15.10 64.98 5.63
C GLN B 341 -13.90 65.30 4.73
N ILE B 342 -12.96 66.03 5.31
CA ILE B 342 -11.67 66.32 4.71
C ILE B 342 -10.65 65.63 5.60
N PHE B 343 -10.08 64.52 5.12
CA PHE B 343 -9.04 63.80 5.86
C PHE B 343 -7.67 64.33 5.46
N LEU B 344 -6.86 64.68 6.45
CA LEU B 344 -5.47 65.11 6.25
C LEU B 344 -4.51 64.03 6.75
N GLU B 345 -3.56 63.67 5.90
CA GLU B 345 -2.68 62.53 6.15
C GLU B 345 -1.22 62.94 6.31
N SER B 346 -0.57 62.31 7.30
CA SER B 346 0.75 62.75 7.77
C SER B 346 1.82 62.54 6.72
N ASP B 347 1.83 61.36 6.11
CA ASP B 347 2.76 61.02 5.04
C ASP B 347 2.74 62.07 3.93
N LEU B 348 1.56 62.49 3.48
CA LEU B 348 1.46 63.54 2.49
C LEU B 348 2.04 64.87 3.01
N PHE B 349 1.64 65.23 4.23
CA PHE B 349 2.04 66.49 4.84
C PHE B 349 3.52 66.65 4.91
N TYR B 350 4.17 65.63 5.45
CA TYR B 350 5.65 65.71 5.68
C TYR B 350 6.44 65.51 4.40
N SER B 351 5.84 64.93 3.37
CA SER B 351 6.46 64.91 2.03
C SER B 351 6.31 66.23 1.23
N GLY B 352 5.66 67.25 1.80
CA GLY B 352 5.49 68.55 1.12
C GLY B 352 4.22 68.75 0.28
N VAL B 353 3.31 67.79 0.33
CA VAL B 353 1.95 67.98 -0.21
C VAL B 353 1.16 68.70 0.89
N ARG B 354 1.04 70.02 0.76
CA ARG B 354 0.30 70.85 1.72
C ARG B 354 -0.56 71.85 0.94
N PRO B 355 -1.87 71.90 1.16
CA PRO B 355 -2.62 71.09 2.12
C PRO B 355 -2.63 69.59 1.79
N ALA B 356 -2.61 68.78 2.83
CA ALA B 356 -2.33 67.35 2.70
C ALA B 356 -3.65 66.58 2.63
N VAL B 357 -4.46 66.85 1.63
CA VAL B 357 -5.76 66.18 1.55
C VAL B 357 -5.67 64.77 0.93
N ASN B 358 -6.00 63.78 1.73
CA ASN B 358 -6.23 62.42 1.27
C ASN B 358 -7.51 62.45 0.42
N VAL B 359 -7.25 62.29 -0.87
CA VAL B 359 -8.28 62.34 -1.90
C VAL B 359 -9.18 61.10 -1.89
N GLY B 360 -8.63 59.94 -1.53
CA GLY B 360 -9.39 58.71 -1.52
C GLY B 360 -10.50 58.67 -0.48
N ILE B 361 -10.17 59.05 0.75
CA ILE B 361 -11.09 58.98 1.89
C ILE B 361 -12.03 60.23 1.93
N SER B 362 -11.55 61.40 1.50
CA SER B 362 -12.30 62.65 1.68
C SER B 362 -13.47 62.75 0.71
N VAL B 363 -14.50 63.51 1.10
CA VAL B 363 -15.72 63.63 0.31
C VAL B 363 -16.63 64.74 0.83
N SER B 364 -17.39 65.30 -0.10
CA SER B 364 -18.47 66.27 0.19
C SER B 364 -19.81 65.69 -0.28
N ARG B 365 -20.68 65.41 0.66
CA ARG B 365 -22.01 64.80 0.36
C ARG B 365 -22.92 65.77 -0.39
N VAL B 366 -22.65 67.06 -0.26
CA VAL B 366 -23.36 68.11 -1.00
C VAL B 366 -22.88 68.20 -2.45
N GLY B 367 -21.56 68.19 -2.63
CA GLY B 367 -20.93 68.10 -3.95
C GLY B 367 -21.17 69.31 -4.83
N GLY B 368 -21.48 69.05 -6.10
CA GLY B 368 -21.58 70.09 -7.15
C GLY B 368 -22.62 71.17 -6.87
N ALA B 369 -23.65 70.85 -6.10
CA ALA B 369 -24.61 71.83 -5.60
C ALA B 369 -23.96 73.03 -4.91
N ALA B 370 -22.81 72.83 -4.27
CA ALA B 370 -22.08 73.91 -3.55
C ALA B 370 -20.92 74.53 -4.38
N GLN B 371 -21.07 74.55 -5.70
CA GLN B 371 -20.00 74.97 -6.59
C GLN B 371 -20.56 75.80 -7.73
N ILE B 372 -19.80 76.81 -8.14
CA ILE B 372 -20.15 77.57 -9.34
C ILE B 372 -19.93 76.69 -10.58
N LYS B 373 -20.78 76.88 -11.60
CA LYS B 373 -20.79 75.99 -12.78
C LYS B 373 -19.43 75.84 -13.45
N ALA B 374 -18.63 76.91 -13.42
CA ALA B 374 -17.28 76.88 -13.99
C ALA B 374 -16.42 75.82 -13.30
N MET B 375 -16.45 75.83 -11.97
CA MET B 375 -15.65 74.93 -11.15
C MET B 375 -16.15 73.50 -11.24
N LYS B 376 -17.47 73.31 -11.26
CA LYS B 376 -18.06 71.99 -11.44
C LYS B 376 -17.65 71.38 -12.78
N LYS B 377 -17.44 72.21 -13.79
CA LYS B 377 -17.05 71.74 -15.12
C LYS B 377 -15.59 71.29 -15.15
N VAL B 378 -14.69 72.14 -14.68
CA VAL B 378 -13.25 71.88 -14.75
C VAL B 378 -12.81 70.80 -13.74
N ALA B 379 -13.49 70.73 -12.59
CA ALA B 379 -13.13 69.79 -11.54
C ALA B 379 -13.82 68.46 -11.70
N GLY B 380 -14.73 68.28 -12.63
CA GLY B 380 -15.71 67.21 -12.59
C GLY B 380 -15.17 65.85 -12.11
N THR B 381 -14.11 65.39 -12.75
CA THR B 381 -13.49 64.09 -12.45
C THR B 381 -12.20 64.25 -11.62
N LEU B 382 -11.93 65.37 -11.00
CA LEU B 382 -10.59 65.68 -10.50
C LEU B 382 -10.19 64.75 -9.38
N ARG B 383 -11.11 64.54 -8.47
CA ARG B 383 -10.94 63.67 -7.29
C ARG B 383 -10.66 62.23 -7.73
N LEU B 384 -11.54 61.68 -8.58
CA LEU B 384 -11.33 60.35 -9.13
C LEU B 384 -10.04 60.24 -9.95
N ASP B 385 -9.67 61.29 -10.70
CA ASP B 385 -8.40 61.30 -11.45
C ASP B 385 -7.16 61.22 -10.55
N LEU B 386 -7.18 61.95 -9.44
CA LEU B 386 -6.04 61.94 -8.51
C LEU B 386 -5.97 60.68 -7.64
N ALA B 387 -7.13 60.13 -7.29
CA ALA B 387 -7.20 58.86 -6.57
C ALA B 387 -6.56 57.72 -7.39
N GLN B 388 -6.81 57.73 -8.69
CA GLN B 388 -6.20 56.80 -9.65
C GLN B 388 -4.72 57.10 -9.85
N TYR B 389 -4.34 58.38 -9.83
CA TYR B 389 -2.95 58.76 -9.90
C TYR B 389 -2.16 58.21 -8.72
N ARG B 390 -2.67 58.43 -7.51
CA ARG B 390 -2.00 58.02 -6.29
C ARG B 390 -1.84 56.50 -6.18
N GLU B 391 -2.82 55.74 -6.67
CA GLU B 391 -2.70 54.27 -6.75
C GLU B 391 -1.64 53.85 -7.78
N LEU B 392 -1.73 54.42 -8.98
CA LEU B 392 -0.79 54.09 -10.06
C LEU B 392 0.65 54.62 -9.85
N GLN B 393 0.81 55.59 -8.96
CA GLN B 393 2.13 56.11 -8.59
C GLN B 393 3.05 55.08 -7.93
N ALA B 394 2.49 54.09 -7.20
CA ALA B 394 3.27 53.00 -6.65
C ALA B 394 4.08 52.23 -7.70
N PHE B 395 3.47 51.99 -8.87
CA PHE B 395 4.17 51.33 -10.00
C PHE B 395 4.82 52.23 -11.01
N ALA B 396 5.43 53.32 -10.57
CA ALA B 396 6.00 54.36 -11.54
C ALA B 396 7.50 54.35 -11.69
N GLN B 397 8.20 53.29 -11.27
CA GLN B 397 9.67 53.24 -11.37
C GLN B 397 10.20 53.00 -12.82
N PHE B 398 9.31 52.70 -13.76
CA PHE B 398 9.64 52.27 -15.12
C PHE B 398 9.52 53.45 -16.08
N GLY B 399 10.30 54.51 -15.87
CA GLY B 399 10.33 55.64 -16.84
C GLY B 399 10.92 55.28 -18.19
N SER B 400 10.21 55.58 -19.28
CA SER B 400 10.56 55.14 -20.67
C SER B 400 10.25 53.68 -21.03
N ASP B 401 10.18 52.77 -20.08
CA ASP B 401 9.80 51.35 -20.26
C ASP B 401 8.29 51.16 -20.14
N LEU B 402 7.64 51.98 -19.34
CA LEU B 402 6.19 51.83 -19.07
C LEU B 402 5.33 52.29 -20.24
N ASP B 403 4.20 51.63 -20.47
CA ASP B 403 3.40 51.90 -21.68
C ASP B 403 2.93 53.35 -21.74
N LYS B 404 2.72 53.86 -22.95
CA LYS B 404 2.57 55.32 -23.12
C LYS B 404 1.30 55.90 -22.50
N ALA B 405 0.27 55.04 -22.30
CA ALA B 405 -0.97 55.43 -21.64
C ALA B 405 -0.74 55.82 -20.18
N THR B 406 -0.07 54.93 -19.44
CA THR B 406 0.17 55.16 -18.02
C THR B 406 1.23 56.24 -17.80
N GLN B 407 2.22 56.33 -18.71
CA GLN B 407 3.23 57.40 -18.64
C GLN B 407 2.59 58.78 -18.63
N ALA B 408 1.61 59.00 -19.53
CA ALA B 408 0.94 60.28 -19.67
C ALA B 408 0.09 60.63 -18.45
N LYS B 409 -0.58 59.61 -17.91
CA LYS B 409 -1.36 59.75 -16.68
C LYS B 409 -0.53 60.14 -15.47
N LEU B 410 0.68 59.58 -15.36
CA LEU B 410 1.61 59.97 -14.30
C LEU B 410 2.14 61.39 -14.50
N ASN B 411 2.43 61.78 -15.76
CA ASN B 411 2.91 63.13 -16.04
C ASN B 411 1.85 64.22 -15.81
N ARG B 412 0.60 63.92 -16.19
CA ARG B 412 -0.50 64.81 -15.86
C ARG B 412 -0.72 64.92 -14.35
N GLY B 413 -0.67 63.76 -13.68
CA GLY B 413 -0.83 63.67 -12.24
C GLY B 413 0.15 64.47 -11.42
N GLU B 414 1.45 64.36 -11.68
CA GLU B 414 2.45 65.13 -10.91
C GLU B 414 2.24 66.63 -11.05
N ARG B 415 1.77 67.05 -12.21
CA ARG B 415 1.54 68.46 -12.48
C ARG B 415 0.30 68.98 -11.74
N THR B 416 -0.80 68.22 -11.77
CA THR B 416 -2.02 68.64 -11.05
C THR B 416 -1.77 68.65 -9.53
N VAL B 417 -0.94 67.73 -9.03
CA VAL B 417 -0.54 67.73 -7.63
C VAL B 417 0.14 69.03 -7.26
N GLU B 418 1.03 69.51 -8.13
CA GLU B 418 1.74 70.78 -7.90
C GLU B 418 0.81 71.99 -7.87
N ILE B 419 -0.21 71.96 -8.71
CA ILE B 419 -1.24 73.00 -8.72
C ILE B 419 -2.01 73.05 -7.39
N LEU B 420 -2.34 71.87 -6.84
CA LEU B 420 -3.12 71.76 -5.60
C LEU B 420 -2.32 71.98 -4.31
N LYS B 421 -1.00 72.06 -4.43
CA LYS B 421 -0.18 72.60 -3.34
C LYS B 421 -0.47 74.08 -3.24
N GLN B 422 -0.42 74.58 -2.01
CA GLN B 422 -0.86 75.93 -1.77
C GLN B 422 -0.30 76.40 -0.46
N ASP B 423 0.27 77.60 -0.49
CA ASP B 423 0.96 78.10 0.69
C ASP B 423 -0.06 78.52 1.72
N GLU B 424 0.38 78.58 2.97
CA GLU B 424 -0.45 78.98 4.08
C GLU B 424 -0.83 80.45 4.02
N HIS B 425 -2.02 80.78 4.51
CA HIS B 425 -2.56 82.15 4.51
C HIS B 425 -2.48 82.85 3.17
N LYS B 426 -2.76 82.12 2.10
CA LYS B 426 -2.78 82.66 0.73
C LYS B 426 -3.98 82.13 -0.02
N PRO B 427 -5.17 82.62 0.35
CA PRO B 427 -6.39 82.11 -0.30
C PRO B 427 -6.50 82.65 -1.72
N MET B 428 -7.15 81.89 -2.59
CA MET B 428 -7.28 82.23 -3.99
C MET B 428 -8.73 82.50 -4.34
N PRO B 429 -8.99 83.57 -5.12
CA PRO B 429 -10.36 83.76 -5.62
C PRO B 429 -10.78 82.60 -6.52
N VAL B 430 -12.07 82.30 -6.54
CA VAL B 430 -12.62 81.17 -7.30
C VAL B 430 -12.29 81.27 -8.80
N GLU B 431 -12.45 82.48 -9.34
CA GLU B 431 -12.15 82.73 -10.75
C GLU B 431 -10.70 82.39 -11.13
N GLU B 432 -9.75 82.66 -10.23
CA GLU B 432 -8.35 82.34 -10.47
C GLU B 432 -8.08 80.83 -10.33
N GLN B 433 -8.79 80.17 -9.41
CA GLN B 433 -8.69 78.72 -9.26
C GLN B 433 -9.17 78.01 -10.52
N VAL B 434 -10.33 78.44 -11.05
CA VAL B 434 -10.89 77.80 -12.23
C VAL B 434 -9.93 77.89 -13.42
N ILE B 435 -9.25 79.03 -13.59
CA ILE B 435 -8.30 79.18 -14.69
C ILE B 435 -7.09 78.27 -14.51
N SER B 436 -6.56 78.26 -13.28
CA SER B 436 -5.39 77.45 -12.97
C SER B 436 -5.64 75.95 -13.16
N ILE B 437 -6.81 75.50 -12.72
CA ILE B 437 -7.20 74.08 -12.84
C ILE B 437 -7.53 73.76 -14.29
N TYR B 438 -8.17 74.69 -14.99
CA TYR B 438 -8.43 74.56 -16.44
C TYR B 438 -7.14 74.36 -17.22
N ALA B 439 -6.13 75.19 -16.90
CA ALA B 439 -4.83 75.14 -17.57
C ALA B 439 -4.20 73.76 -17.50
N VAL B 440 -4.06 73.25 -16.29
CA VAL B 440 -3.38 71.97 -16.05
C VAL B 440 -4.16 70.76 -16.57
N THR B 441 -5.49 70.77 -16.42
CA THR B 441 -6.33 69.64 -16.83
C THR B 441 -6.54 69.53 -18.34
N ASN B 442 -6.35 70.63 -19.07
CA ASN B 442 -6.42 70.61 -20.54
C ASN B 442 -5.04 70.51 -21.23
N GLY B 443 -4.00 70.27 -20.44
CA GLY B 443 -2.68 69.93 -20.94
C GLY B 443 -1.72 71.08 -21.13
N PHE B 444 -2.10 72.29 -20.74
CA PHE B 444 -1.27 73.48 -21.03
C PHE B 444 0.05 73.52 -20.27
N MET B 445 0.25 72.64 -19.28
CA MET B 445 1.54 72.51 -18.58
C MET B 445 2.29 71.21 -18.86
N ASP B 446 1.81 70.42 -19.82
CA ASP B 446 2.45 69.14 -20.15
C ASP B 446 3.88 69.27 -20.71
N ASP B 447 4.21 70.37 -21.37
CA ASP B 447 5.60 70.59 -21.88
C ASP B 447 6.47 71.35 -20.89
N ILE B 448 5.97 71.63 -19.69
CA ILE B 448 6.69 72.45 -18.72
C ILE B 448 7.26 71.50 -17.68
N PRO B 449 8.50 71.75 -17.21
CA PRO B 449 9.05 70.97 -16.09
C PRO B 449 8.17 70.95 -14.84
N VAL B 450 8.17 69.83 -14.12
CA VAL B 450 7.34 69.67 -12.94
C VAL B 450 7.74 70.69 -11.88
N GLU B 451 9.04 70.92 -11.71
CA GLU B 451 9.55 71.94 -10.78
C GLU B 451 9.16 73.40 -11.12
N ASP B 452 8.82 73.68 -12.37
CA ASP B 452 8.37 75.00 -12.79
C ASP B 452 6.86 75.26 -12.69
N VAL B 453 6.06 74.22 -12.43
CA VAL B 453 4.59 74.35 -12.50
C VAL B 453 4.03 75.42 -11.57
N ARG B 454 4.55 75.49 -10.34
CA ARG B 454 4.02 76.44 -9.34
C ARG B 454 4.32 77.89 -9.68
N ARG B 455 5.50 78.13 -10.25
CA ARG B 455 5.87 79.48 -10.75
C ARG B 455 5.10 79.83 -12.01
N PHE B 456 4.91 78.85 -12.89
CA PHE B 456 4.06 79.01 -14.07
C PHE B 456 2.66 79.50 -13.71
N GLU B 457 2.09 78.96 -12.65
CA GLU B 457 0.76 79.34 -12.17
C GLU B 457 0.74 80.77 -11.66
N GLU B 458 1.70 81.10 -10.79
CA GLU B 458 1.80 82.44 -10.22
C GLU B 458 1.99 83.48 -11.32
N GLU B 459 2.88 83.21 -12.28
CA GLU B 459 3.10 84.09 -13.43
C GLU B 459 1.89 84.15 -14.36
N LEU B 460 1.18 83.03 -14.54
CA LEU B 460 -0.04 83.01 -15.38
C LEU B 460 -1.14 83.88 -14.82
N LEU B 461 -1.40 83.78 -13.53
CA LEU B 461 -2.49 84.51 -12.91
C LEU B 461 -2.22 86.02 -12.85
N SER B 462 -0.98 86.43 -12.55
CA SER B 462 -0.61 87.86 -12.62
C SER B 462 -0.75 88.42 -14.03
N PHE B 463 -0.50 87.56 -15.02
CA PHE B 463 -0.77 87.89 -16.42
C PHE B 463 -2.27 88.04 -16.68
N MET B 464 -3.07 87.06 -16.25
CA MET B 464 -4.54 87.11 -16.43
C MET B 464 -5.17 88.33 -15.74
N ARG B 465 -4.70 88.65 -14.53
CA ARG B 465 -5.22 89.83 -13.79
C ARG B 465 -4.90 91.14 -14.50
N ALA B 466 -3.64 91.33 -14.89
CA ALA B 466 -3.18 92.56 -15.55
C ALA B 466 -3.78 92.75 -16.96
N ASN B 467 -3.77 91.68 -17.75
CA ASN B 467 -4.05 91.76 -19.20
C ASN B 467 -5.39 91.15 -19.65
N LYS B 468 -5.85 90.07 -19.04
CA LYS B 468 -7.06 89.35 -19.50
C LYS B 468 -8.19 89.36 -18.47
N ASP B 469 -8.36 90.48 -17.78
CA ASP B 469 -9.34 90.60 -16.70
C ASP B 469 -10.79 90.42 -17.15
N SER B 470 -11.07 90.66 -18.44
CA SER B 470 -12.41 90.45 -18.97
C SER B 470 -12.83 88.97 -18.88
N LEU B 471 -11.86 88.05 -19.01
CA LEU B 471 -12.11 86.61 -18.86
C LEU B 471 -12.39 86.19 -17.40
N LEU B 472 -11.54 86.65 -16.48
CA LEU B 472 -11.75 86.45 -15.04
C LEU B 472 -13.10 87.01 -14.59
N ASP B 473 -13.41 88.25 -15.03
CA ASP B 473 -14.65 88.91 -14.65
C ASP B 473 -15.90 88.17 -15.11
N HIS B 474 -15.86 87.57 -16.30
CA HIS B 474 -16.95 86.73 -16.79
C HIS B 474 -17.37 85.70 -15.72
N ILE B 475 -16.37 85.06 -15.14
CA ILE B 475 -16.59 84.00 -14.14
C ILE B 475 -17.19 84.57 -12.85
N ARG B 476 -16.64 85.70 -12.35
CA ARG B 476 -17.20 86.31 -11.13
C ARG B 476 -18.65 86.76 -11.25
N GLN B 477 -19.09 87.10 -12.46
CA GLN B 477 -20.44 87.60 -12.72
C GLN B 477 -21.42 86.47 -13.05
N THR B 478 -21.08 85.66 -14.04
CA THR B 478 -21.97 84.62 -14.57
C THR B 478 -21.85 83.30 -13.77
N GLY B 479 -20.68 83.05 -13.20
CA GLY B 479 -20.37 81.74 -12.63
C GLY B 479 -20.11 80.65 -13.65
N GLU B 480 -19.95 81.04 -14.91
CA GLU B 480 -19.80 80.11 -16.03
C GLU B 480 -18.39 80.27 -16.56
N LEU B 481 -17.92 79.27 -17.32
CA LEU B 481 -16.64 79.41 -18.02
C LEU B 481 -16.79 80.44 -19.15
N PRO B 482 -15.71 81.20 -19.45
CA PRO B 482 -15.75 82.00 -20.67
C PRO B 482 -15.60 81.09 -21.92
N ASP B 483 -15.61 81.71 -23.09
CA ASP B 483 -15.46 80.99 -24.34
C ASP B 483 -14.13 80.23 -24.37
N THR B 484 -14.18 78.90 -24.46
CA THR B 484 -12.98 78.06 -24.33
C THR B 484 -11.90 78.39 -25.39
N LYS B 485 -12.32 78.83 -26.57
CA LYS B 485 -11.38 79.21 -27.65
C LYS B 485 -10.58 80.48 -27.29
N GLU B 486 -11.28 81.47 -26.73
CA GLU B 486 -10.65 82.71 -26.23
C GLU B 486 -9.69 82.42 -25.09
N LEU B 487 -10.07 81.49 -24.23
CA LEU B 487 -9.29 81.13 -23.04
C LEU B 487 -8.02 80.38 -23.42
N ASP B 488 -8.15 79.40 -24.31
CA ASP B 488 -7.00 78.65 -24.85
C ASP B 488 -5.96 79.58 -25.48
N ALA B 489 -6.46 80.53 -26.29
CA ALA B 489 -5.60 81.53 -26.93
C ALA B 489 -4.82 82.38 -25.92
N ALA B 490 -5.53 82.85 -24.89
CA ALA B 490 -4.97 83.72 -23.86
C ALA B 490 -3.87 83.06 -23.03
N ILE B 491 -4.01 81.76 -22.79
CA ILE B 491 -2.99 80.98 -22.07
C ILE B 491 -1.78 80.78 -22.99
N GLU B 492 -2.03 80.42 -24.25
CA GLU B 492 -0.94 80.20 -25.21
C GLU B 492 -0.18 81.49 -25.52
N GLU B 493 -0.88 82.61 -25.40
CA GLU B 493 -0.28 83.95 -25.46
C GLU B 493 0.72 84.15 -24.31
N PHE B 494 0.27 83.82 -23.10
CA PHE B 494 1.13 83.90 -21.91
C PHE B 494 2.36 83.01 -22.02
N LYS B 495 2.13 81.78 -22.49
CA LYS B 495 3.17 80.76 -22.64
C LYS B 495 4.40 81.23 -23.42
N LYS B 496 4.18 82.02 -24.47
CA LYS B 496 5.27 82.54 -25.31
C LYS B 496 6.21 83.53 -24.61
N GLY B 497 5.79 84.09 -23.47
CA GLY B 497 6.64 84.92 -22.61
C GLY B 497 7.15 84.25 -21.36
N PHE B 498 7.05 82.92 -21.28
CA PHE B 498 7.47 82.16 -20.10
C PHE B 498 8.80 81.45 -20.37
N THR B 499 9.79 81.70 -19.51
CA THR B 499 11.10 81.04 -19.57
C THR B 499 11.23 79.89 -18.55
N PRO B 500 11.30 78.62 -19.01
CA PRO B 500 11.47 77.49 -18.08
C PRO B 500 12.83 77.47 -17.38
N SER B 501 13.19 76.31 -16.82
CA SER B 501 14.56 75.98 -16.43
C SER B 501 14.86 74.49 -16.62
N GLU C 27 -52.07 33.77 52.52
CA GLU C 27 -51.12 34.79 53.03
C GLU C 27 -50.71 35.81 51.93
N VAL C 28 -50.86 37.10 52.24
CA VAL C 28 -50.71 38.20 51.25
C VAL C 28 -49.50 39.10 51.53
N GLY C 29 -49.01 39.74 50.46
CA GLY C 29 -48.02 40.81 50.54
C GLY C 29 -48.35 41.90 49.55
N THR C 30 -47.79 43.09 49.77
CA THR C 30 -48.03 44.26 48.91
C THR C 30 -46.74 44.71 48.26
N VAL C 31 -46.85 45.19 47.03
CA VAL C 31 -45.70 45.63 46.25
C VAL C 31 -45.26 47.05 46.64
N ILE C 32 -44.02 47.18 47.11
CA ILE C 32 -43.44 48.47 47.49
C ILE C 32 -42.91 49.24 46.27
N GLN C 33 -42.18 48.54 45.40
CA GLN C 33 -41.57 49.11 44.19
C GLN C 33 -41.45 48.08 43.09
N VAL C 34 -41.63 48.52 41.85
CA VAL C 34 -41.55 47.66 40.66
C VAL C 34 -40.85 48.42 39.53
N GLY C 35 -40.06 47.69 38.75
CA GLY C 35 -39.39 48.27 37.59
C GLY C 35 -38.68 47.19 36.81
N ASP C 36 -38.85 47.20 35.48
CA ASP C 36 -38.20 46.24 34.59
C ASP C 36 -38.48 44.78 34.94
N GLY C 37 -39.71 44.48 35.35
CA GLY C 37 -40.09 43.11 35.74
C GLY C 37 -39.53 42.56 37.03
N ILE C 38 -39.02 43.43 37.90
CA ILE C 38 -38.53 43.07 39.25
C ILE C 38 -39.31 43.89 40.27
N ALA C 39 -39.77 43.23 41.33
CA ALA C 39 -40.59 43.90 42.34
C ALA C 39 -40.03 43.61 43.73
N ARG C 40 -40.12 44.59 44.62
CA ARG C 40 -39.85 44.38 46.03
C ARG C 40 -41.19 44.39 46.77
N VAL C 41 -41.39 43.37 47.62
CA VAL C 41 -42.68 43.10 48.21
C VAL C 41 -42.58 43.12 49.75
N HIS C 42 -43.47 43.88 50.39
CA HIS C 42 -43.62 43.85 51.85
C HIS C 42 -44.58 42.77 52.28
N GLY C 43 -44.32 42.18 53.43
CA GLY C 43 -45.12 41.06 53.93
C GLY C 43 -44.57 39.76 53.39
N LEU C 44 -45.46 38.78 53.21
CA LEU C 44 -45.06 37.41 52.86
C LEU C 44 -43.97 36.89 53.82
N GLU C 45 -44.18 37.08 55.12
CA GLU C 45 -43.16 36.74 56.13
C GLU C 45 -42.73 35.27 56.06
N LYS C 46 -43.70 34.39 55.86
CA LYS C 46 -43.48 32.97 55.87
C LYS C 46 -43.04 32.35 54.54
N VAL C 47 -42.74 33.17 53.52
CA VAL C 47 -42.43 32.65 52.16
C VAL C 47 -41.10 31.89 52.08
N MET C 48 -41.08 30.85 51.26
CA MET C 48 -39.85 30.08 51.02
C MET C 48 -39.02 30.75 49.95
N ALA C 49 -37.71 30.53 50.01
CA ALA C 49 -36.80 30.92 48.95
C ALA C 49 -37.06 30.03 47.72
N GLY C 50 -37.43 30.65 46.60
CA GLY C 50 -37.71 29.93 45.37
C GLY C 50 -39.19 29.59 45.16
N GLU C 51 -40.04 30.14 46.03
CA GLU C 51 -41.46 29.86 46.02
C GLU C 51 -42.17 30.56 44.88
N LEU C 52 -43.18 29.88 44.34
CA LEU C 52 -44.03 30.42 43.29
C LEU C 52 -45.05 31.35 43.97
N LEU C 53 -45.23 32.54 43.38
CA LEU C 53 -46.16 33.55 43.88
C LEU C 53 -47.14 33.93 42.79
N GLU C 54 -48.34 34.33 43.19
CA GLU C 54 -49.36 34.78 42.25
C GLU C 54 -49.74 36.23 42.57
N PHE C 55 -49.58 37.10 41.58
CA PHE C 55 -50.01 38.49 41.71
C PHE C 55 -51.52 38.58 41.56
N GLU C 56 -52.06 39.70 42.03
CA GLU C 56 -53.47 40.06 41.95
C GLU C 56 -54.16 39.68 40.66
N ASN C 57 -53.51 39.95 39.53
CA ASN C 57 -54.10 39.74 38.20
C ASN C 57 -53.79 38.40 37.54
N GLY C 58 -53.42 37.38 38.31
CA GLY C 58 -53.14 36.04 37.77
C GLY C 58 -51.75 35.77 37.21
N VAL C 59 -50.92 36.81 37.10
CA VAL C 59 -49.54 36.69 36.58
C VAL C 59 -48.68 36.11 37.69
N MET C 60 -47.86 35.13 37.37
CA MET C 60 -47.01 34.46 38.37
C MET C 60 -45.70 35.23 38.63
N GLY C 61 -45.08 34.90 39.74
CA GLY C 61 -43.76 35.43 40.11
C GLY C 61 -42.95 34.41 40.92
N MET C 62 -41.70 34.75 41.22
CA MET C 62 -40.81 33.85 41.95
C MET C 62 -40.08 34.65 43.02
N ALA C 63 -40.14 34.16 44.26
CA ALA C 63 -39.40 34.74 45.37
C ALA C 63 -37.95 34.34 45.19
N GLN C 64 -37.08 35.33 45.03
CA GLN C 64 -35.68 35.12 44.73
C GLN C 64 -34.82 35.50 45.95
N ASN C 65 -35.02 36.72 46.48
CA ASN C 65 -34.32 37.19 47.62
C ASN C 65 -35.20 37.32 48.83
N LEU C 66 -34.86 36.61 49.91
CA LEU C 66 -35.47 36.84 51.21
C LEU C 66 -34.60 37.82 51.98
N GLU C 67 -35.04 39.08 52.03
CA GLU C 67 -34.32 40.14 52.73
C GLU C 67 -34.91 40.32 54.13
N GLU C 68 -34.31 41.20 54.92
CA GLU C 68 -34.62 41.32 56.33
C GLU C 68 -36.08 41.68 56.57
N ASP C 69 -36.66 42.60 55.81
CA ASP C 69 -38.11 42.86 55.94
C ASP C 69 -38.88 43.03 54.63
N ASN C 70 -38.31 42.57 53.51
CA ASN C 70 -39.01 42.54 52.21
C ASN C 70 -38.57 41.32 51.39
N VAL C 71 -39.24 41.11 50.26
CA VAL C 71 -38.93 39.99 49.39
C VAL C 71 -38.64 40.50 47.99
N GLY C 72 -37.51 40.06 47.42
CA GLY C 72 -37.19 40.29 46.01
C GLY C 72 -37.93 39.29 45.14
N VAL C 73 -38.73 39.79 44.21
CA VAL C 73 -39.60 38.93 43.38
C VAL C 73 -39.39 39.21 41.90
N VAL C 74 -39.11 38.15 41.13
CA VAL C 74 -39.00 38.28 39.67
C VAL C 74 -40.34 37.90 39.04
N ILE C 75 -40.86 38.77 38.20
CA ILE C 75 -42.16 38.55 37.55
C ILE C 75 -41.98 37.67 36.31
N LEU C 76 -42.81 36.63 36.20
CA LEU C 76 -42.70 35.63 35.15
C LEU C 76 -43.75 35.78 34.06
N GLY C 77 -43.93 37.03 33.61
CA GLY C 77 -45.03 37.35 32.69
C GLY C 77 -45.21 38.84 32.51
N PRO C 78 -46.26 39.25 31.80
CA PRO C 78 -46.53 40.69 31.55
C PRO C 78 -46.60 41.46 32.86
N TYR C 79 -45.91 42.59 32.95
CA TYR C 79 -45.81 43.34 34.20
C TYR C 79 -46.35 44.79 34.14
N THR C 80 -47.08 45.15 33.09
CA THR C 80 -47.64 46.51 32.96
C THR C 80 -48.76 46.79 33.96
N GLU C 81 -49.57 45.77 34.24
CA GLU C 81 -50.68 45.86 35.20
C GLU C 81 -50.29 45.65 36.66
N ILE C 82 -49.01 45.35 36.92
CA ILE C 82 -48.44 45.31 38.28
C ILE C 82 -47.87 46.68 38.61
N ARG C 83 -48.26 47.18 39.79
CA ARG C 83 -47.90 48.53 40.28
C ARG C 83 -47.54 48.48 41.78
N GLU C 84 -47.26 49.64 42.36
CA GLU C 84 -47.10 49.75 43.80
C GLU C 84 -48.51 49.65 44.38
N GLY C 85 -48.69 48.72 45.32
CA GLY C 85 -49.99 48.45 45.91
C GLY C 85 -50.63 47.14 45.47
N THR C 86 -50.23 46.59 44.33
CA THR C 86 -50.75 45.29 43.88
C THR C 86 -50.39 44.21 44.90
N GLN C 87 -51.32 43.25 45.08
CA GLN C 87 -51.15 42.28 46.12
C GLN C 87 -50.57 41.00 45.54
N VAL C 88 -49.83 40.27 46.38
CA VAL C 88 -49.19 39.02 45.96
C VAL C 88 -49.51 37.94 46.97
N LYS C 89 -49.90 36.78 46.46
CA LYS C 89 -50.38 35.66 47.28
C LYS C 89 -49.28 34.60 47.21
N ARG C 90 -48.95 34.00 48.35
CA ARG C 90 -48.07 32.81 48.26
C ARG C 90 -48.88 31.64 47.77
N THR C 91 -48.20 30.67 47.16
CA THR C 91 -48.80 29.40 46.78
C THR C 91 -48.34 28.24 47.67
N GLY C 92 -47.32 28.46 48.50
CA GLY C 92 -46.74 27.38 49.30
C GLY C 92 -46.06 26.26 48.54
N ARG C 93 -45.83 26.45 47.24
CA ARG C 93 -45.24 25.46 46.33
C ARG C 93 -43.95 26.05 45.76
N ILE C 94 -42.92 25.21 45.63
CA ILE C 94 -41.66 25.54 44.97
C ILE C 94 -41.92 25.74 43.48
N MET C 95 -41.06 26.48 42.81
CA MET C 95 -41.19 26.71 41.35
C MET C 95 -41.36 25.40 40.54
N GLU C 96 -42.47 25.25 39.83
CA GLU C 96 -42.96 23.96 39.25
C GLU C 96 -43.48 24.14 37.83
N VAL C 97 -43.57 23.07 37.05
CA VAL C 97 -44.15 23.12 35.68
C VAL C 97 -44.92 21.84 35.34
N PRO C 98 -45.97 21.93 34.51
CA PRO C 98 -46.68 20.71 34.12
C PRO C 98 -45.79 19.84 33.25
N VAL C 99 -45.99 18.54 33.35
CA VAL C 99 -45.19 17.55 32.69
C VAL C 99 -46.02 16.38 32.19
N GLY C 100 -45.49 15.60 31.27
CA GLY C 100 -46.10 14.36 30.83
C GLY C 100 -46.44 14.30 29.39
N GLU C 101 -47.19 13.27 29.02
CA GLU C 101 -47.46 12.92 27.62
C GLU C 101 -48.39 13.92 26.95
N ALA C 102 -49.14 14.69 27.73
CA ALA C 102 -50.01 15.73 27.21
C ALA C 102 -49.27 16.87 26.48
N LEU C 103 -47.99 17.05 26.76
CA LEU C 103 -47.15 18.07 26.13
C LEU C 103 -46.65 17.70 24.73
N LEU C 104 -46.61 16.41 24.42
CA LEU C 104 -46.16 15.94 23.11
C LEU C 104 -46.94 16.61 21.98
N GLY C 105 -46.24 17.14 20.98
CA GLY C 105 -46.86 17.86 19.87
C GLY C 105 -47.36 19.26 20.19
N ARG C 106 -47.17 19.74 21.42
CA ARG C 106 -47.65 21.05 21.83
C ARG C 106 -46.52 22.07 21.90
N VAL C 107 -46.88 23.35 21.79
CA VAL C 107 -45.94 24.46 21.96
C VAL C 107 -46.32 25.17 23.25
N VAL C 108 -45.37 25.26 24.18
CA VAL C 108 -45.61 25.89 25.47
C VAL C 108 -44.52 26.89 25.82
N ASN C 109 -44.83 27.78 26.76
CA ASN C 109 -43.81 28.67 27.35
C ASN C 109 -43.12 27.95 28.55
N PRO C 110 -42.16 28.61 29.22
CA PRO C 110 -41.52 27.96 30.37
C PRO C 110 -42.40 27.67 31.58
N LEU C 111 -43.56 28.31 31.69
CA LEU C 111 -44.57 27.99 32.71
C LEU C 111 -45.51 26.83 32.32
N GLY C 112 -45.36 26.28 31.11
CA GLY C 112 -46.17 25.17 30.62
C GLY C 112 -47.54 25.56 30.06
N GLN C 113 -47.70 26.83 29.69
CA GLN C 113 -48.95 27.34 29.18
C GLN C 113 -48.96 27.25 27.66
N PRO C 114 -50.03 26.76 27.06
CA PRO C 114 -50.02 26.50 25.61
C PRO C 114 -50.07 27.77 24.75
N LEU C 115 -49.10 27.92 23.86
CA LEU C 115 -49.01 29.07 22.97
C LEU C 115 -49.59 28.81 21.57
N ASP C 116 -49.79 27.52 21.24
CA ASP C 116 -50.27 27.13 19.90
C ASP C 116 -51.77 27.30 19.69
N GLY C 117 -52.50 27.69 20.73
CA GLY C 117 -53.93 27.96 20.62
C GLY C 117 -54.80 26.74 20.37
N ARG C 118 -54.31 25.56 20.77
CA ARG C 118 -55.10 24.34 20.74
C ARG C 118 -55.62 23.98 22.13
N GLY C 119 -55.96 24.97 22.94
CA GLY C 119 -56.62 24.74 24.23
C GLY C 119 -55.69 24.14 25.28
N PRO C 120 -56.25 23.75 26.43
CA PRO C 120 -55.47 23.40 27.62
C PRO C 120 -54.64 22.12 27.50
N ILE C 121 -53.73 21.96 28.45
CA ILE C 121 -52.83 20.81 28.53
C ILE C 121 -53.37 19.89 29.63
N GLU C 122 -54.13 18.86 29.25
CA GLU C 122 -54.73 17.92 30.22
C GLU C 122 -53.69 17.01 30.90
N THR C 123 -53.13 17.46 32.02
CA THR C 123 -52.18 16.64 32.79
C THR C 123 -52.30 16.84 34.31
N ALA C 124 -52.21 15.72 35.03
CA ALA C 124 -52.24 15.72 36.49
C ALA C 124 -50.83 15.83 37.12
N GLU C 125 -49.78 15.59 36.33
CA GLU C 125 -48.44 15.50 36.87
C GLU C 125 -47.61 16.75 36.68
N TYR C 126 -46.91 17.14 37.75
CA TYR C 126 -46.07 18.31 37.80
C TYR C 126 -44.64 17.87 38.15
N ARG C 127 -43.71 18.83 38.04
CA ARG C 127 -42.29 18.54 38.31
C ARG C 127 -41.55 19.86 38.61
N PRO C 128 -40.65 19.85 39.61
CA PRO C 128 -40.02 21.13 40.02
C PRO C 128 -38.94 21.56 39.03
N ILE C 129 -38.82 22.87 38.81
CA ILE C 129 -37.91 23.44 37.82
C ILE C 129 -36.47 23.29 38.26
N GLU C 130 -36.20 23.54 39.55
CA GLU C 130 -34.91 23.25 40.17
C GLU C 130 -35.07 21.87 40.78
N SER C 131 -34.12 20.99 40.50
CA SER C 131 -34.15 19.62 41.05
C SER C 131 -32.73 19.06 41.10
N PRO C 132 -32.41 18.25 42.13
CA PRO C 132 -31.04 17.70 42.21
C PRO C 132 -30.73 16.73 41.06
N ALA C 133 -29.47 16.67 40.69
CA ALA C 133 -29.04 15.79 39.60
C ALA C 133 -28.83 14.39 40.15
N PRO C 134 -28.92 13.36 39.28
CA PRO C 134 -28.55 12.02 39.70
C PRO C 134 -27.14 11.99 40.27
N GLY C 135 -26.99 11.42 41.47
CA GLY C 135 -25.70 11.38 42.16
C GLY C 135 -24.78 10.36 41.55
N VAL C 136 -23.62 10.18 42.17
CA VAL C 136 -22.56 9.33 41.61
C VAL C 136 -23.01 7.88 41.50
N MET C 137 -23.81 7.41 42.45
CA MET C 137 -24.27 6.00 42.48
C MET C 137 -25.52 5.72 41.63
N ASP C 138 -26.20 6.76 41.15
CA ASP C 138 -27.46 6.58 40.41
C ASP C 138 -27.29 6.38 38.90
N ARG C 139 -26.04 6.30 38.43
CA ARG C 139 -25.76 6.33 37.00
C ARG C 139 -25.12 5.04 36.51
N LYS C 140 -25.11 4.90 35.19
CA LYS C 140 -24.37 3.88 34.46
C LYS C 140 -23.61 4.55 33.32
N SER C 141 -22.42 4.05 33.00
CA SER C 141 -21.63 4.62 31.90
C SER C 141 -22.44 4.59 30.62
N VAL C 142 -22.36 5.67 29.85
CA VAL C 142 -23.15 5.80 28.64
C VAL C 142 -22.66 4.73 27.68
N HIS C 143 -23.61 3.96 27.14
CA HIS C 143 -23.28 2.84 26.26
C HIS C 143 -24.18 2.65 25.02
N GLU C 144 -25.25 3.43 24.91
CA GLU C 144 -26.27 3.23 23.87
C GLU C 144 -26.21 4.42 22.88
N PRO C 145 -26.16 4.14 21.55
CA PRO C 145 -26.14 5.23 20.60
C PRO C 145 -27.39 6.14 20.60
N LEU C 146 -27.17 7.43 20.35
CA LEU C 146 -28.21 8.32 19.86
C LEU C 146 -27.76 8.72 18.47
N GLN C 147 -28.36 8.10 17.46
CA GLN C 147 -27.91 8.28 16.08
C GLN C 147 -28.48 9.59 15.58
N THR C 148 -27.62 10.52 15.18
CA THR C 148 -28.05 11.78 14.57
C THR C 148 -28.48 11.59 13.12
N GLY C 149 -27.94 10.54 12.48
CA GLY C 149 -28.10 10.31 11.03
C GLY C 149 -27.09 11.15 10.20
N ILE C 150 -26.12 11.79 10.86
CA ILE C 150 -25.15 12.63 10.21
C ILE C 150 -23.80 11.92 10.32
N LYS C 151 -23.24 11.47 9.19
CA LYS C 151 -22.00 10.70 9.15
C LYS C 151 -20.93 11.33 9.95
N ALA C 152 -20.63 12.59 9.69
CA ALA C 152 -19.60 13.33 10.43
C ALA C 152 -19.71 13.15 11.93
N ILE C 153 -20.93 13.23 12.47
CA ILE C 153 -21.16 13.17 13.91
C ILE C 153 -21.14 11.72 14.40
N ASP C 154 -22.01 10.87 13.86
CA ASP C 154 -22.14 9.48 14.32
C ASP C 154 -20.86 8.65 14.14
N SER C 155 -19.96 9.05 13.25
CA SER C 155 -18.68 8.37 13.04
C SER C 155 -17.54 8.94 13.90
N MET C 156 -17.39 10.26 13.90
CA MET C 156 -16.24 10.94 14.54
C MET C 156 -16.53 11.53 15.92
N ILE C 157 -17.74 12.05 16.12
CA ILE C 157 -18.13 12.69 17.38
C ILE C 157 -19.42 12.05 17.93
N PRO C 158 -19.36 10.72 18.22
CA PRO C 158 -20.57 9.97 18.52
C PRO C 158 -21.27 10.41 19.78
N ILE C 159 -22.58 10.63 19.67
CA ILE C 159 -23.41 10.99 20.81
C ILE C 159 -24.09 9.70 21.32
N GLY C 160 -24.17 9.60 22.65
CA GLY C 160 -24.82 8.50 23.35
C GLY C 160 -25.94 8.92 24.28
N ARG C 161 -26.77 7.95 24.66
CA ARG C 161 -27.95 8.26 25.47
C ARG C 161 -27.53 8.53 26.90
N GLY C 162 -27.77 9.78 27.33
CA GLY C 162 -27.28 10.28 28.61
C GLY C 162 -26.15 11.28 28.51
N GLN C 163 -25.65 11.48 27.30
CA GLN C 163 -24.53 12.38 27.04
C GLN C 163 -24.99 13.84 26.95
N ARG C 164 -24.08 14.75 27.27
CA ARG C 164 -24.26 16.17 27.01
C ARG C 164 -23.24 16.48 25.93
N GLU C 165 -23.68 16.95 24.77
CA GLU C 165 -22.77 17.29 23.67
C GLU C 165 -23.06 18.71 23.20
N LEU C 166 -22.10 19.61 23.41
CA LEU C 166 -22.24 21.02 23.01
C LEU C 166 -22.21 21.18 21.50
N ILE C 167 -23.13 21.94 20.96
CA ILE C 167 -23.07 22.38 19.56
C ILE C 167 -22.71 23.87 19.60
N ILE C 168 -21.54 24.21 19.05
CA ILE C 168 -20.95 25.54 19.22
C ILE C 168 -20.44 26.06 17.88
N GLY C 169 -20.64 27.34 17.62
CA GLY C 169 -20.22 27.95 16.37
C GLY C 169 -20.82 29.31 16.14
N ASP C 170 -20.30 30.04 15.16
CA ASP C 170 -20.84 31.36 14.82
C ASP C 170 -22.28 31.24 14.35
N ARG C 171 -22.94 32.39 14.21
CA ARG C 171 -24.22 32.44 13.53
C ARG C 171 -24.11 31.90 12.09
N GLN C 172 -25.15 31.22 11.61
CA GLN C 172 -25.22 30.69 10.23
C GLN C 172 -24.12 29.67 9.86
N THR C 173 -23.68 28.89 10.84
CA THR C 173 -22.75 27.78 10.60
C THR C 173 -23.45 26.39 10.56
N GLY C 174 -24.76 26.36 10.84
CA GLY C 174 -25.57 25.15 10.72
C GLY C 174 -25.88 24.42 12.02
N LYS C 175 -25.99 25.15 13.12
CA LYS C 175 -26.21 24.56 14.45
C LYS C 175 -27.65 24.04 14.67
N THR C 176 -28.64 24.89 14.39
CA THR C 176 -30.05 24.50 14.56
C THR C 176 -30.40 23.32 13.63
N THR C 177 -29.96 23.37 12.37
CA THR C 177 -30.21 22.24 11.45
C THR C 177 -29.62 20.91 11.92
N ILE C 178 -28.54 20.92 12.71
CA ILE C 178 -28.01 19.66 13.28
C ILE C 178 -29.03 19.06 14.26
N ALA C 179 -29.55 19.90 15.14
CA ALA C 179 -30.52 19.44 16.16
C ALA C 179 -31.85 19.04 15.54
N ILE C 180 -32.34 19.80 14.56
CA ILE C 180 -33.58 19.48 13.85
C ILE C 180 -33.44 18.13 13.11
N ASP C 181 -32.33 17.91 12.42
CA ASP C 181 -32.08 16.63 11.76
C ASP C 181 -31.96 15.48 12.76
N THR C 182 -31.38 15.75 13.93
CA THR C 182 -31.26 14.73 14.98
C THR C 182 -32.63 14.32 15.55
N ILE C 183 -33.51 15.30 15.75
CA ILE C 183 -34.86 15.05 16.24
C ILE C 183 -35.64 14.23 15.20
N ILE C 184 -35.62 14.68 13.94
CA ILE C 184 -36.25 13.97 12.82
C ILE C 184 -35.80 12.50 12.74
N ASN C 185 -34.52 12.24 12.97
CA ASN C 185 -33.97 10.88 12.92
C ASN C 185 -34.38 9.99 14.09
N GLN C 186 -34.95 10.58 15.15
CA GLN C 186 -35.54 9.79 16.24
C GLN C 186 -36.96 9.27 15.96
N LYS C 187 -37.49 9.50 14.77
CA LYS C 187 -38.78 8.93 14.32
C LYS C 187 -38.80 7.43 14.47
N GLY C 188 -39.73 6.93 15.28
CA GLY C 188 -39.85 5.49 15.56
C GLY C 188 -38.77 4.85 16.42
N GLN C 189 -37.88 5.65 17.02
CA GLN C 189 -36.83 5.12 17.92
C GLN C 189 -37.24 5.14 19.37
N ASP C 190 -38.47 5.59 19.63
CA ASP C 190 -39.04 5.66 20.97
C ASP C 190 -38.18 6.57 21.86
N VAL C 191 -37.91 7.77 21.34
CA VAL C 191 -37.14 8.80 22.03
C VAL C 191 -37.94 10.09 21.97
N ILE C 192 -38.24 10.64 23.15
CA ILE C 192 -39.03 11.84 23.28
C ILE C 192 -38.08 13.01 23.16
N CYS C 193 -38.42 13.97 22.32
CA CYS C 193 -37.56 15.12 22.03
C CYS C 193 -38.16 16.38 22.63
N ILE C 194 -37.29 17.28 23.10
CA ILE C 194 -37.70 18.59 23.64
C ILE C 194 -36.82 19.68 23.05
N TYR C 195 -37.40 20.57 22.26
CA TYR C 195 -36.68 21.69 21.66
C TYR C 195 -37.00 22.94 22.47
N VAL C 196 -36.00 23.42 23.23
CA VAL C 196 -36.13 24.63 24.02
C VAL C 196 -35.54 25.81 23.23
N ALA C 197 -36.36 26.83 22.97
CA ALA C 197 -35.94 27.98 22.18
C ALA C 197 -35.83 29.19 23.08
N ILE C 198 -34.59 29.57 23.42
CA ILE C 198 -34.33 30.68 24.32
C ILE C 198 -33.88 31.88 23.50
N GLY C 199 -34.68 32.96 23.52
CA GLY C 199 -34.26 34.22 22.95
C GLY C 199 -34.35 34.33 21.45
N GLN C 200 -34.95 33.36 20.78
CA GLN C 200 -35.12 33.45 19.33
C GLN C 200 -36.27 34.34 18.99
N LYS C 201 -36.33 34.79 17.75
CA LYS C 201 -37.55 35.44 17.25
C LYS C 201 -38.59 34.35 17.08
N GLN C 202 -39.84 34.69 17.35
CA GLN C 202 -40.92 33.73 17.44
C GLN C 202 -41.31 33.18 16.08
N SER C 203 -41.22 34.00 15.03
CA SER C 203 -41.40 33.55 13.64
C SER C 203 -40.51 32.36 13.30
N THR C 204 -39.24 32.44 13.70
CA THR C 204 -38.27 31.34 13.53
C THR C 204 -38.72 30.07 14.24
N VAL C 205 -39.25 30.22 15.45
CA VAL C 205 -39.72 29.07 16.23
C VAL C 205 -40.94 28.44 15.56
N ALA C 206 -41.83 29.26 15.03
CA ALA C 206 -42.98 28.79 14.22
C ALA C 206 -42.50 28.03 12.99
N GLY C 207 -41.44 28.53 12.35
CA GLY C 207 -40.76 27.84 11.26
C GLY C 207 -40.19 26.48 11.65
N VAL C 208 -39.63 26.38 12.85
CA VAL C 208 -39.08 25.11 13.36
C VAL C 208 -40.19 24.08 13.54
N VAL C 209 -41.28 24.46 14.20
CA VAL C 209 -42.39 23.53 14.45
C VAL C 209 -42.98 23.05 13.13
N GLU C 210 -43.08 23.93 12.15
CA GLU C 210 -43.60 23.59 10.83
C GLU C 210 -42.68 22.59 10.10
N THR C 211 -41.36 22.75 10.24
CA THR C 211 -40.40 21.82 9.63
C THR C 211 -40.51 20.42 10.27
N LEU C 212 -40.74 20.39 11.59
CA LEU C 212 -40.92 19.13 12.31
C LEU C 212 -42.21 18.42 11.89
N ARG C 213 -43.29 19.19 11.78
CA ARG C 213 -44.56 18.70 11.30
C ARG C 213 -44.49 18.02 9.94
N GLN C 214 -43.81 18.66 9.01
CA GLN C 214 -43.64 18.14 7.64
C GLN C 214 -42.80 16.87 7.55
N HIS C 215 -41.87 16.67 8.48
CA HIS C 215 -41.04 15.44 8.53
C HIS C 215 -41.63 14.41 9.54
N ASP C 216 -42.84 14.70 10.04
CA ASP C 216 -43.61 13.81 10.91
C ASP C 216 -42.83 13.51 12.19
N ALA C 217 -42.22 14.55 12.73
CA ALA C 217 -41.44 14.47 13.97
C ALA C 217 -42.07 15.25 15.12
N LEU C 218 -43.19 15.93 14.89
CA LEU C 218 -43.81 16.74 15.91
C LEU C 218 -44.58 15.95 16.98
N ASP C 219 -45.17 14.82 16.59
CA ASP C 219 -45.88 13.92 17.50
C ASP C 219 -45.14 13.41 18.75
N TYR C 220 -43.81 13.33 18.65
CA TYR C 220 -42.97 12.90 19.79
C TYR C 220 -42.08 14.03 20.33
N THR C 221 -42.41 15.27 19.99
CA THR C 221 -41.59 16.43 20.33
C THR C 221 -42.37 17.48 21.11
N ILE C 222 -41.81 17.93 22.24
CA ILE C 222 -42.33 19.07 22.99
C ILE C 222 -41.51 20.31 22.61
N VAL C 223 -42.18 21.45 22.47
CA VAL C 223 -41.50 22.71 22.11
C VAL C 223 -41.70 23.77 23.20
N VAL C 224 -40.63 24.10 23.94
CA VAL C 224 -40.64 25.17 24.94
C VAL C 224 -40.04 26.41 24.29
N THR C 225 -40.66 27.58 24.50
CA THR C 225 -40.22 28.84 23.86
C THR C 225 -40.33 30.04 24.76
N ALA C 226 -39.20 30.68 25.01
CA ALA C 226 -39.17 32.00 25.64
C ALA C 226 -38.64 32.93 24.55
N SER C 227 -39.58 33.59 23.86
CA SER C 227 -39.22 34.39 22.70
C SER C 227 -38.50 35.67 23.16
N ALA C 228 -37.85 36.34 22.21
CA ALA C 228 -37.02 37.50 22.51
C ALA C 228 -37.74 38.66 23.18
N SER C 229 -39.06 38.76 22.99
CA SER C 229 -39.88 39.79 23.65
C SER C 229 -40.26 39.47 25.10
N GLU C 230 -40.14 38.22 25.51
CA GLU C 230 -40.49 37.83 26.89
C GLU C 230 -39.55 38.45 27.92
N PRO C 231 -40.03 38.69 29.15
CA PRO C 231 -39.11 39.17 30.19
C PRO C 231 -37.98 38.20 30.48
N ALA C 232 -36.84 38.75 30.86
CA ALA C 232 -35.61 37.99 31.08
C ALA C 232 -35.78 36.74 31.95
N PRO C 233 -36.53 36.82 33.05
CA PRO C 233 -36.68 35.62 33.88
C PRO C 233 -37.25 34.38 33.17
N LEU C 234 -38.06 34.57 32.13
CA LEU C 234 -38.60 33.44 31.36
C LEU C 234 -37.52 32.82 30.47
N LEU C 235 -36.67 33.65 29.86
CA LEU C 235 -35.48 33.16 29.12
C LEU C 235 -34.54 32.40 30.06
N TYR C 236 -34.39 32.91 31.27
CA TYR C 236 -33.61 32.24 32.32
C TYR C 236 -34.17 30.86 32.69
N LEU C 237 -35.50 30.77 32.85
CA LEU C 237 -36.14 29.52 33.25
C LEU C 237 -36.36 28.51 32.12
N ALA C 238 -36.46 28.98 30.88
CA ALA C 238 -36.82 28.13 29.73
C ALA C 238 -36.07 26.81 29.67
N PRO C 239 -34.72 26.82 29.82
CA PRO C 239 -33.99 25.55 29.80
C PRO C 239 -34.31 24.61 30.97
N TYR C 240 -34.52 25.14 32.16
CA TYR C 240 -34.85 24.32 33.32
C TYR C 240 -36.23 23.68 33.17
N ALA C 241 -37.17 24.40 32.56
CA ALA C 241 -38.50 23.85 32.25
C ALA C 241 -38.42 22.67 31.31
N GLY C 242 -37.74 22.87 30.18
CA GLY C 242 -37.48 21.77 29.23
C GLY C 242 -36.77 20.60 29.87
N CYS C 243 -35.83 20.86 30.78
CA CYS C 243 -35.11 19.81 31.50
C CYS C 243 -36.06 18.96 32.30
N ALA C 244 -36.91 19.60 33.10
CA ALA C 244 -37.96 18.91 33.89
C ALA C 244 -38.92 18.09 33.02
N MET C 245 -39.31 18.64 31.88
CA MET C 245 -40.18 17.94 30.94
C MET C 245 -39.56 16.65 30.41
N GLY C 246 -38.23 16.64 30.25
CA GLY C 246 -37.52 15.46 29.78
C GLY C 246 -37.16 14.52 30.92
N GLU C 247 -36.89 15.08 32.10
CA GLU C 247 -36.61 14.30 33.30
C GLU C 247 -37.73 13.32 33.65
N TYR C 248 -38.97 13.79 33.51
CA TYR C 248 -40.16 12.97 33.70
C TYR C 248 -40.06 11.63 32.98
N PHE C 249 -39.66 11.67 31.71
CA PHE C 249 -39.50 10.45 30.92
C PHE C 249 -38.29 9.61 31.35
N MET C 250 -37.21 10.27 31.76
CA MET C 250 -35.99 9.57 32.24
C MET C 250 -36.27 8.76 33.49
N TYR C 251 -36.96 9.37 34.45
CA TYR C 251 -37.23 8.72 35.73
C TYR C 251 -38.34 7.65 35.67
N LYS C 252 -39.07 7.54 34.55
CA LYS C 252 -39.94 6.40 34.26
C LYS C 252 -39.30 5.34 33.38
N GLY C 253 -37.98 5.38 33.21
CA GLY C 253 -37.29 4.35 32.42
C GLY C 253 -37.36 4.51 30.90
N LYS C 254 -37.90 5.65 30.42
CA LYS C 254 -37.89 5.99 29.00
C LYS C 254 -36.68 6.88 28.67
N HIS C 255 -36.54 7.21 27.39
CA HIS C 255 -35.37 7.93 26.89
C HIS C 255 -35.76 9.25 26.23
N ALA C 256 -35.12 10.34 26.64
CA ALA C 256 -35.42 11.67 26.11
C ALA C 256 -34.18 12.39 25.57
N LEU C 257 -34.46 13.42 24.77
CA LEU C 257 -33.46 14.29 24.15
C LEU C 257 -33.90 15.74 24.30
N VAL C 258 -33.07 16.56 24.93
CA VAL C 258 -33.37 17.99 25.12
C VAL C 258 -32.35 18.86 24.38
N VAL C 259 -32.85 19.90 23.71
CA VAL C 259 -32.03 20.85 22.95
C VAL C 259 -32.26 22.24 23.53
N TYR C 260 -31.18 22.89 23.96
CA TYR C 260 -31.21 24.27 24.45
C TYR C 260 -30.57 25.18 23.38
N ASP C 261 -31.43 25.94 22.68
CA ASP C 261 -31.04 26.75 21.52
C ASP C 261 -31.43 28.22 21.80
N ASP C 262 -30.58 29.04 22.44
CA ASP C 262 -29.23 28.66 22.91
C ASP C 262 -28.91 29.18 24.32
N LEU C 263 -27.89 28.62 24.95
CA LEU C 263 -27.48 29.02 26.29
C LEU C 263 -26.74 30.36 26.35
N SER C 264 -26.25 30.85 25.20
CA SER C 264 -25.65 32.19 25.13
C SER C 264 -26.69 33.24 25.51
N LYS C 265 -27.88 33.11 24.95
CA LYS C 265 -28.96 34.07 25.20
C LYS C 265 -29.54 33.88 26.63
N GLN C 266 -29.56 32.65 27.14
CA GLN C 266 -29.94 32.40 28.52
C GLN C 266 -28.98 33.08 29.50
N ALA C 267 -27.69 32.91 29.29
CA ALA C 267 -26.67 33.55 30.13
C ALA C 267 -26.78 35.09 30.12
N ALA C 268 -27.01 35.67 28.94
CA ALA C 268 -27.25 37.12 28.81
C ALA C 268 -28.48 37.57 29.59
N ALA C 269 -29.52 36.75 29.56
CA ALA C 269 -30.77 37.01 30.29
C ALA C 269 -30.55 36.93 31.78
N TYR C 270 -29.81 35.95 32.25
CA TYR C 270 -29.46 35.85 33.66
C TYR C 270 -28.56 36.98 34.12
N ARG C 271 -27.71 37.49 33.23
CA ARG C 271 -26.92 38.69 33.52
C ARG C 271 -27.84 39.93 33.71
N GLU C 272 -28.76 40.11 32.76
CA GLU C 272 -29.76 41.19 32.84
C GLU C 272 -30.47 41.15 34.17
N LEU C 273 -30.93 39.97 34.54
CA LEU C 273 -31.62 39.75 35.82
C LEU C 273 -30.75 40.05 37.01
N SER C 274 -29.54 39.50 37.04
CA SER C 274 -28.60 39.73 38.14
C SER C 274 -28.27 41.21 38.31
N LEU C 275 -28.10 41.93 37.19
CA LEU C 275 -27.78 43.36 37.21
C LEU C 275 -28.96 44.23 37.68
N LEU C 276 -30.18 43.84 37.29
CA LEU C 276 -31.38 44.53 37.75
C LEU C 276 -31.61 44.34 39.24
N LEU C 277 -31.20 43.19 39.79
CA LEU C 277 -31.22 42.97 41.24
C LEU C 277 -29.96 43.51 41.93
N ARG C 278 -29.15 44.28 41.22
CA ARG C 278 -27.93 44.90 41.75
C ARG C 278 -26.93 43.94 42.39
N ARG C 279 -26.85 42.72 41.87
CA ARG C 279 -25.79 41.79 42.28
C ARG C 279 -24.50 42.17 41.59
N PRO C 280 -23.37 42.20 42.33
CA PRO C 280 -22.10 42.69 41.77
C PRO C 280 -21.65 41.89 40.53
N PRO C 281 -21.34 42.59 39.43
CA PRO C 281 -20.85 41.92 38.22
C PRO C 281 -19.37 41.53 38.32
N GLY C 282 -18.99 40.52 37.52
CA GLY C 282 -17.59 40.13 37.33
C GLY C 282 -17.19 40.23 35.86
N ARG C 283 -16.48 39.23 35.37
CA ARG C 283 -16.01 39.19 33.99
C ARG C 283 -17.13 39.41 32.98
N GLU C 284 -16.92 40.30 32.00
CA GLU C 284 -17.91 40.65 30.95
C GLU C 284 -19.31 40.97 31.53
N ALA C 285 -19.31 41.50 32.77
CA ALA C 285 -20.51 41.84 33.54
C ALA C 285 -21.42 40.68 33.95
N TYR C 286 -20.98 39.44 33.77
CA TYR C 286 -21.76 38.29 34.21
C TYR C 286 -21.59 38.14 35.72
N PRO C 287 -22.60 37.52 36.39
CA PRO C 287 -22.43 37.23 37.82
C PRO C 287 -21.47 36.07 38.06
N GLY C 288 -20.98 35.94 39.28
CA GLY C 288 -20.01 34.92 39.64
C GLY C 288 -20.51 33.49 39.41
N ASP C 289 -21.83 33.31 39.57
CA ASP C 289 -22.47 32.01 39.44
C ASP C 289 -22.99 31.66 38.03
N VAL C 290 -22.50 32.32 36.99
CA VAL C 290 -22.93 32.02 35.61
C VAL C 290 -22.46 30.65 35.14
N PHE C 291 -21.34 30.16 35.68
CA PHE C 291 -20.91 28.78 35.45
C PHE C 291 -21.89 27.79 36.08
N TYR C 292 -22.19 28.03 37.35
CA TYR C 292 -23.17 27.23 38.11
C TYR C 292 -24.53 27.16 37.40
N LEU C 293 -24.94 28.26 36.76
CA LEU C 293 -26.18 28.32 35.96
C LEU C 293 -26.29 27.19 34.96
N HIS C 294 -25.20 26.97 34.22
CA HIS C 294 -25.18 25.94 33.18
C HIS C 294 -24.82 24.56 33.71
N SER C 295 -23.98 24.52 34.73
CA SER C 295 -23.50 23.23 35.24
C SER C 295 -24.62 22.44 35.94
N ARG C 296 -25.44 23.09 36.76
CA ARG C 296 -26.58 22.41 37.38
C ARG C 296 -27.57 21.93 36.35
N LEU C 297 -27.81 22.74 35.31
CA LEU C 297 -28.73 22.37 34.22
C LEU C 297 -28.29 21.09 33.54
N LEU C 298 -27.02 21.07 33.12
CA LEU C 298 -26.54 20.00 32.25
C LEU C 298 -26.19 18.72 32.99
N GLU C 299 -25.93 18.81 34.30
CA GLU C 299 -25.68 17.63 35.14
C GLU C 299 -26.95 16.79 35.36
N ARG C 300 -28.13 17.43 35.27
CA ARG C 300 -29.42 16.75 35.38
C ARG C 300 -29.76 15.85 34.19
N ALA C 301 -29.10 16.07 33.06
CA ALA C 301 -29.07 15.11 31.95
C ALA C 301 -28.08 14.02 32.30
N ALA C 302 -28.52 12.76 32.13
CA ALA C 302 -27.72 11.62 32.56
C ALA C 302 -28.22 10.31 31.99
N LYS C 303 -27.44 9.25 32.23
CA LYS C 303 -27.85 7.88 31.98
C LYS C 303 -27.96 7.19 33.33
N LEU C 304 -29.19 6.80 33.71
CA LEU C 304 -29.44 6.20 35.01
C LEU C 304 -29.01 4.74 35.04
N SER C 305 -28.79 4.23 36.26
CA SER C 305 -28.44 2.84 36.48
C SER C 305 -29.63 1.93 36.19
N ASP C 306 -29.35 0.62 36.14
CA ASP C 306 -30.41 -0.37 35.90
C ASP C 306 -31.41 -0.40 37.05
N GLU C 307 -30.91 -0.21 38.26
CA GLU C 307 -31.73 -0.13 39.48
C GLU C 307 -32.70 1.04 39.46
N LYS C 308 -32.27 2.18 38.92
CA LYS C 308 -33.11 3.37 38.83
C LYS C 308 -33.97 3.42 37.55
N GLY C 309 -34.01 2.34 36.77
CA GLY C 309 -34.92 2.21 35.63
C GLY C 309 -34.28 2.22 34.25
N GLY C 310 -33.00 2.54 34.18
CA GLY C 310 -32.24 2.55 32.93
C GLY C 310 -32.56 3.67 31.94
N GLY C 311 -33.39 4.65 32.34
CA GLY C 311 -33.79 5.73 31.46
C GLY C 311 -32.67 6.74 31.29
N SER C 312 -32.83 7.62 30.30
CA SER C 312 -31.79 8.60 29.97
C SER C 312 -32.37 9.93 29.54
N LEU C 313 -31.61 10.99 29.78
CA LEU C 313 -31.86 12.29 29.20
C LEU C 313 -30.56 12.72 28.54
N THR C 314 -30.60 12.91 27.22
CA THR C 314 -29.47 13.35 26.42
C THR C 314 -29.66 14.83 26.16
N ALA C 315 -28.58 15.62 26.26
CA ALA C 315 -28.63 17.09 26.10
C ALA C 315 -27.76 17.62 24.96
N LEU C 316 -28.31 18.52 24.17
CA LEU C 316 -27.59 19.25 23.12
C LEU C 316 -27.69 20.76 23.39
N PRO C 317 -26.86 21.29 24.31
CA PRO C 317 -26.83 22.73 24.51
C PRO C 317 -26.13 23.43 23.35
N PHE C 318 -26.50 24.68 23.09
CA PHE C 318 -25.92 25.48 22.01
C PHE C 318 -25.14 26.65 22.59
N ILE C 319 -24.03 27.00 21.96
CA ILE C 319 -23.36 28.26 22.21
C ILE C 319 -23.10 28.97 20.89
N GLU C 320 -23.37 30.27 20.84
CA GLU C 320 -23.10 31.09 19.68
C GLU C 320 -21.84 31.90 19.96
N THR C 321 -20.76 31.57 19.25
CA THR C 321 -19.50 32.29 19.34
C THR C 321 -19.53 33.58 18.52
N GLN C 322 -18.58 34.46 18.83
CA GLN C 322 -18.30 35.66 18.05
C GLN C 322 -16.96 35.52 17.33
N ALA C 323 -16.99 35.54 15.99
CA ALA C 323 -15.78 35.44 15.16
C ALA C 323 -14.97 34.16 15.45
N GLY C 324 -15.67 33.07 15.72
CA GLY C 324 -15.05 31.78 15.98
C GLY C 324 -14.26 31.68 17.27
N ASP C 325 -14.45 32.61 18.22
CA ASP C 325 -13.67 32.63 19.46
C ASP C 325 -14.24 31.62 20.46
N VAL C 326 -13.75 30.39 20.40
CA VAL C 326 -14.16 29.34 21.34
C VAL C 326 -13.44 29.43 22.69
N SER C 327 -12.45 30.31 22.81
CA SER C 327 -11.73 30.54 24.06
C SER C 327 -12.34 31.64 24.91
N ALA C 328 -13.47 32.22 24.51
CA ALA C 328 -14.16 33.23 25.33
C ALA C 328 -14.70 32.65 26.62
N TYR C 329 -15.11 33.50 27.55
CA TYR C 329 -15.48 33.06 28.90
C TYR C 329 -16.65 32.07 28.92
N ILE C 330 -17.79 32.47 28.36
CA ILE C 330 -19.00 31.64 28.41
C ILE C 330 -18.82 30.34 27.59
N PRO C 331 -18.24 30.43 26.38
CA PRO C 331 -18.01 29.19 25.65
C PRO C 331 -17.11 28.19 26.38
N THR C 332 -16.01 28.64 26.97
CA THR C 332 -15.14 27.74 27.77
C THR C 332 -15.87 27.14 28.97
N ASN C 333 -16.76 27.91 29.59
CA ASN C 333 -17.57 27.38 30.71
C ASN C 333 -18.34 26.15 30.25
N VAL C 334 -19.09 26.30 29.17
CA VAL C 334 -19.97 25.24 28.68
C VAL C 334 -19.18 24.07 28.07
N ILE C 335 -18.05 24.34 27.44
CA ILE C 335 -17.13 23.29 26.98
C ILE C 335 -16.65 22.44 28.16
N SER C 336 -16.29 23.07 29.28
CA SER C 336 -15.79 22.35 30.46
C SER C 336 -16.89 21.60 31.22
N ILE C 337 -18.16 21.89 30.93
CA ILE C 337 -19.29 21.19 31.54
C ILE C 337 -19.68 19.93 30.79
N THR C 338 -19.77 20.00 29.47
CA THR C 338 -20.35 18.94 28.65
C THR C 338 -19.38 17.77 28.45
N ASP C 339 -19.83 16.73 27.75
CA ASP C 339 -19.00 15.54 27.43
C ASP C 339 -18.41 15.60 26.01
N GLY C 340 -17.98 16.78 25.59
CA GLY C 340 -17.54 17.00 24.25
C GLY C 340 -18.27 18.11 23.56
N GLN C 341 -17.81 18.43 22.36
CA GLN C 341 -18.40 19.48 21.57
C GLN C 341 -18.25 19.23 20.08
N ILE C 342 -19.17 19.80 19.31
CA ILE C 342 -19.13 19.82 17.86
C ILE C 342 -18.97 21.29 17.48
N PHE C 343 -17.77 21.65 17.04
CA PHE C 343 -17.46 23.03 16.62
C PHE C 343 -17.69 23.19 15.15
N LEU C 344 -18.46 24.19 14.76
CA LEU C 344 -18.73 24.52 13.34
C LEU C 344 -18.05 25.85 12.94
N GLU C 345 -17.44 25.91 11.76
CA GLU C 345 -16.71 27.12 11.32
C GLU C 345 -17.19 27.66 10.00
N SER C 346 -17.19 28.99 9.84
CA SER C 346 -17.61 29.66 8.61
C SER C 346 -16.71 29.35 7.43
N ASP C 347 -15.41 29.44 7.65
CA ASP C 347 -14.41 29.10 6.63
C ASP C 347 -14.64 27.71 6.03
N LEU C 348 -14.89 26.73 6.88
CA LEU C 348 -15.23 25.38 6.40
C LEU C 348 -16.52 25.37 5.60
N PHE C 349 -17.54 26.03 6.13
CA PHE C 349 -18.88 26.06 5.52
C PHE C 349 -18.80 26.60 4.08
N TYR C 350 -18.15 27.76 3.93
CA TYR C 350 -18.07 28.39 2.62
C TYR C 350 -17.12 27.72 1.64
N SER C 351 -16.17 26.93 2.14
CA SER C 351 -15.34 26.08 1.30
C SER C 351 -16.00 24.76 0.85
N GLY C 352 -17.26 24.54 1.24
CA GLY C 352 -18.04 23.37 0.81
C GLY C 352 -18.02 22.18 1.77
N VAL C 353 -17.35 22.29 2.91
CA VAL C 353 -17.41 21.29 3.94
C VAL C 353 -18.68 21.56 4.75
N ARG C 354 -19.74 20.81 4.46
CA ARG C 354 -21.03 20.92 5.14
C ARG C 354 -21.53 19.51 5.43
N PRO C 355 -21.83 19.14 6.68
CA PRO C 355 -21.78 19.99 7.87
C PRO C 355 -20.36 20.43 8.21
N ALA C 356 -20.22 21.65 8.71
CA ALA C 356 -18.91 22.33 8.77
C ALA C 356 -18.10 22.04 10.00
N VAL C 357 -17.88 20.76 10.24
CA VAL C 357 -17.31 20.28 11.49
C VAL C 357 -15.79 20.43 11.49
N ASN C 358 -15.31 21.30 12.37
CA ASN C 358 -13.89 21.36 12.71
C ASN C 358 -13.54 20.09 13.46
N VAL C 359 -12.81 19.23 12.79
CA VAL C 359 -12.44 17.92 13.28
C VAL C 359 -11.40 18.00 14.41
N GLY C 360 -10.49 18.97 14.33
CA GLY C 360 -9.44 19.12 15.32
C GLY C 360 -9.95 19.51 16.69
N ILE C 361 -10.79 20.53 16.74
CA ILE C 361 -11.30 21.10 17.99
C ILE C 361 -12.51 20.33 18.54
N SER C 362 -13.31 19.69 17.69
CA SER C 362 -14.45 18.88 18.15
C SER C 362 -14.01 17.60 18.82
N VAL C 363 -14.85 17.06 19.69
CA VAL C 363 -14.61 15.79 20.36
C VAL C 363 -15.85 15.19 21.01
N SER C 364 -15.85 13.86 21.15
CA SER C 364 -16.80 13.14 22.03
C SER C 364 -16.03 12.41 23.14
N ARG C 365 -16.20 12.88 24.37
CA ARG C 365 -15.54 12.32 25.55
C ARG C 365 -16.04 10.92 25.89
N VAL C 366 -17.26 10.59 25.43
CA VAL C 366 -17.82 9.23 25.56
C VAL C 366 -17.20 8.28 24.53
N GLY C 367 -17.13 8.74 23.28
CA GLY C 367 -16.43 8.03 22.21
C GLY C 367 -17.08 6.72 21.82
N GLY C 368 -16.23 5.69 21.64
CA GLY C 368 -16.62 4.38 21.16
C GLY C 368 -17.76 3.68 21.87
N ALA C 369 -17.82 3.93 23.17
CA ALA C 369 -18.92 3.46 24.03
C ALA C 369 -20.31 3.81 23.49
N ALA C 370 -20.44 4.93 22.77
CA ALA C 370 -21.74 5.39 22.21
C ALA C 370 -21.95 5.03 20.72
N GLN C 371 -21.36 3.91 20.31
CA GLN C 371 -21.34 3.48 18.91
C GLN C 371 -21.57 1.97 18.86
N ILE C 372 -22.25 1.49 17.83
CA ILE C 372 -22.31 0.05 17.58
C ILE C 372 -20.94 -0.46 17.15
N LYS C 373 -20.62 -1.71 17.50
CA LYS C 373 -19.25 -2.27 17.30
C LYS C 373 -18.74 -2.14 15.88
N ALA C 374 -19.64 -2.23 14.91
CA ALA C 374 -19.30 -2.05 13.50
C ALA C 374 -18.68 -0.67 13.25
N MET C 375 -19.35 0.35 13.76
CA MET C 375 -18.95 1.76 13.59
C MET C 375 -17.71 2.08 14.38
N LYS C 376 -17.61 1.54 15.58
CA LYS C 376 -16.40 1.69 16.40
C LYS C 376 -15.18 1.09 15.73
N LYS C 377 -15.38 0.04 14.94
CA LYS C 377 -14.29 -0.62 14.23
C LYS C 377 -13.81 0.21 13.04
N VAL C 378 -14.73 0.61 12.17
CA VAL C 378 -14.39 1.35 10.95
C VAL C 378 -13.96 2.79 11.23
N ALA C 379 -14.53 3.40 12.27
CA ALA C 379 -14.25 4.79 12.58
C ALA C 379 -13.11 4.92 13.55
N GLY C 380 -12.53 3.87 14.08
CA GLY C 380 -11.79 3.95 15.36
C GLY C 380 -10.89 5.15 15.53
N THR C 381 -10.01 5.32 14.56
CA THR C 381 -9.01 6.42 14.53
C THR C 381 -9.41 7.51 13.55
N LEU C 382 -10.67 7.63 13.12
CA LEU C 382 -11.03 8.48 11.98
C LEU C 382 -10.78 9.93 12.30
N ARG C 383 -11.19 10.34 13.50
CA ARG C 383 -11.04 11.71 13.95
C ARG C 383 -9.57 12.12 14.06
N LEU C 384 -8.79 11.30 14.76
CA LEU C 384 -7.34 11.52 14.85
C LEU C 384 -6.66 11.50 13.45
N ASP C 385 -7.11 10.62 12.55
CA ASP C 385 -6.56 10.56 11.17
C ASP C 385 -6.84 11.83 10.38
N LEU C 386 -8.03 12.39 10.50
CA LEU C 386 -8.40 13.63 9.81
C LEU C 386 -7.78 14.88 10.42
N ALA C 387 -7.63 14.90 11.73
CA ALA C 387 -6.91 15.98 12.43
C ALA C 387 -5.46 16.11 11.95
N GLN C 388 -4.82 14.96 11.75
CA GLN C 388 -3.47 14.85 11.16
C GLN C 388 -3.47 15.21 9.67
N TYR C 389 -4.52 14.85 8.96
CA TYR C 389 -4.70 15.23 7.55
C TYR C 389 -4.76 16.73 7.41
N ARG C 390 -5.60 17.39 8.21
CA ARG C 390 -5.80 18.83 8.13
C ARG C 390 -4.54 19.63 8.48
N GLU C 391 -3.74 19.13 9.43
CA GLU C 391 -2.44 19.73 9.75
C GLU C 391 -1.46 19.55 8.60
N LEU C 392 -1.35 18.31 8.11
CA LEU C 392 -0.42 17.99 7.01
C LEU C 392 -0.81 18.65 5.69
N GLN C 393 -2.07 18.91 5.47
CA GLN C 393 -2.56 19.66 4.31
C GLN C 393 -2.14 21.13 4.36
N ALA C 394 -2.18 21.71 5.55
CA ALA C 394 -1.84 23.15 5.69
C ALA C 394 -0.36 23.36 5.41
N PHE C 395 0.47 22.40 5.85
CA PHE C 395 1.93 22.47 5.75
C PHE C 395 2.54 22.02 4.36
N ALA C 396 1.68 21.38 3.56
CA ALA C 396 2.02 20.90 2.22
C ALA C 396 1.86 21.93 1.08
N GLN C 397 0.96 22.90 1.28
CA GLN C 397 0.89 24.09 0.42
C GLN C 397 2.02 25.12 0.67
N PHE C 398 2.84 24.92 1.71
CA PHE C 398 4.04 25.72 1.95
C PHE C 398 5.31 25.01 1.39
N GLY C 399 5.31 24.72 0.09
CA GLY C 399 6.46 24.20 -0.58
C GLY C 399 6.60 22.70 -0.45
N SER C 400 7.74 22.25 -0.99
CA SER C 400 8.15 20.79 -1.12
C SER C 400 7.38 19.99 -2.21
N ASP C 401 8.06 19.10 -2.96
CA ASP C 401 7.40 18.06 -3.80
C ASP C 401 7.32 16.76 -2.96
N LEU C 402 6.14 16.30 -2.52
CA LEU C 402 6.08 15.45 -1.34
C LEU C 402 6.43 14.00 -1.64
N ASP C 403 7.09 13.33 -0.68
CA ASP C 403 7.35 11.89 -0.76
C ASP C 403 6.05 11.11 -0.87
N LYS C 404 6.13 9.94 -1.49
CA LYS C 404 4.94 9.14 -1.88
C LYS C 404 4.08 8.69 -0.68
N ALA C 405 4.67 8.58 0.52
CA ALA C 405 3.94 8.21 1.72
C ALA C 405 2.94 9.29 2.12
N THR C 406 3.40 10.53 2.20
CA THR C 406 2.54 11.65 2.59
C THR C 406 1.55 12.01 1.47
N GLN C 407 1.95 11.85 0.22
CA GLN C 407 1.04 12.04 -0.92
C GLN C 407 -0.22 11.15 -0.80
N ALA C 408 -0.02 9.89 -0.47
CA ALA C 408 -1.11 8.90 -0.32
C ALA C 408 -2.03 9.23 0.85
N LYS C 409 -1.44 9.68 1.96
CA LYS C 409 -2.20 10.15 3.12
C LYS C 409 -3.09 11.36 2.81
N LEU C 410 -2.59 12.27 2.00
CA LEU C 410 -3.39 13.38 1.51
C LEU C 410 -4.52 12.94 0.57
N ASN C 411 -4.23 12.00 -0.31
CA ASN C 411 -5.24 11.44 -1.24
C ASN C 411 -6.35 10.64 -0.54
N ARG C 412 -5.98 9.87 0.47
CA ARG C 412 -6.97 9.21 1.34
C ARG C 412 -7.81 10.25 2.10
N GLY C 413 -7.14 11.25 2.64
CA GLY C 413 -7.79 12.33 3.39
C GLY C 413 -8.86 13.11 2.60
N GLU C 414 -8.53 13.56 1.40
CA GLU C 414 -9.51 14.30 0.58
C GLU C 414 -10.76 13.49 0.28
N ARG C 415 -10.58 12.18 0.13
CA ARG C 415 -11.69 11.28 -0.16
C ARG C 415 -12.59 11.06 1.06
N THR C 416 -11.99 10.83 2.24
CA THR C 416 -12.78 10.68 3.47
C THR C 416 -13.54 11.98 3.81
N VAL C 417 -12.93 13.14 3.52
CA VAL C 417 -13.61 14.42 3.70
C VAL C 417 -14.88 14.49 2.85
N GLU C 418 -14.80 14.02 1.61
CA GLU C 418 -15.94 13.99 0.70
C GLU C 418 -17.07 13.09 1.19
N ILE C 419 -16.70 11.97 1.81
CA ILE C 419 -17.68 11.07 2.40
C ILE C 419 -18.44 11.73 3.55
N LEU C 420 -17.74 12.51 4.37
CA LEU C 420 -18.32 13.17 5.55
C LEU C 420 -19.11 14.44 5.25
N LYS C 421 -19.01 14.94 4.01
CA LYS C 421 -19.96 15.91 3.51
C LYS C 421 -21.32 15.25 3.39
N GLN C 422 -22.37 16.02 3.61
CA GLN C 422 -23.71 15.47 3.70
C GLN C 422 -24.75 16.57 3.57
N ASP C 423 -25.76 16.39 2.75
CA ASP C 423 -26.82 17.38 2.63
C ASP C 423 -27.66 17.48 3.90
N GLU C 424 -28.29 18.62 4.05
CA GLU C 424 -29.18 18.90 5.15
C GLU C 424 -30.48 18.09 5.00
N HIS C 425 -31.11 17.74 6.12
CA HIS C 425 -32.34 16.95 6.18
C HIS C 425 -32.27 15.67 5.25
N LYS C 426 -31.10 14.99 5.27
CA LYS C 426 -30.93 13.75 4.53
C LYS C 426 -30.21 12.72 5.38
N PRO C 427 -30.92 12.19 6.39
CA PRO C 427 -30.24 11.34 7.37
C PRO C 427 -29.92 9.99 6.80
N MET C 428 -28.85 9.37 7.31
CA MET C 428 -28.40 8.06 6.83
C MET C 428 -28.58 7.05 7.97
N PRO C 429 -29.10 5.85 7.66
CA PRO C 429 -29.06 4.78 8.64
C PRO C 429 -27.64 4.40 9.02
N VAL C 430 -27.45 3.95 10.27
CA VAL C 430 -26.09 3.64 10.74
C VAL C 430 -25.44 2.52 9.94
N GLU C 431 -26.22 1.50 9.56
CA GLU C 431 -25.70 0.40 8.75
C GLU C 431 -25.13 0.88 7.39
N GLU C 432 -25.75 1.89 6.79
CA GLU C 432 -25.27 2.45 5.52
C GLU C 432 -24.04 3.33 5.74
N GLN C 433 -23.97 4.03 6.88
CA GLN C 433 -22.79 4.82 7.24
C GLN C 433 -21.57 3.92 7.42
N VAL C 434 -21.75 2.82 8.13
CA VAL C 434 -20.64 1.89 8.37
C VAL C 434 -20.06 1.34 7.05
N ILE C 435 -20.91 1.03 6.08
CA ILE C 435 -20.45 0.54 4.77
C ILE C 435 -19.70 1.62 4.01
N SER C 436 -20.25 2.82 4.01
CA SER C 436 -19.65 3.96 3.32
C SER C 436 -18.27 4.31 3.89
N ILE C 437 -18.15 4.31 5.22
CA ILE C 437 -16.90 4.62 5.90
C ILE C 437 -15.91 3.46 5.71
N TYR C 438 -16.42 2.22 5.76
CA TYR C 438 -15.60 1.04 5.48
C TYR C 438 -14.96 1.11 4.10
N ALA C 439 -15.79 1.47 3.11
CA ALA C 439 -15.33 1.56 1.72
C ALA C 439 -14.14 2.49 1.56
N VAL C 440 -14.30 3.72 2.03
CA VAL C 440 -13.26 4.76 1.87
C VAL C 440 -12.00 4.50 2.69
N THR C 441 -12.16 4.00 3.92
CA THR C 441 -11.02 3.77 4.82
C THR C 441 -10.21 2.54 4.47
N ASN C 442 -10.77 1.59 3.73
CA ASN C 442 -10.02 0.41 3.25
C ASN C 442 -9.51 0.55 1.80
N GLY C 443 -9.64 1.74 1.24
CA GLY C 443 -9.03 2.08 -0.05
C GLY C 443 -9.87 1.89 -1.28
N PHE C 444 -11.13 1.52 -1.12
CA PHE C 444 -11.97 1.20 -2.29
C PHE C 444 -12.30 2.39 -3.18
N MET C 445 -12.02 3.62 -2.74
CA MET C 445 -12.18 4.81 -3.58
C MET C 445 -10.87 5.49 -3.97
N ASP C 446 -9.74 4.86 -3.69
CA ASP C 446 -8.43 5.41 -4.06
C ASP C 446 -8.20 5.58 -5.57
N ASP C 447 -8.82 4.73 -6.39
CA ASP C 447 -8.69 4.87 -7.89
C ASP C 447 -9.79 5.74 -8.49
N ILE C 448 -10.65 6.32 -7.67
CA ILE C 448 -11.76 7.11 -8.16
C ILE C 448 -11.40 8.59 -8.03
N PRO C 449 -11.77 9.42 -9.02
CA PRO C 449 -11.61 10.87 -8.87
C PRO C 449 -12.29 11.46 -7.62
N VAL C 450 -11.68 12.50 -7.05
CA VAL C 450 -12.19 13.11 -5.83
C VAL C 450 -13.58 13.68 -6.08
N GLU C 451 -13.79 14.31 -7.25
CA GLU C 451 -15.13 14.85 -7.61
C GLU C 451 -16.23 13.78 -7.76
N ASP C 452 -15.85 12.53 -8.01
CA ASP C 452 -16.81 11.43 -8.16
C ASP C 452 -17.16 10.69 -6.85
N VAL C 453 -16.43 10.96 -5.76
CA VAL C 453 -16.59 10.19 -4.52
C VAL C 453 -18.02 10.21 -3.97
N ARG C 454 -18.67 11.37 -3.98
CA ARG C 454 -20.02 11.53 -3.41
C ARG C 454 -21.09 10.77 -4.21
N ARG C 455 -20.94 10.77 -5.52
CA ARG C 455 -21.83 10.01 -6.42
C ARG C 455 -21.56 8.49 -6.30
N PHE C 456 -20.29 8.13 -6.17
CA PHE C 456 -19.89 6.75 -5.93
C PHE C 456 -20.58 6.17 -4.68
N GLU C 457 -20.66 6.98 -3.63
CA GLU C 457 -21.30 6.58 -2.38
C GLU C 457 -22.80 6.38 -2.56
N GLU C 458 -23.46 7.35 -3.17
CA GLU C 458 -24.90 7.28 -3.42
C GLU C 458 -25.24 6.05 -4.28
N GLU C 459 -24.48 5.83 -5.35
CA GLU C 459 -24.64 4.66 -6.21
C GLU C 459 -24.31 3.35 -5.50
N LEU C 460 -23.29 3.36 -4.62
CA LEU C 460 -22.90 2.15 -3.84
C LEU C 460 -24.01 1.71 -2.90
N LEU C 461 -24.58 2.65 -2.17
CA LEU C 461 -25.59 2.32 -1.17
C LEU C 461 -26.90 1.85 -1.80
N SER C 462 -27.33 2.47 -2.89
CA SER C 462 -28.52 2.00 -3.64
C SER C 462 -28.30 0.59 -4.20
N PHE C 463 -27.06 0.29 -4.55
CA PHE C 463 -26.66 -1.07 -4.92
C PHE C 463 -26.75 -2.02 -3.73
N MET C 464 -26.15 -1.64 -2.59
CA MET C 464 -26.17 -2.48 -1.37
C MET C 464 -27.61 -2.73 -0.88
N ARG C 465 -28.47 -1.72 -0.94
CA ARG C 465 -29.88 -1.86 -0.52
C ARG C 465 -30.65 -2.83 -1.42
N ALA C 466 -30.55 -2.64 -2.74
CA ALA C 466 -31.27 -3.47 -3.71
C ALA C 466 -30.78 -4.91 -3.76
N ASN C 467 -29.46 -5.09 -3.76
CA ASN C 467 -28.82 -6.38 -4.05
C ASN C 467 -28.16 -7.11 -2.87
N LYS C 468 -27.54 -6.37 -1.94
CA LYS C 468 -26.77 -6.98 -0.85
C LYS C 468 -27.33 -6.67 0.54
N ASP C 469 -28.66 -6.67 0.65
CA ASP C 469 -29.31 -6.29 1.91
C ASP C 469 -29.02 -7.25 3.05
N SER C 470 -28.61 -8.47 2.76
CA SER C 470 -28.22 -9.43 3.79
C SER C 470 -27.00 -8.93 4.60
N LEU C 471 -26.10 -8.21 3.93
CA LEU C 471 -24.94 -7.58 4.60
C LEU C 471 -25.31 -6.40 5.50
N LEU C 472 -26.12 -5.49 4.96
CA LEU C 472 -26.68 -4.36 5.74
C LEU C 472 -27.46 -4.86 6.95
N ASP C 473 -28.31 -5.87 6.74
CA ASP C 473 -29.16 -6.42 7.82
C ASP C 473 -28.35 -7.05 8.93
N HIS C 474 -27.23 -7.70 8.60
CA HIS C 474 -26.32 -8.22 9.63
C HIS C 474 -25.99 -7.16 10.66
N ILE C 475 -25.67 -5.98 10.17
CA ILE C 475 -25.26 -4.84 11.01
C ILE C 475 -26.43 -4.34 11.87
N ARG C 476 -27.61 -4.18 11.27
CA ARG C 476 -28.81 -3.75 12.02
C ARG C 476 -29.19 -4.67 13.16
N GLN C 477 -28.91 -5.96 13.02
CA GLN C 477 -29.32 -6.98 14.00
C GLN C 477 -28.23 -7.23 15.03
N THR C 478 -27.02 -7.52 14.58
CA THR C 478 -25.90 -7.89 15.47
C THR C 478 -25.15 -6.69 16.00
N GLY C 479 -25.15 -5.58 15.25
CA GLY C 479 -24.29 -4.44 15.56
C GLY C 479 -22.82 -4.68 15.23
N GLU C 480 -22.51 -5.77 14.52
CA GLU C 480 -21.16 -6.18 14.22
C GLU C 480 -20.95 -6.03 12.73
N LEU C 481 -19.69 -5.98 12.31
CA LEU C 481 -19.39 -6.02 10.88
C LEU C 481 -19.71 -7.41 10.32
N PRO C 482 -20.14 -7.48 9.04
CA PRO C 482 -20.23 -8.80 8.40
C PRO C 482 -18.84 -9.33 8.08
N ASP C 483 -18.78 -10.52 7.50
CA ASP C 483 -17.51 -11.13 7.09
C ASP C 483 -16.80 -10.21 6.08
N THR C 484 -15.60 -9.73 6.44
CA THR C 484 -14.89 -8.72 5.64
C THR C 484 -14.60 -9.20 4.20
N LYS C 485 -14.43 -10.50 3.98
CA LYS C 485 -14.20 -11.06 2.64
C LYS C 485 -15.43 -10.96 1.74
N GLU C 486 -16.60 -11.24 2.31
CA GLU C 486 -17.90 -11.09 1.64
C GLU C 486 -18.17 -9.62 1.29
N LEU C 487 -17.79 -8.74 2.20
CA LEU C 487 -18.03 -7.31 2.06
C LEU C 487 -17.13 -6.69 0.98
N ASP C 488 -15.84 -7.04 1.03
CA ASP C 488 -14.87 -6.62 0.00
C ASP C 488 -15.31 -7.04 -1.40
N ALA C 489 -15.76 -8.29 -1.52
CA ALA C 489 -16.26 -8.82 -2.80
C ALA C 489 -17.46 -8.03 -3.32
N ALA C 490 -18.41 -7.74 -2.44
CA ALA C 490 -19.65 -7.03 -2.79
C ALA C 490 -19.42 -5.61 -3.28
N ILE C 491 -18.41 -4.93 -2.70
CA ILE C 491 -18.02 -3.59 -3.15
C ILE C 491 -17.33 -3.67 -4.49
N GLU C 492 -16.41 -4.62 -4.64
CA GLU C 492 -15.67 -4.80 -5.91
C GLU C 492 -16.59 -5.21 -7.05
N GLU C 493 -17.68 -5.91 -6.70
CA GLU C 493 -18.76 -6.24 -7.62
C GLU C 493 -19.45 -4.96 -8.12
N PHE C 494 -19.78 -4.07 -7.19
CA PHE C 494 -20.37 -2.77 -7.53
C PHE C 494 -19.47 -1.94 -8.42
N LYS C 495 -18.19 -1.90 -8.05
CA LYS C 495 -17.17 -1.11 -8.75
C LYS C 495 -17.12 -1.35 -10.25
N LYS C 496 -17.30 -2.61 -10.66
CA LYS C 496 -17.27 -2.98 -12.09
C LYS C 496 -18.41 -2.39 -12.93
N GLY C 497 -19.48 -1.92 -12.29
CA GLY C 497 -20.56 -1.19 -12.95
C GLY C 497 -20.55 0.31 -12.77
N PHE C 498 -19.45 0.86 -12.25
CA PHE C 498 -19.33 2.31 -12.00
C PHE C 498 -18.49 2.99 -13.08
N THR C 499 -19.06 4.00 -13.76
CA THR C 499 -18.33 4.79 -14.76
C THR C 499 -17.92 6.16 -14.18
N PRO C 500 -16.60 6.42 -14.00
CA PRO C 500 -16.12 7.73 -13.54
C PRO C 500 -16.48 8.89 -14.48
N SER C 501 -16.13 10.11 -14.11
CA SER C 501 -16.42 11.26 -14.95
C SER C 501 -15.15 11.76 -15.68
N ALA C 502 -13.95 11.38 -15.20
CA ALA C 502 -12.67 11.92 -15.70
C ALA C 502 -11.60 10.84 -15.77
N ASN D 2 -26.62 26.53 71.90
CA ASN D 2 -26.25 27.82 71.18
C ASN D 2 -27.10 28.03 69.89
N LYS D 3 -28.24 28.71 70.07
CA LYS D 3 -29.27 28.85 69.02
C LYS D 3 -29.28 30.19 68.29
N GLY D 4 -29.80 30.18 67.07
CA GLY D 4 -29.91 31.38 66.22
C GLY D 4 -31.09 31.40 65.28
N ARG D 5 -31.40 32.58 64.76
CA ARG D 5 -32.56 32.82 63.88
C ARG D 5 -32.05 33.24 62.51
N ILE D 6 -32.61 32.68 61.44
CA ILE D 6 -32.30 33.13 60.08
C ILE D 6 -32.89 34.51 59.87
N ILE D 7 -32.06 35.48 59.49
CA ILE D 7 -32.52 36.82 59.18
C ILE D 7 -32.59 37.08 57.67
N GLN D 8 -31.61 36.56 56.90
CA GLN D 8 -31.58 36.67 55.43
C GLN D 8 -31.12 35.41 54.72
N VAL D 9 -31.62 35.24 53.49
CA VAL D 9 -31.21 34.16 52.59
C VAL D 9 -31.00 34.76 51.20
N MET D 10 -29.77 34.65 50.69
CA MET D 10 -29.37 35.25 49.41
C MET D 10 -28.50 34.25 48.67
N GLY D 11 -29.14 33.41 47.86
CA GLY D 11 -28.44 32.32 47.17
C GLY D 11 -27.79 31.40 48.19
N PRO D 12 -26.50 31.08 48.00
CA PRO D 12 -25.84 30.17 48.93
C PRO D 12 -25.34 30.81 50.23
N VAL D 13 -25.79 32.04 50.53
CA VAL D 13 -25.36 32.77 51.69
C VAL D 13 -26.54 33.00 52.63
N VAL D 14 -26.36 32.67 53.91
CA VAL D 14 -27.39 32.77 54.93
C VAL D 14 -26.85 33.62 56.09
N ASP D 15 -27.56 34.71 56.42
CA ASP D 15 -27.26 35.50 57.60
C ASP D 15 -28.10 35.01 58.78
N ILE D 16 -27.44 34.78 59.91
CA ILE D 16 -28.07 34.16 61.07
C ILE D 16 -27.77 35.05 62.27
N GLN D 17 -28.80 35.43 63.03
CA GLN D 17 -28.61 36.21 64.25
C GLN D 17 -28.56 35.31 65.48
N PHE D 18 -27.54 35.49 66.32
CA PHE D 18 -27.38 34.75 67.57
C PHE D 18 -27.54 35.70 68.77
N GLU D 19 -27.50 35.16 69.98
CA GLU D 19 -27.59 35.96 71.19
C GLU D 19 -26.23 36.44 71.64
N SER D 20 -26.22 37.62 72.25
CA SER D 20 -25.05 38.34 72.72
C SER D 20 -23.97 37.43 73.32
N GLY D 21 -22.89 37.32 72.59
CA GLY D 21 -21.70 36.56 73.10
C GLY D 21 -21.76 35.05 73.05
N GLN D 22 -22.75 34.50 72.35
CA GLN D 22 -22.83 33.07 71.97
C GLN D 22 -22.82 32.99 70.42
N LEU D 23 -21.76 33.56 69.84
CA LEU D 23 -21.55 33.60 68.41
C LEU D 23 -20.62 32.45 68.04
N PRO D 24 -20.98 31.63 67.02
CA PRO D 24 -20.08 30.59 66.55
C PRO D 24 -18.77 31.11 66.03
N ASP D 25 -17.68 30.39 66.31
CA ASP D 25 -16.37 30.69 65.72
C ASP D 25 -16.44 30.62 64.19
N ILE D 26 -15.55 31.36 63.53
CA ILE D 26 -15.44 31.31 62.08
C ILE D 26 -15.06 29.87 61.69
N TYR D 27 -15.66 29.41 60.58
CA TYR D 27 -15.50 28.04 60.07
C TYR D 27 -16.28 26.95 60.86
N ASN D 28 -17.11 27.34 61.82
CA ASN D 28 -17.95 26.37 62.53
C ASN D 28 -19.12 25.89 61.68
N ALA D 29 -19.43 24.60 61.79
CA ALA D 29 -20.63 24.04 61.18
C ALA D 29 -21.87 24.43 61.97
N ILE D 30 -22.96 24.71 61.27
CA ILE D 30 -24.22 25.15 61.86
C ILE D 30 -25.35 24.40 61.15
N THR D 31 -26.27 23.78 61.89
CA THR D 31 -27.36 23.02 61.28
C THR D 31 -28.66 23.82 61.31
N ILE D 32 -29.44 23.70 60.23
CA ILE D 32 -30.78 24.27 60.13
C ILE D 32 -31.72 23.14 59.69
N GLU D 33 -32.76 22.88 60.47
CA GLU D 33 -33.76 21.87 60.10
C GLU D 33 -34.65 22.49 59.02
N ARG D 34 -34.74 21.83 57.87
CA ARG D 34 -35.56 22.31 56.76
C ARG D 34 -37.05 22.15 57.05
N PRO D 35 -37.89 23.12 56.62
CA PRO D 35 -39.35 22.90 56.67
C PRO D 35 -39.79 21.66 55.90
N GLN D 36 -39.16 21.38 54.79
CA GLN D 36 -39.41 20.23 53.93
C GLN D 36 -38.94 18.89 54.53
N GLY D 37 -38.29 18.92 55.72
CA GLY D 37 -37.61 17.76 56.27
C GLY D 37 -36.15 17.70 55.83
N GLY D 38 -35.30 17.16 56.71
CA GLY D 38 -33.87 17.07 56.45
C GLY D 38 -33.13 18.24 57.04
N THR D 39 -31.80 18.11 57.09
CA THR D 39 -30.91 19.11 57.69
C THR D 39 -30.06 19.78 56.60
N LEU D 40 -29.98 21.10 56.65
CA LEU D 40 -29.03 21.88 55.85
C LEU D 40 -27.87 22.26 56.75
N THR D 41 -26.67 21.79 56.44
CA THR D 41 -25.46 22.22 57.12
C THR D 41 -24.96 23.50 56.45
N VAL D 42 -24.29 24.35 57.23
CA VAL D 42 -23.94 25.71 56.82
C VAL D 42 -22.65 26.08 57.57
N GLU D 43 -21.78 26.87 56.97
CA GLU D 43 -20.45 27.18 57.55
C GLU D 43 -20.30 28.67 57.81
N ALA D 44 -19.93 29.01 59.05
CA ALA D 44 -19.78 30.41 59.45
C ALA D 44 -18.58 31.03 58.75
N ALA D 45 -18.75 32.26 58.26
CA ALA D 45 -17.72 32.91 57.43
C ALA D 45 -17.31 34.29 57.94
N VAL D 46 -18.29 35.16 58.15
CA VAL D 46 -18.04 36.53 58.58
C VAL D 46 -18.91 36.82 59.80
N HIS D 47 -18.37 37.63 60.71
CA HIS D 47 -19.13 38.19 61.84
C HIS D 47 -19.45 39.62 61.48
N LEU D 48 -20.68 39.85 61.06
CA LEU D 48 -21.10 41.15 60.51
C LEU D 48 -21.28 42.24 61.55
N GLY D 49 -21.43 41.87 62.83
CA GLY D 49 -21.77 42.82 63.89
C GLY D 49 -23.25 42.71 64.22
N ASP D 50 -23.65 43.32 65.34
CA ASP D 50 -25.01 43.18 65.91
C ASP D 50 -25.40 41.71 66.06
N ASN D 51 -24.43 40.90 66.49
CA ASN D 51 -24.60 39.47 66.71
C ASN D 51 -25.13 38.67 65.51
N VAL D 52 -24.70 39.06 64.32
CA VAL D 52 -25.06 38.36 63.08
C VAL D 52 -23.82 37.68 62.53
N VAL D 53 -24.02 36.50 61.94
CA VAL D 53 -22.94 35.75 61.26
C VAL D 53 -23.43 35.44 59.85
N ARG D 54 -22.62 35.81 58.86
CA ARG D 54 -22.87 35.46 57.47
C ARG D 54 -22.25 34.10 57.25
N CYS D 55 -23.03 33.20 56.67
CA CYS D 55 -22.61 31.81 56.53
C CYS D 55 -22.77 31.30 55.10
N VAL D 56 -21.90 30.37 54.71
CA VAL D 56 -21.89 29.79 53.37
C VAL D 56 -22.50 28.38 53.40
N ALA D 57 -23.61 28.22 52.68
CA ALA D 57 -24.36 26.96 52.66
C ALA D 57 -23.63 25.82 51.93
N MET D 58 -23.72 24.61 52.46
CA MET D 58 -23.14 23.41 51.87
C MET D 58 -24.16 22.57 51.06
N ALA D 59 -25.38 23.10 50.91
CA ALA D 59 -26.40 22.52 50.04
C ALA D 59 -27.42 23.61 49.70
N SER D 60 -28.43 23.28 48.89
CA SER D 60 -29.39 24.29 48.42
C SER D 60 -30.10 25.03 49.55
N THR D 61 -30.28 26.34 49.39
CA THR D 61 -31.04 27.16 50.33
C THR D 61 -32.49 27.41 49.89
N ASP D 62 -32.89 26.81 48.77
CA ASP D 62 -34.29 26.88 48.32
C ASP D 62 -35.13 26.17 49.36
N GLY D 63 -36.27 26.77 49.71
CA GLY D 63 -37.17 26.23 50.72
C GLY D 63 -37.01 26.79 52.12
N LEU D 64 -35.89 27.47 52.41
CA LEU D 64 -35.71 28.10 53.72
C LEU D 64 -36.61 29.30 53.88
N VAL D 65 -36.90 29.61 55.14
CA VAL D 65 -37.81 30.70 55.52
C VAL D 65 -37.08 31.52 56.57
N ARG D 66 -37.32 32.84 56.58
CA ARG D 66 -36.74 33.69 57.61
C ARG D 66 -37.34 33.33 58.97
N GLY D 67 -36.50 33.33 60.00
CA GLY D 67 -36.95 33.07 61.36
C GLY D 67 -36.80 31.63 61.81
N LEU D 68 -36.24 30.76 60.96
CA LEU D 68 -35.99 29.36 61.35
C LEU D 68 -34.86 29.26 62.37
N GLU D 69 -34.92 28.21 63.17
CA GLU D 69 -33.92 27.94 64.17
C GLU D 69 -32.67 27.35 63.51
N ALA D 70 -31.51 27.82 63.95
CA ALA D 70 -30.22 27.31 63.53
C ALA D 70 -29.38 27.01 64.76
N VAL D 71 -28.62 25.92 64.72
CA VAL D 71 -27.90 25.42 65.88
C VAL D 71 -26.37 25.37 65.60
N ASP D 72 -25.58 26.05 66.43
CA ASP D 72 -24.12 25.94 66.41
C ASP D 72 -23.68 24.55 66.86
N THR D 73 -22.94 23.82 66.01
CA THR D 73 -22.40 22.52 66.42
C THR D 73 -21.18 22.65 67.33
N GLY D 74 -20.58 23.83 67.37
CA GLY D 74 -19.47 24.13 68.28
C GLY D 74 -18.06 23.86 67.74
N ALA D 75 -17.98 23.33 66.52
CA ALA D 75 -16.69 23.03 65.86
C ALA D 75 -16.85 23.04 64.34
N PRO D 76 -15.73 23.08 63.59
CA PRO D 76 -15.81 23.01 62.13
C PRO D 76 -16.45 21.71 61.62
N ILE D 77 -16.63 21.62 60.30
CA ILE D 77 -17.14 20.41 59.70
C ILE D 77 -16.09 19.31 60.01
N SER D 78 -16.57 18.20 60.57
CA SER D 78 -15.70 17.14 60.98
C SER D 78 -16.04 15.83 60.27
N VAL D 79 -15.00 15.07 59.95
CA VAL D 79 -15.06 14.07 58.89
C VAL D 79 -14.32 12.78 59.35
N PRO D 80 -14.83 11.58 58.98
CA PRO D 80 -14.15 10.33 59.39
C PRO D 80 -12.77 10.18 58.76
N VAL D 81 -11.82 9.67 59.53
CA VAL D 81 -10.47 9.37 59.03
C VAL D 81 -10.07 7.93 59.36
N GLY D 82 -8.98 7.47 58.78
CA GLY D 82 -8.46 6.12 59.02
C GLY D 82 -9.05 5.05 58.13
N LYS D 83 -8.83 3.80 58.50
CA LYS D 83 -9.06 2.65 57.60
C LYS D 83 -10.52 2.43 57.23
N ALA D 84 -11.45 2.93 58.04
CA ALA D 84 -12.88 2.86 57.71
C ALA D 84 -13.28 3.66 56.45
N THR D 85 -12.47 4.65 56.09
CA THR D 85 -12.67 5.45 54.87
C THR D 85 -12.32 4.71 53.58
N LEU D 86 -11.38 3.77 53.67
CA LEU D 86 -10.94 2.97 52.51
C LEU D 86 -12.06 2.19 51.88
N GLY D 87 -12.14 2.22 50.55
CA GLY D 87 -13.21 1.54 49.80
C GLY D 87 -14.52 2.28 49.73
N ARG D 88 -14.62 3.43 50.42
CA ARG D 88 -15.89 4.15 50.57
C ARG D 88 -15.92 5.45 49.75
N VAL D 89 -17.13 5.96 49.54
CA VAL D 89 -17.35 7.20 48.80
C VAL D 89 -18.12 8.19 49.66
N PHE D 90 -17.53 9.37 49.87
CA PHE D 90 -18.07 10.40 50.75
C PHE D 90 -18.47 11.67 50.02
N ASN D 91 -19.31 12.47 50.68
CA ASN D 91 -19.59 13.82 50.25
C ASN D 91 -18.73 14.76 51.10
N VAL D 92 -18.94 16.08 50.93
CA VAL D 92 -18.17 17.09 51.70
C VAL D 92 -18.27 16.97 53.23
N LEU D 93 -19.43 16.54 53.72
CA LEU D 93 -19.68 16.47 55.17
C LEU D 93 -19.08 15.20 55.82
N GLY D 94 -18.54 14.28 55.03
CA GLY D 94 -18.03 13.00 55.56
C GLY D 94 -19.07 11.92 55.69
N GLU D 95 -20.28 12.18 55.18
CA GLU D 95 -21.36 11.20 55.14
C GLU D 95 -21.11 10.28 53.94
N PRO D 96 -21.27 8.98 54.10
CA PRO D 96 -21.08 8.10 52.94
C PRO D 96 -22.24 8.21 51.95
N ILE D 97 -21.93 8.20 50.66
CA ILE D 97 -22.93 8.29 49.58
C ILE D 97 -22.90 7.06 48.66
N ASP D 98 -22.25 5.98 49.12
CA ASP D 98 -22.19 4.70 48.37
C ASP D 98 -23.28 3.71 48.79
N GLU D 99 -24.15 4.11 49.73
CA GLU D 99 -25.26 3.31 50.22
C GLU D 99 -24.77 1.96 50.80
N GLN D 100 -23.70 2.02 51.60
CA GLN D 100 -23.11 0.84 52.26
C GLN D 100 -23.08 1.02 53.78
N GLY D 101 -24.09 1.69 54.36
CA GLY D 101 -24.22 1.83 55.81
C GLY D 101 -23.15 2.71 56.45
N GLU D 102 -23.14 2.71 57.78
CA GLU D 102 -22.26 3.61 58.55
C GLU D 102 -20.80 3.30 58.36
N VAL D 103 -19.97 4.28 58.71
CA VAL D 103 -18.53 4.20 58.64
C VAL D 103 -18.05 4.14 60.08
N ASN D 104 -17.55 2.98 60.50
CA ASN D 104 -17.13 2.81 61.90
C ASN D 104 -15.68 3.23 62.08
N ALA D 105 -15.48 4.55 62.10
CA ALA D 105 -14.17 5.15 62.24
C ALA D 105 -13.97 5.60 63.65
N GLU D 106 -12.78 5.34 64.18
CA GLU D 106 -12.50 5.70 65.58
C GLU D 106 -12.46 7.21 65.78
N GLU D 107 -11.95 7.96 64.80
CA GLU D 107 -11.80 9.42 64.96
C GLU D 107 -12.49 10.21 63.87
N ARG D 108 -12.75 11.47 64.18
CA ARG D 108 -13.35 12.41 63.20
C ARG D 108 -12.62 13.72 63.33
N HIS D 109 -11.90 14.14 62.29
CA HIS D 109 -11.04 15.32 62.33
C HIS D 109 -11.76 16.51 61.71
N PRO D 110 -11.44 17.74 62.16
CA PRO D 110 -12.00 18.92 61.53
C PRO D 110 -11.26 19.22 60.23
N ILE D 111 -12.00 19.65 59.20
CA ILE D 111 -11.42 19.88 57.85
C ILE D 111 -10.55 21.14 57.71
N HIS D 112 -10.65 22.07 58.66
CA HIS D 112 -9.80 23.26 58.73
C HIS D 112 -8.67 23.06 59.73
N ARG D 113 -7.49 23.57 59.42
CA ARG D 113 -6.27 23.11 60.05
C ARG D 113 -5.06 23.95 59.55
N PRO D 114 -4.15 24.34 60.46
CA PRO D 114 -2.94 25.02 59.97
C PRO D 114 -1.99 24.12 59.17
N ALA D 115 -1.13 24.77 58.38
CA ALA D 115 -0.20 24.04 57.52
C ALA D 115 0.94 23.47 58.36
N PRO D 116 1.56 22.37 57.93
CA PRO D 116 2.81 21.86 58.50
C PRO D 116 3.88 22.93 58.67
N GLU D 117 4.68 22.81 59.72
CA GLU D 117 5.78 23.74 60.03
C GLU D 117 6.88 23.62 58.99
N PHE D 118 7.70 24.65 58.87
CA PHE D 118 8.89 24.62 58.00
C PHE D 118 9.83 23.46 58.33
N GLU D 119 9.98 23.18 59.61
CA GLU D 119 10.88 22.13 60.12
C GLU D 119 10.46 20.74 59.62
N GLU D 120 9.17 20.52 59.42
CA GLU D 120 8.63 19.23 58.97
C GLU D 120 8.86 18.87 57.50
N LEU D 121 9.31 19.80 56.68
CA LEU D 121 9.32 19.64 55.20
C LEU D 121 10.72 19.26 54.72
N SER D 122 10.81 18.29 53.81
CA SER D 122 11.99 18.10 52.93
C SER D 122 11.74 18.51 51.47
N THR D 123 12.57 18.04 50.54
CA THR D 123 12.27 18.07 49.06
C THR D 123 12.19 16.68 48.43
N ALA D 124 11.38 16.54 47.36
CA ALA D 124 11.28 15.24 46.65
C ALA D 124 12.22 15.07 45.44
N ASP D 125 13.27 14.25 45.55
CA ASP D 125 14.36 14.24 44.56
C ASP D 125 14.41 12.95 43.79
N GLU D 126 13.42 12.05 43.88
CA GLU D 126 13.50 10.75 43.28
C GLU D 126 12.40 10.56 42.22
N ILE D 127 12.79 10.21 41.01
CA ILE D 127 11.87 10.14 39.88
C ILE D 127 10.74 9.12 40.05
N LEU D 128 9.53 9.52 39.66
CA LEU D 128 8.39 8.60 39.51
C LEU D 128 8.15 8.36 38.02
N GLU D 129 8.41 7.13 37.59
CA GLU D 129 8.15 6.70 36.21
C GLU D 129 6.63 6.62 36.03
N THR D 130 6.13 7.34 35.03
CA THR D 130 4.70 7.34 34.69
C THR D 130 4.39 6.39 33.52
N GLY D 131 5.40 6.08 32.70
CA GLY D 131 5.18 5.35 31.47
C GLY D 131 4.70 6.22 30.30
N ILE D 132 4.60 7.54 30.51
CA ILE D 132 4.14 8.47 29.49
C ILE D 132 5.35 9.27 28.98
N LYS D 133 5.62 9.16 27.68
CA LYS D 133 6.89 9.61 27.11
C LYS D 133 7.19 11.08 27.36
N VAL D 134 6.22 11.93 27.05
CA VAL D 134 6.42 13.38 27.15
C VAL D 134 6.77 13.81 28.58
N ILE D 135 6.10 13.22 29.56
CA ILE D 135 6.31 13.57 30.96
C ILE D 135 7.67 13.05 31.43
N ASP D 136 7.89 11.75 31.30
CA ASP D 136 9.13 11.11 31.76
C ASP D 136 10.37 11.79 31.20
N LEU D 137 10.32 12.17 29.92
CA LEU D 137 11.47 12.77 29.27
C LEU D 137 11.69 14.23 29.68
N LEU D 138 10.67 15.07 29.48
CA LEU D 138 10.83 16.55 29.49
C LEU D 138 10.43 17.26 30.79
N ALA D 139 9.52 16.67 31.55
CA ALA D 139 9.03 17.28 32.77
C ALA D 139 8.65 16.19 33.77
N PRO D 140 9.63 15.38 34.20
CA PRO D 140 9.34 14.18 35.00
C PRO D 140 8.76 14.48 36.37
N TYR D 141 7.88 13.60 36.84
CA TYR D 141 7.28 13.73 38.17
C TYR D 141 8.22 13.15 39.20
N ALA D 142 8.23 13.73 40.40
CA ALA D 142 9.06 13.26 41.51
C ALA D 142 8.17 12.64 42.59
N LYS D 143 8.63 11.54 43.20
CA LYS D 143 7.86 10.84 44.26
C LYS D 143 7.75 11.73 45.46
N GLY D 144 6.57 11.79 46.04
CA GLY D 144 6.34 12.75 47.16
C GLY D 144 6.29 14.19 46.77
N GLY D 145 6.20 14.49 45.46
CA GLY D 145 6.11 15.88 44.99
C GLY D 145 4.70 16.31 44.67
N LYS D 146 4.60 17.55 44.22
CA LYS D 146 3.31 18.12 43.81
C LYS D 146 3.35 18.39 42.34
N ILE D 147 2.32 17.90 41.66
CA ILE D 147 2.35 17.75 40.23
C ILE D 147 1.06 18.40 39.72
N GLY D 148 1.19 19.30 38.75
CA GLY D 148 0.02 19.97 38.22
C GLY D 148 -0.26 19.64 36.81
N LEU D 149 -1.52 19.31 36.52
CA LEU D 149 -2.01 19.12 35.14
C LEU D 149 -2.83 20.36 34.73
N PHE D 150 -2.22 21.26 33.98
CA PHE D 150 -2.89 22.47 33.50
C PHE D 150 -3.52 22.22 32.12
N GLY D 151 -4.75 22.67 31.93
CA GLY D 151 -5.31 22.71 30.59
C GLY D 151 -6.58 23.50 30.50
N GLY D 152 -6.87 23.99 29.30
CA GLY D 152 -8.18 24.53 28.96
C GLY D 152 -9.25 23.48 28.87
N ALA D 153 -10.45 23.86 28.47
CA ALA D 153 -11.57 22.92 28.44
C ALA D 153 -11.44 21.94 27.27
N GLY D 154 -11.53 20.65 27.55
CA GLY D 154 -11.50 19.61 26.53
C GLY D 154 -10.17 19.23 25.90
N VAL D 155 -9.07 19.46 26.63
CA VAL D 155 -7.72 19.15 26.14
C VAL D 155 -7.10 17.84 26.69
N GLY D 156 -7.73 17.27 27.73
CA GLY D 156 -7.29 15.96 28.26
C GLY D 156 -6.77 15.87 29.67
N LYS D 157 -7.22 16.77 30.54
CA LYS D 157 -6.84 16.74 31.97
C LYS D 157 -7.33 15.46 32.65
N THR D 158 -8.65 15.24 32.60
CA THR D 158 -9.26 14.07 33.24
C THR D 158 -8.79 12.74 32.61
N VAL D 159 -8.64 12.69 31.28
CA VAL D 159 -8.09 11.49 30.63
C VAL D 159 -6.67 11.22 31.15
N LEU D 160 -5.86 12.27 31.25
CA LEU D 160 -4.50 12.15 31.77
C LEU D 160 -4.46 11.76 33.23
N ILE D 161 -5.37 12.30 34.04
CA ILE D 161 -5.38 11.97 35.47
C ILE D 161 -5.79 10.51 35.67
N GLN D 162 -6.69 10.00 34.83
CA GLN D 162 -7.07 8.58 34.86
C GLN D 162 -5.97 7.65 34.37
N GLU D 163 -5.24 8.06 33.35
CA GLU D 163 -4.13 7.28 32.84
C GLU D 163 -3.00 7.19 33.87
N LEU D 164 -2.81 8.25 34.66
CA LEU D 164 -1.85 8.21 35.75
C LEU D 164 -2.31 7.27 36.87
N ILE D 165 -3.60 7.31 37.19
CA ILE D 165 -4.20 6.36 38.12
C ILE D 165 -4.01 4.92 37.62
N ASN D 166 -4.24 4.70 36.33
CA ASN D 166 -4.01 3.40 35.75
C ASN D 166 -2.53 2.99 35.83
N ASN D 167 -1.63 3.83 35.35
CA ASN D 167 -0.21 3.47 35.24
C ASN D 167 0.57 3.43 36.55
N VAL D 168 0.20 4.25 37.54
CA VAL D 168 0.98 4.35 38.79
C VAL D 168 0.28 3.71 40.00
N ALA D 169 -1.03 3.94 40.15
CA ALA D 169 -1.74 3.55 41.38
C ALA D 169 -1.97 2.04 41.48
N GLN D 170 -2.31 1.36 40.38
CA GLN D 170 -2.51 -0.10 40.35
C GLN D 170 -1.39 -0.96 40.96
N GLU D 171 -0.15 -0.55 40.72
CA GLU D 171 1.03 -1.12 41.36
C GLU D 171 1.66 -0.22 42.45
N HIS D 172 0.82 0.48 43.23
CA HIS D 172 1.30 1.36 44.32
C HIS D 172 1.26 0.63 45.67
N GLY D 173 2.31 0.78 46.46
CA GLY D 173 2.45 0.09 47.75
C GLY D 173 1.63 0.66 48.89
N GLY D 174 1.23 1.91 48.77
CA GLY D 174 0.59 2.66 49.86
C GLY D 174 -0.89 2.88 49.57
N LEU D 175 -1.43 3.94 50.20
CA LEU D 175 -2.85 4.26 50.08
C LEU D 175 -3.10 5.40 49.13
N SER D 176 -4.36 5.67 48.81
CA SER D 176 -4.76 6.77 47.92
C SER D 176 -6.00 7.51 48.38
N VAL D 177 -6.13 8.76 47.94
CA VAL D 177 -7.36 9.51 48.07
C VAL D 177 -7.68 10.18 46.74
N PHE D 178 -8.92 10.06 46.29
CA PHE D 178 -9.43 10.79 45.15
C PHE D 178 -10.45 11.83 45.59
N ALA D 179 -10.15 13.11 45.32
CA ALA D 179 -11.08 14.21 45.58
C ALA D 179 -11.62 14.77 44.28
N GLY D 180 -12.89 14.54 44.02
CA GLY D 180 -13.57 15.08 42.82
C GLY D 180 -14.20 16.40 43.16
N VAL D 181 -13.51 17.47 42.83
CA VAL D 181 -13.92 18.82 43.16
C VAL D 181 -14.52 19.47 41.93
N GLY D 182 -15.83 19.63 41.94
CA GLY D 182 -16.53 20.41 40.93
C GLY D 182 -16.43 19.98 39.49
N GLU D 183 -16.28 18.68 39.21
CA GLU D 183 -16.21 18.19 37.83
C GLU D 183 -17.42 17.28 37.55
N ARG D 184 -17.38 16.46 36.49
CA ARG D 184 -18.59 15.84 35.97
C ARG D 184 -18.95 14.60 36.79
N THR D 185 -20.19 14.57 37.29
CA THR D 185 -20.67 13.41 38.02
C THR D 185 -20.54 12.12 37.21
N ARG D 186 -20.85 12.20 35.91
CA ARG D 186 -20.63 11.09 34.98
C ARG D 186 -19.22 10.48 35.08
N GLU D 187 -18.19 11.32 35.16
CA GLU D 187 -16.81 10.84 35.23
C GLU D 187 -16.40 10.25 36.57
N GLY D 188 -17.05 10.71 37.63
CA GLY D 188 -16.88 10.11 38.98
C GLY D 188 -17.45 8.69 38.99
N ASN D 189 -18.64 8.54 38.44
CA ASN D 189 -19.30 7.25 38.29
C ASN D 189 -18.48 6.26 37.48
N ASP D 190 -17.86 6.71 36.40
CA ASP D 190 -17.01 5.86 35.57
C ASP D 190 -15.76 5.46 36.36
N LEU D 191 -15.15 6.42 37.06
CA LEU D 191 -13.95 6.16 37.83
C LEU D 191 -14.18 5.22 39.02
N TYR D 192 -15.37 5.30 39.63
CA TYR D 192 -15.75 4.39 40.71
C TYR D 192 -15.76 2.96 40.19
N HIS D 193 -16.57 2.70 39.15
CA HIS D 193 -16.68 1.38 38.55
C HIS D 193 -15.34 0.90 37.99
N GLU D 194 -14.54 1.81 37.40
CA GLU D 194 -13.21 1.46 36.87
C GLU D 194 -12.29 0.94 37.98
N MET D 195 -12.35 1.60 39.13
CA MET D 195 -11.54 1.20 40.29
C MET D 195 -12.06 -0.04 40.99
N LYS D 196 -13.38 -0.21 41.01
CA LYS D 196 -14.02 -1.41 41.56
C LYS D 196 -13.61 -2.67 40.78
N ASP D 197 -13.60 -2.58 39.45
CA ASP D 197 -13.22 -3.71 38.57
C ASP D 197 -11.74 -4.08 38.68
N SER D 198 -10.86 -3.09 38.69
CA SER D 198 -9.42 -3.35 38.87
C SER D 198 -9.06 -3.70 40.32
N GLY D 199 -9.97 -3.46 41.26
CA GLY D 199 -9.73 -3.79 42.65
C GLY D 199 -8.94 -2.77 43.46
N VAL D 200 -8.48 -1.70 42.82
CA VAL D 200 -7.75 -0.61 43.50
C VAL D 200 -8.65 0.12 44.52
N ILE D 201 -9.97 0.08 44.33
CA ILE D 201 -10.94 0.72 45.22
C ILE D 201 -10.68 0.50 46.72
N SER D 202 -10.33 -0.72 47.11
CA SER D 202 -10.09 -1.04 48.51
C SER D 202 -8.85 -0.34 49.11
N LYS D 203 -7.92 0.11 48.26
CA LYS D 203 -6.78 0.94 48.70
C LYS D 203 -7.01 2.45 48.64
N THR D 204 -8.25 2.90 48.39
CA THR D 204 -8.53 4.30 48.03
C THR D 204 -9.79 4.85 48.74
N SER D 205 -9.68 6.02 49.37
CA SER D 205 -10.87 6.77 49.85
C SER D 205 -11.30 7.72 48.76
N MET D 206 -12.61 7.89 48.55
CA MET D 206 -13.11 8.79 47.51
C MET D 206 -14.06 9.85 48.09
N VAL D 207 -13.91 11.10 47.63
CA VAL D 207 -14.76 12.21 48.03
C VAL D 207 -15.27 12.96 46.80
N PHE D 208 -16.58 13.16 46.69
CA PHE D 208 -17.18 13.89 45.58
C PHE D 208 -18.00 15.09 46.00
N GLY D 209 -17.61 16.27 45.52
CA GLY D 209 -18.44 17.48 45.59
C GLY D 209 -18.51 18.07 44.23
N GLN D 210 -19.32 17.54 43.32
CA GLN D 210 -19.17 17.82 41.88
C GLN D 210 -19.81 19.12 41.38
N MET D 211 -19.65 19.40 40.08
CA MET D 211 -20.08 20.64 39.45
C MET D 211 -21.58 20.94 39.57
N ASN D 212 -22.41 19.95 39.89
CA ASN D 212 -23.83 20.20 40.18
C ASN D 212 -24.14 20.80 41.55
N GLU D 213 -23.17 20.76 42.47
CA GLU D 213 -23.43 21.13 43.86
C GLU D 213 -23.31 22.66 43.99
N PRO D 214 -23.96 23.26 45.00
CA PRO D 214 -23.76 24.68 45.28
C PRO D 214 -22.30 25.03 45.65
N PRO D 215 -21.96 26.33 45.64
CA PRO D 215 -20.58 26.77 45.81
C PRO D 215 -19.91 26.30 47.10
N GLY D 216 -20.62 26.39 48.21
CA GLY D 216 -20.12 25.93 49.50
C GLY D 216 -19.52 24.55 49.45
N ALA D 217 -20.25 23.62 48.84
CA ALA D 217 -19.79 22.23 48.70
C ALA D 217 -18.48 22.14 47.93
N ARG D 218 -18.43 22.80 46.77
CA ARG D 218 -17.23 22.81 45.93
C ARG D 218 -16.05 23.53 46.57
N LEU D 219 -16.33 24.50 47.44
CA LEU D 219 -15.29 25.25 48.16
C LEU D 219 -14.56 24.39 49.19
N ARG D 220 -15.30 23.46 49.82
CA ARG D 220 -14.80 22.74 50.99
C ARG D 220 -14.49 21.25 50.77
N VAL D 221 -15.03 20.67 49.72
CA VAL D 221 -14.86 19.23 49.48
C VAL D 221 -13.41 18.77 49.40
N ALA D 222 -12.54 19.59 48.84
CA ALA D 222 -11.11 19.26 48.72
C ALA D 222 -10.47 19.07 50.09
N LEU D 223 -10.91 19.88 51.07
CA LEU D 223 -10.38 19.81 52.42
C LEU D 223 -10.77 18.48 53.08
N THR D 224 -11.99 18.03 52.81
CA THR D 224 -12.49 16.75 53.31
C THR D 224 -11.58 15.61 52.84
N GLY D 225 -11.32 15.55 51.53
CA GLY D 225 -10.39 14.58 50.97
C GLY D 225 -9.00 14.69 51.56
N LEU D 226 -8.49 15.92 51.64
CA LEU D 226 -7.14 16.13 52.14
C LEU D 226 -6.98 15.81 53.62
N THR D 227 -8.05 15.96 54.41
CA THR D 227 -8.05 15.58 55.81
C THR D 227 -7.89 14.09 56.01
N MET D 228 -8.47 13.30 55.11
CA MET D 228 -8.31 11.84 55.13
C MET D 228 -6.87 11.44 54.78
N ALA D 229 -6.28 12.13 53.81
CA ALA D 229 -4.90 11.89 53.38
C ALA D 229 -3.90 12.28 54.45
N GLU D 230 -4.20 13.35 55.18
CA GLU D 230 -3.35 13.80 56.27
C GLU D 230 -3.21 12.75 57.37
N TYR D 231 -4.29 12.05 57.66
CA TYR D 231 -4.26 10.94 58.62
C TYR D 231 -3.26 9.88 58.16
N PHE D 232 -3.43 9.39 56.94
CA PHE D 232 -2.58 8.32 56.44
C PHE D 232 -1.08 8.68 56.39
N ARG D 233 -0.79 9.97 56.17
CA ARG D 233 0.58 10.46 56.20
C ARG D 233 1.05 10.52 57.64
N ASP D 234 0.36 11.31 58.46
CA ASP D 234 0.87 11.69 59.78
C ASP D 234 0.75 10.57 60.80
N ARG D 235 -0.38 9.86 60.80
CA ARG D 235 -0.61 8.83 61.81
C ARG D 235 -0.52 7.37 61.35
N GLU D 236 -0.16 7.11 60.08
CA GLU D 236 0.30 5.78 59.67
C GLU D 236 1.59 5.81 58.86
N GLY D 237 2.32 6.93 58.90
CA GLY D 237 3.61 7.09 58.21
C GLY D 237 3.71 6.64 56.76
N GLN D 238 2.60 6.71 56.00
CA GLN D 238 2.50 6.04 54.72
C GLN D 238 2.83 6.91 53.52
N ASP D 239 3.07 6.26 52.38
CA ASP D 239 3.10 6.85 51.05
C ASP D 239 1.67 6.98 50.55
N VAL D 240 1.22 8.21 50.38
CA VAL D 240 -0.15 8.46 49.92
C VAL D 240 -0.11 9.03 48.52
N LEU D 241 -1.09 8.67 47.71
CA LEU D 241 -1.39 9.35 46.44
C LEU D 241 -2.63 10.20 46.63
N LEU D 242 -2.53 11.50 46.37
CA LEU D 242 -3.70 12.38 46.46
C LEU D 242 -3.95 12.88 45.05
N PHE D 243 -5.11 12.49 44.48
CA PHE D 243 -5.55 12.98 43.18
C PHE D 243 -6.64 14.00 43.43
N ILE D 244 -6.54 15.17 42.80
CA ILE D 244 -7.60 16.16 42.87
C ILE D 244 -7.96 16.58 41.45
N ASP D 245 -9.23 16.43 41.08
CA ASP D 245 -9.74 16.86 39.79
C ASP D 245 -11.07 17.53 40.04
N ASN D 246 -11.17 18.86 40.10
CA ASN D 246 -10.21 19.86 39.67
C ASN D 246 -10.06 20.98 40.72
N ILE D 247 -8.81 21.32 41.04
CA ILE D 247 -8.50 22.30 42.07
C ILE D 247 -8.90 23.74 41.73
N PHE D 248 -9.08 24.03 40.43
CA PHE D 248 -9.62 25.32 40.02
C PHE D 248 -11.00 25.54 40.61
N ARG D 249 -11.81 24.48 40.68
CA ARG D 249 -13.20 24.61 41.10
C ARG D 249 -13.35 25.01 42.57
N PHE D 250 -12.31 24.71 43.37
CA PHE D 250 -12.20 25.27 44.71
C PHE D 250 -12.05 26.81 44.67
N THR D 251 -11.13 27.29 43.84
CA THR D 251 -10.90 28.73 43.70
C THR D 251 -12.12 29.44 43.10
N GLN D 252 -12.81 28.76 42.17
CA GLN D 252 -13.96 29.30 41.49
C GLN D 252 -15.13 29.44 42.45
N ALA D 253 -15.36 28.43 43.27
CA ALA D 253 -16.37 28.50 44.32
C ALA D 253 -16.09 29.64 45.31
N GLY D 254 -14.81 29.86 45.61
CA GLY D 254 -14.42 30.97 46.43
C GLY D 254 -14.86 32.34 45.84
N SER D 255 -14.65 32.49 44.53
CA SER D 255 -15.05 33.71 43.84
C SER D 255 -16.60 33.84 43.74
N GLU D 256 -17.31 32.72 43.65
CA GLU D 256 -18.78 32.74 43.66
C GLU D 256 -19.35 33.29 44.98
N VAL D 257 -18.80 32.84 46.10
CA VAL D 257 -19.26 33.32 47.40
C VAL D 257 -18.83 34.77 47.69
N SER D 258 -17.62 35.13 47.25
CA SER D 258 -16.97 36.40 47.54
C SER D 258 -17.80 37.66 47.45
N ALA D 259 -18.51 37.79 46.35
CA ALA D 259 -19.39 38.99 46.16
C ALA D 259 -20.47 39.08 47.26
N LEU D 260 -21.08 37.94 47.59
CA LEU D 260 -22.14 37.91 48.61
C LEU D 260 -21.60 37.99 50.03
N LEU D 261 -20.37 37.56 50.26
CA LEU D 261 -19.70 37.80 51.54
C LEU D 261 -19.24 39.26 51.72
N GLY D 262 -19.36 40.07 50.67
CA GLY D 262 -19.14 41.51 50.73
C GLY D 262 -17.78 41.97 50.37
N ARG D 263 -16.93 41.08 49.88
CA ARG D 263 -15.52 41.43 49.58
C ARG D 263 -15.51 42.18 48.27
N MET D 264 -14.68 43.21 48.16
CA MET D 264 -14.56 43.97 46.89
C MET D 264 -13.78 43.12 45.92
N PRO D 265 -14.29 42.93 44.71
CA PRO D 265 -13.59 42.02 43.77
C PRO D 265 -12.24 42.55 43.28
N SER D 266 -11.38 41.60 42.92
CA SER D 266 -10.02 41.84 42.47
C SER D 266 -10.03 41.71 40.93
N ALA D 267 -8.84 41.66 40.34
CA ALA D 267 -8.69 41.52 38.89
C ALA D 267 -9.37 40.26 38.36
N VAL D 268 -10.04 40.44 37.21
CA VAL D 268 -10.76 39.38 36.49
C VAL D 268 -11.93 38.80 37.31
N GLY D 269 -12.43 39.61 38.26
CA GLY D 269 -13.60 39.21 39.05
C GLY D 269 -13.34 38.23 40.16
N TYR D 270 -12.07 37.85 40.40
CA TYR D 270 -11.76 36.92 41.46
C TYR D 270 -11.83 37.60 42.82
N GLN D 271 -11.95 36.79 43.86
CA GLN D 271 -11.85 37.27 45.22
C GLN D 271 -10.51 37.90 45.50
N PRO D 272 -10.49 38.94 46.36
CA PRO D 272 -9.19 39.57 46.70
C PRO D 272 -8.27 38.67 47.51
N THR D 273 -8.85 37.65 48.17
CA THR D 273 -8.09 36.68 48.97
C THR D 273 -7.71 35.42 48.19
N LEU D 274 -7.63 35.52 46.85
CA LEU D 274 -7.35 34.38 45.98
C LEU D 274 -6.07 33.62 46.35
N ALA D 275 -4.98 34.36 46.49
CA ALA D 275 -3.66 33.80 46.73
C ALA D 275 -3.55 33.12 48.11
N THR D 276 -4.03 33.78 49.15
CA THR D 276 -3.93 33.26 50.51
C THR D 276 -4.86 32.07 50.73
N GLU D 277 -6.10 32.16 50.22
CA GLU D 277 -7.03 31.02 50.28
C GLU D 277 -6.43 29.76 49.66
N MET D 278 -5.73 29.94 48.53
CA MET D 278 -5.05 28.85 47.84
C MET D 278 -3.88 28.32 48.64
N GLY D 279 -3.07 29.21 49.21
CA GLY D 279 -1.93 28.81 50.02
C GLY D 279 -2.30 28.00 51.25
N GLN D 280 -3.41 28.38 51.87
CA GLN D 280 -3.90 27.68 53.07
C GLN D 280 -4.36 26.27 52.79
N LEU D 281 -4.80 26.01 51.57
CA LEU D 281 -5.19 24.66 51.14
C LEU D 281 -3.95 23.92 50.69
N GLN D 282 -3.19 24.55 49.79
CA GLN D 282 -2.11 23.89 49.11
C GLN D 282 -0.95 23.49 50.03
N GLU D 283 -0.60 24.34 51.00
CA GLU D 283 0.53 24.03 51.87
C GLU D 283 0.35 22.79 52.75
N ARG D 284 -0.90 22.44 53.04
CA ARG D 284 -1.25 21.19 53.70
C ARG D 284 -1.02 19.97 52.81
N ILE D 285 -1.19 20.13 51.50
CA ILE D 285 -0.87 19.05 50.54
C ILE D 285 0.64 19.02 50.34
N THR D 286 1.32 18.14 51.08
CA THR D 286 2.80 18.11 51.06
C THR D 286 3.33 16.82 51.69
N SER D 287 4.61 16.53 51.47
CA SER D 287 5.31 15.45 52.18
C SER D 287 6.00 16.03 53.42
N THR D 288 5.77 15.37 54.56
CA THR D 288 6.44 15.75 55.82
C THR D 288 7.48 14.67 56.12
N LYS D 289 8.15 14.82 57.26
CA LYS D 289 9.08 13.80 57.74
C LYS D 289 8.36 12.50 58.15
N LYS D 290 7.16 12.62 58.66
CA LYS D 290 6.34 11.46 59.12
C LYS D 290 5.85 10.57 57.97
N GLY D 291 5.53 11.18 56.83
CA GLY D 291 5.15 10.40 55.64
C GLY D 291 5.13 11.30 54.40
N SER D 292 4.76 10.68 53.29
CA SER D 292 4.90 11.31 51.97
C SER D 292 3.58 11.24 51.20
N ILE D 293 3.23 12.39 50.61
CA ILE D 293 2.06 12.53 49.73
C ILE D 293 2.59 12.92 48.34
N THR D 294 2.37 12.04 47.36
CA THR D 294 2.53 12.37 45.95
C THR D 294 1.17 12.83 45.40
N SER D 295 1.07 14.12 45.13
CA SER D 295 -0.22 14.73 44.78
C SER D 295 -0.23 15.15 43.32
N ILE D 296 -1.30 14.78 42.64
CA ILE D 296 -1.45 15.04 41.22
C ILE D 296 -2.76 15.77 41.05
N GLN D 297 -2.67 17.06 40.71
CA GLN D 297 -3.85 17.92 40.70
C GLN D 297 -4.13 18.44 39.31
N ALA D 298 -5.35 18.20 38.81
CA ALA D 298 -5.81 18.76 37.56
C ALA D 298 -6.18 20.22 37.83
N ILE D 299 -5.75 21.10 36.91
CA ILE D 299 -5.90 22.55 37.07
C ILE D 299 -6.48 23.17 35.79
N TYR D 300 -7.72 23.62 35.86
CA TYR D 300 -8.39 24.24 34.71
C TYR D 300 -7.81 25.61 34.44
N VAL D 301 -7.72 25.94 33.15
CA VAL D 301 -7.21 27.24 32.67
C VAL D 301 -8.38 27.93 31.94
N PRO D 302 -9.01 28.93 32.60
CA PRO D 302 -10.15 29.63 31.97
C PRO D 302 -9.76 30.34 30.67
N ALA D 303 -10.61 30.17 29.66
CA ALA D 303 -10.41 30.81 28.36
C ALA D 303 -9.06 30.51 27.71
N ASP D 304 -8.48 29.35 28.02
CA ASP D 304 -7.14 28.95 27.55
C ASP D 304 -6.02 29.94 27.89
N ASP D 305 -6.24 30.77 28.91
CA ASP D 305 -5.33 31.86 29.25
C ASP D 305 -4.51 31.48 30.48
N TYR D 306 -3.26 31.09 30.28
CA TYR D 306 -2.38 30.72 31.41
C TYR D 306 -2.00 31.89 32.31
N THR D 307 -2.26 33.13 31.88
CA THR D 307 -2.01 34.31 32.71
C THR D 307 -3.21 34.68 33.59
N ASP D 308 -4.32 33.95 33.48
CA ASP D 308 -5.49 34.18 34.33
C ASP D 308 -5.07 34.02 35.80
N PRO D 309 -5.57 34.88 36.70
CA PRO D 309 -5.11 34.80 38.09
C PRO D 309 -5.17 33.42 38.76
N ALA D 310 -6.15 32.59 38.40
CA ALA D 310 -6.29 31.27 39.04
C ALA D 310 -5.11 30.35 38.73
N PRO D 311 -4.91 29.99 37.44
CA PRO D 311 -3.76 29.14 37.15
C PRO D 311 -2.42 29.80 37.43
N ALA D 312 -2.32 31.12 37.21
CA ALA D 312 -1.07 31.84 37.44
C ALA D 312 -0.59 31.70 38.88
N THR D 313 -1.51 31.82 39.82
CA THR D 313 -1.17 31.66 41.24
C THR D 313 -0.89 30.20 41.62
N THR D 314 -1.53 29.26 40.92
CA THR D 314 -1.37 27.84 41.19
C THR D 314 0.05 27.32 40.89
N PHE D 315 0.74 27.90 39.88
CA PHE D 315 2.11 27.49 39.53
C PHE D 315 3.15 27.48 40.68
N ALA D 316 2.99 28.43 41.60
CA ALA D 316 3.93 28.53 42.72
C ALA D 316 3.93 27.30 43.61
N HIS D 317 2.87 26.46 43.54
CA HIS D 317 2.73 25.33 44.45
C HIS D 317 3.17 23.98 43.87
N LEU D 318 4.02 23.97 42.87
CA LEU D 318 4.22 22.72 42.06
C LEU D 318 5.67 22.40 41.80
N ASP D 319 6.03 21.13 41.91
CA ASP D 319 7.39 20.63 41.62
C ASP D 319 7.55 20.10 40.18
N ALA D 320 6.41 19.79 39.56
CA ALA D 320 6.39 19.52 38.13
C ALA D 320 5.05 19.96 37.56
N THR D 321 5.07 20.32 36.27
CA THR D 321 3.85 20.74 35.58
C THR D 321 3.73 20.03 34.23
N THR D 322 2.49 19.77 33.86
CA THR D 322 2.18 19.24 32.54
C THR D 322 1.16 20.20 31.97
N ASN D 323 1.60 21.00 31.00
CA ASN D 323 0.78 22.06 30.41
C ASN D 323 0.13 21.60 29.13
N LEU D 324 -1.16 21.35 29.18
CA LEU D 324 -1.91 20.92 28.00
C LEU D 324 -2.31 22.14 27.19
N GLU D 325 -2.09 22.08 25.88
CA GLU D 325 -2.44 23.16 24.96
C GLU D 325 -3.39 22.68 23.88
N ARG D 326 -4.45 23.44 23.63
CA ARG D 326 -5.44 23.12 22.59
C ARG D 326 -4.86 23.02 21.18
N LYS D 327 -3.86 23.81 20.86
CA LYS D 327 -3.22 23.75 19.51
C LYS D 327 -2.77 22.33 19.17
N LEU D 328 -2.14 21.68 20.15
CA LEU D 328 -1.66 20.30 19.98
C LEU D 328 -2.83 19.31 19.88
N ALA D 329 -3.84 19.49 20.71
CA ALA D 329 -5.02 18.64 20.67
C ALA D 329 -5.69 18.72 19.29
N GLU D 330 -5.77 19.91 18.72
CA GLU D 330 -6.37 20.12 17.41
C GLU D 330 -5.57 19.45 16.28
N MET D 331 -4.25 19.33 16.44
CA MET D 331 -3.43 18.56 15.50
C MET D 331 -3.59 17.04 15.63
N GLY D 332 -4.18 16.56 16.72
CA GLY D 332 -4.29 15.14 17.00
C GLY D 332 -3.17 14.62 17.89
N ILE D 333 -2.31 15.48 18.41
CA ILE D 333 -1.25 15.10 19.35
C ILE D 333 -1.84 14.94 20.76
N TYR D 334 -2.06 13.69 21.17
CA TYR D 334 -2.50 13.36 22.52
C TYR D 334 -1.44 12.45 23.20
N PRO D 335 -1.13 12.65 24.49
CA PRO D 335 -1.62 13.75 25.30
C PRO D 335 -1.09 15.10 24.79
N ALA D 336 -1.88 16.16 24.96
CA ALA D 336 -1.63 17.46 24.31
C ALA D 336 -0.63 18.36 25.04
N VAL D 337 0.53 17.81 25.34
CA VAL D 337 1.48 18.37 26.30
C VAL D 337 2.44 19.28 25.58
N ASP D 338 2.43 20.55 25.99
CA ASP D 338 3.35 21.57 25.53
C ASP D 338 4.74 21.16 26.00
N PRO D 339 5.60 20.71 25.05
CA PRO D 339 6.91 20.20 25.44
C PRO D 339 7.93 21.27 25.82
N LEU D 340 7.57 22.54 25.67
CA LEU D 340 8.44 23.66 26.11
C LEU D 340 7.93 24.31 27.41
N ALA D 341 6.62 24.48 27.55
CA ALA D 341 6.02 25.09 28.75
C ALA D 341 6.00 24.16 29.98
N SER D 342 5.93 22.85 29.76
CA SER D 342 5.97 21.86 30.85
C SER D 342 7.36 21.83 31.47
N THR D 343 7.42 21.63 32.79
CA THR D 343 8.65 21.77 33.54
C THR D 343 8.66 20.85 34.74
N SER D 344 9.88 20.60 35.22
CA SER D 344 10.07 19.81 36.42
C SER D 344 11.31 20.28 37.14
N ARG D 345 11.21 20.31 38.46
CA ARG D 345 12.33 20.65 39.32
C ARG D 345 13.48 19.65 39.23
N ILE D 346 13.15 18.40 38.91
CA ILE D 346 14.13 17.30 38.83
C ILE D 346 14.66 16.99 37.44
N LEU D 347 14.34 17.79 36.43
CA LEU D 347 14.98 17.62 35.10
C LEU D 347 16.37 18.21 35.18
N SER D 348 17.28 17.45 35.77
CA SER D 348 18.68 17.86 35.93
C SER D 348 19.58 16.64 35.85
N PRO D 349 20.84 16.82 35.42
CA PRO D 349 21.76 15.67 35.29
C PRO D 349 21.94 14.91 36.62
N ALA D 350 21.92 15.64 37.74
CA ALA D 350 22.00 15.05 39.08
C ALA D 350 20.98 13.95 39.37
N VAL D 351 19.78 14.03 38.80
CA VAL D 351 18.68 13.12 39.14
C VAL D 351 18.39 12.07 38.05
N VAL D 352 18.15 12.53 36.82
CA VAL D 352 17.86 11.64 35.69
C VAL D 352 19.13 11.19 34.96
N GLY D 353 20.31 11.59 35.38
CA GLY D 353 21.50 11.14 34.66
C GLY D 353 21.77 11.97 33.41
N GLU D 354 23.04 11.92 33.01
CA GLU D 354 23.62 12.88 32.07
C GLU D 354 23.03 12.75 30.66
N GLU D 355 22.76 11.52 30.23
CA GLU D 355 22.24 11.24 28.89
C GLU D 355 20.81 11.74 28.74
N HIS D 356 19.95 11.38 29.70
CA HIS D 356 18.56 11.81 29.74
C HIS D 356 18.48 13.34 29.55
N TYR D 357 19.22 14.08 30.37
CA TYR D 357 19.19 15.54 30.35
C TYR D 357 19.61 16.08 28.98
N ARG D 358 20.71 15.56 28.46
CA ARG D 358 21.24 15.97 27.15
C ARG D 358 20.21 15.76 26.04
N VAL D 359 19.52 14.61 26.07
CA VAL D 359 18.51 14.28 25.06
C VAL D 359 17.30 15.20 25.15
N ALA D 360 16.81 15.39 26.37
CA ALA D 360 15.64 16.23 26.61
C ALA D 360 15.87 17.67 26.16
N ARG D 361 17.05 18.22 26.47
CA ARG D 361 17.43 19.55 26.03
C ARG D 361 17.62 19.64 24.54
N GLY D 362 18.17 18.57 23.97
CA GLY D 362 18.26 18.41 22.51
C GLY D 362 16.91 18.47 21.84
N VAL D 363 15.95 17.72 22.37
CA VAL D 363 14.58 17.70 21.86
C VAL D 363 13.96 19.11 21.91
N GLN D 364 14.13 19.78 23.04
CA GLN D 364 13.55 21.10 23.23
C GLN D 364 14.18 22.15 22.30
N GLN D 365 15.49 22.03 22.06
CA GLN D 365 16.16 22.92 21.14
C GLN D 365 15.64 22.83 19.71
N VAL D 366 15.39 21.59 19.27
CA VAL D 366 14.89 21.32 17.94
C VAL D 366 13.45 21.83 17.80
N LEU D 367 12.63 21.57 18.81
CA LEU D 367 11.24 22.05 18.80
C LEU D 367 11.17 23.58 18.81
N GLN D 368 12.04 24.22 19.59
CA GLN D 368 12.05 25.68 19.69
C GLN D 368 12.41 26.32 18.35
N ARG D 369 13.40 25.73 17.69
CA ARG D 369 13.85 26.22 16.40
C ARG D 369 12.76 26.08 15.36
N TYR D 370 12.09 24.92 15.35
CA TYR D 370 10.93 24.68 14.46
C TYR D 370 9.86 25.70 14.70
N ASN D 371 9.57 25.98 15.98
CA ASN D 371 8.58 27.00 16.34
C ASN D 371 8.91 28.37 15.74
N ASP D 372 10.19 28.75 15.81
CA ASP D 372 10.63 30.03 15.26
C ASP D 372 10.44 30.10 13.74
N LEU D 373 10.66 29.00 13.04
CA LEU D 373 10.55 28.95 11.58
C LEU D 373 9.12 28.84 11.05
N GLN D 374 8.14 28.61 11.92
CA GLN D 374 6.74 28.38 11.49
C GLN D 374 6.14 29.57 10.74
N ASP D 375 6.50 30.74 11.19
CA ASP D 375 6.09 32.02 10.61
C ASP D 375 6.78 32.23 9.25
N ILE D 376 8.10 32.05 9.21
CA ILE D 376 8.88 32.22 8.00
C ILE D 376 8.43 31.22 6.93
N ILE D 377 8.19 29.97 7.32
CA ILE D 377 7.76 28.93 6.37
C ILE D 377 6.38 29.24 5.79
N ALA D 378 5.44 29.70 6.61
CA ALA D 378 4.08 30.00 6.15
C ALA D 378 3.99 31.01 5.03
N ILE D 379 4.93 31.97 4.99
CA ILE D 379 4.97 33.00 3.94
C ILE D 379 6.00 32.65 2.85
N LEU D 380 7.27 32.53 3.24
CA LEU D 380 8.37 32.32 2.26
C LEU D 380 8.57 30.88 1.76
N GLY D 381 7.95 29.91 2.42
CA GLY D 381 7.92 28.56 1.90
C GLY D 381 9.17 27.78 2.23
N MET D 382 9.02 26.45 2.16
CA MET D 382 9.98 25.52 2.76
C MET D 382 11.25 25.29 1.93
N ASP D 383 11.17 25.61 0.64
CA ASP D 383 12.33 25.45 -0.27
C ASP D 383 13.44 26.47 0.05
N GLU D 384 13.08 27.62 0.61
CA GLU D 384 14.02 28.70 0.85
C GLU D 384 14.79 28.56 2.17
N LEU D 385 14.50 27.52 2.99
CA LEU D 385 15.27 27.23 4.18
C LEU D 385 16.63 26.62 3.84
N SER D 386 17.61 26.83 4.72
CA SER D 386 18.90 26.18 4.59
C SER D 386 18.78 24.68 4.81
N ASP D 387 19.81 23.94 4.39
CA ASP D 387 19.80 22.49 4.55
C ASP D 387 19.77 22.07 6.01
N GLU D 388 20.42 22.87 6.86
CA GLU D 388 20.43 22.61 8.29
C GLU D 388 19.01 22.73 8.85
N ASP D 389 18.30 23.79 8.45
CA ASP D 389 16.93 24.04 8.95
C ASP D 389 15.90 23.04 8.46
N LYS D 390 15.97 22.67 7.17
CA LYS D 390 15.02 21.70 6.63
C LYS D 390 15.13 20.34 7.32
N LEU D 391 16.34 19.98 7.68
CA LEU D 391 16.59 18.77 8.49
C LEU D 391 16.05 18.88 9.89
N ILE D 392 16.18 20.05 10.50
CA ILE D 392 15.62 20.33 11.83
C ILE D 392 14.10 20.29 11.81
N VAL D 393 13.48 20.87 10.78
CA VAL D 393 12.03 20.82 10.66
C VAL D 393 11.55 19.36 10.49
N ALA D 394 12.26 18.57 9.67
CA ALA D 394 11.90 17.17 9.47
C ALA D 394 11.87 16.42 10.79
N ARG D 395 12.93 16.58 11.58
CA ARG D 395 13.07 15.88 12.84
C ARG D 395 12.11 16.39 13.89
N ALA D 396 11.92 17.72 13.92
CA ALA D 396 10.99 18.32 14.85
C ALA D 396 9.60 17.73 14.71
N ARG D 397 9.15 17.53 13.46
CA ARG D 397 7.83 16.98 13.19
C ARG D 397 7.72 15.50 13.59
N LYS D 398 8.82 14.77 13.45
CA LYS D 398 8.88 13.38 13.90
C LYS D 398 8.90 13.32 15.42
N ILE D 399 9.73 14.16 16.03
CA ILE D 399 9.78 14.30 17.48
C ILE D 399 8.40 14.64 18.04
N GLN D 400 7.75 15.66 17.46
CA GLN D 400 6.42 16.09 17.91
C GLN D 400 5.37 14.96 17.89
N ARG D 401 5.48 14.08 16.90
CA ARG D 401 4.60 12.91 16.78
C ARG D 401 4.97 11.78 17.72
N PHE D 402 6.26 11.57 17.94
CA PHE D 402 6.71 10.52 18.85
C PHE D 402 6.43 10.84 20.32
N LEU D 403 6.19 12.11 20.64
CA LEU D 403 5.71 12.52 21.97
C LEU D 403 4.23 12.14 22.20
N SER D 404 3.48 11.90 21.14
CA SER D 404 2.10 11.41 21.26
C SER D 404 2.15 9.93 21.58
N GLN D 405 1.06 9.42 22.15
CA GLN D 405 1.05 8.10 22.75
C GLN D 405 -0.39 7.66 23.02
N PRO D 406 -0.76 6.44 22.62
CA PRO D 406 -2.10 5.95 22.94
C PRO D 406 -2.21 5.57 24.42
N PHE D 407 -3.31 5.95 25.05
CA PHE D 407 -3.52 5.68 26.47
C PHE D 407 -4.41 4.47 26.66
N HIS D 408 -4.11 3.72 27.71
CA HIS D 408 -4.91 2.55 28.14
C HIS D 408 -6.35 2.96 28.40
N VAL D 409 -6.52 4.11 29.05
CA VAL D 409 -7.85 4.61 29.41
C VAL D 409 -8.61 5.20 28.19
N ALA D 410 -7.87 5.52 27.16
CA ALA D 410 -8.39 6.13 25.94
C ALA D 410 -8.62 5.14 24.82
N GLU D 411 -8.69 3.83 25.13
CA GLU D 411 -9.00 2.81 24.10
C GLU D 411 -10.31 3.08 23.36
N GLN D 412 -11.26 3.72 24.03
CA GLN D 412 -12.53 4.14 23.39
C GLN D 412 -12.35 5.26 22.36
N PHE D 413 -11.48 6.22 22.65
CA PHE D 413 -11.32 7.44 21.84
C PHE D 413 -10.29 7.22 20.72
N THR D 414 -9.09 6.76 21.06
CA THR D 414 -8.08 6.42 20.03
C THR D 414 -8.50 5.25 19.12
N GLY D 415 -9.26 4.30 19.67
CA GLY D 415 -9.49 3.03 18.98
C GLY D 415 -8.32 2.07 18.95
N MET D 416 -7.21 2.41 19.58
CA MET D 416 -6.00 1.55 19.60
C MET D 416 -5.74 1.16 21.05
N PRO D 417 -5.10 0.00 21.25
CA PRO D 417 -4.64 -0.36 22.61
C PRO D 417 -3.56 0.60 23.13
N GLY D 418 -3.59 0.85 24.42
CA GLY D 418 -2.65 1.72 25.10
C GLY D 418 -1.26 1.15 25.27
N LYS D 419 -0.30 2.01 25.60
CA LYS D 419 1.10 1.62 25.73
C LYS D 419 1.76 2.26 26.94
N TYR D 420 2.48 1.44 27.70
CA TYR D 420 3.36 1.92 28.78
C TYR D 420 4.79 1.89 28.22
N VAL D 421 5.49 3.03 28.26
CA VAL D 421 6.87 3.10 27.78
C VAL D 421 7.82 3.51 28.90
N PRO D 422 8.73 2.60 29.30
CA PRO D 422 9.67 2.94 30.37
C PRO D 422 10.66 4.04 29.95
N VAL D 423 11.21 4.73 30.95
CA VAL D 423 12.11 5.88 30.73
C VAL D 423 13.28 5.53 29.82
N LYS D 424 13.93 4.37 30.08
CA LYS D 424 15.10 3.94 29.28
C LYS D 424 14.82 3.92 27.78
N GLU D 425 13.62 3.47 27.44
CA GLU D 425 13.16 3.35 26.05
C GLU D 425 12.78 4.71 25.46
N THR D 426 12.13 5.56 26.26
CA THR D 426 11.80 6.92 25.86
C THR D 426 13.08 7.67 25.51
N VAL D 427 14.08 7.63 26.39
CA VAL D 427 15.34 8.31 26.15
C VAL D 427 16.00 7.77 24.87
N ARG D 428 16.05 6.45 24.74
CA ARG D 428 16.67 5.79 23.58
C ARG D 428 16.02 6.22 22.27
N GLY D 429 14.70 6.25 22.25
CA GLY D 429 13.95 6.59 21.04
C GLY D 429 14.23 8.00 20.55
N PHE D 430 14.09 8.97 21.45
CA PHE D 430 14.34 10.36 21.09
C PHE D 430 15.82 10.62 20.79
N LYS D 431 16.71 9.90 21.47
CA LYS D 431 18.14 10.00 21.14
C LYS D 431 18.40 9.64 19.68
N GLU D 432 17.80 8.54 19.25
CA GLU D 432 17.98 8.04 17.89
C GLU D 432 17.40 8.96 16.81
N ILE D 433 16.25 9.58 17.09
CA ILE D 433 15.64 10.53 16.14
C ILE D 433 16.56 11.74 15.98
N LEU D 434 17.07 12.28 17.09
CA LEU D 434 18.03 13.37 17.06
C LEU D 434 19.32 12.99 16.31
N GLU D 435 19.78 11.76 16.51
CA GLU D 435 20.99 11.26 15.83
C GLU D 435 20.84 11.04 14.32
N GLY D 436 19.61 10.94 13.82
CA GLY D 436 19.35 10.79 12.38
C GLY D 436 19.02 9.39 11.92
N LYS D 437 18.92 8.46 12.86
CA LYS D 437 18.75 7.03 12.53
C LYS D 437 17.43 6.72 11.87
N HIS D 438 16.44 7.61 11.99
CA HIS D 438 15.12 7.38 11.41
C HIS D 438 14.67 8.51 10.49
N ASP D 439 15.62 9.18 9.82
CA ASP D 439 15.26 10.29 8.93
C ASP D 439 14.46 9.87 7.68
N ASN D 440 14.45 8.59 7.33
CA ASN D 440 13.72 8.11 6.15
C ASN D 440 12.39 7.43 6.41
N LEU D 441 12.06 7.20 7.68
CA LEU D 441 10.70 6.76 8.03
C LEU D 441 9.71 7.91 7.83
N PRO D 442 8.52 7.62 7.29
CA PRO D 442 7.52 8.69 7.10
C PRO D 442 6.98 9.21 8.44
N GLU D 443 6.43 10.41 8.44
CA GLU D 443 6.01 11.07 9.68
C GLU D 443 4.95 10.29 10.44
N GLU D 444 3.95 9.76 9.72
CA GLU D 444 2.86 9.00 10.35
C GLU D 444 3.36 7.80 11.15
N ALA D 445 4.55 7.29 10.81
CA ALA D 445 5.15 6.16 11.53
C ALA D 445 5.35 6.41 13.02
N PHE D 446 5.66 7.66 13.38
CA PHE D 446 5.98 8.02 14.78
C PHE D 446 4.75 8.37 15.62
N TYR D 447 3.65 8.63 14.93
CA TYR D 447 2.41 9.05 15.54
C TYR D 447 1.71 7.87 16.21
N MET D 448 1.43 8.00 17.50
CA MET D 448 0.58 7.07 18.25
C MET D 448 1.15 5.65 18.26
N VAL D 449 2.31 5.54 18.88
CA VAL D 449 3.02 4.27 19.00
C VAL D 449 3.63 4.35 20.39
N GLY D 450 4.17 3.26 20.92
CA GLY D 450 4.99 3.34 22.13
C GLY D 450 6.50 3.49 21.91
N THR D 451 7.19 2.36 21.79
CA THR D 451 8.65 2.37 21.66
C THR D 451 9.06 2.77 20.24
N ILE D 452 10.34 3.10 20.07
CA ILE D 452 10.88 3.44 18.73
C ILE D 452 10.76 2.24 17.77
N ASP D 453 10.84 1.03 18.33
CA ASP D 453 10.72 -0.21 17.57
C ASP D 453 9.34 -0.35 16.93
N GLU D 454 8.29 0.08 17.64
CA GLU D 454 6.93 0.07 17.08
C GLU D 454 6.77 1.07 15.93
N ALA D 455 7.56 2.14 15.94
CA ALA D 455 7.57 3.12 14.84
C ALA D 455 8.20 2.55 13.57
N VAL D 456 9.33 1.84 13.73
CA VAL D 456 9.98 1.12 12.64
C VAL D 456 9.02 0.07 12.02
N GLU D 457 8.29 -0.62 12.89
CA GLU D 457 7.30 -1.60 12.50
C GLU D 457 6.10 -0.99 11.78
N LYS D 458 5.65 0.16 12.26
CA LYS D 458 4.52 0.86 11.64
C LYS D 458 4.87 1.42 10.26
N ALA D 459 6.14 1.76 10.04
CA ALA D 459 6.61 2.27 8.73
C ALA D 459 6.42 1.26 7.61
N LYS D 460 6.66 -0.01 7.92
CA LYS D 460 6.47 -1.13 6.98
C LYS D 460 5.04 -1.26 6.50
N LYS D 461 4.08 -0.88 7.32
CA LYS D 461 2.65 -0.91 6.98
C LYS D 461 2.16 0.29 6.15
N LEU D 462 3.10 1.04 5.55
CA LEU D 462 2.78 2.33 4.92
C LEU D 462 3.57 2.33 3.61
N ASN E 2 -6.92 78.77 62.68
CA ASN E 2 -7.89 78.03 61.82
C ASN E 2 -7.74 76.47 61.91
N LYS E 3 -8.40 75.88 62.89
CA LYS E 3 -7.99 74.53 63.41
C LYS E 3 -8.94 73.41 63.01
N GLY E 4 -8.40 72.18 62.95
CA GLY E 4 -9.15 70.98 62.63
C GLY E 4 -8.65 69.72 63.34
N ARG E 5 -9.49 68.69 63.35
CA ARG E 5 -9.20 67.40 63.99
C ARG E 5 -9.11 66.33 62.92
N ILE E 6 -8.11 65.46 63.03
CA ILE E 6 -8.05 64.27 62.16
C ILE E 6 -9.18 63.31 62.55
N ILE E 7 -10.01 62.94 61.58
CA ILE E 7 -11.06 61.95 61.81
C ILE E 7 -10.71 60.58 61.24
N GLN E 8 -10.05 60.54 60.07
CA GLN E 8 -9.58 59.29 59.43
C GLN E 8 -8.20 59.40 58.81
N VAL E 9 -7.50 58.25 58.79
CA VAL E 9 -6.22 58.08 58.11
C VAL E 9 -6.28 56.77 57.34
N MET E 10 -6.13 56.86 56.02
CA MET E 10 -6.24 55.70 55.11
C MET E 10 -5.11 55.83 54.07
N GLY E 11 -3.96 55.24 54.38
CA GLY E 11 -2.76 55.41 53.57
C GLY E 11 -2.40 56.89 53.46
N PRO E 12 -2.15 57.38 52.24
CA PRO E 12 -1.77 58.79 52.09
C PRO E 12 -2.97 59.74 52.02
N VAL E 13 -4.14 59.31 52.47
CA VAL E 13 -5.33 60.15 52.48
C VAL E 13 -5.78 60.39 53.92
N VAL E 14 -5.97 61.66 54.26
CA VAL E 14 -6.33 62.07 55.62
C VAL E 14 -7.61 62.91 55.56
N ASP E 15 -8.64 62.47 56.29
CA ASP E 15 -9.88 63.23 56.45
C ASP E 15 -9.79 64.08 57.72
N ILE E 16 -10.09 65.37 57.60
CA ILE E 16 -9.92 66.31 58.68
C ILE E 16 -11.22 67.08 58.85
N GLN E 17 -11.72 67.15 60.08
CA GLN E 17 -12.95 67.89 60.39
C GLN E 17 -12.62 69.29 60.90
N PHE E 18 -13.24 70.30 60.31
CA PHE E 18 -13.08 71.70 60.74
C PHE E 18 -14.41 72.19 61.35
N GLU E 19 -14.40 73.43 61.87
CA GLU E 19 -15.60 74.03 62.43
C GLU E 19 -16.39 74.77 61.36
N SER E 20 -17.71 74.75 61.52
CA SER E 20 -18.67 75.29 60.55
C SER E 20 -18.19 76.32 59.49
N GLY E 21 -17.90 77.55 59.87
CA GLY E 21 -17.55 78.58 58.92
C GLY E 21 -16.15 78.56 58.31
N GLN E 22 -15.23 77.73 58.86
CA GLN E 22 -13.82 77.85 58.50
C GLN E 22 -13.21 76.59 57.91
N LEU E 23 -13.68 76.28 56.71
CA LEU E 23 -13.18 75.15 55.90
C LEU E 23 -12.12 75.68 54.93
N PRO E 24 -10.94 75.04 54.88
CA PRO E 24 -9.88 75.50 53.95
C PRO E 24 -10.34 75.35 52.49
N ASP E 25 -9.92 76.31 51.67
CA ASP E 25 -10.10 76.23 50.22
C ASP E 25 -9.43 74.96 49.66
N ILE E 26 -9.93 74.49 48.52
CA ILE E 26 -9.32 73.34 47.84
C ILE E 26 -7.90 73.76 47.42
N TYR E 27 -6.97 72.81 47.53
CA TYR E 27 -5.54 73.01 47.28
C TYR E 27 -4.77 73.74 48.38
N ASN E 28 -5.41 74.05 49.51
CA ASN E 28 -4.72 74.67 50.63
C ASN E 28 -3.81 73.70 51.37
N ALA E 29 -2.65 74.19 51.79
CA ALA E 29 -1.73 73.43 52.63
C ALA E 29 -2.24 73.41 54.05
N ILE E 30 -2.09 72.26 54.71
CA ILE E 30 -2.56 72.05 56.08
C ILE E 30 -1.46 71.31 56.83
N THR E 31 -1.03 71.83 57.98
CA THR E 31 0.06 71.20 58.74
C THR E 31 -0.49 70.40 59.92
N ILE E 32 0.13 69.26 60.18
CA ILE E 32 -0.15 68.44 61.36
C ILE E 32 1.17 68.17 62.05
N GLU E 33 1.29 68.54 63.32
CA GLU E 33 2.48 68.23 64.13
C GLU E 33 2.41 66.75 64.49
N ARG E 34 3.44 66.01 64.13
CA ARG E 34 3.52 64.58 64.45
C ARG E 34 3.76 64.35 65.95
N PRO E 35 3.14 63.32 66.55
CA PRO E 35 3.50 62.93 67.91
C PRO E 35 4.97 62.62 68.09
N GLN E 36 5.58 61.99 67.07
CA GLN E 36 7.01 61.63 67.10
C GLN E 36 7.93 62.84 66.84
N GLY E 37 7.38 64.04 66.66
CA GLY E 37 8.16 65.21 66.25
C GLY E 37 8.18 65.37 64.73
N GLY E 38 8.25 66.61 64.28
CA GLY E 38 8.23 66.94 62.85
C GLY E 38 6.84 67.29 62.40
N THR E 39 6.76 67.93 61.23
CA THR E 39 5.51 68.38 60.63
C THR E 39 5.18 67.57 59.38
N LEU E 40 3.93 67.11 59.28
CA LEU E 40 3.38 66.53 58.06
C LEU E 40 2.53 67.58 57.37
N THR E 41 2.94 68.01 56.17
CA THR E 41 2.11 68.89 55.37
C THR E 41 1.16 68.02 54.54
N VAL E 42 0.00 68.57 54.22
CA VAL E 42 -1.12 67.83 53.62
C VAL E 42 -1.90 68.83 52.76
N GLU E 43 -2.47 68.36 51.64
CA GLU E 43 -3.13 69.26 50.66
C GLU E 43 -4.63 68.93 50.56
N ALA E 44 -5.46 69.95 50.73
CA ALA E 44 -6.91 69.77 50.69
C ALA E 44 -7.38 69.44 49.28
N ALA E 45 -8.27 68.45 49.16
CA ALA E 45 -8.69 67.95 47.85
C ALA E 45 -10.19 67.97 47.62
N VAL E 46 -10.93 67.38 48.56
CA VAL E 46 -12.39 67.26 48.44
C VAL E 46 -13.05 67.78 49.72
N HIS E 47 -14.21 68.42 49.57
CA HIS E 47 -15.05 68.79 50.70
C HIS E 47 -16.17 67.78 50.77
N LEU E 48 -16.06 66.85 51.71
CA LEU E 48 -16.96 65.70 51.79
C LEU E 48 -18.35 66.04 52.34
N GLY E 49 -18.50 67.19 53.01
CA GLY E 49 -19.72 67.53 53.75
C GLY E 49 -19.55 67.21 55.23
N ASP E 50 -20.49 67.68 56.04
CA ASP E 50 -20.39 67.65 57.52
C ASP E 50 -19.09 68.28 58.00
N ASN E 51 -18.67 69.34 57.35
CA ASN E 51 -17.43 70.09 57.65
C ASN E 51 -16.14 69.25 57.65
N VAL E 52 -16.09 68.28 56.74
CA VAL E 52 -14.91 67.42 56.60
C VAL E 52 -14.24 67.74 55.26
N VAL E 53 -12.90 67.67 55.25
CA VAL E 53 -12.10 67.81 54.02
C VAL E 53 -11.20 66.59 53.89
N ARG E 54 -11.26 65.95 52.73
CA ARG E 54 -10.35 64.87 52.41
C ARG E 54 -9.11 65.47 51.82
N CYS E 55 -7.95 65.05 52.33
CA CYS E 55 -6.70 65.67 51.96
C CYS E 55 -5.65 64.63 51.55
N VAL E 56 -4.76 65.03 50.64
CA VAL E 56 -3.71 64.16 50.11
C VAL E 56 -2.37 64.50 50.77
N ALA E 57 -1.79 63.51 51.46
CA ALA E 57 -0.55 63.70 52.19
C ALA E 57 0.67 63.85 51.32
N MET E 58 1.59 64.73 51.72
CA MET E 58 2.85 64.96 51.01
C MET E 58 4.04 64.22 51.64
N ALA E 59 3.76 63.41 52.66
CA ALA E 59 4.79 62.55 53.30
C ALA E 59 4.04 61.40 54.01
N SER E 60 4.80 60.51 54.65
CA SER E 60 4.20 59.32 55.29
C SER E 60 3.18 59.69 56.36
N THR E 61 2.07 58.94 56.42
CA THR E 61 1.05 59.08 57.47
C THR E 61 1.21 58.06 58.59
N ASP E 62 2.25 57.23 58.56
CA ASP E 62 2.56 56.35 59.68
C ASP E 62 2.84 57.20 60.92
N GLY E 63 2.29 56.77 62.06
CA GLY E 63 2.46 57.48 63.32
C GLY E 63 1.36 58.49 63.69
N LEU E 64 0.51 58.84 62.73
CA LEU E 64 -0.62 59.74 63.02
C LEU E 64 -1.67 59.03 63.87
N VAL E 65 -2.42 59.84 64.62
CA VAL E 65 -3.45 59.37 65.53
C VAL E 65 -4.70 60.18 65.24
N ARG E 66 -5.87 59.56 65.38
CA ARG E 66 -7.12 60.29 65.19
C ARG E 66 -7.26 61.31 66.31
N GLY E 67 -7.76 62.49 65.97
CA GLY E 67 -8.00 63.55 66.93
C GLY E 67 -6.87 64.54 67.08
N LEU E 68 -5.80 64.41 66.29
CA LEU E 68 -4.69 65.38 66.32
C LEU E 68 -5.11 66.70 65.71
N GLU E 69 -4.45 67.77 66.18
CA GLU E 69 -4.72 69.10 65.69
C GLU E 69 -4.06 69.28 64.33
N ALA E 70 -4.82 69.91 63.42
CA ALA E 70 -4.35 70.25 62.08
C ALA E 70 -4.65 71.70 61.83
N VAL E 71 -3.71 72.40 61.18
CA VAL E 71 -3.79 73.85 61.04
C VAL E 71 -3.84 74.25 59.55
N ASP E 72 -4.92 74.95 59.16
CA ASP E 72 -5.02 75.55 57.82
C ASP E 72 -4.00 76.68 57.71
N THR E 73 -3.11 76.60 56.72
CA THR E 73 -2.13 77.67 56.46
C THR E 73 -2.77 78.85 55.73
N GLY E 74 -3.96 78.64 55.15
CA GLY E 74 -4.74 79.72 54.53
C GLY E 74 -4.48 79.95 53.05
N ALA E 75 -3.53 79.21 52.48
CA ALA E 75 -3.18 79.32 51.07
C ALA E 75 -2.56 77.98 50.60
N PRO E 76 -2.42 77.78 49.26
CA PRO E 76 -1.73 76.59 48.76
C PRO E 76 -0.31 76.42 49.24
N ILE E 77 0.34 75.32 48.86
CA ILE E 77 1.74 75.11 49.27
C ILE E 77 2.56 76.25 48.77
N SER E 78 3.30 76.92 49.65
CA SER E 78 4.03 78.13 49.24
C SER E 78 5.53 77.97 49.41
N VAL E 79 6.22 78.45 48.38
CA VAL E 79 7.56 78.01 48.07
C VAL E 79 8.49 79.20 47.78
N PRO E 80 9.77 79.15 48.23
CA PRO E 80 10.70 80.26 47.99
C PRO E 80 10.94 80.56 46.53
N VAL E 81 11.02 81.84 46.17
CA VAL E 81 11.34 82.26 44.81
C VAL E 81 12.49 83.26 44.82
N GLY E 82 13.01 83.57 43.63
CA GLY E 82 14.08 84.55 43.47
C GLY E 82 15.49 83.95 43.66
N LYS E 83 16.46 84.83 43.83
CA LYS E 83 17.88 84.47 43.70
C LYS E 83 18.38 83.52 44.78
N ALA E 84 17.70 83.49 45.92
CA ALA E 84 18.03 82.56 47.00
C ALA E 84 17.83 81.08 46.64
N THR E 85 16.97 80.81 45.64
CA THR E 85 16.73 79.43 45.14
C THR E 85 17.88 78.88 44.31
N LEU E 86 18.61 79.78 43.62
CA LEU E 86 19.72 79.40 42.73
C LEU E 86 20.81 78.65 43.50
N GLY E 87 21.29 77.54 42.93
CA GLY E 87 22.30 76.71 43.54
C GLY E 87 21.82 75.76 44.64
N ARG E 88 20.53 75.81 44.95
CA ARG E 88 19.94 75.01 46.03
C ARG E 88 19.07 73.86 45.52
N VAL E 89 18.82 72.91 46.41
CA VAL E 89 18.03 71.71 46.10
C VAL E 89 16.84 71.63 47.07
N PHE E 90 15.63 71.60 46.51
CA PHE E 90 14.39 71.63 47.27
C PHE E 90 13.57 70.36 47.13
N ASN E 91 12.65 70.17 48.06
CA ASN E 91 11.59 69.18 47.93
C ASN E 91 10.34 69.88 47.46
N VAL E 92 9.22 69.16 47.36
CA VAL E 92 7.93 69.76 46.92
C VAL E 92 7.45 70.95 47.74
N LEU E 93 7.73 70.94 49.02
CA LEU E 93 7.25 71.97 49.94
C LEU E 93 8.09 73.26 49.92
N GLY E 94 9.22 73.26 49.21
CA GLY E 94 10.12 74.39 49.19
C GLY E 94 11.15 74.41 50.30
N GLU E 95 11.20 73.32 51.06
CA GLU E 95 12.20 73.15 52.11
C GLU E 95 13.48 72.68 51.44
N PRO E 96 14.65 73.23 51.83
CA PRO E 96 15.88 72.75 51.22
C PRO E 96 16.28 71.37 51.75
N ILE E 97 16.78 70.52 50.86
CA ILE E 97 17.21 69.15 51.20
C ILE E 97 18.70 68.93 50.89
N ASP E 98 19.45 70.01 50.69
CA ASP E 98 20.89 69.95 50.38
C ASP E 98 21.77 70.12 51.63
N GLU E 99 21.15 70.26 52.79
CA GLU E 99 21.85 70.41 54.08
C GLU E 99 22.79 71.64 54.07
N GLN E 100 22.28 72.76 53.54
CA GLN E 100 23.00 74.04 53.51
C GLN E 100 22.21 75.13 54.24
N GLY E 101 21.47 74.77 55.29
CA GLY E 101 20.71 75.72 56.09
C GLY E 101 19.54 76.35 55.38
N GLU E 102 18.89 77.31 56.02
CA GLU E 102 17.68 77.95 55.44
C GLU E 102 17.95 78.74 54.21
N VAL E 103 16.88 79.06 53.51
CA VAL E 103 16.88 79.85 52.28
C VAL E 103 16.29 81.19 52.64
N ASN E 104 17.13 82.23 52.68
CA ASN E 104 16.67 83.58 52.91
C ASN E 104 16.21 84.22 51.62
N ALA E 105 14.98 83.86 51.25
CA ALA E 105 14.26 84.47 50.15
C ALA E 105 13.28 85.47 50.67
N GLU E 106 13.12 86.57 49.97
CA GLU E 106 12.17 87.60 50.41
C GLU E 106 10.72 87.14 50.33
N GLU E 107 10.38 86.35 49.31
CA GLU E 107 8.98 85.97 49.09
C GLU E 107 8.77 84.47 49.01
N ARG E 108 7.52 84.06 49.22
CA ARG E 108 7.07 82.71 48.99
C ARG E 108 5.79 82.71 48.19
N HIS E 109 5.82 82.15 46.99
CA HIS E 109 4.65 82.13 46.10
C HIS E 109 3.90 80.81 46.19
N PRO E 110 2.57 80.81 45.98
CA PRO E 110 1.81 79.58 46.05
C PRO E 110 1.97 78.79 44.74
N ILE E 111 2.08 77.46 44.83
CA ILE E 111 2.33 76.60 43.65
C ILE E 111 1.13 76.36 42.74
N HIS E 112 -0.08 76.60 43.25
CA HIS E 112 -1.30 76.53 42.43
C HIS E 112 -1.73 77.94 42.07
N ARG E 113 -2.20 78.07 40.83
CA ARG E 113 -2.26 79.37 40.18
C ARG E 113 -2.90 79.22 38.80
N PRO E 114 -3.77 80.16 38.40
CA PRO E 114 -4.25 80.13 37.01
C PRO E 114 -3.15 80.37 35.97
N ALA E 115 -3.43 79.99 34.73
CA ALA E 115 -2.55 80.27 33.60
C ALA E 115 -2.60 81.76 33.25
N PRO E 116 -1.50 82.30 32.70
CA PRO E 116 -1.45 83.73 32.32
C PRO E 116 -2.63 84.18 31.47
N GLU E 117 -3.07 85.42 31.64
CA GLU E 117 -4.28 85.94 30.98
C GLU E 117 -4.02 86.08 29.48
N PHE E 118 -5.08 86.12 28.68
CA PHE E 118 -4.97 86.27 27.22
C PHE E 118 -4.20 87.53 26.82
N GLU E 119 -4.44 88.61 27.56
CA GLU E 119 -3.81 89.91 27.29
C GLU E 119 -2.28 89.87 27.45
N GLU E 120 -1.79 89.02 28.34
CA GLU E 120 -0.35 88.91 28.64
C GLU E 120 0.48 88.13 27.60
N LEU E 121 -0.16 87.50 26.59
CA LEU E 121 0.53 86.53 25.77
C LEU E 121 1.25 87.07 24.53
N SER E 122 2.55 86.79 24.42
CA SER E 122 3.27 86.85 23.13
C SER E 122 2.39 86.28 22.00
N THR E 123 2.31 86.97 20.84
CA THR E 123 1.31 86.64 19.77
C THR E 123 2.02 86.33 18.43
N ALA E 124 3.18 85.75 18.52
CA ALA E 124 4.05 85.45 17.41
C ALA E 124 5.14 84.48 17.97
N ASP E 125 5.49 83.49 17.16
CA ASP E 125 6.48 82.50 17.53
C ASP E 125 7.89 83.07 17.43
N GLU E 126 8.66 82.96 18.50
CA GLU E 126 10.01 83.48 18.54
C GLU E 126 10.95 82.31 18.79
N ILE E 127 11.95 82.13 17.92
CA ILE E 127 13.06 81.20 18.15
C ILE E 127 13.83 81.52 19.44
N LEU E 128 14.20 80.46 20.18
CA LEU E 128 15.14 80.53 21.30
C LEU E 128 16.47 79.94 20.82
N GLU E 129 17.47 80.82 20.64
CA GLU E 129 18.79 80.43 20.21
C GLU E 129 19.44 79.69 21.38
N THR E 130 19.90 78.48 21.10
CA THR E 130 20.63 77.65 22.06
C THR E 130 22.14 77.73 21.90
N GLY E 131 22.60 78.13 20.72
CA GLY E 131 24.01 78.07 20.38
C GLY E 131 24.50 76.69 19.96
N ILE E 132 23.59 75.71 19.86
CA ILE E 132 23.94 74.34 19.49
C ILE E 132 23.43 74.10 18.06
N LYS E 133 24.37 73.77 17.16
CA LYS E 133 24.11 73.85 15.72
C LYS E 133 22.95 72.95 15.27
N VAL E 134 22.98 71.69 15.70
CA VAL E 134 21.97 70.71 15.30
C VAL E 134 20.55 71.14 15.66
N ILE E 135 20.40 71.68 16.86
CA ILE E 135 19.09 72.08 17.38
C ILE E 135 18.63 73.33 16.64
N ASP E 136 19.43 74.39 16.69
CA ASP E 136 19.08 75.67 16.07
C ASP E 136 18.70 75.54 14.61
N LEU E 137 19.42 74.70 13.88
CA LEU E 137 19.19 74.52 12.44
C LEU E 137 17.95 73.69 12.15
N LEU E 138 17.91 72.46 12.67
CA LEU E 138 16.97 71.41 12.21
C LEU E 138 15.73 71.17 13.07
N ALA E 139 15.80 71.50 14.34
CA ALA E 139 14.66 71.31 15.24
C ALA E 139 14.70 72.38 16.32
N PRO E 140 14.58 73.67 15.91
CA PRO E 140 14.79 74.78 16.83
C PRO E 140 13.75 74.86 17.95
N TYR E 141 14.22 75.32 19.11
CA TYR E 141 13.38 75.52 20.27
C TYR E 141 12.70 76.88 20.12
N ALA E 142 11.46 76.97 20.59
CA ALA E 142 10.67 78.20 20.54
C ALA E 142 10.49 78.74 21.96
N LYS E 143 10.52 80.07 22.12
CA LYS E 143 10.39 80.68 23.44
C LYS E 143 9.26 80.32 24.32
N GLY E 144 7.99 80.29 23.92
CA GLY E 144 6.98 79.87 24.87
C GLY E 144 6.98 78.34 25.21
N GLY E 145 7.73 77.56 24.46
CA GLY E 145 7.28 76.27 24.02
C GLY E 145 7.81 75.07 24.76
N LYS E 146 7.23 73.92 24.43
CA LYS E 146 7.55 72.65 24.98
C LYS E 146 8.30 71.78 23.99
N ILE E 147 9.31 71.15 24.54
CA ILE E 147 10.29 70.39 23.84
C ILE E 147 10.37 69.05 24.50
N GLY E 148 10.24 67.98 23.73
CA GLY E 148 10.20 66.58 24.23
C GLY E 148 11.58 65.88 23.97
N LEU E 149 12.19 65.40 25.05
CA LEU E 149 13.61 65.02 25.04
C LEU E 149 13.71 63.51 25.13
N PHE E 150 13.89 62.85 23.97
CA PHE E 150 13.93 61.40 23.92
C PHE E 150 15.36 60.92 23.95
N GLY E 151 15.63 59.89 24.75
CA GLY E 151 16.93 59.25 24.66
C GLY E 151 17.26 58.36 25.84
N GLY E 152 17.96 57.26 25.52
CA GLY E 152 18.13 56.21 26.50
C GLY E 152 19.28 56.54 27.43
N ALA E 153 19.74 55.47 28.10
CA ALA E 153 20.86 55.57 29.00
C ALA E 153 22.17 55.78 28.28
N GLY E 154 22.93 56.81 28.68
CA GLY E 154 24.29 57.03 28.18
C GLY E 154 24.43 57.66 26.81
N VAL E 155 23.40 58.42 26.39
CA VAL E 155 23.44 59.12 25.09
C VAL E 155 23.77 60.62 25.18
N GLY E 156 23.75 61.18 26.40
CA GLY E 156 24.08 62.58 26.65
C GLY E 156 22.97 63.51 27.12
N LYS E 157 21.96 62.97 27.83
CA LYS E 157 20.82 63.76 28.27
C LYS E 157 21.26 64.85 29.27
N THR E 158 21.87 64.42 30.36
CA THR E 158 22.33 65.33 31.41
C THR E 158 23.41 66.32 30.91
N VAL E 159 24.33 65.86 30.08
CA VAL E 159 25.33 66.76 29.47
C VAL E 159 24.61 67.83 28.64
N LEU E 160 23.64 67.41 27.83
CA LEU E 160 22.86 68.34 27.00
C LEU E 160 22.05 69.32 27.85
N ILE E 161 21.43 68.82 28.94
CA ILE E 161 20.60 69.68 29.77
C ILE E 161 21.46 70.73 30.47
N GLN E 162 22.70 70.35 30.88
CA GLN E 162 23.63 71.30 31.49
C GLN E 162 24.17 72.32 30.49
N GLU E 163 24.43 71.89 29.26
CA GLU E 163 24.90 72.81 28.23
C GLU E 163 23.83 73.83 27.86
N LEU E 164 22.56 73.43 27.92
CA LEU E 164 21.46 74.37 27.69
C LEU E 164 21.35 75.38 28.86
N ILE E 165 21.51 74.88 30.09
CA ILE E 165 21.57 75.76 31.25
C ILE E 165 22.73 76.76 31.12
N ASN E 166 23.89 76.26 30.70
CA ASN E 166 25.03 77.13 30.47
C ASN E 166 24.75 78.16 29.39
N ASN E 167 24.32 77.71 28.21
CA ASN E 167 24.18 78.59 27.04
C ASN E 167 22.97 79.54 27.09
N VAL E 168 21.88 79.15 27.72
CA VAL E 168 20.85 80.14 28.11
C VAL E 168 21.40 81.19 29.11
N ALA E 169 22.18 80.75 30.08
CA ALA E 169 22.80 81.64 31.07
C ALA E 169 23.89 82.59 30.48
N GLN E 170 24.76 82.07 29.61
CA GLN E 170 25.88 82.89 29.08
C GLN E 170 25.39 84.09 28.25
N GLU E 171 24.45 83.81 27.31
CA GLU E 171 24.24 84.69 26.13
C GLU E 171 22.93 85.48 26.16
N HIS E 172 21.87 84.86 26.60
CA HIS E 172 20.56 85.53 26.82
C HIS E 172 20.40 85.98 28.27
N GLY E 173 21.20 85.41 29.18
CA GLY E 173 21.19 85.81 30.59
C GLY E 173 20.03 85.28 31.41
N GLY E 174 19.38 84.22 30.92
CA GLY E 174 18.31 83.53 31.62
C GLY E 174 18.75 82.40 32.51
N LEU E 175 17.92 82.07 33.48
CA LEU E 175 18.23 81.08 34.52
C LEU E 175 17.49 79.80 34.19
N SER E 176 17.69 78.77 35.03
CA SER E 176 17.03 77.46 34.82
C SER E 176 16.49 76.84 36.07
N VAL E 177 15.52 75.97 35.87
CA VAL E 177 14.98 75.12 36.96
C VAL E 177 14.91 73.70 36.48
N PHE E 178 15.40 72.77 37.28
CA PHE E 178 15.26 71.33 37.03
C PHE E 178 14.29 70.72 38.06
N ALA E 179 13.22 70.13 37.56
CA ALA E 179 12.23 69.43 38.36
C ALA E 179 12.37 67.92 38.09
N GLY E 180 12.82 67.19 39.10
CA GLY E 180 12.92 65.75 39.07
C GLY E 180 11.61 65.17 39.59
N VAL E 181 10.78 64.71 38.65
CA VAL E 181 9.47 64.17 38.99
C VAL E 181 9.59 62.65 38.95
N GLY E 182 9.50 62.04 40.13
CA GLY E 182 10.03 60.69 40.34
C GLY E 182 11.55 60.60 40.11
N GLU E 183 12.31 61.58 40.61
CA GLU E 183 13.77 61.42 40.63
C GLU E 183 14.18 60.22 41.49
N ARG E 184 15.06 59.40 40.96
CA ARG E 184 15.77 58.36 41.77
C ARG E 184 16.86 59.01 42.62
N THR E 185 16.83 58.78 43.92
CA THR E 185 17.68 59.53 44.86
C THR E 185 19.16 59.43 44.48
N ARG E 186 19.61 58.24 44.13
CA ARG E 186 21.00 58.07 43.65
C ARG E 186 21.35 59.01 42.49
N GLU E 187 20.43 59.13 41.53
CA GLU E 187 20.66 59.95 40.32
C GLU E 187 20.47 61.44 40.61
N GLY E 188 19.72 61.82 41.64
CA GLY E 188 19.68 63.19 42.10
C GLY E 188 21.04 63.67 42.64
N ASN E 189 21.61 62.80 43.49
CA ASN E 189 22.94 62.99 44.05
C ASN E 189 24.02 63.12 42.98
N ASP E 190 23.95 62.27 41.95
CA ASP E 190 24.91 62.32 40.84
C ASP E 190 24.72 63.61 40.04
N LEU E 191 23.48 64.00 39.78
CA LEU E 191 23.18 65.21 39.01
C LEU E 191 23.59 66.49 39.75
N TYR E 192 23.48 66.49 41.07
CA TYR E 192 23.95 67.61 41.88
C TYR E 192 25.45 67.81 41.68
N HIS E 193 26.23 66.78 41.99
CA HIS E 193 27.68 66.80 41.81
C HIS E 193 28.10 67.07 40.36
N GLU E 194 27.36 66.51 39.40
CA GLU E 194 27.64 66.73 37.96
C GLU E 194 27.50 68.21 37.60
N MET E 195 26.47 68.85 38.15
CA MET E 195 26.23 70.28 37.89
C MET E 195 27.19 71.19 38.66
N LYS E 196 27.58 70.75 39.86
CA LYS E 196 28.57 71.47 40.67
C LYS E 196 29.94 71.51 39.96
N ASP E 197 30.36 70.40 39.38
CA ASP E 197 31.65 70.29 38.66
C ASP E 197 31.69 71.10 37.36
N SER E 198 30.61 71.04 36.57
CA SER E 198 30.51 71.87 35.37
C SER E 198 30.23 73.35 35.67
N GLY E 199 29.83 73.66 36.90
CA GLY E 199 29.60 75.04 37.31
C GLY E 199 28.22 75.59 36.99
N VAL E 200 27.40 74.82 36.26
CA VAL E 200 26.06 75.28 35.88
C VAL E 200 25.13 75.40 37.11
N ILE E 201 25.43 74.68 38.19
CA ILE E 201 24.63 74.73 39.43
C ILE E 201 24.20 76.13 39.88
N SER E 202 25.10 77.10 39.80
CA SER E 202 24.80 78.44 40.28
C SER E 202 23.76 79.17 39.40
N LYS E 203 23.55 78.71 38.15
CA LYS E 203 22.50 79.24 37.30
C LYS E 203 21.16 78.47 37.36
N THR E 204 21.03 77.52 38.30
CA THR E 204 19.94 76.56 38.28
C THR E 204 19.35 76.32 39.68
N SER E 205 18.02 76.36 39.83
CA SER E 205 17.31 75.85 41.02
C SER E 205 16.96 74.40 40.75
N MET E 206 17.03 73.54 41.76
CA MET E 206 16.67 72.12 41.61
C MET E 206 15.59 71.69 42.60
N VAL E 207 14.65 70.91 42.10
CA VAL E 207 13.50 70.42 42.91
C VAL E 207 13.34 68.91 42.66
N PHE E 208 13.36 68.12 43.72
CA PHE E 208 13.25 66.65 43.60
C PHE E 208 12.07 66.14 44.43
N GLY E 209 11.15 65.47 43.72
CA GLY E 209 10.03 64.71 44.30
C GLY E 209 10.33 63.25 43.88
N GLN E 210 11.01 62.64 44.85
CA GLN E 210 11.76 61.40 44.59
C GLN E 210 10.90 60.13 44.65
N MET E 211 11.41 59.05 44.10
CA MET E 211 10.61 57.83 43.85
C MET E 211 9.93 57.24 45.12
N ASN E 212 10.56 57.50 46.25
CA ASN E 212 10.08 57.03 47.55
C ASN E 212 9.07 57.91 48.21
N GLU E 213 8.75 59.06 47.67
CA GLU E 213 7.73 59.97 48.24
C GLU E 213 6.35 59.49 47.84
N PRO E 214 5.32 59.82 48.64
CA PRO E 214 3.94 59.50 48.25
C PRO E 214 3.49 60.21 46.98
N PRO E 215 2.36 59.75 46.39
CA PRO E 215 1.87 60.27 45.10
C PRO E 215 1.67 61.78 45.07
N GLY E 216 1.08 62.33 46.13
CA GLY E 216 0.86 63.77 46.21
C GLY E 216 2.11 64.59 45.93
N ALA E 217 3.23 64.19 46.53
CA ALA E 217 4.52 64.86 46.36
C ALA E 217 4.95 64.83 44.89
N ARG E 218 4.91 63.65 44.29
CA ARG E 218 5.31 63.47 42.88
C ARG E 218 4.36 64.16 41.91
N LEU E 219 3.10 64.32 42.29
CA LEU E 219 2.08 65.04 41.50
C LEU E 219 2.36 66.54 41.42
N ARG E 220 2.89 67.10 42.47
CA ARG E 220 2.94 68.57 42.67
C ARG E 220 4.34 69.18 42.63
N VAL E 221 5.38 68.36 42.74
CA VAL E 221 6.75 68.83 42.66
C VAL E 221 7.06 69.64 41.39
N ALA E 222 6.48 69.28 40.25
CA ALA E 222 6.71 70.04 39.01
C ALA E 222 6.20 71.47 39.12
N LEU E 223 5.11 71.67 39.83
CA LEU E 223 4.52 72.99 40.07
C LEU E 223 5.47 73.86 40.92
N THR E 224 6.13 73.23 41.89
CA THR E 224 7.13 73.89 42.73
C THR E 224 8.25 74.46 41.88
N GLY E 225 8.82 73.63 41.02
CA GLY E 225 9.84 74.06 40.05
C GLY E 225 9.31 75.17 39.15
N LEU E 226 8.13 74.97 38.58
CA LEU E 226 7.51 75.93 37.68
C LEU E 226 7.26 77.32 38.31
N THR E 227 6.90 77.30 39.59
CA THR E 227 6.67 78.52 40.37
C THR E 227 7.93 79.36 40.53
N MET E 228 9.07 78.69 40.67
CA MET E 228 10.37 79.36 40.74
C MET E 228 10.72 80.00 39.39
N ALA E 229 10.43 79.30 38.30
CA ALA E 229 10.67 79.78 36.95
C ALA E 229 9.75 80.95 36.57
N GLU E 230 8.53 80.91 37.08
CA GLU E 230 7.57 82.00 36.86
C GLU E 230 8.04 83.33 37.42
N TYR E 231 8.72 83.29 38.58
CA TYR E 231 9.32 84.49 39.16
C TYR E 231 10.33 85.08 38.18
N PHE E 232 11.29 84.26 37.74
CA PHE E 232 12.37 84.75 36.88
C PHE E 232 11.83 85.30 35.55
N ARG E 233 10.72 84.77 35.04
CA ARG E 233 10.08 85.28 33.84
C ARG E 233 9.42 86.60 34.16
N ASP E 234 8.46 86.55 35.07
CA ASP E 234 7.53 87.66 35.30
C ASP E 234 8.17 88.83 36.01
N ARG E 235 9.00 88.57 37.03
CA ARG E 235 9.64 89.66 37.75
C ARG E 235 11.11 89.96 37.50
N GLU E 236 11.75 89.25 36.60
CA GLU E 236 13.09 89.68 36.08
C GLU E 236 13.22 89.60 34.55
N GLY E 237 12.08 89.56 33.86
CA GLY E 237 12.01 89.52 32.38
C GLY E 237 12.93 88.56 31.65
N GLN E 238 13.22 87.41 32.25
CA GLN E 238 14.17 86.46 31.67
C GLN E 238 13.49 85.41 30.77
N ASP E 239 14.26 84.90 29.82
CA ASP E 239 13.95 83.64 29.10
C ASP E 239 14.44 82.50 29.92
N VAL E 240 13.54 81.69 30.51
CA VAL E 240 13.89 80.70 31.50
C VAL E 240 13.73 79.30 30.94
N LEU E 241 14.58 78.37 31.39
CA LEU E 241 14.47 76.98 31.03
C LEU E 241 13.90 76.22 32.23
N LEU E 242 12.82 75.47 31.99
CA LEU E 242 12.31 74.50 32.94
C LEU E 242 12.53 73.11 32.35
N PHE E 243 13.32 72.31 33.02
CA PHE E 243 13.56 70.88 32.69
C PHE E 243 12.70 70.00 33.57
N ILE E 244 11.99 69.05 32.98
CA ILE E 244 11.16 68.12 33.75
C ILE E 244 11.53 66.69 33.32
N ASP E 245 11.95 65.90 34.30
CA ASP E 245 12.38 64.51 34.07
C ASP E 245 11.83 63.69 35.23
N ASN E 246 10.68 62.99 35.05
CA ASN E 246 10.00 62.67 33.74
C ASN E 246 8.55 63.12 33.79
N ILE E 247 8.04 63.78 32.76
CA ILE E 247 6.66 64.33 32.74
C ILE E 247 5.59 63.20 32.74
N PHE E 248 5.94 61.99 32.32
CA PHE E 248 5.03 60.87 32.46
C PHE E 248 4.75 60.57 33.91
N ARG E 249 5.78 60.65 34.76
CA ARG E 249 5.64 60.34 36.20
C ARG E 249 4.79 61.37 36.92
N PHE E 250 4.67 62.57 36.37
CA PHE E 250 3.67 63.54 36.81
C PHE E 250 2.24 63.01 36.54
N THR E 251 2.00 62.57 35.32
CA THR E 251 0.71 61.99 34.93
C THR E 251 0.38 60.71 35.70
N GLN E 252 1.40 59.92 35.98
CA GLN E 252 1.25 58.63 36.68
C GLN E 252 0.90 58.87 38.13
N ALA E 253 1.56 59.83 38.76
CA ALA E 253 1.21 60.25 40.12
C ALA E 253 -0.22 60.79 40.20
N GLY E 254 -0.64 61.50 39.16
CA GLY E 254 -2.03 61.93 39.02
C GLY E 254 -3.01 60.81 39.07
N SER E 255 -2.72 59.73 38.35
CA SER E 255 -3.59 58.54 38.33
C SER E 255 -3.57 57.82 39.68
N GLU E 256 -2.42 57.82 40.36
CA GLU E 256 -2.30 57.22 41.70
C GLU E 256 -3.16 57.92 42.72
N VAL E 257 -3.12 59.25 42.72
CA VAL E 257 -3.91 60.07 43.67
C VAL E 257 -5.39 60.04 43.37
N SER E 258 -5.75 60.02 42.07
CA SER E 258 -7.15 59.86 41.62
C SER E 258 -7.76 58.56 42.15
N ALA E 259 -7.00 57.49 42.08
CA ALA E 259 -7.38 56.19 42.60
C ALA E 259 -7.68 56.25 44.10
N LEU E 260 -6.86 56.94 44.88
CA LEU E 260 -7.05 57.04 46.33
C LEU E 260 -8.18 57.99 46.72
N LEU E 261 -8.49 58.98 45.87
CA LEU E 261 -9.66 59.81 46.08
C LEU E 261 -10.96 59.11 45.69
N GLY E 262 -10.86 57.92 45.05
CA GLY E 262 -12.02 57.10 44.71
C GLY E 262 -12.67 57.42 43.36
N ARG E 263 -11.99 58.17 42.51
CA ARG E 263 -12.58 58.62 41.27
C ARG E 263 -12.66 57.48 40.27
N MET E 264 -13.74 57.42 39.49
CA MET E 264 -13.85 56.42 38.45
C MET E 264 -12.80 56.62 37.37
N PRO E 265 -12.08 55.53 37.04
CA PRO E 265 -11.07 55.60 36.01
C PRO E 265 -11.64 55.86 34.59
N SER E 266 -10.78 56.46 33.76
CA SER E 266 -11.04 56.76 32.37
C SER E 266 -10.37 55.70 31.52
N ALA E 267 -10.22 55.96 30.22
CA ALA E 267 -9.60 55.02 29.29
C ALA E 267 -8.17 54.62 29.72
N VAL E 268 -7.89 53.32 29.62
CA VAL E 268 -6.59 52.73 29.96
C VAL E 268 -6.22 52.91 31.44
N GLY E 269 -7.23 53.08 32.28
CA GLY E 269 -7.02 53.22 33.72
C GLY E 269 -6.51 54.54 34.23
N TYR E 270 -6.37 55.52 33.34
CA TYR E 270 -5.91 56.85 33.78
C TYR E 270 -7.01 57.60 34.49
N GLN E 271 -6.63 58.61 35.24
CA GLN E 271 -7.56 59.49 35.95
C GLN E 271 -8.46 60.21 34.90
N PRO E 272 -9.71 60.46 35.27
CA PRO E 272 -10.61 61.19 34.38
C PRO E 272 -10.21 62.65 34.14
N THR E 273 -9.40 63.20 35.03
CA THR E 273 -8.85 64.56 34.90
C THR E 273 -7.49 64.61 34.22
N LEU E 274 -7.17 63.65 33.39
CA LEU E 274 -5.83 63.54 32.74
C LEU E 274 -5.47 64.78 31.93
N ALA E 275 -6.42 65.19 31.07
CA ALA E 275 -6.18 66.30 30.16
C ALA E 275 -6.08 67.64 30.86
N THR E 276 -7.00 67.89 31.81
CA THR E 276 -7.03 69.16 32.57
C THR E 276 -5.82 69.28 33.51
N GLU E 277 -5.44 68.23 34.21
CA GLU E 277 -4.25 68.22 35.08
C GLU E 277 -3.01 68.59 34.27
N MET E 278 -2.91 68.07 33.06
CA MET E 278 -1.81 68.39 32.15
C MET E 278 -1.87 69.84 31.67
N GLY E 279 -3.05 70.31 31.31
CA GLY E 279 -3.25 71.70 30.90
C GLY E 279 -2.93 72.72 31.97
N GLN E 280 -3.22 72.42 33.21
CA GLN E 280 -2.92 73.31 34.34
C GLN E 280 -1.42 73.45 34.58
N LEU E 281 -0.63 72.45 34.21
CA LEU E 281 0.82 72.54 34.26
C LEU E 281 1.33 73.22 33.01
N GLN E 282 0.90 72.73 31.88
CA GLN E 282 1.51 73.10 30.61
C GLN E 282 1.20 74.56 30.22
N GLU E 283 0.00 75.01 30.45
CA GLU E 283 -0.39 76.38 30.04
C GLU E 283 0.33 77.48 30.80
N ARG E 284 0.82 77.16 32.00
CA ARG E 284 1.70 78.07 32.75
C ARG E 284 3.08 78.19 32.10
N ILE E 285 3.56 77.12 31.47
CA ILE E 285 4.79 77.17 30.66
C ILE E 285 4.45 77.85 29.34
N THR E 286 4.72 79.13 29.23
CA THR E 286 4.37 79.92 28.06
C THR E 286 5.18 81.21 28.02
N SER E 287 5.20 81.84 26.84
CA SER E 287 5.81 83.14 26.65
C SER E 287 4.78 84.24 26.87
N THR E 288 5.12 85.20 27.74
CA THR E 288 4.34 86.39 28.00
C THR E 288 5.09 87.55 27.39
N LYS E 289 4.56 88.75 27.56
CA LYS E 289 5.24 89.96 27.07
C LYS E 289 6.49 90.26 27.91
N LYS E 290 6.44 89.93 29.21
CA LYS E 290 7.59 90.17 30.11
C LYS E 290 8.80 89.27 29.82
N GLY E 291 8.56 88.03 29.45
CA GLY E 291 9.58 87.07 29.11
C GLY E 291 9.05 85.74 28.63
N SER E 292 9.77 84.65 28.91
CA SER E 292 9.46 83.35 28.40
C SER E 292 9.82 82.27 29.42
N ILE E 293 9.05 81.17 29.49
CA ILE E 293 9.57 79.87 29.95
C ILE E 293 9.53 78.85 28.82
N THR E 294 10.68 78.37 28.41
CA THR E 294 10.81 77.17 27.56
C THR E 294 10.98 75.90 28.41
N SER E 295 10.13 74.88 28.20
CA SER E 295 10.26 73.63 28.91
C SER E 295 10.82 72.48 28.10
N ILE E 296 11.72 71.71 28.70
CA ILE E 296 12.39 70.60 28.08
C ILE E 296 12.10 69.34 28.90
N GLN E 297 11.27 68.46 28.38
CA GLN E 297 10.57 67.44 29.14
C GLN E 297 10.96 66.05 28.65
N ALA E 298 11.48 65.21 29.54
CA ALA E 298 11.72 63.79 29.19
C ALA E 298 10.37 63.07 29.30
N ILE E 299 10.03 62.22 28.36
CA ILE E 299 8.66 61.66 28.25
C ILE E 299 8.67 60.13 28.07
N TYR E 300 8.25 59.39 29.10
CA TYR E 300 8.14 57.95 28.99
C TYR E 300 6.91 57.59 28.10
N VAL E 301 7.04 56.56 27.27
CA VAL E 301 5.96 56.09 26.42
C VAL E 301 5.58 54.66 26.80
N PRO E 302 4.48 54.46 27.56
CA PRO E 302 4.14 53.11 28.02
C PRO E 302 3.88 52.13 26.86
N ALA E 303 4.46 50.95 26.98
CA ALA E 303 4.32 49.89 25.99
C ALA E 303 4.68 50.28 24.56
N ASP E 304 5.59 51.26 24.41
CA ASP E 304 5.95 51.82 23.10
C ASP E 304 4.80 52.37 22.29
N ASP E 305 3.69 52.69 22.95
CA ASP E 305 2.45 53.07 22.27
C ASP E 305 2.26 54.58 22.34
N TYR E 306 2.55 55.28 21.25
CA TYR E 306 2.38 56.74 21.21
C TYR E 306 0.92 57.20 21.25
N THR E 307 -0.04 56.28 21.07
CA THR E 307 -1.46 56.61 21.22
C THR E 307 -1.99 56.44 22.64
N ASP E 308 -1.15 55.99 23.57
CA ASP E 308 -1.56 55.82 24.98
C ASP E 308 -1.99 57.19 25.51
N PRO E 309 -3.05 57.26 26.31
CA PRO E 309 -3.51 58.59 26.76
C PRO E 309 -2.46 59.52 27.37
N ALA E 310 -1.45 58.98 28.06
CA ALA E 310 -0.44 59.82 28.70
C ALA E 310 0.40 60.57 27.70
N PRO E 311 1.17 59.86 26.83
CA PRO E 311 1.93 60.60 25.83
C PRO E 311 1.05 61.37 24.84
N ALA E 312 -0.09 60.83 24.47
CA ALA E 312 -1.01 61.47 23.52
C ALA E 312 -1.43 62.84 23.99
N THR E 313 -1.75 62.97 25.26
CA THR E 313 -2.10 64.28 25.84
C THR E 313 -0.90 65.19 26.01
N THR E 314 0.27 64.62 26.27
CA THR E 314 1.52 65.41 26.42
C THR E 314 1.95 66.00 25.06
N PHE E 315 1.84 65.17 24.06
CA PHE E 315 2.15 65.51 22.62
C PHE E 315 1.34 66.71 22.12
N ALA E 316 0.12 66.90 22.59
CA ALA E 316 -0.68 68.05 22.17
C ALA E 316 -0.04 69.39 22.53
N HIS E 317 0.82 69.39 23.52
CA HIS E 317 1.48 70.62 23.98
C HIS E 317 2.91 70.80 23.46
N LEU E 318 3.49 69.79 22.76
CA LEU E 318 4.86 69.92 22.32
C LEU E 318 4.98 70.73 21.02
N ASP E 319 5.98 71.60 20.99
CA ASP E 319 6.40 72.41 19.87
C ASP E 319 7.55 71.78 19.14
N ALA E 320 8.29 70.91 19.78
CA ALA E 320 9.59 70.44 19.29
C ALA E 320 9.97 69.13 19.91
N THR E 321 10.84 68.36 19.27
CA THR E 321 11.43 67.15 19.83
C THR E 321 12.95 67.11 19.62
N THR E 322 13.67 66.55 20.59
CA THR E 322 15.07 66.32 20.45
C THR E 322 15.31 64.85 20.69
N ASN E 323 15.58 64.11 19.62
CA ASN E 323 15.71 62.65 19.70
C ASN E 323 17.18 62.28 19.77
N LEU E 324 17.64 61.88 20.96
CA LEU E 324 19.01 61.41 21.11
C LEU E 324 19.11 59.95 20.70
N GLU E 325 20.10 59.62 19.86
CA GLU E 325 20.26 58.25 19.35
C GLU E 325 21.63 57.71 19.69
N ARG E 326 21.67 56.51 20.29
CA ARG E 326 22.94 55.87 20.65
C ARG E 326 23.85 55.60 19.47
N LYS E 327 23.30 55.30 18.29
CA LYS E 327 24.08 55.03 17.09
C LYS E 327 25.05 56.16 16.80
N LEU E 328 24.55 57.41 16.91
CA LEU E 328 25.38 58.59 16.70
C LEU E 328 26.42 58.77 17.78
N ALA E 329 26.04 58.54 19.04
CA ALA E 329 26.99 58.64 20.13
C ALA E 329 28.16 57.66 19.94
N GLU E 330 27.84 56.45 19.50
CA GLU E 330 28.86 55.42 19.25
C GLU E 330 29.81 55.80 18.11
N MET E 331 29.34 56.55 17.14
CA MET E 331 30.23 57.09 16.08
C MET E 331 31.11 58.25 16.53
N GLY E 332 30.81 58.85 17.68
CA GLY E 332 31.53 60.01 18.17
C GLY E 332 30.87 61.34 17.81
N ILE E 333 29.66 61.28 17.26
CA ILE E 333 28.88 62.49 16.96
C ILE E 333 28.17 62.96 18.23
N TYR E 334 28.73 63.99 18.88
CA TYR E 334 28.13 64.63 20.04
C TYR E 334 27.84 66.10 19.74
N PRO E 335 26.68 66.66 20.14
CA PRO E 335 25.60 65.94 20.78
C PRO E 335 24.97 64.94 19.83
N ALA E 336 24.46 63.82 20.37
CA ALA E 336 23.96 62.70 19.54
C ALA E 336 22.46 62.93 19.20
N VAL E 337 22.18 64.06 18.55
CA VAL E 337 20.88 64.40 18.09
C VAL E 337 20.62 63.87 16.69
N ASP E 338 19.59 63.03 16.59
CA ASP E 338 19.14 62.50 15.32
C ASP E 338 18.64 63.65 14.44
N PRO E 339 19.39 64.01 13.40
CA PRO E 339 19.01 65.16 12.59
C PRO E 339 17.83 64.92 11.63
N LEU E 340 17.34 63.67 11.53
CA LEU E 340 16.14 63.36 10.77
C LEU E 340 14.91 63.14 11.64
N ALA E 341 15.07 62.46 12.77
CA ALA E 341 13.96 62.18 13.69
C ALA E 341 13.53 63.38 14.54
N SER E 342 14.46 64.28 14.85
CA SER E 342 14.13 65.50 15.62
C SER E 342 13.35 66.46 14.74
N THR E 343 12.42 67.18 15.36
CA THR E 343 11.47 68.03 14.63
C THR E 343 11.09 69.24 15.44
N SER E 344 10.62 70.27 14.76
CA SER E 344 10.12 71.47 15.40
C SER E 344 9.04 72.09 14.56
N ARG E 345 7.99 72.54 15.23
CA ARG E 345 6.84 73.21 14.61
C ARG E 345 7.26 74.54 14.03
N ILE E 346 8.32 75.16 14.58
CA ILE E 346 8.76 76.49 14.11
C ILE E 346 9.91 76.46 13.08
N LEU E 347 10.34 75.29 12.59
CA LEU E 347 11.13 75.23 11.38
C LEU E 347 10.20 75.43 10.20
N SER E 348 9.92 76.71 9.96
CA SER E 348 9.09 77.16 8.85
C SER E 348 9.61 78.51 8.38
N PRO E 349 9.42 78.84 7.08
CA PRO E 349 9.90 80.14 6.58
C PRO E 349 9.34 81.35 7.35
N ALA E 350 8.08 81.24 7.81
CA ALA E 350 7.44 82.28 8.60
C ALA E 350 8.24 82.72 9.85
N VAL E 351 8.95 81.79 10.49
CA VAL E 351 9.53 82.04 11.82
C VAL E 351 11.04 82.23 11.82
N VAL E 352 11.76 81.24 11.25
CA VAL E 352 13.23 81.37 10.99
C VAL E 352 13.19 81.96 9.61
N GLY E 353 14.22 82.41 8.91
CA GLY E 353 13.95 83.03 7.61
C GLY E 353 13.58 82.06 6.52
N GLU E 354 13.51 82.59 5.31
CA GLU E 354 13.40 81.78 4.09
C GLU E 354 14.68 80.96 3.82
N GLU E 355 15.83 81.57 4.11
CA GLU E 355 17.13 80.95 3.89
C GLU E 355 17.36 79.78 4.83
N HIS E 356 17.14 80.01 6.12
CA HIS E 356 17.24 78.98 7.17
C HIS E 356 16.46 77.73 6.75
N TYR E 357 15.19 77.91 6.41
CA TYR E 357 14.32 76.77 6.04
C TYR E 357 14.88 76.02 4.85
N ARG E 358 15.27 76.75 3.80
CA ARG E 358 15.83 76.16 2.59
C ARG E 358 17.07 75.32 2.89
N VAL E 359 17.95 75.84 3.75
CA VAL E 359 19.20 75.17 4.12
C VAL E 359 18.93 73.91 4.92
N ALA E 360 18.07 74.03 5.93
CA ALA E 360 17.74 72.92 6.81
C ALA E 360 17.11 71.76 6.05
N ARG E 361 16.19 72.07 5.12
CA ARG E 361 15.57 71.04 4.27
C ARG E 361 16.59 70.45 3.31
N GLY E 362 17.48 71.29 2.80
CA GLY E 362 18.60 70.82 1.99
C GLY E 362 19.49 69.83 2.72
N VAL E 363 19.84 70.17 3.96
CA VAL E 363 20.66 69.30 4.81
C VAL E 363 19.96 67.97 5.04
N GLN E 364 18.67 68.01 5.35
CA GLN E 364 17.91 66.78 5.62
C GLN E 364 17.73 65.91 4.40
N GLN E 365 17.59 66.54 3.22
CA GLN E 365 17.51 65.78 1.97
C GLN E 365 18.78 64.98 1.68
N VAL E 366 19.91 65.62 1.93
CA VAL E 366 21.22 65.00 1.72
C VAL E 366 21.44 63.87 2.72
N LEU E 367 21.12 64.11 3.99
CA LEU E 367 21.27 63.08 5.02
C LEU E 367 20.33 61.89 4.76
N GLN E 368 19.11 62.17 4.32
CA GLN E 368 18.12 61.13 4.07
C GLN E 368 18.56 60.23 2.94
N ARG E 369 19.10 60.84 1.89
CA ARG E 369 19.59 60.12 0.73
C ARG E 369 20.74 59.23 1.11
N TYR E 370 21.69 59.77 1.88
CA TYR E 370 22.83 59.00 2.38
C TYR E 370 22.36 57.83 3.20
N ASN E 371 21.37 58.06 4.06
CA ASN E 371 20.77 56.98 4.85
C ASN E 371 20.21 55.84 3.98
N ASP E 372 19.53 56.20 2.90
CA ASP E 372 18.96 55.21 1.98
C ASP E 372 20.03 54.38 1.30
N LEU E 373 21.16 54.99 0.98
CA LEU E 373 22.26 54.30 0.27
C LEU E 373 23.15 53.47 1.20
N GLN E 374 22.97 53.50 2.51
CA GLN E 374 23.86 52.83 3.47
C GLN E 374 23.99 51.30 3.22
N ASP E 375 22.82 50.70 2.91
CA ASP E 375 22.78 49.29 2.56
C ASP E 375 23.40 49.00 1.20
N ILE E 376 23.03 49.79 0.20
CA ILE E 376 23.57 49.65 -1.16
C ILE E 376 25.10 49.82 -1.15
N ILE E 377 25.62 50.79 -0.41
CA ILE E 377 27.06 51.03 -0.37
C ILE E 377 27.82 49.85 0.26
N ALA E 378 27.27 49.34 1.38
CA ALA E 378 27.91 48.26 2.13
C ALA E 378 28.14 46.98 1.31
N ILE E 379 27.23 46.71 0.35
CA ILE E 379 27.24 45.51 -0.47
C ILE E 379 27.84 45.80 -1.84
N LEU E 380 27.23 46.70 -2.61
CA LEU E 380 27.67 46.96 -4.00
C LEU E 380 28.89 47.89 -4.14
N GLY E 381 29.25 48.60 -3.07
CA GLY E 381 30.37 49.50 -3.11
C GLY E 381 30.09 50.81 -3.81
N MET E 382 31.10 51.65 -3.82
CA MET E 382 30.92 53.05 -4.22
C MET E 382 30.91 53.30 -5.73
N ASP E 383 31.42 52.34 -6.49
CA ASP E 383 31.40 52.40 -7.97
C ASP E 383 29.97 52.33 -8.54
N GLU E 384 29.06 51.67 -7.83
CA GLU E 384 27.65 51.51 -8.21
C GLU E 384 26.77 52.75 -8.18
N LEU E 385 27.21 53.72 -7.40
CA LEU E 385 26.45 54.99 -7.20
C LEU E 385 26.68 55.90 -8.39
N SER E 386 25.68 56.73 -8.68
CA SER E 386 25.80 57.72 -9.76
C SER E 386 26.74 58.83 -9.29
N ASP E 387 27.17 59.67 -10.22
CA ASP E 387 28.02 60.82 -9.90
C ASP E 387 27.30 61.80 -8.97
N GLU E 388 25.99 61.92 -9.14
CA GLU E 388 25.18 62.78 -8.29
C GLU E 388 25.20 62.25 -6.86
N ASP E 389 25.03 60.93 -6.70
CA ASP E 389 25.02 60.30 -5.37
C ASP E 389 26.38 60.32 -4.65
N LYS E 390 27.45 60.06 -5.38
CA LYS E 390 28.80 60.10 -4.79
C LYS E 390 29.12 61.48 -4.17
N LEU E 391 28.68 62.52 -4.87
CA LEU E 391 28.81 63.88 -4.39
C LEU E 391 27.94 64.15 -3.14
N ILE E 392 26.74 63.61 -3.15
CA ILE E 392 25.82 63.69 -2.00
C ILE E 392 26.38 62.94 -0.79
N VAL E 393 26.95 61.76 -1.00
CA VAL E 393 27.56 61.01 0.11
C VAL E 393 28.75 61.79 0.68
N ALA E 394 29.58 62.40 -0.18
CA ALA E 394 30.71 63.21 0.27
C ALA E 394 30.26 64.32 1.22
N ARG E 395 29.24 65.05 0.78
CA ARG E 395 28.70 66.18 1.54
C ARG E 395 27.96 65.74 2.78
N ALA E 396 27.22 64.65 2.68
CA ALA E 396 26.50 64.09 3.83
C ALA E 396 27.43 63.80 4.97
N ARG E 397 28.60 63.24 4.66
CA ARG E 397 29.59 62.89 5.68
C ARG E 397 30.21 64.13 6.33
N LYS E 398 30.38 65.19 5.54
CA LYS E 398 30.86 66.46 6.06
C LYS E 398 29.79 67.13 6.89
N ILE E 399 28.58 67.15 6.37
CA ILE E 399 27.41 67.65 7.10
C ILE E 399 27.26 66.95 8.45
N GLN E 400 27.28 65.63 8.44
CA GLN E 400 27.13 64.82 9.66
C GLN E 400 28.16 65.18 10.74
N ARG E 401 29.38 65.49 10.31
CA ARG E 401 30.45 65.90 11.22
C ARG E 401 30.31 67.36 11.69
N PHE E 402 29.87 68.25 10.81
CA PHE E 402 29.70 69.64 11.16
C PHE E 402 28.51 69.88 12.13
N LEU E 403 27.59 68.92 12.20
CA LEU E 403 26.54 68.92 13.23
C LEU E 403 27.05 68.60 14.64
N SER E 404 28.22 67.96 14.72
CA SER E 404 28.86 67.74 16.02
C SER E 404 29.50 69.03 16.49
N GLN E 405 29.71 69.14 17.80
CA GLN E 405 30.10 70.39 18.43
C GLN E 405 30.61 70.14 19.86
N PRO E 406 31.77 70.73 20.21
CA PRO E 406 32.27 70.57 21.57
C PRO E 406 31.47 71.45 22.54
N PHE E 407 31.14 70.88 23.70
CA PHE E 407 30.34 71.59 24.70
C PHE E 407 31.22 72.19 25.78
N HIS E 408 30.79 73.37 26.26
CA HIS E 408 31.43 74.07 27.38
C HIS E 408 31.46 73.19 28.63
N VAL E 409 30.37 72.46 28.86
CA VAL E 409 30.21 71.59 30.01
C VAL E 409 31.03 70.30 29.90
N ALA E 410 31.49 69.96 28.68
CA ALA E 410 32.52 68.92 28.53
C ALA E 410 33.98 69.46 28.56
N GLU E 411 34.18 70.73 28.88
CA GLU E 411 35.52 71.32 28.80
C GLU E 411 36.53 70.61 29.72
N GLN E 412 36.02 70.13 30.86
CA GLN E 412 36.84 69.39 31.82
C GLN E 412 37.24 68.01 31.32
N PHE E 413 36.30 67.32 30.63
CA PHE E 413 36.53 65.94 30.20
C PHE E 413 37.24 65.83 28.87
N THR E 414 36.74 66.52 27.85
CA THR E 414 37.44 66.54 26.53
C THR E 414 38.80 67.26 26.60
N GLY E 415 38.92 68.26 27.48
CA GLY E 415 40.08 69.13 27.49
C GLY E 415 40.14 70.15 26.34
N MET E 416 39.09 70.18 25.49
CA MET E 416 38.96 71.15 24.40
C MET E 416 37.95 72.21 24.75
N PRO E 417 38.18 73.47 24.34
CA PRO E 417 37.20 74.51 24.62
C PRO E 417 35.86 74.28 23.95
N GLY E 418 34.77 74.62 24.67
CA GLY E 418 33.42 74.50 24.09
C GLY E 418 33.16 75.69 23.17
N LYS E 419 32.07 75.61 22.42
CA LYS E 419 31.76 76.62 21.40
C LYS E 419 30.27 76.94 21.42
N TYR E 420 29.95 78.23 21.41
CA TYR E 420 28.61 78.74 21.16
C TYR E 420 28.58 79.21 19.73
N VAL E 421 27.66 78.69 18.92
CA VAL E 421 27.53 79.09 17.52
C VAL E 421 26.16 79.71 17.27
N PRO E 422 26.14 81.01 16.93
CA PRO E 422 24.84 81.66 16.71
C PRO E 422 24.16 81.14 15.44
N VAL E 423 22.85 81.30 15.36
CA VAL E 423 22.04 80.78 14.25
C VAL E 423 22.55 81.27 12.89
N LYS E 424 22.86 82.56 12.79
CA LYS E 424 23.33 83.16 11.51
C LYS E 424 24.53 82.39 10.94
N GLU E 425 25.44 82.00 11.83
CA GLU E 425 26.66 81.28 11.49
C GLU E 425 26.40 79.81 11.17
N THR E 426 25.51 79.17 11.92
CA THR E 426 25.08 77.80 11.66
C THR E 426 24.49 77.71 10.26
N VAL E 427 23.57 78.60 9.94
CA VAL E 427 22.93 78.62 8.61
C VAL E 427 23.98 78.83 7.52
N ARG E 428 24.85 79.81 7.73
CA ARG E 428 25.91 80.15 6.75
C ARG E 428 26.81 78.96 6.48
N GLY E 429 27.24 78.27 7.53
CA GLY E 429 28.14 77.14 7.40
C GLY E 429 27.57 76.00 6.58
N PHE E 430 26.36 75.55 6.96
CA PHE E 430 25.71 74.46 6.25
C PHE E 430 25.31 74.88 4.83
N LYS E 431 24.96 76.15 4.63
CA LYS E 431 24.68 76.66 3.27
C LYS E 431 25.87 76.45 2.37
N GLU E 432 27.05 76.81 2.86
CA GLU E 432 28.29 76.72 2.08
C GLU E 432 28.70 75.28 1.76
N ILE E 433 28.49 74.35 2.71
CA ILE E 433 28.79 72.94 2.47
C ILE E 433 27.89 72.39 1.37
N LEU E 434 26.60 72.70 1.45
CA LEU E 434 25.66 72.33 0.39
C LEU E 434 26.01 72.94 -0.96
N GLU E 435 26.45 74.18 -0.96
CA GLU E 435 26.86 74.89 -2.19
C GLU E 435 28.14 74.34 -2.84
N GLY E 436 28.95 73.60 -2.09
CA GLY E 436 30.18 73.00 -2.63
C GLY E 436 31.47 73.76 -2.31
N LYS E 437 31.36 74.83 -1.52
CA LYS E 437 32.52 75.68 -1.24
C LYS E 437 33.62 74.99 -0.42
N HIS E 438 33.29 73.90 0.24
CA HIS E 438 34.28 73.19 1.05
C HIS E 438 34.36 71.71 0.69
N ASP E 439 34.13 71.36 -0.58
CA ASP E 439 34.26 69.97 -1.03
C ASP E 439 35.70 69.43 -0.99
N ASN E 440 36.71 70.31 -0.87
CA ASN E 440 38.10 69.90 -0.86
C ASN E 440 38.77 69.88 0.50
N LEU E 441 38.09 70.36 1.54
CA LEU E 441 38.53 70.14 2.90
C LEU E 441 38.36 68.68 3.29
N PRO E 442 39.34 68.09 4.03
CA PRO E 442 39.16 66.72 4.50
C PRO E 442 38.06 66.62 5.56
N GLU E 443 37.51 65.42 5.72
CA GLU E 443 36.32 65.23 6.57
C GLU E 443 36.57 65.60 8.02
N GLU E 444 37.71 65.19 8.57
CA GLU E 444 38.06 65.47 9.96
C GLU E 444 38.04 66.96 10.29
N ALA E 445 38.21 67.82 9.28
CA ALA E 445 38.16 69.26 9.48
C ALA E 445 36.85 69.77 10.08
N PHE E 446 35.74 69.12 9.73
CA PHE E 446 34.39 69.55 10.15
C PHE E 446 33.97 69.00 11.51
N TYR E 447 34.67 67.97 11.96
CA TYR E 447 34.37 67.30 13.21
C TYR E 447 34.81 68.12 14.41
N MET E 448 33.87 68.43 15.30
CA MET E 448 34.16 69.04 16.61
C MET E 448 34.83 70.40 16.48
N VAL E 449 34.08 71.33 15.89
CA VAL E 449 34.51 72.66 15.61
C VAL E 449 33.27 73.51 15.85
N GLY E 450 33.41 74.83 15.89
CA GLY E 450 32.17 75.68 15.93
C GLY E 450 31.72 76.22 14.60
N THR E 451 32.22 77.40 14.24
CA THR E 451 31.83 78.04 12.98
C THR E 451 32.51 77.37 11.79
N ILE E 452 32.03 77.66 10.58
CA ILE E 452 32.65 77.13 9.35
C ILE E 452 34.12 77.61 9.22
N ASP E 453 34.39 78.81 9.72
CA ASP E 453 35.74 79.38 9.72
C ASP E 453 36.72 78.55 10.53
N GLU E 454 36.28 78.01 11.65
CA GLU E 454 37.10 77.10 12.47
C GLU E 454 37.40 75.78 11.77
N ALA E 455 36.52 75.34 10.87
CA ALA E 455 36.75 74.14 10.05
C ALA E 455 37.83 74.37 9.00
N VAL E 456 37.78 75.53 8.34
CA VAL E 456 38.83 75.96 7.39
C VAL E 456 40.19 76.07 8.10
N GLU E 457 40.19 76.60 9.31
CA GLU E 457 41.38 76.72 10.15
C GLU E 457 41.92 75.36 10.59
N LYS E 458 41.03 74.43 10.95
CA LYS E 458 41.44 73.09 11.36
C LYS E 458 42.02 72.27 10.19
N ALA E 459 41.59 72.55 8.97
CA ALA E 459 42.11 71.88 7.77
C ALA E 459 43.60 72.11 7.57
N LYS E 460 44.05 73.35 7.84
CA LYS E 460 45.48 73.70 7.75
C LYS E 460 46.36 72.85 8.66
N LYS E 461 45.81 72.44 9.81
CA LYS E 461 46.53 71.66 10.81
C LYS E 461 46.60 70.15 10.49
N LEU E 462 46.21 69.74 9.28
CA LEU E 462 46.07 68.35 8.92
C LEU E 462 46.66 68.16 7.53
N ASN F 2 -55.24 60.88 38.82
CA ASN F 2 -55.08 62.08 37.97
C ASN F 2 -53.87 62.97 38.17
N LYS F 3 -53.66 63.69 39.28
CA LYS F 3 -52.63 64.74 39.33
C LYS F 3 -51.37 64.34 40.14
N GLY F 4 -50.23 64.96 39.78
CA GLY F 4 -48.96 64.72 40.45
C GLY F 4 -48.03 65.94 40.50
N ARG F 5 -47.04 65.88 41.40
CA ARG F 5 -46.07 66.94 41.62
C ARG F 5 -44.68 66.44 41.21
N ILE F 6 -43.93 67.27 40.51
CA ILE F 6 -42.52 66.96 40.21
C ILE F 6 -41.70 67.02 41.50
N ILE F 7 -41.01 65.95 41.82
CA ILE F 7 -40.10 65.93 42.97
C ILE F 7 -38.63 66.06 42.57
N GLN F 8 -38.22 65.46 41.44
CA GLN F 8 -36.86 65.60 40.90
C GLN F 8 -36.80 65.71 39.37
N VAL F 9 -35.76 66.36 38.87
CA VAL F 9 -35.44 66.44 37.44
C VAL F 9 -33.93 66.21 37.28
N MET F 10 -33.56 65.17 36.53
CA MET F 10 -32.18 64.77 36.32
C MET F 10 -32.00 64.39 34.86
N GLY F 11 -31.62 65.38 34.04
CA GLY F 11 -31.53 65.19 32.59
C GLY F 11 -32.89 64.78 32.04
N PRO F 12 -32.96 63.74 31.21
CA PRO F 12 -34.23 63.35 30.63
C PRO F 12 -35.10 62.47 31.56
N VAL F 13 -34.79 62.42 32.85
CA VAL F 13 -35.52 61.60 33.80
C VAL F 13 -36.19 62.51 34.84
N VAL F 14 -37.49 62.30 35.03
CA VAL F 14 -38.31 63.12 35.92
C VAL F 14 -39.04 62.21 36.91
N ASP F 15 -38.83 62.44 38.20
CA ASP F 15 -39.55 61.74 39.27
C ASP F 15 -40.77 62.57 39.66
N ILE F 16 -41.94 61.92 39.71
CA ILE F 16 -43.21 62.59 39.94
C ILE F 16 -43.94 61.87 41.06
N GLN F 17 -44.41 62.60 42.06
CA GLN F 17 -45.18 62.02 43.16
C GLN F 17 -46.66 62.18 42.93
N PHE F 18 -47.41 61.07 43.07
CA PHE F 18 -48.87 61.06 42.94
C PHE F 18 -49.50 60.74 44.30
N GLU F 19 -50.84 60.79 44.37
CA GLU F 19 -51.55 60.44 45.60
C GLU F 19 -51.85 58.96 45.65
N SER F 20 -51.87 58.44 46.88
CA SER F 20 -52.05 56.99 47.16
C SER F 20 -52.71 56.09 46.10
N GLY F 21 -54.01 56.20 45.85
CA GLY F 21 -54.69 55.30 44.94
C GLY F 21 -54.48 55.50 43.45
N GLN F 22 -53.86 56.60 43.03
CA GLN F 22 -53.84 57.00 41.62
C GLN F 22 -52.44 57.13 41.03
N LEU F 23 -51.76 56.00 40.95
CA LEU F 23 -50.46 55.91 40.29
C LEU F 23 -50.63 55.47 38.84
N PRO F 24 -50.01 56.19 37.89
CA PRO F 24 -50.09 55.78 36.48
C PRO F 24 -49.44 54.42 36.26
N ASP F 25 -50.05 53.63 35.38
CA ASP F 25 -49.46 52.39 34.89
C ASP F 25 -48.11 52.66 34.23
N ILE F 26 -47.25 51.64 34.22
CA ILE F 26 -45.97 51.74 33.50
C ILE F 26 -46.28 51.92 32.01
N TYR F 27 -45.47 52.77 31.37
CA TYR F 27 -45.61 53.18 29.96
C TYR F 27 -46.75 54.20 29.69
N ASN F 28 -47.40 54.72 30.74
CA ASN F 28 -48.42 55.77 30.55
C ASN F 28 -47.81 57.13 30.23
N ALA F 29 -48.47 57.85 29.34
CA ALA F 29 -48.10 59.23 29.02
C ALA F 29 -48.58 60.15 30.13
N ILE F 30 -47.76 61.14 30.45
CA ILE F 30 -48.02 62.13 31.52
C ILE F 30 -47.64 63.50 30.97
N THR F 31 -48.53 64.48 31.07
CA THR F 31 -48.25 65.82 30.55
C THR F 31 -47.87 66.77 31.68
N ILE F 32 -46.89 67.63 31.41
CA ILE F 32 -46.45 68.68 32.32
C ILE F 32 -46.48 69.99 31.55
N GLU F 33 -47.24 70.98 32.02
CA GLU F 33 -47.22 72.31 31.44
C GLU F 33 -45.95 73.02 31.83
N ARG F 34 -45.17 73.43 30.82
CA ARG F 34 -43.91 74.14 31.07
C ARG F 34 -44.14 75.55 31.60
N PRO F 35 -43.30 76.03 32.55
CA PRO F 35 -43.36 77.44 32.95
C PRO F 35 -43.19 78.40 31.76
N GLN F 36 -42.33 78.03 30.82
CA GLN F 36 -42.07 78.83 29.61
C GLN F 36 -43.20 78.77 28.57
N GLY F 37 -44.28 78.01 28.84
CA GLY F 37 -45.32 77.74 27.85
C GLY F 37 -45.02 76.45 27.08
N GLY F 38 -46.08 75.76 26.67
CA GLY F 38 -45.96 74.50 25.96
C GLY F 38 -46.07 73.32 26.91
N THR F 39 -46.32 72.14 26.33
CA THR F 39 -46.50 70.90 27.07
C THR F 39 -45.32 69.96 26.83
N LEU F 40 -44.78 69.41 27.92
CA LEU F 40 -43.79 68.33 27.86
C LEU F 40 -44.50 67.03 28.16
N THR F 41 -44.50 66.11 27.20
CA THR F 41 -45.00 64.75 27.44
C THR F 41 -43.86 63.92 28.03
N VAL F 42 -44.22 62.93 28.86
CA VAL F 42 -43.28 62.19 29.68
C VAL F 42 -43.87 60.79 29.88
N GLU F 43 -43.04 59.76 29.94
CA GLU F 43 -43.50 58.36 29.95
C GLU F 43 -43.08 57.63 31.21
N ALA F 44 -44.04 57.02 31.91
CA ALA F 44 -43.78 56.34 33.18
C ALA F 44 -42.94 55.09 32.96
N ALA F 45 -41.94 54.89 33.82
CA ALA F 45 -40.98 53.79 33.66
C ALA F 45 -40.88 52.88 34.88
N VAL F 46 -40.63 53.49 36.04
CA VAL F 46 -40.40 52.75 37.29
C VAL F 46 -41.32 53.30 38.38
N HIS F 47 -41.81 52.42 39.26
CA HIS F 47 -42.52 52.82 40.47
C HIS F 47 -41.55 52.70 41.62
N LEU F 48 -41.03 53.83 42.06
CA LEU F 48 -39.95 53.87 43.06
C LEU F 48 -40.39 53.58 44.48
N GLY F 49 -41.68 53.65 44.76
CA GLY F 49 -42.23 53.50 46.12
C GLY F 49 -42.55 54.88 46.67
N ASP F 50 -43.30 54.89 47.79
CA ASP F 50 -43.83 56.12 48.39
C ASP F 50 -44.60 56.95 47.37
N ASN F 51 -45.35 56.28 46.51
CA ASN F 51 -46.18 56.91 45.47
C ASN F 51 -45.42 57.81 44.48
N VAL F 52 -44.18 57.44 44.17
CA VAL F 52 -43.37 58.16 43.20
C VAL F 52 -43.19 57.29 41.96
N VAL F 53 -43.18 57.93 40.80
CA VAL F 53 -42.92 57.26 39.52
C VAL F 53 -41.78 57.98 38.81
N ARG F 54 -40.76 57.22 38.43
CA ARG F 54 -39.66 57.73 37.62
C ARG F 54 -40.09 57.64 36.18
N CYS F 55 -39.93 58.73 35.44
CA CYS F 55 -40.41 58.83 34.09
C CYS F 55 -39.35 59.32 33.10
N VAL F 56 -39.45 58.87 31.85
CA VAL F 56 -38.52 59.22 30.78
C VAL F 56 -39.13 60.28 29.85
N ALA F 57 -38.48 61.44 29.79
CA ALA F 57 -38.97 62.59 29.02
C ALA F 57 -38.84 62.38 27.51
N MET F 58 -39.85 62.83 26.76
CA MET F 58 -39.88 62.76 25.30
C MET F 58 -39.48 64.08 24.63
N ALA F 59 -39.02 65.04 25.42
CA ALA F 59 -38.42 66.30 24.93
C ALA F 59 -37.56 66.89 26.06
N SER F 60 -36.95 68.05 25.81
CA SER F 60 -36.03 68.66 26.80
C SER F 60 -36.71 68.95 28.13
N THR F 61 -35.99 68.70 29.22
CA THR F 61 -36.47 69.01 30.59
C THR F 61 -35.88 70.32 31.12
N ASP F 62 -35.11 71.04 30.30
CA ASP F 62 -34.56 72.33 30.70
C ASP F 62 -35.72 73.29 30.95
N GLY F 63 -35.62 74.05 32.05
CA GLY F 63 -36.69 74.96 32.46
C GLY F 63 -37.72 74.43 33.43
N LEU F 64 -37.77 73.13 33.66
CA LEU F 64 -38.69 72.56 34.66
C LEU F 64 -38.25 72.93 36.07
N VAL F 65 -39.23 72.97 36.97
CA VAL F 65 -39.06 73.37 38.36
C VAL F 65 -39.73 72.29 39.21
N ARG F 66 -39.18 72.04 40.39
CA ARG F 66 -39.77 71.11 41.32
C ARG F 66 -41.11 71.67 41.80
N GLY F 67 -42.10 70.78 41.92
CA GLY F 67 -43.42 71.13 42.40
C GLY F 67 -44.43 71.49 41.34
N LEU F 68 -44.06 71.38 40.06
CA LEU F 68 -45.01 71.61 38.96
C LEU F 68 -46.06 70.50 38.88
N GLU F 69 -47.22 70.87 38.37
CA GLU F 69 -48.33 69.93 38.21
C GLU F 69 -48.07 69.05 36.99
N ALA F 70 -48.37 67.76 37.15
CA ALA F 70 -48.28 66.77 36.08
C ALA F 70 -49.59 66.01 36.04
N VAL F 71 -50.05 65.66 34.84
CA VAL F 71 -51.35 65.02 34.65
C VAL F 71 -51.20 63.64 33.97
N ASP F 72 -51.67 62.59 34.63
CA ASP F 72 -51.74 61.23 34.04
C ASP F 72 -52.80 61.23 32.94
N THR F 73 -52.43 60.89 31.71
CA THR F 73 -53.39 60.78 30.60
C THR F 73 -54.19 59.48 30.67
N GLY F 74 -53.73 58.52 31.46
CA GLY F 74 -54.47 57.28 31.72
C GLY F 74 -54.19 56.12 30.76
N ALA F 75 -53.33 56.37 29.76
CA ALA F 75 -52.94 55.36 28.78
C ALA F 75 -51.56 55.69 28.19
N PRO F 76 -50.92 54.75 27.47
CA PRO F 76 -49.64 55.04 26.80
C PRO F 76 -49.74 56.17 25.78
N ILE F 77 -48.61 56.54 25.20
CA ILE F 77 -48.61 57.57 24.14
C ILE F 77 -49.45 56.99 23.01
N SER F 78 -50.44 57.75 22.55
CA SER F 78 -51.36 57.26 21.53
C SER F 78 -51.32 58.09 20.26
N VAL F 79 -51.42 57.40 19.14
CA VAL F 79 -50.96 57.91 17.86
C VAL F 79 -52.01 57.60 16.76
N PRO F 80 -52.20 58.53 15.78
CA PRO F 80 -53.19 58.28 14.72
C PRO F 80 -52.81 57.09 13.84
N VAL F 81 -53.81 56.31 13.45
CA VAL F 81 -53.62 55.19 12.53
C VAL F 81 -54.60 55.27 11.36
N GLY F 82 -54.37 54.44 10.36
CA GLY F 82 -55.24 54.36 9.18
C GLY F 82 -54.90 55.35 8.09
N LYS F 83 -55.84 55.54 7.17
CA LYS F 83 -55.60 56.26 5.92
C LYS F 83 -55.23 57.72 6.07
N ALA F 84 -55.63 58.33 7.20
CA ALA F 84 -55.27 59.71 7.50
C ALA F 84 -53.75 59.95 7.68
N THR F 85 -53.01 58.88 8.03
CA THR F 85 -51.56 58.94 8.19
C THR F 85 -50.80 58.99 6.87
N LEU F 86 -51.38 58.42 5.81
CA LEU F 86 -50.77 58.36 4.48
C LEU F 86 -50.49 59.76 3.94
N GLY F 87 -49.29 59.96 3.39
CA GLY F 87 -48.87 61.26 2.86
C GLY F 87 -48.39 62.26 3.89
N ARG F 88 -48.46 61.91 5.18
CA ARG F 88 -48.18 62.84 6.28
C ARG F 88 -46.87 62.53 6.98
N VAL F 89 -46.36 63.51 7.72
CA VAL F 89 -45.10 63.39 8.47
C VAL F 89 -45.34 63.68 9.94
N PHE F 90 -44.98 62.71 10.79
CA PHE F 90 -45.23 62.77 12.24
C PHE F 90 -43.98 62.82 13.08
N ASN F 91 -44.13 63.26 14.31
CA ASN F 91 -43.10 63.11 15.33
C ASN F 91 -43.47 61.92 16.20
N VAL F 92 -42.72 61.68 17.28
CA VAL F 92 -42.97 60.57 18.21
C VAL F 92 -44.37 60.53 18.82
N LEU F 93 -44.95 61.71 19.10
CA LEU F 93 -46.25 61.80 19.75
C LEU F 93 -47.44 61.60 18.81
N GLY F 94 -47.19 61.49 17.50
CA GLY F 94 -48.28 61.39 16.52
C GLY F 94 -48.85 62.72 16.07
N GLU F 95 -48.18 63.81 16.46
CA GLU F 95 -48.53 65.15 16.02
C GLU F 95 -47.91 65.35 14.65
N PRO F 96 -48.66 65.92 13.69
CA PRO F 96 -48.07 66.17 12.38
C PRO F 96 -47.06 67.31 12.42
N ILE F 97 -45.95 67.15 11.70
CA ILE F 97 -44.89 68.17 11.62
C ILE F 97 -44.66 68.64 10.17
N ASP F 98 -45.61 68.35 9.29
CA ASP F 98 -45.58 68.81 7.88
C ASP F 98 -46.36 70.12 7.66
N GLU F 99 -46.92 70.68 8.73
CA GLU F 99 -47.65 71.95 8.68
C GLU F 99 -48.85 71.88 7.70
N GLN F 100 -49.59 70.77 7.76
CA GLN F 100 -50.78 70.54 6.93
C GLN F 100 -52.04 70.30 7.78
N GLY F 101 -52.12 70.94 8.95
CA GLY F 101 -53.32 70.85 9.80
C GLY F 101 -53.55 69.49 10.42
N GLU F 102 -54.73 69.32 11.02
CA GLU F 102 -55.08 68.13 11.79
C GLU F 102 -55.08 66.87 10.91
N VAL F 103 -54.99 65.73 11.61
CA VAL F 103 -55.05 64.43 11.01
C VAL F 103 -56.38 63.83 11.41
N ASN F 104 -57.31 63.70 10.46
CA ASN F 104 -58.65 63.24 10.80
C ASN F 104 -58.74 61.73 10.75
N ALA F 105 -58.16 61.11 11.78
CA ALA F 105 -58.22 59.68 12.03
C ALA F 105 -59.19 59.55 13.19
N GLU F 106 -60.16 58.64 13.11
CA GLU F 106 -61.17 58.63 14.17
C GLU F 106 -60.62 58.08 15.48
N GLU F 107 -59.72 57.10 15.36
CA GLU F 107 -59.09 56.49 16.53
C GLU F 107 -57.58 56.56 16.52
N ARG F 108 -57.01 56.33 17.70
CA ARG F 108 -55.61 56.50 18.03
C ARG F 108 -55.19 55.32 18.88
N HIS F 109 -54.16 54.60 18.40
CA HIS F 109 -53.68 53.39 19.07
C HIS F 109 -52.50 53.69 19.96
N PRO F 110 -52.36 52.93 21.07
CA PRO F 110 -51.23 53.14 21.97
C PRO F 110 -49.98 52.50 21.38
N ILE F 111 -48.83 53.16 21.52
CA ILE F 111 -47.56 52.70 20.93
C ILE F 111 -46.90 51.50 21.63
N HIS F 112 -47.31 51.21 22.86
CA HIS F 112 -46.91 50.01 23.59
C HIS F 112 -47.99 48.96 23.51
N ARG F 113 -47.56 47.72 23.40
CA ARG F 113 -48.42 46.64 22.97
C ARG F 113 -47.65 45.31 23.03
N PRO F 114 -48.31 44.22 23.47
CA PRO F 114 -47.63 42.92 23.39
C PRO F 114 -47.37 42.44 21.96
N ALA F 115 -46.44 41.50 21.83
CA ALA F 115 -46.11 40.93 20.53
C ALA F 115 -47.24 39.98 20.10
N PRO F 116 -47.44 39.81 18.77
CA PRO F 116 -48.46 38.89 18.26
C PRO F 116 -48.35 37.49 18.85
N GLU F 117 -49.49 36.81 19.03
CA GLU F 117 -49.50 35.45 19.58
C GLU F 117 -48.86 34.46 18.63
N PHE F 118 -48.42 33.32 19.15
CA PHE F 118 -47.76 32.29 18.32
C PHE F 118 -48.65 31.79 17.18
N GLU F 119 -49.93 31.65 17.48
CA GLU F 119 -50.96 31.20 16.55
C GLU F 119 -51.08 32.10 15.31
N GLU F 120 -50.87 33.40 15.50
CA GLU F 120 -51.00 34.39 14.42
C GLU F 120 -49.85 34.43 13.42
N LEU F 121 -48.76 33.71 13.63
CA LEU F 121 -47.52 33.94 12.86
C LEU F 121 -47.38 33.12 11.60
N SER F 122 -47.18 33.81 10.46
CA SER F 122 -46.95 33.17 9.16
C SER F 122 -45.52 33.45 8.69
N THR F 123 -44.77 32.41 8.23
CA THR F 123 -43.42 32.55 7.66
C THR F 123 -43.40 32.02 6.22
N ALA F 124 -43.74 32.91 5.30
CA ALA F 124 -43.73 32.64 3.87
C ALA F 124 -42.27 32.60 3.39
N ASP F 125 -41.97 31.62 2.55
CA ASP F 125 -40.64 31.45 1.93
C ASP F 125 -40.56 31.92 0.46
N GLU F 126 -40.78 33.20 0.29
CA GLU F 126 -40.94 33.78 -1.05
C GLU F 126 -39.88 34.84 -1.29
N ILE F 127 -39.06 34.68 -2.32
CA ILE F 127 -38.00 35.69 -2.63
C ILE F 127 -38.58 37.06 -2.99
N LEU F 128 -37.96 38.12 -2.48
CA LEU F 128 -38.18 39.50 -2.94
C LEU F 128 -36.98 39.92 -3.79
N GLU F 129 -37.21 40.08 -5.09
CA GLU F 129 -36.21 40.55 -6.02
C GLU F 129 -35.93 42.02 -5.72
N THR F 130 -34.67 42.35 -5.48
CA THR F 130 -34.21 43.72 -5.24
C THR F 130 -33.63 44.39 -6.48
N GLY F 131 -33.19 43.58 -7.43
CA GLY F 131 -32.43 44.07 -8.57
C GLY F 131 -30.96 44.34 -8.30
N ILE F 132 -30.48 44.03 -7.08
CA ILE F 132 -29.10 44.25 -6.68
C ILE F 132 -28.39 42.89 -6.64
N LYS F 133 -27.34 42.75 -7.45
CA LYS F 133 -26.76 41.43 -7.74
C LYS F 133 -26.27 40.69 -6.50
N VAL F 134 -25.52 41.38 -5.66
CA VAL F 134 -24.91 40.75 -4.47
C VAL F 134 -25.97 40.17 -3.54
N ILE F 135 -27.05 40.91 -3.34
CA ILE F 135 -28.13 40.53 -2.44
C ILE F 135 -28.91 39.38 -3.05
N ASP F 136 -29.45 39.57 -4.25
CA ASP F 136 -30.28 38.55 -4.92
C ASP F 136 -29.60 37.22 -5.01
N LEU F 137 -28.29 37.23 -5.29
CA LEU F 137 -27.55 35.97 -5.45
C LEU F 137 -27.22 35.29 -4.12
N LEU F 138 -26.55 36.01 -3.23
CA LEU F 138 -25.86 35.40 -2.06
C LEU F 138 -26.59 35.50 -0.72
N ALA F 139 -27.45 36.50 -0.57
CA ALA F 139 -28.17 36.70 0.67
C ALA F 139 -29.53 37.32 0.37
N PRO F 140 -30.39 36.61 -0.39
CA PRO F 140 -31.63 37.19 -0.90
C PRO F 140 -32.63 37.56 0.18
N TYR F 141 -33.37 38.64 -0.07
CA TYR F 141 -34.41 39.10 0.85
C TYR F 141 -35.68 38.30 0.66
N ALA F 142 -36.40 38.06 1.75
CA ALA F 142 -37.65 37.30 1.71
C ALA F 142 -38.84 38.20 1.95
N LYS F 143 -39.94 38.00 1.19
CA LYS F 143 -41.16 38.79 1.33
C LYS F 143 -41.77 38.56 2.69
N GLY F 144 -42.17 39.63 3.34
CA GLY F 144 -42.65 39.48 4.71
C GLY F 144 -41.63 39.14 5.76
N GLY F 145 -40.35 39.26 5.42
CA GLY F 145 -39.26 39.01 6.36
C GLY F 145 -38.68 40.23 6.99
N LYS F 146 -37.67 40.01 7.82
CA LYS F 146 -36.89 41.11 8.40
C LYS F 146 -35.50 41.05 7.86
N ILE F 147 -35.04 42.23 7.43
CA ILE F 147 -33.86 42.35 6.62
C ILE F 147 -33.00 43.42 7.30
N GLY F 148 -31.74 43.11 7.53
CA GLY F 148 -30.87 44.05 8.18
C GLY F 148 -29.74 44.52 7.33
N LEU F 149 -29.53 45.84 7.30
CA LEU F 149 -28.38 46.46 6.64
C LEU F 149 -27.37 46.90 7.70
N PHE F 150 -26.32 46.11 7.89
CA PHE F 150 -25.28 46.42 8.87
C PHE F 150 -24.14 47.19 8.20
N GLY F 151 -23.66 48.24 8.84
CA GLY F 151 -22.42 48.87 8.39
C GLY F 151 -21.88 49.84 9.42
N GLY F 152 -20.57 50.08 9.31
CA GLY F 152 -19.90 51.15 10.05
C GLY F 152 -20.23 52.51 9.46
N ALA F 153 -19.61 53.54 9.99
CA ALA F 153 -19.93 54.91 9.61
C ALA F 153 -19.39 55.23 8.20
N GLY F 154 -20.26 55.75 7.35
CA GLY F 154 -19.89 56.22 6.01
C GLY F 154 -19.71 55.16 4.92
N VAL F 155 -20.33 54.00 5.08
CA VAL F 155 -20.05 52.82 4.26
C VAL F 155 -21.15 52.50 3.23
N GLY F 156 -22.31 53.15 3.33
CA GLY F 156 -23.39 53.02 2.35
C GLY F 156 -24.73 52.48 2.83
N LYS F 157 -25.04 52.59 4.12
CA LYS F 157 -26.31 52.09 4.65
C LYS F 157 -27.49 52.86 4.08
N THR F 158 -27.47 54.19 4.29
CA THR F 158 -28.55 55.06 3.82
C THR F 158 -28.68 55.07 2.29
N VAL F 159 -27.55 55.06 1.56
CA VAL F 159 -27.60 54.95 0.10
C VAL F 159 -28.28 53.65 -0.30
N LEU F 160 -27.91 52.55 0.35
CA LEU F 160 -28.52 51.24 0.08
C LEU F 160 -30.01 51.21 0.44
N ILE F 161 -30.38 51.82 1.56
CA ILE F 161 -31.79 51.82 1.98
C ILE F 161 -32.63 52.62 0.99
N GLN F 162 -32.08 53.70 0.44
CA GLN F 162 -32.76 54.50 -0.58
C GLN F 162 -32.86 53.79 -1.92
N GLU F 163 -31.81 53.07 -2.30
CA GLU F 163 -31.85 52.28 -3.54
C GLU F 163 -32.88 51.15 -3.44
N LEU F 164 -33.07 50.60 -2.25
CA LEU F 164 -34.13 49.61 -2.03
C LEU F 164 -35.53 50.23 -2.12
N ILE F 165 -35.68 51.42 -1.55
CA ILE F 165 -36.90 52.21 -1.69
C ILE F 165 -37.17 52.51 -3.19
N ASN F 166 -36.14 52.89 -3.91
CA ASN F 166 -36.27 53.10 -5.34
C ASN F 166 -36.66 51.81 -6.08
N ASN F 167 -35.91 50.74 -5.88
CA ASN F 167 -36.11 49.49 -6.65
C ASN F 167 -37.34 48.67 -6.27
N VAL F 168 -37.78 48.70 -5.01
CA VAL F 168 -38.89 47.85 -4.55
C VAL F 168 -40.20 48.64 -4.31
N ALA F 169 -40.11 49.78 -3.65
CA ALA F 169 -41.31 50.49 -3.19
C ALA F 169 -42.11 51.16 -4.32
N GLN F 170 -41.43 51.79 -5.28
CA GLN F 170 -42.07 52.47 -6.43
C GLN F 170 -43.07 51.62 -7.22
N GLU F 171 -42.76 50.34 -7.39
CA GLU F 171 -43.70 49.36 -7.97
C GLU F 171 -44.25 48.37 -6.92
N HIS F 172 -44.56 48.86 -5.72
CA HIS F 172 -45.13 48.02 -4.66
C HIS F 172 -46.65 48.16 -4.60
N GLY F 173 -47.35 47.02 -4.45
CA GLY F 173 -48.81 47.00 -4.46
C GLY F 173 -49.48 47.52 -3.17
N GLY F 174 -48.74 47.52 -2.08
CA GLY F 174 -49.30 47.85 -0.78
C GLY F 174 -48.85 49.20 -0.27
N LEU F 175 -48.86 49.33 1.06
CA LEU F 175 -48.52 50.59 1.72
C LEU F 175 -47.10 50.54 2.30
N SER F 176 -46.60 51.67 2.77
CA SER F 176 -45.28 51.79 3.39
C SER F 176 -45.25 52.71 4.61
N VAL F 177 -44.27 52.47 5.47
CA VAL F 177 -43.97 53.35 6.57
C VAL F 177 -42.46 53.57 6.63
N PHE F 178 -42.05 54.84 6.75
CA PHE F 178 -40.66 55.17 6.96
C PHE F 178 -40.47 55.75 8.36
N ALA F 179 -39.66 55.07 9.19
CA ALA F 179 -39.30 55.54 10.51
C ALA F 179 -37.85 56.02 10.53
N GLY F 180 -37.66 57.32 10.66
CA GLY F 180 -36.32 57.92 10.76
C GLY F 180 -35.93 58.02 12.22
N VAL F 181 -35.15 57.07 12.68
CA VAL F 181 -34.78 56.95 14.09
C VAL F 181 -33.36 57.48 14.23
N GLY F 182 -33.22 58.66 14.81
CA GLY F 182 -31.93 59.17 15.23
C GLY F 182 -30.88 59.40 14.16
N GLU F 183 -31.29 59.74 12.93
CA GLU F 183 -30.33 60.03 11.86
C GLU F 183 -30.51 61.50 11.42
N ARG F 184 -30.06 61.88 10.22
CA ARG F 184 -29.90 63.29 9.88
C ARG F 184 -31.22 63.88 9.44
N THR F 185 -31.64 64.98 10.08
CA THR F 185 -32.84 65.70 9.67
C THR F 185 -32.79 66.10 8.19
N ARG F 186 -31.62 66.55 7.74
CA ARG F 186 -31.35 66.80 6.33
C ARG F 186 -31.79 65.66 5.41
N GLU F 187 -31.51 64.42 5.77
CA GLU F 187 -31.85 63.26 4.94
C GLU F 187 -33.35 62.91 4.95
N GLY F 188 -34.04 63.25 6.04
CA GLY F 188 -35.49 63.15 6.09
C GLY F 188 -36.15 64.12 5.14
N ASN F 189 -35.69 65.36 5.18
CA ASN F 189 -36.13 66.43 4.28
C ASN F 189 -35.93 66.06 2.80
N ASP F 190 -34.79 65.47 2.47
CA ASP F 190 -34.52 65.05 1.10
C ASP F 190 -35.43 63.91 0.70
N LEU F 191 -35.63 62.95 1.60
CA LEU F 191 -36.50 61.80 1.32
C LEU F 191 -37.97 62.17 1.17
N TYR F 192 -38.42 63.19 1.91
CA TYR F 192 -39.77 63.70 1.77
C TYR F 192 -39.98 64.23 0.35
N HIS F 193 -39.16 65.20 -0.04
CA HIS F 193 -39.23 65.79 -1.38
C HIS F 193 -39.01 64.74 -2.48
N GLU F 194 -38.10 63.78 -2.26
CA GLU F 194 -37.85 62.71 -3.23
C GLU F 194 -39.09 61.85 -3.46
N MET F 195 -39.81 61.57 -2.38
CA MET F 195 -41.04 60.77 -2.47
C MET F 195 -42.22 61.58 -3.02
N LYS F 196 -42.25 62.88 -2.73
CA LYS F 196 -43.26 63.77 -3.28
C LYS F 196 -43.17 63.86 -4.81
N ASP F 197 -41.95 63.99 -5.33
CA ASP F 197 -41.68 64.07 -6.78
C ASP F 197 -42.01 62.77 -7.54
N SER F 198 -41.61 61.64 -6.98
CA SER F 198 -41.94 60.34 -7.57
C SER F 198 -43.41 59.94 -7.35
N GLY F 199 -44.10 60.62 -6.44
CA GLY F 199 -45.51 60.36 -6.19
C GLY F 199 -45.81 59.22 -5.21
N VAL F 200 -44.78 58.50 -4.77
CA VAL F 200 -44.94 57.41 -3.80
C VAL F 200 -45.42 57.91 -2.42
N ILE F 201 -45.20 59.18 -2.11
CA ILE F 201 -45.61 59.79 -0.82
C ILE F 201 -47.02 59.46 -0.38
N SER F 202 -47.98 59.46 -1.32
CA SER F 202 -49.37 59.16 -0.97
C SER F 202 -49.59 57.71 -0.52
N LYS F 203 -48.68 56.81 -0.82
CA LYS F 203 -48.71 55.41 -0.33
C LYS F 203 -47.88 55.19 0.95
N THR F 204 -47.39 56.26 1.60
CA THR F 204 -46.35 56.13 2.65
C THR F 204 -46.59 57.07 3.86
N SER F 205 -46.60 56.52 5.08
CA SER F 205 -46.63 57.35 6.31
C SER F 205 -45.19 57.54 6.77
N MET F 206 -44.86 58.73 7.27
CA MET F 206 -43.49 59.02 7.69
C MET F 206 -43.42 59.50 9.14
N VAL F 207 -42.43 58.99 9.90
CA VAL F 207 -42.21 59.37 11.30
C VAL F 207 -40.75 59.71 11.53
N PHE F 208 -40.48 60.90 12.09
CA PHE F 208 -39.11 61.34 12.35
C PHE F 208 -38.85 61.68 13.80
N GLY F 209 -37.90 60.97 14.41
CA GLY F 209 -37.35 61.32 15.72
C GLY F 209 -35.87 61.35 15.61
N GLN F 210 -35.28 62.40 15.03
CA GLN F 210 -33.91 62.36 14.52
C GLN F 210 -32.81 62.59 15.57
N MET F 211 -31.54 62.52 15.12
CA MET F 211 -30.37 62.59 15.99
C MET F 211 -30.25 63.85 16.83
N ASN F 212 -30.96 64.91 16.50
CA ASN F 212 -31.03 66.12 17.35
C ASN F 212 -31.91 65.98 18.60
N GLU F 213 -32.80 64.99 18.64
CA GLU F 213 -33.81 64.91 19.68
C GLU F 213 -33.23 64.29 20.95
N PRO F 214 -33.80 64.57 22.11
CA PRO F 214 -33.42 63.87 23.34
C PRO F 214 -33.65 62.36 23.28
N PRO F 215 -33.06 61.61 24.22
CA PRO F 215 -33.07 60.14 24.19
C PRO F 215 -34.46 59.52 24.18
N GLY F 216 -35.37 60.04 25.01
CA GLY F 216 -36.72 59.48 25.09
C GLY F 216 -37.38 59.45 23.70
N ALA F 217 -37.23 60.52 22.91
CA ALA F 217 -37.79 60.61 21.58
C ALA F 217 -37.24 59.52 20.66
N ARG F 218 -35.91 59.38 20.64
CA ARG F 218 -35.23 58.39 19.80
C ARG F 218 -35.51 56.95 20.26
N LEU F 219 -35.79 56.77 21.55
CA LEU F 219 -36.14 55.46 22.09
C LEU F 219 -37.49 54.95 21.61
N ARG F 220 -38.45 55.87 21.42
CA ARG F 220 -39.85 55.52 21.22
C ARG F 220 -40.40 55.80 19.81
N VAL F 221 -39.72 56.63 19.04
CA VAL F 221 -40.22 57.00 17.72
C VAL F 221 -40.47 55.80 16.79
N ALA F 222 -39.65 54.77 16.88
CA ALA F 222 -39.82 53.59 16.04
C ALA F 222 -41.14 52.87 16.32
N LEU F 223 -41.58 52.90 17.58
CA LEU F 223 -42.84 52.29 17.99
C LEU F 223 -44.03 53.02 17.36
N THR F 224 -43.92 54.35 17.29
CA THR F 224 -44.92 55.20 16.65
C THR F 224 -45.12 54.77 15.19
N GLY F 225 -44.02 54.69 14.45
CA GLY F 225 -44.05 54.17 13.08
C GLY F 225 -44.62 52.78 12.97
N LEU F 226 -44.15 51.90 13.83
CA LEU F 226 -44.59 50.50 13.86
C LEU F 226 -46.07 50.33 14.16
N THR F 227 -46.61 51.19 15.01
CA THR F 227 -48.03 51.19 15.36
C THR F 227 -48.91 51.53 14.17
N MET F 228 -48.44 52.43 13.30
CA MET F 228 -49.15 52.75 12.07
C MET F 228 -49.13 51.58 11.09
N ALA F 229 -47.99 50.89 11.00
CA ALA F 229 -47.84 49.71 10.15
C ALA F 229 -48.68 48.53 10.64
N GLU F 230 -48.80 48.39 11.95
CA GLU F 230 -49.63 47.34 12.55
C GLU F 230 -51.10 47.45 12.15
N TYR F 231 -51.59 48.68 12.07
CA TYR F 231 -52.95 48.92 11.59
C TYR F 231 -53.10 48.38 10.17
N PHE F 232 -52.24 48.81 9.26
CA PHE F 232 -52.35 48.41 7.86
C PHE F 232 -52.24 46.90 7.64
N ARG F 233 -51.48 46.22 8.50
CA ARG F 233 -51.41 44.76 8.45
C ARG F 233 -52.69 44.16 8.99
N ASP F 234 -53.00 44.48 10.25
CA ASP F 234 -54.04 43.76 10.98
C ASP F 234 -55.46 44.16 10.56
N ARG F 235 -55.69 45.45 10.34
CA ARG F 235 -57.03 45.96 10.05
C ARG F 235 -57.29 46.37 8.58
N GLU F 236 -56.31 46.23 7.68
CA GLU F 236 -56.58 46.31 6.25
C GLU F 236 -55.92 45.17 5.46
N GLY F 237 -55.51 44.10 6.14
CA GLY F 237 -54.91 42.94 5.49
C GLY F 237 -53.82 43.14 4.45
N GLN F 238 -53.04 44.20 4.59
CA GLN F 238 -52.16 44.67 3.50
C GLN F 238 -50.73 44.16 3.62
N ASP F 239 -50.03 44.23 2.48
CA ASP F 239 -48.56 44.08 2.40
C ASP F 239 -47.94 45.45 2.73
N VAL F 240 -47.22 45.50 3.83
CA VAL F 240 -46.61 46.74 4.28
C VAL F 240 -45.09 46.64 4.12
N LEU F 241 -44.47 47.75 3.74
CA LEU F 241 -43.02 47.92 3.81
C LEU F 241 -42.71 48.83 4.97
N LEU F 242 -41.86 48.37 5.88
CA LEU F 242 -41.42 49.18 7.01
C LEU F 242 -39.92 49.39 6.83
N PHE F 243 -39.53 50.66 6.60
CA PHE F 243 -38.12 51.04 6.54
C PHE F 243 -37.76 51.72 7.84
N ILE F 244 -36.65 51.32 8.44
CA ILE F 244 -36.15 51.96 9.65
C ILE F 244 -34.69 52.33 9.42
N ASP F 245 -34.36 53.62 9.55
CA ASP F 245 -32.98 54.10 9.44
C ASP F 245 -32.81 55.11 10.57
N ASN F 246 -32.21 54.77 11.71
CA ASN F 246 -31.38 53.60 11.98
C ASN F 246 -31.77 52.97 13.34
N ILE F 247 -31.97 51.66 13.34
CA ILE F 247 -32.44 50.93 14.52
C ILE F 247 -31.41 50.86 15.65
N PHE F 248 -30.13 51.08 15.34
CA PHE F 248 -29.11 51.22 16.38
C PHE F 248 -29.43 52.38 17.30
N ARG F 249 -29.95 53.47 16.75
CA ARG F 249 -30.18 54.68 17.53
C ARG F 249 -31.29 54.51 18.58
N PHE F 250 -32.18 53.55 18.35
CA PHE F 250 -33.13 53.10 19.36
C PHE F 250 -32.39 52.43 20.55
N THR F 251 -31.48 51.52 20.25
CA THR F 251 -30.67 50.84 21.28
C THR F 251 -29.76 51.82 22.04
N GLN F 252 -29.24 52.81 21.30
CA GLN F 252 -28.32 53.80 21.86
C GLN F 252 -29.06 54.72 22.83
N ALA F 253 -30.25 55.15 22.42
CA ALA F 253 -31.13 55.92 23.30
C ALA F 253 -31.53 55.14 24.54
N GLY F 254 -31.73 53.84 24.39
CA GLY F 254 -31.98 52.94 25.52
C GLY F 254 -30.86 53.01 26.55
N SER F 255 -29.60 52.98 26.09
CA SER F 255 -28.46 53.07 26.98
C SER F 255 -28.32 54.45 27.61
N GLU F 256 -28.71 55.50 26.88
CA GLU F 256 -28.69 56.86 27.41
C GLU F 256 -29.67 57.04 28.57
N VAL F 257 -30.89 56.53 28.42
CA VAL F 257 -31.88 56.61 29.50
C VAL F 257 -31.57 55.72 30.69
N SER F 258 -31.05 54.52 30.40
CA SER F 258 -30.69 53.49 31.42
C SER F 258 -29.67 54.06 32.41
N ALA F 259 -28.66 54.79 31.89
CA ALA F 259 -27.67 55.36 32.77
C ALA F 259 -28.30 56.35 33.78
N LEU F 260 -29.22 57.19 33.28
CA LEU F 260 -29.88 58.19 34.10
C LEU F 260 -30.95 57.63 35.03
N LEU F 261 -31.55 56.49 34.68
CA LEU F 261 -32.44 55.77 35.60
C LEU F 261 -31.66 55.04 36.71
N GLY F 262 -30.32 54.99 36.59
CA GLY F 262 -29.47 54.42 37.63
C GLY F 262 -29.20 52.93 37.51
N ARG F 263 -29.49 52.33 36.36
CA ARG F 263 -29.30 50.90 36.18
C ARG F 263 -27.83 50.55 36.09
N MET F 264 -27.44 49.43 36.70
CA MET F 264 -26.05 48.99 36.65
C MET F 264 -25.70 48.57 35.22
N PRO F 265 -24.60 49.10 34.68
CA PRO F 265 -24.31 48.84 33.27
C PRO F 265 -23.88 47.39 32.99
N SER F 266 -24.10 46.98 31.75
CA SER F 266 -23.75 45.66 31.25
C SER F 266 -22.45 45.81 30.43
N ALA F 267 -22.11 44.79 29.66
CA ALA F 267 -20.90 44.80 28.84
C ALA F 267 -20.82 45.98 27.88
N VAL F 268 -19.65 46.61 27.81
CA VAL F 268 -19.36 47.76 26.94
C VAL F 268 -20.23 48.99 27.29
N GLY F 269 -20.71 49.06 28.52
CA GLY F 269 -21.51 50.17 29.00
C GLY F 269 -22.94 50.24 28.53
N TYR F 270 -23.44 49.22 27.84
CA TYR F 270 -24.83 49.19 27.42
C TYR F 270 -25.74 48.88 28.60
N GLN F 271 -27.03 49.20 28.42
CA GLN F 271 -28.04 48.89 29.39
C GLN F 271 -28.14 47.39 29.63
N PRO F 272 -28.45 46.98 30.87
CA PRO F 272 -28.62 45.55 31.16
C PRO F 272 -29.86 44.96 30.48
N THR F 273 -30.83 45.80 30.10
CA THR F 273 -32.03 45.38 29.41
C THR F 273 -31.93 45.46 27.87
N LEU F 274 -30.71 45.39 27.34
CA LEU F 274 -30.48 45.57 25.90
C LEU F 274 -31.27 44.61 25.01
N ALA F 275 -31.14 43.34 25.33
CA ALA F 275 -31.73 42.25 24.55
C ALA F 275 -33.27 42.26 24.62
N THR F 276 -33.84 42.43 25.81
CA THR F 276 -35.30 42.42 25.98
C THR F 276 -35.96 43.66 25.39
N GLU F 277 -35.36 44.83 25.60
CA GLU F 277 -35.85 46.08 24.97
C GLU F 277 -35.94 45.91 23.45
N MET F 278 -34.92 45.29 22.87
CA MET F 278 -34.88 45.00 21.43
C MET F 278 -35.95 44.02 21.00
N GLY F 279 -36.11 42.95 21.76
CA GLY F 279 -37.14 41.94 21.50
C GLY F 279 -38.55 42.47 21.52
N GLN F 280 -38.83 43.36 22.46
CA GLN F 280 -40.15 43.98 22.59
C GLN F 280 -40.53 44.84 21.39
N LEU F 281 -39.52 45.42 20.72
CA LEU F 281 -39.75 46.19 19.51
C LEU F 281 -39.81 45.26 18.32
N GLN F 282 -38.80 44.41 18.21
CA GLN F 282 -38.59 43.60 17.03
C GLN F 282 -39.67 42.58 16.79
N GLU F 283 -40.16 41.93 17.85
CA GLU F 283 -41.15 40.86 17.68
C GLU F 283 -42.50 41.34 17.12
N ARG F 284 -42.80 42.62 17.33
CA ARG F 284 -43.97 43.26 16.74
C ARG F 284 -43.80 43.49 15.25
N ILE F 285 -42.56 43.71 14.79
CA ILE F 285 -42.27 43.78 13.36
C ILE F 285 -42.27 42.35 12.81
N THR F 286 -43.40 41.95 12.21
CA THR F 286 -43.56 40.57 11.76
C THR F 286 -44.77 40.45 10.83
N SER F 287 -44.82 39.37 10.07
CA SER F 287 -45.97 39.06 9.21
C SER F 287 -46.88 38.11 9.97
N THR F 288 -48.17 38.45 10.00
CA THR F 288 -49.21 37.59 10.63
C THR F 288 -50.03 36.96 9.53
N LYS F 289 -51.05 36.19 9.90
CA LYS F 289 -51.98 35.60 8.95
C LYS F 289 -52.86 36.67 8.30
N LYS F 290 -53.18 37.76 9.03
CA LYS F 290 -54.01 38.84 8.51
C LYS F 290 -53.31 39.68 7.42
N GLY F 291 -52.01 39.88 7.56
CA GLY F 291 -51.23 40.62 6.57
C GLY F 291 -49.74 40.44 6.78
N SER F 292 -48.97 41.12 5.95
CA SER F 292 -47.52 40.93 5.88
C SER F 292 -46.78 42.27 5.99
N ILE F 293 -45.70 42.25 6.78
CA ILE F 293 -44.78 43.39 6.91
C ILE F 293 -43.40 42.91 6.48
N THR F 294 -42.89 43.46 5.37
CA THR F 294 -41.51 43.32 4.95
C THR F 294 -40.72 44.52 5.49
N SER F 295 -39.84 44.25 6.44
CA SER F 295 -39.07 45.33 7.09
C SER F 295 -37.61 45.33 6.67
N ILE F 296 -37.10 46.52 6.36
CA ILE F 296 -35.72 46.70 5.95
C ILE F 296 -35.11 47.73 6.89
N GLN F 297 -34.20 47.28 7.76
CA GLN F 297 -33.69 48.12 8.83
C GLN F 297 -32.19 48.35 8.69
N ALA F 298 -31.79 49.62 8.63
CA ALA F 298 -30.38 50.00 8.63
C ALA F 298 -29.87 49.87 10.07
N ILE F 299 -28.69 49.28 10.21
CA ILE F 299 -28.11 48.95 11.53
C ILE F 299 -26.65 49.42 11.62
N TYR F 300 -26.40 50.45 12.42
CA TYR F 300 -25.06 50.97 12.61
C TYR F 300 -24.22 50.01 13.42
N VAL F 301 -22.95 49.92 13.06
CA VAL F 301 -21.95 49.07 13.74
C VAL F 301 -20.88 49.99 14.35
N PRO F 302 -20.94 50.21 15.68
CA PRO F 302 -19.99 51.11 16.33
C PRO F 302 -18.54 50.70 16.17
N ALA F 303 -17.68 51.65 15.80
CA ALA F 303 -16.26 51.43 15.61
C ALA F 303 -15.92 50.25 14.67
N ASP F 304 -16.77 50.03 13.68
CA ASP F 304 -16.63 48.93 12.72
C ASP F 304 -16.56 47.53 13.35
N ASP F 305 -17.07 47.40 14.58
CA ASP F 305 -16.90 46.17 15.35
C ASP F 305 -18.23 45.40 15.36
N TYR F 306 -18.32 44.35 14.54
CA TYR F 306 -19.54 43.53 14.49
C TYR F 306 -19.81 42.72 15.77
N THR F 307 -18.83 42.64 16.67
CA THR F 307 -19.02 41.96 17.96
C THR F 307 -19.54 42.89 19.05
N ASP F 308 -19.73 44.18 18.75
CA ASP F 308 -20.30 45.12 19.72
C ASP F 308 -21.70 44.62 20.14
N PRO F 309 -22.04 44.72 21.43
CA PRO F 309 -23.33 44.18 21.87
C PRO F 309 -24.57 44.61 21.08
N ALA F 310 -24.58 45.83 20.55
CA ALA F 310 -25.76 46.33 19.82
C ALA F 310 -26.00 45.55 18.53
N PRO F 311 -25.07 45.61 17.57
CA PRO F 311 -25.30 44.82 16.35
C PRO F 311 -25.32 43.31 16.60
N ALA F 312 -24.52 42.82 17.55
CA ALA F 312 -24.46 41.40 17.86
C ALA F 312 -25.83 40.85 18.27
N THR F 313 -26.54 41.58 19.11
CA THR F 313 -27.87 41.18 19.54
C THR F 313 -28.92 41.35 18.44
N THR F 314 -28.72 42.32 17.54
CA THR F 314 -29.63 42.57 16.45
C THR F 314 -29.74 41.42 15.44
N PHE F 315 -28.63 40.69 15.21
CA PHE F 315 -28.63 39.55 14.26
C PHE F 315 -29.69 38.48 14.50
N ALA F 316 -30.03 38.22 15.76
CA ALA F 316 -31.02 37.20 16.09
C ALA F 316 -32.40 37.49 15.51
N HIS F 317 -32.67 38.75 15.14
CA HIS F 317 -34.00 39.14 14.68
C HIS F 317 -34.15 39.26 13.17
N LEU F 318 -33.31 38.58 12.40
CA LEU F 318 -33.21 38.88 10.96
C LEU F 318 -33.25 37.62 10.12
N ASP F 319 -34.02 37.68 9.03
CA ASP F 319 -34.15 36.60 8.05
C ASP F 319 -33.16 36.73 6.89
N ALA F 320 -32.66 37.96 6.67
CA ALA F 320 -31.53 38.18 5.81
C ALA F 320 -30.71 39.34 6.32
N THR F 321 -29.41 39.30 6.02
CA THR F 321 -28.48 40.38 6.41
C THR F 321 -27.64 40.81 5.22
N THR F 322 -27.32 42.09 5.20
CA THR F 322 -26.41 42.65 4.23
C THR F 322 -25.35 43.36 5.05
N ASN F 323 -24.15 42.77 5.11
CA ASN F 323 -23.06 43.26 5.94
C ASN F 323 -22.11 44.13 5.14
N LEU F 324 -22.18 45.44 5.35
CA LEU F 324 -21.33 46.36 4.63
C LEU F 324 -19.98 46.46 5.37
N GLU F 325 -18.88 46.37 4.62
CA GLU F 325 -17.54 46.45 5.17
C GLU F 325 -16.75 47.60 4.55
N ARG F 326 -16.09 48.40 5.39
CA ARG F 326 -15.36 49.58 4.93
C ARG F 326 -14.23 49.24 3.93
N LYS F 327 -13.56 48.07 4.12
CA LYS F 327 -12.46 47.69 3.24
C LYS F 327 -12.89 47.67 1.78
N LEU F 328 -14.08 47.12 1.52
CA LEU F 328 -14.65 47.06 0.18
C LEU F 328 -15.00 48.46 -0.35
N ALA F 329 -15.59 49.29 0.49
CA ALA F 329 -15.93 50.64 0.09
C ALA F 329 -14.69 51.42 -0.33
N GLU F 330 -13.60 51.24 0.43
CA GLU F 330 -12.34 51.92 0.13
C GLU F 330 -11.71 51.47 -1.19
N MET F 331 -11.95 50.22 -1.58
CA MET F 331 -11.51 49.74 -2.91
C MET F 331 -12.36 50.25 -4.07
N GLY F 332 -13.54 50.80 -3.77
CA GLY F 332 -14.47 51.24 -4.80
C GLY F 332 -15.51 50.19 -5.16
N ILE F 333 -15.58 49.08 -4.41
CA ILE F 333 -16.65 48.09 -4.56
C ILE F 333 -17.92 48.58 -3.85
N TYR F 334 -18.86 49.11 -4.64
CA TYR F 334 -20.17 49.51 -4.14
C TYR F 334 -21.28 48.71 -4.84
N PRO F 335 -22.32 48.26 -4.14
CA PRO F 335 -22.45 48.35 -2.69
C PRO F 335 -21.39 47.50 -1.99
N ALA F 336 -20.97 47.93 -0.81
CA ALA F 336 -19.79 47.37 -0.10
C ALA F 336 -20.07 46.11 0.71
N VAL F 337 -20.65 45.12 0.05
CA VAL F 337 -21.31 44.00 0.72
C VAL F 337 -20.31 42.86 0.85
N ASP F 338 -20.05 42.48 2.08
CA ASP F 338 -19.24 41.30 2.41
C ASP F 338 -19.99 40.07 1.90
N PRO F 339 -19.49 39.45 0.81
CA PRO F 339 -20.24 38.35 0.19
C PRO F 339 -20.12 37.02 0.96
N LEU F 340 -19.32 36.96 2.02
CA LEU F 340 -19.25 35.78 2.89
C LEU F 340 -20.01 35.98 4.22
N ALA F 341 -19.92 37.17 4.82
CA ALA F 341 -20.63 37.49 6.06
C ALA F 341 -22.15 37.70 5.92
N SER F 342 -22.58 38.17 4.75
CA SER F 342 -24.00 38.35 4.45
C SER F 342 -24.69 37.00 4.30
N THR F 343 -25.93 36.91 4.76
CA THR F 343 -26.64 35.64 4.87
C THR F 343 -28.14 35.82 4.67
N SER F 344 -28.78 34.71 4.34
CA SER F 344 -30.21 34.68 4.18
C SER F 344 -30.72 33.30 4.51
N ARG F 345 -31.84 33.28 5.24
CA ARG F 345 -32.53 32.07 5.62
C ARG F 345 -33.06 31.30 4.40
N ILE F 346 -33.38 32.02 3.33
CA ILE F 346 -33.97 31.45 2.11
C ILE F 346 -32.99 31.13 0.98
N LEU F 347 -31.68 31.25 1.22
CA LEU F 347 -30.71 30.75 0.21
C LEU F 347 -30.65 29.23 0.31
N SER F 348 -31.64 28.58 -0.28
CA SER F 348 -31.74 27.12 -0.30
C SER F 348 -32.36 26.67 -1.62
N PRO F 349 -32.03 25.45 -2.09
CA PRO F 349 -32.59 24.97 -3.36
C PRO F 349 -34.12 24.98 -3.40
N ALA F 350 -34.76 24.70 -2.27
CA ALA F 350 -36.22 24.74 -2.13
C ALA F 350 -36.87 26.06 -2.58
N VAL F 351 -36.20 27.19 -2.40
CA VAL F 351 -36.79 28.52 -2.62
C VAL F 351 -36.31 29.21 -3.90
N VAL F 352 -35.00 29.33 -4.06
CA VAL F 352 -34.38 29.95 -5.24
C VAL F 352 -34.11 28.95 -6.36
N GLY F 353 -34.43 27.68 -6.20
CA GLY F 353 -34.13 26.74 -7.29
C GLY F 353 -32.68 26.28 -7.29
N GLU F 354 -32.48 25.13 -7.91
CA GLU F 354 -31.27 24.31 -7.76
C GLU F 354 -30.03 24.97 -8.36
N GLU F 355 -30.21 25.66 -9.49
CA GLU F 355 -29.10 26.30 -10.19
C GLU F 355 -28.58 27.50 -9.41
N HIS F 356 -29.49 28.38 -8.99
CA HIS F 356 -29.17 29.54 -8.16
C HIS F 356 -28.28 29.13 -6.99
N TYR F 357 -28.74 28.14 -6.21
CA TYR F 357 -28.02 27.69 -5.01
C TYR F 357 -26.62 27.21 -5.36
N ARG F 358 -26.52 26.37 -6.40
CA ARG F 358 -25.24 25.82 -6.86
C ARG F 358 -24.25 26.93 -7.24
N VAL F 359 -24.75 27.96 -7.93
CA VAL F 359 -23.92 29.08 -8.40
C VAL F 359 -23.44 29.93 -7.23
N ALA F 360 -24.37 30.26 -6.33
CA ALA F 360 -24.06 31.07 -5.16
C ALA F 360 -23.01 30.43 -4.27
N ARG F 361 -23.14 29.13 -4.04
CA ARG F 361 -22.15 28.37 -3.27
C ARG F 361 -20.82 28.25 -3.98
N GLY F 362 -20.89 28.11 -5.31
CA GLY F 362 -19.70 28.16 -6.14
C GLY F 362 -18.94 29.47 -6.01
N VAL F 363 -19.68 30.58 -6.08
CA VAL F 363 -19.11 31.92 -5.91
C VAL F 363 -18.44 32.07 -4.54
N GLN F 364 -19.13 31.63 -3.50
CA GLN F 364 -18.61 31.73 -2.13
C GLN F 364 -17.40 30.85 -1.89
N GLN F 365 -17.33 29.70 -2.53
CA GLN F 365 -16.15 28.83 -2.42
C GLN F 365 -14.89 29.50 -3.00
N VAL F 366 -15.06 30.18 -4.14
CA VAL F 366 -13.98 30.86 -4.80
C VAL F 366 -13.53 32.08 -3.95
N LEU F 367 -14.50 32.84 -3.45
CA LEU F 367 -14.18 33.98 -2.61
C LEU F 367 -13.54 33.58 -1.29
N GLN F 368 -13.96 32.48 -0.71
CA GLN F 368 -13.40 31.98 0.56
C GLN F 368 -11.96 31.60 0.40
N ARG F 369 -11.63 30.94 -0.71
CA ARG F 369 -10.25 30.55 -0.98
C ARG F 369 -9.36 31.80 -1.14
N TYR F 370 -9.87 32.78 -1.89
CA TYR F 370 -9.19 34.05 -2.08
C TYR F 370 -8.95 34.76 -0.74
N ASN F 371 -9.97 34.75 0.10
CA ASN F 371 -9.88 35.29 1.46
C ASN F 371 -8.77 34.64 2.27
N ASP F 372 -8.64 33.32 2.19
CA ASP F 372 -7.58 32.58 2.90
C ASP F 372 -6.19 32.99 2.45
N LEU F 373 -6.02 33.28 1.15
CA LEU F 373 -4.73 33.64 0.61
C LEU F 373 -4.33 35.14 0.82
N GLN F 374 -5.23 35.93 1.36
CA GLN F 374 -5.01 37.38 1.56
C GLN F 374 -3.81 37.74 2.34
N ASP F 375 -3.35 36.95 3.30
CA ASP F 375 -2.06 37.22 3.98
C ASP F 375 -0.87 37.02 3.07
N ILE F 376 -0.83 35.89 2.38
CA ILE F 376 0.26 35.59 1.44
C ILE F 376 0.29 36.63 0.31
N ILE F 377 -0.89 36.98 -0.21
CA ILE F 377 -1.00 37.98 -1.29
C ILE F 377 -0.55 39.37 -0.84
N ALA F 378 -0.93 39.78 0.35
CA ALA F 378 -0.58 41.11 0.89
C ALA F 378 0.91 41.37 0.97
N ILE F 379 1.71 40.33 1.17
CA ILE F 379 3.18 40.45 1.27
C ILE F 379 3.84 40.05 -0.07
N LEU F 380 3.64 38.81 -0.52
CA LEU F 380 4.33 38.29 -1.71
C LEU F 380 3.72 38.63 -3.05
N GLY F 381 2.48 39.11 -3.06
CA GLY F 381 1.66 39.18 -4.28
C GLY F 381 1.21 37.81 -4.78
N MET F 382 0.80 37.78 -6.03
CA MET F 382 0.29 36.57 -6.65
C MET F 382 1.38 35.65 -7.22
N ASP F 383 2.62 36.10 -7.29
CA ASP F 383 3.66 35.41 -8.07
C ASP F 383 4.03 34.04 -7.50
N GLU F 384 3.90 33.87 -6.17
CA GLU F 384 4.33 32.60 -5.55
C GLU F 384 3.29 31.47 -5.59
N LEU F 385 2.08 31.78 -6.08
CA LEU F 385 0.96 30.85 -5.97
C LEU F 385 1.03 29.73 -6.97
N SER F 386 0.43 28.59 -6.63
CA SER F 386 0.27 27.48 -7.56
C SER F 386 -0.65 27.85 -8.71
N ASP F 387 -0.61 27.08 -9.79
CA ASP F 387 -1.44 27.36 -10.97
C ASP F 387 -2.92 27.26 -10.66
N GLU F 388 -3.28 26.36 -9.75
CA GLU F 388 -4.68 26.19 -9.33
C GLU F 388 -5.14 27.47 -8.63
N ASP F 389 -4.30 28.00 -7.72
CA ASP F 389 -4.65 29.21 -6.97
C ASP F 389 -4.67 30.47 -7.79
N LYS F 390 -3.72 30.64 -8.71
CA LYS F 390 -3.71 31.80 -9.61
C LYS F 390 -4.96 31.91 -10.44
N LEU F 391 -5.49 30.78 -10.89
CA LEU F 391 -6.76 30.73 -11.63
C LEU F 391 -7.93 31.13 -10.71
N ILE F 392 -7.90 30.63 -9.46
CA ILE F 392 -8.92 30.96 -8.48
C ILE F 392 -8.90 32.46 -8.13
N VAL F 393 -7.71 33.00 -7.94
CA VAL F 393 -7.56 34.43 -7.65
C VAL F 393 -8.03 35.28 -8.81
N ALA F 394 -7.71 34.89 -10.02
CA ALA F 394 -8.18 35.60 -11.25
C ALA F 394 -9.68 35.72 -11.26
N ARG F 395 -10.36 34.60 -11.05
CA ARG F 395 -11.81 34.55 -11.07
C ARG F 395 -12.43 35.26 -9.89
N ALA F 396 -11.82 35.08 -8.73
CA ALA F 396 -12.28 35.76 -7.51
C ALA F 396 -12.34 37.27 -7.70
N ARG F 397 -11.31 37.83 -8.33
CA ARG F 397 -11.23 39.27 -8.57
C ARG F 397 -12.25 39.75 -9.59
N LYS F 398 -12.56 38.90 -10.57
CA LYS F 398 -13.62 39.21 -11.53
C LYS F 398 -14.98 39.11 -10.87
N ILE F 399 -15.18 38.04 -10.10
CA ILE F 399 -16.38 37.87 -9.30
C ILE F 399 -16.61 39.07 -8.38
N GLN F 400 -15.58 39.44 -7.63
CA GLN F 400 -15.64 40.56 -6.68
C GLN F 400 -16.06 41.87 -7.34
N ARG F 401 -15.63 42.09 -8.57
CA ARG F 401 -16.01 43.28 -9.36
C ARG F 401 -17.39 43.19 -9.95
N PHE F 402 -17.80 42.00 -10.39
CA PHE F 402 -19.14 41.81 -10.95
C PHE F 402 -20.24 41.92 -9.88
N LEU F 403 -19.89 41.74 -8.61
CA LEU F 403 -20.81 42.00 -7.49
C LEU F 403 -21.06 43.50 -7.26
N SER F 404 -20.17 44.36 -7.76
CA SER F 404 -20.39 45.80 -7.71
C SER F 404 -21.38 46.19 -8.78
N GLN F 405 -22.02 47.33 -8.59
CA GLN F 405 -23.18 47.72 -9.39
C GLN F 405 -23.51 49.20 -9.17
N PRO F 406 -23.72 49.96 -10.26
CA PRO F 406 -24.09 51.36 -10.08
C PRO F 406 -25.54 51.50 -9.64
N PHE F 407 -25.79 52.40 -8.70
CA PHE F 407 -27.13 52.59 -8.15
C PHE F 407 -27.81 53.79 -8.79
N HIS F 408 -29.13 53.65 -8.99
CA HIS F 408 -29.99 54.71 -9.50
C HIS F 408 -29.91 55.96 -8.62
N VAL F 409 -29.87 55.74 -7.30
CA VAL F 409 -29.80 56.84 -6.31
C VAL F 409 -28.41 57.48 -6.24
N ALA F 410 -27.40 56.79 -6.74
CA ALA F 410 -26.03 57.29 -6.77
C ALA F 410 -25.64 57.93 -8.10
N GLU F 411 -26.59 58.24 -8.97
CA GLU F 411 -26.32 59.01 -10.21
C GLU F 411 -25.66 60.37 -9.91
N GLN F 412 -25.98 60.95 -8.74
CA GLN F 412 -25.35 62.20 -8.29
C GLN F 412 -23.88 62.03 -7.90
N PHE F 413 -23.50 60.92 -7.31
CA PHE F 413 -22.11 60.71 -6.86
C PHE F 413 -21.25 60.11 -8.00
N THR F 414 -21.68 58.95 -8.52
CA THR F 414 -20.89 58.23 -9.53
C THR F 414 -20.87 58.97 -10.87
N GLY F 415 -21.92 59.71 -11.19
CA GLY F 415 -22.10 60.30 -12.51
C GLY F 415 -22.59 59.30 -13.54
N MET F 416 -22.75 58.00 -13.20
CA MET F 416 -23.18 56.97 -14.10
C MET F 416 -24.61 56.56 -13.84
N PRO F 417 -25.37 56.23 -14.91
CA PRO F 417 -26.74 55.75 -14.70
C PRO F 417 -26.77 54.40 -13.96
N GLY F 418 -27.78 54.23 -13.12
CA GLY F 418 -27.94 53.02 -12.33
C GLY F 418 -28.49 51.86 -13.16
N LYS F 419 -28.45 50.66 -12.56
CA LYS F 419 -28.86 49.45 -13.24
C LYS F 419 -29.68 48.56 -12.32
N TYR F 420 -30.80 48.06 -12.83
CA TYR F 420 -31.59 47.02 -12.18
C TYR F 420 -31.27 45.71 -12.90
N VAL F 421 -30.81 44.69 -12.16
CA VAL F 421 -30.47 43.39 -12.74
C VAL F 421 -31.36 42.30 -12.14
N PRO F 422 -32.22 41.69 -12.98
CA PRO F 422 -33.08 40.63 -12.45
C PRO F 422 -32.29 39.39 -12.06
N VAL F 423 -32.89 38.57 -11.17
CA VAL F 423 -32.22 37.39 -10.62
C VAL F 423 -31.71 36.45 -11.70
N LYS F 424 -32.54 36.18 -12.73
CA LYS F 424 -32.18 35.26 -13.83
C LYS F 424 -30.85 35.63 -14.47
N GLU F 425 -30.64 36.93 -14.65
CA GLU F 425 -29.45 37.49 -15.27
C GLU F 425 -28.23 37.45 -14.33
N THR F 426 -28.47 37.75 -13.05
CA THR F 426 -27.43 37.67 -12.02
C THR F 426 -26.89 36.24 -11.96
N VAL F 427 -27.79 35.26 -11.87
CA VAL F 427 -27.39 33.86 -11.80
C VAL F 427 -26.59 33.46 -13.05
N ARG F 428 -27.12 33.84 -14.22
CA ARG F 428 -26.49 33.52 -15.50
C ARG F 428 -25.07 34.08 -15.60
N GLY F 429 -24.90 35.33 -15.19
CA GLY F 429 -23.61 36.00 -15.25
C GLY F 429 -22.54 35.32 -14.43
N PHE F 430 -22.84 35.11 -13.15
CA PHE F 430 -21.90 34.46 -12.24
C PHE F 430 -21.67 33.00 -12.61
N LYS F 431 -22.69 32.33 -13.16
CA LYS F 431 -22.50 30.96 -13.66
C LYS F 431 -21.42 30.91 -14.73
N GLU F 432 -21.49 31.85 -15.66
CA GLU F 432 -20.56 31.93 -16.78
C GLU F 432 -19.12 32.25 -16.36
N ILE F 433 -18.97 33.14 -15.37
CA ILE F 433 -17.63 33.48 -14.84
C ILE F 433 -17.00 32.25 -14.20
N LEU F 434 -17.78 31.52 -13.40
CA LEU F 434 -17.32 30.27 -12.79
C LEU F 434 -16.97 29.22 -13.83
N GLU F 435 -17.77 29.14 -14.89
CA GLU F 435 -17.52 28.19 -15.99
C GLU F 435 -16.27 28.49 -16.83
N GLY F 436 -15.76 29.72 -16.77
CA GLY F 436 -14.54 30.11 -17.47
C GLY F 436 -14.78 30.87 -18.79
N LYS F 437 -16.04 31.18 -19.09
CA LYS F 437 -16.40 31.79 -20.37
C LYS F 437 -15.87 33.19 -20.55
N HIS F 438 -15.48 33.86 -19.47
CA HIS F 438 -14.97 35.22 -19.53
C HIS F 438 -13.61 35.34 -18.84
N ASP F 439 -12.78 34.30 -18.90
CA ASP F 439 -11.41 34.36 -18.39
C ASP F 439 -10.48 35.30 -19.16
N ASN F 440 -10.88 35.72 -20.35
CA ASN F 440 -10.02 36.57 -21.21
C ASN F 440 -10.43 38.05 -21.23
N LEU F 441 -11.59 38.38 -20.65
CA LEU F 441 -11.95 39.76 -20.44
C LEU F 441 -11.06 40.36 -19.34
N PRO F 442 -10.60 41.63 -19.51
CA PRO F 442 -9.84 42.26 -18.43
C PRO F 442 -10.73 42.57 -17.22
N GLU F 443 -10.10 42.72 -16.04
CA GLU F 443 -10.85 42.83 -14.79
C GLU F 443 -11.78 44.03 -14.76
N GLU F 444 -11.30 45.19 -15.23
CA GLU F 444 -12.11 46.41 -15.22
C GLU F 444 -13.43 46.27 -15.99
N ALA F 445 -13.49 45.32 -16.92
CA ALA F 445 -14.72 45.06 -17.66
C ALA F 445 -15.93 44.70 -16.79
N PHE F 446 -15.68 44.01 -15.68
CA PHE F 446 -16.74 43.52 -14.79
C PHE F 446 -17.18 44.54 -13.73
N TYR F 447 -16.35 45.56 -13.54
CA TYR F 447 -16.59 46.58 -12.53
C TYR F 447 -17.68 47.55 -12.98
N MET F 448 -18.72 47.69 -12.15
CA MET F 448 -19.75 48.72 -12.30
C MET F 448 -20.50 48.62 -13.65
N VAL F 449 -21.22 47.52 -13.77
CA VAL F 449 -21.93 47.23 -15.01
C VAL F 449 -23.44 46.87 -15.01
N GLY F 450 -23.90 45.74 -14.54
CA GLY F 450 -25.28 45.40 -14.75
C GLY F 450 -25.16 43.98 -15.19
N THR F 451 -25.68 43.65 -16.36
CA THR F 451 -25.70 42.26 -16.83
C THR F 451 -24.32 41.83 -17.33
N ILE F 452 -24.12 40.53 -17.51
CA ILE F 452 -22.85 40.01 -18.06
C ILE F 452 -22.60 40.54 -19.48
N ASP F 453 -23.67 40.78 -20.22
CA ASP F 453 -23.60 41.34 -21.57
C ASP F 453 -22.99 42.74 -21.59
N GLU F 454 -23.29 43.55 -20.59
CA GLU F 454 -22.68 44.89 -20.47
C GLU F 454 -21.17 44.80 -20.17
N ALA F 455 -20.74 43.72 -19.52
CA ALA F 455 -19.31 43.48 -19.26
C ALA F 455 -18.55 43.13 -20.54
N VAL F 456 -19.15 42.27 -21.36
CA VAL F 456 -18.61 41.92 -22.68
C VAL F 456 -18.51 43.17 -23.57
N GLU F 457 -19.52 44.03 -23.51
CA GLU F 457 -19.57 45.29 -24.24
C GLU F 457 -18.51 46.28 -23.73
N LYS F 458 -18.30 46.35 -22.41
CA LYS F 458 -17.30 47.24 -21.83
C LYS F 458 -15.87 46.80 -22.19
N ALA F 459 -15.66 45.50 -22.36
CA ALA F 459 -14.33 44.97 -22.71
C ALA F 459 -13.83 45.50 -24.06
N LYS F 460 -14.75 45.62 -25.02
CA LYS F 460 -14.45 46.14 -26.35
C LYS F 460 -13.90 47.57 -26.31
N LYS F 461 -14.36 48.36 -25.33
CA LYS F 461 -13.87 49.75 -25.19
C LYS F 461 -12.55 49.90 -24.42
N LEU F 462 -11.79 48.83 -24.31
CA LEU F 462 -10.57 48.78 -23.51
C LEU F 462 -9.50 48.09 -24.33
N GLY G 3 -8.49 40.77 19.88
CA GLY G 3 -7.84 39.81 20.81
C GLY G 3 -6.31 39.78 20.64
N MET G 4 -5.58 40.05 21.72
CA MET G 4 -4.12 40.22 21.66
C MET G 4 -3.35 38.92 21.46
N ARG G 5 -3.96 37.79 21.81
CA ARG G 5 -3.31 36.49 21.65
C ARG G 5 -2.86 36.26 20.19
N GLU G 6 -3.76 36.52 19.24
CA GLU G 6 -3.45 36.47 17.81
C GLU G 6 -2.45 37.53 17.35
N ILE G 7 -2.65 38.77 17.79
CA ILE G 7 -1.93 39.91 17.24
C ILE G 7 -0.47 39.92 17.73
N LYS G 8 -0.23 39.59 19.00
CA LYS G 8 1.13 39.24 19.51
C LYS G 8 1.95 38.40 18.50
N ARG G 9 1.35 37.29 18.09
CA ARG G 9 1.97 36.30 17.21
C ARG G 9 1.98 36.72 15.74
N ARG G 10 0.95 37.44 15.29
CA ARG G 10 0.90 37.94 13.90
C ARG G 10 1.93 39.04 13.64
N ILE G 11 2.18 39.88 14.64
CA ILE G 11 3.24 40.89 14.58
C ILE G 11 4.60 40.18 14.57
N ARG G 12 4.79 39.23 15.47
CA ARG G 12 5.98 38.38 15.50
C ARG G 12 6.31 37.83 14.09
N SER G 13 5.35 37.14 13.49
CA SER G 13 5.51 36.53 12.15
C SER G 13 5.95 37.52 11.07
N VAL G 14 5.23 38.64 10.99
CA VAL G 14 5.48 39.62 9.94
C VAL G 14 6.83 40.29 10.17
N LYS G 15 7.20 40.49 11.42
CA LYS G 15 8.45 41.17 11.76
C LYS G 15 9.67 40.27 11.49
N ASN G 16 9.58 38.98 11.85
CA ASN G 16 10.63 38.02 11.50
C ASN G 16 10.75 37.92 9.98
N THR G 17 9.63 37.64 9.32
CA THR G 17 9.55 37.54 7.85
C THR G 17 10.20 38.74 7.14
N ARG G 18 9.92 39.96 7.63
CA ARG G 18 10.48 41.18 7.04
C ARG G 18 12.01 41.25 7.16
N GLN G 19 12.57 40.81 8.28
CA GLN G 19 14.03 40.68 8.42
C GLN G 19 14.64 39.77 7.34
N ILE G 20 13.93 38.70 7.00
CA ILE G 20 14.39 37.79 5.94
C ILE G 20 14.23 38.40 4.54
N THR G 21 13.11 39.05 4.23
CA THR G 21 12.94 39.67 2.90
C THR G 21 13.96 40.79 2.69
N LYS G 22 14.15 41.58 3.74
CA LYS G 22 15.16 42.66 3.80
C LYS G 22 16.57 42.15 3.46
N ALA G 23 16.96 41.05 4.12
CA ALA G 23 18.25 40.40 3.87
C ALA G 23 18.33 39.78 2.47
N MET G 24 17.30 39.07 2.06
CA MET G 24 17.27 38.43 0.74
C MET G 24 17.49 39.42 -0.42
N LYS G 25 16.94 40.63 -0.31
CA LYS G 25 17.22 41.68 -1.28
C LYS G 25 18.69 42.00 -1.25
N MET G 26 19.27 42.11 -0.05
CA MET G 26 20.73 42.37 0.09
C MET G 26 21.63 41.26 -0.48
N VAL G 27 21.21 39.99 -0.37
CA VAL G 27 21.95 38.89 -0.99
C VAL G 27 21.77 38.91 -2.51
N ALA G 28 20.53 39.04 -2.98
CA ALA G 28 20.24 39.22 -4.41
C ALA G 28 21.03 40.38 -5.02
N ALA G 29 21.20 41.45 -4.25
CA ALA G 29 22.00 42.62 -4.68
C ALA G 29 23.47 42.28 -4.88
N ALA G 30 24.01 41.49 -3.95
CA ALA G 30 25.39 41.00 -4.03
C ALA G 30 25.63 40.16 -5.28
N LYS G 31 24.68 39.28 -5.57
CA LYS G 31 24.82 38.30 -6.65
C LYS G 31 24.66 38.92 -8.03
N LEU G 32 23.95 40.04 -8.11
CA LEU G 32 23.85 40.83 -9.33
C LEU G 32 25.19 41.48 -9.68
N ARG G 33 25.92 41.92 -8.67
CA ARG G 33 27.25 42.47 -8.87
C ARG G 33 28.14 41.37 -9.41
N ARG G 34 28.19 40.23 -8.71
CA ARG G 34 29.06 39.11 -9.14
C ARG G 34 28.72 38.57 -10.54
N ALA G 35 27.45 38.65 -10.91
CA ALA G 35 26.99 38.23 -12.24
C ALA G 35 27.40 39.18 -13.35
N GLN G 36 27.48 40.47 -13.04
CA GLN G 36 27.93 41.48 -14.01
C GLN G 36 29.45 41.62 -14.07
N GLU G 37 30.12 41.39 -12.93
CA GLU G 37 31.58 41.20 -12.90
C GLU G 37 31.98 40.07 -13.84
N THR G 38 31.44 38.88 -13.61
CA THR G 38 31.83 37.74 -14.45
C THR G 38 31.42 37.92 -15.93
N ALA G 39 30.40 38.74 -16.23
CA ALA G 39 30.07 39.05 -17.64
C ALA G 39 31.07 39.99 -18.29
N GLU G 40 31.75 40.79 -17.49
CA GLU G 40 32.79 41.67 -18.00
C GLU G 40 34.09 40.91 -18.28
N ASN G 41 34.22 39.66 -17.80
CA ASN G 41 35.26 38.73 -18.30
C ASN G 41 34.82 37.91 -19.50
N ALA G 42 33.56 37.51 -19.52
CA ALA G 42 33.01 36.71 -20.61
C ALA G 42 32.91 37.48 -21.94
N ARG G 43 32.66 38.79 -21.89
CA ARG G 43 32.60 39.61 -23.11
C ARG G 43 33.95 39.69 -23.89
N PRO G 44 35.08 40.02 -23.20
CA PRO G 44 36.40 39.99 -23.89
C PRO G 44 36.91 38.59 -24.26
N TYR G 45 36.64 37.60 -23.42
CA TYR G 45 36.91 36.18 -23.74
C TYR G 45 36.25 35.85 -25.07
N ALA G 46 34.98 36.17 -25.23
CA ALA G 46 34.25 35.85 -26.46
C ALA G 46 34.65 36.74 -27.62
N ASP G 47 34.99 38.01 -27.36
CA ASP G 47 35.48 38.92 -28.41
C ASP G 47 36.82 38.46 -29.00
N LYS G 48 37.70 37.87 -28.18
CA LYS G 48 39.01 37.31 -28.62
C LYS G 48 38.86 36.12 -29.56
N ILE G 49 37.94 35.23 -29.22
CA ILE G 49 37.58 34.11 -30.08
C ILE G 49 37.03 34.65 -31.39
N LYS G 50 36.17 35.66 -31.30
CA LYS G 50 35.62 36.34 -32.46
C LYS G 50 36.70 36.98 -33.35
N GLU G 51 37.73 37.57 -32.72
CA GLU G 51 38.89 38.11 -33.43
C GLU G 51 39.57 37.02 -34.27
N VAL G 52 39.88 35.89 -33.66
CA VAL G 52 40.59 34.81 -34.37
C VAL G 52 39.71 34.25 -35.51
N ILE G 53 38.40 34.16 -35.29
CA ILE G 53 37.45 33.66 -36.33
C ILE G 53 37.35 34.62 -37.51
N SER G 54 37.31 35.92 -37.24
CA SER G 54 37.27 36.94 -38.30
C SER G 54 38.60 37.07 -39.09
N SER G 55 39.72 36.69 -38.45
CA SER G 55 41.03 36.61 -39.13
C SER G 55 41.11 35.42 -40.09
N ILE G 56 40.63 34.27 -39.67
CA ILE G 56 40.66 33.07 -40.52
C ILE G 56 39.73 33.24 -41.72
N ALA G 57 38.56 33.83 -41.52
CA ALA G 57 37.64 34.14 -42.63
C ALA G 57 38.23 35.14 -43.62
N ALA G 58 38.95 36.14 -43.10
CA ALA G 58 39.60 37.16 -43.91
C ALA G 58 40.75 36.67 -44.80
N GLY G 59 41.23 35.44 -44.60
CA GLY G 59 42.24 34.83 -45.48
C GLY G 59 41.95 33.39 -45.89
N THR G 60 40.73 33.10 -46.37
CA THR G 60 40.40 31.76 -46.95
C THR G 60 39.88 31.81 -48.42
N LYS G 61 39.83 33.00 -49.03
CA LYS G 61 39.28 33.22 -50.39
C LYS G 61 37.80 32.78 -50.56
N ASP G 62 37.54 31.48 -50.70
CA ASP G 62 36.18 30.94 -50.48
C ASP G 62 36.08 30.70 -48.99
N PHE G 63 35.26 31.47 -48.28
CA PHE G 63 34.97 31.19 -46.88
C PHE G 63 33.50 30.80 -46.71
N SER G 64 33.27 29.60 -46.17
CA SER G 64 31.94 29.21 -45.72
C SER G 64 32.05 28.09 -44.70
N HIS G 65 31.08 28.04 -43.79
CA HIS G 65 30.95 27.00 -42.78
C HIS G 65 29.48 26.59 -42.65
N PRO G 66 29.19 25.31 -42.33
CA PRO G 66 27.81 24.87 -42.01
C PRO G 66 27.05 25.76 -40.99
N MET G 67 27.76 26.22 -39.97
CA MET G 67 27.20 27.08 -38.93
C MET G 67 26.83 28.49 -39.38
N LEU G 68 27.40 28.99 -40.47
CA LEU G 68 27.01 30.29 -41.05
C LEU G 68 26.03 30.17 -42.23
N GLU G 69 25.69 28.94 -42.64
CA GLU G 69 24.83 28.67 -43.81
C GLU G 69 23.38 28.40 -43.37
N ALA G 70 22.49 29.34 -43.71
CA ALA G 70 21.06 29.24 -43.43
C ALA G 70 20.37 28.22 -44.34
N ARG G 71 19.54 27.35 -43.77
CA ARG G 71 18.85 26.30 -44.52
C ARG G 71 17.35 26.59 -44.59
N PRO G 72 16.59 25.72 -45.29
CA PRO G 72 15.15 25.61 -45.05
C PRO G 72 14.83 24.98 -43.67
N VAL G 73 13.97 25.65 -42.91
CA VAL G 73 13.70 25.31 -41.51
C VAL G 73 12.76 24.09 -41.42
N LYS G 74 13.36 22.90 -41.32
CA LYS G 74 12.60 21.63 -41.19
C LYS G 74 12.08 21.40 -39.76
N LYS G 75 12.95 21.66 -38.77
CA LYS G 75 12.56 21.75 -37.36
C LYS G 75 13.32 22.90 -36.71
N THR G 76 12.92 23.26 -35.50
CA THR G 76 13.56 24.34 -34.76
C THR G 76 13.94 23.89 -33.32
N GLY G 77 15.03 24.44 -32.81
CA GLY G 77 15.49 24.21 -31.45
C GLY G 77 15.37 25.46 -30.57
N TYR G 78 14.75 25.29 -29.40
CA TYR G 78 14.53 26.38 -28.48
C TYR G 78 15.20 26.17 -27.11
N MET G 79 16.15 27.02 -26.79
CA MET G 79 16.71 27.10 -25.44
C MET G 79 15.87 28.10 -24.65
N VAL G 80 15.56 27.75 -23.40
CA VAL G 80 14.72 28.57 -22.53
C VAL G 80 15.39 28.65 -21.16
N ILE G 81 15.80 29.87 -20.77
CA ILE G 81 16.47 30.08 -19.47
C ILE G 81 15.48 30.65 -18.45
N THR G 82 15.35 29.92 -17.34
CA THR G 82 14.48 30.26 -16.21
C THR G 82 15.28 30.04 -14.95
N SER G 83 14.75 30.44 -13.80
CA SER G 83 15.46 30.27 -12.53
C SER G 83 15.11 28.92 -11.96
N ASP G 84 15.86 28.52 -10.95
CA ASP G 84 15.60 27.29 -10.21
C ASP G 84 14.70 27.65 -9.05
N ARG G 85 15.10 28.66 -8.27
CA ARG G 85 14.30 29.19 -7.16
C ARG G 85 13.32 30.27 -7.63
N GLY G 86 12.21 30.44 -6.92
CA GLY G 86 11.27 31.52 -7.17
C GLY G 86 11.60 32.73 -6.30
N LEU G 87 10.56 33.39 -5.78
CA LEU G 87 10.68 34.65 -5.04
C LEU G 87 11.30 35.76 -5.89
N ALA G 88 11.04 35.69 -7.19
CA ALA G 88 11.63 36.61 -8.15
C ALA G 88 10.53 37.28 -8.95
N GLY G 89 9.43 37.63 -8.30
CA GLY G 89 8.35 38.32 -8.99
C GLY G 89 7.88 37.56 -10.21
N PRO G 90 7.42 38.27 -11.24
CA PRO G 90 6.96 37.56 -12.45
C PRO G 90 8.07 37.18 -13.46
N TYR G 91 9.33 37.14 -13.02
CA TYR G 91 10.51 36.80 -13.84
C TYR G 91 10.31 35.57 -14.73
N ASN G 92 9.94 34.46 -14.12
CA ASN G 92 9.69 33.24 -14.87
C ASN G 92 8.38 33.27 -15.63
N ALA G 93 7.35 33.92 -15.08
CA ALA G 93 6.07 34.04 -15.76
C ALA G 93 6.21 34.73 -17.11
N ASN G 94 6.92 35.86 -17.13
CA ASN G 94 7.06 36.67 -18.34
C ASN G 94 7.78 35.95 -19.48
N ILE G 95 8.87 35.27 -19.15
CA ILE G 95 9.66 34.54 -20.14
C ILE G 95 8.90 33.34 -20.65
N LEU G 96 8.22 32.62 -19.77
CA LEU G 96 7.41 31.48 -20.19
C LEU G 96 6.17 31.85 -21.02
N ARG G 97 5.55 32.98 -20.73
CA ARG G 97 4.42 33.46 -21.54
C ARG G 97 4.87 33.79 -22.96
N LEU G 98 6.10 34.35 -23.10
CA LEU G 98 6.68 34.67 -24.41
C LEU G 98 7.01 33.42 -25.22
N VAL G 99 7.53 32.40 -24.52
CA VAL G 99 7.74 31.12 -25.16
C VAL G 99 6.40 30.54 -25.60
N SER G 100 5.39 30.56 -24.72
CA SER G 100 4.05 30.10 -25.06
C SER G 100 3.44 30.83 -26.23
N LYS G 101 3.59 32.16 -26.27
CA LYS G 101 3.05 32.95 -27.37
C LYS G 101 3.74 32.58 -28.67
N THR G 102 5.06 32.76 -28.74
CA THR G 102 5.77 32.53 -30.01
C THR G 102 5.66 31.08 -30.57
N ILE G 103 5.39 30.08 -29.72
CA ILE G 103 5.14 28.71 -30.19
C ILE G 103 3.70 28.55 -30.72
N GLU G 104 2.75 29.29 -30.15
CA GLU G 104 1.37 29.28 -30.66
C GLU G 104 1.25 29.96 -32.05
N GLU G 105 1.91 31.11 -32.24
CA GLU G 105 1.93 31.82 -33.52
C GLU G 105 2.59 30.99 -34.63
N ARG G 106 3.74 30.38 -34.33
CA ARG G 106 4.52 29.63 -35.34
C ARG G 106 4.02 28.23 -35.63
N HIS G 107 4.12 27.37 -34.65
CA HIS G 107 4.06 25.94 -34.88
C HIS G 107 2.66 25.38 -34.60
N GLN G 108 2.23 24.45 -35.45
CA GLN G 108 0.91 23.84 -35.38
C GLN G 108 0.94 22.42 -34.79
N SER G 109 2.13 21.88 -34.50
CA SER G 109 2.24 20.66 -33.70
C SER G 109 3.55 20.55 -32.94
N LYS G 110 3.57 19.62 -31.98
CA LYS G 110 4.77 19.33 -31.16
C LYS G 110 5.98 18.84 -31.98
N ASP G 111 5.76 18.33 -33.19
CA ASP G 111 6.84 17.82 -34.06
C ASP G 111 7.78 18.88 -34.63
N GLU G 112 7.35 20.13 -34.70
CA GLU G 112 8.09 21.14 -35.44
C GLU G 112 9.24 21.79 -34.66
N TYR G 113 9.17 21.69 -33.33
CA TYR G 113 10.16 22.30 -32.41
C TYR G 113 10.60 21.30 -31.35
N VAL G 114 11.67 21.66 -30.68
CA VAL G 114 12.17 20.84 -29.58
C VAL G 114 12.88 21.76 -28.58
N ILE G 115 12.71 21.48 -27.28
CA ILE G 115 13.10 22.43 -26.21
C ILE G 115 14.21 21.96 -25.27
N PHE G 116 15.16 22.86 -25.05
CA PHE G 116 16.19 22.71 -24.02
C PHE G 116 15.83 23.61 -22.84
N ALA G 117 15.50 23.03 -21.70
CA ALA G 117 15.04 23.79 -20.54
C ALA G 117 16.20 24.02 -19.59
N VAL G 118 16.67 25.26 -19.54
CA VAL G 118 17.66 25.64 -18.56
C VAL G 118 16.94 26.19 -17.34
N GLY G 119 17.01 25.47 -16.22
CA GLY G 119 16.39 25.91 -14.96
C GLY G 119 15.08 25.23 -14.68
N ARG G 120 14.82 25.04 -13.37
CA ARG G 120 13.78 24.13 -12.90
C ARG G 120 12.38 24.66 -13.13
N LYS G 121 12.18 25.93 -12.83
CA LYS G 121 10.91 26.60 -13.13
C LYS G 121 10.46 26.40 -14.57
N GLY G 122 11.40 26.52 -15.51
CA GLY G 122 11.12 26.26 -16.92
C GLY G 122 10.69 24.82 -17.23
N ARG G 123 11.49 23.83 -16.79
CA ARG G 123 11.19 22.44 -17.12
C ARG G 123 9.92 21.94 -16.43
N ASP G 124 9.68 22.38 -15.19
CA ASP G 124 8.46 22.04 -14.46
C ASP G 124 7.25 22.54 -15.25
N PHE G 125 7.30 23.78 -15.73
CA PHE G 125 6.22 24.36 -16.56
C PHE G 125 6.01 23.52 -17.82
N PHE G 126 7.08 23.28 -18.57
CA PHE G 126 6.97 22.61 -19.86
C PHE G 126 6.56 21.15 -19.73
N LYS G 127 7.08 20.45 -18.71
CA LYS G 127 6.79 19.02 -18.52
C LYS G 127 5.33 18.79 -18.10
N LYS G 128 4.86 19.60 -17.16
CA LYS G 128 3.47 19.61 -16.75
C LYS G 128 2.53 19.71 -17.94
N ARG G 129 2.86 20.57 -18.90
CA ARG G 129 2.03 20.75 -20.11
C ARG G 129 2.46 19.93 -21.35
N GLY G 130 3.24 18.87 -21.15
CA GLY G 130 3.62 17.97 -22.25
C GLY G 130 4.20 18.62 -23.51
N TYR G 131 5.19 19.50 -23.32
CA TYR G 131 5.99 20.06 -24.41
C TYR G 131 7.15 19.11 -24.72
N PRO G 132 7.69 19.16 -25.95
CA PRO G 132 8.80 18.29 -26.34
C PRO G 132 10.16 18.73 -25.73
N VAL G 133 10.34 18.43 -24.45
CA VAL G 133 11.57 18.74 -23.73
C VAL G 133 12.61 17.64 -23.95
N VAL G 134 13.59 17.90 -24.82
CA VAL G 134 14.58 16.91 -25.22
C VAL G 134 15.81 16.81 -24.28
N GLU G 135 16.24 17.91 -23.69
CA GLU G 135 17.32 17.92 -22.67
C GLU G 135 17.11 19.00 -21.65
N GLU G 136 17.76 18.86 -20.50
CA GLU G 136 17.58 19.79 -19.39
C GLU G 136 18.82 19.98 -18.56
N VAL G 137 18.84 21.06 -17.78
CA VAL G 137 19.82 21.23 -16.72
C VAL G 137 19.20 22.07 -15.60
N THR G 138 19.33 21.58 -14.37
CA THR G 138 18.90 22.32 -13.18
C THR G 138 20.06 22.41 -12.20
N GLY G 139 19.85 23.19 -11.12
CA GLY G 139 20.87 23.39 -10.11
C GLY G 139 22.12 24.10 -10.58
N ILE G 140 21.96 24.99 -11.56
CA ILE G 140 23.03 25.91 -11.97
C ILE G 140 23.38 26.79 -10.77
N SER G 141 24.67 26.95 -10.47
CA SER G 141 25.10 27.82 -9.37
C SER G 141 24.86 29.29 -9.69
N ASP G 142 24.64 30.08 -8.63
CA ASP G 142 24.45 31.53 -8.77
C ASP G 142 25.81 32.10 -9.12
N THR G 143 25.89 32.89 -10.19
CA THR G 143 27.22 33.25 -10.75
C THR G 143 28.01 31.97 -11.18
N PRO G 144 27.65 31.39 -12.34
CA PRO G 144 28.18 30.08 -12.75
C PRO G 144 29.32 30.16 -13.72
N SER G 145 30.12 29.10 -13.78
CA SER G 145 31.13 28.94 -14.82
C SER G 145 30.50 28.40 -16.12
N LEU G 146 31.19 28.59 -17.23
CA LEU G 146 30.74 28.08 -18.54
C LEU G 146 30.50 26.58 -18.53
N THR G 147 31.29 25.83 -17.77
CA THR G 147 31.19 24.36 -17.75
C THR G 147 29.81 23.81 -17.34
N GLU G 148 29.05 24.59 -16.58
CA GLU G 148 27.73 24.20 -16.10
C GLU G 148 26.66 24.25 -17.17
N ILE G 149 26.90 25.03 -18.23
CA ILE G 149 26.00 25.14 -19.38
C ILE G 149 26.49 24.34 -20.58
N GLN G 150 27.64 23.69 -20.44
CA GLN G 150 28.39 23.21 -21.61
C GLN G 150 27.74 21.99 -22.29
N ASP G 151 27.40 20.96 -21.52
CA ASP G 151 26.80 19.75 -22.09
C ASP G 151 25.51 20.05 -22.88
N ILE G 152 24.67 20.96 -22.38
CA ILE G 152 23.37 21.27 -23.02
C ILE G 152 23.59 22.19 -24.21
N ALA G 153 24.65 22.99 -24.16
CA ALA G 153 25.09 23.81 -25.31
C ALA G 153 25.68 22.95 -26.41
N GLN G 154 26.50 21.99 -26.02
CA GLN G 154 27.17 21.12 -26.98
C GLN G 154 26.18 20.21 -27.69
N SER G 155 25.31 19.54 -26.93
CA SER G 155 24.29 18.70 -27.56
C SER G 155 23.31 19.50 -28.47
N ALA G 156 23.03 20.77 -28.13
CA ALA G 156 22.18 21.66 -28.95
C ALA G 156 22.85 22.11 -30.23
N ILE G 157 24.16 22.33 -30.14
CA ILE G 157 24.99 22.60 -31.30
C ILE G 157 25.16 21.33 -32.10
N GLY G 158 25.32 20.19 -31.41
CA GLY G 158 25.37 18.88 -32.03
C GLY G 158 24.16 18.58 -32.88
N MET G 159 22.98 18.92 -32.38
CA MET G 159 21.73 18.73 -33.14
C MET G 159 21.58 19.62 -34.38
N PHE G 160 22.17 20.81 -34.36
CA PHE G 160 22.23 21.64 -35.56
C PHE G 160 23.38 21.23 -36.48
N ALA G 161 24.48 20.73 -35.90
CA ALA G 161 25.69 20.38 -36.67
C ALA G 161 25.42 19.24 -37.65
N ASP G 162 24.68 18.20 -37.21
CA ASP G 162 24.00 17.30 -38.15
C ASP G 162 22.75 18.08 -38.66
N GLU G 163 21.57 17.50 -38.79
CA GLU G 163 20.39 18.31 -39.19
C GLU G 163 19.09 17.93 -38.47
N THR G 164 19.21 17.53 -37.19
CA THR G 164 18.04 17.20 -36.35
C THR G 164 17.08 18.39 -36.30
N PHE G 165 17.66 19.60 -36.26
CA PHE G 165 16.95 20.85 -36.52
C PHE G 165 17.85 21.85 -37.25
N ASP G 166 17.20 22.86 -37.87
CA ASP G 166 17.86 23.79 -38.78
C ASP G 166 17.90 25.25 -38.25
N LYS G 167 17.53 25.45 -36.98
CA LYS G 167 17.64 26.75 -36.33
C LYS G 167 17.63 26.58 -34.81
N LEU G 168 18.54 27.27 -34.12
CA LEU G 168 18.62 27.24 -32.65
C LEU G 168 18.40 28.65 -32.12
N THR G 169 17.53 28.76 -31.12
CA THR G 169 17.08 30.05 -30.61
C THR G 169 17.00 30.02 -29.09
N ILE G 170 17.19 31.17 -28.45
CA ILE G 170 17.24 31.22 -27.01
C ILE G 170 16.35 32.30 -26.40
N PHE G 171 15.41 31.86 -25.56
CA PHE G 171 14.54 32.73 -24.77
C PHE G 171 15.11 32.98 -23.37
N TYR G 172 15.29 34.26 -23.03
CA TYR G 172 15.67 34.63 -21.66
C TYR G 172 15.19 36.04 -21.30
N ASN G 173 15.25 36.38 -20.02
CA ASN G 173 14.97 37.75 -19.55
C ASN G 173 16.24 38.60 -19.68
N GLU G 174 16.19 39.60 -20.57
CA GLU G 174 17.32 40.51 -20.82
C GLU G 174 17.39 41.56 -19.73
N PHE G 175 18.55 41.68 -19.11
CA PHE G 175 18.78 42.68 -18.07
C PHE G 175 18.80 44.10 -18.65
N VAL G 176 18.28 45.05 -17.88
CA VAL G 176 18.22 46.49 -18.26
C VAL G 176 18.63 47.30 -17.03
N SER G 177 17.76 47.34 -16.02
CA SER G 177 18.13 47.87 -14.71
C SER G 177 17.74 46.81 -13.69
N PRO G 178 18.11 47.01 -12.42
CA PRO G 178 17.52 46.14 -11.39
C PRO G 178 15.99 46.19 -11.33
N ILE G 179 15.37 47.26 -11.84
CA ILE G 179 13.89 47.36 -11.96
C ILE G 179 13.34 46.69 -13.23
N VAL G 180 14.05 46.77 -14.34
CA VAL G 180 13.51 46.29 -15.63
C VAL G 180 14.26 45.08 -16.19
N GLN G 181 13.48 44.06 -16.59
CA GLN G 181 13.99 42.88 -17.30
C GLN G 181 13.02 42.47 -18.40
N ARG G 182 13.40 42.66 -19.66
CA ARG G 182 12.51 42.34 -20.79
C ARG G 182 12.72 40.91 -21.29
N PRO G 183 11.65 40.10 -21.34
CA PRO G 183 11.82 38.81 -22.00
C PRO G 183 12.05 39.00 -23.49
N VAL G 184 12.99 38.23 -24.03
CA VAL G 184 13.40 38.34 -25.43
C VAL G 184 13.80 36.98 -26.00
N GLU G 185 13.75 36.90 -27.33
CA GLU G 185 14.25 35.74 -28.10
C GLU G 185 15.41 36.19 -29.00
N LYS G 186 16.41 35.33 -29.11
CA LYS G 186 17.59 35.61 -29.93
C LYS G 186 17.95 34.35 -30.71
N GLN G 187 18.41 34.55 -31.95
CA GLN G 187 18.92 33.46 -32.76
C GLN G 187 20.38 33.19 -32.38
N LEU G 188 20.72 31.92 -32.18
CA LEU G 188 22.11 31.49 -32.00
C LEU G 188 22.69 30.90 -33.29
N LEU G 189 21.94 29.96 -33.88
CA LEU G 189 22.34 29.29 -35.11
C LEU G 189 21.18 29.24 -36.15
N PRO G 190 21.47 29.43 -37.44
CA PRO G 190 22.78 29.76 -37.95
C PRO G 190 23.28 31.12 -37.43
N LEU G 191 24.60 31.28 -37.39
CA LEU G 191 25.21 32.57 -37.06
C LEU G 191 25.09 33.47 -38.28
N THR G 192 25.32 34.76 -38.08
CA THR G 192 25.32 35.72 -39.19
C THR G 192 26.69 36.36 -39.29
N SER G 193 27.39 36.10 -40.40
CA SER G 193 28.74 36.66 -40.69
C SER G 193 28.83 38.19 -40.55
N GLU G 194 27.70 38.87 -40.74
CA GLU G 194 27.58 40.29 -40.39
C GLU G 194 28.01 40.60 -38.95
N GLU G 195 27.67 39.74 -38.00
CA GLU G 195 28.00 39.92 -36.57
C GLU G 195 29.17 39.06 -36.00
N VAL G 196 29.59 38.00 -36.71
CA VAL G 196 30.71 37.13 -36.27
C VAL G 196 32.06 37.58 -36.82
N LEU G 197 32.07 38.33 -37.93
CA LEU G 197 33.32 38.72 -38.59
C LEU G 197 33.77 40.17 -38.35
N ASP G 198 32.89 41.03 -37.85
CA ASP G 198 33.27 42.42 -37.50
C ASP G 198 34.24 42.43 -36.29
N GLY G 199 35.52 42.16 -36.56
CA GLY G 199 36.55 42.16 -35.53
C GLY G 199 37.90 42.47 -36.15
N PRO G 200 38.89 42.79 -35.30
CA PRO G 200 40.21 43.21 -35.80
C PRO G 200 41.01 42.07 -36.45
N VAL G 201 41.24 42.19 -37.76
CA VAL G 201 41.91 41.16 -38.54
C VAL G 201 43.41 41.23 -38.26
N SER G 202 44.03 40.07 -37.99
CA SER G 202 45.45 39.98 -37.60
C SER G 202 46.15 38.83 -38.33
N ALA G 203 47.46 38.95 -38.46
CA ALA G 203 48.30 37.89 -39.03
C ALA G 203 48.66 36.85 -37.96
N TYR G 204 48.22 35.61 -38.21
CA TYR G 204 48.54 34.48 -37.36
C TYR G 204 49.03 33.31 -38.19
N GLU G 205 49.88 32.48 -37.60
CA GLU G 205 50.15 31.14 -38.07
C GLU G 205 49.16 30.19 -37.36
N TYR G 206 48.74 29.12 -38.03
CA TYR G 206 47.74 28.19 -37.49
C TYR G 206 48.27 26.76 -37.49
N GLU G 207 48.17 26.10 -36.34
CA GLU G 207 48.74 24.76 -36.12
C GLU G 207 47.60 23.79 -35.68
N PRO G 208 47.31 22.71 -36.42
CA PRO G 208 47.98 22.31 -37.65
C PRO G 208 47.73 23.25 -38.84
N ASP G 209 46.50 23.72 -38.99
CA ASP G 209 46.15 24.67 -40.07
C ASP G 209 44.91 25.47 -39.74
N SER G 210 44.63 26.50 -40.55
CA SER G 210 43.54 27.44 -40.28
C SER G 210 42.13 26.80 -40.27
N GLU G 211 41.90 25.80 -41.11
CA GLU G 211 40.59 25.13 -41.18
C GLU G 211 40.34 24.26 -39.94
N SER G 212 41.42 23.73 -39.37
CA SER G 212 41.37 22.92 -38.14
C SER G 212 41.07 23.72 -36.86
N VAL G 213 41.72 24.87 -36.67
CA VAL G 213 41.42 25.73 -35.50
C VAL G 213 40.04 26.37 -35.61
N LEU G 214 39.61 26.68 -36.83
CA LEU G 214 38.24 27.16 -37.05
C LEU G 214 37.18 26.10 -36.71
N GLU G 215 37.55 24.83 -36.79
CA GLU G 215 36.66 23.73 -36.39
C GLU G 215 36.47 23.61 -34.87
N VAL G 216 37.41 24.10 -34.07
CA VAL G 216 37.21 24.15 -32.61
C VAL G 216 36.60 25.49 -32.15
N LEU G 217 37.07 26.60 -32.70
CA LEU G 217 36.64 27.93 -32.24
C LEU G 217 35.14 28.30 -32.51
N LEU G 218 34.59 27.94 -33.68
CA LEU G 218 33.17 28.24 -34.00
C LEU G 218 32.14 27.57 -33.09
N PRO G 219 32.31 26.26 -32.78
CA PRO G 219 31.47 25.70 -31.74
C PRO G 219 31.77 26.29 -30.35
N LYS G 220 33.02 26.63 -30.08
CA LYS G 220 33.44 27.26 -28.82
C LYS G 220 32.86 28.68 -28.65
N TYR G 221 32.58 29.34 -29.77
CA TYR G 221 31.96 30.67 -29.78
C TYR G 221 30.46 30.61 -29.52
N ALA G 222 29.74 29.74 -30.24
CA ALA G 222 28.30 29.54 -30.02
C ALA G 222 28.05 29.20 -28.55
N GLU G 223 28.89 28.29 -28.03
CA GLU G 223 28.99 27.93 -26.60
C GLU G 223 28.97 29.14 -25.69
N THR G 224 29.82 30.14 -25.97
CA THR G 224 29.89 31.36 -25.14
C THR G 224 28.66 32.29 -25.29
N LEU G 225 27.99 32.26 -26.44
CA LEU G 225 26.75 33.03 -26.57
C LEU G 225 25.72 32.48 -25.57
N ILE G 226 25.58 31.17 -25.54
CA ILE G 226 24.68 30.54 -24.60
C ILE G 226 25.10 30.94 -23.16
N TYR G 227 26.38 30.89 -22.86
CA TYR G 227 26.88 31.35 -21.56
C TYR G 227 26.65 32.82 -21.25
N SER G 228 26.75 33.70 -22.26
CA SER G 228 26.44 35.12 -22.08
C SER G 228 24.97 35.33 -21.76
N ALA G 229 24.11 34.65 -22.50
CA ALA G 229 22.68 34.69 -22.24
C ALA G 229 22.32 34.21 -20.83
N LEU G 230 23.06 33.23 -20.32
CA LEU G 230 22.86 32.71 -18.96
C LEU G 230 23.23 33.76 -17.91
N LEU G 231 24.34 34.46 -18.14
CA LEU G 231 24.78 35.51 -17.21
C LEU G 231 23.90 36.76 -17.23
N ASP G 232 23.38 37.11 -18.40
CA ASP G 232 22.36 38.16 -18.49
C ASP G 232 21.09 37.72 -17.76
N ALA G 233 20.67 36.47 -18.02
CA ALA G 233 19.54 35.82 -17.35
C ALA G 233 19.69 35.69 -15.84
N LYS G 234 20.92 35.51 -15.35
CA LYS G 234 21.20 35.51 -13.90
C LYS G 234 21.11 36.90 -13.28
N ALA G 235 21.67 37.90 -13.96
CA ALA G 235 21.50 39.30 -13.55
C ALA G 235 20.02 39.66 -13.50
N SER G 236 19.27 39.29 -14.53
CA SER G 236 17.84 39.50 -14.53
C SER G 236 17.12 38.79 -13.36
N GLU G 237 17.52 37.56 -13.04
CA GLU G 237 16.97 36.85 -11.87
C GLU G 237 17.21 37.68 -10.59
N PHE G 238 18.46 38.07 -10.37
CA PHE G 238 18.81 38.79 -9.13
C PHE G 238 18.30 40.24 -9.06
N GLY G 239 18.01 40.84 -10.21
CA GLY G 239 17.33 42.14 -10.22
C GLY G 239 15.87 41.96 -9.84
N ALA G 240 15.21 41.02 -10.51
CA ALA G 240 13.82 40.68 -10.22
C ALA G 240 13.61 40.30 -8.76
N ARG G 241 14.57 39.59 -8.16
CA ARG G 241 14.48 39.16 -6.76
C ARG G 241 14.73 40.31 -5.82
N MET G 242 15.71 41.15 -6.13
CA MET G 242 15.92 42.41 -5.39
C MET G 242 14.63 43.19 -5.27
N THR G 243 13.95 43.44 -6.39
CA THR G 243 12.74 44.27 -6.37
C THR G 243 11.49 43.53 -5.85
N ALA G 244 11.44 42.21 -5.93
CA ALA G 244 10.31 41.45 -5.35
C ALA G 244 10.39 41.40 -3.82
N MET G 245 11.58 41.14 -3.29
CA MET G 245 11.80 41.12 -1.84
C MET G 245 11.89 42.51 -1.25
N GLY G 246 12.27 43.49 -2.08
CA GLY G 246 12.16 44.89 -1.72
C GLY G 246 10.72 45.22 -1.42
N ASN G 247 9.81 44.91 -2.33
CA ASN G 247 8.37 45.14 -2.12
C ASN G 247 7.79 44.39 -0.93
N ALA G 248 8.20 43.14 -0.77
CA ALA G 248 7.74 42.35 0.36
C ALA G 248 8.19 42.96 1.68
N THR G 249 9.37 43.58 1.71
CA THR G 249 9.85 44.30 2.90
C THR G 249 8.97 45.54 3.18
N ASP G 250 8.67 46.29 2.14
CA ASP G 250 7.84 47.49 2.28
C ASP G 250 6.41 47.11 2.68
N ASN G 251 5.85 46.13 1.99
CA ASN G 251 4.52 45.63 2.34
C ASN G 251 4.44 45.10 3.78
N ALA G 252 5.50 44.47 4.25
CA ALA G 252 5.58 44.04 5.65
C ALA G 252 5.56 45.22 6.62
N THR G 253 6.31 46.29 6.33
CA THR G 253 6.29 47.47 7.22
C THR G 253 4.88 48.10 7.20
N GLU G 254 4.24 48.16 6.04
CA GLU G 254 2.86 48.67 5.90
C GLU G 254 1.86 47.88 6.73
N MET G 255 1.97 46.56 6.66
CA MET G 255 1.14 45.68 7.46
C MET G 255 1.46 45.81 8.96
N LEU G 256 2.72 46.08 9.32
CA LEU G 256 3.10 46.31 10.73
C LEU G 256 2.51 47.54 11.34
N GLU G 257 2.27 48.58 10.52
CA GLU G 257 1.55 49.77 10.98
C GLU G 257 0.12 49.39 11.34
N THR G 258 -0.62 48.82 10.39
CA THR G 258 -2.01 48.43 10.65
C THR G 258 -2.16 47.32 11.71
N LEU G 259 -1.15 46.48 11.90
CA LEU G 259 -1.16 45.49 13.01
C LEU G 259 -0.85 46.13 14.36
N THR G 260 0.10 47.06 14.40
CA THR G 260 0.39 47.85 15.61
C THR G 260 -0.84 48.67 16.05
N LEU G 261 -1.51 49.31 15.10
CA LEU G 261 -2.73 50.05 15.37
C LEU G 261 -3.82 49.17 16.02
N GLN G 262 -3.97 47.95 15.52
CA GLN G 262 -4.91 46.99 16.10
C GLN G 262 -4.49 46.46 17.44
N PHE G 263 -3.21 46.15 17.58
CA PHE G 263 -2.67 45.69 18.86
C PHE G 263 -2.90 46.67 19.97
N ASN G 264 -2.66 47.95 19.68
CA ASN G 264 -2.83 48.97 20.69
C ASN G 264 -4.27 49.36 20.97
N ARG G 265 -5.17 49.24 20.00
CA ARG G 265 -6.59 49.36 20.32
C ARG G 265 -6.99 48.30 21.34
N ALA G 266 -6.53 47.08 21.08
CA ALA G 266 -6.86 45.93 21.90
C ALA G 266 -6.23 46.02 23.28
N ARG G 267 -4.98 46.44 23.34
CA ARG G 267 -4.26 46.63 24.61
C ARG G 267 -4.97 47.64 25.47
N GLN G 268 -5.34 48.76 24.85
CA GLN G 268 -5.99 49.85 25.56
C GLN G 268 -7.38 49.44 26.03
N ALA G 269 -8.10 48.72 25.19
CA ALA G 269 -9.45 48.28 25.50
C ALA G 269 -9.49 47.25 26.62
N ALA G 270 -8.51 46.35 26.65
CA ALA G 270 -8.36 45.38 27.76
C ALA G 270 -8.24 46.07 29.11
N ILE G 271 -7.32 47.03 29.19
CA ILE G 271 -7.14 47.76 30.44
C ILE G 271 -8.41 48.54 30.77
N THR G 272 -8.97 49.28 29.81
CA THR G 272 -10.17 50.11 30.01
C THR G 272 -11.37 49.30 30.51
N GLN G 273 -11.63 48.19 29.81
CA GLN G 273 -12.76 47.32 30.08
C GLN G 273 -12.56 46.55 31.38
N GLU G 274 -11.34 46.07 31.65
CA GLU G 274 -11.08 45.32 32.88
C GLU G 274 -11.37 46.18 34.09
N ILE G 275 -10.90 47.42 34.08
CA ILE G 275 -11.08 48.35 35.19
C ILE G 275 -12.55 48.69 35.45
N ALA G 276 -13.29 49.03 34.40
CA ALA G 276 -14.74 49.31 34.54
C ALA G 276 -15.45 48.18 35.30
N GLU G 277 -15.06 46.93 35.02
CA GLU G 277 -15.62 45.74 35.67
C GLU G 277 -15.27 45.69 37.16
N ILE G 278 -14.02 45.99 37.47
CA ILE G 278 -13.53 46.03 38.85
C ILE G 278 -14.29 47.08 39.65
N VAL G 279 -14.39 48.27 39.06
CA VAL G 279 -15.07 49.40 39.64
C VAL G 279 -16.59 49.20 39.71
N ALA G 280 -17.20 48.50 38.75
CA ALA G 280 -18.65 48.22 38.82
C ALA G 280 -19.00 47.28 39.96
N GLY G 281 -18.11 46.31 40.20
CA GLY G 281 -18.24 45.37 41.32
C GLY G 281 -18.09 46.03 42.67
N ALA G 282 -17.11 46.91 42.77
CA ALA G 282 -16.87 47.68 44.00
C ALA G 282 -17.99 48.68 44.32
N ASN G 283 -18.64 49.26 43.30
CA ASN G 283 -19.76 50.20 43.49
C ASN G 283 -21.09 49.54 43.84
N ALA G 284 -21.23 48.25 43.55
CA ALA G 284 -22.37 47.47 44.05
C ALA G 284 -22.29 47.17 45.58
N LEU G 285 -21.11 47.33 46.20
CA LEU G 285 -20.94 47.19 47.65
C LEU G 285 -20.81 48.55 48.38
N ARG G 286 -19.97 49.47 47.86
CA ARG G 286 -19.97 50.89 48.32
C ARG G 286 -21.20 51.63 47.80
N THR H 3 61.76 38.76 -21.64
CA THR H 3 60.47 38.23 -21.08
C THR H 3 59.23 38.65 -21.91
N VAL H 4 58.11 37.96 -21.67
CA VAL H 4 56.82 38.23 -22.35
C VAL H 4 55.67 38.12 -21.36
N GLN H 5 54.61 38.90 -21.60
CA GLN H 5 53.47 38.90 -20.71
C GLN H 5 52.50 37.77 -21.06
N VAL H 6 52.08 37.01 -20.04
CA VAL H 6 51.08 35.95 -20.21
C VAL H 6 49.81 36.27 -19.44
N ASP H 7 48.67 36.00 -20.06
CA ASP H 7 47.37 36.03 -19.40
C ASP H 7 46.66 34.71 -19.71
N ILE H 8 46.51 33.87 -18.69
CA ILE H 8 45.66 32.69 -18.76
C ILE H 8 44.31 33.09 -18.19
N VAL H 9 43.26 32.83 -18.95
CA VAL H 9 41.91 33.35 -18.71
C VAL H 9 40.86 32.26 -18.92
N THR H 10 39.95 32.08 -17.96
CA THR H 10 38.69 31.33 -18.18
C THR H 10 37.57 32.33 -18.54
N PRO H 11 36.40 31.85 -19.01
CA PRO H 11 35.35 32.84 -19.37
C PRO H 11 34.81 33.68 -18.22
N GLU H 12 35.16 33.33 -16.99
CA GLU H 12 34.68 33.99 -15.80
C GLU H 12 35.73 34.86 -15.08
N ARG H 13 37.00 34.44 -15.06
CA ARG H 13 38.03 35.20 -14.35
C ARG H 13 39.40 35.09 -15.02
N LYS H 14 40.33 35.99 -14.68
CA LYS H 14 41.74 35.85 -15.08
C LYS H 14 42.45 35.05 -14.01
N VAL H 15 43.12 33.97 -14.42
CA VAL H 15 43.69 32.99 -13.48
C VAL H 15 45.17 33.24 -13.19
N PHE H 16 45.95 33.53 -14.23
CA PHE H 16 47.37 33.91 -14.08
C PHE H 16 47.72 35.11 -14.94
N GLN H 17 48.49 36.00 -14.34
CA GLN H 17 48.93 37.23 -14.99
C GLN H 17 50.37 37.50 -14.56
N GLY H 18 51.21 37.94 -15.50
CA GLY H 18 52.60 38.30 -15.20
C GLY H 18 53.55 38.31 -16.38
N GLU H 19 54.79 38.74 -16.10
CA GLU H 19 55.92 38.57 -17.01
C GLU H 19 56.46 37.14 -16.88
N ALA H 20 57.03 36.61 -17.95
CA ALA H 20 57.53 35.23 -17.97
C ALA H 20 58.66 35.03 -18.97
N ASP H 21 59.71 34.32 -18.53
CA ASP H 21 60.88 34.01 -19.34
C ASP H 21 60.50 33.07 -20.51
N ILE H 22 59.67 32.07 -20.21
CA ILE H 22 59.13 31.11 -21.19
C ILE H 22 57.77 30.52 -20.71
N VAL H 23 56.94 30.09 -21.67
CA VAL H 23 55.65 29.43 -21.43
C VAL H 23 55.63 28.07 -22.13
N ILE H 24 55.74 26.98 -21.36
CA ILE H 24 55.70 25.61 -21.91
C ILE H 24 54.24 25.17 -21.97
N ALA H 25 53.76 24.84 -23.15
CA ALA H 25 52.35 24.49 -23.35
C ALA H 25 52.25 23.35 -24.31
N ARG H 26 51.45 22.34 -23.96
CA ARG H 26 51.28 21.16 -24.81
C ARG H 26 50.24 21.45 -25.87
N GLY H 27 50.69 21.91 -27.03
CA GLY H 27 49.81 22.14 -28.17
C GLY H 27 49.31 20.81 -28.68
N VAL H 28 48.30 20.86 -29.55
CA VAL H 28 47.67 19.66 -30.05
C VAL H 28 48.59 18.89 -31.03
N GLU H 29 49.47 19.63 -31.72
CA GLU H 29 50.51 19.05 -32.62
C GLU H 29 51.86 18.73 -31.96
N GLY H 30 52.03 19.06 -30.67
CA GLY H 30 53.27 18.79 -29.91
C GLY H 30 53.66 19.99 -29.06
N GLU H 31 54.60 19.80 -28.13
CA GLU H 31 55.04 20.88 -27.23
C GLU H 31 55.53 22.14 -27.95
N LEU H 32 55.30 23.28 -27.29
CA LEU H 32 55.70 24.59 -27.78
C LEU H 32 56.26 25.38 -26.61
N GLY H 33 57.39 26.03 -26.84
CA GLY H 33 58.00 26.92 -25.85
C GLY H 33 57.92 28.32 -26.39
N VAL H 34 56.97 29.11 -25.90
CA VAL H 34 56.79 30.48 -26.36
C VAL H 34 57.64 31.39 -25.48
N MET H 35 58.69 31.96 -26.08
CA MET H 35 59.51 33.01 -25.45
C MET H 35 59.19 34.34 -26.12
N ALA H 36 59.78 35.41 -25.61
CA ALA H 36 59.63 36.75 -26.22
C ALA H 36 60.04 36.76 -27.72
N GLY H 37 59.34 37.57 -28.51
CA GLY H 37 59.56 37.62 -29.97
C GLY H 37 59.12 36.40 -30.79
N HIS H 38 58.33 35.50 -30.23
CA HIS H 38 57.81 34.36 -30.98
C HIS H 38 56.89 34.84 -32.13
N ILE H 39 56.78 34.02 -33.17
CA ILE H 39 55.93 34.30 -34.34
C ILE H 39 54.45 34.25 -33.94
N PRO H 40 53.63 35.24 -34.37
CA PRO H 40 52.17 35.23 -34.18
C PRO H 40 51.46 33.94 -34.58
N LEU H 41 50.72 33.34 -33.65
CA LEU H 41 50.26 31.94 -33.78
C LEU H 41 49.00 31.64 -32.95
N VAL H 42 48.15 30.75 -33.46
CA VAL H 42 46.96 30.23 -32.74
C VAL H 42 46.85 28.71 -32.92
N THR H 43 46.82 27.97 -31.81
CA THR H 43 46.71 26.49 -31.81
C THR H 43 45.86 25.98 -30.64
N PRO H 44 44.97 25.00 -30.88
CA PRO H 44 44.36 24.38 -29.71
C PRO H 44 45.37 23.66 -28.84
N LEU H 45 45.13 23.63 -27.53
CA LEU H 45 45.95 22.90 -26.56
C LEU H 45 45.30 21.61 -26.08
N LYS H 46 46.12 20.66 -25.68
CA LYS H 46 45.63 19.45 -25.04
C LYS H 46 45.37 19.76 -23.58
N THR H 47 44.48 18.97 -22.98
CA THR H 47 44.19 19.05 -21.57
C THR H 47 45.45 18.61 -20.82
N ALA H 48 46.31 19.57 -20.52
CA ALA H 48 47.62 19.33 -19.91
C ALA H 48 47.95 20.47 -18.99
N PRO H 49 49.04 20.35 -18.20
CA PRO H 49 49.54 21.56 -17.56
C PRO H 49 50.03 22.58 -18.58
N VAL H 50 50.21 23.82 -18.11
CA VAL H 50 51.09 24.77 -18.78
C VAL H 50 52.06 25.23 -17.71
N ARG H 51 53.35 25.21 -18.06
CA ARG H 51 54.42 25.53 -17.14
C ARG H 51 54.89 26.92 -17.52
N ILE H 52 55.02 27.79 -16.52
CA ILE H 52 55.50 29.15 -16.74
C ILE H 52 56.72 29.36 -15.87
N LYS H 53 57.81 29.79 -16.51
CA LYS H 53 59.10 30.02 -15.84
C LYS H 53 59.36 31.50 -15.65
N GLN H 54 59.73 31.83 -14.41
CA GLN H 54 60.21 33.14 -14.02
C GLN H 54 61.51 32.90 -13.23
N GLY H 55 62.61 32.80 -13.97
CA GLY H 55 63.91 32.47 -13.40
C GLY H 55 63.92 31.17 -12.64
N ASP H 56 64.03 31.28 -11.32
CA ASP H 56 64.09 30.15 -10.40
C ASP H 56 62.70 29.57 -10.11
N LYS H 57 61.67 30.40 -10.31
CA LYS H 57 60.29 30.03 -9.98
C LYS H 57 59.60 29.33 -11.17
N GLU H 58 58.75 28.35 -10.84
CA GLU H 58 57.94 27.63 -11.83
C GLU H 58 56.53 27.41 -11.33
N THR H 59 55.58 28.21 -11.79
CA THR H 59 54.15 28.00 -11.52
C THR H 59 53.55 27.16 -12.66
N LEU H 60 52.73 26.19 -12.26
CA LEU H 60 52.17 25.16 -13.12
C LEU H 60 50.62 25.27 -13.03
N ILE H 61 49.93 25.42 -14.18
CA ILE H 61 48.47 25.65 -14.20
C ILE H 61 47.72 24.55 -14.95
N ALA H 62 46.64 24.05 -14.35
CA ALA H 62 45.89 22.93 -14.91
C ALA H 62 44.85 23.42 -15.94
N VAL H 63 45.32 23.63 -17.16
CA VAL H 63 44.50 24.13 -18.27
C VAL H 63 43.74 22.98 -18.90
N SER H 64 42.49 23.22 -19.28
CA SER H 64 41.68 22.24 -20.03
C SER H 64 40.77 22.93 -21.04
N GLY H 65 40.75 22.40 -22.27
CA GLY H 65 39.88 22.92 -23.29
C GLY H 65 40.22 24.33 -23.66
N GLY H 66 41.52 24.56 -23.80
CA GLY H 66 42.05 25.89 -24.07
C GLY H 66 42.73 26.01 -25.41
N PHE H 67 42.97 27.24 -25.83
CA PHE H 67 43.75 27.48 -27.04
C PHE H 67 44.64 28.71 -26.82
N LEU H 68 45.78 28.69 -27.48
CA LEU H 68 46.90 29.62 -27.26
C LEU H 68 46.92 30.65 -28.37
N GLU H 69 47.07 31.91 -28.00
CA GLU H 69 47.16 33.00 -28.95
C GLU H 69 48.36 33.86 -28.59
N VAL H 70 49.41 33.80 -29.41
CA VAL H 70 50.61 34.66 -29.26
C VAL H 70 50.59 35.77 -30.30
N ARG H 71 50.85 36.99 -29.85
CA ARG H 71 51.05 38.17 -30.71
C ARG H 71 52.52 38.52 -30.43
N PRO H 72 53.13 39.46 -31.18
CA PRO H 72 54.58 39.73 -30.89
C PRO H 72 54.87 40.15 -29.41
N ASP H 73 53.95 40.94 -28.84
CA ASP H 73 54.01 41.53 -27.47
C ASP H 73 53.65 40.62 -26.29
N LYS H 74 52.52 39.90 -26.40
CA LYS H 74 51.95 39.12 -25.29
C LYS H 74 51.46 37.74 -25.70
N VAL H 75 51.09 36.94 -24.70
CA VAL H 75 50.59 35.57 -24.87
C VAL H 75 49.28 35.42 -24.07
N ASN H 76 48.19 35.05 -24.75
CA ASN H 76 46.89 34.75 -24.12
C ASN H 76 46.56 33.28 -24.28
N ILE H 77 46.07 32.66 -23.21
CA ILE H 77 45.58 31.28 -23.28
C ILE H 77 44.16 31.32 -22.77
N LEU H 78 43.18 31.03 -23.64
CA LEU H 78 41.75 31.06 -23.27
C LEU H 78 41.14 29.68 -23.09
N ALA H 79 41.11 29.22 -21.84
CA ALA H 79 40.61 27.89 -21.51
C ALA H 79 39.23 27.87 -20.86
N ASP H 80 38.51 26.76 -21.02
CA ASP H 80 37.27 26.48 -20.28
C ASP H 80 37.54 26.39 -18.77
N THR H 81 38.69 25.82 -18.45
CA THR H 81 39.11 25.56 -17.10
C THR H 81 40.59 25.93 -16.96
N ALA H 82 40.97 26.45 -15.80
CA ALA H 82 42.37 26.75 -15.49
C ALA H 82 42.51 26.89 -14.00
N GLU H 83 43.31 26.06 -13.34
CA GLU H 83 43.44 26.12 -11.88
C GLU H 83 44.88 26.09 -11.42
N LEU H 84 45.20 26.94 -10.44
CA LEU H 84 46.53 27.01 -9.81
C LEU H 84 46.67 25.87 -8.78
N PRO H 85 47.90 25.47 -8.46
CA PRO H 85 48.06 24.28 -7.61
C PRO H 85 47.40 24.39 -6.25
N GLU H 86 47.67 25.48 -5.55
CA GLU H 86 47.08 25.72 -4.23
C GLU H 86 45.54 25.78 -4.22
N GLU H 87 44.91 26.18 -5.33
CA GLU H 87 43.42 26.25 -5.40
C GLU H 87 42.72 24.99 -5.97
N ILE H 88 43.46 23.90 -6.16
CA ILE H 88 42.90 22.63 -6.66
C ILE H 88 42.51 21.78 -5.47
N ASP H 89 41.26 21.33 -5.46
CA ASP H 89 40.71 20.41 -4.47
C ASP H 89 41.15 18.99 -4.80
N VAL H 90 42.04 18.44 -3.99
CA VAL H 90 42.71 17.19 -4.32
C VAL H 90 41.75 15.98 -4.19
N GLU H 91 40.91 15.98 -3.16
CA GLU H 91 40.01 14.83 -2.91
C GLU H 91 38.88 14.76 -3.92
N ARG H 92 38.42 15.91 -4.40
CA ARG H 92 37.47 16.01 -5.52
C ARG H 92 38.06 15.54 -6.85
N ALA H 93 39.34 15.84 -7.09
CA ALA H 93 40.01 15.36 -8.28
C ALA H 93 40.15 13.84 -8.30
N LYS H 94 40.20 13.22 -7.13
CA LYS H 94 40.22 11.73 -7.01
C LYS H 94 38.85 11.10 -7.21
N LYS H 95 37.80 11.78 -6.77
CA LYS H 95 36.41 11.38 -7.08
C LYS H 95 36.06 11.55 -8.56
N ALA H 96 36.51 12.65 -9.15
CA ALA H 96 36.41 12.84 -10.60
C ALA H 96 37.16 11.74 -11.34
N LYS H 97 38.36 11.41 -10.86
CA LYS H 97 39.15 10.35 -11.49
C LYS H 97 38.49 8.98 -11.38
N ALA H 98 38.16 8.59 -10.15
CA ALA H 98 37.56 7.28 -9.88
C ALA H 98 36.30 7.06 -10.70
N ARG H 99 35.40 8.06 -10.69
CA ARG H 99 34.15 8.01 -11.46
C ARG H 99 34.43 7.71 -12.93
N HIS H 100 35.14 8.59 -13.60
CA HIS H 100 35.32 8.49 -15.04
C HIS H 100 36.25 7.35 -15.47
N GLU H 101 37.08 6.88 -14.55
CA GLU H 101 37.99 5.77 -14.81
C GLU H 101 37.25 4.43 -14.85
N THR H 102 36.38 4.18 -13.86
CA THR H 102 35.60 2.92 -13.80
C THR H 102 34.51 2.82 -14.89
N ILE H 103 33.94 3.96 -15.29
CA ILE H 103 33.01 4.02 -16.43
C ILE H 103 33.72 3.76 -17.77
N LEU H 104 34.93 4.33 -17.94
CA LEU H 104 35.75 4.07 -19.13
C LEU H 104 36.06 2.60 -19.35
N LYS H 105 36.37 1.87 -18.27
CA LYS H 105 36.74 0.43 -18.33
C LYS H 105 35.79 -0.42 -19.21
N ARG H 106 34.49 -0.16 -19.10
CA ARG H 106 33.45 -1.02 -19.67
C ARG H 106 32.71 -0.44 -20.86
N LEU H 107 32.95 0.82 -21.22
CA LEU H 107 32.30 1.43 -22.37
C LEU H 107 32.89 0.91 -23.66
N ASP H 108 32.03 0.75 -24.66
CA ASP H 108 32.49 0.44 -26.01
C ASP H 108 33.22 1.66 -26.60
N LYS H 109 34.22 1.39 -27.44
CA LYS H 109 35.14 2.44 -27.87
C LYS H 109 34.54 3.50 -28.80
N THR H 110 33.39 3.25 -29.43
CA THR H 110 32.56 4.32 -30.06
C THR H 110 31.10 4.27 -29.54
N ASP H 111 31.01 4.36 -28.23
CA ASP H 111 29.78 4.55 -27.49
C ASP H 111 29.50 6.04 -27.44
N LYS H 112 28.24 6.44 -27.29
CA LYS H 112 27.86 7.87 -27.33
C LYS H 112 28.75 8.78 -26.48
N ASP H 113 28.93 8.39 -25.22
CA ASP H 113 29.63 9.23 -24.23
C ASP H 113 31.12 8.89 -24.04
N TYR H 114 31.68 7.91 -24.75
CA TYR H 114 33.10 7.51 -24.55
C TYR H 114 34.02 8.71 -24.49
N LEU H 115 33.86 9.61 -25.46
CA LEU H 115 34.73 10.77 -25.60
C LEU H 115 34.57 11.73 -24.41
N ARG H 116 33.34 12.04 -24.02
CA ARG H 116 33.11 12.91 -22.86
C ARG H 116 33.75 12.42 -21.54
N HIS H 117 33.72 11.12 -21.29
CA HIS H 117 34.29 10.54 -20.06
C HIS H 117 35.79 10.40 -20.14
N LYS H 118 36.32 10.25 -21.35
CA LYS H 118 37.78 10.28 -21.57
C LYS H 118 38.29 11.68 -21.27
N ARG H 119 37.55 12.67 -21.76
CA ARG H 119 37.87 14.09 -21.59
C ARG H 119 37.86 14.48 -20.12
N ALA H 120 36.82 14.08 -19.40
CA ALA H 120 36.66 14.36 -17.97
C ALA H 120 37.69 13.65 -17.07
N LEU H 121 38.20 12.52 -17.55
CA LEU H 121 39.25 11.79 -16.84
C LEU H 121 40.57 12.53 -16.94
N GLU H 122 40.89 13.02 -18.14
CA GLU H 122 42.10 13.81 -18.36
C GLU H 122 42.10 15.13 -17.60
N ARG H 123 40.95 15.80 -17.51
CA ARG H 123 40.83 17.03 -16.70
C ARG H 123 41.19 16.79 -15.25
N ALA H 124 40.79 15.65 -14.70
CA ALA H 124 41.10 15.26 -13.33
C ALA H 124 42.53 14.72 -13.16
N GLU H 125 43.05 14.07 -14.19
CA GLU H 125 44.43 13.55 -14.19
C GLU H 125 45.45 14.69 -14.13
N VAL H 126 45.15 15.76 -14.86
CA VAL H 126 45.98 16.95 -14.92
C VAL H 126 45.91 17.71 -13.61
N ARG H 127 44.72 17.87 -13.05
CA ARG H 127 44.56 18.53 -11.74
C ARG H 127 45.37 17.88 -10.61
N LEU H 128 45.52 16.55 -10.67
CA LEU H 128 46.28 15.83 -9.67
C LEU H 128 47.77 16.05 -9.81
N GLN H 129 48.28 16.15 -11.03
CA GLN H 129 49.70 16.49 -11.26
C GLN H 129 50.05 17.88 -10.80
N VAL H 130 49.18 18.84 -11.18
CA VAL H 130 49.40 20.24 -10.93
C VAL H 130 49.33 20.50 -9.44
N ALA H 131 48.41 19.85 -8.72
CA ALA H 131 48.34 19.96 -7.25
C ALA H 131 49.58 19.40 -6.50
N ASN H 132 50.28 18.46 -7.12
CA ASN H 132 51.58 17.98 -6.60
C ASN H 132 52.75 18.92 -6.82
N SER H 133 52.74 19.73 -7.88
CA SER H 133 53.81 20.72 -8.10
C SER H 133 53.85 21.83 -6.99
N LYS H 134 52.79 21.93 -6.20
CA LYS H 134 52.82 22.62 -4.90
C LYS H 134 53.74 21.84 -3.96
N GLU I 27 36.73 -85.61 0.54
CA GLU I 27 37.62 -85.32 -0.60
C GLU I 27 38.24 -83.94 -0.69
N VAL I 28 37.66 -82.92 -0.04
CA VAL I 28 38.14 -81.54 0.01
C VAL I 28 38.16 -80.81 -1.34
N GLY I 29 38.05 -79.48 -1.28
CA GLY I 29 38.27 -78.60 -2.44
C GLY I 29 39.01 -77.34 -2.01
N THR I 30 39.62 -76.66 -2.97
CA THR I 30 40.38 -75.44 -2.73
C THR I 30 39.79 -74.26 -3.48
N VAL I 31 39.85 -73.09 -2.86
CA VAL I 31 39.24 -71.87 -3.41
C VAL I 31 40.14 -71.23 -4.46
N ILE I 32 39.63 -71.10 -5.69
CA ILE I 32 40.32 -70.45 -6.81
C ILE I 32 40.20 -68.93 -6.75
N GLN I 33 38.97 -68.44 -6.51
CA GLN I 33 38.64 -67.01 -6.49
C GLN I 33 37.56 -66.68 -5.47
N VAL I 34 37.63 -65.49 -4.88
CA VAL I 34 36.64 -65.02 -3.92
C VAL I 34 36.38 -63.53 -4.12
N GLY I 35 35.12 -63.13 -3.94
CA GLY I 35 34.76 -61.73 -3.98
C GLY I 35 33.26 -61.55 -3.86
N ASP I 36 32.86 -60.55 -3.09
CA ASP I 36 31.43 -60.16 -2.97
C ASP I 36 30.56 -61.30 -2.45
N GLY I 37 31.06 -62.11 -1.54
CA GLY I 37 30.33 -63.20 -0.91
C GLY I 37 30.16 -64.43 -1.77
N ILE I 38 30.93 -64.55 -2.87
CA ILE I 38 30.94 -65.71 -3.74
C ILE I 38 32.35 -66.26 -3.79
N ALA I 39 32.48 -67.59 -3.73
CA ALA I 39 33.74 -68.26 -4.02
C ALA I 39 33.59 -69.27 -5.16
N ARG I 40 34.63 -69.38 -5.98
CA ARG I 40 34.72 -70.45 -6.97
C ARG I 40 35.76 -71.45 -6.48
N VAL I 41 35.40 -72.73 -6.49
CA VAL I 41 36.13 -73.78 -5.77
C VAL I 41 36.50 -74.90 -6.74
N HIS I 42 37.79 -75.26 -6.77
CA HIS I 42 38.29 -76.43 -7.51
C HIS I 42 38.12 -77.68 -6.64
N GLY I 43 37.87 -78.81 -7.30
CA GLY I 43 37.65 -80.07 -6.63
C GLY I 43 36.19 -80.22 -6.26
N LEU I 44 35.95 -80.91 -5.14
CA LEU I 44 34.61 -81.28 -4.72
C LEU I 44 33.81 -81.95 -5.85
N GLU I 45 34.44 -82.91 -6.51
CA GLU I 45 33.90 -83.55 -7.71
C GLU I 45 32.52 -84.14 -7.51
N LYS I 46 32.31 -84.78 -6.35
CA LYS I 46 31.08 -85.54 -6.13
C LYS I 46 29.98 -84.68 -5.44
N VAL I 47 30.12 -83.35 -5.36
CA VAL I 47 29.16 -82.50 -4.63
C VAL I 47 27.78 -82.43 -5.29
N MET I 48 26.74 -82.37 -4.45
CA MET I 48 25.38 -82.21 -4.95
C MET I 48 25.08 -80.74 -5.17
N ALA I 49 24.16 -80.48 -6.10
CA ALA I 49 23.59 -79.16 -6.29
C ALA I 49 22.72 -78.82 -5.08
N GLY I 50 23.08 -77.73 -4.38
CA GLY I 50 22.37 -77.25 -3.20
C GLY I 50 22.93 -77.76 -1.88
N GLU I 51 24.09 -78.42 -1.96
CA GLU I 51 24.70 -79.05 -0.77
C GLU I 51 25.35 -78.02 0.14
N LEU I 52 25.30 -78.30 1.42
CA LEU I 52 25.91 -77.45 2.44
C LEU I 52 27.41 -77.77 2.47
N LEU I 53 28.26 -76.75 2.49
CA LEU I 53 29.71 -76.90 2.52
C LEU I 53 30.29 -76.13 3.70
N GLU I 54 31.41 -76.61 4.23
CA GLU I 54 32.08 -75.96 5.34
C GLU I 54 33.48 -75.53 4.93
N PHE I 55 33.75 -74.23 5.05
CA PHE I 55 35.07 -73.70 4.78
C PHE I 55 35.99 -73.99 5.99
N GLU I 56 37.29 -73.93 5.74
CA GLU I 56 38.30 -74.25 6.75
C GLU I 56 38.07 -73.60 8.10
N ASN I 57 37.61 -72.35 8.11
CA ASN I 57 37.41 -71.59 9.35
C ASN I 57 36.00 -71.67 9.97
N GLY I 58 35.23 -72.70 9.65
CA GLY I 58 33.91 -72.89 10.25
C GLY I 58 32.73 -72.18 9.60
N VAL I 59 33.01 -71.27 8.64
CA VAL I 59 31.95 -70.53 7.93
C VAL I 59 31.32 -71.45 6.91
N MET I 60 29.98 -71.48 6.85
CA MET I 60 29.29 -72.38 5.92
C MET I 60 29.12 -71.74 4.55
N GLY I 61 28.87 -72.59 3.54
CA GLY I 61 28.51 -72.14 2.20
C GLY I 61 27.54 -73.10 1.52
N MET I 62 27.05 -72.73 0.34
CA MET I 62 26.11 -73.54 -0.42
C MET I 62 26.54 -73.67 -1.87
N ALA I 63 26.61 -74.91 -2.36
CA ALA I 63 26.96 -75.18 -3.73
C ALA I 63 25.77 -74.80 -4.60
N GLN I 64 25.99 -73.83 -5.49
CA GLN I 64 24.92 -73.32 -6.33
C GLN I 64 25.10 -73.69 -7.78
N ASN I 65 26.29 -73.43 -8.32
CA ASN I 65 26.58 -73.70 -9.75
C ASN I 65 27.61 -74.85 -9.80
N LEU I 66 27.25 -75.98 -10.42
CA LEU I 66 28.19 -77.07 -10.66
C LEU I 66 28.74 -76.91 -12.09
N GLU I 67 29.93 -76.34 -12.23
CA GLU I 67 30.48 -76.00 -13.54
C GLU I 67 31.47 -77.07 -13.98
N GLU I 68 32.02 -76.93 -15.18
CA GLU I 68 32.85 -77.99 -15.76
C GLU I 68 34.09 -78.28 -14.92
N ASP I 69 34.77 -77.26 -14.43
CA ASP I 69 35.97 -77.48 -13.59
C ASP I 69 36.05 -76.58 -12.33
N ASN I 70 34.90 -75.98 -11.93
CA ASN I 70 34.78 -75.39 -10.61
C ASN I 70 33.37 -75.62 -10.04
N VAL I 71 33.19 -75.23 -8.80
CA VAL I 71 31.90 -75.10 -8.15
C VAL I 71 31.71 -73.66 -7.68
N GLY I 72 30.56 -73.07 -8.06
CA GLY I 72 30.14 -71.77 -7.56
C GLY I 72 29.51 -71.95 -6.19
N VAL I 73 30.06 -71.27 -5.20
CA VAL I 73 29.64 -71.44 -3.80
C VAL I 73 29.29 -70.09 -3.19
N VAL I 74 28.07 -69.98 -2.69
CA VAL I 74 27.57 -68.74 -2.10
C VAL I 74 27.75 -68.83 -0.58
N ILE I 75 28.43 -67.83 -0.02
CA ILE I 75 28.97 -67.92 1.34
C ILE I 75 27.91 -67.43 2.29
N LEU I 76 27.65 -68.20 3.35
CA LEU I 76 26.54 -67.91 4.28
C LEU I 76 27.06 -67.34 5.60
N GLY I 77 27.98 -66.39 5.50
CA GLY I 77 28.60 -65.76 6.65
C GLY I 77 29.71 -64.80 6.19
N PRO I 78 30.44 -64.23 7.17
CA PRO I 78 31.61 -63.39 6.87
C PRO I 78 32.59 -64.10 5.94
N TYR I 79 33.06 -63.39 4.92
CA TYR I 79 33.91 -63.97 3.88
C TYR I 79 35.30 -63.29 3.76
N THR I 80 35.68 -62.45 4.72
CA THR I 80 36.97 -61.76 4.70
C THR I 80 38.16 -62.70 4.92
N GLU I 81 37.96 -63.71 5.77
CA GLU I 81 38.97 -64.71 6.10
C GLU I 81 39.03 -65.88 5.09
N ILE I 82 38.16 -65.88 4.08
CA ILE I 82 38.24 -66.82 2.96
C ILE I 82 39.04 -66.15 1.85
N ARG I 83 40.04 -66.88 1.34
CA ARG I 83 41.02 -66.41 0.33
C ARG I 83 41.28 -67.50 -0.71
N GLU I 84 42.19 -67.21 -1.63
CA GLU I 84 42.63 -68.21 -2.59
C GLU I 84 43.50 -69.20 -1.83
N GLY I 85 43.17 -70.48 -1.92
CA GLY I 85 43.86 -71.54 -1.20
C GLY I 85 43.06 -72.14 -0.05
N THR I 86 42.11 -71.41 0.50
CA THR I 86 41.33 -71.91 1.65
C THR I 86 40.55 -73.15 1.28
N GLN I 87 40.41 -74.06 2.22
CA GLN I 87 39.93 -75.41 1.89
C GLN I 87 38.45 -75.52 2.24
N VAL I 88 37.72 -76.33 1.49
CA VAL I 88 36.28 -76.51 1.65
C VAL I 88 35.96 -77.99 1.73
N LYS I 89 35.16 -78.36 2.73
CA LYS I 89 34.76 -79.73 2.99
C LYS I 89 33.32 -79.89 2.58
N ARG I 90 32.98 -81.00 1.95
CA ARG I 90 31.56 -81.33 1.79
C ARG I 90 30.96 -81.75 3.11
N THR I 91 29.66 -81.58 3.28
CA THR I 91 28.94 -82.19 4.40
C THR I 91 28.03 -83.31 3.95
N GLY I 92 27.80 -83.47 2.66
CA GLY I 92 26.83 -84.46 2.15
C GLY I 92 25.36 -84.18 2.47
N ARG I 93 25.04 -83.00 3.03
CA ARG I 93 23.71 -82.69 3.55
C ARG I 93 23.05 -81.54 2.78
N ILE I 94 21.77 -81.67 2.46
CA ILE I 94 20.95 -80.56 1.93
C ILE I 94 20.67 -79.61 3.11
N MET I 95 20.44 -78.33 2.82
CA MET I 95 20.04 -77.33 3.80
C MET I 95 18.81 -77.82 4.67
N GLU I 96 19.04 -77.81 5.99
CA GLU I 96 18.01 -78.10 7.02
C GLU I 96 17.88 -77.03 8.09
N VAL I 97 16.76 -76.98 8.78
CA VAL I 97 16.55 -76.01 9.87
C VAL I 97 15.83 -76.65 11.06
N PRO I 98 16.17 -76.24 12.30
CA PRO I 98 15.48 -76.77 13.46
C PRO I 98 14.06 -76.31 13.48
N VAL I 99 13.18 -77.16 14.01
CA VAL I 99 11.75 -76.98 13.87
C VAL I 99 11.04 -77.42 15.14
N GLY I 100 9.81 -76.94 15.31
CA GLY I 100 8.98 -77.37 16.42
C GLY I 100 8.63 -76.29 17.41
N GLU I 101 8.10 -76.75 18.53
CA GLU I 101 7.47 -75.86 19.54
C GLU I 101 8.50 -75.03 20.29
N ALA I 102 9.76 -75.46 20.28
CA ALA I 102 10.85 -74.71 20.90
C ALA I 102 11.11 -73.32 20.27
N LEU I 103 10.68 -73.13 19.03
CA LEU I 103 10.82 -71.85 18.33
C LEU I 103 9.79 -70.79 18.71
N LEU I 104 8.65 -71.21 19.23
CA LEU I 104 7.60 -70.28 19.64
C LEU I 104 8.14 -69.24 20.63
N GLY I 105 7.84 -67.96 20.37
CA GLY I 105 8.35 -66.86 21.16
C GLY I 105 9.80 -66.46 20.94
N ARG I 106 10.50 -67.16 20.04
CA ARG I 106 11.92 -66.90 19.78
C ARG I 106 12.14 -66.14 18.49
N VAL I 107 13.28 -65.46 18.41
CA VAL I 107 13.72 -64.75 17.22
C VAL I 107 14.94 -65.51 16.69
N VAL I 108 14.85 -65.98 15.45
CA VAL I 108 15.92 -66.75 14.82
C VAL I 108 16.25 -66.21 13.43
N ASN I 109 17.44 -66.57 12.95
CA ASN I 109 17.82 -66.33 11.57
C ASN I 109 17.34 -67.50 10.68
N PRO I 110 17.57 -67.44 9.35
CA PRO I 110 17.15 -68.55 8.49
C PRO I 110 17.81 -69.92 8.74
N LEU I 111 18.96 -69.94 9.42
CA LEU I 111 19.59 -71.19 9.86
C LEU I 111 19.02 -71.74 11.19
N GLY I 112 18.11 -71.02 11.83
CA GLY I 112 17.51 -71.41 13.10
C GLY I 112 18.34 -71.09 14.34
N GLN I 113 19.29 -70.16 14.21
CA GLN I 113 20.14 -69.76 15.31
C GLN I 113 19.52 -68.58 16.03
N PRO I 114 19.47 -68.62 17.38
CA PRO I 114 18.75 -67.59 18.13
C PRO I 114 19.45 -66.22 18.15
N LEU I 115 18.74 -65.18 17.70
CA LEU I 115 19.26 -63.82 17.67
C LEU I 115 18.82 -62.97 18.84
N ASP I 116 17.81 -63.44 19.60
CA ASP I 116 17.29 -62.69 20.78
C ASP I 116 18.18 -62.80 22.02
N GLY I 117 19.23 -63.63 21.94
CA GLY I 117 20.20 -63.78 23.02
C GLY I 117 19.65 -64.45 24.26
N ARG I 118 18.61 -65.27 24.10
CA ARG I 118 18.05 -66.07 25.19
C ARG I 118 18.49 -67.53 25.09
N GLY I 119 19.72 -67.77 24.63
CA GLY I 119 20.29 -69.13 24.65
C GLY I 119 19.67 -70.07 23.65
N PRO I 120 20.05 -71.35 23.70
CA PRO I 120 19.76 -72.31 22.63
C PRO I 120 18.30 -72.67 22.44
N ILE I 121 18.01 -73.27 21.29
CA ILE I 121 16.67 -73.73 20.90
C ILE I 121 16.63 -75.26 21.11
N GLU I 122 16.09 -75.68 22.25
CA GLU I 122 16.08 -77.12 22.61
C GLU I 122 15.08 -77.93 21.75
N THR I 123 15.55 -78.45 20.61
CA THR I 123 14.70 -79.29 19.75
C THR I 123 15.47 -80.42 19.04
N ALA I 124 14.85 -81.58 19.02
CA ALA I 124 15.37 -82.78 18.37
C ALA I 124 14.89 -82.93 16.93
N GLU I 125 13.86 -82.17 16.51
CA GLU I 125 13.34 -82.28 15.15
C GLU I 125 13.91 -81.19 14.24
N TYR I 126 14.32 -81.62 13.03
CA TYR I 126 14.74 -80.78 11.95
C TYR I 126 13.87 -81.03 10.74
N ARG I 127 13.95 -80.14 9.74
CA ARG I 127 13.20 -80.26 8.51
C ARG I 127 13.93 -79.56 7.35
N PRO I 128 13.87 -80.12 6.12
CA PRO I 128 14.67 -79.55 5.03
C PRO I 128 14.03 -78.27 4.48
N ILE I 129 14.89 -77.32 4.07
CA ILE I 129 14.43 -76.00 3.68
C ILE I 129 13.68 -76.04 2.34
N GLU I 130 14.21 -76.83 1.40
CA GLU I 130 13.55 -77.15 0.13
C GLU I 130 12.80 -78.45 0.40
N SER I 131 11.51 -78.48 0.08
CA SER I 131 10.69 -79.67 0.25
C SER I 131 9.50 -79.62 -0.73
N PRO I 132 9.07 -80.79 -1.25
CA PRO I 132 7.97 -80.79 -2.22
C PRO I 132 6.64 -80.33 -1.62
N ALA I 133 5.81 -79.71 -2.46
CA ALA I 133 4.52 -79.21 -2.02
C ALA I 133 3.51 -80.35 -2.01
N PRO I 134 2.44 -80.23 -1.22
CA PRO I 134 1.36 -81.19 -1.29
C PRO I 134 0.82 -81.29 -2.71
N GLY I 135 0.74 -82.51 -3.24
CA GLY I 135 0.29 -82.75 -4.61
C GLY I 135 -1.20 -82.53 -4.78
N VAL I 136 -1.71 -82.78 -5.96
CA VAL I 136 -3.09 -82.44 -6.30
C VAL I 136 -4.09 -83.23 -5.43
N MET I 137 -3.75 -84.49 -5.12
CA MET I 137 -4.60 -85.37 -4.33
C MET I 137 -4.47 -85.24 -2.83
N ASP I 138 -3.48 -84.50 -2.34
CA ASP I 138 -3.26 -84.35 -0.89
C ASP I 138 -4.03 -83.19 -0.25
N ARG I 139 -4.89 -82.52 -1.01
CA ARG I 139 -5.54 -81.30 -0.57
C ARG I 139 -7.04 -81.43 -0.46
N LYS I 140 -7.63 -80.45 0.23
CA LYS I 140 -9.08 -80.25 0.29
C LYS I 140 -9.36 -78.76 0.04
N SER I 141 -10.50 -78.48 -0.59
CA SER I 141 -10.89 -77.09 -0.88
C SER I 141 -10.91 -76.28 0.40
N VAL I 142 -10.40 -75.05 0.35
CA VAL I 142 -10.33 -74.21 1.52
C VAL I 142 -11.75 -73.89 1.93
N HIS I 143 -12.06 -74.12 3.21
CA HIS I 143 -13.40 -73.92 3.74
C HIS I 143 -13.48 -73.29 5.14
N GLU I 144 -12.34 -73.07 5.81
CA GLU I 144 -12.30 -72.62 7.20
C GLU I 144 -11.77 -71.18 7.26
N PRO I 145 -12.46 -70.27 7.98
CA PRO I 145 -11.94 -68.89 8.07
C PRO I 145 -10.58 -68.73 8.75
N LEU I 146 -9.78 -67.79 8.25
CA LEU I 146 -8.66 -67.22 8.99
C LEU I 146 -9.07 -65.76 9.20
N GLN I 147 -9.54 -65.43 10.40
CA GLN I 147 -10.10 -64.12 10.66
C GLN I 147 -8.93 -63.19 10.91
N THR I 148 -8.78 -62.15 10.09
CA THR I 148 -7.75 -61.14 10.32
C THR I 148 -8.12 -60.19 11.46
N GLY I 149 -9.42 -60.04 11.71
CA GLY I 149 -9.92 -59.04 12.62
C GLY I 149 -10.07 -57.67 12.03
N ILE I 150 -9.93 -57.57 10.71
CA ILE I 150 -9.99 -56.30 10.01
C ILE I 150 -11.26 -56.37 9.15
N LYS I 151 -12.25 -55.52 9.49
CA LYS I 151 -13.56 -55.54 8.84
C LYS I 151 -13.45 -55.58 7.31
N ALA I 152 -12.71 -54.62 6.78
CA ALA I 152 -12.49 -54.53 5.34
C ALA I 152 -12.09 -55.86 4.70
N ILE I 153 -11.19 -56.59 5.34
CA ILE I 153 -10.63 -57.83 4.80
C ILE I 153 -11.59 -59.00 5.04
N ASP I 154 -11.97 -59.25 6.29
CA ASP I 154 -12.83 -60.39 6.64
C ASP I 154 -14.21 -60.34 6.00
N SER I 155 -14.67 -59.16 5.62
CA SER I 155 -15.97 -59.00 4.94
C SER I 155 -15.87 -59.06 3.41
N MET I 156 -14.92 -58.31 2.83
CA MET I 156 -14.80 -58.15 1.38
C MET I 156 -13.75 -59.03 0.71
N ILE I 157 -12.62 -59.27 1.38
CA ILE I 157 -11.50 -60.07 0.82
C ILE I 157 -11.14 -61.22 1.78
N PRO I 158 -12.08 -62.13 2.03
CA PRO I 158 -11.93 -63.09 3.11
C PRO I 158 -10.81 -64.08 2.87
N ILE I 159 -9.96 -64.26 3.88
CA ILE I 159 -8.87 -65.22 3.83
C ILE I 159 -9.33 -66.50 4.53
N GLY I 160 -8.92 -67.63 3.97
CA GLY I 160 -9.20 -68.97 4.53
C GLY I 160 -7.94 -69.78 4.86
N ARG I 161 -8.12 -70.82 5.66
CA ARG I 161 -6.99 -71.61 6.12
C ARG I 161 -6.49 -72.50 5.00
N GLY I 162 -5.25 -72.24 4.58
CA GLY I 162 -4.66 -72.86 3.40
C GLY I 162 -4.50 -71.94 2.20
N GLN I 163 -5.05 -70.72 2.30
CA GLN I 163 -5.03 -69.75 1.20
C GLN I 163 -3.70 -69.00 1.16
N ARG I 164 -3.33 -68.53 -0.03
CA ARG I 164 -2.22 -67.61 -0.20
C ARG I 164 -2.87 -66.30 -0.63
N GLU I 165 -2.67 -65.24 0.16
CA GLU I 165 -3.27 -63.94 -0.15
C GLU I 165 -2.18 -62.88 -0.14
N LEU I 166 -1.90 -62.28 -1.30
CA LEU I 166 -0.87 -61.26 -1.43
C LEU I 166 -1.29 -59.95 -0.77
N ILE I 167 -0.40 -59.36 0.02
CA ILE I 167 -0.59 -57.98 0.49
C ILE I 167 0.41 -57.11 -0.28
N ILE I 168 -0.13 -56.17 -1.07
CA ILE I 168 0.68 -55.43 -2.04
C ILE I 168 0.35 -53.95 -1.95
N GLY I 169 1.38 -53.11 -2.05
CA GLY I 169 1.18 -51.64 -2.03
C GLY I 169 2.52 -50.92 -1.87
N ASP I 170 2.49 -49.61 -2.04
CA ASP I 170 3.68 -48.79 -1.85
C ASP I 170 4.17 -48.86 -0.42
N ARG I 171 5.36 -48.31 -0.20
CA ARG I 171 5.85 -48.07 1.16
C ARG I 171 4.86 -47.17 1.93
N GLN I 172 4.73 -47.39 3.24
CA GLN I 172 3.87 -46.55 4.11
C GLN I 172 2.37 -46.56 3.75
N THR I 173 1.88 -47.65 3.18
CA THR I 173 0.46 -47.83 2.93
C THR I 173 -0.25 -48.73 3.96
N GLY I 174 0.51 -49.29 4.91
CA GLY I 174 -0.04 -50.05 6.04
C GLY I 174 -0.02 -51.55 5.92
N LYS I 175 0.98 -52.10 5.21
CA LYS I 175 1.07 -53.56 4.93
C LYS I 175 1.49 -54.36 6.15
N THR I 176 2.59 -53.97 6.79
CA THR I 176 3.08 -54.66 7.99
C THR I 176 2.04 -54.63 9.10
N THR I 177 1.40 -53.49 9.35
CA THR I 177 0.34 -53.42 10.38
C THR I 177 -0.85 -54.35 10.10
N ILE I 178 -1.14 -54.68 8.85
CA ILE I 178 -2.20 -55.68 8.56
C ILE I 178 -1.79 -57.05 9.07
N ALA I 179 -0.55 -57.46 8.79
CA ALA I 179 -0.06 -58.76 9.22
C ALA I 179 0.12 -58.85 10.74
N ILE I 180 0.62 -57.78 11.36
CA ILE I 180 0.75 -57.73 12.83
C ILE I 180 -0.61 -57.84 13.51
N ASP I 181 -1.61 -57.11 13.00
CA ASP I 181 -2.98 -57.18 13.52
C ASP I 181 -3.57 -58.56 13.31
N THR I 182 -3.26 -59.21 12.19
CA THR I 182 -3.75 -60.56 11.90
C THR I 182 -3.18 -61.59 12.87
N ILE I 183 -1.89 -61.48 13.17
CA ILE I 183 -1.21 -62.35 14.14
C ILE I 183 -1.84 -62.15 15.52
N ILE I 184 -1.94 -60.91 15.97
CA ILE I 184 -2.59 -60.56 17.24
C ILE I 184 -3.98 -61.19 17.38
N ASN I 185 -4.76 -61.18 16.31
CA ASN I 185 -6.13 -61.72 16.30
C ASN I 185 -6.18 -63.25 16.37
N GLN I 186 -5.05 -63.93 16.14
CA GLN I 186 -4.98 -65.39 16.35
C GLN I 186 -4.77 -65.82 17.81
N LYS I 187 -4.74 -64.86 18.75
CA LYS I 187 -4.69 -65.16 20.18
C LYS I 187 -5.83 -66.07 20.59
N GLY I 188 -5.49 -67.24 21.14
CA GLY I 188 -6.47 -68.24 21.55
C GLY I 188 -7.23 -68.98 20.45
N GLN I 189 -6.83 -68.81 19.18
CA GLN I 189 -7.47 -69.53 18.06
C GLN I 189 -6.74 -70.82 17.70
N ASP I 190 -5.67 -71.11 18.45
CA ASP I 190 -4.82 -72.26 18.25
C ASP I 190 -4.25 -72.26 16.83
N VAL I 191 -3.64 -71.13 16.46
CA VAL I 191 -2.98 -70.96 15.17
C VAL I 191 -1.58 -70.42 15.42
N ILE I 192 -0.59 -71.16 14.91
CA ILE I 192 0.81 -70.83 15.10
C ILE I 192 1.17 -69.85 14.00
N CYS I 193 1.82 -68.74 14.39
CA CYS I 193 2.15 -67.68 13.45
C CYS I 193 3.64 -67.61 13.22
N ILE I 194 4.04 -67.28 11.98
CA ILE I 194 5.47 -67.13 11.64
C ILE I 194 5.65 -65.83 10.85
N TYR I 195 6.36 -64.87 11.44
CA TYR I 195 6.67 -63.60 10.79
C TYR I 195 8.10 -63.69 10.25
N VAL I 196 8.22 -63.77 8.92
CA VAL I 196 9.52 -63.78 8.25
C VAL I 196 9.86 -62.37 7.78
N ALA I 197 10.98 -61.83 8.24
CA ALA I 197 11.40 -60.48 7.92
C ALA I 197 12.61 -60.52 7.02
N ILE I 198 12.39 -60.27 5.74
CA ILE I 198 13.44 -60.33 4.73
C ILE I 198 13.86 -58.91 4.35
N GLY I 199 15.12 -58.58 4.63
CA GLY I 199 15.72 -57.35 4.13
C GLY I 199 15.38 -56.10 4.90
N GLN I 200 14.72 -56.23 6.05
CA GLN I 200 14.34 -55.06 6.83
C GLN I 200 15.51 -54.57 7.64
N LYS I 201 15.40 -53.35 8.14
CA LYS I 201 16.32 -52.85 9.17
C LYS I 201 15.99 -53.60 10.44
N GLN I 202 17.02 -53.91 11.22
CA GLN I 202 16.88 -54.80 12.37
C GLN I 202 16.16 -54.10 13.53
N SER I 203 16.38 -52.80 13.68
CA SER I 203 15.63 -51.98 14.66
C SER I 203 14.12 -52.11 14.45
N THR I 204 13.68 -52.07 13.19
CA THR I 204 12.26 -52.28 12.84
C THR I 204 11.75 -53.64 13.30
N VAL I 205 12.58 -54.68 13.11
CA VAL I 205 12.20 -56.04 13.51
C VAL I 205 12.09 -56.14 15.03
N ALA I 206 13.01 -55.49 15.74
CA ALA I 206 12.94 -55.39 17.21
C ALA I 206 11.65 -54.68 17.65
N GLY I 207 11.27 -53.65 16.93
CA GLY I 207 10.00 -52.97 17.12
C GLY I 207 8.78 -53.87 16.92
N VAL I 208 8.84 -54.74 15.90
CA VAL I 208 7.74 -55.68 15.62
C VAL I 208 7.58 -56.69 16.77
N VAL I 209 8.69 -57.28 17.22
CA VAL I 209 8.61 -58.27 18.32
C VAL I 209 8.06 -57.63 19.58
N GLU I 210 8.45 -56.39 19.85
CA GLU I 210 7.97 -55.65 21.01
C GLU I 210 6.47 -55.37 20.93
N THR I 211 5.96 -55.05 19.75
CA THR I 211 4.52 -54.82 19.55
C THR I 211 3.72 -56.10 19.79
N LEU I 212 4.28 -57.24 19.36
CA LEU I 212 3.65 -58.54 19.55
C LEU I 212 3.60 -58.92 21.05
N ARG I 213 4.73 -58.69 21.72
CA ARG I 213 4.85 -58.92 23.16
C ARG I 213 3.79 -58.18 23.96
N GLN I 214 3.61 -56.90 23.65
CA GLN I 214 2.64 -56.06 24.35
C GLN I 214 1.18 -56.44 24.14
N HIS I 215 0.86 -57.06 23.00
CA HIS I 215 -0.50 -57.54 22.71
C HIS I 215 -0.65 -59.05 23.03
N ASP I 216 0.38 -59.62 23.67
CA ASP I 216 0.40 -60.99 24.15
C ASP I 216 0.19 -61.97 22.99
N ALA I 217 0.88 -61.68 21.88
CA ALA I 217 0.86 -62.52 20.69
C ALA I 217 2.19 -63.19 20.41
N LEU I 218 3.22 -62.92 21.22
CA LEU I 218 4.54 -63.46 20.94
C LEU I 218 4.70 -64.95 21.30
N ASP I 219 4.03 -65.41 22.35
CA ASP I 219 4.18 -66.82 22.77
C ASP I 219 3.63 -67.88 21.79
N TYR I 220 2.86 -67.51 20.77
CA TYR I 220 2.49 -68.46 19.69
C TYR I 220 3.08 -68.09 18.33
N THR I 221 4.10 -67.23 18.34
CA THR I 221 4.67 -66.67 17.10
C THR I 221 6.17 -66.92 17.02
N ILE I 222 6.61 -67.44 15.87
CA ILE I 222 8.02 -67.56 15.54
C ILE I 222 8.42 -66.37 14.67
N VAL I 223 9.61 -65.82 14.91
CA VAL I 223 10.14 -64.68 14.13
C VAL I 223 11.45 -65.05 13.44
N VAL I 224 11.40 -65.18 12.11
CA VAL I 224 12.59 -65.42 11.29
C VAL I 224 13.03 -64.08 10.69
N THR I 225 14.32 -63.79 10.71
CA THR I 225 14.87 -62.48 10.29
C THR I 225 16.18 -62.60 9.55
N ALA I 226 16.19 -62.16 8.30
CA ALA I 226 17.43 -61.93 7.57
C ALA I 226 17.51 -60.42 7.38
N SER I 227 18.23 -59.75 8.27
CA SER I 227 18.31 -58.30 8.26
C SER I 227 19.11 -57.83 7.05
N ALA I 228 18.99 -56.53 6.74
CA ALA I 228 19.60 -55.95 5.55
C ALA I 228 21.13 -56.10 5.48
N SER I 229 21.81 -56.24 6.62
CA SER I 229 23.26 -56.46 6.68
C SER I 229 23.69 -57.89 6.43
N GLU I 230 22.77 -58.86 6.53
CA GLU I 230 23.12 -60.27 6.31
C GLU I 230 23.52 -60.54 4.86
N PRO I 231 24.35 -61.54 4.62
CA PRO I 231 24.65 -61.90 3.22
C PRO I 231 23.41 -62.31 2.43
N ALA I 232 23.42 -62.02 1.13
CA ALA I 232 22.27 -62.26 0.26
C ALA I 232 21.66 -63.65 0.36
N PRO I 233 22.49 -64.71 0.43
CA PRO I 233 21.90 -66.06 0.55
C PRO I 233 20.97 -66.28 1.75
N LEU I 234 21.16 -65.56 2.84
CA LEU I 234 20.25 -65.66 4.00
C LEU I 234 18.91 -64.98 3.71
N LEU I 235 18.93 -63.84 3.04
CA LEU I 235 17.69 -63.18 2.56
C LEU I 235 16.94 -64.10 1.59
N TYR I 236 17.69 -64.78 0.73
CA TYR I 236 17.14 -65.78 -0.19
C TYR I 236 16.47 -66.95 0.54
N LEU I 237 17.12 -67.47 1.58
CA LEU I 237 16.62 -68.64 2.34
C LEU I 237 15.53 -68.30 3.36
N ALA I 238 15.50 -67.08 3.87
CA ALA I 238 14.62 -66.71 4.99
C ALA I 238 13.17 -67.16 4.85
N PRO I 239 12.54 -66.93 3.67
CA PRO I 239 11.16 -67.40 3.49
C PRO I 239 10.99 -68.92 3.50
N TYR I 240 11.95 -69.65 2.94
CA TYR I 240 11.88 -71.10 2.92
C TYR I 240 12.03 -71.68 4.33
N ALA I 241 12.86 -71.06 5.16
CA ALA I 241 13.02 -71.45 6.56
C ALA I 241 11.71 -71.30 7.32
N GLY I 242 11.11 -70.11 7.24
CA GLY I 242 9.81 -69.86 7.82
C GLY I 242 8.73 -70.83 7.33
N CYS I 243 8.77 -71.16 6.05
CA CYS I 243 7.83 -72.10 5.45
C CYS I 243 7.94 -73.48 6.11
N ALA I 244 9.16 -74.00 6.23
CA ALA I 244 9.43 -75.28 6.91
C ALA I 244 8.98 -75.28 8.36
N MET I 245 9.22 -74.15 9.05
CA MET I 245 8.78 -74.02 10.45
C MET I 245 7.27 -74.12 10.61
N GLY I 246 6.52 -73.65 9.61
CA GLY I 246 5.06 -73.73 9.62
C GLY I 246 4.53 -75.04 9.10
N GLU I 247 5.25 -75.61 8.14
CA GLU I 247 4.92 -76.93 7.56
C GLU I 247 4.85 -78.03 8.62
N TYR I 248 5.80 -78.00 9.55
CA TYR I 248 5.84 -78.90 10.69
C TYR I 248 4.49 -79.02 11.38
N PHE I 249 3.87 -77.88 11.66
CA PHE I 249 2.56 -77.86 12.30
C PHE I 249 1.43 -78.33 11.38
N MET I 250 1.54 -78.01 10.08
CA MET I 250 0.54 -78.44 9.09
C MET I 250 0.47 -79.96 8.97
N TYR I 251 1.65 -80.59 8.87
CA TYR I 251 1.72 -82.03 8.69
C TYR I 251 1.42 -82.85 9.96
N LYS I 252 1.33 -82.20 11.12
CA LYS I 252 0.80 -82.81 12.35
C LYS I 252 -0.69 -82.49 12.57
N GLY I 253 -1.40 -81.99 11.57
CA GLY I 253 -2.82 -81.71 11.69
C GLY I 253 -3.21 -80.43 12.40
N LYS I 254 -2.23 -79.58 12.72
CA LYS I 254 -2.47 -78.24 13.30
C LYS I 254 -2.48 -77.19 12.17
N HIS I 255 -2.73 -75.94 12.55
CA HIS I 255 -2.93 -74.84 11.61
C HIS I 255 -1.92 -73.72 11.82
N ALA I 256 -1.25 -73.30 10.74
CA ALA I 256 -0.25 -72.24 10.83
C ALA I 256 -0.52 -71.09 9.85
N LEU I 257 0.16 -69.98 10.12
CA LEU I 257 0.10 -68.76 9.32
C LEU I 257 1.51 -68.22 9.14
N VAL I 258 1.93 -68.05 7.88
CA VAL I 258 3.28 -67.51 7.59
C VAL I 258 3.17 -66.18 6.83
N VAL I 259 3.99 -65.22 7.23
CA VAL I 259 4.06 -63.89 6.64
C VAL I 259 5.47 -63.68 6.09
N TYR I 260 5.56 -63.38 4.80
CA TYR I 260 6.84 -63.03 4.16
C TYR I 260 6.87 -61.53 3.87
N ASP I 261 7.66 -60.78 4.65
CA ASP I 261 7.69 -59.31 4.64
C ASP I 261 9.15 -58.86 4.36
N ASP I 262 9.56 -58.74 3.09
CA ASP I 262 8.73 -58.96 1.88
C ASP I 262 9.48 -59.75 0.80
N LEU I 263 8.73 -60.27 -0.18
CA LEU I 263 9.33 -61.04 -1.27
C LEU I 263 10.06 -60.20 -2.33
N SER I 264 9.77 -58.89 -2.35
CA SER I 264 10.51 -57.96 -3.21
C SER I 264 11.99 -57.99 -2.89
N LYS I 265 12.31 -57.93 -1.60
CA LYS I 265 13.71 -57.94 -1.14
C LYS I 265 14.36 -59.31 -1.26
N GLN I 266 13.57 -60.38 -1.12
CA GLN I 266 14.05 -61.73 -1.36
C GLN I 266 14.47 -61.92 -2.83
N ALA I 267 13.58 -61.47 -3.75
CA ALA I 267 13.88 -61.58 -5.16
C ALA I 267 15.14 -60.78 -5.53
N ALA I 268 15.30 -59.58 -4.98
CA ALA I 268 16.50 -58.76 -5.21
C ALA I 268 17.77 -59.47 -4.73
N ALA I 269 17.66 -60.16 -3.59
CA ALA I 269 18.76 -60.91 -3.03
C ALA I 269 19.14 -62.11 -3.92
N TYR I 270 18.12 -62.82 -4.40
CA TYR I 270 18.37 -63.92 -5.33
C TYR I 270 18.93 -63.44 -6.69
N ARG I 271 18.56 -62.24 -7.09
CA ARG I 271 19.14 -61.61 -8.28
C ARG I 271 20.61 -61.31 -8.08
N GLU I 272 20.96 -60.71 -6.95
CA GLU I 272 22.35 -60.44 -6.58
C GLU I 272 23.18 -61.71 -6.73
N LEU I 273 22.66 -62.78 -6.13
CA LEU I 273 23.30 -64.07 -6.18
C LEU I 273 23.44 -64.61 -7.61
N SER I 274 22.33 -64.62 -8.34
CA SER I 274 22.31 -65.11 -9.73
C SER I 274 23.28 -64.33 -10.63
N LEU I 275 23.37 -63.01 -10.44
CA LEU I 275 24.27 -62.17 -11.23
C LEU I 275 25.74 -62.37 -10.89
N LEU I 276 26.03 -62.59 -9.60
CA LEU I 276 27.39 -62.91 -9.19
C LEU I 276 27.85 -64.26 -9.74
N LEU I 277 26.93 -65.20 -9.90
CA LEU I 277 27.20 -66.49 -10.57
C LEU I 277 27.10 -66.40 -12.10
N ARG I 278 26.97 -65.19 -12.64
CA ARG I 278 26.90 -64.94 -14.08
C ARG I 278 25.80 -65.70 -14.82
N ARG I 279 24.67 -65.93 -14.16
CA ARG I 279 23.49 -66.48 -14.80
C ARG I 279 22.80 -65.37 -15.61
N PRO I 280 22.39 -65.68 -16.86
CA PRO I 280 21.92 -64.64 -17.77
C PRO I 280 20.71 -63.85 -17.24
N PRO I 281 20.82 -62.50 -17.24
CA PRO I 281 19.71 -61.67 -16.79
C PRO I 281 18.62 -61.50 -17.83
N GLY I 282 17.40 -61.26 -17.35
CA GLY I 282 16.22 -60.98 -18.20
C GLY I 282 15.62 -59.66 -17.76
N ARG I 283 14.29 -59.59 -17.72
CA ARG I 283 13.58 -58.36 -17.31
C ARG I 283 14.06 -57.84 -15.96
N GLU I 284 14.33 -56.53 -15.88
CA GLU I 284 14.84 -55.87 -14.66
C GLU I 284 16.06 -56.58 -14.03
N ALA I 285 16.84 -57.23 -14.91
CA ALA I 285 18.01 -58.05 -14.56
C ALA I 285 17.77 -59.30 -13.70
N TYR I 286 16.51 -59.69 -13.52
CA TYR I 286 16.21 -60.90 -12.76
C TYR I 286 16.50 -62.13 -13.60
N PRO I 287 16.81 -63.26 -12.93
CA PRO I 287 17.03 -64.49 -13.66
C PRO I 287 15.74 -65.09 -14.16
N GLY I 288 15.84 -66.03 -15.11
CA GLY I 288 14.68 -66.71 -15.66
C GLY I 288 13.85 -67.46 -14.63
N ASP I 289 14.52 -67.96 -13.59
CA ASP I 289 13.82 -68.75 -12.56
C ASP I 289 13.32 -67.95 -11.35
N VAL I 290 13.20 -66.63 -11.46
CA VAL I 290 12.74 -65.81 -10.32
C VAL I 290 11.25 -66.03 -10.04
N PHE I 291 10.48 -66.38 -11.07
CA PHE I 291 9.07 -66.79 -10.89
C PHE I 291 9.00 -68.10 -10.13
N TYR I 292 9.78 -69.08 -10.58
CA TYR I 292 9.90 -70.38 -9.91
C TYR I 292 10.29 -70.24 -8.43
N LEU I 293 11.17 -69.30 -8.11
CA LEU I 293 11.57 -68.97 -6.72
C LEU I 293 10.36 -68.76 -5.80
N HIS I 294 9.40 -67.99 -6.25
CA HIS I 294 8.23 -67.67 -5.46
C HIS I 294 7.13 -68.71 -5.58
N SER I 295 7.01 -69.35 -6.74
CA SER I 295 5.96 -70.30 -6.96
C SER I 295 6.17 -71.60 -6.12
N ARG I 296 7.40 -72.09 -6.05
CA ARG I 296 7.75 -73.20 -5.13
C ARG I 296 7.38 -72.91 -3.69
N LEU I 297 7.74 -71.71 -3.26
CA LEU I 297 7.53 -71.26 -1.89
C LEU I 297 6.06 -71.25 -1.54
N LEU I 298 5.26 -70.61 -2.38
CA LEU I 298 3.87 -70.34 -2.04
C LEU I 298 2.94 -71.54 -2.26
N GLU I 299 3.35 -72.48 -3.13
CA GLU I 299 2.58 -73.70 -3.33
C GLU I 299 2.69 -74.67 -2.13
N ARG I 300 3.75 -74.56 -1.36
CA ARG I 300 3.93 -75.34 -0.09
C ARG I 300 2.96 -74.97 1.01
N ALA I 301 2.38 -73.77 0.93
CA ALA I 301 1.22 -73.39 1.73
C ALA I 301 -0.02 -74.02 1.11
N ALA I 302 -0.83 -74.68 1.93
CA ALA I 302 -2.00 -75.42 1.44
C ALA I 302 -2.96 -75.80 2.56
N LYS I 303 -4.09 -76.36 2.15
CA LYS I 303 -5.05 -77.00 3.05
C LYS I 303 -5.05 -78.49 2.72
N LEU I 304 -4.58 -79.32 3.67
CA LEU I 304 -4.47 -80.76 3.45
C LEU I 304 -5.81 -81.46 3.52
N SER I 305 -5.87 -82.65 2.92
CA SER I 305 -7.06 -83.49 2.97
C SER I 305 -7.26 -84.08 4.35
N ASP I 306 -8.43 -84.67 4.58
CA ASP I 306 -8.74 -85.32 5.87
C ASP I 306 -7.85 -86.51 6.11
N GLU I 307 -7.54 -87.25 5.03
CA GLU I 307 -6.60 -88.38 5.09
C GLU I 307 -5.19 -87.98 5.52
N LYS I 308 -4.72 -86.82 5.06
CA LYS I 308 -3.38 -86.33 5.40
C LYS I 308 -3.35 -85.52 6.71
N GLY I 309 -4.45 -85.48 7.47
CA GLY I 309 -4.45 -84.88 8.80
C GLY I 309 -5.25 -83.60 8.95
N GLY I 310 -5.71 -83.02 7.84
CA GLY I 310 -6.55 -81.83 7.86
C GLY I 310 -5.90 -80.51 8.24
N GLY I 311 -4.59 -80.49 8.43
CA GLY I 311 -3.86 -79.28 8.83
C GLY I 311 -3.70 -78.32 7.67
N SER I 312 -3.28 -77.10 8.00
CA SER I 312 -3.16 -76.04 6.99
C SER I 312 -1.95 -75.13 7.23
N LEU I 313 -1.44 -74.57 6.16
CA LEU I 313 -0.52 -73.45 6.23
C LEU I 313 -1.09 -72.35 5.35
N THR I 314 -1.38 -71.20 5.97
CA THR I 314 -1.93 -70.03 5.26
C THR I 314 -0.75 -69.08 5.05
N ALA I 315 -0.67 -68.46 3.85
CA ALA I 315 0.46 -67.55 3.53
C ALA I 315 0.01 -66.11 3.19
N LEU I 316 0.72 -65.14 3.76
CA LEU I 316 0.55 -63.73 3.44
C LEU I 316 1.89 -63.16 2.92
N PRO I 317 2.19 -63.38 1.63
CA PRO I 317 3.40 -62.75 1.07
C PRO I 317 3.15 -61.26 0.85
N PHE I 318 4.23 -60.48 0.87
CA PHE I 318 4.17 -59.05 0.68
C PHE I 318 4.92 -58.71 -0.60
N ILE I 319 4.39 -57.71 -1.31
CA ILE I 319 5.13 -57.06 -2.38
C ILE I 319 5.10 -55.55 -2.13
N GLU I 320 6.28 -54.92 -2.27
CA GLU I 320 6.36 -53.47 -2.18
C GLU I 320 6.48 -52.91 -3.58
N THR I 321 5.42 -52.23 -4.03
CA THR I 321 5.42 -51.59 -5.34
C THR I 321 6.14 -50.25 -5.30
N GLN I 322 6.51 -49.76 -6.48
CA GLN I 322 7.13 -48.44 -6.64
C GLN I 322 6.15 -47.53 -7.40
N ALA I 323 5.66 -46.46 -6.75
CA ALA I 323 4.71 -45.53 -7.36
C ALA I 323 3.44 -46.25 -7.87
N GLY I 324 2.99 -47.26 -7.12
CA GLY I 324 1.79 -47.99 -7.45
C GLY I 324 1.86 -48.85 -8.70
N ASP I 325 3.06 -49.16 -9.19
CA ASP I 325 3.22 -49.98 -10.40
C ASP I 325 3.04 -51.46 -10.08
N VAL I 326 1.80 -51.94 -10.15
CA VAL I 326 1.48 -53.37 -9.95
C VAL I 326 1.71 -54.21 -11.21
N SER I 327 2.05 -53.58 -12.32
CA SER I 327 2.37 -54.28 -13.57
C SER I 327 3.86 -54.55 -13.72
N ALA I 328 4.68 -54.23 -12.71
CA ALA I 328 6.11 -54.52 -12.73
C ALA I 328 6.35 -56.04 -12.68
N TYR I 329 7.59 -56.44 -12.95
CA TYR I 329 7.90 -57.85 -13.12
C TYR I 329 7.59 -58.72 -11.89
N ILE I 330 8.19 -58.37 -10.77
CA ILE I 330 8.03 -59.18 -9.55
C ILE I 330 6.61 -59.14 -9.02
N PRO I 331 5.98 -57.95 -8.98
CA PRO I 331 4.57 -57.93 -8.56
C PRO I 331 3.65 -58.80 -9.39
N THR I 332 3.77 -58.75 -10.72
CA THR I 332 2.93 -59.59 -11.59
C THR I 332 3.16 -61.08 -11.34
N ASN I 333 4.42 -61.46 -11.07
CA ASN I 333 4.74 -62.85 -10.77
C ASN I 333 3.93 -63.33 -9.58
N VAL I 334 4.02 -62.58 -8.48
CA VAL I 334 3.39 -63.00 -7.23
C VAL I 334 1.88 -62.87 -7.27
N ILE I 335 1.35 -61.88 -7.99
CA ILE I 335 -0.11 -61.80 -8.24
C ILE I 335 -0.60 -63.06 -8.95
N SER I 336 0.14 -63.52 -9.96
CA SER I 336 -0.30 -64.70 -10.73
C SER I 336 -0.14 -66.03 -9.95
N ILE I 337 0.62 -66.02 -8.84
CA ILE I 337 0.81 -67.20 -8.00
C ILE I 337 -0.27 -67.36 -6.94
N THR I 338 -0.63 -66.27 -6.26
CA THR I 338 -1.49 -66.34 -5.08
C THR I 338 -2.97 -66.52 -5.41
N ASP I 339 -3.82 -66.65 -4.37
CA ASP I 339 -5.26 -66.84 -4.53
C ASP I 339 -6.07 -65.53 -4.34
N GLY I 340 -5.50 -64.42 -4.82
CA GLY I 340 -6.07 -63.12 -4.54
C GLY I 340 -5.07 -62.16 -3.98
N GLN I 341 -5.49 -60.93 -3.78
CA GLN I 341 -4.61 -59.89 -3.33
C GLN I 341 -5.39 -58.77 -2.65
N ILE I 342 -4.70 -58.10 -1.71
CA ILE I 342 -5.20 -56.95 -1.01
C ILE I 342 -4.29 -55.79 -1.44
N PHE I 343 -4.83 -54.89 -2.26
CA PHE I 343 -4.07 -53.75 -2.71
C PHE I 343 -4.33 -52.56 -1.76
N LEU I 344 -3.23 -51.93 -1.30
CA LEU I 344 -3.32 -50.73 -0.47
C LEU I 344 -2.84 -49.49 -1.22
N GLU I 345 -3.52 -48.35 -1.05
CA GLU I 345 -3.20 -47.15 -1.82
C GLU I 345 -2.90 -45.93 -0.97
N SER I 346 -1.96 -45.10 -1.44
CA SER I 346 -1.54 -43.90 -0.70
C SER I 346 -2.63 -42.86 -0.63
N ASP I 347 -3.29 -42.61 -1.79
CA ASP I 347 -4.41 -41.65 -1.83
C ASP I 347 -5.49 -41.98 -0.79
N LEU I 348 -5.85 -43.26 -0.68
CA LEU I 348 -6.80 -43.68 0.35
C LEU I 348 -6.26 -43.41 1.76
N PHE I 349 -5.00 -43.80 2.00
CA PHE I 349 -4.38 -43.68 3.31
C PHE I 349 -4.40 -42.24 3.80
N TYR I 350 -3.93 -41.32 2.94
CA TYR I 350 -3.83 -39.92 3.35
C TYR I 350 -5.18 -39.18 3.40
N SER I 351 -6.20 -39.72 2.72
CA SER I 351 -7.57 -39.24 2.87
C SER I 351 -8.30 -39.74 4.12
N GLY I 352 -7.63 -40.55 4.95
CA GLY I 352 -8.21 -41.07 6.20
C GLY I 352 -8.93 -42.42 6.13
N VAL I 353 -8.90 -43.06 4.96
CA VAL I 353 -9.38 -44.44 4.82
C VAL I 353 -8.23 -45.34 5.25
N ARG I 354 -8.31 -45.81 6.50
CA ARG I 354 -7.27 -46.67 7.10
C ARG I 354 -7.99 -47.79 7.84
N PRO I 355 -7.74 -49.07 7.56
CA PRO I 355 -6.74 -49.55 6.59
C PRO I 355 -7.09 -49.17 5.16
N ALA I 356 -6.06 -48.88 4.35
CA ALA I 356 -6.27 -48.25 3.05
C ALA I 356 -6.47 -49.27 1.93
N VAL I 357 -7.49 -50.11 2.12
CA VAL I 357 -7.78 -51.19 1.22
C VAL I 357 -8.61 -50.69 0.06
N ASN I 358 -8.03 -50.76 -1.15
CA ASN I 358 -8.88 -50.61 -2.34
C ASN I 358 -9.77 -51.83 -2.48
N VAL I 359 -11.04 -51.68 -2.10
CA VAL I 359 -11.99 -52.79 -2.05
C VAL I 359 -12.42 -53.22 -3.46
N GLY I 360 -12.50 -52.27 -4.39
CA GLY I 360 -12.91 -52.56 -5.75
C GLY I 360 -11.94 -53.46 -6.50
N ILE I 361 -10.64 -53.12 -6.44
CA ILE I 361 -9.59 -53.81 -7.18
C ILE I 361 -9.08 -55.07 -6.46
N SER I 362 -9.14 -55.10 -5.12
CA SER I 362 -8.67 -56.26 -4.35
C SER I 362 -9.63 -57.43 -4.48
N VAL I 363 -9.14 -58.65 -4.25
CA VAL I 363 -9.82 -59.90 -4.66
C VAL I 363 -9.50 -61.08 -3.71
N SER I 364 -10.49 -61.90 -3.32
CA SER I 364 -10.23 -63.21 -2.76
C SER I 364 -10.86 -64.30 -3.65
N ARG I 365 -10.00 -65.11 -4.27
CA ARG I 365 -10.47 -66.14 -5.20
C ARG I 365 -11.20 -67.28 -4.50
N VAL I 366 -10.94 -67.44 -3.21
CA VAL I 366 -11.64 -68.41 -2.35
C VAL I 366 -13.03 -67.91 -1.97
N GLY I 367 -13.12 -66.64 -1.56
CA GLY I 367 -14.42 -65.99 -1.37
C GLY I 367 -15.23 -66.55 -0.22
N GLY I 368 -16.53 -66.72 -0.45
CA GLY I 368 -17.50 -67.06 0.62
C GLY I 368 -17.22 -68.38 1.34
N ALA I 369 -16.55 -69.31 0.66
CA ALA I 369 -16.05 -70.54 1.27
C ALA I 369 -15.22 -70.30 2.54
N ALA I 370 -14.51 -69.17 2.63
CA ALA I 370 -13.68 -68.82 3.79
C ALA I 370 -14.36 -67.88 4.82
N GLN I 371 -15.68 -67.98 4.92
CA GLN I 371 -16.49 -67.06 5.74
C GLN I 371 -17.58 -67.84 6.47
N ILE I 372 -17.85 -67.45 7.72
CA ILE I 372 -19.00 -68.00 8.44
C ILE I 372 -20.31 -67.48 7.80
N LYS I 373 -21.35 -68.30 7.85
CA LYS I 373 -22.61 -68.00 7.14
C LYS I 373 -23.19 -66.63 7.48
N ALA I 374 -23.00 -66.19 8.72
CA ALA I 374 -23.48 -64.86 9.12
C ALA I 374 -22.82 -63.77 8.32
N MET I 375 -21.50 -63.85 8.17
CA MET I 375 -20.70 -62.85 7.48
C MET I 375 -20.94 -62.89 5.97
N LYS I 376 -21.09 -64.08 5.41
CA LYS I 376 -21.42 -64.24 4.00
C LYS I 376 -22.78 -63.59 3.69
N LYS I 377 -23.71 -63.61 4.65
CA LYS I 377 -25.02 -63.02 4.46
C LYS I 377 -25.00 -61.50 4.48
N VAL I 378 -24.39 -60.93 5.52
CA VAL I 378 -24.38 -59.48 5.72
C VAL I 378 -23.44 -58.77 4.75
N ALA I 379 -22.35 -59.43 4.37
CA ALA I 379 -21.38 -58.85 3.44
C ALA I 379 -21.86 -58.77 1.97
N GLY I 380 -22.71 -59.77 1.63
CA GLY I 380 -23.51 -59.67 0.39
C GLY I 380 -24.06 -58.30 0.03
N THR I 381 -24.71 -57.63 0.99
CA THR I 381 -25.29 -56.30 0.84
C THR I 381 -24.30 -55.11 0.94
N LEU I 382 -23.22 -55.35 1.68
CA LEU I 382 -22.14 -54.33 1.83
C LEU I 382 -21.46 -54.11 0.49
N ARG I 383 -21.18 -55.21 -0.24
CA ARG I 383 -20.51 -55.16 -1.52
C ARG I 383 -21.34 -54.40 -2.54
N LEU I 384 -22.60 -54.78 -2.69
CA LEU I 384 -23.52 -54.07 -3.57
C LEU I 384 -23.71 -52.60 -3.16
N ASP I 385 -23.75 -52.31 -1.87
CA ASP I 385 -23.86 -50.92 -1.40
C ASP I 385 -22.67 -50.05 -1.79
N LEU I 386 -21.45 -50.60 -1.65
CA LEU I 386 -20.24 -49.86 -1.99
C LEU I 386 -19.99 -49.75 -3.49
N ALA I 387 -20.37 -50.78 -4.25
CA ALA I 387 -20.28 -50.74 -5.71
C ALA I 387 -21.13 -49.61 -6.30
N GLN I 388 -22.33 -49.42 -5.72
CA GLN I 388 -23.23 -48.33 -6.07
C GLN I 388 -22.68 -46.98 -5.60
N TYR I 389 -22.05 -46.98 -4.42
CA TYR I 389 -21.42 -45.78 -3.92
C TYR I 389 -20.30 -45.28 -4.80
N ARG I 390 -19.42 -46.20 -5.20
CA ARG I 390 -18.25 -45.86 -6.03
C ARG I 390 -18.65 -45.35 -7.41
N GLU I 391 -19.72 -45.89 -7.98
CA GLU I 391 -20.27 -45.38 -9.26
C GLU I 391 -20.86 -43.98 -9.08
N LEU I 392 -21.71 -43.82 -8.06
CA LEU I 392 -22.37 -42.54 -7.79
C LEU I 392 -21.49 -41.49 -7.15
N GLN I 393 -20.25 -41.79 -6.77
CA GLN I 393 -19.39 -40.84 -6.04
C GLN I 393 -19.11 -39.51 -6.72
N ALA I 394 -19.10 -39.47 -8.05
CA ALA I 394 -19.01 -38.24 -8.84
C ALA I 394 -20.07 -37.19 -8.48
N PHE I 395 -21.28 -37.62 -8.16
CA PHE I 395 -22.42 -36.81 -7.78
C PHE I 395 -22.50 -36.37 -6.29
N ALA I 396 -21.43 -36.50 -5.50
CA ALA I 396 -21.41 -36.20 -4.06
C ALA I 396 -21.21 -34.72 -3.67
N GLN I 397 -20.57 -33.95 -4.54
CA GLN I 397 -20.55 -32.47 -4.43
C GLN I 397 -21.87 -31.79 -4.79
N PHE I 398 -22.84 -32.54 -5.38
CA PHE I 398 -24.17 -32.02 -5.72
C PHE I 398 -25.19 -32.42 -4.64
N GLY I 399 -24.90 -32.13 -3.37
CA GLY I 399 -25.78 -32.61 -2.28
C GLY I 399 -27.11 -31.88 -2.27
N SER I 400 -28.23 -32.62 -2.21
CA SER I 400 -29.60 -32.11 -2.26
C SER I 400 -30.10 -31.53 -3.65
N ASP I 401 -29.26 -31.57 -4.69
CA ASP I 401 -29.78 -31.45 -6.10
C ASP I 401 -30.30 -32.80 -6.66
N LEU I 402 -29.74 -33.87 -6.14
CA LEU I 402 -29.96 -35.22 -6.64
C LEU I 402 -31.33 -35.76 -6.23
N ASP I 403 -31.93 -36.58 -7.09
CA ASP I 403 -33.16 -37.32 -6.75
C ASP I 403 -32.95 -38.20 -5.50
N LYS I 404 -34.04 -38.45 -4.79
CA LYS I 404 -33.97 -39.07 -3.47
C LYS I 404 -33.39 -40.50 -3.42
N ALA I 405 -33.46 -41.21 -4.55
CA ALA I 405 -32.87 -42.56 -4.67
C ALA I 405 -31.35 -42.52 -4.58
N THR I 406 -30.73 -41.65 -5.38
CA THR I 406 -29.27 -41.53 -5.39
C THR I 406 -28.74 -40.84 -4.13
N GLN I 407 -29.51 -39.91 -3.58
CA GLN I 407 -29.16 -39.26 -2.30
C GLN I 407 -28.95 -40.30 -1.19
N ALA I 408 -29.88 -41.26 -1.09
CA ALA I 408 -29.83 -42.31 -0.07
C ALA I 408 -28.67 -43.25 -0.25
N LYS I 409 -28.38 -43.59 -1.51
CA LYS I 409 -27.21 -44.42 -1.86
C LYS I 409 -25.89 -43.78 -1.48
N LEU I 410 -25.78 -42.46 -1.66
CA LEU I 410 -24.61 -41.74 -1.18
C LEU I 410 -24.50 -41.69 0.33
N ASN I 411 -25.64 -41.50 1.01
CA ASN I 411 -25.69 -41.49 2.48
C ASN I 411 -25.38 -42.83 3.11
N ARG I 412 -25.89 -43.90 2.52
CA ARG I 412 -25.52 -45.27 2.94
C ARG I 412 -24.04 -45.54 2.70
N GLY I 413 -23.54 -45.12 1.53
CA GLY I 413 -22.13 -45.28 1.18
C GLY I 413 -21.14 -44.62 2.11
N GLU I 414 -21.34 -43.35 2.43
CA GLU I 414 -20.39 -42.68 3.35
C GLU I 414 -20.37 -43.32 4.73
N ARG I 415 -21.49 -43.87 5.15
CA ARG I 415 -21.61 -44.53 6.45
C ARG I 415 -20.90 -45.89 6.46
N THR I 416 -21.08 -46.70 5.42
CA THR I 416 -20.38 -48.00 5.34
C THR I 416 -18.86 -47.79 5.23
N VAL I 417 -18.42 -46.72 4.56
CA VAL I 417 -17.01 -46.37 4.49
C VAL I 417 -16.46 -46.13 5.91
N GLU I 418 -17.22 -45.42 6.72
CA GLU I 418 -16.83 -45.14 8.10
C GLU I 418 -16.73 -46.39 8.97
N ILE I 419 -17.62 -47.35 8.73
CA ILE I 419 -17.58 -48.64 9.41
C ILE I 419 -16.31 -49.41 9.07
N LEU I 420 -15.88 -49.36 7.80
CA LEU I 420 -14.69 -50.09 7.35
C LEU I 420 -13.33 -49.42 7.70
N LYS I 421 -13.40 -48.18 8.16
CA LYS I 421 -12.25 -47.58 8.83
C LYS I 421 -12.07 -48.28 10.18
N GLN I 422 -10.84 -48.41 10.62
CA GLN I 422 -10.53 -49.22 11.78
C GLN I 422 -9.17 -48.88 12.32
N ASP I 423 -9.11 -48.73 13.64
CA ASP I 423 -7.89 -48.31 14.29
C ASP I 423 -6.85 -49.40 14.24
N GLU I 424 -5.59 -48.95 14.35
CA GLU I 424 -4.44 -49.83 14.27
C GLU I 424 -4.35 -50.65 15.55
N HIS I 425 -3.83 -51.87 15.45
CA HIS I 425 -3.76 -52.82 16.60
C HIS I 425 -5.04 -52.97 17.39
N LYS I 426 -6.18 -52.99 16.72
CA LYS I 426 -7.49 -53.18 17.36
C LYS I 426 -8.33 -54.12 16.52
N PRO I 427 -7.98 -55.42 16.55
CA PRO I 427 -8.75 -56.41 15.80
C PRO I 427 -10.12 -56.64 16.44
N MET I 428 -11.09 -57.01 15.62
CA MET I 428 -12.46 -57.24 16.05
C MET I 428 -12.83 -58.70 15.90
N PRO I 429 -13.51 -59.27 16.91
CA PRO I 429 -14.04 -60.63 16.73
C PRO I 429 -15.08 -60.67 15.62
N VAL I 430 -15.20 -61.81 14.94
CA VAL I 430 -16.11 -61.91 13.79
C VAL I 430 -17.56 -61.68 14.19
N GLU I 431 -17.97 -62.18 15.35
CA GLU I 431 -19.33 -61.96 15.85
C GLU I 431 -19.68 -60.46 16.00
N GLU I 432 -18.71 -59.65 16.42
CA GLU I 432 -18.91 -58.21 16.56
C GLU I 432 -18.92 -57.52 15.19
N GLN I 433 -18.12 -58.01 14.25
CA GLN I 433 -18.13 -57.51 12.86
C GLN I 433 -19.46 -57.72 12.19
N VAL I 434 -20.00 -58.93 12.34
CA VAL I 434 -21.30 -59.26 11.73
C VAL I 434 -22.40 -58.32 12.22
N ILE I 435 -22.40 -58.00 13.51
CA ILE I 435 -23.41 -57.09 14.07
C ILE I 435 -23.23 -55.67 13.54
N SER I 436 -21.99 -55.21 13.52
CA SER I 436 -21.67 -53.87 13.04
C SER I 436 -22.03 -53.66 11.57
N ILE I 437 -21.73 -54.67 10.75
CA ILE I 437 -22.03 -54.62 9.32
C ILE I 437 -23.53 -54.77 9.10
N TYR I 438 -24.17 -55.63 9.89
CA TYR I 438 -25.63 -55.78 9.88
C TYR I 438 -26.33 -54.46 10.16
N ALA I 439 -25.86 -53.75 11.18
CA ALA I 439 -26.42 -52.47 11.61
C ALA I 439 -26.44 -51.46 10.47
N VAL I 440 -25.27 -51.22 9.87
CA VAL I 440 -25.14 -50.21 8.83
C VAL I 440 -25.84 -50.58 7.51
N THR I 441 -25.79 -51.85 7.13
CA THR I 441 -26.39 -52.31 5.87
C THR I 441 -27.92 -52.41 5.90
N ASN I 442 -28.51 -52.53 7.08
CA ASN I 442 -29.98 -52.53 7.23
C ASN I 442 -30.56 -51.16 7.63
N GLY I 443 -29.73 -50.12 7.60
CA GLY I 443 -30.16 -48.75 7.75
C GLY I 443 -30.16 -48.17 9.14
N PHE I 444 -29.68 -48.93 10.13
CA PHE I 444 -29.76 -48.48 11.53
C PHE I 444 -28.88 -47.28 11.86
N MET I 445 -27.98 -46.89 10.96
CA MET I 445 -27.17 -45.67 11.13
C MET I 445 -27.53 -44.52 10.17
N ASP I 446 -28.59 -44.70 9.39
CA ASP I 446 -29.02 -43.67 8.44
C ASP I 446 -29.49 -42.36 9.09
N ASP I 447 -30.02 -42.43 10.33
CA ASP I 447 -30.42 -41.30 11.14
C ASP I 447 -29.28 -40.52 11.84
N ILE I 448 -28.09 -41.13 11.81
CA ILE I 448 -26.98 -40.65 12.61
C ILE I 448 -26.04 -39.85 11.72
N PRO I 449 -25.47 -38.77 12.25
CA PRO I 449 -24.42 -38.03 11.51
C PRO I 449 -23.23 -38.91 11.10
N VAL I 450 -22.64 -38.60 9.94
CA VAL I 450 -21.51 -39.35 9.41
C VAL I 450 -20.34 -39.31 10.38
N GLU I 451 -20.09 -38.14 10.98
CA GLU I 451 -19.02 -37.98 11.99
C GLU I 451 -19.21 -38.81 13.27
N ASP I 452 -20.45 -39.20 13.58
CA ASP I 452 -20.75 -40.01 14.77
C ASP I 452 -20.71 -41.52 14.53
N VAL I 453 -20.62 -41.98 13.28
CA VAL I 453 -20.80 -43.42 12.96
C VAL I 453 -19.81 -44.32 13.70
N ARG I 454 -18.55 -43.91 13.76
CA ARG I 454 -17.50 -44.73 14.34
C ARG I 454 -17.65 -44.87 15.85
N ARG I 455 -18.09 -43.80 16.52
CA ARG I 455 -18.39 -43.82 17.95
C ARG I 455 -19.66 -44.61 18.23
N PHE I 456 -20.66 -44.47 17.37
CA PHE I 456 -21.89 -45.27 17.43
C PHE I 456 -21.60 -46.76 17.45
N GLU I 457 -20.65 -47.19 16.61
CA GLU I 457 -20.25 -48.60 16.52
C GLU I 457 -19.57 -49.07 17.81
N GLU I 458 -18.61 -48.30 18.28
CA GLU I 458 -17.89 -48.62 19.53
C GLU I 458 -18.85 -48.71 20.73
N GLU I 459 -19.74 -47.72 20.83
CA GLU I 459 -20.78 -47.71 21.88
C GLU I 459 -21.80 -48.86 21.70
N LEU I 460 -22.16 -49.19 20.46
CA LEU I 460 -23.08 -50.31 20.19
C LEU I 460 -22.53 -51.64 20.64
N LEU I 461 -21.28 -51.92 20.30
CA LEU I 461 -20.66 -53.20 20.61
C LEU I 461 -20.42 -53.38 22.12
N SER I 462 -19.98 -52.32 22.83
CA SER I 462 -19.86 -52.38 24.30
C SER I 462 -21.21 -52.62 24.97
N PHE I 463 -22.27 -52.10 24.36
CA PHE I 463 -23.63 -52.41 24.77
C PHE I 463 -23.99 -53.86 24.52
N MET I 464 -23.75 -54.36 23.30
CA MET I 464 -24.03 -55.77 22.95
C MET I 464 -23.24 -56.76 23.83
N ARG I 465 -21.98 -56.45 24.13
CA ARG I 465 -21.15 -57.31 24.99
C ARG I 465 -21.68 -57.38 26.42
N ALA I 466 -21.95 -56.22 27.01
CA ALA I 466 -22.43 -56.13 28.40
C ALA I 466 -23.83 -56.68 28.60
N ASN I 467 -24.75 -56.34 27.69
CA ASN I 467 -26.18 -56.60 27.85
C ASN I 467 -26.80 -57.70 26.97
N LYS I 468 -26.35 -57.83 25.72
CA LYS I 468 -26.99 -58.75 24.76
C LYS I 468 -26.04 -59.87 24.29
N ASP I 469 -25.24 -60.39 25.21
CA ASP I 469 -24.24 -61.39 24.85
C ASP I 469 -24.81 -62.71 24.33
N SER I 470 -26.07 -63.00 24.64
CA SER I 470 -26.74 -64.19 24.12
C SER I 470 -26.84 -64.15 22.58
N LEU I 471 -27.01 -62.94 22.03
CA LEU I 471 -27.04 -62.75 20.56
C LEU I 471 -25.66 -62.94 19.90
N LEU I 472 -24.64 -62.30 20.46
CA LEU I 472 -23.26 -62.49 20.02
C LEU I 472 -22.84 -63.96 20.10
N ASP I 473 -23.16 -64.62 21.21
CA ASP I 473 -22.79 -66.03 21.44
C ASP I 473 -23.42 -66.97 20.43
N HIS I 474 -24.66 -66.70 20.02
CA HIS I 474 -25.31 -67.47 18.96
C HIS I 474 -24.40 -67.59 17.74
N ILE I 475 -23.81 -66.46 17.34
CA ILE I 475 -22.94 -66.39 16.17
C ILE I 475 -21.64 -67.17 16.37
N ARG I 476 -21.00 -67.01 17.53
CA ARG I 476 -19.77 -67.76 17.86
C ARG I 476 -19.94 -69.27 17.83
N GLN I 477 -21.14 -69.76 18.15
CA GLN I 477 -21.42 -71.19 18.27
C GLN I 477 -21.93 -71.75 16.94
N THR I 478 -22.98 -71.15 16.39
CA THR I 478 -23.64 -71.66 15.16
C THR I 478 -22.99 -71.18 13.88
N GLY I 479 -22.36 -70.01 13.93
CA GLY I 479 -21.89 -69.32 12.71
C GLY I 479 -23.00 -68.70 11.88
N GLU I 480 -24.21 -68.64 12.44
CA GLU I 480 -25.40 -68.19 11.73
C GLU I 480 -25.83 -66.87 12.38
N LEU I 481 -26.66 -66.11 11.68
CA LEU I 481 -27.27 -64.92 12.27
C LEU I 481 -28.29 -65.35 13.34
N PRO I 482 -28.46 -64.55 14.41
CA PRO I 482 -29.59 -64.80 15.30
C PRO I 482 -30.91 -64.38 14.65
N ASP I 483 -32.02 -64.55 15.37
CA ASP I 483 -33.32 -64.20 14.79
C ASP I 483 -33.36 -62.66 14.60
N THR I 484 -33.56 -62.27 13.33
CA THR I 484 -33.45 -60.88 12.91
C THR I 484 -34.37 -59.92 13.68
N LYS I 485 -35.52 -60.40 14.13
CA LYS I 485 -36.47 -59.56 14.90
C LYS I 485 -35.92 -59.21 16.29
N GLU I 486 -35.31 -60.20 16.96
CA GLU I 486 -34.63 -59.98 18.24
C GLU I 486 -33.46 -59.03 18.13
N LEU I 487 -32.74 -59.15 17.02
CA LEU I 487 -31.52 -58.36 16.76
C LEU I 487 -31.88 -56.91 16.45
N ASP I 488 -32.87 -56.70 15.59
CA ASP I 488 -33.40 -55.35 15.28
C ASP I 488 -33.85 -54.62 16.53
N ALA I 489 -34.59 -55.32 17.40
CA ALA I 489 -35.07 -54.77 18.67
C ALA I 489 -33.91 -54.32 19.57
N ALA I 490 -32.90 -55.18 19.69
CA ALA I 490 -31.74 -54.93 20.56
C ALA I 490 -30.91 -53.72 20.14
N ILE I 491 -30.80 -53.49 18.83
CA ILE I 491 -30.11 -52.33 18.29
C ILE I 491 -30.95 -51.08 18.55
N GLU I 492 -32.25 -51.16 18.28
CA GLU I 492 -33.15 -50.01 18.49
C GLU I 492 -33.27 -49.63 19.95
N GLU I 493 -33.09 -50.62 20.82
CA GLU I 493 -32.98 -50.42 22.27
C GLU I 493 -31.75 -49.56 22.60
N PHE I 494 -30.60 -49.94 22.02
CA PHE I 494 -29.36 -49.19 22.20
C PHE I 494 -29.49 -47.76 21.69
N LYS I 495 -30.08 -47.63 20.51
CA LYS I 495 -30.23 -46.33 19.83
C LYS I 495 -30.87 -45.25 20.69
N LYS I 496 -31.86 -45.64 21.50
CA LYS I 496 -32.58 -44.70 22.38
C LYS I 496 -31.73 -44.10 23.51
N GLY I 497 -30.57 -44.71 23.82
CA GLY I 497 -29.59 -44.16 24.76
C GLY I 497 -28.37 -43.52 24.12
N PHE I 498 -28.41 -43.27 22.81
CA PHE I 498 -27.29 -42.66 22.09
C PHE I 498 -27.53 -41.19 21.80
N THR I 499 -26.61 -40.32 22.25
CA THR I 499 -26.68 -38.87 21.99
C THR I 499 -25.68 -38.46 20.88
N PRO I 500 -26.15 -37.85 19.77
CA PRO I 500 -25.24 -37.23 18.77
C PRO I 500 -24.99 -35.73 18.99
N GLU J 27 32.51 -82.22 -51.83
CA GLU J 27 32.19 -80.83 -51.31
C GLU J 27 31.19 -80.87 -50.09
N VAL J 28 31.69 -81.54 -49.06
CA VAL J 28 30.96 -81.81 -47.79
C VAL J 28 31.50 -81.02 -46.58
N GLY J 29 30.62 -80.79 -45.60
CA GLY J 29 30.98 -80.23 -44.31
C GLY J 29 30.22 -80.91 -43.19
N THR J 30 30.72 -80.78 -41.96
CA THR J 30 30.10 -81.36 -40.77
C THR J 30 29.69 -80.28 -39.78
N VAL J 31 28.57 -80.51 -39.09
CA VAL J 31 28.02 -79.54 -38.15
C VAL J 31 28.73 -79.61 -36.79
N ILE J 32 29.34 -78.50 -36.39
CA ILE J 32 30.02 -78.38 -35.09
C ILE J 32 29.07 -78.08 -33.93
N GLN J 33 28.14 -77.15 -34.15
CA GLN J 33 27.20 -76.66 -33.10
C GLN J 33 25.87 -76.26 -33.75
N VAL J 34 24.76 -76.45 -33.02
CA VAL J 34 23.43 -76.07 -33.49
C VAL J 34 22.59 -75.56 -32.34
N GLY J 35 21.74 -74.58 -32.59
CA GLY J 35 20.69 -74.19 -31.68
C GLY J 35 19.75 -73.20 -32.32
N ASP J 36 18.45 -73.39 -32.11
CA ASP J 36 17.39 -72.48 -32.60
C ASP J 36 17.45 -72.24 -34.11
N GLY J 37 17.70 -73.31 -34.86
CA GLY J 37 17.78 -73.24 -36.32
C GLY J 37 19.00 -72.56 -36.92
N ILE J 38 20.04 -72.34 -36.13
CA ILE J 38 21.32 -71.76 -36.60
C ILE J 38 22.43 -72.76 -36.29
N ALA J 39 23.29 -73.00 -37.27
CA ALA J 39 24.32 -74.03 -37.16
C ALA J 39 25.67 -73.46 -37.57
N ARG J 40 26.73 -73.92 -36.91
CA ARG J 40 28.10 -73.65 -37.35
C ARG J 40 28.66 -74.92 -37.95
N VAL J 41 29.26 -74.80 -39.12
CA VAL J 41 29.67 -75.95 -39.93
C VAL J 41 31.16 -75.89 -40.25
N HIS J 42 31.89 -76.98 -39.99
CA HIS J 42 33.30 -77.13 -40.36
C HIS J 42 33.38 -77.67 -41.79
N GLY J 43 34.42 -77.24 -42.50
CA GLY J 43 34.60 -77.62 -43.89
C GLY J 43 33.87 -76.65 -44.81
N LEU J 44 33.40 -77.16 -45.94
CA LEU J 44 32.83 -76.36 -47.00
C LEU J 44 33.76 -75.20 -47.38
N GLU J 45 35.04 -75.49 -47.57
CA GLU J 45 36.06 -74.46 -47.80
C GLU J 45 35.74 -73.57 -49.00
N LYS J 46 35.25 -74.17 -50.07
CA LYS J 46 34.99 -73.46 -51.32
C LYS J 46 33.62 -72.77 -51.42
N VAL J 47 32.83 -72.73 -50.33
CA VAL J 47 31.42 -72.23 -50.39
C VAL J 47 31.33 -70.73 -50.66
N MET J 48 30.31 -70.33 -51.40
CA MET J 48 30.03 -68.90 -51.61
C MET J 48 29.22 -68.33 -50.46
N ALA J 49 29.38 -67.04 -50.23
CA ALA J 49 28.53 -66.30 -49.29
C ALA J 49 27.13 -66.20 -49.91
N GLY J 50 26.13 -66.73 -49.22
CA GLY J 50 24.74 -66.73 -49.70
C GLY J 50 24.32 -67.98 -50.47
N GLU J 51 25.19 -68.98 -50.46
CA GLU J 51 24.97 -70.22 -51.18
C GLU J 51 23.94 -71.11 -50.53
N LEU J 52 23.16 -71.80 -51.36
CA LEU J 52 22.19 -72.78 -50.91
C LEU J 52 22.91 -74.07 -50.55
N LEU J 53 22.58 -74.65 -49.41
CA LEU J 53 23.21 -75.89 -48.92
C LEU J 53 22.15 -76.92 -48.63
N GLU J 54 22.50 -78.20 -48.75
CA GLU J 54 21.60 -79.31 -48.45
C GLU J 54 22.16 -80.17 -47.33
N PHE J 55 21.39 -80.31 -46.26
CA PHE J 55 21.76 -81.18 -45.15
C PHE J 55 21.50 -82.63 -45.52
N GLU J 56 22.14 -83.52 -44.77
CA GLU J 56 22.02 -84.98 -44.90
C GLU J 56 20.60 -85.46 -45.14
N ASN J 57 19.63 -84.90 -44.41
CA ASN J 57 18.24 -85.36 -44.46
C ASN J 57 17.33 -84.61 -45.44
N GLY J 58 17.89 -83.94 -46.44
CA GLY J 58 17.09 -83.23 -47.45
C GLY J 58 16.66 -81.81 -47.13
N VAL J 59 16.85 -81.37 -45.88
CA VAL J 59 16.46 -80.02 -45.44
C VAL J 59 17.50 -79.04 -45.96
N MET J 60 17.05 -77.92 -46.52
CA MET J 60 17.98 -76.94 -47.08
C MET J 60 18.49 -75.96 -46.03
N GLY J 61 19.58 -75.28 -46.36
CA GLY J 61 20.14 -74.21 -45.54
C GLY J 61 20.81 -73.12 -46.37
N MET J 62 21.28 -72.06 -45.71
CA MET J 62 21.90 -70.94 -46.40
C MET J 62 23.18 -70.54 -45.67
N ALA J 63 24.26 -70.45 -46.41
CA ALA J 63 25.54 -69.96 -45.89
C ALA J 63 25.40 -68.46 -45.73
N GLN J 64 25.53 -67.98 -44.51
CA GLN J 64 25.39 -66.57 -44.19
C GLN J 64 26.75 -65.94 -43.84
N ASN J 65 27.47 -66.56 -42.94
CA ASN J 65 28.76 -66.05 -42.47
C ASN J 65 29.87 -66.97 -42.90
N LEU J 66 30.82 -66.47 -43.69
CA LEU J 66 32.07 -67.19 -43.97
C LEU J 66 33.12 -66.72 -42.98
N GLU J 67 33.37 -67.58 -41.98
CA GLU J 67 34.39 -67.30 -40.95
C GLU J 67 35.71 -67.97 -41.31
N GLU J 68 36.72 -67.80 -40.46
CA GLU J 68 38.08 -68.18 -40.82
C GLU J 68 38.21 -69.66 -41.12
N ASP J 69 37.63 -70.53 -40.30
CA ASP J 69 37.61 -71.98 -40.64
C ASP J 69 36.27 -72.68 -40.38
N ASN J 70 35.18 -71.92 -40.25
CA ASN J 70 33.82 -72.45 -40.19
C ASN J 70 32.83 -71.60 -40.94
N VAL J 71 31.61 -72.11 -41.10
CA VAL J 71 30.56 -71.40 -41.84
C VAL J 71 29.32 -71.26 -40.95
N GLY J 72 28.80 -70.05 -40.85
CA GLY J 72 27.50 -69.78 -40.21
C GLY J 72 26.39 -70.11 -41.19
N VAL J 73 25.50 -71.01 -40.80
CA VAL J 73 24.45 -71.54 -41.66
C VAL J 73 23.07 -71.41 -41.02
N VAL J 74 22.13 -70.80 -41.73
CA VAL J 74 20.75 -70.67 -41.26
C VAL J 74 19.93 -71.80 -41.90
N ILE J 75 19.23 -72.57 -41.09
CA ILE J 75 18.44 -73.71 -41.56
C ILE J 75 17.07 -73.24 -42.05
N LEU J 76 16.69 -73.66 -43.26
CA LEU J 76 15.49 -73.19 -43.94
C LEU J 76 14.38 -74.24 -43.93
N GLY J 77 14.15 -74.81 -42.75
CA GLY J 77 13.20 -75.91 -42.59
C GLY J 77 13.30 -76.56 -41.22
N PRO J 78 12.57 -77.67 -41.01
CA PRO J 78 12.59 -78.38 -39.72
C PRO J 78 14.00 -78.73 -39.29
N TYR J 79 14.35 -78.43 -38.03
CA TYR J 79 15.73 -78.60 -37.56
C TYR J 79 15.93 -79.57 -36.40
N THR J 80 14.92 -80.38 -36.07
CA THR J 80 15.05 -81.32 -34.92
C THR J 80 16.03 -82.49 -35.23
N GLU J 81 16.01 -82.94 -36.48
CA GLU J 81 16.87 -84.02 -36.97
C GLU J 81 18.30 -83.56 -37.35
N ILE J 82 18.58 -82.26 -37.30
CA ILE J 82 19.93 -81.71 -37.47
C ILE J 82 20.58 -81.58 -36.10
N ARG J 83 21.81 -82.10 -36.01
CA ARG J 83 22.61 -82.20 -34.78
C ARG J 83 24.08 -82.03 -35.07
N GLU J 84 24.93 -82.17 -34.06
CA GLU J 84 26.37 -82.14 -34.22
C GLU J 84 26.74 -83.46 -34.91
N GLY J 85 27.44 -83.35 -36.03
CA GLY J 85 27.81 -84.50 -36.83
C GLY J 85 27.08 -84.64 -38.14
N THR J 86 25.90 -84.01 -38.27
CA THR J 86 25.13 -84.05 -39.53
C THR J 86 25.94 -83.41 -40.63
N GLN J 87 25.80 -83.94 -41.83
CA GLN J 87 26.69 -83.56 -42.94
C GLN J 87 25.93 -82.60 -43.84
N VAL J 88 26.67 -81.70 -44.49
CA VAL J 88 26.08 -80.67 -45.33
C VAL J 88 26.81 -80.63 -46.65
N LYS J 89 26.06 -80.60 -47.75
CA LYS J 89 26.60 -80.59 -49.11
C LYS J 89 26.40 -79.21 -49.68
N ARG J 90 27.37 -78.71 -50.42
CA ARG J 90 27.13 -77.51 -51.23
C ARG J 90 26.23 -77.85 -52.40
N THR J 91 25.51 -76.86 -52.93
CA THR J 91 24.83 -76.98 -54.22
C THR J 91 25.50 -76.18 -55.32
N GLY J 92 26.46 -75.31 -54.97
CA GLY J 92 27.10 -74.45 -55.96
C GLY J 92 26.23 -73.38 -56.59
N ARG J 93 25.03 -73.19 -56.04
CA ARG J 93 24.04 -72.22 -56.55
C ARG J 93 23.79 -71.20 -55.44
N ILE J 94 23.72 -69.92 -55.81
CA ILE J 94 23.37 -68.81 -54.90
C ILE J 94 21.91 -68.96 -54.52
N MET J 95 21.50 -68.40 -53.39
CA MET J 95 20.11 -68.49 -52.91
C MET J 95 19.06 -68.12 -53.98
N GLU J 96 18.21 -69.06 -54.37
CA GLU J 96 17.46 -69.05 -55.65
C GLU J 96 16.05 -69.57 -55.40
N VAL J 97 15.14 -69.25 -56.33
CA VAL J 97 13.86 -69.94 -56.40
C VAL J 97 13.49 -70.30 -57.84
N PRO J 98 12.79 -71.45 -58.04
CA PRO J 98 12.31 -71.79 -59.39
C PRO J 98 11.27 -70.80 -59.81
N VAL J 99 11.18 -70.52 -61.09
CA VAL J 99 10.43 -69.37 -61.61
C VAL J 99 9.77 -69.73 -62.93
N GLY J 100 8.76 -68.93 -63.28
CA GLY J 100 8.13 -69.03 -64.60
C GLY J 100 6.69 -69.57 -64.52
N GLU J 101 6.24 -70.06 -65.68
CA GLU J 101 4.85 -70.41 -65.90
C GLU J 101 4.42 -71.66 -65.12
N ALA J 102 5.40 -72.50 -64.75
CA ALA J 102 5.10 -73.71 -63.99
C ALA J 102 4.54 -73.47 -62.59
N LEU J 103 4.81 -72.26 -62.05
CA LEU J 103 4.30 -71.89 -60.72
C LEU J 103 2.87 -71.42 -60.67
N LEU J 104 2.35 -70.96 -61.80
CA LEU J 104 0.97 -70.47 -61.89
C LEU J 104 -0.01 -71.57 -61.40
N GLY J 105 -0.93 -71.19 -60.52
CA GLY J 105 -1.86 -72.12 -59.91
C GLY J 105 -1.33 -73.01 -58.81
N ARG J 106 -0.04 -72.87 -58.48
CA ARG J 106 0.61 -73.73 -57.48
C ARG J 106 0.80 -73.01 -56.15
N VAL J 107 0.87 -73.80 -55.09
CA VAL J 107 1.12 -73.32 -53.73
C VAL J 107 2.51 -73.83 -53.35
N VAL J 108 3.42 -72.90 -53.05
CA VAL J 108 4.81 -73.23 -52.73
C VAL J 108 5.27 -72.54 -51.48
N ASN J 109 6.34 -73.05 -50.88
CA ASN J 109 7.02 -72.38 -49.77
C ASN J 109 8.08 -71.40 -50.35
N PRO J 110 8.81 -70.66 -49.49
CA PRO J 110 9.83 -69.73 -49.99
C PRO J 110 11.01 -70.35 -50.76
N LEU J 111 11.26 -71.66 -50.61
CA LEU J 111 12.24 -72.39 -51.43
C LEU J 111 11.70 -72.86 -52.79
N GLY J 112 10.40 -72.65 -53.05
CA GLY J 112 9.77 -73.10 -54.30
C GLY J 112 9.35 -74.56 -54.32
N GLN J 113 9.21 -75.17 -53.14
CA GLN J 113 8.80 -76.56 -53.03
C GLN J 113 7.29 -76.64 -52.90
N PRO J 114 6.65 -77.54 -53.67
CA PRO J 114 5.17 -77.55 -53.73
C PRO J 114 4.52 -78.11 -52.46
N LEU J 115 3.63 -77.32 -51.86
CA LEU J 115 2.91 -77.71 -50.64
C LEU J 115 1.51 -78.27 -50.92
N ASP J 116 1.00 -78.03 -52.14
CA ASP J 116 -0.37 -78.46 -52.52
C ASP J 116 -0.50 -79.94 -52.87
N GLY J 117 0.62 -80.66 -52.89
CA GLY J 117 0.61 -82.11 -53.13
C GLY J 117 0.21 -82.50 -54.55
N ARG J 118 0.44 -81.61 -55.51
CA ARG J 118 0.25 -81.91 -56.92
C ARG J 118 1.60 -82.14 -57.62
N GLY J 119 2.56 -82.74 -56.91
CA GLY J 119 3.83 -83.14 -57.52
C GLY J 119 4.73 -81.99 -57.90
N PRO J 120 5.84 -82.28 -58.60
CA PRO J 120 6.93 -81.34 -58.81
C PRO J 120 6.60 -80.13 -59.69
N ILE J 121 7.50 -79.15 -59.67
CA ILE J 121 7.37 -77.91 -60.43
C ILE J 121 8.30 -77.99 -61.64
N GLU J 122 7.78 -78.42 -62.79
CA GLU J 122 8.56 -78.63 -64.02
C GLU J 122 9.03 -77.30 -64.65
N THR J 123 10.21 -76.80 -64.23
CA THR J 123 10.76 -75.56 -64.80
C THR J 123 12.27 -75.54 -64.88
N ALA J 124 12.78 -75.04 -66.02
CA ALA J 124 14.21 -74.90 -66.26
C ALA J 124 14.76 -73.53 -65.85
N GLU J 125 13.89 -72.54 -65.60
CA GLU J 125 14.34 -71.21 -65.21
C GLU J 125 14.30 -70.98 -63.71
N TYR J 126 15.36 -70.38 -63.20
CA TYR J 126 15.49 -70.01 -61.78
C TYR J 126 15.76 -68.51 -61.70
N ARG J 127 15.66 -67.95 -60.50
CA ARG J 127 15.98 -66.53 -60.29
C ARG J 127 16.45 -66.29 -58.85
N PRO J 128 17.48 -65.43 -58.66
CA PRO J 128 18.05 -65.29 -57.32
C PRO J 128 17.15 -64.47 -56.40
N ILE J 129 17.14 -64.84 -55.13
CA ILE J 129 16.23 -64.26 -54.15
C ILE J 129 16.64 -62.82 -53.80
N GLU J 130 17.94 -62.60 -53.66
CA GLU J 130 18.50 -61.26 -53.56
C GLU J 130 18.89 -60.84 -54.96
N SER J 131 18.46 -59.66 -55.39
CA SER J 131 18.81 -59.15 -56.72
C SER J 131 18.69 -57.60 -56.72
N PRO J 132 19.56 -56.91 -57.49
CA PRO J 132 19.50 -55.45 -57.51
C PRO J 132 18.21 -54.89 -58.12
N ALA J 133 17.80 -53.73 -57.64
CA ALA J 133 16.59 -53.08 -58.13
C ALA J 133 16.91 -52.32 -59.42
N PRO J 134 15.88 -52.09 -60.26
CA PRO J 134 16.06 -51.22 -61.41
C PRO J 134 16.60 -49.87 -60.99
N GLY J 135 17.69 -49.43 -61.64
CA GLY J 135 18.35 -48.18 -61.31
C GLY J 135 17.57 -46.97 -61.82
N VAL J 136 18.18 -45.80 -61.68
CA VAL J 136 17.48 -44.55 -61.94
C VAL J 136 17.09 -44.41 -63.40
N MET J 137 17.93 -44.91 -64.31
CA MET J 137 17.68 -44.81 -65.76
C MET J 137 16.81 -45.91 -66.34
N ASP J 138 16.54 -46.95 -65.56
CA ASP J 138 15.79 -48.12 -66.07
C ASP J 138 14.27 -47.99 -65.94
N ARG J 139 13.77 -46.84 -65.48
CA ARG J 139 12.35 -46.70 -65.15
C ARG J 139 11.64 -45.67 -66.01
N LYS J 140 10.31 -45.73 -65.97
CA LYS J 140 9.42 -44.72 -66.52
C LYS J 140 8.33 -44.39 -65.49
N SER J 141 7.88 -43.13 -65.45
CA SER J 141 6.78 -42.74 -64.58
C SER J 141 5.57 -43.64 -64.80
N VAL J 142 4.95 -44.02 -63.69
CA VAL J 142 3.80 -44.91 -63.71
C VAL J 142 2.69 -44.16 -64.39
N HIS J 143 2.07 -44.80 -65.37
CA HIS J 143 0.98 -44.20 -66.17
C HIS J 143 -0.19 -45.14 -66.51
N GLU J 144 -0.10 -46.42 -66.16
CA GLU J 144 -1.08 -47.43 -66.56
C GLU J 144 -1.90 -47.89 -65.34
N PRO J 145 -3.24 -47.90 -65.44
CA PRO J 145 -4.04 -48.36 -64.28
C PRO J 145 -3.84 -49.81 -63.88
N LEU J 146 -3.89 -50.09 -62.57
CA LEU J 146 -4.16 -51.44 -62.06
C LEU J 146 -5.47 -51.31 -61.32
N GLN J 147 -6.55 -51.74 -61.97
CA GLN J 147 -7.91 -51.55 -61.43
C GLN J 147 -8.13 -52.61 -60.37
N THR J 148 -8.37 -52.19 -59.13
CA THR J 148 -8.67 -53.14 -58.05
C THR J 148 -10.10 -53.68 -58.14
N GLY J 149 -10.98 -52.90 -58.77
CA GLY J 149 -12.41 -53.21 -58.78
C GLY J 149 -13.15 -52.73 -57.56
N ILE J 150 -12.48 -51.94 -56.71
CA ILE J 150 -13.05 -51.46 -55.48
C ILE J 150 -13.22 -49.94 -55.65
N LYS J 151 -14.48 -49.49 -55.67
CA LYS J 151 -14.81 -48.09 -55.95
C LYS J 151 -13.95 -47.10 -55.14
N ALA J 152 -13.97 -47.32 -53.83
CA ALA J 152 -13.22 -46.49 -52.90
C ALA J 152 -11.75 -46.30 -53.33
N ILE J 153 -11.11 -47.39 -53.76
CA ILE J 153 -9.69 -47.36 -54.10
C ILE J 153 -9.46 -46.80 -55.50
N ASP J 154 -10.10 -47.38 -56.52
CA ASP J 154 -9.91 -46.95 -57.91
C ASP J 154 -10.31 -45.50 -58.17
N SER J 155 -11.18 -44.94 -57.34
CA SER J 155 -11.60 -43.55 -57.47
C SER J 155 -10.73 -42.57 -56.66
N MET J 156 -10.48 -42.89 -55.39
CA MET J 156 -9.79 -41.98 -54.47
C MET J 156 -8.29 -42.27 -54.27
N ILE J 157 -7.91 -43.54 -54.26
CA ILE J 157 -6.50 -43.94 -54.01
C ILE J 157 -6.01 -44.85 -55.16
N PRO J 158 -5.96 -44.31 -56.38
CA PRO J 158 -5.77 -45.15 -57.57
C PRO J 158 -4.37 -45.77 -57.60
N ILE J 159 -4.32 -47.07 -57.86
CA ILE J 159 -3.08 -47.80 -57.98
C ILE J 159 -2.72 -47.93 -59.47
N GLY J 160 -1.43 -47.81 -59.76
CA GLY J 160 -0.89 -47.93 -61.12
C GLY J 160 0.18 -49.03 -61.24
N ARG J 161 0.45 -49.44 -62.48
CA ARG J 161 1.36 -50.54 -62.72
C ARG J 161 2.79 -50.11 -62.51
N GLY J 162 3.43 -50.71 -61.51
CA GLY J 162 4.76 -50.33 -61.03
C GLY J 162 4.77 -49.63 -59.69
N GLN J 163 3.58 -49.34 -59.16
CA GLN J 163 3.43 -48.62 -57.88
C GLN J 163 3.62 -49.58 -56.70
N ARG J 164 4.07 -49.03 -55.58
CA ARG J 164 4.04 -49.72 -54.31
C ARG J 164 3.02 -48.97 -53.48
N GLU J 165 1.96 -49.66 -53.05
CA GLU J 165 0.89 -49.04 -52.28
C GLU J 165 0.68 -49.85 -51.01
N LEU J 166 0.97 -49.22 -49.86
CA LEU J 166 0.84 -49.91 -48.56
C LEU J 166 -0.62 -50.08 -48.20
N ILE J 167 -1.00 -51.28 -47.76
CA ILE J 167 -2.30 -51.51 -47.13
C ILE J 167 -2.04 -51.70 -45.64
N ILE J 168 -2.57 -50.80 -44.83
CA ILE J 168 -2.20 -50.68 -43.42
C ILE J 168 -3.47 -50.53 -42.58
N GLY J 169 -3.51 -51.22 -41.44
CA GLY J 169 -4.68 -51.17 -40.56
C GLY J 169 -4.62 -52.21 -39.48
N ASP J 170 -5.50 -52.09 -38.48
CA ASP J 170 -5.56 -53.08 -37.39
C ASP J 170 -5.92 -54.45 -37.95
N ARG J 171 -5.81 -55.47 -37.10
CA ARG J 171 -6.32 -56.80 -37.42
C ARG J 171 -7.84 -56.72 -37.70
N GLN J 172 -8.32 -57.53 -38.64
CA GLN J 172 -9.76 -57.64 -38.96
C GLN J 172 -10.41 -56.32 -39.46
N THR J 173 -9.64 -55.49 -40.15
CA THR J 173 -10.16 -54.28 -40.79
C THR J 173 -10.42 -54.41 -42.31
N GLY J 174 -10.09 -55.58 -42.86
CA GLY J 174 -10.43 -55.92 -44.26
C GLY J 174 -9.30 -55.80 -45.26
N LYS J 175 -8.06 -56.05 -44.79
CA LYS J 175 -6.84 -55.87 -45.60
C LYS J 175 -6.69 -57.00 -46.64
N THR J 176 -6.74 -58.24 -46.18
CA THR J 176 -6.60 -59.41 -47.06
C THR J 176 -7.70 -59.43 -48.12
N THR J 177 -8.96 -59.15 -47.74
CA THR J 177 -10.05 -59.08 -48.72
C THR J 177 -9.84 -58.04 -49.83
N ILE J 178 -9.11 -56.94 -49.55
CA ILE J 178 -8.78 -55.98 -50.60
C ILE J 178 -7.87 -56.63 -51.65
N ALA J 179 -6.83 -57.32 -51.20
CA ALA J 179 -5.88 -57.94 -52.10
C ALA J 179 -6.49 -59.12 -52.87
N ILE J 180 -7.30 -59.94 -52.20
CA ILE J 180 -7.99 -61.05 -52.86
C ILE J 180 -8.93 -60.56 -53.96
N ASP J 181 -9.69 -59.50 -53.65
CA ASP J 181 -10.58 -58.89 -54.64
C ASP J 181 -9.80 -58.27 -55.79
N THR J 182 -8.63 -57.71 -55.50
CA THR J 182 -7.78 -57.11 -56.53
C THR J 182 -7.23 -58.17 -57.49
N ILE J 183 -6.81 -59.30 -56.95
CA ILE J 183 -6.32 -60.43 -57.75
C ILE J 183 -7.44 -60.95 -58.65
N ILE J 184 -8.60 -61.24 -58.06
CA ILE J 184 -9.80 -61.66 -58.81
C ILE J 184 -10.12 -60.73 -59.99
N ASN J 185 -9.99 -59.41 -59.77
CA ASN J 185 -10.31 -58.42 -60.80
C ASN J 185 -9.27 -58.35 -61.93
N GLN J 186 -8.10 -58.97 -61.76
CA GLN J 186 -7.12 -59.12 -62.84
C GLN J 186 -7.42 -60.25 -63.83
N LYS J 187 -8.55 -60.96 -63.64
CA LYS J 187 -9.02 -61.97 -64.60
C LYS J 187 -9.18 -61.32 -66.00
N GLY J 188 -8.47 -61.86 -66.98
CA GLY J 188 -8.50 -61.33 -68.33
C GLY J 188 -7.77 -60.04 -68.60
N GLN J 189 -7.07 -59.48 -67.61
CA GLN J 189 -6.27 -58.24 -67.79
C GLN J 189 -4.82 -58.54 -68.10
N ASP J 190 -4.48 -59.84 -68.20
CA ASP J 190 -3.14 -60.30 -68.52
C ASP J 190 -2.12 -59.76 -67.51
N VAL J 191 -2.42 -60.01 -66.24
CA VAL J 191 -1.57 -59.62 -65.11
C VAL J 191 -1.37 -60.82 -64.21
N ILE J 192 -0.11 -61.19 -64.00
CA ILE J 192 0.25 -62.35 -63.19
C ILE J 192 0.29 -61.89 -61.74
N CYS J 193 -0.37 -62.64 -60.86
CA CYS J 193 -0.51 -62.26 -59.46
C CYS J 193 0.30 -63.20 -58.57
N ILE J 194 0.86 -62.66 -57.49
CA ILE J 194 1.60 -63.44 -56.51
C ILE J 194 1.17 -63.05 -55.10
N TYR J 195 0.54 -63.99 -54.39
CA TYR J 195 0.11 -63.77 -53.01
C TYR J 195 1.14 -64.43 -52.08
N VAL J 196 1.90 -63.60 -51.38
CA VAL J 196 2.87 -64.09 -50.39
C VAL J 196 2.25 -64.00 -49.00
N ALA J 197 2.16 -65.13 -48.31
CA ALA J 197 1.54 -65.22 -46.99
C ALA J 197 2.60 -65.47 -45.94
N ILE J 198 2.99 -64.43 -45.22
CA ILE J 198 4.02 -64.49 -44.19
C ILE J 198 3.37 -64.52 -42.80
N GLY J 199 3.48 -65.61 -42.09
CA GLY J 199 3.10 -65.68 -40.67
C GLY J 199 1.61 -65.76 -40.36
N GLN J 200 0.81 -66.02 -41.39
CA GLN J 200 -0.62 -66.21 -41.21
C GLN J 200 -0.85 -67.63 -40.74
N LYS J 201 -2.07 -67.84 -40.23
CA LYS J 201 -2.56 -69.16 -39.96
C LYS J 201 -2.76 -69.86 -41.30
N GLN J 202 -2.47 -71.15 -41.32
CA GLN J 202 -2.43 -71.91 -42.56
C GLN J 202 -3.84 -72.18 -43.07
N SER J 203 -4.82 -72.35 -42.15
CA SER J 203 -6.24 -72.46 -42.51
C SER J 203 -6.68 -71.27 -43.36
N THR J 204 -6.27 -70.06 -42.98
CA THR J 204 -6.55 -68.85 -43.75
C THR J 204 -5.99 -68.92 -45.16
N VAL J 205 -4.78 -69.43 -45.30
CA VAL J 205 -4.14 -69.54 -46.62
C VAL J 205 -4.88 -70.56 -47.48
N ALA J 206 -5.31 -71.67 -46.87
CA ALA J 206 -6.13 -72.66 -47.56
C ALA J 206 -7.46 -72.05 -48.03
N GLY J 207 -8.04 -71.20 -47.18
CA GLY J 207 -9.22 -70.43 -47.53
C GLY J 207 -9.02 -69.48 -48.68
N VAL J 208 -7.86 -68.83 -48.74
CA VAL J 208 -7.54 -67.90 -49.84
C VAL J 208 -7.47 -68.64 -51.17
N VAL J 209 -6.73 -69.76 -51.21
CA VAL J 209 -6.59 -70.50 -52.47
C VAL J 209 -7.96 -70.98 -52.97
N GLU J 210 -8.81 -71.42 -52.04
CA GLU J 210 -10.13 -71.89 -52.40
C GLU J 210 -11.01 -70.77 -52.95
N THR J 211 -10.91 -69.57 -52.39
CA THR J 211 -11.67 -68.41 -52.87
C THR J 211 -11.24 -68.02 -54.27
N LEU J 212 -9.94 -68.12 -54.54
CA LEU J 212 -9.39 -67.81 -55.87
C LEU J 212 -9.85 -68.82 -56.90
N ARG J 213 -9.82 -70.11 -56.53
CA ARG J 213 -10.29 -71.20 -57.39
C ARG J 213 -11.75 -70.96 -57.84
N GLN J 214 -12.62 -70.62 -56.89
CA GLN J 214 -14.03 -70.42 -57.18
C GLN J 214 -14.35 -69.21 -58.05
N HIS J 215 -13.49 -68.19 -58.02
CA HIS J 215 -13.63 -66.99 -58.89
C HIS J 215 -12.78 -67.10 -60.16
N ASP J 216 -12.18 -68.27 -60.37
CA ASP J 216 -11.39 -68.60 -61.56
C ASP J 216 -10.22 -67.61 -61.72
N ALA J 217 -9.57 -67.35 -60.58
CA ALA J 217 -8.42 -66.47 -60.50
C ALA J 217 -7.13 -67.20 -60.14
N LEU J 218 -7.20 -68.51 -59.90
CA LEU J 218 -6.04 -69.27 -59.44
C LEU J 218 -5.07 -69.60 -60.57
N ASP J 219 -5.57 -69.81 -61.79
CA ASP J 219 -4.68 -70.17 -62.90
C ASP J 219 -3.68 -69.08 -63.35
N TYR J 220 -3.85 -67.82 -62.93
CA TYR J 220 -2.82 -66.79 -63.18
C TYR J 220 -2.14 -66.30 -61.89
N THR J 221 -2.27 -67.06 -60.81
CA THR J 221 -1.80 -66.65 -59.48
C THR J 221 -0.85 -67.67 -58.86
N ILE J 222 0.31 -67.19 -58.40
CA ILE J 222 1.24 -67.99 -57.62
C ILE J 222 1.02 -67.69 -56.12
N VAL J 223 1.08 -68.72 -55.28
CA VAL J 223 0.90 -68.56 -53.85
C VAL J 223 2.14 -69.04 -53.06
N VAL J 224 2.87 -68.09 -52.48
CA VAL J 224 4.01 -68.40 -51.59
C VAL J 224 3.53 -68.32 -50.14
N THR J 225 3.94 -69.27 -49.30
CA THR J 225 3.44 -69.37 -47.91
C THR J 225 4.49 -69.83 -46.91
N ALA J 226 4.79 -68.99 -45.95
CA ALA J 226 5.54 -69.37 -44.76
C ALA J 226 4.58 -69.25 -43.60
N SER J 227 3.96 -70.34 -43.23
CA SER J 227 2.88 -70.29 -42.18
C SER J 227 3.49 -70.01 -40.80
N ALA J 228 2.62 -69.67 -39.86
CA ALA J 228 3.03 -69.27 -38.50
C ALA J 228 3.86 -70.29 -37.74
N SER J 229 3.72 -71.58 -38.07
CA SER J 229 4.52 -72.64 -37.42
C SER J 229 5.94 -72.79 -38.00
N GLU J 230 6.18 -72.26 -39.21
CA GLU J 230 7.47 -72.40 -39.85
C GLU J 230 8.56 -71.64 -39.12
N PRO J 231 9.82 -72.11 -39.22
CA PRO J 231 10.92 -71.38 -38.63
C PRO J 231 11.08 -69.98 -39.23
N ALA J 232 11.55 -69.07 -38.38
CA ALA J 232 11.68 -67.66 -38.72
C ALA J 232 12.37 -67.38 -40.06
N PRO J 233 13.47 -68.09 -40.38
CA PRO J 233 14.13 -67.77 -41.65
C PRO J 233 13.26 -67.91 -42.92
N LEU J 234 12.24 -68.80 -42.87
CA LEU J 234 11.34 -68.96 -44.00
C LEU J 234 10.39 -67.75 -44.12
N LEU J 235 9.90 -67.27 -42.97
CA LEU J 235 9.10 -66.05 -42.91
C LEU J 235 9.90 -64.85 -43.42
N TYR J 236 11.17 -64.81 -43.05
CA TYR J 236 12.12 -63.78 -43.54
C TYR J 236 12.28 -63.81 -45.06
N LEU J 237 12.44 -65.01 -45.64
CA LEU J 237 12.67 -65.14 -47.07
C LEU J 237 11.42 -65.06 -47.96
N ALA J 238 10.25 -65.40 -47.39
CA ALA J 238 9.02 -65.53 -48.17
C ALA J 238 8.75 -64.36 -49.14
N PRO J 239 8.88 -63.10 -48.68
CA PRO J 239 8.65 -61.97 -49.58
C PRO J 239 9.64 -61.85 -50.72
N TYR J 240 10.90 -62.15 -50.46
CA TYR J 240 11.93 -62.08 -51.51
C TYR J 240 11.71 -63.14 -52.59
N ALA J 241 11.23 -64.32 -52.18
CA ALA J 241 10.91 -65.39 -53.11
C ALA J 241 9.77 -64.94 -54.07
N GLY J 242 8.67 -64.47 -53.47
CA GLY J 242 7.58 -63.92 -54.25
C GLY J 242 7.99 -62.79 -55.18
N CYS J 243 8.90 -61.93 -54.71
CA CYS J 243 9.42 -60.83 -55.51
C CYS J 243 10.10 -61.33 -56.78
N ALA J 244 11.02 -62.29 -56.61
CA ALA J 244 11.70 -62.92 -57.74
C ALA J 244 10.74 -63.59 -58.73
N MET J 245 9.71 -64.26 -58.20
CA MET J 245 8.70 -64.89 -59.05
C MET J 245 7.96 -63.89 -59.93
N GLY J 246 7.76 -62.68 -59.43
CA GLY J 246 7.11 -61.62 -60.20
C GLY J 246 8.06 -60.86 -61.11
N GLU J 247 9.30 -60.72 -60.64
CA GLU J 247 10.35 -60.04 -61.42
C GLU J 247 10.57 -60.70 -62.79
N TYR J 248 10.56 -62.03 -62.79
CA TYR J 248 10.65 -62.80 -64.03
C TYR J 248 9.75 -62.28 -65.14
N PHE J 249 8.49 -62.04 -64.79
CA PHE J 249 7.51 -61.52 -65.74
C PHE J 249 7.77 -60.06 -66.11
N MET J 250 8.23 -59.25 -65.15
CA MET J 250 8.54 -57.84 -65.40
C MET J 250 9.67 -57.68 -66.42
N TYR J 251 10.74 -58.46 -66.24
CA TYR J 251 11.91 -58.35 -67.10
C TYR J 251 11.73 -58.98 -68.50
N LYS J 252 10.64 -59.72 -68.72
CA LYS J 252 10.21 -60.16 -70.06
C LYS J 252 9.15 -59.24 -70.68
N GLY J 253 8.95 -58.04 -70.13
CA GLY J 253 7.99 -57.09 -70.71
C GLY J 253 6.53 -57.34 -70.36
N LYS J 254 6.24 -58.29 -69.47
CA LYS J 254 4.88 -58.53 -68.98
C LYS J 254 4.65 -57.79 -67.65
N HIS J 255 3.43 -57.92 -67.11
CA HIS J 255 3.00 -57.15 -65.94
C HIS J 255 2.60 -58.06 -64.78
N ALA J 256 3.15 -57.81 -63.60
CA ALA J 256 2.85 -58.62 -62.42
C ALA J 256 2.39 -57.79 -61.21
N LEU J 257 1.79 -58.49 -60.26
CA LEU J 257 1.28 -57.93 -59.02
C LEU J 257 1.70 -58.83 -57.86
N VAL J 258 2.41 -58.28 -56.88
CA VAL J 258 2.83 -59.06 -55.70
C VAL J 258 2.20 -58.47 -54.42
N VAL J 259 1.73 -59.37 -53.55
CA VAL J 259 1.11 -59.01 -52.28
C VAL J 259 1.92 -59.66 -51.16
N TYR J 260 2.40 -58.84 -50.23
CA TYR J 260 3.09 -59.32 -49.03
C TYR J 260 2.17 -59.14 -47.82
N ASP J 261 1.63 -60.26 -47.32
CA ASP J 261 0.61 -60.30 -46.27
C ASP J 261 1.11 -61.14 -45.11
N ASP J 262 1.84 -60.56 -44.13
CA ASP J 262 2.20 -59.15 -44.04
C ASP J 262 3.67 -58.93 -43.64
N LEU J 263 4.17 -57.72 -43.87
CA LEU J 263 5.55 -57.38 -43.54
C LEU J 263 5.80 -57.17 -42.03
N SER J 264 4.74 -56.98 -41.25
CA SER J 264 4.86 -56.90 -39.79
C SER J 264 5.42 -58.20 -39.24
N LYS J 265 4.87 -59.31 -39.71
CA LYS J 265 5.30 -60.64 -39.26
C LYS J 265 6.68 -61.03 -39.81
N GLN J 266 7.00 -60.55 -41.02
CA GLN J 266 8.34 -60.73 -41.58
C GLN J 266 9.38 -60.00 -40.75
N ALA J 267 9.11 -58.74 -40.41
CA ALA J 267 10.02 -57.96 -39.57
C ALA J 267 10.24 -58.61 -38.21
N ALA J 268 9.18 -59.11 -37.59
CA ALA J 268 9.29 -59.83 -36.30
C ALA J 268 10.16 -61.08 -36.41
N ALA J 269 10.04 -61.78 -37.54
CA ALA J 269 10.83 -62.97 -37.82
C ALA J 269 12.31 -62.61 -38.01
N TYR J 270 12.58 -61.54 -38.75
CA TYR J 270 13.95 -61.07 -38.93
C TYR J 270 14.55 -60.54 -37.63
N ARG J 271 13.73 -60.01 -36.74
CA ARG J 271 14.16 -59.62 -35.39
C ARG J 271 14.57 -60.86 -34.58
N GLU J 272 13.73 -61.89 -34.59
CA GLU J 272 14.04 -63.17 -33.94
C GLU J 272 15.41 -63.66 -34.40
N LEU J 273 15.61 -63.67 -35.70
CA LEU J 273 16.86 -64.10 -36.31
C LEU J 273 18.05 -63.23 -35.87
N SER J 274 17.89 -61.92 -35.99
CA SER J 274 18.94 -60.98 -35.60
C SER J 274 19.32 -61.09 -34.13
N LEU J 275 18.33 -61.32 -33.27
CA LEU J 275 18.56 -61.46 -31.82
C LEU J 275 19.23 -62.79 -31.47
N LEU J 276 18.89 -63.85 -32.19
CA LEU J 276 19.56 -65.14 -32.00
C LEU J 276 21.03 -65.08 -32.42
N LEU J 277 21.35 -64.26 -33.42
CA LEU J 277 22.72 -63.99 -33.82
C LEU J 277 23.38 -62.89 -32.97
N ARG J 278 22.73 -62.46 -31.90
CA ARG J 278 23.23 -61.43 -30.99
C ARG J 278 23.61 -60.09 -31.63
N ARG J 279 22.91 -59.72 -32.70
CA ARG J 279 23.07 -58.41 -33.32
C ARG J 279 22.34 -57.37 -32.46
N PRO J 280 22.99 -56.22 -32.20
CA PRO J 280 22.47 -55.27 -31.20
C PRO J 280 21.07 -54.75 -31.52
N PRO J 281 20.16 -54.83 -30.55
CA PRO J 281 18.80 -54.32 -30.77
C PRO J 281 18.70 -52.80 -30.62
N GLY J 282 17.71 -52.22 -31.31
CA GLY J 282 17.41 -50.79 -31.25
C GLY J 282 15.97 -50.60 -30.84
N ARG J 283 15.28 -49.63 -31.47
CA ARG J 283 13.86 -49.36 -31.18
C ARG J 283 13.00 -50.63 -31.28
N GLU J 284 12.13 -50.84 -30.29
CA GLU J 284 11.25 -52.02 -30.19
C GLU J 284 12.00 -53.37 -30.39
N ALA J 285 13.28 -53.37 -30.03
CA ALA J 285 14.23 -54.49 -30.19
C ALA J 285 14.55 -54.92 -31.62
N TYR J 286 14.15 -54.14 -32.61
CA TYR J 286 14.49 -54.46 -34.00
C TYR J 286 15.93 -54.12 -34.28
N PRO J 287 16.55 -54.79 -35.27
CA PRO J 287 17.91 -54.44 -35.64
C PRO J 287 17.95 -53.14 -36.44
N GLY J 288 19.14 -52.56 -36.56
CA GLY J 288 19.35 -51.34 -37.31
C GLY J 288 18.94 -51.44 -38.78
N ASP J 289 19.11 -52.64 -39.35
CA ASP J 289 18.82 -52.84 -40.77
C ASP J 289 17.40 -53.34 -41.09
N VAL J 290 16.45 -53.19 -40.17
CA VAL J 290 15.07 -53.60 -40.42
C VAL J 290 14.38 -52.70 -41.46
N PHE J 291 14.80 -51.45 -41.57
CA PHE J 291 14.36 -50.55 -42.64
C PHE J 291 14.87 -51.07 -43.99
N TYR J 292 16.17 -51.34 -44.05
CA TYR J 292 16.81 -51.90 -45.25
C TYR J 292 16.11 -53.19 -45.72
N LEU J 293 15.67 -54.02 -44.77
CA LEU J 293 14.90 -55.24 -45.06
C LEU J 293 13.73 -55.02 -46.01
N HIS J 294 12.96 -53.99 -45.71
CA HIS J 294 11.76 -53.66 -46.51
C HIS J 294 12.07 -52.80 -47.70
N SER J 295 13.05 -51.92 -47.57
CA SER J 295 13.35 -50.98 -48.66
C SER J 295 13.94 -51.68 -49.88
N ARG J 296 14.86 -52.62 -49.69
CA ARG J 296 15.39 -53.37 -50.83
C ARG J 296 14.31 -54.20 -51.49
N LEU J 297 13.42 -54.79 -50.70
CA LEU J 297 12.32 -55.57 -51.22
C LEU J 297 11.41 -54.75 -52.13
N LEU J 298 10.97 -53.61 -51.64
CA LEU J 298 9.94 -52.83 -52.32
C LEU J 298 10.46 -51.98 -53.46
N GLU J 299 11.75 -51.67 -53.46
CA GLU J 299 12.39 -50.93 -54.56
C GLU J 299 12.50 -51.81 -55.83
N ARG J 300 12.54 -53.15 -55.66
CA ARG J 300 12.57 -54.10 -56.78
C ARG J 300 11.27 -54.16 -57.58
N ALA J 301 10.18 -53.72 -56.98
CA ALA J 301 8.93 -53.43 -57.70
C ALA J 301 9.08 -52.08 -58.40
N ALA J 302 8.72 -52.03 -59.67
CA ALA J 302 8.91 -50.80 -60.47
C ALA J 302 8.16 -50.88 -61.79
N LYS J 303 8.19 -49.77 -62.50
CA LYS J 303 7.73 -49.66 -63.89
C LYS J 303 8.95 -49.40 -64.75
N LEU J 304 9.31 -50.35 -65.61
CA LEU J 304 10.51 -50.25 -66.45
C LEU J 304 10.29 -49.28 -67.61
N SER J 305 11.40 -48.78 -68.15
CA SER J 305 11.40 -47.89 -69.31
C SER J 305 11.03 -48.69 -70.58
N ASP J 306 10.79 -47.96 -71.66
CA ASP J 306 10.45 -48.57 -72.94
C ASP J 306 11.62 -49.40 -73.48
N GLU J 307 12.85 -48.89 -73.26
CA GLU J 307 14.08 -49.55 -73.66
C GLU J 307 14.28 -50.89 -72.94
N LYS J 308 13.89 -50.96 -71.66
CA LYS J 308 14.04 -52.19 -70.87
C LYS J 308 12.84 -53.13 -70.99
N GLY J 309 11.90 -52.85 -71.90
CA GLY J 309 10.80 -53.78 -72.21
C GLY J 309 9.41 -53.34 -71.76
N GLY J 310 9.33 -52.26 -70.98
CA GLY J 310 8.06 -51.71 -70.51
C GLY J 310 7.25 -52.53 -69.50
N GLY J 311 7.84 -53.60 -68.96
CA GLY J 311 7.13 -54.44 -67.99
C GLY J 311 7.07 -53.79 -66.63
N SER J 312 6.23 -54.34 -65.75
CA SER J 312 6.03 -53.77 -64.42
C SER J 312 5.85 -54.83 -63.35
N LEU J 313 6.23 -54.47 -62.13
CA LEU J 313 5.86 -55.24 -60.94
C LEU J 313 5.23 -54.24 -59.99
N THR J 314 3.97 -54.48 -59.64
CA THR J 314 3.20 -53.64 -58.72
C THR J 314 3.19 -54.37 -57.38
N ALA J 315 3.37 -53.63 -56.28
CA ALA J 315 3.45 -54.22 -54.93
C ALA J 315 2.38 -53.69 -53.98
N LEU J 316 1.76 -54.61 -53.23
CA LEU J 316 0.84 -54.29 -52.15
C LEU J 316 1.37 -54.89 -50.83
N PRO J 317 2.33 -54.22 -50.18
CA PRO J 317 2.76 -54.68 -48.86
C PRO J 317 1.70 -54.38 -47.80
N PHE J 318 1.66 -55.20 -46.75
CA PHE J 318 0.69 -55.04 -45.67
C PHE J 318 1.45 -54.67 -44.40
N ILE J 319 0.85 -53.82 -43.59
CA ILE J 319 1.29 -53.60 -42.21
C ILE J 319 0.08 -53.74 -41.28
N GLU J 320 0.28 -54.46 -40.18
CA GLU J 320 -0.74 -54.60 -39.16
C GLU J 320 -0.39 -53.70 -38.01
N THR J 321 -1.17 -52.64 -37.82
CA THR J 321 -1.00 -51.72 -36.69
C THR J 321 -1.61 -52.27 -35.42
N GLN J 322 -1.20 -51.70 -34.30
CA GLN J 322 -1.77 -52.03 -32.98
C GLN J 322 -2.52 -50.79 -32.47
N ALA J 323 -3.84 -50.91 -32.29
CA ALA J 323 -4.70 -49.81 -31.83
C ALA J 323 -4.60 -48.57 -32.74
N GLY J 324 -4.46 -48.80 -34.04
CA GLY J 324 -4.36 -47.72 -35.00
C GLY J 324 -3.10 -46.85 -34.92
N ASP J 325 -2.04 -47.32 -34.27
CA ASP J 325 -0.79 -46.56 -34.13
C ASP J 325 0.05 -46.61 -35.41
N VAL J 326 -0.19 -45.63 -36.28
CA VAL J 326 0.60 -45.50 -37.53
C VAL J 326 1.95 -44.83 -37.33
N SER J 327 2.21 -44.31 -36.13
CA SER J 327 3.49 -43.68 -35.82
C SER J 327 4.50 -44.64 -35.21
N ALA J 328 4.16 -45.93 -35.11
CA ALA J 328 5.10 -46.92 -34.59
C ALA J 328 6.29 -47.11 -35.55
N TYR J 329 7.32 -47.82 -35.08
CA TYR J 329 8.57 -47.90 -35.83
C TYR J 329 8.42 -48.56 -37.20
N ILE J 330 7.89 -49.78 -37.24
CA ILE J 330 7.79 -50.51 -38.50
C ILE J 330 6.79 -49.87 -39.46
N PRO J 331 5.62 -49.45 -38.96
CA PRO J 331 4.70 -48.74 -39.87
C PRO J 331 5.30 -47.49 -40.53
N THR J 332 5.98 -46.64 -39.75
CA THR J 332 6.64 -45.45 -40.33
C THR J 332 7.70 -45.81 -41.36
N ASN J 333 8.44 -46.91 -41.12
CA ASN J 333 9.44 -47.38 -42.09
C ASN J 333 8.78 -47.62 -43.45
N VAL J 334 7.73 -48.44 -43.44
CA VAL J 334 7.07 -48.86 -44.67
C VAL J 334 6.28 -47.74 -45.33
N ILE J 335 5.70 -46.83 -44.53
CA ILE J 335 5.07 -45.62 -45.08
C ILE J 335 6.11 -44.77 -45.85
N SER J 336 7.31 -44.63 -45.29
CA SER J 336 8.35 -43.82 -45.94
C SER J 336 8.97 -44.50 -47.18
N ILE J 337 8.73 -45.79 -47.36
CA ILE J 337 9.19 -46.54 -48.54
C ILE J 337 8.23 -46.45 -49.72
N THR J 338 6.94 -46.66 -49.47
CA THR J 338 5.95 -46.88 -50.54
C THR J 338 5.51 -45.57 -51.23
N ASP J 339 4.67 -45.68 -52.26
CA ASP J 339 4.15 -44.54 -53.03
C ASP J 339 2.73 -44.14 -52.60
N GLY J 340 2.47 -44.18 -51.29
CA GLY J 340 1.11 -43.93 -50.77
C GLY J 340 0.66 -45.10 -49.91
N GLN J 341 -0.50 -44.90 -49.29
CA GLN J 341 -1.05 -45.92 -48.42
C GLN J 341 -2.58 -45.87 -48.41
N ILE J 342 -3.17 -47.01 -48.10
CA ILE J 342 -4.59 -47.18 -47.87
C ILE J 342 -4.72 -47.56 -46.40
N PHE J 343 -5.18 -46.62 -45.58
CA PHE J 343 -5.41 -46.88 -44.16
C PHE J 343 -6.84 -47.38 -43.96
N LEU J 344 -7.01 -48.49 -43.26
CA LEU J 344 -8.31 -49.03 -42.88
C LEU J 344 -8.52 -48.87 -41.37
N GLU J 345 -9.68 -48.32 -41.02
CA GLU J 345 -9.97 -47.92 -39.65
C GLU J 345 -11.10 -48.73 -39.04
N SER J 346 -10.89 -49.12 -37.77
CA SER J 346 -11.75 -50.10 -37.10
C SER J 346 -13.14 -49.54 -36.88
N ASP J 347 -13.21 -48.31 -36.38
CA ASP J 347 -14.48 -47.63 -36.15
C ASP J 347 -15.36 -47.63 -37.40
N LEU J 348 -14.79 -47.31 -38.55
CA LEU J 348 -15.54 -47.36 -39.80
C LEU J 348 -16.00 -48.79 -40.10
N PHE J 349 -15.08 -49.75 -39.98
CA PHE J 349 -15.33 -51.14 -40.32
C PHE J 349 -16.49 -51.70 -39.57
N TYR J 350 -16.45 -51.53 -38.25
CA TYR J 350 -17.49 -52.13 -37.37
C TYR J 350 -18.80 -51.37 -37.41
N SER J 351 -18.79 -50.11 -37.86
CA SER J 351 -20.04 -49.38 -38.17
C SER J 351 -20.69 -49.73 -39.52
N GLY J 352 -20.10 -50.65 -40.29
CA GLY J 352 -20.65 -51.08 -41.59
C GLY J 352 -20.19 -50.34 -42.83
N VAL J 353 -19.23 -49.43 -42.67
CA VAL J 353 -18.53 -48.83 -43.82
C VAL J 353 -17.45 -49.83 -44.21
N ARG J 354 -17.73 -50.64 -45.24
CA ARG J 354 -16.80 -51.64 -45.73
C ARG J 354 -16.80 -51.59 -47.27
N PRO J 355 -15.65 -51.43 -47.92
CA PRO J 355 -14.32 -51.30 -47.33
C PRO J 355 -14.16 -50.02 -46.49
N ALA J 356 -13.40 -50.14 -45.41
CA ALA J 356 -13.36 -49.12 -44.37
C ALA J 356 -12.17 -48.19 -44.61
N VAL J 357 -12.15 -47.51 -45.75
CA VAL J 357 -11.03 -46.63 -46.06
C VAL J 357 -11.12 -45.26 -45.36
N ASN J 358 -10.17 -45.00 -44.49
CA ASN J 358 -9.95 -43.67 -43.93
C ASN J 358 -9.43 -42.77 -45.07
N VAL J 359 -10.34 -41.89 -45.45
CA VAL J 359 -10.13 -40.96 -46.54
C VAL J 359 -9.13 -39.87 -46.21
N GLY J 360 -9.09 -39.43 -44.95
CA GLY J 360 -8.18 -38.36 -44.54
C GLY J 360 -6.72 -38.72 -44.62
N ILE J 361 -6.37 -39.90 -44.09
CA ILE J 361 -4.97 -40.35 -44.00
C ILE J 361 -4.49 -40.99 -45.34
N SER J 362 -5.40 -41.66 -46.09
CA SER J 362 -4.98 -42.45 -47.24
C SER J 362 -4.64 -41.56 -48.42
N VAL J 363 -3.78 -42.08 -49.32
CA VAL J 363 -3.29 -41.31 -50.45
C VAL J 363 -2.52 -42.18 -51.47
N SER J 364 -2.57 -41.75 -52.71
CA SER J 364 -1.80 -42.34 -53.82
C SER J 364 -0.88 -41.26 -54.41
N ARG J 365 0.42 -41.46 -54.25
CA ARG J 365 1.43 -40.49 -54.72
C ARG J 365 1.50 -40.41 -56.25
N VAL J 366 1.04 -41.48 -56.92
CA VAL J 366 0.92 -41.53 -58.38
C VAL J 366 -0.31 -40.76 -58.86
N GLY J 367 -1.44 -40.98 -58.21
CA GLY J 367 -2.65 -40.20 -58.45
C GLY J 367 -3.26 -40.40 -59.82
N GLY J 368 -3.67 -39.28 -60.43
CA GLY J 368 -4.45 -39.29 -61.68
C GLY J 368 -3.75 -39.95 -62.87
N ALA J 369 -2.41 -39.97 -62.86
CA ALA J 369 -1.62 -40.72 -63.82
C ALA J 369 -2.04 -42.21 -63.94
N ALA J 370 -2.54 -42.81 -62.84
CA ALA J 370 -2.96 -44.22 -62.82
C ALA J 370 -4.49 -44.41 -62.98
N GLN J 371 -5.12 -43.51 -63.72
CA GLN J 371 -6.58 -43.46 -63.82
C GLN J 371 -6.99 -43.13 -65.25
N ILE J 372 -8.06 -43.77 -65.71
CA ILE J 372 -8.65 -43.40 -67.01
C ILE J 372 -9.31 -42.03 -66.87
N LYS J 373 -9.28 -41.24 -67.96
CA LYS J 373 -9.74 -39.84 -67.93
C LYS J 373 -11.16 -39.68 -67.41
N ALA J 374 -12.02 -40.65 -67.67
CA ALA J 374 -13.39 -40.63 -67.17
C ALA J 374 -13.42 -40.59 -65.65
N MET J 375 -12.64 -41.46 -65.02
CA MET J 375 -12.58 -41.59 -63.58
C MET J 375 -11.91 -40.40 -62.92
N LYS J 376 -10.85 -39.89 -63.54
CA LYS J 376 -10.19 -38.69 -63.07
C LYS J 376 -11.15 -37.48 -63.07
N LYS J 377 -12.09 -37.46 -64.02
CA LYS J 377 -13.04 -36.37 -64.12
C LYS J 377 -14.11 -36.43 -63.02
N VAL J 378 -14.74 -37.59 -62.87
CA VAL J 378 -15.84 -37.77 -61.92
C VAL J 378 -15.35 -37.79 -60.47
N ALA J 379 -14.15 -38.32 -60.24
CA ALA J 379 -13.61 -38.44 -58.89
C ALA J 379 -12.88 -37.21 -58.44
N GLY J 380 -12.64 -36.22 -59.28
CA GLY J 380 -11.62 -35.22 -59.06
C GLY J 380 -11.47 -34.73 -57.61
N THR J 381 -12.58 -34.28 -57.03
CA THR J 381 -12.57 -33.74 -55.65
C THR J 381 -13.15 -34.74 -54.64
N LEU J 382 -13.28 -36.03 -54.96
CA LEU J 382 -14.12 -36.94 -54.18
C LEU J 382 -13.54 -37.15 -52.78
N ARG J 383 -12.23 -37.34 -52.74
CA ARG J 383 -11.49 -37.56 -51.50
C ARG J 383 -11.63 -36.36 -50.55
N LEU J 384 -11.31 -35.17 -51.07
CA LEU J 384 -11.44 -33.93 -50.30
C LEU J 384 -12.93 -33.68 -49.91
N ASP J 385 -13.88 -34.01 -50.77
CA ASP J 385 -15.31 -33.86 -50.43
C ASP J 385 -15.74 -34.75 -49.26
N LEU J 386 -15.27 -36.00 -49.23
CA LEU J 386 -15.63 -36.93 -48.15
C LEU J 386 -14.88 -36.66 -46.85
N ALA J 387 -13.64 -36.19 -46.95
CA ALA J 387 -12.87 -35.77 -45.77
C ALA J 387 -13.57 -34.62 -45.02
N GLN J 388 -14.13 -33.69 -45.79
CA GLN J 388 -14.93 -32.58 -45.27
C GLN J 388 -16.28 -33.06 -44.74
N TYR J 389 -16.87 -34.06 -45.41
CA TYR J 389 -18.11 -34.67 -44.93
C TYR J 389 -17.91 -35.30 -43.55
N ARG J 390 -16.87 -36.12 -43.42
CA ARG J 390 -16.59 -36.84 -42.18
C ARG J 390 -16.29 -35.91 -40.99
N GLU J 391 -15.64 -34.78 -41.26
CA GLU J 391 -15.42 -33.76 -40.22
C GLU J 391 -16.75 -33.08 -39.82
N LEU J 392 -17.50 -32.65 -40.82
CA LEU J 392 -18.77 -31.96 -40.61
C LEU J 392 -19.92 -32.85 -40.09
N GLN J 393 -19.77 -34.17 -40.23
CA GLN J 393 -20.71 -35.13 -39.68
C GLN J 393 -20.83 -35.10 -38.14
N ALA J 394 -19.76 -34.73 -37.42
CA ALA J 394 -19.82 -34.52 -35.99
C ALA J 394 -20.90 -33.52 -35.54
N PHE J 395 -21.06 -32.43 -36.29
CA PHE J 395 -22.11 -31.41 -36.02
C PHE J 395 -23.42 -31.61 -36.76
N ALA J 396 -23.88 -32.84 -36.95
CA ALA J 396 -25.10 -33.13 -37.78
C ALA J 396 -26.36 -33.42 -37.05
N GLN J 397 -26.46 -33.18 -35.75
CA GLN J 397 -27.67 -33.50 -34.97
C GLN J 397 -28.85 -32.52 -35.21
N PHE J 398 -28.61 -31.41 -35.92
CA PHE J 398 -29.53 -30.28 -36.02
C PHE J 398 -30.30 -30.35 -37.36
N GLY J 399 -31.09 -31.41 -37.54
CA GLY J 399 -31.95 -31.51 -38.74
C GLY J 399 -33.07 -30.48 -38.78
N SER J 400 -33.20 -29.76 -39.90
CA SER J 400 -34.08 -28.58 -40.07
C SER J 400 -33.63 -27.25 -39.43
N ASP J 401 -32.82 -27.28 -38.38
CA ASP J 401 -32.25 -26.10 -37.71
C ASP J 401 -30.94 -25.66 -38.36
N LEU J 402 -30.18 -26.62 -38.89
CA LEU J 402 -28.85 -26.34 -39.47
C LEU J 402 -28.96 -25.64 -40.84
N ASP J 403 -28.03 -24.73 -41.13
CA ASP J 403 -28.17 -23.88 -42.32
C ASP J 403 -28.19 -24.70 -43.61
N LYS J 404 -28.85 -24.20 -44.65
CA LYS J 404 -29.17 -25.05 -45.81
C LYS J 404 -27.94 -25.51 -46.62
N ALA J 405 -26.84 -24.76 -46.50
CA ALA J 405 -25.58 -25.12 -47.15
C ALA J 405 -25.00 -26.43 -46.60
N THR J 406 -24.88 -26.50 -45.28
CA THR J 406 -24.32 -27.67 -44.62
C THR J 406 -25.29 -28.85 -44.66
N GLN J 407 -26.59 -28.59 -44.60
CA GLN J 407 -27.61 -29.64 -44.74
C GLN J 407 -27.43 -30.44 -46.04
N ALA J 408 -27.23 -29.70 -47.16
CA ALA J 408 -27.09 -30.31 -48.47
C ALA J 408 -25.82 -31.13 -48.60
N LYS J 409 -24.73 -30.60 -48.01
CA LYS J 409 -23.46 -31.31 -47.97
C LYS J 409 -23.52 -32.61 -47.21
N LEU J 410 -24.26 -32.63 -46.10
CA LEU J 410 -24.48 -33.86 -45.34
C LEU J 410 -25.35 -34.85 -46.11
N ASN J 411 -26.38 -34.37 -46.81
CA ASN J 411 -27.25 -35.25 -47.60
C ASN J 411 -26.54 -35.86 -48.81
N ARG J 412 -25.71 -35.06 -49.49
CA ARG J 412 -24.86 -35.59 -50.56
C ARG J 412 -23.85 -36.61 -50.02
N GLY J 413 -23.24 -36.28 -48.89
CA GLY J 413 -22.26 -37.12 -48.22
C GLY J 413 -22.74 -38.49 -47.83
N GLU J 414 -23.89 -38.60 -47.15
CA GLU J 414 -24.41 -39.93 -46.76
C GLU J 414 -24.68 -40.81 -47.95
N ARG J 415 -25.08 -40.20 -49.06
CA ARG J 415 -25.37 -40.95 -50.28
C ARG J 415 -24.10 -41.45 -50.96
N THR J 416 -23.08 -40.60 -51.07
CA THR J 416 -21.81 -41.03 -51.67
C THR J 416 -21.14 -42.12 -50.82
N VAL J 417 -21.29 -42.03 -49.49
CA VAL J 417 -20.80 -43.08 -48.58
C VAL J 417 -21.42 -44.42 -48.91
N GLU J 418 -22.73 -44.42 -49.17
CA GLU J 418 -23.46 -45.65 -49.53
C GLU J 418 -22.98 -46.25 -50.85
N ILE J 419 -22.65 -45.39 -51.80
CA ILE J 419 -22.09 -45.82 -53.07
C ILE J 419 -20.73 -46.51 -52.90
N LEU J 420 -19.89 -45.97 -52.02
CA LEU J 420 -18.54 -46.49 -51.76
C LEU J 420 -18.48 -47.72 -50.86
N LYS J 421 -19.60 -48.06 -50.23
CA LYS J 421 -19.74 -49.38 -49.63
C LYS J 421 -19.80 -50.40 -50.75
N GLN J 422 -19.26 -51.57 -50.47
CA GLN J 422 -19.08 -52.55 -51.52
C GLN J 422 -18.90 -53.90 -50.88
N ASP J 423 -19.66 -54.87 -51.39
CA ASP J 423 -19.64 -56.20 -50.80
C ASP J 423 -18.33 -56.88 -51.15
N GLU J 424 -17.99 -57.87 -50.34
CA GLU J 424 -16.79 -58.63 -50.50
C GLU J 424 -16.87 -59.51 -51.76
N HIS J 425 -15.73 -59.75 -52.39
CA HIS J 425 -15.60 -60.57 -53.61
C HIS J 425 -16.60 -60.19 -54.69
N LYS J 426 -16.83 -58.89 -54.88
CA LYS J 426 -17.72 -58.37 -55.93
C LYS J 426 -17.07 -57.18 -56.59
N PRO J 427 -16.02 -57.42 -57.39
CA PRO J 427 -15.33 -56.31 -58.05
C PRO J 427 -16.17 -55.72 -59.16
N MET J 428 -16.00 -54.43 -59.44
CA MET J 428 -16.77 -53.70 -60.41
C MET J 428 -15.89 -53.27 -61.57
N PRO J 429 -16.38 -53.43 -62.81
CA PRO J 429 -15.64 -52.85 -63.94
C PRO J 429 -15.55 -51.34 -63.84
N VAL J 430 -14.47 -50.76 -64.36
CA VAL J 430 -14.22 -49.33 -64.27
C VAL J 430 -15.35 -48.49 -64.88
N GLU J 431 -15.83 -48.93 -66.05
CA GLU J 431 -16.91 -48.24 -66.74
C GLU J 431 -18.20 -48.16 -65.89
N GLU J 432 -18.49 -49.20 -65.11
CA GLU J 432 -19.66 -49.21 -64.23
C GLU J 432 -19.45 -48.33 -63.00
N GLN J 433 -18.20 -48.28 -62.49
CA GLN J 433 -17.85 -47.40 -61.37
C GLN J 433 -18.03 -45.94 -61.76
N VAL J 434 -17.53 -45.57 -62.95
CA VAL J 434 -17.63 -44.18 -63.41
C VAL J 434 -19.08 -43.73 -63.50
N ILE J 435 -19.98 -44.59 -63.97
CA ILE J 435 -21.40 -44.24 -64.09
C ILE J 435 -22.02 -44.06 -62.71
N SER J 436 -21.73 -45.00 -61.81
CA SER J 436 -22.28 -44.97 -60.46
C SER J 436 -21.83 -43.73 -59.69
N ILE J 437 -20.55 -43.38 -59.81
CA ILE J 437 -19.99 -42.22 -59.12
C ILE J 437 -20.50 -40.93 -59.79
N TYR J 438 -20.61 -40.95 -61.11
CA TYR J 438 -21.21 -39.83 -61.86
C TYR J 438 -22.63 -39.54 -61.37
N ALA J 439 -23.43 -40.59 -61.22
CA ALA J 439 -24.82 -40.48 -60.80
C ALA J 439 -24.95 -39.74 -59.47
N VAL J 440 -24.24 -40.23 -58.46
CA VAL J 440 -24.34 -39.68 -57.11
C VAL J 440 -23.73 -38.28 -56.97
N THR J 441 -22.61 -38.02 -57.64
CA THR J 441 -21.93 -36.73 -57.54
C THR J 441 -22.61 -35.60 -58.31
N ASN J 442 -23.43 -35.92 -59.30
CA ASN J 442 -24.21 -34.91 -60.03
C ASN J 442 -25.67 -34.78 -59.53
N GLY J 443 -25.97 -35.41 -58.42
CA GLY J 443 -27.23 -35.21 -57.70
C GLY J 443 -28.36 -36.16 -58.05
N PHE J 444 -28.12 -37.15 -58.88
CA PHE J 444 -29.22 -38.02 -59.37
C PHE J 444 -29.83 -38.92 -58.30
N MET J 445 -29.21 -39.01 -57.11
CA MET J 445 -29.79 -39.73 -55.97
C MET J 445 -30.24 -38.84 -54.81
N ASP J 446 -30.23 -37.53 -55.01
CA ASP J 446 -30.63 -36.59 -53.95
C ASP J 446 -32.10 -36.70 -53.52
N ASP J 447 -32.99 -37.12 -54.42
CA ASP J 447 -34.43 -37.32 -54.02
C ASP J 447 -34.73 -38.74 -53.57
N ILE J 448 -33.72 -39.58 -53.46
CA ILE J 448 -33.92 -41.00 -53.14
C ILE J 448 -33.55 -41.18 -51.67
N PRO J 449 -34.30 -42.01 -50.93
CA PRO J 449 -33.92 -42.35 -49.56
C PRO J 449 -32.51 -42.93 -49.43
N VAL J 450 -31.84 -42.64 -48.31
CA VAL J 450 -30.48 -43.09 -48.08
C VAL J 450 -30.44 -44.63 -48.05
N GLU J 451 -31.42 -45.25 -47.43
CA GLU J 451 -31.54 -46.73 -47.40
C GLU J 451 -31.77 -47.39 -48.77
N ASP J 452 -32.27 -46.64 -49.74
CA ASP J 452 -32.48 -47.16 -51.11
C ASP J 452 -31.28 -46.98 -52.06
N VAL J 453 -30.25 -46.22 -51.67
CA VAL J 453 -29.17 -45.85 -52.59
C VAL J 453 -28.44 -47.07 -53.18
N ARG J 454 -28.16 -48.06 -52.35
CA ARG J 454 -27.40 -49.24 -52.79
C ARG J 454 -28.17 -50.12 -53.77
N ARG J 455 -29.47 -50.23 -53.57
CA ARG J 455 -30.36 -50.95 -54.49
C ARG J 455 -30.56 -50.17 -55.78
N PHE J 456 -30.68 -48.84 -55.66
CA PHE J 456 -30.74 -47.94 -56.82
C PHE J 456 -29.54 -48.13 -57.76
N GLU J 457 -28.35 -48.30 -57.17
CA GLU J 457 -27.12 -48.51 -57.94
C GLU J 457 -27.15 -49.85 -58.67
N GLU J 458 -27.47 -50.91 -57.94
CA GLU J 458 -27.54 -52.26 -58.52
C GLU J 458 -28.56 -52.31 -59.66
N GLU J 459 -29.75 -51.73 -59.43
CA GLU J 459 -30.79 -51.64 -60.46
C GLU J 459 -30.38 -50.73 -61.64
N LEU J 460 -29.67 -49.64 -61.36
CA LEU J 460 -29.19 -48.73 -62.41
C LEU J 460 -28.21 -49.41 -63.36
N LEU J 461 -27.24 -50.11 -62.80
CA LEU J 461 -26.20 -50.73 -63.60
C LEU J 461 -26.73 -51.90 -64.45
N SER J 462 -27.62 -52.73 -63.89
CA SER J 462 -28.28 -53.79 -64.68
C SER J 462 -29.11 -53.21 -65.82
N PHE J 463 -29.68 -52.03 -65.59
CA PHE J 463 -30.35 -51.27 -66.64
C PHE J 463 -29.36 -50.78 -67.69
N MET J 464 -28.27 -50.15 -67.27
CA MET J 464 -27.23 -49.65 -68.20
C MET J 464 -26.61 -50.77 -69.05
N ARG J 465 -26.36 -51.93 -68.42
CA ARG J 465 -25.79 -53.09 -69.14
C ARG J 465 -26.74 -53.63 -70.21
N ALA J 466 -28.01 -53.86 -69.82
CA ALA J 466 -29.01 -54.42 -70.73
C ALA J 466 -29.41 -53.46 -71.86
N ASN J 467 -29.63 -52.19 -71.52
CA ASN J 467 -30.25 -51.22 -72.43
C ASN J 467 -29.34 -50.12 -72.99
N LYS J 468 -28.37 -49.63 -72.20
CA LYS J 468 -27.54 -48.48 -72.62
C LYS J 468 -26.05 -48.84 -72.73
N ASP J 469 -25.78 -50.03 -73.26
CA ASP J 469 -24.41 -50.54 -73.35
C ASP J 469 -23.50 -49.70 -74.26
N SER J 470 -24.08 -48.94 -75.19
CA SER J 470 -23.31 -48.07 -76.05
C SER J 470 -22.57 -46.98 -75.22
N LEU J 471 -23.18 -46.54 -74.12
CA LEU J 471 -22.56 -45.57 -73.20
C LEU J 471 -21.39 -46.16 -72.39
N LEU J 472 -21.63 -47.34 -71.79
CA LEU J 472 -20.60 -48.09 -71.09
C LEU J 472 -19.41 -48.40 -72.02
N ASP J 473 -19.71 -48.87 -73.23
CA ASP J 473 -18.68 -49.24 -74.20
C ASP J 473 -17.80 -48.06 -74.62
N HIS J 474 -18.38 -46.87 -74.75
CA HIS J 474 -17.60 -45.66 -75.02
C HIS J 474 -16.43 -45.54 -74.06
N ILE J 475 -16.71 -45.76 -72.77
CA ILE J 475 -15.70 -45.62 -71.72
C ILE J 475 -14.63 -46.72 -71.83
N ARG J 476 -15.03 -47.96 -72.06
CA ARG J 476 -14.03 -49.06 -72.23
C ARG J 476 -13.08 -48.86 -73.40
N GLN J 477 -13.54 -48.17 -74.45
CA GLN J 477 -12.75 -47.98 -75.67
C GLN J 477 -11.91 -46.69 -75.59
N THR J 478 -12.56 -45.57 -75.32
CA THR J 478 -11.90 -44.25 -75.33
C THR J 478 -11.22 -43.90 -74.02
N GLY J 479 -11.74 -44.46 -72.91
CA GLY J 479 -11.32 -44.02 -71.57
C GLY J 479 -11.87 -42.66 -71.16
N GLU J 480 -12.82 -42.13 -71.94
CA GLU J 480 -13.36 -40.79 -71.74
C GLU J 480 -14.80 -40.93 -71.32
N LEU J 481 -15.36 -39.88 -70.74
CA LEU J 481 -16.80 -39.85 -70.47
C LEU J 481 -17.59 -39.78 -71.78
N PRO J 482 -18.78 -40.40 -71.83
CA PRO J 482 -19.65 -40.14 -72.98
C PRO J 482 -20.25 -38.74 -72.91
N ASP J 483 -21.06 -38.40 -73.91
CA ASP J 483 -21.73 -37.11 -73.94
C ASP J 483 -22.63 -36.95 -72.70
N THR J 484 -22.34 -35.95 -71.88
CA THR J 484 -23.01 -35.78 -70.58
C THR J 484 -24.55 -35.63 -70.72
N LYS J 485 -25.01 -35.04 -71.82
CA LYS J 485 -26.46 -34.86 -72.08
C LYS J 485 -27.16 -36.21 -72.32
N GLU J 486 -26.51 -37.08 -73.11
CA GLU J 486 -27.00 -38.45 -73.36
C GLU J 486 -27.03 -39.27 -72.07
N LEU J 487 -26.01 -39.07 -71.23
CA LEU J 487 -25.87 -39.82 -69.99
C LEU J 487 -26.91 -39.40 -68.96
N ASP J 488 -27.09 -38.09 -68.79
CA ASP J 488 -28.13 -37.54 -67.91
C ASP J 488 -29.52 -38.05 -68.27
N ALA J 489 -29.83 -38.04 -69.58
CA ALA J 489 -31.09 -38.55 -70.09
C ALA J 489 -31.32 -40.03 -69.75
N ALA J 490 -30.28 -40.84 -69.96
CA ALA J 490 -30.34 -42.29 -69.74
C ALA J 490 -30.57 -42.67 -68.28
N ILE J 491 -30.02 -41.89 -67.36
CA ILE J 491 -30.23 -42.10 -65.92
C ILE J 491 -31.65 -41.69 -65.55
N GLU J 492 -32.10 -40.52 -66.06
CA GLU J 492 -33.45 -40.04 -65.77
C GLU J 492 -34.53 -40.94 -66.35
N GLU J 493 -34.18 -41.61 -67.45
CA GLU J 493 -35.01 -42.67 -68.04
C GLU J 493 -35.17 -43.84 -67.07
N PHE J 494 -34.05 -44.29 -66.51
CA PHE J 494 -34.07 -45.37 -65.52
C PHE J 494 -34.89 -45.00 -64.28
N LYS J 495 -34.67 -43.77 -63.81
CA LYS J 495 -35.32 -43.24 -62.60
C LYS J 495 -36.85 -43.39 -62.60
N LYS J 496 -37.47 -43.18 -63.77
CA LYS J 496 -38.93 -43.28 -63.90
C LYS J 496 -39.50 -44.70 -63.70
N GLY J 497 -38.65 -45.72 -63.78
CA GLY J 497 -39.03 -47.10 -63.46
C GLY J 497 -38.56 -47.62 -62.11
N PHE J 498 -38.10 -46.72 -61.24
CA PHE J 498 -37.60 -47.09 -59.91
C PHE J 498 -38.63 -46.78 -58.82
N THR J 499 -39.00 -47.78 -58.03
CA THR J 499 -39.93 -47.60 -56.90
C THR J 499 -39.19 -47.51 -55.54
N PRO J 500 -39.18 -46.33 -54.87
CA PRO J 500 -38.54 -46.21 -53.56
C PRO J 500 -39.23 -47.03 -52.46
N SER J 501 -38.88 -46.70 -51.20
CA SER J 501 -39.62 -47.15 -50.02
C SER J 501 -39.59 -46.11 -48.89
N VAL K 25 67.08 -40.95 -24.18
CA VAL K 25 66.17 -42.11 -24.47
C VAL K 25 64.73 -41.67 -24.71
N VAL K 26 64.14 -42.18 -25.77
CA VAL K 26 62.75 -41.95 -26.04
C VAL K 26 62.23 -43.36 -26.30
N GLU K 27 61.74 -43.99 -25.24
CA GLU K 27 61.29 -45.43 -25.24
C GLU K 27 60.11 -45.66 -26.18
N VAL K 28 60.13 -46.73 -26.97
CA VAL K 28 59.20 -46.97 -28.09
C VAL K 28 58.22 -48.13 -27.87
N GLY K 29 57.07 -48.07 -28.53
CA GLY K 29 56.11 -49.18 -28.63
C GLY K 29 55.52 -49.24 -30.02
N THR K 30 54.93 -50.38 -30.37
CA THR K 30 54.35 -50.62 -31.68
C THR K 30 52.85 -50.89 -31.57
N VAL K 31 52.10 -50.42 -32.56
CA VAL K 31 50.65 -50.55 -32.57
C VAL K 31 50.24 -51.95 -33.06
N ILE K 32 49.52 -52.69 -32.19
CA ILE K 32 49.03 -54.03 -32.52
C ILE K 32 47.72 -53.98 -33.33
N GLN K 33 46.80 -53.12 -32.89
CA GLN K 33 45.48 -52.94 -33.51
C GLN K 33 44.97 -51.53 -33.31
N VAL K 34 44.29 -51.01 -34.33
CA VAL K 34 43.70 -49.66 -34.30
C VAL K 34 42.33 -49.65 -34.95
N GLY K 35 41.42 -48.89 -34.39
CA GLY K 35 40.07 -48.75 -34.95
C GLY K 35 39.34 -47.63 -34.26
N ASP K 36 38.74 -46.72 -35.05
CA ASP K 36 37.95 -45.62 -34.52
C ASP K 36 38.71 -44.72 -33.55
N GLY K 37 39.99 -44.45 -33.85
CA GLY K 37 40.83 -43.64 -32.98
C GLY K 37 41.26 -44.20 -31.64
N ILE K 38 41.14 -45.52 -31.49
CA ILE K 38 41.61 -46.24 -30.28
C ILE K 38 42.62 -47.28 -30.74
N ALA K 39 43.76 -47.36 -30.05
CA ALA K 39 44.82 -48.28 -30.44
C ALA K 39 45.25 -49.11 -29.23
N ARG K 40 45.61 -50.37 -29.49
CA ARG K 40 46.30 -51.17 -28.49
C ARG K 40 47.78 -51.25 -28.92
N VAL K 41 48.67 -51.01 -27.94
CA VAL K 41 50.08 -50.83 -28.23
C VAL K 41 50.90 -51.84 -27.41
N HIS K 42 51.80 -52.56 -28.09
CA HIS K 42 52.79 -53.43 -27.47
C HIS K 42 54.02 -52.63 -27.09
N GLY K 43 54.66 -53.02 -25.98
CA GLY K 43 55.82 -52.30 -25.48
C GLY K 43 55.38 -51.18 -24.56
N LEU K 44 56.19 -50.12 -24.54
CA LEU K 44 56.01 -49.03 -23.59
C LEU K 44 55.89 -49.54 -22.15
N GLU K 45 56.78 -50.46 -21.75
CA GLU K 45 56.68 -51.14 -20.45
C GLU K 45 56.66 -50.15 -19.28
N LYS K 46 57.50 -49.13 -19.36
CA LYS K 46 57.66 -48.18 -18.28
C LYS K 46 56.66 -47.00 -18.28
N VAL K 47 55.64 -47.02 -19.13
CA VAL K 47 54.71 -45.86 -19.30
C VAL K 47 53.84 -45.62 -18.07
N MET K 48 53.57 -44.35 -17.78
CA MET K 48 52.66 -43.98 -16.70
C MET K 48 51.22 -44.02 -17.17
N ALA K 49 50.31 -44.26 -16.24
CA ALA K 49 48.88 -44.13 -16.51
C ALA K 49 48.54 -42.66 -16.69
N GLY K 50 48.03 -42.28 -17.85
CA GLY K 50 47.68 -40.88 -18.15
C GLY K 50 48.78 -40.09 -18.84
N GLU K 51 49.83 -40.80 -19.28
CA GLU K 51 50.99 -40.20 -19.91
C GLU K 51 50.69 -39.76 -21.34
N LEU K 52 51.32 -38.64 -21.73
CA LEU K 52 51.24 -38.14 -23.09
C LEU K 52 52.17 -38.97 -23.98
N LEU K 53 51.68 -39.38 -25.14
CA LEU K 53 52.46 -40.18 -26.09
C LEU K 53 52.48 -39.48 -27.44
N GLU K 54 53.54 -39.70 -28.21
CA GLU K 54 53.67 -39.18 -29.56
C GLU K 54 53.79 -40.32 -30.57
N PHE K 55 52.90 -40.38 -31.53
CA PHE K 55 52.98 -41.32 -32.63
C PHE K 55 54.05 -40.88 -33.63
N GLU K 56 54.49 -41.86 -34.44
CA GLU K 56 55.46 -41.69 -35.51
C GLU K 56 55.32 -40.39 -36.29
N ASN K 57 54.10 -40.04 -36.66
CA ASN K 57 53.83 -38.87 -37.52
C ASN K 57 53.52 -37.57 -36.79
N GLY K 58 53.92 -37.43 -35.53
CA GLY K 58 53.70 -36.19 -34.77
C GLY K 58 52.36 -36.03 -34.06
N VAL K 59 51.40 -36.93 -34.32
CA VAL K 59 50.06 -36.88 -33.71
C VAL K 59 50.17 -37.40 -32.29
N MET K 60 49.56 -36.71 -31.33
CA MET K 60 49.66 -37.09 -29.92
C MET K 60 48.63 -38.18 -29.54
N GLY K 61 48.87 -38.79 -28.40
CA GLY K 61 47.98 -39.82 -27.83
C GLY K 61 48.06 -39.83 -26.30
N MET K 62 47.19 -40.63 -25.68
CA MET K 62 47.12 -40.66 -24.20
C MET K 62 47.01 -42.12 -23.77
N ALA K 63 47.90 -42.52 -22.86
CA ALA K 63 47.85 -43.84 -22.27
C ALA K 63 46.71 -43.84 -21.27
N GLN K 64 45.71 -44.70 -21.50
CA GLN K 64 44.52 -44.75 -20.68
C GLN K 64 44.50 -46.04 -19.84
N ASN K 65 44.69 -47.18 -20.49
CA ASN K 65 44.69 -48.46 -19.83
C ASN K 65 46.05 -49.08 -19.83
N LEU K 66 46.61 -49.36 -18.65
CA LEU K 66 47.80 -50.19 -18.52
C LEU K 66 47.38 -51.64 -18.27
N GLU K 67 47.45 -52.45 -19.32
CA GLU K 67 47.10 -53.87 -19.24
C GLU K 67 48.35 -54.71 -19.02
N GLU K 68 48.17 -56.02 -18.89
CA GLU K 68 49.24 -56.91 -18.46
C GLU K 68 50.44 -56.88 -19.39
N ASP K 69 50.23 -56.91 -20.71
CA ASP K 69 51.36 -56.74 -21.64
C ASP K 69 51.11 -55.83 -22.84
N ASN K 70 50.08 -54.98 -22.76
CA ASN K 70 49.80 -53.95 -23.76
C ASN K 70 49.26 -52.68 -23.12
N VAL K 71 49.13 -51.62 -23.93
CA VAL K 71 48.64 -50.34 -23.44
C VAL K 71 47.46 -49.90 -24.30
N GLY K 72 46.35 -49.52 -23.64
CA GLY K 72 45.22 -48.89 -24.30
C GLY K 72 45.51 -47.41 -24.52
N VAL K 73 45.48 -46.96 -25.78
CA VAL K 73 45.86 -45.61 -26.14
C VAL K 73 44.77 -44.91 -26.93
N VAL K 74 44.36 -43.73 -26.46
CA VAL K 74 43.37 -42.93 -27.22
C VAL K 74 44.13 -41.89 -28.04
N ILE K 75 43.84 -41.84 -29.34
CA ILE K 75 44.50 -40.90 -30.25
C ILE K 75 43.85 -39.53 -30.17
N LEU K 76 44.67 -38.49 -30.01
CA LEU K 76 44.19 -37.11 -29.80
C LEU K 76 44.39 -36.26 -31.05
N GLY K 77 43.96 -36.79 -32.18
CA GLY K 77 44.12 -36.11 -33.47
C GLY K 77 43.82 -37.03 -34.64
N PRO K 78 44.05 -36.56 -35.88
CA PRO K 78 43.79 -37.36 -37.08
C PRO K 78 44.49 -38.72 -37.02
N TYR K 79 43.75 -39.80 -37.32
CA TYR K 79 44.27 -41.16 -37.17
C TYR K 79 44.32 -42.00 -38.45
N THR K 80 44.18 -41.37 -39.62
CA THR K 80 44.22 -42.08 -40.91
C THR K 80 45.62 -42.65 -41.25
N GLU K 81 46.66 -41.89 -40.89
CA GLU K 81 48.05 -42.31 -41.13
C GLU K 81 48.64 -43.24 -40.04
N ILE K 82 47.85 -43.52 -39.00
CA ILE K 82 48.21 -44.50 -37.97
C ILE K 82 47.63 -45.86 -38.36
N ARG K 83 48.51 -46.88 -38.31
CA ARG K 83 48.21 -48.26 -38.72
C ARG K 83 48.80 -49.27 -37.72
N GLU K 84 48.68 -50.56 -38.03
CA GLU K 84 49.38 -51.60 -37.30
C GLU K 84 50.83 -51.49 -37.74
N GLY K 85 51.73 -51.37 -36.76
CA GLY K 85 53.16 -51.20 -37.03
C GLY K 85 53.69 -49.82 -36.76
N THR K 86 52.83 -48.79 -36.74
CA THR K 86 53.25 -47.43 -36.42
C THR K 86 53.83 -47.40 -35.00
N GLN K 87 54.87 -46.56 -34.81
CA GLN K 87 55.57 -46.56 -33.57
C GLN K 87 55.06 -45.42 -32.69
N VAL K 88 55.14 -45.63 -31.37
CA VAL K 88 54.68 -44.66 -30.40
C VAL K 88 55.77 -44.43 -29.38
N LYS K 89 56.06 -43.17 -29.11
CA LYS K 89 57.18 -42.76 -28.24
C LYS K 89 56.53 -42.25 -26.96
N ARG K 90 57.08 -42.64 -25.80
CA ARG K 90 56.66 -41.99 -24.56
C ARG K 90 57.29 -40.62 -24.52
N THR K 91 56.65 -39.71 -23.78
CA THR K 91 57.21 -38.39 -23.50
C THR K 91 57.69 -38.26 -22.05
N GLY K 92 57.35 -39.23 -21.20
CA GLY K 92 57.68 -39.14 -19.78
C GLY K 92 57.00 -38.05 -18.99
N ARG K 93 56.00 -37.39 -19.60
CA ARG K 93 55.24 -36.29 -19.03
C ARG K 93 53.78 -36.72 -18.96
N ILE K 94 53.11 -36.40 -17.84
CA ILE K 94 51.68 -36.60 -17.66
C ILE K 94 50.91 -35.71 -18.62
N MET K 95 49.68 -36.06 -18.95
CA MET K 95 48.88 -35.26 -19.93
C MET K 95 48.82 -33.75 -19.54
N GLU K 96 49.33 -32.88 -20.42
CA GLU K 96 49.68 -31.48 -20.13
C GLU K 96 49.23 -30.56 -21.25
N VAL K 97 49.11 -29.27 -20.96
CA VAL K 97 48.80 -28.26 -21.99
C VAL K 97 49.58 -26.96 -21.74
N PRO K 98 49.96 -26.23 -22.81
CA PRO K 98 50.61 -24.95 -22.61
C PRO K 98 49.65 -23.95 -21.99
N VAL K 99 50.18 -23.05 -21.18
CA VAL K 99 49.41 -22.13 -20.40
C VAL K 99 50.06 -20.75 -20.33
N GLY K 100 49.30 -19.74 -19.98
CA GLY K 100 49.82 -18.42 -19.73
C GLY K 100 49.28 -17.36 -20.61
N GLU K 101 49.92 -16.19 -20.55
CA GLU K 101 49.43 -14.96 -21.18
C GLU K 101 49.53 -15.02 -22.70
N ALA K 102 50.39 -15.89 -23.23
CA ALA K 102 50.51 -16.10 -24.67
C ALA K 102 49.23 -16.60 -25.37
N LEU K 103 48.34 -17.24 -24.60
CA LEU K 103 47.08 -17.78 -25.10
C LEU K 103 45.97 -16.72 -25.27
N LEU K 104 46.07 -15.60 -24.56
CA LEU K 104 45.08 -14.54 -24.66
C LEU K 104 44.91 -14.08 -26.10
N GLY K 105 43.65 -13.98 -26.55
CA GLY K 105 43.33 -13.62 -27.93
C GLY K 105 43.56 -14.71 -28.98
N ARG K 106 44.00 -15.90 -28.56
CA ARG K 106 44.30 -16.99 -29.49
C ARG K 106 43.19 -18.05 -29.48
N VAL K 107 43.10 -18.79 -30.58
CA VAL K 107 42.18 -19.91 -30.73
C VAL K 107 43.02 -21.17 -30.79
N VAL K 108 42.79 -22.09 -29.86
CA VAL K 108 43.57 -23.33 -29.75
C VAL K 108 42.67 -24.54 -29.62
N ASN K 109 43.21 -25.72 -29.90
CA ASN K 109 42.55 -26.98 -29.62
C ASN K 109 42.85 -27.44 -28.17
N PRO K 110 42.32 -28.57 -27.73
CA PRO K 110 42.61 -29.04 -26.36
C PRO K 110 44.08 -29.38 -26.04
N LEU K 111 44.90 -29.62 -27.06
CA LEU K 111 46.35 -29.80 -26.89
C LEU K 111 47.14 -28.46 -26.85
N GLY K 112 46.47 -27.33 -27.03
CA GLY K 112 47.11 -26.02 -27.01
C GLY K 112 47.77 -25.60 -28.33
N GLN K 113 47.38 -26.24 -29.42
CA GLN K 113 47.95 -25.96 -30.73
C GLN K 113 47.11 -24.90 -31.43
N PRO K 114 47.73 -23.88 -32.02
CA PRO K 114 46.97 -22.74 -32.56
C PRO K 114 46.21 -23.06 -33.85
N LEU K 115 44.90 -22.83 -33.85
CA LEU K 115 44.03 -23.08 -35.01
C LEU K 115 43.76 -21.83 -35.84
N ASP K 116 44.05 -20.65 -35.27
CA ASP K 116 43.77 -19.36 -35.94
C ASP K 116 44.79 -18.97 -37.00
N GLY K 117 45.87 -19.75 -37.14
CA GLY K 117 46.88 -19.52 -38.17
C GLY K 117 47.70 -18.26 -37.98
N ARG K 118 47.83 -17.80 -36.74
CA ARG K 118 48.73 -16.71 -36.38
C ARG K 118 50.02 -17.23 -35.74
N GLY K 119 50.50 -18.40 -36.20
CA GLY K 119 51.80 -18.91 -35.76
C GLY K 119 51.81 -19.41 -34.33
N PRO K 120 53.00 -19.75 -33.82
CA PRO K 120 53.15 -20.48 -32.56
C PRO K 120 52.75 -19.71 -31.31
N ILE K 121 52.61 -20.45 -30.22
CA ILE K 121 52.24 -19.92 -28.91
C ILE K 121 53.50 -19.85 -28.05
N GLU K 122 54.14 -18.68 -28.00
CA GLU K 122 55.40 -18.48 -27.26
C GLU K 122 55.18 -18.53 -25.74
N THR K 123 55.28 -19.71 -25.14
CA THR K 123 55.17 -19.87 -23.68
C THR K 123 56.07 -20.96 -23.12
N ALA K 124 56.69 -20.67 -21.98
CA ALA K 124 57.54 -21.62 -21.26
C ALA K 124 56.77 -22.43 -20.20
N GLU K 125 55.57 -22.00 -19.84
CA GLU K 125 54.82 -22.64 -18.77
C GLU K 125 53.77 -23.59 -19.25
N TYR K 126 53.71 -24.77 -18.62
CA TYR K 126 52.77 -25.84 -18.91
C TYR K 126 51.97 -26.13 -17.63
N ARG K 127 50.93 -26.95 -17.77
CA ARG K 127 50.06 -27.27 -16.64
C ARG K 127 49.28 -28.56 -16.93
N PRO K 128 49.16 -29.46 -15.91
CA PRO K 128 48.56 -30.76 -16.20
C PRO K 128 47.04 -30.70 -16.34
N ILE K 129 46.51 -31.51 -17.25
CA ILE K 129 45.08 -31.50 -17.60
C ILE K 129 44.27 -32.11 -16.48
N GLU K 130 44.75 -33.20 -15.89
CA GLU K 130 44.17 -33.73 -14.64
C GLU K 130 44.98 -33.12 -13.51
N SER K 131 44.30 -32.54 -12.54
CA SER K 131 44.97 -31.94 -11.38
C SER K 131 44.00 -31.92 -10.18
N PRO K 132 44.53 -32.10 -8.95
CA PRO K 132 43.64 -32.10 -7.78
C PRO K 132 42.99 -30.75 -7.53
N ALA K 133 41.78 -30.77 -6.97
CA ALA K 133 41.04 -29.54 -6.68
C ALA K 133 41.53 -28.97 -5.37
N PRO K 134 41.39 -27.64 -5.18
CA PRO K 134 41.64 -27.05 -3.87
C PRO K 134 40.86 -27.76 -2.79
N GLY K 135 41.54 -28.20 -1.73
CA GLY K 135 40.92 -28.92 -0.62
C GLY K 135 40.08 -28.02 0.26
N VAL K 136 39.58 -28.59 1.35
CA VAL K 136 38.62 -27.88 2.21
C VAL K 136 39.26 -26.66 2.87
N MET K 137 40.56 -26.74 3.19
CA MET K 137 41.27 -25.64 3.88
C MET K 137 41.84 -24.58 2.95
N ASP K 138 41.85 -24.85 1.63
CA ASP K 138 42.49 -23.94 0.66
C ASP K 138 41.53 -22.84 0.12
N ARG K 139 40.30 -22.79 0.64
CA ARG K 139 39.26 -21.95 0.07
C ARG K 139 38.78 -20.89 1.03
N LYS K 140 38.07 -19.91 0.47
CA LYS K 140 37.31 -18.90 1.21
C LYS K 140 35.92 -18.81 0.61
N SER K 141 34.92 -18.53 1.44
CA SER K 141 33.53 -18.41 0.97
C SER K 141 33.47 -17.35 -0.12
N VAL K 142 32.71 -17.63 -1.16
CA VAL K 142 32.60 -16.73 -2.30
C VAL K 142 31.93 -15.46 -1.80
N HIS K 143 32.55 -14.32 -2.09
CA HIS K 143 32.06 -13.03 -1.61
C HIS K 143 32.13 -11.86 -2.62
N GLU K 144 32.73 -12.08 -3.79
CA GLU K 144 32.98 -11.01 -4.76
C GLU K 144 32.09 -11.19 -6.00
N PRO K 145 31.39 -10.15 -6.46
CA PRO K 145 30.54 -10.31 -7.65
C PRO K 145 31.28 -10.67 -8.94
N LEU K 146 30.65 -11.46 -9.79
CA LEU K 146 30.96 -11.52 -11.22
C LEU K 146 29.71 -11.02 -11.92
N GLN K 147 29.74 -9.77 -12.35
CA GLN K 147 28.54 -9.12 -12.90
C GLN K 147 28.38 -9.58 -14.34
N THR K 148 27.26 -10.22 -14.65
CA THR K 148 26.94 -10.62 -16.03
C THR K 148 26.50 -9.43 -16.88
N GLY K 149 25.95 -8.41 -16.21
CA GLY K 149 25.30 -7.28 -16.88
C GLY K 149 23.84 -7.59 -17.30
N ILE K 150 23.30 -8.72 -16.83
CA ILE K 150 21.95 -9.14 -17.14
C ILE K 150 21.13 -9.05 -15.86
N LYS K 151 20.17 -8.12 -15.81
CA LYS K 151 19.35 -7.87 -14.60
C LYS K 151 18.82 -9.11 -14.02
N ALA K 152 18.13 -9.93 -14.81
CA ALA K 152 17.57 -11.19 -14.33
C ALA K 152 18.56 -12.01 -13.53
N ILE K 153 19.80 -12.10 -14.01
CA ILE K 153 20.82 -12.95 -13.37
C ILE K 153 21.44 -12.23 -12.18
N ASP K 154 22.02 -11.05 -12.38
CA ASP K 154 22.71 -10.31 -11.33
C ASP K 154 21.82 -9.92 -10.13
N SER K 155 20.50 -9.86 -10.34
CA SER K 155 19.55 -9.57 -9.26
C SER K 155 19.02 -10.82 -8.56
N MET K 156 18.58 -11.81 -9.35
CA MET K 156 17.89 -13.02 -8.81
C MET K 156 18.77 -14.25 -8.70
N ILE K 157 19.71 -14.44 -9.62
CA ILE K 157 20.59 -15.62 -9.65
C ILE K 157 22.07 -15.17 -9.66
N PRO K 158 22.50 -14.42 -8.62
CA PRO K 158 23.80 -13.77 -8.66
C PRO K 158 24.97 -14.72 -8.71
N ILE K 159 25.89 -14.48 -9.64
CA ILE K 159 27.11 -15.25 -9.77
C ILE K 159 28.24 -14.51 -9.05
N GLY K 160 29.09 -15.28 -8.37
CA GLY K 160 30.26 -14.78 -7.65
C GLY K 160 31.57 -15.40 -8.09
N ARG K 161 32.67 -14.77 -7.74
CA ARG K 161 33.99 -15.22 -8.19
C ARG K 161 34.41 -16.46 -7.41
N GLY K 162 34.53 -17.56 -8.15
CA GLY K 162 34.75 -18.89 -7.56
C GLY K 162 33.55 -19.82 -7.64
N GLN K 163 32.42 -19.30 -8.09
CA GLN K 163 31.18 -20.05 -8.21
C GLN K 163 31.14 -20.91 -9.47
N ARG K 164 30.39 -22.00 -9.39
CA ARG K 164 30.03 -22.79 -10.55
C ARG K 164 28.54 -22.57 -10.72
N GLU K 165 28.11 -22.04 -11.86
CA GLU K 165 26.70 -21.80 -12.12
C GLU K 165 26.31 -22.43 -13.45
N LEU K 166 25.45 -23.44 -13.41
CA LEU K 166 25.00 -24.15 -14.60
C LEU K 166 24.07 -23.29 -15.44
N ILE K 167 24.30 -23.25 -16.74
CA ILE K 167 23.33 -22.67 -17.70
C ILE K 167 22.71 -23.84 -18.45
N ILE K 168 21.41 -24.03 -18.29
CA ILE K 168 20.71 -25.24 -18.75
C ILE K 168 19.42 -24.86 -19.47
N GLY K 169 19.12 -25.56 -20.55
CA GLY K 169 17.92 -25.27 -21.34
C GLY K 169 17.92 -25.95 -22.69
N ASP K 170 16.78 -25.95 -23.37
CA ASP K 170 16.69 -26.55 -24.71
C ASP K 170 17.58 -25.79 -25.69
N ARG K 171 17.76 -26.34 -26.87
CA ARG K 171 18.37 -25.62 -27.97
C ARG K 171 17.60 -24.32 -28.27
N GLN K 172 18.31 -23.26 -28.65
CA GLN K 172 17.71 -21.96 -29.04
C GLN K 172 16.88 -21.27 -27.94
N THR K 173 17.28 -21.47 -26.68
CA THR K 173 16.67 -20.76 -25.56
C THR K 173 17.52 -19.56 -25.04
N GLY K 174 18.72 -19.37 -25.62
CA GLY K 174 19.57 -18.23 -25.33
C GLY K 174 20.74 -18.49 -24.39
N LYS K 175 21.28 -19.70 -24.38
CA LYS K 175 22.34 -20.10 -23.46
C LYS K 175 23.72 -19.51 -23.82
N THR K 176 24.13 -19.70 -25.07
CA THR K 176 25.43 -19.17 -25.53
C THR K 176 25.47 -17.64 -25.41
N THR K 177 24.40 -16.95 -25.81
CA THR K 177 24.35 -15.48 -25.67
C THR K 177 24.48 -14.99 -24.23
N ILE K 178 24.07 -15.78 -23.23
CA ILE K 178 24.30 -15.39 -21.82
C ILE K 178 25.79 -15.37 -21.51
N ALA K 179 26.51 -16.40 -21.91
CA ALA K 179 27.95 -16.49 -21.65
C ALA K 179 28.76 -15.47 -22.44
N ILE K 180 28.38 -15.25 -23.71
CA ILE K 180 29.04 -14.23 -24.54
C ILE K 180 28.85 -12.84 -23.95
N ASP K 181 27.63 -12.50 -23.52
CA ASP K 181 27.36 -11.23 -22.87
C ASP K 181 28.11 -11.08 -21.56
N THR K 182 28.27 -12.19 -20.82
CA THR K 182 29.01 -12.19 -19.55
C THR K 182 30.50 -11.91 -19.76
N ILE K 183 31.08 -12.53 -20.80
CA ILE K 183 32.49 -12.33 -21.16
C ILE K 183 32.70 -10.87 -21.57
N ILE K 184 31.86 -10.37 -22.49
CA ILE K 184 31.91 -8.97 -22.93
C ILE K 184 31.86 -7.99 -21.75
N ASN K 185 31.04 -8.28 -20.75
CA ASN K 185 30.89 -7.42 -19.57
C ASN K 185 32.07 -7.44 -18.62
N GLN K 186 33.00 -8.40 -18.78
CA GLN K 186 34.28 -8.40 -18.05
C GLN K 186 35.35 -7.48 -18.64
N LYS K 187 35.03 -6.72 -19.69
CA LYS K 187 35.94 -5.71 -20.27
C LYS K 187 36.40 -4.73 -19.21
N GLY K 188 37.71 -4.66 -19.00
CA GLY K 188 38.30 -3.79 -17.99
C GLY K 188 38.11 -4.17 -16.53
N GLN K 189 37.54 -5.36 -16.25
CA GLN K 189 37.37 -5.83 -14.86
C GLN K 189 38.52 -6.69 -14.40
N ASP K 190 39.51 -6.88 -15.27
CA ASP K 190 40.71 -7.64 -14.98
C ASP K 190 40.33 -9.09 -14.62
N VAL K 191 39.54 -9.69 -15.52
CA VAL K 191 39.08 -11.07 -15.41
C VAL K 191 39.37 -11.74 -16.75
N ILE K 192 40.15 -12.82 -16.69
CA ILE K 192 40.57 -13.56 -17.87
C ILE K 192 39.46 -14.56 -18.16
N CYS K 193 39.02 -14.61 -19.41
CA CYS K 193 37.91 -15.45 -19.82
C CYS K 193 38.41 -16.59 -20.69
N ILE K 194 37.78 -17.76 -20.56
CA ILE K 194 38.09 -18.93 -21.39
C ILE K 194 36.80 -19.56 -21.90
N TYR K 195 36.60 -19.51 -23.22
CA TYR K 195 35.43 -20.09 -23.86
C TYR K 195 35.82 -21.44 -24.44
N VAL K 196 35.35 -22.52 -23.83
CA VAL K 196 35.59 -23.87 -24.32
C VAL K 196 34.39 -24.32 -25.14
N ALA K 197 34.64 -24.68 -26.40
CA ALA K 197 33.58 -25.09 -27.32
C ALA K 197 33.72 -26.57 -27.60
N ILE K 198 32.84 -27.36 -26.98
CA ILE K 198 32.88 -28.82 -27.13
C ILE K 198 31.75 -29.24 -28.07
N GLY K 199 32.12 -29.82 -29.22
CA GLY K 199 31.17 -30.48 -30.09
C GLY K 199 30.31 -29.59 -30.96
N GLN K 200 30.61 -28.30 -31.01
CA GLN K 200 29.87 -27.37 -31.86
C GLN K 200 30.38 -27.50 -33.26
N LYS K 201 29.60 -26.98 -34.21
CA LYS K 201 30.11 -26.81 -35.57
C LYS K 201 31.10 -25.65 -35.52
N GLN K 202 32.14 -25.76 -36.32
CA GLN K 202 33.29 -24.86 -36.24
C GLN K 202 32.94 -23.48 -36.79
N SER K 203 32.08 -23.39 -37.80
CA SER K 203 31.54 -22.10 -38.29
C SER K 203 30.94 -21.27 -37.16
N THR K 204 30.16 -21.92 -36.29
CA THR K 204 29.57 -21.26 -35.11
C THR K 204 30.65 -20.72 -34.17
N VAL K 205 31.72 -21.49 -33.98
CA VAL K 205 32.83 -21.08 -33.10
C VAL K 205 33.56 -19.88 -33.70
N ALA K 206 33.74 -19.89 -35.02
CA ALA K 206 34.30 -18.74 -35.76
C ALA K 206 33.43 -17.51 -35.60
N GLY K 207 32.12 -17.70 -35.64
CA GLY K 207 31.14 -16.65 -35.34
C GLY K 207 31.26 -16.09 -33.93
N VAL K 208 31.51 -16.96 -32.95
CA VAL K 208 31.68 -16.52 -31.55
C VAL K 208 32.93 -15.65 -31.41
N VAL K 209 34.06 -16.09 -31.95
CA VAL K 209 35.31 -15.30 -31.85
C VAL K 209 35.14 -13.95 -32.51
N GLU K 210 34.45 -13.91 -33.64
CA GLU K 210 34.20 -12.66 -34.35
C GLU K 210 33.31 -11.71 -33.54
N THR K 211 32.31 -12.23 -32.83
CA THR K 211 31.44 -11.41 -31.97
C THR K 211 32.23 -10.82 -30.81
N LEU K 212 33.16 -11.60 -30.26
CA LEU K 212 34.03 -11.13 -29.17
C LEU K 212 34.97 -10.02 -29.65
N ARG K 213 35.56 -10.24 -30.81
CA ARG K 213 36.45 -9.26 -31.46
C ARG K 213 35.76 -7.91 -31.63
N GLN K 214 34.54 -7.92 -32.15
CA GLN K 214 33.78 -6.69 -32.39
C GLN K 214 33.36 -5.93 -31.14
N HIS K 215 33.19 -6.63 -30.02
CA HIS K 215 32.86 -5.98 -28.73
C HIS K 215 34.14 -5.77 -27.87
N ASP K 216 35.30 -6.00 -28.48
CA ASP K 216 36.61 -5.74 -27.90
C ASP K 216 36.81 -6.54 -26.63
N ALA K 217 36.40 -7.80 -26.70
CA ALA K 217 36.51 -8.75 -25.58
C ALA K 217 37.49 -9.89 -25.88
N LEU K 218 38.06 -9.94 -27.08
CA LEU K 218 38.95 -11.03 -27.45
C LEU K 218 40.35 -10.96 -26.83
N ASP K 219 40.86 -9.75 -26.62
CA ASP K 219 42.18 -9.55 -25.98
C ASP K 219 42.40 -10.15 -24.59
N TYR K 220 41.32 -10.36 -23.84
CA TYR K 220 41.41 -11.01 -22.51
C TYR K 220 40.76 -12.41 -22.49
N THR K 221 40.53 -12.99 -23.65
CA THR K 221 39.79 -14.25 -23.80
C THR K 221 40.61 -15.31 -24.54
N ILE K 222 40.70 -16.51 -23.95
CA ILE K 222 41.25 -17.69 -24.61
C ILE K 222 40.09 -18.52 -25.17
N VAL K 223 40.27 -19.07 -26.37
CA VAL K 223 39.22 -19.90 -27.00
C VAL K 223 39.74 -21.32 -27.28
N VAL K 224 39.22 -22.30 -26.53
CA VAL K 224 39.53 -23.71 -26.75
C VAL K 224 38.38 -24.31 -27.57
N THR K 225 38.70 -25.13 -28.58
CA THR K 225 37.69 -25.71 -29.48
C THR K 225 37.99 -27.15 -29.88
N ALA K 226 37.09 -28.05 -29.54
CA ALA K 226 37.08 -29.40 -30.09
C ALA K 226 35.82 -29.49 -30.94
N SER K 227 35.97 -29.25 -32.24
CA SER K 227 34.83 -29.19 -33.14
C SER K 227 34.20 -30.57 -33.32
N ALA K 228 32.98 -30.59 -33.86
CA ALA K 228 32.20 -31.82 -34.03
C ALA K 228 32.87 -32.89 -34.89
N SER K 229 33.77 -32.49 -35.80
CA SER K 229 34.54 -33.44 -36.62
C SER K 229 35.74 -34.07 -35.91
N GLU K 230 36.19 -33.48 -34.81
CA GLU K 230 37.34 -34.01 -34.07
C GLU K 230 37.01 -35.35 -33.43
N PRO K 231 38.04 -36.21 -33.24
CA PRO K 231 37.78 -37.47 -32.52
C PRO K 231 37.30 -37.25 -31.10
N ALA K 232 36.48 -38.17 -30.62
CA ALA K 232 35.84 -38.08 -29.31
C ALA K 232 36.78 -37.72 -28.15
N PRO K 233 37.98 -38.33 -28.10
CA PRO K 233 38.88 -37.99 -26.99
C PRO K 233 39.25 -36.48 -26.86
N LEU K 234 39.25 -35.74 -27.96
CA LEU K 234 39.49 -34.30 -27.89
C LEU K 234 38.31 -33.54 -27.29
N LEU K 235 37.08 -33.94 -27.66
CA LEU K 235 35.87 -33.41 -27.03
C LEU K 235 35.86 -33.72 -25.52
N TYR K 236 36.32 -34.92 -25.17
CA TYR K 236 36.47 -35.34 -23.77
C TYR K 236 37.47 -34.45 -23.00
N LEU K 237 38.61 -34.15 -23.61
CA LEU K 237 39.64 -33.36 -22.96
C LEU K 237 39.42 -31.85 -22.97
N ALA K 238 38.68 -31.35 -23.96
CA ALA K 238 38.54 -29.90 -24.16
C ALA K 238 38.23 -29.10 -22.89
N PRO K 239 37.25 -29.55 -22.06
CA PRO K 239 36.98 -28.82 -20.82
C PRO K 239 38.12 -28.84 -19.80
N TYR K 240 38.84 -29.95 -19.69
CA TYR K 240 39.96 -30.04 -18.75
C TYR K 240 41.11 -29.14 -19.17
N ALA K 241 41.33 -29.01 -20.49
CA ALA K 241 42.34 -28.10 -21.02
C ALA K 241 42.02 -26.65 -20.66
N GLY K 242 40.80 -26.22 -20.96
CA GLY K 242 40.32 -24.89 -20.57
C GLY K 242 40.42 -24.64 -19.08
N CYS K 243 40.13 -25.66 -18.27
CA CYS K 243 40.22 -25.56 -16.81
C CYS K 243 41.65 -25.24 -16.38
N ALA K 244 42.61 -26.01 -16.88
CA ALA K 244 44.04 -25.78 -16.62
C ALA K 244 44.51 -24.38 -17.07
N MET K 245 44.03 -23.93 -18.22
CA MET K 245 44.36 -22.60 -18.72
C MET K 245 43.88 -21.49 -17.78
N GLY K 246 42.76 -21.71 -17.12
CA GLY K 246 42.23 -20.75 -16.16
C GLY K 246 42.81 -20.90 -14.77
N GLU K 247 43.15 -22.14 -14.41
CA GLU K 247 43.80 -22.45 -13.12
C GLU K 247 45.12 -21.70 -12.94
N TYR K 248 45.89 -21.62 -14.02
CA TYR K 248 47.13 -20.86 -14.05
C TYR K 248 46.98 -19.47 -13.47
N PHE K 249 45.93 -18.76 -13.89
CA PHE K 249 45.66 -17.42 -13.38
C PHE K 249 45.16 -17.43 -11.94
N MET K 250 44.37 -18.43 -11.57
CA MET K 250 43.85 -18.55 -10.20
C MET K 250 44.98 -18.72 -9.18
N TYR K 251 45.93 -19.61 -9.49
CA TYR K 251 47.01 -19.92 -8.57
C TYR K 251 48.11 -18.83 -8.52
N LYS K 252 48.07 -17.84 -9.41
CA LYS K 252 48.89 -16.63 -9.28
C LYS K 252 48.13 -15.45 -8.65
N GLY K 253 46.98 -15.71 -8.02
CA GLY K 253 46.23 -14.64 -7.36
C GLY K 253 45.38 -13.75 -8.26
N LYS K 254 45.26 -14.10 -9.55
CA LYS K 254 44.37 -13.41 -10.48
C LYS K 254 43.02 -14.14 -10.57
N HIS K 255 42.10 -13.59 -11.37
CA HIS K 255 40.72 -14.06 -11.42
C HIS K 255 40.33 -14.48 -12.85
N ALA K 256 39.79 -15.69 -13.00
CA ALA K 256 39.39 -16.21 -14.30
C ALA K 256 37.95 -16.68 -14.35
N LEU K 257 37.45 -16.82 -15.57
CA LEU K 257 36.09 -17.27 -15.90
C LEU K 257 36.18 -18.30 -17.02
N VAL K 258 35.68 -19.51 -16.80
CA VAL K 258 35.67 -20.58 -17.81
C VAL K 258 34.24 -20.96 -18.19
N VAL K 259 34.01 -21.13 -19.48
CA VAL K 259 32.69 -21.51 -20.04
C VAL K 259 32.87 -22.82 -20.78
N TYR K 260 32.09 -23.84 -20.39
CA TYR K 260 32.06 -25.13 -21.08
C TYR K 260 30.73 -25.24 -21.85
N ASP K 261 30.82 -25.11 -23.18
CA ASP K 261 29.65 -25.03 -24.07
C ASP K 261 29.77 -26.16 -25.12
N ASP K 262 29.26 -27.37 -24.85
CA ASP K 262 28.57 -27.76 -23.61
C ASP K 262 28.99 -29.13 -23.09
N LEU K 263 28.67 -29.40 -21.81
CA LEU K 263 29.02 -30.68 -21.19
C LEU K 263 28.14 -31.86 -21.63
N SER K 264 26.99 -31.58 -22.25
CA SER K 264 26.15 -32.64 -22.82
C SER K 264 26.91 -33.36 -23.92
N LYS K 265 27.56 -32.60 -24.78
CA LYS K 265 28.33 -33.16 -25.90
C LYS K 265 29.64 -33.82 -25.41
N GLN K 266 30.24 -33.29 -24.35
CA GLN K 266 31.39 -33.91 -23.71
C GLN K 266 31.03 -35.29 -23.13
N ALA K 267 29.93 -35.36 -22.41
CA ALA K 267 29.46 -36.62 -21.83
C ALA K 267 29.17 -37.67 -22.92
N ALA K 268 28.53 -37.24 -24.00
CA ALA K 268 28.29 -38.13 -25.17
C ALA K 268 29.57 -38.66 -25.78
N ALA K 269 30.58 -37.80 -25.83
CA ALA K 269 31.90 -38.15 -26.36
C ALA K 269 32.60 -39.13 -25.44
N TYR K 270 32.53 -38.93 -24.14
CA TYR K 270 33.10 -39.86 -23.17
C TYR K 270 32.37 -41.21 -23.17
N ARG K 271 31.06 -41.20 -23.48
CA ARG K 271 30.33 -42.43 -23.69
C ARG K 271 30.86 -43.21 -24.93
N GLU K 272 30.99 -42.48 -26.04
CA GLU K 272 31.54 -43.04 -27.28
C GLU K 272 32.89 -43.71 -27.00
N LEU K 273 33.74 -43.00 -26.28
CA LEU K 273 35.06 -43.50 -25.91
C LEU K 273 34.98 -44.72 -25.03
N SER K 274 34.18 -44.66 -23.97
CA SER K 274 34.02 -45.79 -23.05
C SER K 274 33.50 -47.05 -23.77
N LEU K 275 32.55 -46.85 -24.70
CA LEU K 275 31.96 -47.96 -25.44
C LEU K 275 32.97 -48.59 -26.45
N LEU K 276 33.79 -47.74 -27.08
CA LEU K 276 34.82 -48.21 -28.00
C LEU K 276 35.92 -49.00 -27.27
N LEU K 277 36.19 -48.65 -26.01
CA LEU K 277 37.08 -49.43 -25.16
C LEU K 277 36.39 -50.61 -24.48
N ARG K 278 35.15 -50.89 -24.87
CA ARG K 278 34.37 -52.00 -24.33
C ARG K 278 34.20 -52.02 -22.81
N ARG K 279 34.12 -50.83 -22.21
CA ARG K 279 33.73 -50.73 -20.81
C ARG K 279 32.23 -50.90 -20.69
N PRO K 280 31.74 -51.73 -19.73
CA PRO K 280 30.30 -52.01 -19.64
C PRO K 280 29.45 -50.74 -19.42
N PRO K 281 28.41 -50.55 -20.26
CA PRO K 281 27.54 -49.38 -20.12
C PRO K 281 26.51 -49.54 -18.99
N GLY K 282 26.02 -48.42 -18.48
CA GLY K 282 24.91 -48.39 -17.52
C GLY K 282 23.72 -47.61 -18.09
N ARG K 283 23.14 -46.75 -17.24
CA ARG K 283 22.00 -45.91 -17.62
C ARG K 283 22.22 -45.14 -18.91
N GLU K 284 21.26 -45.18 -19.84
CA GLU K 284 21.35 -44.49 -21.15
C GLU K 284 22.70 -44.73 -21.89
N ALA K 285 23.29 -45.91 -21.64
CA ALA K 285 24.59 -46.33 -22.15
C ALA K 285 25.82 -45.53 -21.70
N TYR K 286 25.67 -44.65 -20.71
CA TYR K 286 26.80 -43.92 -20.16
C TYR K 286 27.57 -44.85 -19.24
N PRO K 287 28.89 -44.57 -19.06
CA PRO K 287 29.65 -45.35 -18.05
C PRO K 287 29.29 -44.92 -16.64
N GLY K 288 29.65 -45.75 -15.67
CA GLY K 288 29.36 -45.49 -14.26
C GLY K 288 29.96 -44.20 -13.73
N ASP K 289 31.13 -43.84 -14.27
CA ASP K 289 31.87 -42.66 -13.85
C ASP K 289 31.56 -41.37 -14.63
N VAL K 290 30.42 -41.28 -15.31
CA VAL K 290 30.05 -40.06 -16.03
C VAL K 290 29.74 -38.89 -15.09
N PHE K 291 29.30 -39.18 -13.87
CA PHE K 291 29.15 -38.16 -12.83
C PHE K 291 30.52 -37.62 -12.41
N TYR K 292 31.42 -38.55 -12.11
CA TYR K 292 32.81 -38.23 -11.75
C TYR K 292 33.49 -37.36 -12.81
N LEU K 293 33.20 -37.62 -14.09
CA LEU K 293 33.69 -36.82 -15.22
C LEU K 293 33.48 -35.32 -15.04
N HIS K 294 32.27 -34.96 -14.65
CA HIS K 294 31.91 -33.56 -14.47
C HIS K 294 32.26 -33.02 -13.09
N SER K 295 32.18 -33.88 -12.07
CA SER K 295 32.41 -33.43 -10.71
C SER K 295 33.88 -33.03 -10.46
N ARG K 296 34.82 -33.83 -10.96
CA ARG K 296 36.25 -33.46 -10.84
C ARG K 296 36.55 -32.19 -11.59
N LEU K 297 35.96 -32.01 -12.77
CA LEU K 297 36.15 -30.80 -13.57
C LEU K 297 35.72 -29.57 -12.81
N LEU K 298 34.50 -29.59 -12.31
CA LEU K 298 33.88 -28.39 -11.76
C LEU K 298 34.33 -28.06 -10.34
N GLU K 299 34.85 -29.04 -9.61
CA GLU K 299 35.42 -28.82 -8.28
C GLU K 299 36.73 -28.02 -8.32
N ARG K 300 37.45 -28.14 -9.45
CA ARG K 300 38.70 -27.38 -9.67
C ARG K 300 38.52 -25.88 -9.83
N ALA K 301 37.29 -25.46 -10.18
CA ALA K 301 36.87 -24.07 -10.08
C ALA K 301 36.56 -23.75 -8.63
N ALA K 302 37.11 -22.65 -8.13
CA ALA K 302 37.00 -22.31 -6.73
C ALA K 302 37.39 -20.88 -6.43
N LYS K 303 37.18 -20.48 -5.18
CA LYS K 303 37.69 -19.23 -4.62
C LYS K 303 38.71 -19.59 -3.55
N LEU K 304 39.98 -19.26 -3.80
CA LEU K 304 41.07 -19.60 -2.89
C LEU K 304 41.10 -18.71 -1.66
N SER K 305 41.75 -19.22 -0.61
CA SER K 305 41.92 -18.46 0.63
C SER K 305 42.92 -17.32 0.44
N ASP K 306 42.98 -16.44 1.43
CA ASP K 306 43.94 -15.32 1.40
C ASP K 306 45.38 -15.80 1.43
N GLU K 307 45.62 -16.87 2.16
CA GLU K 307 46.94 -17.51 2.25
C GLU K 307 47.40 -18.08 0.92
N LYS K 308 46.48 -18.64 0.14
CA LYS K 308 46.80 -19.19 -1.18
C LYS K 308 46.75 -18.18 -2.32
N GLY K 309 46.59 -16.89 -2.00
CA GLY K 309 46.70 -15.82 -3.01
C GLY K 309 45.41 -15.08 -3.34
N GLY K 310 44.27 -15.58 -2.86
CA GLY K 310 42.98 -14.97 -3.09
C GLY K 310 42.41 -15.03 -4.51
N GLY K 311 43.05 -15.79 -5.40
CA GLY K 311 42.59 -15.88 -6.80
C GLY K 311 41.37 -16.76 -6.92
N SER K 312 40.72 -16.70 -8.07
CA SER K 312 39.48 -17.44 -8.31
C SER K 312 39.37 -17.97 -9.72
N LEU K 313 38.65 -19.07 -9.87
CA LEU K 313 38.20 -19.55 -11.16
C LEU K 313 36.69 -19.76 -11.05
N THR K 314 35.94 -19.02 -11.86
CA THR K 314 34.48 -19.09 -11.91
C THR K 314 34.12 -19.94 -13.12
N ALA K 315 33.15 -20.82 -12.99
CA ALA K 315 32.73 -21.75 -14.08
C ALA K 315 31.27 -21.61 -14.50
N LEU K 316 31.04 -21.60 -15.81
CA LEU K 316 29.70 -21.62 -16.41
C LEU K 316 29.55 -22.84 -17.32
N PRO K 317 29.29 -24.03 -16.74
CA PRO K 317 29.03 -25.20 -17.57
C PRO K 317 27.64 -25.11 -18.21
N PHE K 318 27.48 -25.75 -19.37
CA PHE K 318 26.22 -25.75 -20.10
C PHE K 318 25.65 -27.16 -20.15
N ILE K 319 24.34 -27.29 -20.08
CA ILE K 319 23.63 -28.51 -20.39
C ILE K 319 22.50 -28.22 -21.37
N GLU K 320 22.36 -29.06 -22.39
CA GLU K 320 21.28 -28.96 -23.36
C GLU K 320 20.26 -30.03 -23.03
N THR K 321 19.09 -29.60 -22.56
CA THR K 321 17.96 -30.49 -22.29
C THR K 321 17.22 -30.87 -23.55
N GLN K 322 16.41 -31.92 -23.44
CA GLN K 322 15.49 -32.36 -24.49
C GLN K 322 14.05 -32.13 -24.00
N ALA K 323 13.31 -31.27 -24.70
CA ALA K 323 11.91 -30.96 -24.38
C ALA K 323 11.76 -30.43 -22.93
N GLY K 324 12.72 -29.66 -22.48
CA GLY K 324 12.68 -29.06 -21.15
C GLY K 324 12.82 -30.04 -19.98
N ASP K 325 13.29 -31.26 -20.23
CA ASP K 325 13.38 -32.29 -19.18
C ASP K 325 14.64 -32.07 -18.35
N VAL K 326 14.53 -31.27 -17.29
CA VAL K 326 15.65 -31.03 -16.36
C VAL K 326 15.83 -32.15 -15.34
N SER K 327 14.91 -33.10 -15.30
CA SER K 327 15.00 -34.26 -14.42
C SER K 327 15.69 -35.46 -15.05
N ALA K 328 16.21 -35.32 -16.26
CA ALA K 328 16.96 -36.41 -16.91
C ALA K 328 18.27 -36.71 -16.18
N TYR K 329 18.91 -37.82 -16.53
CA TYR K 329 20.08 -38.30 -15.77
C TYR K 329 21.24 -37.31 -15.78
N ILE K 330 21.72 -36.93 -16.98
CA ILE K 330 22.90 -36.08 -17.08
C ILE K 330 22.61 -34.66 -16.54
N PRO K 331 21.44 -34.07 -16.86
CA PRO K 331 21.15 -32.78 -16.27
C PRO K 331 21.12 -32.75 -14.74
N THR K 332 20.49 -33.74 -14.12
CA THR K 332 20.47 -33.84 -12.65
C THR K 332 21.88 -34.02 -12.07
N ASN K 333 22.75 -34.74 -12.77
CA ASN K 333 24.15 -34.90 -12.34
C ASN K 333 24.79 -33.52 -12.18
N VAL K 334 24.73 -32.73 -13.25
CA VAL K 334 25.40 -31.45 -13.29
C VAL K 334 24.74 -30.41 -12.38
N ILE K 335 23.42 -30.48 -12.24
CA ILE K 335 22.70 -29.66 -11.24
C ILE K 335 23.21 -29.94 -9.82
N SER K 336 23.40 -31.21 -9.48
CA SER K 336 23.87 -31.60 -8.14
C SER K 336 25.35 -31.29 -7.88
N ILE K 337 26.11 -30.98 -8.94
CA ILE K 337 27.51 -30.59 -8.82
C ILE K 337 27.70 -29.10 -8.58
N THR K 338 27.00 -28.27 -9.34
CA THR K 338 27.25 -26.83 -9.37
C THR K 338 26.65 -26.11 -8.15
N ASP K 339 26.85 -24.80 -8.06
CA ASP K 339 26.31 -23.96 -6.97
C ASP K 339 25.02 -23.22 -7.38
N GLY K 340 24.16 -23.89 -8.12
CA GLY K 340 22.98 -23.28 -8.69
C GLY K 340 22.90 -23.43 -10.17
N GLN K 341 21.77 -23.00 -10.72
CA GLN K 341 21.53 -23.09 -12.14
C GLN K 341 20.62 -21.97 -12.65
N ILE K 342 20.76 -21.66 -13.92
CA ILE K 342 19.89 -20.74 -14.64
C ILE K 342 19.19 -21.58 -15.71
N PHE K 343 17.92 -21.88 -15.47
CA PHE K 343 17.10 -22.66 -16.42
C PHE K 343 16.40 -21.75 -17.38
N LEU K 344 16.53 -22.01 -18.68
CA LEU K 344 15.85 -21.27 -19.75
C LEU K 344 14.77 -22.13 -20.42
N GLU K 345 13.60 -21.56 -20.70
CA GLU K 345 12.48 -22.31 -21.28
C GLU K 345 11.97 -21.74 -22.59
N SER K 346 11.55 -22.60 -23.52
CA SER K 346 11.00 -22.19 -24.81
C SER K 346 9.69 -21.45 -24.69
N ASP K 347 8.79 -21.98 -23.88
CA ASP K 347 7.50 -21.32 -23.61
C ASP K 347 7.67 -19.88 -23.14
N LEU K 348 8.59 -19.67 -22.22
CA LEU K 348 8.92 -18.30 -21.79
C LEU K 348 9.47 -17.44 -22.91
N PHE K 349 10.42 -18.00 -23.65
CA PHE K 349 11.10 -17.29 -24.75
C PHE K 349 10.07 -16.78 -25.77
N TYR K 350 9.20 -17.66 -26.23
CA TYR K 350 8.23 -17.31 -27.24
C TYR K 350 7.07 -16.41 -26.76
N SER K 351 6.83 -16.42 -25.45
CA SER K 351 5.90 -15.47 -24.83
C SER K 351 6.49 -14.06 -24.57
N GLY K 352 7.75 -13.84 -24.97
CA GLY K 352 8.40 -12.54 -24.85
C GLY K 352 9.23 -12.30 -23.59
N VAL K 353 9.32 -13.29 -22.70
CA VAL K 353 10.21 -13.22 -21.56
C VAL K 353 11.60 -13.62 -22.04
N ARG K 354 12.44 -12.62 -22.30
CA ARG K 354 13.81 -12.82 -22.77
C ARG K 354 14.72 -11.87 -22.00
N PRO K 355 15.77 -12.35 -21.30
CA PRO K 355 16.20 -13.75 -21.24
C PRO K 355 15.17 -14.63 -20.56
N ALA K 356 15.05 -15.87 -21.03
CA ALA K 356 13.92 -16.72 -20.70
C ALA K 356 14.06 -17.51 -19.42
N VAL K 357 14.33 -16.80 -18.34
CA VAL K 357 14.72 -17.41 -17.08
C VAL K 357 13.48 -17.89 -16.32
N ASN K 358 13.40 -19.21 -16.16
CA ASN K 358 12.47 -19.83 -15.24
C ASN K 358 12.93 -19.50 -13.83
N VAL K 359 12.19 -18.63 -13.19
CA VAL K 359 12.52 -18.11 -11.88
C VAL K 359 12.33 -19.16 -10.77
N GLY K 360 11.32 -20.02 -10.93
CA GLY K 360 11.04 -21.04 -9.94
C GLY K 360 12.12 -22.09 -9.81
N ILE K 361 12.56 -22.63 -10.93
CA ILE K 361 13.55 -23.73 -10.98
C ILE K 361 15.00 -23.22 -10.86
N SER K 362 15.28 -22.00 -11.32
CA SER K 362 16.63 -21.42 -11.21
C SER K 362 16.98 -21.04 -9.80
N VAL K 363 18.27 -21.00 -9.49
CA VAL K 363 18.78 -20.59 -8.17
C VAL K 363 20.26 -20.30 -8.15
N SER K 364 20.67 -19.44 -7.22
CA SER K 364 22.08 -19.27 -6.83
C SER K 364 22.30 -19.67 -5.38
N ARG K 365 23.02 -20.76 -5.15
CA ARG K 365 23.32 -21.29 -3.83
C ARG K 365 24.24 -20.38 -3.04
N VAL K 366 25.02 -19.53 -3.72
CA VAL K 366 25.85 -18.50 -3.10
C VAL K 366 25.01 -17.31 -2.64
N GLY K 367 24.13 -16.84 -3.53
CA GLY K 367 23.14 -15.82 -3.20
C GLY K 367 23.73 -14.46 -2.90
N GLY K 368 23.21 -13.82 -1.85
CA GLY K 368 23.56 -12.47 -1.45
C GLY K 368 25.02 -12.13 -1.29
N ALA K 369 25.75 -13.14 -0.83
CA ALA K 369 27.22 -13.08 -0.71
C ALA K 369 27.92 -12.63 -2.00
N ALA K 370 27.34 -12.93 -3.17
CA ALA K 370 27.93 -12.56 -4.49
C ALA K 370 27.33 -11.28 -5.10
N GLN K 371 26.90 -10.36 -4.25
CA GLN K 371 26.19 -9.15 -4.65
C GLN K 371 26.71 -7.98 -3.82
N ILE K 372 26.78 -6.80 -4.43
CA ILE K 372 27.04 -5.58 -3.67
C ILE K 372 25.85 -5.25 -2.77
N LYS K 373 26.10 -4.65 -1.61
CA LYS K 373 25.07 -4.46 -0.57
C LYS K 373 23.81 -3.76 -1.07
N ALA K 374 23.96 -2.85 -2.01
CA ALA K 374 22.82 -2.17 -2.63
C ALA K 374 21.87 -3.16 -3.31
N MET K 375 22.45 -4.06 -4.09
CA MET K 375 21.70 -5.06 -4.87
C MET K 375 21.11 -6.13 -3.96
N LYS K 376 21.86 -6.53 -2.96
CA LYS K 376 21.36 -7.48 -1.95
C LYS K 376 20.16 -6.92 -1.22
N LYS K 377 20.11 -5.61 -1.03
CA LYS K 377 19.01 -4.95 -0.34
C LYS K 377 17.74 -4.91 -1.19
N VAL K 378 17.87 -4.41 -2.42
CA VAL K 378 16.71 -4.24 -3.31
C VAL K 378 16.19 -5.57 -3.85
N ALA K 379 17.08 -6.54 -4.05
CA ALA K 379 16.70 -7.82 -4.62
C ALA K 379 16.31 -8.82 -3.57
N GLY K 380 16.43 -8.54 -2.30
CA GLY K 380 16.56 -9.63 -1.29
C GLY K 380 15.63 -10.82 -1.46
N THR K 381 14.34 -10.53 -1.58
CA THR K 381 13.29 -11.55 -1.73
C THR K 381 12.78 -11.63 -3.15
N LEU K 382 13.47 -11.10 -4.16
CA LEU K 382 12.89 -10.87 -5.48
C LEU K 382 12.53 -12.20 -6.15
N ARG K 383 13.46 -13.16 -6.04
CA ARG K 383 13.28 -14.47 -6.65
C ARG K 383 12.10 -15.21 -6.03
N LEU K 384 12.08 -15.29 -4.70
CA LEU K 384 10.93 -15.89 -3.98
C LEU K 384 9.61 -15.14 -4.27
N ASP K 385 9.65 -13.82 -4.39
CA ASP K 385 8.44 -13.02 -4.72
C ASP K 385 7.90 -13.37 -6.12
N LEU K 386 8.77 -13.52 -7.10
CA LEU K 386 8.37 -13.87 -8.46
C LEU K 386 7.95 -15.32 -8.65
N ALA K 387 8.59 -16.22 -7.91
CA ALA K 387 8.19 -17.64 -7.88
C ALA K 387 6.73 -17.80 -7.38
N GLN K 388 6.38 -17.01 -6.37
CA GLN K 388 5.01 -16.91 -5.84
C GLN K 388 4.08 -16.22 -6.80
N TYR K 389 4.57 -15.22 -7.51
CA TYR K 389 3.80 -14.53 -8.56
C TYR K 389 3.41 -15.51 -9.66
N ARG K 390 4.39 -16.27 -10.16
CA ARG K 390 4.16 -17.20 -11.27
C ARG K 390 3.20 -18.32 -10.91
N GLU K 391 3.24 -18.78 -9.66
CA GLU K 391 2.26 -19.76 -9.17
C GLU K 391 0.87 -19.15 -9.06
N LEU K 392 0.77 -17.99 -8.42
CA LEU K 392 -0.51 -17.28 -8.23
C LEU K 392 -1.12 -16.78 -9.55
N GLN K 393 -0.31 -16.51 -10.55
CA GLN K 393 -0.78 -16.17 -11.89
C GLN K 393 -1.43 -17.38 -12.59
N ALA K 394 -0.83 -18.54 -12.40
CA ALA K 394 -1.36 -19.77 -13.06
C ALA K 394 -2.74 -20.12 -12.48
N PHE K 395 -2.90 -19.92 -11.17
CA PHE K 395 -4.14 -20.27 -10.43
C PHE K 395 -5.30 -19.19 -10.53
N ALA K 396 -4.93 -18.00 -11.01
CA ALA K 396 -5.85 -16.88 -11.17
C ALA K 396 -6.63 -16.86 -12.52
N GLN K 397 -6.03 -17.46 -13.56
CA GLN K 397 -6.75 -17.76 -14.80
C GLN K 397 -7.73 -18.95 -14.70
N PHE K 398 -7.74 -19.67 -13.58
CA PHE K 398 -8.73 -20.72 -13.30
C PHE K 398 -9.88 -20.17 -12.40
N GLY K 399 -10.54 -19.10 -12.85
CA GLY K 399 -11.69 -18.58 -12.19
C GLY K 399 -11.37 -17.63 -11.05
N SER K 400 -12.45 -17.25 -10.39
CA SER K 400 -12.48 -16.25 -9.26
C SER K 400 -12.29 -14.75 -9.68
N ASP K 401 -13.04 -13.80 -9.10
CA ASP K 401 -12.72 -12.36 -9.17
C ASP K 401 -11.89 -11.97 -7.92
N LEU K 402 -10.62 -11.63 -8.05
CA LEU K 402 -9.70 -11.78 -6.92
C LEU K 402 -9.81 -10.65 -5.92
N ASP K 403 -9.62 -10.97 -4.63
CA ASP K 403 -9.52 -9.94 -3.58
C ASP K 403 -8.39 -8.96 -3.85
N LYS K 404 -8.53 -7.75 -3.33
CA LYS K 404 -7.65 -6.61 -3.67
C LYS K 404 -6.17 -6.83 -3.28
N ALA K 405 -5.91 -7.68 -2.29
CA ALA K 405 -4.54 -8.01 -1.87
C ALA K 405 -3.80 -8.77 -2.94
N THR K 406 -4.41 -9.83 -3.47
CA THR K 406 -3.78 -10.67 -4.51
C THR K 406 -3.75 -9.93 -5.86
N GLN K 407 -4.77 -9.11 -6.13
CA GLN K 407 -4.75 -8.26 -7.33
C GLN K 407 -3.49 -7.38 -7.42
N ALA K 408 -3.15 -6.75 -6.31
CA ALA K 408 -1.98 -5.85 -6.21
C ALA K 408 -0.66 -6.61 -6.39
N LYS K 409 -0.59 -7.80 -5.80
CA LYS K 409 0.56 -8.70 -5.97
C LYS K 409 0.78 -9.12 -7.43
N LEU K 410 -0.30 -9.38 -8.14
CA LEU K 410 -0.24 -9.65 -9.57
C LEU K 410 0.19 -8.42 -10.39
N ASN K 411 -0.30 -7.25 -10.03
CA ASN K 411 0.08 -5.99 -10.70
C ASN K 411 1.53 -5.60 -10.47
N ARG K 412 2.03 -5.79 -9.25
CA ARG K 412 3.45 -5.62 -8.97
C ARG K 412 4.30 -6.64 -9.75
N GLY K 413 3.85 -7.88 -9.75
CA GLY K 413 4.52 -8.98 -10.47
C GLY K 413 4.70 -8.75 -11.96
N GLU K 414 3.64 -8.38 -12.68
CA GLU K 414 3.76 -8.13 -14.12
C GLU K 414 4.76 -7.04 -14.46
N ARG K 415 4.86 -6.05 -13.57
CA ARG K 415 5.76 -4.93 -13.77
C ARG K 415 7.22 -5.33 -13.53
N THR K 416 7.49 -6.08 -12.46
CA THR K 416 8.86 -6.56 -12.19
C THR K 416 9.33 -7.53 -13.31
N VAL K 417 8.41 -8.33 -13.86
CA VAL K 417 8.72 -9.19 -14.98
C VAL K 417 9.21 -8.37 -16.17
N GLU K 418 8.55 -7.24 -16.45
CA GLU K 418 8.92 -6.35 -17.54
C GLU K 418 10.31 -5.74 -17.35
N ILE K 419 10.64 -5.42 -16.11
CA ILE K 419 11.96 -4.90 -15.76
C ILE K 419 13.06 -5.91 -16.06
N LEU K 420 12.79 -7.20 -15.75
CA LEU K 420 13.78 -8.27 -15.92
C LEU K 420 13.92 -8.79 -17.35
N LYS K 421 13.02 -8.37 -18.24
CA LYS K 421 13.25 -8.50 -19.67
C LYS K 421 14.40 -7.59 -20.05
N GLN K 422 15.17 -7.99 -21.04
CA GLN K 422 16.40 -7.31 -21.39
C GLN K 422 16.88 -7.72 -22.77
N ASP K 423 17.26 -6.80 -23.62
CA ASP K 423 17.79 -7.16 -24.93
C ASP K 423 19.15 -7.84 -24.86
N GLU K 424 19.43 -8.61 -25.88
CA GLU K 424 20.70 -9.32 -26.01
C GLU K 424 21.82 -8.33 -26.32
N HIS K 425 23.04 -8.64 -25.90
CA HIS K 425 24.23 -7.79 -26.06
C HIS K 425 23.96 -6.30 -25.66
N LYS K 426 23.22 -6.11 -24.56
CA LYS K 426 22.96 -4.78 -24.03
C LYS K 426 23.13 -4.80 -22.52
N PRO K 427 24.39 -4.88 -22.06
CA PRO K 427 24.64 -5.09 -20.65
C PRO K 427 24.35 -3.84 -19.86
N MET K 428 23.97 -4.02 -18.59
CA MET K 428 23.62 -2.88 -17.73
C MET K 428 24.66 -2.84 -16.60
N PRO K 429 25.17 -1.63 -16.28
CA PRO K 429 25.98 -1.50 -15.08
C PRO K 429 25.19 -1.84 -13.83
N VAL K 430 25.87 -2.36 -12.80
CA VAL K 430 25.15 -2.79 -11.58
C VAL K 430 24.45 -1.63 -10.88
N GLU K 431 25.08 -0.45 -10.87
CA GLU K 431 24.47 0.74 -10.29
C GLU K 431 23.13 1.12 -10.96
N GLU K 432 23.03 0.93 -12.27
CA GLU K 432 21.78 1.22 -13.00
C GLU K 432 20.73 0.13 -12.75
N GLN K 433 21.17 -1.12 -12.58
CA GLN K 433 20.26 -2.21 -12.23
C GLN K 433 19.63 -1.98 -10.86
N VAL K 434 20.45 -1.59 -9.88
CA VAL K 434 19.95 -1.35 -8.54
C VAL K 434 18.88 -0.25 -8.52
N ILE K 435 19.06 0.80 -9.31
CA ILE K 435 18.06 1.89 -9.38
C ILE K 435 16.76 1.39 -10.02
N SER K 436 16.91 0.65 -11.12
CA SER K 436 15.75 0.13 -11.84
C SER K 436 14.93 -0.84 -10.99
N ILE K 437 15.60 -1.72 -10.26
CA ILE K 437 14.95 -2.70 -9.40
C ILE K 437 14.35 -2.00 -8.18
N TYR K 438 15.07 -1.00 -7.64
CA TYR K 438 14.57 -0.17 -6.54
C TYR K 438 13.26 0.52 -6.93
N ALA K 439 13.23 1.09 -8.14
CA ALA K 439 12.06 1.80 -8.63
C ALA K 439 10.80 0.93 -8.62
N VAL K 440 10.90 -0.22 -9.27
CA VAL K 440 9.75 -1.12 -9.42
C VAL K 440 9.31 -1.79 -8.12
N THR K 441 10.27 -2.17 -7.26
CA THR K 441 9.97 -2.86 -6.01
C THR K 441 9.42 -1.95 -4.92
N ASN K 442 9.66 -0.64 -5.01
CA ASN K 442 9.09 0.33 -4.06
C ASN K 442 7.82 1.03 -4.60
N GLY K 443 7.29 0.55 -5.72
CA GLY K 443 6.00 0.95 -6.22
C GLY K 443 5.98 2.09 -7.22
N PHE K 444 7.15 2.59 -7.63
CA PHE K 444 7.20 3.78 -8.48
C PHE K 444 6.63 3.60 -9.89
N MET K 445 6.37 2.35 -10.29
CA MET K 445 5.72 2.06 -11.59
C MET K 445 4.30 1.50 -11.47
N ASP K 446 3.74 1.49 -10.26
CA ASP K 446 2.38 0.99 -10.05
C ASP K 446 1.28 1.78 -10.77
N ASP K 447 1.50 3.09 -10.99
CA ASP K 447 0.49 3.91 -11.76
C ASP K 447 0.75 3.93 -13.26
N ILE K 448 1.77 3.21 -13.72
CA ILE K 448 2.15 3.23 -15.12
C ILE K 448 1.58 1.97 -15.79
N PRO K 449 1.09 2.10 -17.03
CA PRO K 449 0.71 0.92 -17.81
C PRO K 449 1.82 -0.14 -17.94
N VAL K 450 1.44 -1.41 -17.97
CA VAL K 450 2.39 -2.51 -18.07
C VAL K 450 3.21 -2.41 -19.36
N GLU K 451 2.54 -2.06 -20.46
CA GLU K 451 3.24 -1.88 -21.76
C GLU K 451 4.26 -0.72 -21.79
N ASP K 452 4.11 0.25 -20.88
CA ASP K 452 5.05 1.38 -20.79
C ASP K 452 6.25 1.17 -19.86
N VAL K 453 6.26 0.09 -19.07
CA VAL K 453 7.29 -0.10 -18.04
C VAL K 453 8.72 -0.11 -18.60
N ARG K 454 8.92 -0.78 -19.73
CA ARG K 454 10.26 -0.91 -20.31
C ARG K 454 10.81 0.40 -20.86
N ARG K 455 9.94 1.23 -21.42
CA ARG K 455 10.30 2.57 -21.88
C ARG K 455 10.52 3.51 -20.70
N PHE K 456 9.70 3.39 -19.66
CA PHE K 456 9.87 4.12 -18.42
C PHE K 456 11.26 3.92 -17.82
N GLU K 457 11.74 2.67 -17.86
CA GLU K 457 13.07 2.33 -17.34
C GLU K 457 14.18 2.96 -18.17
N GLU K 458 14.10 2.82 -19.49
CA GLU K 458 15.09 3.38 -20.40
C GLU K 458 15.16 4.91 -20.24
N GLU K 459 13.99 5.56 -20.20
CA GLU K 459 13.91 7.01 -19.97
C GLU K 459 14.38 7.42 -18.58
N LEU K 460 14.09 6.60 -17.55
CA LEU K 460 14.54 6.88 -16.17
C LEU K 460 16.05 6.88 -16.05
N LEU K 461 16.69 5.85 -16.61
CA LEU K 461 18.13 5.71 -16.48
C LEU K 461 18.90 6.78 -17.25
N SER K 462 18.45 7.13 -18.46
CA SER K 462 19.06 8.26 -19.21
C SER K 462 18.92 9.58 -18.46
N PHE K 463 17.81 9.72 -17.73
CA PHE K 463 17.62 10.84 -16.82
C PHE K 463 18.62 10.79 -15.65
N MET K 464 18.71 9.64 -14.98
CA MET K 464 19.63 9.47 -13.84
C MET K 464 21.10 9.68 -14.25
N ARG K 465 21.48 9.20 -15.43
CA ARG K 465 22.86 9.38 -15.94
C ARG K 465 23.20 10.85 -16.21
N ALA K 466 22.30 11.54 -16.93
CA ALA K 466 22.50 12.94 -17.32
C ALA K 466 22.43 13.90 -16.13
N ASN K 467 21.44 13.70 -15.26
CA ASN K 467 21.11 14.68 -14.21
C ASN K 467 21.46 14.26 -12.76
N LYS K 468 21.34 12.98 -12.41
CA LYS K 468 21.52 12.53 -11.02
C LYS K 468 22.68 11.55 -10.85
N ASP K 469 23.78 11.80 -11.57
CA ASP K 469 24.92 10.89 -11.53
C ASP K 469 25.59 10.76 -10.16
N SER K 470 25.40 11.74 -9.30
CA SER K 470 25.93 11.67 -7.93
C SER K 470 25.33 10.49 -7.16
N LEU K 471 24.06 10.17 -7.43
CA LEU K 471 23.39 9.00 -6.82
C LEU K 471 23.92 7.65 -7.34
N LEU K 472 24.02 7.53 -8.66
CA LEU K 472 24.63 6.36 -9.31
C LEU K 472 26.07 6.14 -8.83
N ASP K 473 26.85 7.21 -8.78
CA ASP K 473 28.26 7.16 -8.38
C ASP K 473 28.43 6.68 -6.94
N HIS K 474 27.53 7.08 -6.04
CA HIS K 474 27.55 6.59 -4.66
C HIS K 474 27.64 5.06 -4.63
N ILE K 475 26.81 4.43 -5.46
CA ILE K 475 26.72 2.97 -5.52
C ILE K 475 28.00 2.36 -6.09
N ARG K 476 28.53 2.93 -7.20
CA ARG K 476 29.79 2.45 -7.79
C ARG K 476 30.98 2.47 -6.84
N GLN K 477 31.00 3.43 -5.91
CA GLN K 477 32.11 3.65 -5.00
C GLN K 477 31.93 2.87 -3.70
N THR K 478 30.80 3.07 -3.04
CA THR K 478 30.55 2.47 -1.71
C THR K 478 29.99 1.06 -1.79
N GLY K 479 29.27 0.76 -2.87
CA GLY K 479 28.49 -0.49 -2.97
C GLY K 479 27.22 -0.48 -2.12
N GLU K 480 26.85 0.68 -1.59
CA GLU K 480 25.73 0.84 -0.68
C GLU K 480 24.66 1.64 -1.40
N LEU K 481 23.42 1.55 -0.92
CA LEU K 481 22.37 2.42 -1.45
C LEU K 481 22.63 3.87 -1.04
N PRO K 482 22.24 4.85 -1.88
CA PRO K 482 22.26 6.23 -1.39
C PRO K 482 21.10 6.46 -0.41
N ASP K 483 20.99 7.69 0.09
CA ASP K 483 19.92 8.05 0.99
C ASP K 483 18.56 7.86 0.30
N THR K 484 17.72 6.98 0.87
CA THR K 484 16.46 6.60 0.23
C THR K 484 15.52 7.79 -0.04
N LYS K 485 15.58 8.83 0.80
CA LYS K 485 14.77 10.04 0.61
C LYS K 485 15.18 10.85 -0.62
N GLU K 486 16.48 10.99 -0.82
CA GLU K 486 17.07 11.64 -2.01
C GLU K 486 16.72 10.87 -3.28
N LEU K 487 16.74 9.54 -3.18
CA LEU K 487 16.49 8.66 -4.31
C LEU K 487 15.02 8.69 -4.73
N ASP K 488 14.13 8.59 -3.75
CA ASP K 488 12.68 8.70 -3.97
C ASP K 488 12.31 10.02 -4.66
N ALA K 489 12.89 11.11 -4.18
CA ALA K 489 12.68 12.44 -4.75
C ALA K 489 13.11 12.53 -6.21
N ALA K 490 14.30 11.98 -6.50
CA ALA K 490 14.88 12.02 -7.85
C ALA K 490 14.06 11.24 -8.89
N ILE K 491 13.45 10.14 -8.47
CA ILE K 491 12.57 9.35 -9.32
C ILE K 491 11.26 10.10 -9.54
N GLU K 492 10.70 10.65 -8.48
CA GLU K 492 9.43 11.41 -8.56
C GLU K 492 9.58 12.68 -9.40
N GLU K 493 10.80 13.23 -9.40
CA GLU K 493 11.19 14.33 -10.27
C GLU K 493 11.10 13.91 -11.74
N PHE K 494 11.68 12.75 -12.05
CA PHE K 494 11.63 12.18 -13.40
C PHE K 494 10.21 11.92 -13.86
N LYS K 495 9.43 11.33 -12.96
CA LYS K 495 8.04 10.95 -13.23
C LYS K 495 7.18 12.07 -13.79
N LYS K 496 7.38 13.28 -13.29
CA LYS K 496 6.61 14.46 -13.74
C LYS K 496 6.85 14.87 -15.21
N GLY K 497 7.94 14.39 -15.80
CA GLY K 497 8.20 14.57 -17.23
C GLY K 497 7.95 13.35 -18.10
N PHE K 498 7.27 12.35 -17.57
CA PHE K 498 6.96 11.11 -18.31
C PHE K 498 5.52 11.08 -18.79
N THR K 499 5.32 10.92 -20.09
CA THR K 499 3.98 10.82 -20.69
C THR K 499 3.67 9.33 -21.04
N PRO K 500 2.68 8.70 -20.35
CA PRO K 500 2.26 7.34 -20.69
C PRO K 500 1.72 7.18 -22.11
N SER K 501 1.37 5.98 -22.52
CA SER K 501 0.85 5.75 -23.88
C SER K 501 -0.66 5.50 -23.86
N ALA K 502 -1.20 5.00 -22.74
CA ALA K 502 -2.64 4.96 -22.49
C ALA K 502 -2.96 5.61 -21.14
N ASN L 2 55.32 -58.62 3.42
CA ASN L 2 54.33 -59.16 2.41
C ASN L 2 54.22 -58.22 1.18
N LYS L 3 55.09 -58.47 0.18
CA LYS L 3 55.23 -57.62 -1.00
C LYS L 3 54.52 -58.10 -2.27
N GLY L 4 54.23 -57.15 -3.16
CA GLY L 4 53.55 -57.42 -4.44
C GLY L 4 53.95 -56.49 -5.57
N ARG L 5 53.63 -56.90 -6.79
CA ARG L 5 53.99 -56.19 -8.03
C ARG L 5 52.70 -55.74 -8.69
N ILE L 6 52.63 -54.49 -9.17
CA ILE L 6 51.50 -54.03 -9.97
C ILE L 6 51.55 -54.71 -11.34
N ILE L 7 50.46 -55.39 -11.71
CA ILE L 7 50.35 -56.01 -13.03
C ILE L 7 49.47 -55.19 -13.98
N GLN L 8 48.39 -54.59 -13.48
CA GLN L 8 47.51 -53.71 -14.27
C GLN L 8 47.02 -52.47 -13.52
N VAL L 9 46.74 -51.42 -14.29
CA VAL L 9 46.12 -50.19 -13.79
C VAL L 9 45.02 -49.78 -14.79
N MET L 10 43.78 -49.73 -14.30
CA MET L 10 42.60 -49.45 -15.11
C MET L 10 41.71 -48.48 -14.34
N GLY L 11 41.92 -47.18 -14.54
CA GLY L 11 41.22 -46.16 -13.76
C GLY L 11 41.50 -46.33 -12.28
N PRO L 12 40.45 -46.35 -11.44
CA PRO L 12 40.68 -46.47 -10.01
C PRO L 12 40.90 -47.91 -9.51
N VAL L 13 41.17 -48.85 -10.43
CA VAL L 13 41.31 -50.25 -10.10
C VAL L 13 42.73 -50.70 -10.45
N VAL L 14 43.38 -51.34 -9.49
CA VAL L 14 44.77 -51.79 -9.62
C VAL L 14 44.83 -53.30 -9.30
N ASP L 15 45.34 -54.08 -10.25
CA ASP L 15 45.61 -55.51 -10.05
C ASP L 15 47.04 -55.69 -9.59
N ILE L 16 47.23 -56.44 -8.50
CA ILE L 16 48.53 -56.58 -7.86
C ILE L 16 48.79 -58.07 -7.68
N GLN L 17 49.96 -58.54 -8.10
CA GLN L 17 50.35 -59.93 -7.93
C GLN L 17 51.22 -60.11 -6.68
N PHE L 18 50.86 -61.07 -5.84
CA PHE L 18 51.64 -61.40 -4.64
C PHE L 18 52.22 -62.82 -4.77
N GLU L 19 53.02 -63.23 -3.80
CA GLU L 19 53.61 -64.57 -3.81
C GLU L 19 52.70 -65.58 -3.13
N SER L 20 52.77 -66.82 -3.62
CA SER L 20 51.97 -67.95 -3.21
C SER L 20 51.71 -67.99 -1.70
N GLY L 21 50.47 -67.77 -1.38
CA GLY L 21 50.00 -67.89 0.03
C GLY L 21 50.34 -66.77 0.98
N GLN L 22 50.82 -65.63 0.46
CA GLN L 22 50.97 -64.37 1.19
C GLN L 22 50.06 -63.31 0.48
N LEU L 23 48.77 -63.65 0.40
CA LEU L 23 47.77 -62.81 -0.22
C LEU L 23 47.06 -62.01 0.85
N PRO L 24 46.93 -60.68 0.66
CA PRO L 24 46.18 -59.88 1.63
C PRO L 24 44.73 -60.28 1.72
N ASP L 25 44.17 -60.26 2.94
CA ASP L 25 42.74 -60.41 3.15
C ASP L 25 41.94 -59.36 2.40
N ILE L 26 40.69 -59.69 2.08
CA ILE L 26 39.79 -58.73 1.46
C ILE L 26 39.58 -57.57 2.44
N TYR L 27 39.52 -56.36 1.89
CA TYR L 27 39.42 -55.10 2.63
C TYR L 27 40.73 -54.63 3.31
N ASN L 28 41.84 -55.30 3.06
CA ASN L 28 43.14 -54.85 3.60
C ASN L 28 43.68 -53.65 2.86
N ALA L 29 44.29 -52.73 3.61
CA ALA L 29 44.99 -51.59 3.03
C ALA L 29 46.34 -52.04 2.48
N ILE L 30 46.73 -51.47 1.34
CA ILE L 30 47.97 -51.81 0.64
C ILE L 30 48.60 -50.49 0.17
N THR L 31 49.88 -50.27 0.47
CA THR L 31 50.55 -49.03 0.09
C THR L 31 51.44 -49.23 -1.14
N ILE L 32 51.44 -48.24 -2.02
CA ILE L 32 52.30 -48.19 -3.20
C ILE L 32 53.04 -46.85 -3.18
N GLU L 33 54.36 -46.88 -3.20
CA GLU L 33 55.16 -45.65 -3.25
C GLU L 33 55.10 -45.14 -4.69
N ARG L 34 54.64 -43.90 -4.87
CA ARG L 34 54.55 -43.29 -6.20
C ARG L 34 55.93 -42.95 -6.76
N PRO L 35 56.15 -43.13 -8.08
CA PRO L 35 57.37 -42.61 -8.72
C PRO L 35 57.57 -41.11 -8.51
N GLN L 36 56.49 -40.37 -8.52
CA GLN L 36 56.48 -38.91 -8.33
C GLN L 36 56.72 -38.49 -6.86
N GLY L 37 56.87 -39.46 -5.94
CA GLY L 37 56.89 -39.18 -4.50
C GLY L 37 55.50 -39.27 -3.89
N GLY L 38 55.45 -39.68 -2.63
CA GLY L 38 54.19 -39.84 -1.91
C GLY L 38 53.68 -41.27 -1.99
N THR L 39 52.71 -41.57 -1.13
CA THR L 39 52.14 -42.92 -1.01
C THR L 39 50.68 -42.93 -1.52
N LEU L 40 50.36 -43.92 -2.34
CA LEU L 40 48.98 -44.23 -2.73
C LEU L 40 48.51 -45.41 -1.91
N THR L 41 47.49 -45.21 -1.09
CA THR L 41 46.83 -46.31 -0.39
C THR L 41 45.78 -46.92 -1.31
N VAL L 42 45.53 -48.21 -1.15
CA VAL L 42 44.71 -49.01 -2.06
C VAL L 42 44.06 -50.12 -1.22
N GLU L 43 42.84 -50.52 -1.57
CA GLU L 43 42.06 -51.48 -0.76
C GLU L 43 41.76 -52.75 -1.53
N ALA L 44 42.10 -53.90 -0.96
CA ALA L 44 41.90 -55.19 -1.62
C ALA L 44 40.41 -55.51 -1.72
N ALA L 45 39.98 -56.00 -2.88
CA ALA L 45 38.55 -56.23 -3.16
C ALA L 45 38.23 -57.64 -3.62
N VAL L 46 38.94 -58.12 -4.62
CA VAL L 46 38.69 -59.44 -5.21
C VAL L 46 40.00 -60.21 -5.28
N HIS L 47 39.93 -61.53 -5.09
CA HIS L 47 41.05 -62.43 -5.32
C HIS L 47 40.79 -63.11 -6.66
N LEU L 48 41.48 -62.65 -7.70
CA LEU L 48 41.21 -63.09 -9.07
C LEU L 48 41.73 -64.49 -9.39
N GLY L 49 42.64 -65.02 -8.57
CA GLY L 49 43.34 -66.28 -8.86
C GLY L 49 44.71 -66.00 -9.43
N ASP L 50 45.54 -67.05 -9.51
CA ASP L 50 46.97 -66.94 -9.84
C ASP L 50 47.68 -65.91 -8.97
N ASN L 51 47.32 -65.88 -7.68
CA ASN L 51 47.89 -64.96 -6.70
C ASN L 51 47.80 -63.46 -7.04
N VAL L 52 46.69 -63.08 -7.69
CA VAL L 52 46.41 -61.70 -8.04
C VAL L 52 45.25 -61.20 -7.18
N VAL L 53 45.33 -59.93 -6.79
CA VAL L 53 44.25 -59.27 -6.04
C VAL L 53 43.89 -57.99 -6.79
N ARG L 54 42.60 -57.84 -7.09
CA ARG L 54 42.08 -56.62 -7.67
C ARG L 54 41.75 -55.67 -6.54
N CYS L 55 42.23 -54.44 -6.65
CA CYS L 55 42.14 -53.49 -5.55
C CYS L 55 41.56 -52.15 -6.00
N VAL L 56 40.85 -51.49 -5.09
CA VAL L 56 40.21 -50.19 -5.35
C VAL L 56 41.02 -49.05 -4.73
N ALA L 57 41.51 -48.15 -5.59
CA ALA L 57 42.36 -47.05 -5.17
C ALA L 57 41.62 -45.98 -4.36
N MET L 58 42.27 -45.43 -3.34
CA MET L 58 41.74 -44.36 -2.50
C MET L 58 42.25 -42.96 -2.89
N ALA L 59 43.00 -42.89 -4.00
CA ALA L 59 43.43 -41.63 -4.62
C ALA L 59 43.79 -41.89 -6.07
N SER L 60 44.19 -40.85 -6.79
CA SER L 60 44.43 -40.97 -8.24
C SER L 60 45.50 -42.04 -8.56
N THR L 61 45.24 -42.79 -9.64
CA THR L 61 46.19 -43.77 -10.16
C THR L 61 47.02 -43.23 -11.34
N ASP L 62 46.83 -41.96 -11.70
CA ASP L 62 47.68 -41.32 -12.71
C ASP L 62 49.11 -41.30 -12.16
N GLY L 63 50.07 -41.61 -13.02
CA GLY L 63 51.48 -41.66 -12.66
C GLY L 63 52.01 -43.04 -12.28
N LEU L 64 51.13 -44.01 -12.00
CA LEU L 64 51.58 -45.37 -11.70
C LEU L 64 52.14 -46.07 -12.90
N VAL L 65 53.02 -47.03 -12.63
CA VAL L 65 53.74 -47.80 -13.63
C VAL L 65 53.57 -49.27 -13.27
N ARG L 66 53.47 -50.13 -14.27
CA ARG L 66 53.41 -51.57 -14.03
C ARG L 66 54.75 -52.03 -13.46
N GLY L 67 54.70 -52.93 -12.50
CA GLY L 67 55.90 -53.50 -11.88
C GLY L 67 56.36 -52.80 -10.62
N LEU L 68 55.61 -51.79 -10.15
CA LEU L 68 55.95 -51.12 -8.88
C LEU L 68 55.70 -52.03 -7.68
N GLU L 69 56.46 -51.78 -6.62
CA GLU L 69 56.30 -52.52 -5.39
C GLU L 69 55.08 -52.03 -4.62
N ALA L 70 54.33 -52.98 -4.08
CA ALA L 70 53.16 -52.71 -3.24
C ALA L 70 53.28 -53.52 -1.96
N VAL L 71 52.90 -52.93 -0.82
CA VAL L 71 53.09 -53.54 0.48
C VAL L 71 51.76 -53.76 1.22
N ASP L 72 51.46 -55.01 1.58
CA ASP L 72 50.29 -55.34 2.43
C ASP L 72 50.53 -54.79 3.84
N THR L 73 49.64 -53.94 4.33
CA THR L 73 49.72 -53.44 5.70
C THR L 73 49.25 -54.46 6.73
N GLY L 74 48.53 -55.50 6.27
CA GLY L 74 48.12 -56.61 7.12
C GLY L 74 46.76 -56.46 7.82
N ALA L 75 46.11 -55.32 7.61
CA ALA L 75 44.80 -55.02 8.18
C ALA L 75 44.05 -53.99 7.34
N PRO L 76 42.73 -53.83 7.55
CA PRO L 76 41.98 -52.78 6.83
C PRO L 76 42.48 -51.37 7.08
N ILE L 77 41.89 -50.39 6.39
CA ILE L 77 42.21 -49.00 6.65
C ILE L 77 41.85 -48.72 8.09
N SER L 78 42.83 -48.18 8.84
CA SER L 78 42.66 -47.92 10.26
C SER L 78 42.82 -46.45 10.59
N VAL L 79 41.98 -45.98 11.51
CA VAL L 79 41.66 -44.58 11.63
C VAL L 79 41.66 -44.17 13.12
N PRO L 80 42.13 -42.93 13.45
CA PRO L 80 42.12 -42.50 14.86
C PRO L 80 40.71 -42.35 15.43
N VAL L 81 40.52 -42.74 16.68
CA VAL L 81 39.23 -42.57 17.38
C VAL L 81 39.46 -41.86 18.72
N GLY L 82 38.36 -41.46 19.36
CA GLY L 82 38.40 -40.81 20.67
C GLY L 82 38.60 -39.32 20.61
N LYS L 83 38.96 -38.74 21.76
CA LYS L 83 38.90 -37.28 21.97
C LYS L 83 39.88 -36.49 21.11
N ALA L 84 40.95 -37.13 20.64
CA ALA L 84 41.90 -36.49 19.72
C ALA L 84 41.30 -36.11 18.35
N THR L 85 40.20 -36.79 17.97
CA THR L 85 39.47 -36.50 16.72
C THR L 85 38.64 -35.22 16.79
N LEU L 86 38.17 -34.87 17.99
CA LEU L 86 37.35 -33.67 18.21
C LEU L 86 38.05 -32.41 17.79
N GLY L 87 37.34 -31.53 17.09
CA GLY L 87 37.91 -30.26 16.56
C GLY L 87 38.72 -30.39 15.30
N ARG L 88 38.92 -31.63 14.81
CA ARG L 88 39.83 -31.90 13.71
C ARG L 88 39.07 -32.26 12.42
N VAL L 89 39.78 -32.13 11.30
CA VAL L 89 39.24 -32.47 9.98
C VAL L 89 40.12 -33.54 9.32
N PHE L 90 39.50 -34.66 8.95
CA PHE L 90 40.19 -35.82 8.39
C PHE L 90 39.80 -36.11 6.96
N ASN L 91 40.65 -36.88 6.28
CA ASN L 91 40.32 -37.49 5.01
C ASN L 91 39.91 -38.94 5.27
N VAL L 92 39.67 -39.71 4.20
CA VAL L 92 39.27 -41.13 4.34
C VAL L 92 40.25 -42.02 5.11
N LEU L 93 41.54 -41.73 5.00
CA LEU L 93 42.58 -42.55 5.63
C LEU L 93 42.78 -42.25 7.12
N GLY L 94 42.12 -41.22 7.66
CA GLY L 94 42.31 -40.80 9.04
C GLY L 94 43.47 -39.84 9.26
N GLU L 95 44.06 -39.36 8.16
CA GLU L 95 45.11 -38.36 8.20
C GLU L 95 44.44 -37.00 8.35
N PRO L 96 44.96 -36.13 9.22
CA PRO L 96 44.35 -34.80 9.35
C PRO L 96 44.67 -33.92 8.15
N ILE L 97 43.68 -33.16 7.70
CA ILE L 97 43.83 -32.23 6.55
C ILE L 97 43.58 -30.76 6.95
N ASP L 98 43.59 -30.49 8.25
CA ASP L 98 43.38 -29.11 8.78
C ASP L 98 44.70 -28.38 9.07
N GLU L 99 45.83 -29.01 8.76
CA GLU L 99 47.16 -28.43 8.95
C GLU L 99 47.42 -28.04 10.41
N GLN L 100 47.04 -28.92 11.33
CA GLN L 100 47.23 -28.72 12.79
C GLN L 100 48.04 -29.84 13.42
N GLY L 101 49.02 -30.39 12.68
CA GLY L 101 49.92 -31.42 13.22
C GLY L 101 49.26 -32.75 13.51
N GLU L 102 50.01 -33.64 14.15
CA GLU L 102 49.56 -35.03 14.38
C GLU L 102 48.36 -35.11 15.30
N VAL L 103 47.69 -36.25 15.26
CA VAL L 103 46.54 -36.55 16.09
C VAL L 103 47.00 -37.56 17.13
N ASN L 104 47.11 -37.15 18.37
CA ASN L 104 47.67 -38.02 19.42
C ASN L 104 46.54 -38.82 20.05
N ALA L 105 46.10 -39.84 19.31
CA ALA L 105 45.02 -40.72 19.73
C ALA L 105 45.59 -42.00 20.24
N GLU L 106 45.04 -42.49 21.35
CA GLU L 106 45.52 -43.75 21.91
C GLU L 106 45.24 -44.94 21.01
N GLU L 107 44.09 -44.95 20.33
CA GLU L 107 43.69 -46.12 19.51
C GLU L 107 43.40 -45.79 18.07
N ARG L 108 43.50 -46.82 17.24
CA ARG L 108 43.19 -46.68 15.80
C ARG L 108 42.39 -47.91 15.40
N HIS L 109 41.13 -47.70 15.02
CA HIS L 109 40.20 -48.79 14.73
C HIS L 109 40.12 -49.03 13.23
N PRO L 110 39.85 -50.29 12.81
CA PRO L 110 39.65 -50.55 11.39
C PRO L 110 38.24 -50.11 10.97
N ILE L 111 38.13 -49.53 9.76
CA ILE L 111 36.85 -48.98 9.28
C ILE L 111 35.80 -50.02 8.84
N HIS L 112 36.21 -51.26 8.64
CA HIS L 112 35.31 -52.39 8.35
C HIS L 112 35.04 -53.21 9.59
N ARG L 113 33.81 -53.69 9.73
CA ARG L 113 33.30 -54.11 11.01
C ARG L 113 31.88 -54.68 10.84
N PRO L 114 31.57 -55.82 11.52
CA PRO L 114 30.19 -56.29 11.50
C PRO L 114 29.19 -55.40 12.22
N ALA L 115 27.91 -55.55 11.88
CA ALA L 115 26.86 -54.72 12.47
C ALA L 115 26.57 -55.19 13.88
N PRO L 116 26.09 -54.28 14.76
CA PRO L 116 25.54 -54.65 16.06
C PRO L 116 24.55 -55.80 16.03
N GLU L 117 24.57 -56.63 17.07
CA GLU L 117 23.65 -57.77 17.21
C GLU L 117 22.22 -57.28 17.39
N PHE L 118 21.27 -58.15 17.11
CA PHE L 118 19.84 -57.88 17.37
C PHE L 118 19.55 -57.51 18.83
N GLU L 119 20.25 -58.21 19.73
CA GLU L 119 20.13 -58.04 21.19
C GLU L 119 20.47 -56.62 21.63
N GLU L 120 21.42 -55.97 20.94
CA GLU L 120 21.90 -54.64 21.30
C GLU L 120 20.95 -53.47 20.95
N LEU L 121 19.91 -53.72 20.17
CA LEU L 121 19.09 -52.65 19.57
C LEU L 121 17.81 -52.45 20.37
N SER L 122 17.46 -51.18 20.63
CA SER L 122 16.09 -50.75 20.98
C SER L 122 15.36 -50.03 19.79
N THR L 123 14.26 -49.39 20.09
CA THR L 123 13.66 -48.31 19.21
C THR L 123 13.65 -46.92 19.87
N ALA L 124 13.73 -45.88 19.04
CA ALA L 124 13.68 -44.47 19.53
C ALA L 124 12.29 -43.82 19.57
N ASP L 125 11.68 -43.64 20.75
CA ASP L 125 10.31 -43.22 20.90
C ASP L 125 10.14 -41.80 21.40
N GLU L 126 11.19 -40.99 21.44
CA GLU L 126 11.13 -39.70 22.11
C GLU L 126 11.41 -38.58 21.10
N ILE L 127 10.48 -37.64 20.96
CA ILE L 127 10.56 -36.62 19.90
C ILE L 127 11.80 -35.71 20.04
N LEU L 128 12.42 -35.41 18.91
CA LEU L 128 13.45 -34.37 18.81
C LEU L 128 12.84 -33.16 18.11
N GLU L 129 12.67 -32.07 18.87
CA GLU L 129 12.18 -30.80 18.32
C GLU L 129 13.28 -30.22 17.44
N THR L 130 12.94 -29.94 16.18
CA THR L 130 13.85 -29.33 15.21
C THR L 130 13.64 -27.82 15.09
N GLY L 131 12.46 -27.33 15.48
CA GLY L 131 12.08 -25.95 15.22
C GLY L 131 11.59 -25.68 13.81
N ILE L 132 11.47 -26.72 12.98
CA ILE L 132 11.03 -26.58 11.59
C ILE L 132 9.61 -27.14 11.48
N LYS L 133 8.68 -26.29 11.07
CA LYS L 133 7.25 -26.58 11.21
C LYS L 133 6.81 -27.86 10.52
N VAL L 134 7.19 -28.00 9.25
CA VAL L 134 6.76 -29.14 8.44
C VAL L 134 7.20 -30.47 9.05
N ILE L 135 8.43 -30.53 9.55
CA ILE L 135 8.98 -31.74 10.13
C ILE L 135 8.31 -32.05 11.45
N ASP L 136 8.37 -31.09 12.40
CA ASP L 136 7.81 -31.29 13.74
C ASP L 136 6.35 -31.74 13.70
N LEU L 137 5.57 -31.16 12.79
CA LEU L 137 4.15 -31.45 12.70
C LEU L 137 3.87 -32.81 12.05
N LEU L 138 4.35 -33.01 10.82
CA LEU L 138 3.89 -34.10 9.93
C LEU L 138 4.78 -35.34 9.86
N ALA L 139 6.07 -35.18 10.12
CA ALA L 139 7.01 -36.28 10.05
C ALA L 139 8.13 -36.06 11.05
N PRO L 140 7.80 -36.03 12.36
CA PRO L 140 8.78 -35.63 13.39
C PRO L 140 9.95 -36.58 13.54
N TYR L 141 11.12 -36.04 13.85
CA TYR L 141 12.33 -36.82 14.09
C TYR L 141 12.31 -37.32 15.52
N ALA L 142 12.86 -38.52 15.74
CA ALA L 142 12.97 -39.12 17.07
C ALA L 142 14.45 -39.12 17.51
N LYS L 143 14.69 -38.90 18.80
CA LYS L 143 16.05 -38.89 19.37
C LYS L 143 16.61 -40.27 19.30
N GLY L 144 17.86 -40.39 18.89
CA GLY L 144 18.44 -41.73 18.67
C GLY L 144 17.93 -42.48 17.48
N GLY L 145 17.18 -41.81 16.59
CA GLY L 145 16.65 -42.45 15.38
C GLY L 145 17.48 -42.21 14.14
N LYS L 146 17.00 -42.78 13.04
CA LYS L 146 17.66 -42.57 11.73
C LYS L 146 16.71 -41.81 10.85
N ILE L 147 17.24 -40.73 10.27
CA ILE L 147 16.42 -39.71 9.68
C ILE L 147 17.00 -39.49 8.28
N GLY L 148 16.13 -39.53 7.28
CA GLY L 148 16.59 -39.35 5.91
C GLY L 148 16.06 -38.13 5.26
N LEU L 149 16.96 -37.37 4.64
CA LEU L 149 16.60 -36.20 3.82
C LEU L 149 16.72 -36.60 2.33
N PHE L 150 15.59 -36.89 1.70
CA PHE L 150 15.57 -37.25 0.28
C PHE L 150 15.31 -36.00 -0.57
N GLY L 151 16.06 -35.85 -1.65
CA GLY L 151 15.72 -34.86 -2.66
C GLY L 151 16.47 -35.03 -3.94
N GLY L 152 15.91 -34.50 -5.01
CA GLY L 152 16.61 -34.31 -6.29
C GLY L 152 17.65 -33.23 -6.23
N ALA L 153 18.28 -32.93 -7.35
CA ALA L 153 19.37 -31.96 -7.39
C ALA L 153 18.85 -30.52 -7.21
N GLY L 154 19.40 -29.79 -6.26
CA GLY L 154 19.07 -28.40 -6.02
C GLY L 154 17.76 -28.06 -5.32
N VAL L 155 17.24 -28.99 -4.52
CA VAL L 155 15.96 -28.79 -3.81
C VAL L 155 16.07 -28.38 -2.32
N GLY L 156 17.27 -28.48 -1.75
CA GLY L 156 17.49 -28.02 -0.36
C GLY L 156 17.92 -29.03 0.68
N LYS L 157 18.57 -30.12 0.26
CA LYS L 157 19.10 -31.13 1.19
C LYS L 157 20.18 -30.53 2.09
N THR L 158 21.23 -29.99 1.48
CA THR L 158 22.35 -29.41 2.24
C THR L 158 21.93 -28.18 3.08
N VAL L 159 21.07 -27.33 2.53
CA VAL L 159 20.54 -26.21 3.31
C VAL L 159 19.80 -26.73 4.54
N LEU L 160 18.97 -27.75 4.35
CA LEU L 160 18.24 -28.37 5.44
C LEU L 160 19.14 -29.05 6.46
N ILE L 161 20.18 -29.73 5.99
CA ILE L 161 21.09 -30.42 6.90
C ILE L 161 21.87 -29.41 7.75
N GLN L 162 22.22 -28.26 7.17
CA GLN L 162 22.88 -27.18 7.92
C GLN L 162 21.96 -26.48 8.91
N GLU L 163 20.69 -26.31 8.53
CA GLU L 163 19.73 -25.71 9.44
C GLU L 163 19.45 -26.63 10.63
N LEU L 164 19.51 -27.94 10.42
CA LEU L 164 19.39 -28.90 11.52
C LEU L 164 20.62 -28.83 12.44
N ILE L 165 21.80 -28.72 11.85
CA ILE L 165 23.04 -28.50 12.62
C ILE L 165 22.93 -27.20 13.43
N ASN L 166 22.43 -26.14 12.81
CA ASN L 166 22.20 -24.91 13.52
C ASN L 166 21.18 -25.07 14.67
N ASN L 167 20.01 -25.60 14.37
CA ASN L 167 18.90 -25.67 15.34
C ASN L 167 19.06 -26.72 16.44
N VAL L 168 19.73 -27.84 16.18
CA VAL L 168 19.84 -28.94 17.15
C VAL L 168 21.23 -29.07 17.79
N ALA L 169 22.29 -28.97 16.99
CA ALA L 169 23.65 -29.29 17.47
C ALA L 169 24.23 -28.22 18.41
N GLN L 170 24.00 -26.94 18.12
CA GLN L 170 24.46 -25.82 18.98
C GLN L 170 24.13 -25.91 20.46
N GLU L 171 22.93 -26.40 20.77
CA GLU L 171 22.50 -26.73 22.13
C GLU L 171 22.45 -28.25 22.42
N HIS L 172 23.39 -29.02 21.87
CA HIS L 172 23.44 -30.47 22.09
C HIS L 172 24.42 -30.83 23.22
N GLY L 173 23.99 -31.73 24.10
CA GLY L 173 24.79 -32.13 25.26
C GLY L 173 25.95 -33.07 24.99
N GLY L 174 25.90 -33.77 23.88
CA GLY L 174 26.86 -34.84 23.54
C GLY L 174 27.80 -34.41 22.44
N LEU L 175 28.33 -35.41 21.72
CA LEU L 175 29.31 -35.17 20.66
C LEU L 175 28.67 -35.27 19.29
N SER L 176 29.42 -34.91 18.25
CA SER L 176 28.97 -35.00 16.86
C SER L 176 30.04 -35.48 15.89
N VAL L 177 29.60 -36.04 14.76
CA VAL L 177 30.47 -36.33 13.65
C VAL L 177 29.79 -35.86 12.36
N PHE L 178 30.54 -35.14 11.53
CA PHE L 178 30.11 -34.79 10.20
C PHE L 178 30.92 -35.53 9.15
N ALA L 179 30.24 -36.35 8.34
CA ALA L 179 30.86 -37.05 7.21
C ALA L 179 30.38 -36.45 5.90
N GLY L 180 31.29 -35.76 5.21
CA GLY L 180 31.00 -35.20 3.89
C GLY L 180 31.38 -36.17 2.81
N VAL L 181 30.40 -36.91 2.33
CA VAL L 181 30.60 -37.96 1.35
C VAL L 181 30.24 -37.46 -0.02
N GLY L 182 31.22 -37.21 -0.85
CA GLY L 182 30.99 -36.91 -2.24
C GLY L 182 30.17 -35.69 -2.61
N GLU L 183 30.21 -34.64 -1.80
CA GLU L 183 29.47 -33.41 -2.13
C GLU L 183 30.46 -32.25 -2.32
N ARG L 184 30.01 -31.00 -2.26
CA ARG L 184 30.79 -29.87 -2.76
C ARG L 184 31.82 -29.44 -1.73
N THR L 185 33.10 -29.40 -2.14
CA THR L 185 34.15 -28.93 -1.26
C THR L 185 33.86 -27.52 -0.73
N ARG L 186 33.36 -26.65 -1.59
CA ARG L 186 32.90 -25.31 -1.19
C ARG L 186 31.99 -25.33 0.05
N GLU L 187 31.03 -26.27 0.09
CA GLU L 187 30.09 -26.33 1.21
C GLU L 187 30.66 -26.91 2.50
N GLY L 188 31.69 -27.75 2.35
CA GLY L 188 32.48 -28.24 3.52
C GLY L 188 33.25 -27.10 4.15
N ASN L 189 33.91 -26.32 3.31
CA ASN L 189 34.64 -25.12 3.74
C ASN L 189 33.75 -24.13 4.46
N ASP L 190 32.54 -23.90 3.97
CA ASP L 190 31.60 -22.98 4.63
C ASP L 190 31.16 -23.56 5.97
N LEU L 191 30.87 -24.86 6.00
CA LEU L 191 30.43 -25.51 7.24
C LEU L 191 31.52 -25.56 8.32
N TYR L 192 32.78 -25.69 7.90
CA TYR L 192 33.92 -25.65 8.82
C TYR L 192 33.96 -24.28 9.51
N HIS L 193 34.07 -23.22 8.72
CA HIS L 193 34.10 -21.85 9.24
C HIS L 193 32.84 -21.50 10.05
N GLU L 194 31.67 -21.99 9.60
CA GLU L 194 30.40 -21.75 10.32
C GLU L 194 30.45 -22.37 11.72
N MET L 195 31.01 -23.57 11.82
CA MET L 195 31.13 -24.27 13.09
C MET L 195 32.25 -23.69 13.98
N LYS L 196 33.32 -23.22 13.37
CA LYS L 196 34.41 -22.55 14.08
C LYS L 196 33.93 -21.27 14.76
N ASP L 197 33.13 -20.47 14.06
CA ASP L 197 32.59 -19.21 14.60
C ASP L 197 31.58 -19.41 15.73
N SER L 198 30.67 -20.36 15.56
CA SER L 198 29.71 -20.70 16.63
C SER L 198 30.35 -21.50 17.77
N GLY L 199 31.56 -22.02 17.57
CA GLY L 199 32.26 -22.76 18.61
C GLY L 199 31.87 -24.23 18.76
N VAL L 200 30.91 -24.69 17.99
CA VAL L 200 30.49 -26.12 18.01
C VAL L 200 31.62 -27.05 17.51
N ILE L 201 32.56 -26.52 16.71
CA ILE L 201 33.67 -27.29 16.16
C ILE L 201 34.40 -28.20 17.19
N SER L 202 34.62 -27.68 18.38
CA SER L 202 35.34 -28.45 19.41
C SER L 202 34.54 -29.65 19.93
N LYS L 203 33.23 -29.68 19.73
CA LYS L 203 32.39 -30.86 20.03
C LYS L 203 32.17 -31.83 18.85
N THR L 204 32.90 -31.65 17.74
CA THR L 204 32.59 -32.32 16.47
C THR L 204 33.85 -32.83 15.75
N SER L 205 33.85 -34.10 15.32
CA SER L 205 34.88 -34.63 14.40
C SER L 205 34.35 -34.46 12.98
N MET L 206 35.22 -34.09 12.03
CA MET L 206 34.81 -33.92 10.64
C MET L 206 35.65 -34.77 9.70
N VAL L 207 34.98 -35.40 8.72
CA VAL L 207 35.62 -36.24 7.70
C VAL L 207 35.12 -35.83 6.31
N PHE L 208 36.04 -35.54 5.38
CA PHE L 208 35.69 -35.15 4.03
C PHE L 208 36.30 -36.05 2.96
N GLY L 209 35.45 -36.67 2.15
CA GLY L 209 35.87 -37.35 0.93
C GLY L 209 35.00 -36.88 -0.18
N GLN L 210 35.22 -35.68 -0.72
CA GLN L 210 34.21 -34.98 -1.52
C GLN L 210 34.12 -35.39 -3.00
N MET L 211 33.18 -34.79 -3.73
CA MET L 211 32.87 -35.14 -5.12
C MET L 211 34.03 -35.01 -6.09
N ASN L 212 35.10 -34.30 -5.74
CA ASN L 212 36.33 -34.29 -6.55
C ASN L 212 37.20 -35.55 -6.45
N GLU L 213 36.98 -36.38 -5.44
CA GLU L 213 37.88 -37.49 -5.15
C GLU L 213 37.51 -38.68 -6.03
N PRO L 214 38.46 -39.58 -6.30
CA PRO L 214 38.15 -40.83 -6.98
C PRO L 214 37.15 -41.72 -6.23
N PRO L 215 36.58 -42.73 -6.91
CA PRO L 215 35.50 -43.54 -6.35
C PRO L 215 35.82 -44.23 -5.03
N GLY L 216 36.99 -44.81 -4.94
CA GLY L 216 37.44 -45.46 -3.70
C GLY L 216 37.26 -44.61 -2.49
N ALA L 217 37.70 -43.35 -2.59
CA ALA L 217 37.58 -42.40 -1.47
C ALA L 217 36.13 -42.20 -1.05
N ARG L 218 35.27 -41.92 -2.03
CA ARG L 218 33.84 -41.69 -1.78
C ARG L 218 33.11 -42.95 -1.30
N LEU L 219 33.61 -44.12 -1.67
CA LEU L 219 33.05 -45.40 -1.22
C LEU L 219 33.27 -45.67 0.26
N ARG L 220 34.43 -45.22 0.78
CA ARG L 220 34.88 -45.60 2.12
C ARG L 220 34.87 -44.48 3.17
N VAL L 221 34.83 -43.24 2.74
CA VAL L 221 34.90 -42.11 3.67
C VAL L 221 33.81 -42.13 4.74
N ALA L 222 32.61 -42.56 4.39
CA ALA L 222 31.51 -42.65 5.36
C ALA L 222 31.82 -43.57 6.52
N LEU L 223 32.55 -44.67 6.21
CA LEU L 223 32.94 -45.65 7.21
C LEU L 223 33.92 -45.04 8.20
N THR L 224 34.84 -44.21 7.70
CA THR L 224 35.82 -43.50 8.52
C THR L 224 35.10 -42.64 9.56
N GLY L 225 34.16 -41.81 9.09
CA GLY L 225 33.31 -41.00 9.99
C GLY L 225 32.54 -41.85 10.98
N LEU L 226 31.90 -42.89 10.48
CA LEU L 226 31.08 -43.74 11.34
C LEU L 226 31.88 -44.53 12.38
N THR L 227 33.14 -44.86 12.07
CA THR L 227 34.03 -45.52 13.02
C THR L 227 34.38 -44.63 14.20
N MET L 228 34.49 -43.33 13.96
CA MET L 228 34.71 -42.34 15.02
C MET L 228 33.48 -42.22 15.92
N ALA L 229 32.30 -42.22 15.30
CA ALA L 229 31.03 -42.16 16.03
C ALA L 229 30.76 -43.40 16.85
N GLU L 230 31.18 -44.56 16.33
CA GLU L 230 31.02 -45.82 17.03
C GLU L 230 31.79 -45.84 18.36
N TYR L 231 32.98 -45.23 18.37
CA TYR L 231 33.76 -45.09 19.59
C TYR L 231 32.95 -44.32 20.63
N PHE L 232 32.49 -43.13 20.26
CA PHE L 232 31.78 -42.27 21.21
C PHE L 232 30.49 -42.91 21.77
N ARG L 233 29.85 -43.75 20.96
CA ARG L 233 28.68 -44.49 21.42
C ARG L 233 29.11 -45.59 22.35
N ASP L 234 29.94 -46.50 21.84
CA ASP L 234 30.21 -47.77 22.51
C ASP L 234 31.15 -47.62 23.70
N ARG L 235 32.21 -46.81 23.55
CA ARG L 235 33.20 -46.68 24.61
C ARG L 235 33.20 -45.37 25.41
N GLU L 236 32.25 -44.47 25.16
CA GLU L 236 31.96 -43.37 26.11
C GLU L 236 30.47 -43.22 26.40
N GLY L 237 29.66 -44.24 26.08
CA GLY L 237 28.23 -44.26 26.35
C GLY L 237 27.41 -43.02 25.99
N GLN L 238 27.84 -42.26 24.96
CA GLN L 238 27.34 -40.92 24.72
C GLN L 238 26.19 -40.84 23.73
N ASP L 239 25.49 -39.70 23.75
CA ASP L 239 24.58 -39.25 22.71
C ASP L 239 25.39 -38.62 21.57
N VAL L 240 25.36 -39.25 20.41
CA VAL L 240 26.11 -38.76 19.28
C VAL L 240 25.15 -38.26 18.21
N LEU L 241 25.54 -37.20 17.51
CA LEU L 241 24.89 -36.78 16.28
C LEU L 241 25.77 -37.16 15.11
N LEU L 242 25.24 -37.94 14.17
CA LEU L 242 26.01 -38.32 12.98
C LEU L 242 25.27 -37.68 11.81
N PHE L 243 25.94 -36.71 11.13
CA PHE L 243 25.42 -36.10 9.91
C PHE L 243 26.19 -36.71 8.75
N ILE L 244 25.48 -37.16 7.72
CA ILE L 244 26.12 -37.62 6.50
C ILE L 244 25.47 -36.88 5.33
N ASP L 245 26.29 -36.18 4.54
CA ASP L 245 25.85 -35.52 3.34
C ASP L 245 26.88 -35.80 2.26
N ASN L 246 26.68 -36.75 1.35
CA ASN L 246 25.45 -37.43 1.00
C ASN L 246 25.68 -38.95 0.84
N ILE L 247 24.81 -39.74 1.47
CA ILE L 247 24.94 -41.19 1.50
C ILE L 247 24.73 -41.88 0.15
N PHE L 248 24.04 -41.19 -0.78
CA PHE L 248 23.94 -41.70 -2.14
C PHE L 248 25.31 -41.85 -2.78
N ARG L 249 26.23 -40.93 -2.49
CA ARG L 249 27.53 -40.93 -3.13
C ARG L 249 28.40 -42.14 -2.77
N PHE L 250 28.11 -42.73 -1.60
CA PHE L 250 28.66 -44.04 -1.24
C PHE L 250 28.16 -45.14 -2.21
N THR L 251 26.84 -45.19 -2.43
CA THR L 251 26.25 -46.18 -3.33
C THR L 251 26.70 -45.96 -4.78
N GLN L 252 26.88 -44.69 -5.18
CA GLN L 252 27.26 -44.32 -6.52
C GLN L 252 28.70 -44.73 -6.79
N ALA L 253 29.58 -44.50 -5.83
CA ALA L 253 30.96 -44.95 -5.91
C ALA L 253 31.05 -46.49 -6.02
N GLY L 254 30.16 -47.17 -5.32
CA GLY L 254 30.06 -48.61 -5.44
C GLY L 254 29.76 -49.07 -6.89
N SER L 255 28.81 -48.39 -7.54
CA SER L 255 28.46 -48.68 -8.90
C SER L 255 29.58 -48.30 -9.91
N GLU L 256 30.36 -47.27 -9.59
CA GLU L 256 31.51 -46.88 -10.41
C GLU L 256 32.59 -47.99 -10.45
N VAL L 257 32.91 -48.54 -9.28
CA VAL L 257 33.90 -49.61 -9.20
C VAL L 257 33.39 -50.95 -9.79
N SER L 258 32.10 -51.23 -9.59
CA SER L 258 31.46 -52.50 -9.94
C SER L 258 31.78 -53.10 -11.28
N ALA L 259 31.68 -52.28 -12.32
CA ALA L 259 31.99 -52.77 -13.69
C ALA L 259 33.43 -53.26 -13.81
N LEU L 260 34.37 -52.50 -13.22
CA LEU L 260 35.79 -52.88 -13.29
C LEU L 260 36.17 -54.02 -12.34
N LEU L 261 35.42 -54.19 -11.25
CA LEU L 261 35.59 -55.37 -10.40
C LEU L 261 35.00 -56.65 -11.05
N GLY L 262 34.29 -56.50 -12.16
CA GLY L 262 33.83 -57.61 -12.97
C GLY L 262 32.43 -58.09 -12.68
N ARG L 263 31.69 -57.35 -11.87
CA ARG L 263 30.31 -57.76 -11.49
C ARG L 263 29.40 -57.43 -12.65
N MET L 264 28.46 -58.30 -12.96
CA MET L 264 27.48 -58.01 -14.04
C MET L 264 26.51 -56.98 -13.52
N PRO L 265 26.26 -55.92 -14.26
CA PRO L 265 25.37 -54.86 -13.73
C PRO L 265 23.91 -55.28 -13.61
N SER L 266 23.23 -54.62 -12.67
CA SER L 266 21.85 -54.90 -12.32
C SER L 266 21.00 -53.81 -12.98
N ALA L 267 19.73 -53.73 -12.55
CA ALA L 267 18.80 -52.73 -13.06
C ALA L 267 19.31 -51.30 -12.86
N VAL L 268 19.11 -50.50 -13.92
CA VAL L 268 19.49 -49.08 -13.94
C VAL L 268 21.01 -48.88 -13.81
N GLY L 269 21.78 -49.90 -14.17
CA GLY L 269 23.23 -49.82 -14.17
C GLY L 269 23.91 -49.92 -12.81
N TYR L 270 23.15 -50.16 -11.74
CA TYR L 270 23.74 -50.27 -10.43
C TYR L 270 24.42 -51.62 -10.27
N GLN L 271 25.31 -51.69 -9.28
CA GLN L 271 25.90 -52.96 -8.87
C GLN L 271 24.86 -53.94 -8.41
N PRO L 272 25.09 -55.24 -8.66
CA PRO L 272 24.13 -56.27 -8.20
C PRO L 272 24.09 -56.40 -6.68
N THR L 273 25.15 -55.95 -5.99
CA THR L 273 25.25 -55.98 -4.54
C THR L 273 24.79 -54.69 -3.87
N LEU L 274 23.92 -53.91 -4.54
CA LEU L 274 23.49 -52.60 -4.05
C LEU L 274 22.87 -52.66 -2.65
N ALA L 275 21.92 -53.57 -2.47
CA ALA L 275 21.15 -53.68 -1.24
C ALA L 275 22.01 -54.14 -0.04
N THR L 276 22.83 -55.17 -0.25
CA THR L 276 23.66 -55.72 0.83
C THR L 276 24.80 -54.76 1.23
N GLU L 277 25.45 -54.15 0.22
CA GLU L 277 26.48 -53.15 0.50
C GLU L 277 25.94 -52.00 1.37
N MET L 278 24.70 -51.59 1.08
CA MET L 278 24.04 -50.55 1.85
C MET L 278 23.70 -51.01 3.25
N GLY L 279 23.17 -52.24 3.38
CA GLY L 279 22.83 -52.78 4.68
C GLY L 279 24.01 -52.90 5.63
N GLN L 280 25.16 -53.30 5.07
CA GLN L 280 26.38 -53.45 5.86
C GLN L 280 26.92 -52.14 6.42
N LEU L 281 26.64 -51.05 5.74
CA LEU L 281 27.01 -49.71 6.21
C LEU L 281 25.95 -49.21 7.16
N GLN L 282 24.69 -49.27 6.72
CA GLN L 282 23.61 -48.63 7.43
C GLN L 282 23.32 -49.26 8.79
N GLU L 283 23.40 -50.58 8.90
CA GLU L 283 23.04 -51.23 10.17
C GLU L 283 24.01 -50.91 11.33
N ARG L 284 25.24 -50.52 10.99
CA ARG L 284 26.17 -49.96 11.98
C ARG L 284 25.77 -48.57 12.47
N ILE L 285 25.12 -47.77 11.62
CA ILE L 285 24.57 -46.49 12.04
C ILE L 285 23.28 -46.73 12.82
N THR L 286 23.37 -46.77 14.14
CA THR L 286 22.21 -47.11 14.98
C THR L 286 22.47 -46.76 16.44
N SER L 287 21.42 -46.76 17.26
CA SER L 287 21.52 -46.64 18.71
C SER L 287 21.56 -48.05 19.31
N THR L 288 22.54 -48.27 20.19
CA THR L 288 22.65 -49.54 20.92
C THR L 288 22.25 -49.27 22.36
N LYS L 289 22.34 -50.31 23.19
CA LYS L 289 22.11 -50.18 24.63
C LYS L 289 23.21 -49.33 25.30
N LYS L 290 24.44 -49.42 24.81
CA LYS L 290 25.59 -48.67 25.37
C LYS L 290 25.51 -47.15 25.14
N GLY L 291 24.98 -46.74 23.99
CA GLY L 291 24.78 -45.31 23.71
C GLY L 291 23.88 -45.13 22.50
N SER L 292 23.68 -43.87 22.16
CA SER L 292 22.67 -43.48 21.17
C SER L 292 23.29 -42.57 20.10
N ILE L 293 22.95 -42.90 18.85
CA ILE L 293 23.33 -42.12 17.67
C ILE L 293 22.03 -41.62 17.02
N THR L 294 21.84 -40.30 17.01
CA THR L 294 20.82 -39.66 16.19
C THR L 294 21.47 -39.26 14.85
N SER L 295 21.10 -39.98 13.80
CA SER L 295 21.77 -39.83 12.51
C SER L 295 20.82 -39.17 11.51
N ILE L 296 21.36 -38.17 10.82
CA ILE L 296 20.60 -37.39 9.87
C ILE L 296 21.36 -37.47 8.56
N GLN L 297 20.79 -38.18 7.58
CA GLN L 297 21.51 -38.48 6.35
C GLN L 297 20.81 -37.86 5.15
N ALA L 298 21.54 -37.05 4.38
CA ALA L 298 21.05 -36.50 3.14
C ALA L 298 21.14 -37.59 2.09
N ILE L 299 20.08 -37.73 1.28
CA ILE L 299 19.96 -38.82 0.30
C ILE L 299 19.53 -38.26 -1.05
N TYR L 300 20.44 -38.30 -2.02
CA TYR L 300 20.15 -37.80 -3.37
C TYR L 300 19.22 -38.75 -4.08
N VAL L 301 18.33 -38.17 -4.89
CA VAL L 301 17.37 -38.91 -5.71
C VAL L 301 17.68 -38.61 -7.18
N PRO L 302 18.33 -39.58 -7.87
CA PRO L 302 18.70 -39.36 -9.28
C PRO L 302 17.49 -39.12 -10.19
N ALA L 303 17.61 -38.12 -11.05
CA ALA L 303 16.58 -37.77 -12.01
C ALA L 303 15.20 -37.50 -11.38
N ASP L 304 15.20 -37.03 -10.13
CA ASP L 304 13.97 -36.79 -9.36
C ASP L 304 13.06 -38.01 -9.23
N ASP L 305 13.61 -39.20 -9.40
CA ASP L 305 12.82 -40.43 -9.45
C ASP L 305 12.97 -41.21 -8.14
N TYR L 306 11.96 -41.12 -7.27
CA TYR L 306 12.01 -41.84 -5.98
C TYR L 306 11.96 -43.37 -6.10
N THR L 307 11.64 -43.90 -7.29
CA THR L 307 11.66 -45.34 -7.54
C THR L 307 13.02 -45.85 -8.03
N ASP L 308 14.00 -44.95 -8.20
CA ASP L 308 15.35 -45.36 -8.58
C ASP L 308 15.90 -46.32 -7.52
N PRO L 309 16.62 -47.38 -7.93
CA PRO L 309 17.07 -48.36 -6.93
C PRO L 309 17.82 -47.81 -5.72
N ALA L 310 18.58 -46.72 -5.88
CA ALA L 310 19.35 -46.17 -4.76
C ALA L 310 18.47 -45.62 -3.65
N PRO L 311 17.65 -44.58 -3.94
CA PRO L 311 16.78 -44.10 -2.87
C PRO L 311 15.73 -45.13 -2.42
N ALA L 312 15.23 -45.95 -3.36
CA ALA L 312 14.22 -46.94 -3.03
C ALA L 312 14.70 -47.91 -1.96
N THR L 313 15.94 -48.37 -2.09
CA THR L 313 16.52 -49.26 -1.10
C THR L 313 16.87 -48.55 0.22
N THR L 314 17.19 -47.27 0.15
CA THR L 314 17.54 -46.48 1.33
C THR L 314 16.38 -46.30 2.32
N PHE L 315 15.13 -46.23 1.82
CA PHE L 315 13.95 -46.08 2.70
C PHE L 315 13.80 -47.09 3.84
N ALA L 316 14.23 -48.34 3.58
CA ALA L 316 14.11 -49.38 4.58
C ALA L 316 14.92 -49.10 5.84
N HIS L 317 15.91 -48.18 5.78
CA HIS L 317 16.80 -47.94 6.89
C HIS L 317 16.44 -46.73 7.75
N LEU L 318 15.20 -46.28 7.76
CA LEU L 318 14.87 -44.93 8.30
C LEU L 318 13.65 -44.91 9.18
N ASP L 319 13.72 -44.18 10.29
CA ASP L 319 12.60 -44.02 11.24
C ASP L 319 11.77 -42.75 10.97
N ALA L 320 12.38 -41.80 10.25
CA ALA L 320 11.65 -40.68 9.72
C ALA L 320 12.26 -40.26 8.40
N THR L 321 11.43 -39.69 7.52
CA THR L 321 11.87 -39.21 6.21
C THR L 321 11.37 -37.80 5.96
N THR L 322 12.18 -37.04 5.27
CA THR L 322 11.79 -35.71 4.80
C THR L 322 12.03 -35.75 3.31
N ASN L 323 10.94 -35.79 2.54
CA ASN L 323 10.99 -35.92 1.09
C ASN L 323 10.87 -34.59 0.41
N LEU L 324 11.98 -34.09 -0.12
CA LEU L 324 11.99 -32.81 -0.83
C LEU L 324 11.56 -33.04 -2.28
N GLU L 325 10.64 -32.21 -2.75
CA GLU L 325 10.14 -32.27 -4.12
C GLU L 325 10.38 -30.95 -4.86
N ARG L 326 10.93 -31.03 -6.07
CA ARG L 326 11.16 -29.87 -6.92
C ARG L 326 9.92 -29.02 -7.21
N LYS L 327 8.76 -29.64 -7.34
CA LYS L 327 7.51 -28.88 -7.60
C LYS L 327 7.28 -27.79 -6.57
N LEU L 328 7.49 -28.14 -5.32
CA LEU L 328 7.35 -27.17 -4.20
C LEU L 328 8.44 -26.10 -4.23
N ALA L 329 9.67 -26.51 -4.51
CA ALA L 329 10.76 -25.55 -4.62
C ALA L 329 10.48 -24.52 -5.72
N GLU L 330 9.95 -24.98 -6.84
CA GLU L 330 9.60 -24.09 -7.97
C GLU L 330 8.50 -23.11 -7.63
N MET L 331 7.58 -23.48 -6.73
CA MET L 331 6.57 -22.53 -6.24
C MET L 331 7.12 -21.50 -5.23
N GLY L 332 8.32 -21.73 -4.70
CA GLY L 332 8.91 -20.89 -3.68
C GLY L 332 8.67 -21.39 -2.26
N ILE L 333 8.10 -22.58 -2.12
CA ILE L 333 7.88 -23.21 -0.81
C ILE L 333 9.19 -23.86 -0.34
N TYR L 334 9.88 -23.19 0.58
CA TYR L 334 11.09 -23.72 1.22
C TYR L 334 10.87 -23.81 2.74
N PRO L 335 11.31 -24.88 3.41
CA PRO L 335 11.91 -26.07 2.79
C PRO L 335 10.89 -26.81 1.94
N ALA L 336 11.35 -27.46 0.88
CA ALA L 336 10.46 -28.03 -0.17
C ALA L 336 9.89 -29.41 0.15
N VAL L 337 9.28 -29.52 1.32
CA VAL L 337 8.97 -30.81 1.94
C VAL L 337 7.59 -31.25 1.52
N ASP L 338 7.53 -32.40 0.86
CA ASP L 338 6.30 -33.06 0.47
C ASP L 338 5.56 -33.45 1.75
N PRO L 339 4.45 -32.74 2.05
CA PRO L 339 3.76 -32.99 3.31
C PRO L 339 2.92 -34.26 3.35
N LEU L 340 2.81 -34.97 2.22
CA LEU L 340 2.14 -36.29 2.16
C LEU L 340 3.13 -37.46 2.10
N ALA L 341 4.20 -37.31 1.33
CA ALA L 341 5.21 -38.37 1.18
C ALA L 341 6.16 -38.52 2.39
N SER L 342 6.39 -37.43 3.13
CA SER L 342 7.22 -37.48 4.33
C SER L 342 6.50 -38.24 5.45
N THR L 343 7.27 -38.97 6.24
CA THR L 343 6.70 -39.89 7.22
C THR L 343 7.60 -40.02 8.43
N SER L 344 7.01 -40.48 9.52
CA SER L 344 7.71 -40.74 10.75
C SER L 344 7.04 -41.87 11.48
N ARG L 345 7.86 -42.73 12.06
CA ARG L 345 7.39 -43.83 12.89
C ARG L 345 6.66 -43.37 14.15
N ILE L 346 7.04 -42.19 14.64
CA ILE L 346 6.49 -41.60 15.88
C ILE L 346 5.34 -40.60 15.68
N LEU L 347 4.82 -40.43 14.47
CA LEU L 347 3.60 -39.62 14.28
C LEU L 347 2.40 -40.46 14.72
N SER L 348 2.21 -40.54 16.03
CA SER L 348 1.12 -41.30 16.63
C SER L 348 0.66 -40.62 17.90
N PRO L 349 -0.62 -40.80 18.29
CA PRO L 349 -1.13 -40.15 19.51
C PRO L 349 -0.33 -40.53 20.76
N ALA L 350 0.17 -41.76 20.82
CA ALA L 350 1.02 -42.25 21.90
C ALA L 350 2.24 -41.38 22.20
N VAL L 351 2.84 -40.75 21.19
CA VAL L 351 4.11 -40.03 21.34
C VAL L 351 3.96 -38.50 21.34
N VAL L 352 3.32 -37.96 20.31
CA VAL L 352 3.09 -36.51 20.17
C VAL L 352 1.79 -36.07 20.83
N GLY L 353 1.02 -36.94 21.44
CA GLY L 353 -0.22 -36.46 22.06
C GLY L 353 -1.35 -36.30 21.04
N GLU L 354 -2.57 -36.34 21.58
CA GLU L 354 -3.79 -36.55 20.83
C GLU L 354 -4.12 -35.38 19.88
N GLU L 355 -3.85 -34.16 20.33
CA GLU L 355 -4.16 -32.95 19.56
C GLU L 355 -3.24 -32.83 18.34
N HIS L 356 -1.94 -32.98 18.58
CA HIS L 356 -0.92 -32.96 17.52
C HIS L 356 -1.34 -33.90 16.38
N TYR L 357 -1.62 -35.15 16.72
CA TYR L 357 -1.95 -36.18 15.72
C TYR L 357 -3.19 -35.77 14.92
N ARG L 358 -4.23 -35.34 15.63
CA ARG L 358 -5.49 -34.92 15.01
C ARG L 358 -5.27 -33.78 14.01
N VAL L 359 -4.45 -32.81 14.40
CA VAL L 359 -4.15 -31.63 13.56
C VAL L 359 -3.36 -32.03 12.32
N ALA L 360 -2.32 -32.82 12.52
CA ALA L 360 -1.47 -33.28 11.43
C ALA L 360 -2.25 -34.07 10.37
N ARG L 361 -3.11 -34.97 10.83
CA ARG L 361 -3.98 -35.72 9.92
C ARG L 361 -5.01 -34.86 9.24
N GLY L 362 -5.52 -33.87 9.98
CA GLY L 362 -6.39 -32.84 9.41
C GLY L 362 -5.72 -32.07 8.29
N VAL L 363 -4.48 -31.64 8.53
CA VAL L 363 -3.71 -30.92 7.51
C VAL L 363 -3.51 -31.78 6.27
N GLN L 364 -3.16 -33.04 6.46
CA GLN L 364 -2.90 -33.94 5.34
C GLN L 364 -4.18 -34.25 4.53
N GLN L 365 -5.31 -34.35 5.23
CA GLN L 365 -6.59 -34.55 4.56
C GLN L 365 -6.98 -33.40 3.64
N VAL L 366 -6.73 -32.19 4.11
CA VAL L 366 -7.04 -30.96 3.36
C VAL L 366 -6.11 -30.86 2.17
N LEU L 367 -4.82 -31.12 2.36
CA LEU L 367 -3.86 -31.08 1.26
C LEU L 367 -4.16 -32.15 0.20
N GLN L 368 -4.56 -33.35 0.64
CA GLN L 368 -4.87 -34.45 -0.28
C GLN L 368 -6.06 -34.12 -1.16
N ARG L 369 -7.07 -33.53 -0.53
CA ARG L 369 -8.28 -33.14 -1.24
C ARG L 369 -7.97 -32.07 -2.27
N TYR L 370 -7.18 -31.07 -1.88
CA TYR L 370 -6.72 -30.01 -2.79
C TYR L 370 -5.97 -30.60 -3.96
N ASN L 371 -5.09 -31.56 -3.68
CA ASN L 371 -4.36 -32.27 -4.73
C ASN L 371 -5.28 -32.93 -5.75
N ASP L 372 -6.34 -33.57 -5.27
CA ASP L 372 -7.32 -34.22 -6.14
C ASP L 372 -8.05 -33.21 -7.05
N LEU L 373 -8.34 -32.03 -6.52
CA LEU L 373 -9.06 -31.00 -7.28
C LEU L 373 -8.21 -30.18 -8.24
N GLN L 374 -6.89 -30.35 -8.20
CA GLN L 374 -5.98 -29.53 -9.05
C GLN L 374 -6.24 -29.73 -10.56
N ASP L 375 -6.54 -30.95 -10.90
CA ASP L 375 -6.86 -31.40 -12.25
C ASP L 375 -8.23 -30.82 -12.68
N ILE L 376 -9.25 -31.01 -11.83
CA ILE L 376 -10.58 -30.54 -12.09
C ILE L 376 -10.60 -29.02 -12.22
N ILE L 377 -9.88 -28.32 -11.36
CA ILE L 377 -9.83 -26.85 -11.38
C ILE L 377 -9.16 -26.33 -12.64
N ALA L 378 -8.07 -26.96 -13.07
CA ALA L 378 -7.33 -26.51 -14.27
C ALA L 378 -8.16 -26.49 -15.54
N ILE L 379 -9.14 -27.40 -15.65
CA ILE L 379 -10.03 -27.47 -16.84
C ILE L 379 -11.37 -26.78 -16.55
N LEU L 380 -12.12 -27.24 -15.56
CA LEU L 380 -13.49 -26.75 -15.30
C LEU L 380 -13.59 -25.45 -14.49
N GLY L 381 -12.49 -25.03 -13.88
CA GLY L 381 -12.45 -23.74 -13.22
C GLY L 381 -13.05 -23.76 -11.83
N MET L 382 -12.67 -22.75 -11.06
CA MET L 382 -12.84 -22.73 -9.60
C MET L 382 -14.27 -22.37 -9.15
N ASP L 383 -15.03 -21.73 -10.04
CA ASP L 383 -16.41 -21.36 -9.75
C ASP L 383 -17.34 -22.57 -9.65
N GLU L 384 -16.99 -23.65 -10.34
CA GLU L 384 -17.87 -24.84 -10.42
C GLU L 384 -17.67 -25.80 -9.25
N LEU L 385 -16.74 -25.53 -8.32
CA LEU L 385 -16.60 -26.31 -7.10
C LEU L 385 -17.71 -26.00 -6.11
N SER L 386 -18.03 -26.99 -5.26
CA SER L 386 -18.98 -26.80 -4.18
C SER L 386 -18.41 -25.84 -3.14
N ASP L 387 -19.31 -25.32 -2.28
CA ASP L 387 -18.87 -24.38 -1.24
C ASP L 387 -17.91 -25.02 -0.26
N GLU L 388 -18.10 -26.31 0.00
CA GLU L 388 -17.21 -27.08 0.88
C GLU L 388 -15.82 -27.14 0.28
N ASP L 389 -15.73 -27.43 -1.02
CA ASP L 389 -14.44 -27.57 -1.72
C ASP L 389 -13.68 -26.25 -1.87
N LYS L 390 -14.41 -25.17 -2.21
CA LYS L 390 -13.74 -23.87 -2.36
C LYS L 390 -13.10 -23.40 -1.07
N LEU L 391 -13.77 -23.69 0.03
CA LEU L 391 -13.21 -23.41 1.36
C LEU L 391 -12.00 -24.28 1.68
N ILE L 392 -12.04 -25.54 1.28
CA ILE L 392 -10.89 -26.46 1.44
C ILE L 392 -9.69 -25.99 0.60
N VAL L 393 -9.95 -25.56 -0.64
CA VAL L 393 -8.86 -25.07 -1.48
C VAL L 393 -8.24 -23.80 -0.86
N ALA L 394 -9.09 -22.90 -0.34
CA ALA L 394 -8.61 -21.67 0.30
C ALA L 394 -7.64 -21.99 1.44
N ARG L 395 -8.06 -22.90 2.31
CA ARG L 395 -7.28 -23.29 3.48
C ARG L 395 -6.05 -24.08 3.12
N ALA L 396 -6.19 -24.98 2.14
CA ALA L 396 -5.07 -25.77 1.67
C ALA L 396 -3.91 -24.87 1.22
N ARG L 397 -4.23 -23.80 0.50
CA ARG L 397 -3.22 -22.88 0.01
C ARG L 397 -2.57 -22.08 1.12
N LYS L 398 -3.33 -21.76 2.16
CA LYS L 398 -2.78 -21.10 3.34
C LYS L 398 -1.92 -22.06 4.14
N ILE L 399 -2.43 -23.27 4.33
CA ILE L 399 -1.67 -24.35 4.96
C ILE L 399 -0.34 -24.58 4.24
N GLN L 400 -0.40 -24.74 2.92
CA GLN L 400 0.79 -24.97 2.10
C GLN L 400 1.87 -23.90 2.27
N ARG L 401 1.43 -22.65 2.43
CA ARG L 401 2.33 -21.51 2.67
C ARG L 401 2.85 -21.43 4.09
N PHE L 402 2.01 -21.76 5.06
CA PHE L 402 2.42 -21.75 6.46
C PHE L 402 3.42 -22.87 6.80
N LEU L 403 3.48 -23.92 5.97
CA LEU L 403 4.52 -24.95 6.07
C LEU L 403 5.91 -24.44 5.62
N SER L 404 5.94 -23.36 4.83
CA SER L 404 7.21 -22.73 4.46
C SER L 404 7.70 -21.92 5.63
N GLN L 405 9.00 -21.66 5.64
CA GLN L 405 9.68 -21.11 6.81
C GLN L 405 11.07 -20.59 6.44
N PRO L 406 11.41 -19.36 6.85
CA PRO L 406 12.76 -18.87 6.56
C PRO L 406 13.78 -19.52 7.50
N PHE L 407 14.92 -19.91 6.94
CA PHE L 407 15.97 -20.59 7.71
C PHE L 407 17.05 -19.62 8.10
N HIS L 408 17.61 -19.85 9.30
CA HIS L 408 18.74 -19.09 9.83
C HIS L 408 19.94 -19.16 8.88
N VAL L 409 20.18 -20.35 8.34
CA VAL L 409 21.32 -20.58 7.43
C VAL L 409 21.08 -20.01 6.03
N ALA L 410 19.82 -19.76 5.71
CA ALA L 410 19.39 -19.26 4.40
C ALA L 410 19.17 -17.76 4.37
N GLU L 411 19.70 -17.01 5.37
CA GLU L 411 19.58 -15.54 5.36
C GLU L 411 20.12 -14.89 4.08
N GLN L 412 21.12 -15.51 3.46
CA GLN L 412 21.65 -15.05 2.17
C GLN L 412 20.68 -15.22 1.00
N PHE L 413 19.94 -16.32 0.98
CA PHE L 413 19.08 -16.70 -0.16
C PHE L 413 17.67 -16.10 0.00
N THR L 414 17.02 -16.32 1.15
CA THR L 414 15.72 -15.69 1.41
C THR L 414 15.79 -14.15 1.52
N GLY L 415 16.91 -13.63 2.01
CA GLY L 415 17.00 -12.23 2.39
C GLY L 415 16.26 -11.85 3.68
N MET L 416 15.68 -12.80 4.36
CA MET L 416 14.93 -12.55 5.62
C MET L 416 15.64 -13.28 6.75
N PRO L 417 15.52 -12.74 7.97
CA PRO L 417 16.02 -13.48 9.15
C PRO L 417 15.24 -14.79 9.40
N GLY L 418 15.97 -15.80 9.85
CA GLY L 418 15.42 -17.12 10.13
C GLY L 418 14.56 -17.18 11.37
N LYS L 419 13.80 -18.28 11.51
CA LYS L 419 12.85 -18.45 12.61
C LYS L 419 12.88 -19.86 13.15
N TYR L 420 12.95 -19.99 14.47
CA TYR L 420 12.76 -21.27 15.17
C TYR L 420 11.34 -21.28 15.73
N VAL L 421 10.55 -22.29 15.38
CA VAL L 421 9.16 -22.40 15.85
C VAL L 421 8.99 -23.67 16.68
N PRO L 422 8.69 -23.53 17.97
CA PRO L 422 8.49 -24.72 18.80
C PRO L 422 7.23 -25.50 18.42
N VAL L 423 7.20 -26.79 18.76
CA VAL L 423 6.11 -27.69 18.39
C VAL L 423 4.75 -27.16 18.84
N LYS L 424 4.66 -26.68 20.09
CA LYS L 424 3.39 -26.17 20.64
C LYS L 424 2.75 -25.10 19.76
N GLU L 425 3.60 -24.23 19.22
CA GLU L 425 3.20 -23.13 18.35
C GLU L 425 2.83 -23.59 16.94
N THR L 426 3.60 -24.54 16.41
CA THR L 426 3.30 -25.17 15.12
C THR L 426 1.92 -25.81 15.16
N VAL L 427 1.66 -26.62 16.19
CA VAL L 427 0.36 -27.28 16.34
C VAL L 427 -0.76 -26.25 16.44
N ARG L 428 -0.55 -25.22 17.28
CA ARG L 428 -1.54 -24.17 17.50
C ARG L 428 -1.90 -23.45 16.21
N GLY L 429 -0.87 -23.10 15.42
CA GLY L 429 -1.06 -22.34 14.18
C GLY L 429 -1.91 -23.11 13.17
N PHE L 430 -1.50 -24.35 12.87
CA PHE L 430 -2.23 -25.17 11.92
C PHE L 430 -3.62 -25.55 12.43
N LYS L 431 -3.78 -25.72 13.74
CA LYS L 431 -5.10 -25.96 14.32
C LYS L 431 -6.06 -24.82 13.98
N GLU L 432 -5.58 -23.59 14.17
CA GLU L 432 -6.39 -22.39 13.94
C GLU L 432 -6.76 -22.19 12.45
N ILE L 433 -5.84 -22.50 11.54
CA ILE L 433 -6.12 -22.41 10.11
C ILE L 433 -7.22 -23.38 9.72
N LEU L 434 -7.11 -24.62 10.20
CA LEU L 434 -8.14 -25.64 9.98
C LEU L 434 -9.49 -25.22 10.59
N GLU L 435 -9.46 -24.60 11.77
CA GLU L 435 -10.67 -24.13 12.43
C GLU L 435 -11.37 -22.94 11.75
N GLY L 436 -10.66 -22.22 10.88
CA GLY L 436 -11.24 -21.07 10.15
C GLY L 436 -10.92 -19.71 10.69
N LYS L 437 -10.08 -19.65 11.72
CA LYS L 437 -9.81 -18.39 12.43
C LYS L 437 -9.07 -17.37 11.58
N HIS L 438 -8.45 -17.80 10.50
CA HIS L 438 -7.69 -16.91 9.64
C HIS L 438 -8.13 -16.98 8.17
N ASP L 439 -9.42 -17.25 7.93
CA ASP L 439 -9.92 -17.32 6.56
C ASP L 439 -9.91 -16.00 5.79
N ASN L 440 -9.78 -14.86 6.49
CA ASN L 440 -9.77 -13.56 5.83
C ASN L 440 -8.41 -12.90 5.66
N LEU L 441 -7.38 -13.49 6.23
CA LEU L 441 -6.00 -13.06 5.93
C LEU L 441 -5.63 -13.47 4.50
N PRO L 442 -4.93 -12.60 3.75
CA PRO L 442 -4.51 -12.98 2.39
C PRO L 442 -3.46 -14.07 2.40
N GLU L 443 -3.31 -14.78 1.29
CA GLU L 443 -2.42 -15.95 1.20
C GLU L 443 -0.96 -15.61 1.50
N GLU L 444 -0.47 -14.49 0.95
CA GLU L 444 0.93 -14.08 1.14
C GLU L 444 1.27 -13.88 2.62
N ALA L 445 0.27 -13.62 3.45
CA ALA L 445 0.47 -13.46 4.90
C ALA L 445 1.13 -14.65 5.57
N PHE L 446 0.80 -15.86 5.09
CA PHE L 446 1.26 -17.11 5.71
C PHE L 446 2.62 -17.58 5.21
N TYR L 447 3.02 -17.02 4.07
CA TYR L 447 4.25 -17.38 3.40
C TYR L 447 5.45 -16.80 4.12
N MET L 448 6.39 -17.68 4.52
CA MET L 448 7.71 -17.27 5.03
C MET L 448 7.61 -16.42 6.30
N VAL L 449 7.09 -17.05 7.33
CA VAL L 449 6.90 -16.44 8.63
C VAL L 449 7.18 -17.58 9.59
N GLY L 450 7.33 -17.32 10.87
CA GLY L 450 7.35 -18.39 11.87
C GLY L 450 6.01 -18.74 12.52
N THR L 451 5.67 -18.05 13.60
CA THR L 451 4.45 -18.35 14.34
C THR L 451 3.22 -17.81 13.61
N ILE L 452 2.04 -18.27 14.02
CA ILE L 452 0.78 -17.78 13.45
C ILE L 452 0.59 -16.28 13.72
N ASP L 453 1.13 -15.81 14.85
CA ASP L 453 1.08 -14.40 15.23
C ASP L 453 1.83 -13.51 14.23
N GLU L 454 2.96 -13.98 13.71
CA GLU L 454 3.69 -13.25 12.67
C GLU L 454 2.92 -13.16 11.36
N ALA L 455 2.05 -14.14 11.08
CA ALA L 455 1.19 -14.12 9.90
C ALA L 455 0.08 -13.06 10.02
N VAL L 456 -0.53 -12.97 11.20
CA VAL L 456 -1.50 -11.92 11.52
C VAL L 456 -0.87 -10.52 11.38
N GLU L 457 0.37 -10.39 11.86
CA GLU L 457 1.14 -9.17 11.75
C GLU L 457 1.51 -8.81 10.33
N LYS L 458 1.88 -9.81 9.53
CA LYS L 458 2.24 -9.59 8.12
C LYS L 458 1.03 -9.19 7.27
N ALA L 459 -0.18 -9.63 7.67
CA ALA L 459 -1.41 -9.28 6.95
C ALA L 459 -1.67 -7.78 6.94
N LYS L 460 -1.40 -7.15 8.10
CA LYS L 460 -1.56 -5.70 8.27
C LYS L 460 -0.70 -4.90 7.30
N LYS L 461 0.45 -5.43 6.92
CA LYS L 461 1.39 -4.79 5.98
C LYS L 461 1.02 -4.98 4.50
N LEU L 462 -0.22 -5.37 4.21
CA LEU L 462 -0.63 -5.79 2.86
C LEU L 462 -1.98 -5.21 2.59
N ASN M 2 22.25 -95.48 -25.33
CA ASN M 2 22.74 -94.16 -25.80
C ASN M 2 23.05 -93.15 -24.64
N LYS M 3 24.28 -93.20 -24.15
CA LYS M 3 24.58 -92.68 -22.78
C LYS M 3 25.37 -91.38 -22.76
N GLY M 4 25.21 -90.62 -21.67
CA GLY M 4 25.92 -89.35 -21.46
C GLY M 4 26.25 -89.04 -19.99
N ARG M 5 27.16 -88.11 -19.79
CA ARG M 5 27.64 -87.69 -18.47
C ARG M 5 27.22 -86.25 -18.22
N ILE M 6 26.72 -85.96 -17.03
CA ILE M 6 26.45 -84.57 -16.64
C ILE M 6 27.77 -83.83 -16.45
N ILE M 7 27.95 -82.71 -17.16
CA ILE M 7 29.14 -81.89 -16.98
C ILE M 7 28.87 -80.63 -16.13
N GLN M 8 27.68 -80.02 -16.32
CA GLN M 8 27.25 -78.85 -15.53
C GLN M 8 25.78 -78.89 -15.12
N VAL M 9 25.50 -78.24 -13.98
CA VAL M 9 24.14 -78.00 -13.48
C VAL M 9 24.08 -76.54 -13.02
N MET M 10 23.17 -75.79 -13.62
CA MET M 10 23.00 -74.35 -13.38
C MET M 10 21.50 -74.06 -13.31
N GLY M 11 20.93 -74.15 -12.12
CA GLY M 11 19.48 -74.05 -11.94
C GLY M 11 18.78 -75.13 -12.76
N PRO M 12 17.76 -74.76 -13.53
CA PRO M 12 17.03 -75.76 -14.33
C PRO M 12 17.69 -76.07 -15.68
N VAL M 13 18.97 -75.74 -15.84
CA VAL M 13 19.70 -76.02 -17.08
C VAL M 13 20.83 -77.01 -16.79
N VAL M 14 20.88 -78.09 -17.57
CA VAL M 14 21.84 -79.17 -17.37
C VAL M 14 22.60 -79.41 -18.69
N ASP M 15 23.92 -79.29 -18.64
CA ASP M 15 24.80 -79.61 -19.77
C ASP M 15 25.26 -81.05 -19.65
N ILE M 16 25.12 -81.82 -20.73
CA ILE M 16 25.39 -83.25 -20.74
C ILE M 16 26.31 -83.56 -21.90
N GLN M 17 27.39 -84.29 -21.64
CA GLN M 17 28.33 -84.71 -22.68
C GLN M 17 28.03 -86.12 -23.17
N PHE M 18 27.92 -86.29 -24.47
CA PHE M 18 27.70 -87.61 -25.11
C PHE M 18 28.94 -88.01 -25.92
N GLU M 19 28.91 -89.19 -26.51
CA GLU M 19 30.03 -89.69 -27.33
C GLU M 19 29.85 -89.29 -28.77
N SER M 20 30.98 -89.04 -29.45
CA SER M 20 31.02 -88.51 -30.82
C SER M 20 29.77 -88.65 -31.73
N GLY M 21 29.45 -89.85 -32.22
CA GLY M 21 28.37 -90.02 -33.17
C GLY M 21 26.94 -89.99 -32.62
N GLN M 22 26.76 -90.04 -31.28
CA GLN M 22 25.43 -90.26 -30.70
C GLN M 22 24.96 -89.14 -29.79
N LEU M 23 24.71 -88.01 -30.42
CA LEU M 23 24.13 -86.83 -29.78
C LEU M 23 22.63 -86.85 -30.01
N PRO M 24 21.83 -86.67 -28.94
CA PRO M 24 20.36 -86.61 -29.08
C PRO M 24 19.93 -85.44 -29.96
N ASP M 25 18.90 -85.68 -30.77
CA ASP M 25 18.22 -84.61 -31.52
C ASP M 25 17.68 -83.53 -30.57
N ILE M 26 17.53 -82.32 -31.08
CA ILE M 26 16.93 -81.23 -30.30
C ILE M 26 15.49 -81.62 -29.99
N TYR M 27 15.05 -81.28 -28.78
CA TYR M 27 13.73 -81.64 -28.23
C TYR M 27 13.60 -83.09 -27.76
N ASN M 28 14.68 -83.87 -27.77
CA ASN M 28 14.63 -85.24 -27.24
C ASN M 28 14.58 -85.28 -25.72
N ALA M 29 13.80 -86.21 -25.19
CA ALA M 29 13.74 -86.47 -23.76
C ALA M 29 14.97 -87.26 -23.33
N ILE M 30 15.51 -86.91 -22.16
CA ILE M 30 16.72 -87.53 -21.63
C ILE M 30 16.49 -87.78 -20.14
N THR M 31 16.69 -89.02 -19.69
CA THR M 31 16.44 -89.36 -18.28
C THR M 31 17.75 -89.43 -17.49
N ILE M 32 17.70 -88.96 -16.25
CA ILE M 32 18.81 -89.06 -15.30
C ILE M 32 18.24 -89.68 -14.03
N GLU M 33 18.82 -90.80 -13.59
CA GLU M 33 18.46 -91.41 -12.32
C GLU M 33 19.06 -90.59 -11.21
N ARG M 34 18.22 -90.11 -10.29
CA ARG M 34 18.70 -89.31 -9.14
C ARG M 34 19.43 -90.21 -8.13
N PRO M 35 20.52 -89.69 -7.50
CA PRO M 35 21.13 -90.39 -6.38
C PRO M 35 20.15 -90.68 -5.25
N GLN M 36 19.24 -89.74 -4.99
CA GLN M 36 18.22 -89.87 -3.92
C GLN M 36 17.07 -90.81 -4.32
N GLY M 37 17.10 -91.41 -5.51
CA GLY M 37 15.98 -92.18 -6.05
C GLY M 37 15.05 -91.32 -6.88
N GLY M 38 14.42 -91.93 -7.88
CA GLY M 38 13.53 -91.22 -8.79
C GLY M 38 14.27 -90.80 -10.04
N THR M 39 13.49 -90.47 -11.08
CA THR M 39 14.01 -90.05 -12.39
C THR M 39 13.74 -88.57 -12.64
N LEU M 40 14.76 -87.85 -13.09
CA LEU M 40 14.61 -86.49 -13.62
C LEU M 40 14.61 -86.57 -15.13
N THR M 41 13.50 -86.19 -15.76
CA THR M 41 13.47 -86.08 -17.21
C THR M 41 13.91 -84.66 -17.59
N VAL M 42 14.51 -84.53 -18.76
CA VAL M 42 15.20 -83.31 -19.21
C VAL M 42 15.06 -83.25 -20.73
N GLU M 43 14.97 -82.04 -21.29
CA GLU M 43 14.70 -81.86 -22.74
C GLU M 43 15.88 -81.15 -23.42
N ALA M 44 16.38 -81.75 -24.50
CA ALA M 44 17.54 -81.21 -25.21
C ALA M 44 17.18 -79.93 -25.92
N ALA M 45 18.06 -78.93 -25.84
CA ALA M 45 17.78 -77.59 -26.38
C ALA M 45 18.81 -77.07 -27.36
N VAL M 46 20.08 -77.09 -26.93
CA VAL M 46 21.17 -76.55 -27.73
C VAL M 46 22.30 -77.58 -27.83
N HIS M 47 22.97 -77.64 -28.97
CA HIS M 47 24.18 -78.42 -29.17
C HIS M 47 25.35 -77.46 -29.08
N LEU M 48 26.02 -77.46 -27.93
CA LEU M 48 27.06 -76.47 -27.64
C LEU M 48 28.37 -76.70 -28.37
N GLY M 49 28.60 -77.91 -28.89
CA GLY M 49 29.89 -78.31 -29.46
C GLY M 49 30.69 -79.12 -28.45
N ASP M 50 31.76 -79.75 -28.91
CA ASP M 50 32.55 -80.72 -28.12
C ASP M 50 31.66 -81.82 -27.55
N ASN M 51 30.70 -82.26 -28.35
CA ASN M 51 29.72 -83.30 -27.99
C ASN M 51 28.91 -83.04 -26.71
N VAL M 52 28.58 -81.78 -26.47
CA VAL M 52 27.78 -81.38 -25.32
C VAL M 52 26.42 -80.90 -25.79
N VAL M 53 25.38 -81.18 -24.99
CA VAL M 53 24.03 -80.68 -25.22
C VAL M 53 23.53 -79.98 -23.97
N ARG M 54 23.08 -78.74 -24.13
CA ARG M 54 22.44 -78.00 -23.06
C ARG M 54 20.98 -78.37 -23.05
N CYS M 55 20.47 -78.72 -21.88
CA CYS M 55 19.11 -79.24 -21.75
C CYS M 55 18.33 -78.51 -20.66
N VAL M 56 17.00 -78.42 -20.87
CA VAL M 56 16.10 -77.74 -19.95
C VAL M 56 15.34 -78.75 -19.09
N ALA M 57 15.53 -78.66 -17.77
CA ALA M 57 14.92 -79.60 -16.83
C ALA M 57 13.43 -79.45 -16.67
N MET M 58 12.73 -80.59 -16.55
CA MET M 58 11.28 -80.63 -16.31
C MET M 58 10.92 -80.81 -14.84
N ALA M 59 11.93 -80.86 -13.96
CA ALA M 59 11.73 -80.95 -12.50
C ALA M 59 12.98 -80.40 -11.81
N SER M 60 12.99 -80.39 -10.48
CA SER M 60 14.12 -79.80 -9.73
C SER M 60 15.44 -80.50 -10.03
N THR M 61 16.52 -79.71 -10.15
CA THR M 61 17.88 -80.21 -10.33
C THR M 61 18.67 -80.27 -9.02
N ASP M 62 18.04 -79.93 -7.89
CA ASP M 62 18.66 -80.09 -6.59
C ASP M 62 18.96 -81.56 -6.36
N GLY M 63 20.14 -81.86 -5.84
CA GLY M 63 20.55 -83.25 -5.60
C GLY M 63 21.39 -83.90 -6.70
N LEU M 64 21.42 -83.31 -7.89
CA LEU M 64 22.25 -83.83 -8.97
C LEU M 64 23.73 -83.63 -8.69
N VAL M 65 24.54 -84.50 -9.29
CA VAL M 65 25.99 -84.51 -9.12
C VAL M 65 26.60 -84.56 -10.52
N ARG M 66 27.73 -83.90 -10.71
CA ARG M 66 28.43 -83.96 -11.98
C ARG M 66 28.95 -85.38 -12.19
N GLY M 67 28.86 -85.85 -13.42
CA GLY M 67 29.35 -87.17 -13.79
C GLY M 67 28.31 -88.28 -13.74
N LEU M 68 27.06 -87.96 -13.42
CA LEU M 68 25.99 -88.95 -13.42
C LEU M 68 25.62 -89.39 -14.84
N GLU M 69 25.12 -90.61 -14.93
CA GLU M 69 24.70 -91.16 -16.20
C GLU M 69 23.36 -90.55 -16.61
N ALA M 70 23.25 -90.21 -17.89
CA ALA M 70 22.04 -89.72 -18.52
C ALA M 70 21.77 -90.53 -19.77
N VAL M 71 20.50 -90.84 -20.02
CA VAL M 71 20.11 -91.74 -21.10
C VAL M 71 19.21 -91.03 -22.12
N ASP M 72 19.65 -90.97 -23.38
CA ASP M 72 18.82 -90.50 -24.49
C ASP M 72 17.69 -91.48 -24.74
N THR M 73 16.44 -91.03 -24.65
CA THR M 73 15.27 -91.87 -24.94
C THR M 73 15.06 -92.05 -26.45
N GLY M 74 15.70 -91.21 -27.27
CA GLY M 74 15.71 -91.35 -28.73
C GLY M 74 14.60 -90.61 -29.46
N ALA M 75 13.70 -89.97 -28.70
CA ALA M 75 12.59 -89.22 -29.27
C ALA M 75 12.16 -88.13 -28.25
N PRO M 76 11.31 -87.16 -28.70
CA PRO M 76 10.77 -86.16 -27.77
C PRO M 76 9.98 -86.74 -26.62
N ILE M 77 9.52 -85.89 -25.72
CA ILE M 77 8.70 -86.38 -24.58
C ILE M 77 7.50 -87.07 -25.15
N SER M 78 7.26 -88.31 -24.76
CA SER M 78 6.18 -89.10 -25.35
C SER M 78 5.15 -89.50 -24.32
N VAL M 79 3.90 -89.35 -24.73
CA VAL M 79 2.79 -89.21 -23.83
C VAL M 79 1.62 -90.11 -24.25
N PRO M 80 0.89 -90.72 -23.26
CA PRO M 80 -0.21 -91.63 -23.60
C PRO M 80 -1.33 -90.95 -24.37
N VAL M 81 -1.90 -91.65 -25.36
CA VAL M 81 -3.06 -91.15 -26.11
C VAL M 81 -4.18 -92.17 -26.12
N GLY M 82 -5.35 -91.75 -26.59
CA GLY M 82 -6.50 -92.64 -26.71
C GLY M 82 -7.32 -92.73 -25.42
N LYS M 83 -8.19 -93.73 -25.37
CA LYS M 83 -9.28 -93.80 -24.38
C LYS M 83 -8.79 -93.98 -22.95
N ALA M 84 -7.58 -94.52 -22.78
CA ALA M 84 -6.97 -94.66 -21.45
C ALA M 84 -6.68 -93.32 -20.75
N THR M 85 -6.55 -92.23 -21.53
CA THR M 85 -6.33 -90.88 -20.98
C THR M 85 -7.59 -90.26 -20.35
N LEU M 86 -8.76 -90.66 -20.86
CA LEU M 86 -10.05 -90.13 -20.39
C LEU M 86 -10.25 -90.41 -18.91
N GLY M 87 -10.71 -89.40 -18.16
CA GLY M 87 -10.93 -89.50 -16.74
C GLY M 87 -9.69 -89.40 -15.86
N ARG M 88 -8.52 -89.25 -16.47
CA ARG M 88 -7.24 -89.23 -15.77
C ARG M 88 -6.60 -87.84 -15.73
N VAL M 89 -5.67 -87.67 -14.81
CA VAL M 89 -4.94 -86.42 -14.62
C VAL M 89 -3.43 -86.68 -14.77
N PHE M 90 -2.81 -85.98 -15.71
CA PHE M 90 -1.41 -86.16 -16.06
C PHE M 90 -0.57 -84.93 -15.75
N ASN M 91 0.74 -85.14 -15.68
CA ASN M 91 1.71 -84.08 -15.68
C ASN M 91 2.24 -83.90 -17.09
N VAL M 92 3.23 -83.02 -17.29
CA VAL M 92 3.81 -82.78 -18.63
C VAL M 92 4.38 -84.03 -19.33
N LEU M 93 4.92 -84.94 -18.54
CA LEU M 93 5.58 -86.13 -19.06
C LEU M 93 4.62 -87.26 -19.45
N GLY M 94 3.32 -87.11 -19.16
CA GLY M 94 2.35 -88.15 -19.41
C GLY M 94 2.20 -89.18 -18.31
N GLU M 95 2.86 -88.93 -17.18
CA GLU M 95 2.74 -89.77 -15.99
C GLU M 95 1.46 -89.36 -15.27
N PRO M 96 0.66 -90.31 -14.80
CA PRO M 96 -0.54 -89.94 -14.06
C PRO M 96 -0.22 -89.42 -12.66
N ILE M 97 -0.92 -88.37 -12.24
CA ILE M 97 -0.74 -87.75 -10.91
C ILE M 97 -2.02 -87.79 -10.07
N ASP M 98 -2.98 -88.64 -10.47
CA ASP M 98 -4.26 -88.79 -9.76
C ASP M 98 -4.25 -89.98 -8.78
N GLU M 99 -3.12 -90.68 -8.67
CA GLU M 99 -2.97 -91.81 -7.76
C GLU M 99 -4.00 -92.93 -8.05
N GLN M 100 -4.19 -93.23 -9.33
CA GLN M 100 -5.08 -94.29 -9.79
C GLN M 100 -4.31 -95.33 -10.63
N GLY M 101 -3.04 -95.58 -10.30
CA GLY M 101 -2.24 -96.61 -10.97
C GLY M 101 -1.89 -96.30 -12.41
N GLU M 102 -1.33 -97.28 -13.11
CA GLU M 102 -0.81 -97.06 -14.47
C GLU M 102 -1.89 -96.76 -15.48
N VAL M 103 -1.48 -96.23 -16.62
CA VAL M 103 -2.37 -95.94 -17.74
C VAL M 103 -2.03 -96.96 -18.81
N ASN M 104 -2.93 -97.93 -19.04
CA ASN M 104 -2.75 -98.90 -20.10
C ASN M 104 -3.27 -98.36 -21.42
N ALA M 105 -2.43 -97.52 -22.02
CA ALA M 105 -2.65 -97.02 -23.38
C ALA M 105 -1.79 -97.79 -24.32
N GLU M 106 -2.34 -98.12 -25.48
CA GLU M 106 -1.56 -98.86 -26.49
C GLU M 106 -0.41 -98.01 -27.05
N GLU M 107 -0.62 -96.70 -27.23
CA GLU M 107 0.42 -95.87 -27.86
C GLU M 107 0.88 -94.69 -27.01
N ARG M 108 2.07 -94.20 -27.34
CA ARG M 108 2.60 -92.98 -26.81
C ARG M 108 3.14 -92.11 -27.93
N HIS M 109 2.53 -90.94 -28.11
CA HIS M 109 2.91 -90.02 -29.19
C HIS M 109 3.85 -88.94 -28.68
N PRO M 110 4.76 -88.45 -29.54
CA PRO M 110 5.70 -87.41 -29.11
C PRO M 110 5.01 -86.04 -29.13
N ILE M 111 5.29 -85.21 -28.14
CA ILE M 111 4.62 -83.90 -27.97
C ILE M 111 5.07 -82.81 -28.94
N HIS M 112 6.27 -82.98 -29.55
CA HIS M 112 6.74 -82.06 -30.58
C HIS M 112 6.52 -82.69 -31.95
N ARG M 113 6.12 -81.84 -32.90
CA ARG M 113 5.46 -82.32 -34.10
C ARG M 113 5.20 -81.13 -35.03
N PRO M 114 5.40 -81.29 -36.34
CA PRO M 114 4.96 -80.21 -37.26
C PRO M 114 3.44 -80.01 -37.31
N ALA M 115 3.02 -78.86 -37.78
CA ALA M 115 1.61 -78.56 -38.01
C ALA M 115 1.09 -79.36 -39.20
N PRO M 116 -0.21 -79.69 -39.22
CA PRO M 116 -0.82 -80.44 -40.33
C PRO M 116 -0.49 -79.85 -41.71
N GLU M 117 -0.34 -80.72 -42.72
CA GLU M 117 0.06 -80.29 -44.06
C GLU M 117 -1.03 -79.47 -44.71
N PHE M 118 -0.68 -78.66 -45.72
CA PHE M 118 -1.65 -77.83 -46.44
C PHE M 118 -2.82 -78.64 -47.04
N GLU M 119 -2.46 -79.81 -47.57
CA GLU M 119 -3.41 -80.72 -48.21
C GLU M 119 -4.50 -81.22 -47.26
N GLU M 120 -4.15 -81.37 -45.97
CA GLU M 120 -5.05 -81.91 -44.97
C GLU M 120 -6.12 -80.92 -44.44
N LEU M 121 -6.08 -79.63 -44.84
CA LEU M 121 -6.87 -78.61 -44.18
C LEU M 121 -8.28 -78.38 -44.71
N SER M 122 -9.29 -78.50 -43.85
CA SER M 122 -10.61 -77.89 -44.10
C SER M 122 -10.43 -76.44 -44.64
N THR M 123 -11.18 -76.07 -45.70
CA THR M 123 -10.95 -74.80 -46.45
C THR M 123 -12.21 -73.93 -46.48
N ALA M 124 -12.96 -73.98 -45.41
CA ALA M 124 -14.27 -73.34 -45.30
C ALA M 124 -14.64 -73.30 -43.79
N ASP M 125 -15.15 -72.17 -43.35
CA ASP M 125 -15.48 -71.95 -41.96
C ASP M 125 -16.76 -72.64 -41.58
N GLU M 126 -16.69 -73.50 -40.56
CA GLU M 126 -17.84 -74.26 -40.10
C GLU M 126 -18.10 -73.87 -38.65
N ILE M 127 -19.35 -73.46 -38.36
CA ILE M 127 -19.81 -73.28 -36.98
C ILE M 127 -19.71 -74.56 -36.14
N LEU M 128 -19.29 -74.41 -34.89
CA LEU M 128 -19.38 -75.45 -33.87
C LEU M 128 -20.53 -75.10 -32.93
N GLU M 129 -21.62 -75.87 -33.02
CA GLU M 129 -22.81 -75.68 -32.21
C GLU M 129 -22.45 -76.11 -30.80
N THR M 130 -22.65 -75.21 -29.84
CA THR M 130 -22.44 -75.47 -28.41
C THR M 130 -23.72 -75.85 -27.68
N GLY M 131 -24.86 -75.47 -28.25
CA GLY M 131 -26.15 -75.59 -27.56
C GLY M 131 -26.42 -74.48 -26.55
N ILE M 132 -25.52 -73.49 -26.44
CA ILE M 132 -25.65 -72.38 -25.51
C ILE M 132 -26.04 -71.13 -26.28
N LYS M 133 -27.21 -70.56 -25.93
CA LYS M 133 -27.86 -69.57 -26.81
C LYS M 133 -27.01 -68.34 -27.08
N VAL M 134 -26.45 -67.77 -26.00
CA VAL M 134 -25.65 -66.55 -26.12
C VAL M 134 -24.48 -66.69 -27.07
N ILE M 135 -23.78 -67.81 -26.96
CA ILE M 135 -22.58 -68.08 -27.75
C ILE M 135 -22.97 -68.32 -29.22
N ASP M 136 -23.83 -69.31 -29.43
CA ASP M 136 -24.27 -69.70 -30.79
C ASP M 136 -24.80 -68.51 -31.60
N LEU M 137 -25.56 -67.65 -30.94
CA LEU M 137 -26.18 -66.51 -31.62
C LEU M 137 -25.18 -65.39 -31.92
N LEU M 138 -24.54 -64.88 -30.86
CA LEU M 138 -23.82 -63.59 -30.91
C LEU M 138 -22.30 -63.65 -31.07
N ALA M 139 -21.70 -64.74 -30.67
CA ALA M 139 -20.24 -64.90 -30.79
C ALA M 139 -19.91 -66.36 -30.99
N PRO M 140 -20.38 -66.95 -32.11
CA PRO M 140 -20.28 -68.39 -32.31
C PRO M 140 -18.85 -68.89 -32.44
N TYR M 141 -18.66 -70.12 -31.93
CA TYR M 141 -17.38 -70.81 -32.01
C TYR M 141 -17.27 -71.46 -33.38
N ALA M 142 -16.06 -71.50 -33.94
CA ALA M 142 -15.80 -72.10 -35.24
C ALA M 142 -14.96 -73.38 -35.04
N LYS M 143 -15.24 -74.41 -35.86
CA LYS M 143 -14.51 -75.67 -35.74
C LYS M 143 -13.01 -75.71 -35.72
N GLY M 144 -12.26 -75.09 -36.62
CA GLY M 144 -10.81 -75.17 -36.47
C GLY M 144 -10.24 -74.31 -35.28
N GLY M 145 -11.07 -73.47 -34.69
CA GLY M 145 -10.65 -72.16 -34.29
C GLY M 145 -10.37 -71.95 -32.84
N LYS M 146 -9.82 -70.77 -32.55
CA LYS M 146 -9.42 -70.35 -31.26
C LYS M 146 -10.34 -69.28 -30.71
N ILE M 147 -10.64 -69.48 -29.46
CA ILE M 147 -11.61 -68.76 -28.71
C ILE M 147 -10.94 -68.26 -27.46
N GLY M 148 -11.02 -66.97 -27.18
CA GLY M 148 -10.35 -66.31 -26.04
C GLY M 148 -11.36 -66.00 -24.88
N LEU M 149 -11.06 -66.54 -23.69
CA LEU M 149 -12.05 -66.65 -22.62
C LEU M 149 -11.70 -65.67 -21.51
N PHE M 150 -12.35 -64.51 -21.51
CA PHE M 150 -12.05 -63.47 -20.52
C PHE M 150 -13.00 -63.56 -19.35
N GLY M 151 -12.48 -63.46 -18.13
CA GLY M 151 -13.38 -63.38 -16.99
C GLY M 151 -12.74 -63.67 -15.65
N GLY M 152 -13.16 -62.91 -14.65
CA GLY M 152 -12.45 -62.86 -13.38
C GLY M 152 -12.89 -64.04 -12.52
N ALA M 153 -12.58 -63.88 -11.22
CA ALA M 153 -12.95 -64.86 -10.24
C ALA M 153 -14.43 -64.86 -9.96
N GLY M 154 -15.06 -66.03 -10.02
CA GLY M 154 -16.47 -66.20 -9.61
C GLY M 154 -17.53 -65.74 -10.59
N VAL M 155 -17.18 -65.73 -11.89
CA VAL M 155 -18.14 -65.36 -12.95
C VAL M 155 -18.75 -66.56 -13.71
N GLY M 156 -18.18 -67.75 -13.52
CA GLY M 156 -18.66 -68.98 -14.16
C GLY M 156 -17.77 -69.63 -15.23
N LYS M 157 -16.45 -69.44 -15.13
CA LYS M 157 -15.50 -69.98 -16.09
C LYS M 157 -15.52 -71.50 -16.10
N THR M 158 -15.24 -72.09 -14.95
CA THR M 158 -15.19 -73.55 -14.80
C THR M 158 -16.56 -74.22 -15.08
N VAL M 159 -17.65 -73.61 -14.62
CA VAL M 159 -18.99 -74.12 -14.94
C VAL M 159 -19.20 -74.12 -16.46
N LEU M 160 -18.83 -73.03 -17.12
CA LEU M 160 -18.94 -72.90 -18.58
C LEU M 160 -18.05 -73.91 -19.30
N ILE M 161 -16.82 -74.10 -18.82
CA ILE M 161 -15.90 -75.04 -19.48
C ILE M 161 -16.42 -76.47 -19.37
N GLN M 162 -17.03 -76.81 -18.22
CA GLN M 162 -17.64 -78.13 -18.03
C GLN M 162 -18.88 -78.34 -18.87
N GLU M 163 -19.71 -77.30 -19.01
CA GLU M 163 -20.90 -77.40 -19.84
C GLU M 163 -20.54 -77.57 -21.30
N LEU M 164 -19.44 -76.96 -21.74
CA LEU M 164 -18.96 -77.17 -23.11
C LEU M 164 -18.44 -78.61 -23.31
N ILE M 165 -17.72 -79.13 -22.30
CA ILE M 165 -17.30 -80.51 -22.31
C ILE M 165 -18.53 -81.46 -22.38
N ASN M 166 -19.53 -81.15 -21.57
CA ASN M 166 -20.76 -81.92 -21.60
C ASN M 166 -21.44 -81.84 -22.96
N ASN M 167 -21.69 -80.63 -23.46
CA ASN M 167 -22.48 -80.45 -24.69
C ASN M 167 -21.77 -80.81 -26.00
N VAL M 168 -20.45 -80.65 -26.07
CA VAL M 168 -19.69 -81.31 -27.14
C VAL M 168 -19.77 -82.86 -27.05
N ALA M 169 -19.68 -83.41 -25.84
CA ALA M 169 -19.82 -84.85 -25.62
C ALA M 169 -21.23 -85.43 -25.92
N GLN M 170 -22.29 -84.73 -25.48
CA GLN M 170 -23.67 -85.27 -25.64
C GLN M 170 -24.07 -85.39 -27.12
N GLU M 171 -23.84 -84.32 -27.90
CA GLU M 171 -24.58 -84.07 -29.16
C GLU M 171 -23.75 -84.28 -30.44
N HIS M 172 -22.51 -83.85 -30.42
CA HIS M 172 -21.54 -84.10 -31.51
C HIS M 172 -20.68 -85.32 -31.24
N GLY M 173 -20.64 -85.76 -29.97
CA GLY M 173 -19.92 -86.97 -29.59
C GLY M 173 -18.41 -86.84 -29.53
N GLY M 174 -17.92 -85.61 -29.39
CA GLY M 174 -16.51 -85.30 -29.22
C GLY M 174 -16.05 -85.24 -27.79
N LEU M 175 -14.76 -85.41 -27.59
CA LEU M 175 -14.14 -85.49 -26.26
C LEU M 175 -13.44 -84.16 -25.99
N SER M 176 -12.86 -84.05 -24.78
CA SER M 176 -12.15 -82.81 -24.39
C SER M 176 -10.83 -83.07 -23.70
N VAL M 177 -9.99 -82.06 -23.76
CA VAL M 177 -8.74 -82.01 -22.99
C VAL M 177 -8.61 -80.68 -22.31
N PHE M 178 -8.31 -80.68 -21.02
CA PHE M 178 -7.99 -79.47 -20.26
C PHE M 178 -6.50 -79.43 -19.92
N ALA M 179 -5.81 -78.40 -20.37
CA ALA M 179 -4.40 -78.15 -20.08
C ALA M 179 -4.31 -76.95 -19.13
N GLY M 180 -3.91 -77.22 -17.89
CA GLY M 180 -3.65 -76.21 -16.89
C GLY M 180 -2.19 -75.78 -16.99
N VAL M 181 -1.99 -74.62 -17.61
CA VAL M 181 -0.65 -74.08 -17.84
C VAL M 181 -0.41 -73.01 -16.78
N GLY M 182 0.50 -73.33 -15.86
CA GLY M 182 0.52 -72.65 -14.56
C GLY M 182 -0.76 -72.84 -13.75
N GLU M 183 -1.30 -74.07 -13.73
CA GLU M 183 -2.40 -74.36 -12.80
C GLU M 183 -1.93 -74.18 -11.35
N ARG M 184 -2.74 -73.50 -10.55
CA ARG M 184 -2.58 -73.46 -9.08
C ARG M 184 -3.04 -74.77 -8.46
N THR M 185 -2.19 -75.42 -7.68
CA THR M 185 -2.48 -76.80 -7.24
C THR M 185 -3.82 -76.90 -6.52
N ARG M 186 -4.09 -75.94 -5.65
CA ARG M 186 -5.41 -75.88 -4.97
C ARG M 186 -6.59 -75.89 -5.96
N GLU M 187 -6.46 -75.12 -7.03
CA GLU M 187 -7.55 -74.98 -8.04
C GLU M 187 -7.59 -76.19 -8.98
N GLY M 188 -6.50 -76.91 -9.16
CA GLY M 188 -6.51 -78.19 -9.88
C GLY M 188 -7.34 -79.24 -9.13
N ASN M 189 -7.07 -79.32 -7.83
CA ASN M 189 -7.81 -80.18 -6.92
C ASN M 189 -9.29 -79.88 -6.90
N ASP M 190 -9.66 -78.60 -6.88
CA ASP M 190 -11.07 -78.20 -6.91
C ASP M 190 -11.70 -78.57 -8.25
N LEU M 191 -10.98 -78.33 -9.35
CA LEU M 191 -11.49 -78.63 -10.69
C LEU M 191 -11.67 -80.13 -10.94
N TYR M 192 -10.80 -80.94 -10.36
CA TYR M 192 -10.93 -82.39 -10.43
C TYR M 192 -12.25 -82.83 -9.81
N HIS M 193 -12.43 -82.51 -8.52
CA HIS M 193 -13.65 -82.83 -7.78
C HIS M 193 -14.89 -82.20 -8.43
N GLU M 194 -14.78 -80.99 -8.95
CA GLU M 194 -15.90 -80.31 -9.63
C GLU M 194 -16.35 -81.08 -10.86
N MET M 195 -15.39 -81.59 -11.62
CA MET M 195 -15.70 -82.37 -12.83
C MET M 195 -16.18 -83.78 -12.51
N LYS M 196 -15.66 -84.36 -11.42
CA LYS M 196 -16.11 -85.68 -10.95
C LYS M 196 -17.59 -85.64 -10.53
N ASP M 197 -18.00 -84.59 -9.82
CA ASP M 197 -19.39 -84.43 -9.36
C ASP M 197 -20.38 -84.17 -10.49
N SER M 198 -20.02 -83.31 -11.44
CA SER M 198 -20.86 -83.07 -12.61
C SER M 198 -20.82 -84.21 -13.63
N GLY M 199 -19.85 -85.13 -13.48
CA GLY M 199 -19.77 -86.30 -14.35
C GLY M 199 -19.04 -86.07 -15.66
N VAL M 200 -18.65 -84.82 -15.97
CA VAL M 200 -17.95 -84.51 -17.20
C VAL M 200 -16.55 -85.13 -17.26
N ILE M 201 -15.96 -85.43 -16.09
CA ILE M 201 -14.63 -86.05 -16.00
C ILE M 201 -14.37 -87.20 -16.98
N SER M 202 -15.35 -88.09 -17.15
CA SER M 202 -15.18 -89.26 -18.00
C SER M 202 -15.06 -88.89 -19.50
N LYS M 203 -15.51 -87.69 -19.90
CA LYS M 203 -15.34 -87.21 -21.26
C LYS M 203 -14.10 -86.34 -21.48
N THR M 204 -13.21 -86.26 -20.48
CA THR M 204 -12.14 -85.26 -20.47
C THR M 204 -10.80 -85.88 -19.98
N SER M 205 -9.71 -85.62 -20.71
CA SER M 205 -8.33 -85.83 -20.21
C SER M 205 -7.88 -84.52 -19.57
N MET M 206 -7.13 -84.61 -18.47
CA MET M 206 -6.59 -83.41 -17.81
C MET M 206 -5.08 -83.45 -17.67
N VAL M 207 -4.45 -82.31 -17.91
CA VAL M 207 -2.98 -82.16 -17.82
C VAL M 207 -2.67 -80.91 -17.02
N PHE M 208 -1.86 -81.04 -15.96
CA PHE M 208 -1.49 -79.90 -15.11
C PHE M 208 0.04 -79.75 -15.08
N GLY M 209 0.50 -78.57 -15.47
CA GLY M 209 1.88 -78.10 -15.32
C GLY M 209 1.75 -76.86 -14.37
N GLN M 210 1.92 -77.25 -13.11
CA GLN M 210 1.48 -76.40 -11.99
C GLN M 210 2.47 -75.31 -11.61
N MET M 211 2.00 -74.31 -10.88
CA MET M 211 2.77 -73.05 -10.68
C MET M 211 4.18 -73.27 -10.05
N ASN M 212 4.30 -74.35 -9.29
CA ASN M 212 5.54 -74.71 -8.62
C ASN M 212 6.50 -75.49 -9.43
N GLU M 213 6.16 -75.91 -10.64
CA GLU M 213 7.08 -76.64 -11.54
C GLU M 213 8.03 -75.67 -12.21
N PRO M 214 9.22 -76.15 -12.63
CA PRO M 214 10.13 -75.29 -13.39
C PRO M 214 9.56 -74.83 -14.72
N PRO M 215 10.20 -73.82 -15.35
CA PRO M 215 9.71 -73.21 -16.58
C PRO M 215 9.50 -74.20 -17.74
N GLY M 216 10.45 -75.12 -17.92
CA GLY M 216 10.33 -76.13 -18.97
C GLY M 216 8.99 -76.86 -18.94
N ALA M 217 8.57 -77.28 -17.76
CA ALA M 217 7.30 -77.99 -17.56
C ALA M 217 6.12 -77.15 -18.00
N ARG M 218 6.08 -75.91 -17.52
CA ARG M 218 4.98 -74.97 -17.86
C ARG M 218 4.99 -74.57 -19.34
N LEU M 219 6.17 -74.58 -19.97
CA LEU M 219 6.31 -74.30 -21.41
C LEU M 219 5.71 -75.37 -22.29
N ARG M 220 5.79 -76.61 -21.86
CA ARG M 220 5.52 -77.79 -22.72
C ARG M 220 4.26 -78.58 -22.35
N VAL M 221 3.70 -78.34 -21.15
CA VAL M 221 2.48 -78.98 -20.74
C VAL M 221 1.31 -78.79 -21.72
N ALA M 222 1.20 -77.64 -22.37
CA ALA M 222 0.12 -77.43 -23.33
C ALA M 222 0.21 -78.37 -24.53
N LEU M 223 1.44 -78.68 -24.94
CA LEU M 223 1.71 -79.61 -26.04
C LEU M 223 1.24 -81.04 -25.67
N THR M 224 1.46 -81.41 -24.41
CA THR M 224 1.02 -82.69 -23.88
C THR M 224 -0.49 -82.84 -24.03
N GLY M 225 -1.24 -81.84 -23.57
CA GLY M 225 -2.68 -81.79 -23.72
C GLY M 225 -3.08 -81.84 -25.20
N LEU M 226 -2.45 -81.02 -26.02
CA LEU M 226 -2.74 -80.94 -27.44
C LEU M 226 -2.50 -82.26 -28.20
N THR M 227 -1.47 -82.98 -27.79
CA THR M 227 -1.13 -84.28 -28.37
C THR M 227 -2.21 -85.33 -28.12
N MET M 228 -2.85 -85.27 -26.96
CA MET M 228 -3.96 -86.15 -26.62
C MET M 228 -5.19 -85.82 -27.51
N ALA M 229 -5.44 -84.53 -27.71
CA ALA M 229 -6.54 -84.06 -28.54
C ALA M 229 -6.33 -84.37 -30.02
N GLU M 230 -5.09 -84.34 -30.46
CA GLU M 230 -4.74 -84.69 -31.84
C GLU M 230 -5.09 -86.12 -32.20
N TYR M 231 -4.92 -87.03 -31.24
CA TYR M 231 -5.34 -88.43 -31.42
C TYR M 231 -6.84 -88.48 -31.71
N PHE M 232 -7.64 -87.89 -30.81
CA PHE M 232 -9.09 -87.97 -30.94
C PHE M 232 -9.59 -87.33 -32.25
N ARG M 233 -8.90 -86.31 -32.76
CA ARG M 233 -9.23 -85.70 -34.05
C ARG M 233 -8.86 -86.65 -35.16
N ASP M 234 -7.56 -86.95 -35.23
CA ASP M 234 -6.97 -87.61 -36.40
C ASP M 234 -7.31 -89.09 -36.49
N ARG M 235 -7.30 -89.80 -35.35
CA ARG M 235 -7.63 -91.22 -35.36
C ARG M 235 -9.00 -91.66 -34.86
N GLU M 236 -9.85 -90.75 -34.45
CA GLU M 236 -11.29 -91.09 -34.21
C GLU M 236 -12.28 -90.07 -34.80
N GLY M 237 -11.80 -89.28 -35.75
CA GLY M 237 -12.59 -88.28 -36.49
C GLY M 237 -13.50 -87.37 -35.68
N GLN M 238 -13.11 -87.03 -34.45
CA GLN M 238 -13.97 -86.25 -33.56
C GLN M 238 -13.73 -84.72 -33.69
N ASP M 239 -14.76 -83.96 -33.36
CA ASP M 239 -14.63 -82.52 -33.02
C ASP M 239 -14.25 -82.40 -31.58
N VAL M 240 -13.02 -81.97 -31.28
CA VAL M 240 -12.49 -82.03 -29.94
C VAL M 240 -12.33 -80.63 -29.36
N LEU M 241 -12.50 -80.52 -28.03
CA LEU M 241 -12.28 -79.27 -27.33
C LEU M 241 -10.93 -79.38 -26.59
N LEU M 242 -10.05 -78.40 -26.84
CA LEU M 242 -8.87 -78.20 -26.03
C LEU M 242 -9.04 -76.91 -25.24
N PHE M 243 -9.07 -76.99 -23.93
CA PHE M 243 -9.07 -75.84 -23.01
C PHE M 243 -7.68 -75.56 -22.52
N ILE M 244 -7.24 -74.31 -22.56
CA ILE M 244 -5.95 -73.92 -22.03
C ILE M 244 -6.14 -72.76 -21.06
N ASP M 245 -5.71 -72.94 -19.84
CA ASP M 245 -5.85 -71.93 -18.76
C ASP M 245 -4.56 -71.96 -17.98
N ASN M 246 -3.61 -71.02 -18.24
CA ASN M 246 -3.78 -69.74 -19.05
C ASN M 246 -2.74 -69.67 -20.13
N ILE M 247 -3.10 -69.33 -21.36
CA ILE M 247 -2.18 -69.31 -22.53
C ILE M 247 -1.09 -68.21 -22.39
N PHE M 248 -1.32 -67.19 -21.58
CA PHE M 248 -0.26 -66.24 -21.27
C PHE M 248 0.88 -66.89 -20.54
N ARG M 249 0.56 -67.78 -19.60
CA ARG M 249 1.58 -68.46 -18.78
C ARG M 249 2.41 -69.43 -19.60
N PHE M 250 1.90 -69.89 -20.73
CA PHE M 250 2.70 -70.59 -21.72
C PHE M 250 3.78 -69.66 -22.32
N THR M 251 3.36 -68.48 -22.76
CA THR M 251 4.27 -67.45 -23.28
C THR M 251 5.28 -66.97 -22.24
N GLN M 252 4.84 -66.87 -21.01
CA GLN M 252 5.69 -66.39 -19.89
C GLN M 252 6.73 -67.41 -19.55
N ALA M 253 6.35 -68.68 -19.52
CA ALA M 253 7.32 -69.78 -19.35
C ALA M 253 8.34 -69.82 -20.48
N GLY M 254 7.90 -69.51 -21.69
CA GLY M 254 8.80 -69.34 -22.82
C GLY M 254 9.86 -68.31 -22.61
N SER M 255 9.46 -67.16 -22.07
CA SER M 255 10.41 -66.07 -21.76
C SER M 255 11.35 -66.46 -20.61
N GLU M 256 10.85 -67.23 -19.65
CA GLU M 256 11.68 -67.71 -18.53
C GLU M 256 12.77 -68.65 -18.99
N VAL M 257 12.43 -69.60 -19.85
CA VAL M 257 13.39 -70.58 -20.39
C VAL M 257 14.38 -69.96 -21.36
N SER M 258 13.92 -68.97 -22.16
CA SER M 258 14.77 -68.18 -23.05
C SER M 258 15.88 -67.45 -22.28
N ALA M 259 15.49 -66.87 -21.16
CA ALA M 259 16.41 -66.19 -20.25
C ALA M 259 17.49 -67.14 -19.74
N LEU M 260 17.14 -68.35 -19.38
CA LEU M 260 18.09 -69.32 -18.85
C LEU M 260 18.98 -69.93 -19.94
N LEU M 261 18.50 -70.00 -21.18
CA LEU M 261 19.35 -70.39 -22.29
C LEU M 261 20.29 -69.29 -22.74
N GLY M 262 20.13 -68.07 -22.20
CA GLY M 262 21.03 -66.96 -22.48
C GLY M 262 20.68 -66.13 -23.72
N ARG M 263 19.47 -66.28 -24.25
CA ARG M 263 19.08 -65.61 -25.47
C ARG M 263 18.84 -64.13 -25.19
N MET M 264 19.25 -63.26 -26.12
CA MET M 264 18.94 -61.86 -26.01
C MET M 264 17.45 -61.60 -26.07
N PRO M 265 16.93 -60.83 -25.10
CA PRO M 265 15.55 -60.48 -25.11
C PRO M 265 15.13 -59.56 -26.29
N SER M 266 13.85 -59.67 -26.63
CA SER M 266 13.19 -58.91 -27.66
C SER M 266 12.39 -57.78 -26.99
N ALA M 267 11.45 -57.18 -27.71
CA ALA M 267 10.65 -56.08 -27.19
C ALA M 267 9.89 -56.43 -25.91
N VAL M 268 9.95 -55.51 -24.93
CA VAL M 268 9.27 -55.65 -23.63
C VAL M 268 9.80 -56.85 -22.82
N GLY M 269 11.02 -57.27 -23.10
CA GLY M 269 11.66 -58.37 -22.39
C GLY M 269 11.21 -59.77 -22.72
N TYR M 270 10.37 -59.92 -23.72
CA TYR M 270 9.94 -61.27 -24.15
C TYR M 270 11.05 -61.96 -24.93
N GLN M 271 10.93 -63.27 -25.03
CA GLN M 271 11.86 -64.10 -25.79
C GLN M 271 11.81 -63.69 -27.27
N PRO M 272 12.93 -63.78 -27.98
CA PRO M 272 12.95 -63.47 -29.40
C PRO M 272 12.14 -64.45 -30.26
N THR M 273 11.90 -65.64 -29.74
CA THR M 273 11.06 -66.66 -30.39
C THR M 273 9.58 -66.62 -29.99
N LEU M 274 9.09 -65.48 -29.56
CA LEU M 274 7.69 -65.33 -29.06
C LEU M 274 6.64 -65.77 -30.07
N ALA M 275 6.77 -65.25 -31.29
CA ALA M 275 5.80 -65.49 -32.34
C ALA M 275 5.82 -66.92 -32.84
N THR M 276 7.02 -67.47 -33.08
CA THR M 276 7.19 -68.85 -33.56
C THR M 276 6.75 -69.89 -32.51
N GLU M 277 7.11 -69.71 -31.25
CA GLU M 277 6.68 -70.59 -30.16
C GLU M 277 5.15 -70.65 -30.11
N MET M 278 4.50 -69.52 -30.28
CA MET M 278 3.04 -69.43 -30.30
C MET M 278 2.46 -70.14 -31.56
N GLY M 279 3.07 -69.91 -32.71
CA GLY M 279 2.64 -70.56 -33.96
C GLY M 279 2.75 -72.06 -33.94
N GLN M 280 3.79 -72.59 -33.30
CA GLN M 280 3.99 -74.04 -33.17
C GLN M 280 2.92 -74.70 -32.32
N LEU M 281 2.34 -73.97 -31.38
CA LEU M 281 1.21 -74.47 -30.59
C LEU M 281 -0.07 -74.27 -31.37
N GLN M 282 -0.28 -73.05 -31.83
CA GLN M 282 -1.59 -72.64 -32.34
C GLN M 282 -1.93 -73.34 -33.66
N GLU M 283 -0.97 -73.47 -34.55
CA GLU M 283 -1.23 -74.06 -35.89
C GLU M 283 -1.60 -75.53 -35.85
N ARG M 284 -1.20 -76.23 -34.78
CA ARG M 284 -1.64 -77.60 -34.53
C ARG M 284 -3.13 -77.66 -34.12
N ILE M 285 -3.61 -76.62 -33.45
CA ILE M 285 -5.05 -76.46 -33.16
C ILE M 285 -5.75 -75.98 -34.43
N THR M 286 -6.32 -76.89 -35.18
CA THR M 286 -6.93 -76.58 -36.48
C THR M 286 -7.89 -77.67 -36.90
N SER M 287 -8.74 -77.33 -37.88
CA SER M 287 -9.64 -78.29 -38.50
C SER M 287 -8.98 -78.92 -39.72
N THR M 288 -8.94 -80.26 -39.75
CA THR M 288 -8.46 -81.05 -40.84
C THR M 288 -9.67 -81.70 -41.49
N LYS M 289 -9.43 -82.50 -42.52
CA LYS M 289 -10.51 -83.23 -43.17
C LYS M 289 -11.05 -84.34 -42.27
N LYS M 290 -10.18 -84.93 -41.44
CA LYS M 290 -10.59 -86.00 -40.51
C LYS M 290 -11.47 -85.53 -39.35
N GLY M 291 -11.24 -84.33 -38.86
CA GLY M 291 -12.03 -83.72 -37.81
C GLY M 291 -11.60 -82.32 -37.44
N SER M 292 -11.75 -81.93 -36.18
CA SER M 292 -11.51 -80.60 -35.73
C SER M 292 -10.94 -80.61 -34.31
N ILE M 293 -10.03 -79.67 -33.97
CA ILE M 293 -9.85 -79.22 -32.59
C ILE M 293 -10.23 -77.75 -32.47
N THR M 294 -11.24 -77.47 -31.68
CA THR M 294 -11.56 -76.11 -31.21
C THR M 294 -10.88 -75.82 -29.86
N SER M 295 -10.09 -74.73 -29.76
CA SER M 295 -9.47 -74.37 -28.52
C SER M 295 -10.09 -73.18 -27.80
N ILE M 296 -10.23 -73.29 -26.50
CA ILE M 296 -10.83 -72.28 -25.66
C ILE M 296 -9.82 -71.87 -24.59
N GLN M 297 -9.25 -70.68 -24.73
CA GLN M 297 -8.01 -70.27 -24.09
C GLN M 297 -8.24 -69.09 -23.19
N ALA M 298 -7.95 -69.22 -21.89
CA ALA M 298 -7.99 -68.05 -20.98
C ALA M 298 -6.73 -67.21 -21.19
N ILE M 299 -6.82 -65.90 -21.27
CA ILE M 299 -5.72 -65.05 -21.72
C ILE M 299 -5.47 -63.86 -20.76
N TYR M 300 -4.36 -63.89 -20.02
CA TYR M 300 -4.00 -62.77 -19.19
C TYR M 300 -3.49 -61.58 -20.09
N VAL M 301 -3.82 -60.35 -19.73
CA VAL M 301 -3.36 -59.17 -20.45
C VAL M 301 -2.50 -58.30 -19.55
N PRO M 302 -1.15 -58.36 -19.68
CA PRO M 302 -0.28 -57.62 -18.78
C PRO M 302 -0.51 -56.10 -18.81
N ALA M 303 -0.59 -55.51 -17.63
CA ALA M 303 -0.80 -54.07 -17.46
C ALA M 303 -2.02 -53.52 -18.20
N ASP M 304 -3.05 -54.34 -18.42
CA ASP M 304 -4.23 -53.98 -19.21
C ASP M 304 -3.94 -53.50 -20.62
N ASP M 305 -2.78 -53.86 -21.16
CA ASP M 305 -2.29 -53.34 -22.42
C ASP M 305 -2.45 -54.38 -23.52
N TYR M 306 -3.48 -54.23 -24.34
CA TYR M 306 -3.73 -55.13 -25.48
C TYR M 306 -2.67 -55.08 -26.56
N THR M 307 -1.80 -54.06 -26.56
CA THR M 307 -0.68 -53.97 -27.52
C THR M 307 0.58 -54.66 -27.01
N ASP M 308 0.57 -55.21 -25.80
CA ASP M 308 1.73 -55.91 -25.25
C ASP M 308 2.03 -57.11 -26.16
N PRO M 309 3.31 -57.41 -26.42
CA PRO M 309 3.60 -58.51 -27.37
C PRO M 309 2.91 -59.85 -27.09
N ALA M 310 2.65 -60.19 -25.84
CA ALA M 310 2.03 -61.48 -25.50
C ALA M 310 0.60 -61.57 -26.02
N PRO M 311 -0.31 -60.70 -25.53
CA PRO M 311 -1.67 -60.76 -26.08
C PRO M 311 -1.74 -60.43 -27.57
N ALA M 312 -0.92 -59.48 -28.03
CA ALA M 312 -0.92 -59.07 -29.44
C ALA M 312 -0.64 -60.23 -30.37
N THR M 313 0.31 -61.06 -30.02
CA THR M 313 0.59 -62.27 -30.80
C THR M 313 -0.47 -63.35 -30.66
N THR M 314 -1.08 -63.44 -29.49
CA THR M 314 -2.15 -64.44 -29.22
C THR M 314 -3.41 -64.09 -30.02
N PHE M 315 -3.72 -62.82 -30.02
CA PHE M 315 -4.87 -62.21 -30.76
C PHE M 315 -4.84 -62.52 -32.26
N ALA M 316 -3.67 -62.63 -32.86
CA ALA M 316 -3.58 -62.96 -34.28
C ALA M 316 -4.17 -64.33 -34.62
N HIS M 317 -4.27 -65.21 -33.66
CA HIS M 317 -4.82 -66.55 -33.87
C HIS M 317 -6.27 -66.72 -33.43
N LEU M 318 -6.88 -65.70 -32.75
CA LEU M 318 -8.22 -65.89 -32.25
C LEU M 318 -9.29 -65.65 -33.32
N ASP M 319 -10.28 -66.53 -33.34
CA ASP M 319 -11.47 -66.48 -34.17
C ASP M 319 -12.64 -65.89 -33.42
N ALA M 320 -12.59 -65.91 -32.10
CA ALA M 320 -13.76 -65.59 -31.27
C ALA M 320 -13.34 -65.18 -29.88
N THR M 321 -14.18 -64.45 -29.17
CA THR M 321 -14.00 -64.15 -27.75
C THR M 321 -15.27 -64.38 -26.94
N THR M 322 -15.11 -64.82 -25.69
CA THR M 322 -16.21 -64.97 -24.79
C THR M 322 -15.87 -64.16 -23.55
N ASN M 323 -16.53 -63.02 -23.39
CA ASN M 323 -16.22 -62.09 -22.31
C ASN M 323 -17.20 -62.28 -21.16
N LEU M 324 -16.75 -62.90 -20.08
CA LEU M 324 -17.59 -63.08 -18.90
C LEU M 324 -17.55 -61.82 -18.03
N GLU M 325 -18.72 -61.33 -17.63
CA GLU M 325 -18.81 -60.07 -16.87
C GLU M 325 -19.51 -60.32 -15.53
N ARG M 326 -18.88 -59.87 -14.44
CA ARG M 326 -19.47 -60.03 -13.10
C ARG M 326 -20.81 -59.34 -12.92
N LYS M 327 -21.01 -58.20 -13.59
CA LYS M 327 -22.28 -57.44 -13.48
C LYS M 327 -23.46 -58.33 -13.83
N LEU M 328 -23.33 -59.12 -14.91
CA LEU M 328 -24.38 -60.04 -15.32
C LEU M 328 -24.58 -61.18 -14.33
N ALA M 329 -23.48 -61.73 -13.82
CA ALA M 329 -23.56 -62.79 -12.84
C ALA M 329 -24.31 -62.32 -11.60
N GLU M 330 -24.03 -61.10 -11.16
CA GLU M 330 -24.70 -60.53 -9.99
C GLU M 330 -26.20 -60.31 -10.19
N MET M 331 -26.62 -60.05 -11.43
CA MET M 331 -28.06 -59.99 -11.74
C MET M 331 -28.76 -61.35 -11.81
N GLY M 332 -27.98 -62.44 -11.86
CA GLY M 332 -28.53 -63.78 -12.00
C GLY M 332 -28.58 -64.27 -13.45
N ILE M 333 -27.98 -63.51 -14.37
CA ILE M 333 -27.87 -63.93 -15.77
C ILE M 333 -26.69 -64.89 -15.93
N TYR M 334 -26.99 -66.19 -16.00
CA TYR M 334 -26.00 -67.23 -16.26
C TYR M 334 -26.35 -67.97 -17.57
N PRO M 335 -25.37 -68.30 -18.41
CA PRO M 335 -23.97 -67.92 -18.26
C PRO M 335 -23.80 -66.41 -18.41
N ALA M 336 -22.81 -65.84 -17.70
CA ALA M 336 -22.63 -64.37 -17.62
C ALA M 336 -21.72 -63.89 -18.80
N VAL M 337 -22.18 -64.18 -20.03
CA VAL M 337 -21.54 -63.74 -21.21
C VAL M 337 -22.04 -62.37 -21.66
N ASP M 338 -21.11 -61.42 -21.73
CA ASP M 338 -21.39 -60.08 -22.23
C ASP M 338 -21.80 -60.18 -23.70
N PRO M 339 -23.09 -59.96 -24.00
CA PRO M 339 -23.56 -60.13 -25.36
C PRO M 339 -23.15 -59.00 -26.33
N LEU M 340 -22.53 -57.92 -25.82
CA LEU M 340 -21.99 -56.87 -26.67
C LEU M 340 -20.49 -56.91 -26.83
N ALA M 341 -19.77 -57.23 -25.74
CA ALA M 341 -18.29 -57.32 -25.78
C ALA M 341 -17.78 -58.60 -26.46
N SER M 342 -18.53 -59.69 -26.38
CA SER M 342 -18.14 -60.96 -27.04
C SER M 342 -18.30 -60.84 -28.54
N THR M 343 -17.40 -61.48 -29.27
CA THR M 343 -17.32 -61.32 -30.73
C THR M 343 -16.86 -62.60 -31.39
N SER M 344 -17.14 -62.73 -32.67
CA SER M 344 -16.68 -63.86 -33.46
C SER M 344 -16.49 -63.44 -34.89
N ARG M 345 -15.42 -63.91 -35.49
CA ARG M 345 -15.06 -63.67 -36.88
C ARG M 345 -16.07 -64.31 -37.80
N ILE M 346 -16.73 -65.40 -37.36
CA ILE M 346 -17.68 -66.12 -38.21
C ILE M 346 -19.16 -65.71 -38.03
N LEU M 347 -19.46 -64.68 -37.22
CA LEU M 347 -20.76 -64.06 -37.27
C LEU M 347 -20.82 -63.17 -38.49
N SER M 348 -21.08 -63.81 -39.63
CA SER M 348 -21.23 -63.15 -40.92
C SER M 348 -22.25 -63.92 -41.74
N PRO M 349 -22.96 -63.23 -42.66
CA PRO M 349 -23.95 -63.93 -43.49
C PRO M 349 -23.39 -65.12 -44.28
N ALA M 350 -22.14 -65.00 -44.73
CA ALA M 350 -21.44 -66.10 -45.43
C ALA M 350 -21.43 -67.45 -44.68
N VAL M 351 -21.36 -67.42 -43.35
CA VAL M 351 -21.08 -68.64 -42.56
C VAL M 351 -22.28 -69.18 -41.81
N VAL M 352 -22.91 -68.34 -41.00
CA VAL M 352 -24.22 -68.65 -40.34
C VAL M 352 -25.16 -68.12 -41.41
N GLY M 353 -26.49 -68.25 -41.44
CA GLY M 353 -27.20 -67.73 -42.58
C GLY M 353 -27.30 -66.22 -42.66
N GLU M 354 -28.09 -65.76 -43.62
CA GLU M 354 -28.52 -64.37 -43.70
C GLU M 354 -29.47 -63.98 -42.53
N GLU M 355 -30.33 -64.92 -42.15
CA GLU M 355 -31.31 -64.70 -41.08
C GLU M 355 -30.62 -64.59 -39.71
N HIS M 356 -29.75 -65.54 -39.41
CA HIS M 356 -28.95 -65.55 -38.19
C HIS M 356 -28.27 -64.20 -37.99
N TYR M 357 -27.54 -63.74 -39.00
CA TYR M 357 -26.82 -62.46 -38.90
C TYR M 357 -27.75 -61.30 -38.62
N ARG M 358 -28.84 -61.22 -39.36
CA ARG M 358 -29.84 -60.16 -39.20
C ARG M 358 -30.40 -60.12 -37.77
N VAL M 359 -30.70 -61.30 -37.23
CA VAL M 359 -31.26 -61.42 -35.89
C VAL M 359 -30.27 -61.01 -34.82
N ALA M 360 -29.04 -61.52 -34.94
CA ALA M 360 -27.98 -61.24 -33.97
C ALA M 360 -27.66 -59.76 -33.92
N ARG M 361 -27.57 -59.11 -35.07
CA ARG M 361 -27.35 -57.66 -35.13
C ARG M 361 -28.53 -56.88 -34.59
N GLY M 362 -29.74 -57.38 -34.86
CA GLY M 362 -30.94 -56.83 -34.27
C GLY M 362 -30.93 -56.88 -32.75
N VAL M 363 -30.56 -58.03 -32.21
CA VAL M 363 -30.45 -58.22 -30.76
C VAL M 363 -29.43 -57.26 -30.16
N GLN M 364 -28.28 -57.15 -30.79
CA GLN M 364 -27.22 -56.27 -30.29
C GLN M 364 -27.57 -54.81 -30.36
N GLN M 365 -28.31 -54.41 -31.39
CA GLN M 365 -28.79 -53.02 -31.50
C GLN M 365 -29.71 -52.64 -30.35
N VAL M 366 -30.61 -53.55 -30.00
CA VAL M 366 -31.57 -53.34 -28.92
C VAL M 366 -30.86 -53.30 -27.59
N LEU M 367 -29.93 -54.24 -27.35
CA LEU M 367 -29.18 -54.25 -26.10
C LEU M 367 -28.30 -53.01 -25.95
N GLN M 368 -27.69 -52.57 -27.05
CA GLN M 368 -26.81 -51.41 -27.03
C GLN M 368 -27.56 -50.16 -26.68
N ARG M 369 -28.75 -50.02 -27.25
CA ARG M 369 -29.61 -48.87 -26.99
C ARG M 369 -30.04 -48.84 -25.55
N TYR M 370 -30.45 -49.99 -25.02
CA TYR M 370 -30.82 -50.13 -23.61
C TYR M 370 -29.66 -49.73 -22.72
N ASN M 371 -28.46 -50.20 -23.05
CA ASN M 371 -27.27 -49.83 -22.32
C ASN M 371 -27.05 -48.30 -22.27
N ASP M 372 -27.26 -47.64 -23.40
CA ASP M 372 -27.10 -46.18 -23.47
C ASP M 372 -28.11 -45.45 -22.58
N LEU M 373 -29.33 -45.97 -22.49
CA LEU M 373 -30.39 -45.33 -21.71
C LEU M 373 -30.32 -45.61 -20.21
N GLN M 374 -29.41 -46.48 -19.75
CA GLN M 374 -29.33 -46.89 -18.33
C GLN M 374 -29.20 -45.70 -17.35
N ASP M 375 -28.34 -44.75 -17.75
CA ASP M 375 -28.14 -43.52 -16.98
C ASP M 375 -29.35 -42.60 -17.02
N ILE M 376 -29.87 -42.36 -18.23
CA ILE M 376 -31.05 -41.52 -18.42
C ILE M 376 -32.25 -42.08 -17.64
N ILE M 377 -32.46 -43.39 -17.67
CA ILE M 377 -33.59 -44.01 -16.96
C ILE M 377 -33.47 -43.83 -15.44
N ALA M 378 -32.25 -44.07 -14.91
CA ALA M 378 -32.02 -44.01 -13.47
C ALA M 378 -32.34 -42.65 -12.83
N ILE M 379 -32.15 -41.58 -13.61
CA ILE M 379 -32.36 -40.21 -13.16
C ILE M 379 -33.70 -39.67 -13.61
N LEU M 380 -33.96 -39.61 -14.91
CA LEU M 380 -35.21 -39.00 -15.45
C LEU M 380 -36.44 -39.91 -15.43
N GLY M 381 -36.24 -41.21 -15.22
CA GLY M 381 -37.35 -42.14 -15.18
C GLY M 381 -37.90 -42.48 -16.55
N MET M 382 -38.90 -43.34 -16.53
CA MET M 382 -39.36 -44.01 -17.75
C MET M 382 -40.32 -43.18 -18.60
N ASP M 383 -40.93 -42.16 -17.98
CA ASP M 383 -41.83 -41.24 -18.70
C ASP M 383 -41.09 -40.36 -19.74
N GLU M 384 -39.82 -40.10 -19.50
CA GLU M 384 -38.95 -39.30 -20.36
C GLU M 384 -38.55 -39.91 -21.71
N LEU M 385 -38.67 -41.22 -21.79
CA LEU M 385 -38.28 -41.98 -23.01
C LEU M 385 -39.38 -41.85 -24.05
N SER M 386 -39.00 -41.93 -25.32
CA SER M 386 -40.00 -41.92 -26.41
C SER M 386 -40.73 -43.27 -26.42
N ASP M 387 -41.82 -43.35 -27.15
CA ASP M 387 -42.56 -44.61 -27.30
C ASP M 387 -41.72 -45.68 -27.98
N GLU M 388 -40.85 -45.26 -28.91
CA GLU M 388 -39.96 -46.18 -29.60
C GLU M 388 -38.98 -46.77 -28.58
N ASP M 389 -38.41 -45.94 -27.71
CA ASP M 389 -37.44 -46.40 -26.71
C ASP M 389 -38.05 -47.28 -25.62
N LYS M 390 -39.22 -46.94 -25.12
CA LYS M 390 -39.91 -47.74 -24.10
C LYS M 390 -40.16 -49.18 -24.58
N LEU M 391 -40.51 -49.31 -25.86
CA LEU M 391 -40.68 -50.60 -26.48
C LEU M 391 -39.35 -51.36 -26.62
N ILE M 392 -38.29 -50.64 -26.96
CA ILE M 392 -36.93 -51.20 -27.03
C ILE M 392 -36.44 -51.66 -25.66
N VAL M 393 -36.69 -50.87 -24.63
CA VAL M 393 -36.30 -51.26 -23.27
C VAL M 393 -37.07 -52.51 -22.83
N ALA M 394 -38.37 -52.59 -23.14
CA ALA M 394 -39.18 -53.76 -22.81
C ALA M 394 -38.58 -55.03 -23.40
N ARG M 395 -38.26 -54.96 -24.70
CA ARG M 395 -37.70 -56.10 -25.41
C ARG M 395 -36.29 -56.42 -24.99
N ALA M 396 -35.49 -55.39 -24.75
CA ALA M 396 -34.12 -55.57 -24.27
C ALA M 396 -34.07 -56.40 -23.01
N ARG M 397 -35.00 -56.13 -22.08
CA ARG M 397 -35.06 -56.84 -20.81
C ARG M 397 -35.48 -58.30 -21.00
N LYS M 398 -36.36 -58.54 -21.96
CA LYS M 398 -36.76 -59.90 -22.30
C LYS M 398 -35.64 -60.64 -23.00
N ILE M 399 -35.02 -59.96 -23.96
CA ILE M 399 -33.84 -60.48 -24.66
C ILE M 399 -32.75 -60.86 -23.66
N GLN M 400 -32.41 -59.93 -22.76
CA GLN M 400 -31.36 -60.16 -21.75
C GLN M 400 -31.62 -61.40 -20.90
N ARG M 401 -32.89 -61.68 -20.59
CA ARG M 401 -33.28 -62.87 -19.84
C ARG M 401 -33.29 -64.13 -20.66
N PHE M 402 -33.71 -64.04 -21.94
CA PHE M 402 -33.72 -65.20 -22.82
C PHE M 402 -32.32 -65.67 -23.21
N LEU M 403 -31.31 -64.81 -23.06
CA LEU M 403 -29.90 -65.20 -23.22
C LEU M 403 -29.39 -66.06 -22.06
N SER M 404 -30.07 -66.00 -20.91
CA SER M 404 -29.73 -66.88 -19.78
C SER M 404 -30.30 -68.26 -20.08
N GLN M 405 -29.72 -69.26 -19.41
CA GLN M 405 -29.97 -70.66 -19.76
C GLN M 405 -29.49 -71.59 -18.63
N PRO M 406 -30.33 -72.54 -18.21
CA PRO M 406 -29.88 -73.48 -17.19
C PRO M 406 -28.93 -74.52 -17.79
N PHE M 407 -27.87 -74.82 -17.05
CA PHE M 407 -26.84 -75.75 -17.52
C PHE M 407 -27.04 -77.13 -16.94
N HIS M 408 -26.74 -78.15 -17.76
CA HIS M 408 -26.75 -79.55 -17.35
C HIS M 408 -25.82 -79.78 -16.16
N VAL M 409 -24.66 -79.13 -16.17
CA VAL M 409 -23.65 -79.24 -15.13
C VAL M 409 -24.04 -78.52 -13.84
N ALA M 410 -25.04 -77.60 -13.91
CA ALA M 410 -25.66 -77.08 -12.69
C ALA M 410 -26.90 -77.89 -12.20
N GLU M 411 -27.18 -79.03 -12.80
CA GLU M 411 -28.41 -79.76 -12.48
C GLU M 411 -28.48 -80.18 -11.01
N GLN M 412 -27.30 -80.46 -10.43
CA GLN M 412 -27.19 -80.83 -9.02
C GLN M 412 -27.46 -79.66 -8.08
N PHE M 413 -26.97 -78.46 -8.45
CA PHE M 413 -27.08 -77.28 -7.58
C PHE M 413 -28.36 -76.53 -7.73
N THR M 414 -28.76 -76.18 -8.95
CA THR M 414 -30.07 -75.52 -9.19
C THR M 414 -31.26 -76.45 -8.88
N GLY M 415 -31.07 -77.77 -9.09
CA GLY M 415 -32.19 -78.69 -9.03
C GLY M 415 -33.15 -78.64 -10.22
N MET M 416 -32.84 -77.80 -11.21
CA MET M 416 -33.62 -77.68 -12.45
C MET M 416 -32.88 -78.36 -13.59
N PRO M 417 -33.60 -79.01 -14.53
CA PRO M 417 -32.93 -79.64 -15.65
C PRO M 417 -32.21 -78.64 -16.55
N GLY M 418 -31.02 -79.01 -17.05
CA GLY M 418 -30.31 -78.21 -18.04
C GLY M 418 -30.94 -78.34 -19.41
N LYS M 419 -30.50 -77.47 -20.33
CA LYS M 419 -31.12 -77.40 -21.67
C LYS M 419 -30.02 -77.22 -22.72
N TYR M 420 -30.13 -78.03 -23.77
CA TYR M 420 -29.38 -77.85 -25.00
C TYR M 420 -30.33 -77.21 -26.01
N VAL M 421 -29.96 -76.06 -26.56
CA VAL M 421 -30.80 -75.36 -27.53
C VAL M 421 -30.05 -75.25 -28.86
N PRO M 422 -30.58 -75.92 -29.92
CA PRO M 422 -29.87 -75.84 -31.21
C PRO M 422 -29.97 -74.45 -31.82
N VAL M 423 -29.05 -74.14 -32.73
CA VAL M 423 -28.94 -72.81 -33.35
C VAL M 423 -30.26 -72.39 -34.01
N LYS M 424 -30.90 -73.29 -34.75
CA LYS M 424 -32.15 -72.98 -35.46
C LYS M 424 -33.22 -72.41 -34.51
N GLU M 425 -33.28 -72.98 -33.32
CA GLU M 425 -34.23 -72.60 -32.28
C GLU M 425 -33.85 -71.30 -31.58
N THR M 426 -32.56 -71.12 -31.32
CA THR M 426 -32.03 -69.87 -30.77
C THR M 426 -32.37 -68.71 -31.70
N VAL M 427 -32.08 -68.86 -32.97
CA VAL M 427 -32.39 -67.80 -33.95
C VAL M 427 -33.89 -67.52 -33.99
N ARG M 428 -34.69 -68.57 -34.04
CA ARG M 428 -36.16 -68.45 -34.10
C ARG M 428 -36.71 -67.69 -32.90
N GLY M 429 -36.22 -68.04 -31.71
CA GLY M 429 -36.69 -67.42 -30.47
C GLY M 429 -36.45 -65.93 -30.42
N PHE M 430 -35.20 -65.54 -30.65
CA PHE M 430 -34.83 -64.13 -30.62
C PHE M 430 -35.45 -63.36 -31.79
N LYS M 431 -35.65 -64.00 -32.92
CA LYS M 431 -36.36 -63.39 -34.05
C LYS M 431 -37.76 -62.95 -33.64
N GLU M 432 -38.47 -63.86 -32.96
CA GLU M 432 -39.84 -63.63 -32.53
C GLU M 432 -39.96 -62.52 -31.47
N ILE M 433 -39.01 -62.46 -30.54
CA ILE M 433 -39.00 -61.40 -29.51
C ILE M 433 -38.83 -60.04 -30.18
N LEU M 434 -37.87 -59.95 -31.11
CA LEU M 434 -37.66 -58.73 -31.89
C LEU M 434 -38.88 -58.35 -32.71
N GLU M 435 -39.55 -59.33 -33.29
CA GLU M 435 -40.78 -59.10 -34.08
C GLU M 435 -41.99 -58.63 -33.26
N GLY M 436 -41.98 -58.84 -31.95
CA GLY M 436 -43.06 -58.40 -31.07
C GLY M 436 -44.05 -59.48 -30.67
N LYS M 437 -43.81 -60.72 -31.07
CA LYS M 437 -44.75 -61.80 -30.86
C LYS M 437 -44.94 -62.16 -29.39
N HIS M 438 -44.00 -61.77 -28.53
CA HIS M 438 -44.10 -62.08 -27.12
C HIS M 438 -43.99 -60.84 -26.22
N ASP M 439 -44.47 -59.70 -26.71
CA ASP M 439 -44.47 -58.47 -25.89
C ASP M 439 -45.40 -58.51 -24.67
N ASN M 440 -46.34 -59.46 -24.63
CA ASN M 440 -47.28 -59.57 -23.52
C ASN M 440 -46.99 -60.65 -22.50
N LEU M 441 -46.01 -61.50 -22.77
CA LEU M 441 -45.49 -62.40 -21.75
C LEU M 441 -44.74 -61.60 -20.67
N PRO M 442 -44.90 -61.97 -19.39
CA PRO M 442 -44.12 -61.31 -18.33
C PRO M 442 -42.64 -61.65 -18.43
N GLU M 443 -41.80 -60.77 -17.86
CA GLU M 443 -40.35 -60.89 -18.05
C GLU M 443 -39.77 -62.19 -17.50
N GLU M 444 -40.24 -62.60 -16.31
CA GLU M 444 -39.76 -63.83 -15.67
C GLU M 444 -39.94 -65.07 -16.56
N ALA M 445 -40.89 -65.03 -17.49
CA ALA M 445 -41.11 -66.14 -18.42
C ALA M 445 -39.88 -66.52 -19.24
N PHE M 446 -39.07 -65.53 -19.60
CA PHE M 446 -37.90 -65.72 -20.49
C PHE M 446 -36.64 -66.15 -19.74
N TYR M 447 -36.64 -65.93 -18.44
CA TYR M 447 -35.50 -66.22 -17.59
C TYR M 447 -35.35 -67.71 -17.34
N MET M 448 -34.19 -68.26 -17.69
CA MET M 448 -33.79 -69.64 -17.36
C MET M 448 -34.75 -70.68 -17.94
N VAL M 449 -34.77 -70.70 -19.28
CA VAL M 449 -35.60 -71.57 -20.05
C VAL M 449 -34.75 -71.99 -21.23
N GLY M 450 -35.17 -72.96 -22.02
CA GLY M 450 -34.42 -73.22 -23.29
C GLY M 450 -34.99 -72.58 -24.53
N THR M 451 -35.89 -73.29 -25.20
CA THR M 451 -36.51 -72.77 -26.43
C THR M 451 -37.55 -71.70 -26.13
N ILE M 452 -37.98 -70.96 -27.14
CA ILE M 452 -39.04 -69.95 -26.96
C ILE M 452 -40.35 -70.59 -26.50
N ASP M 453 -40.58 -71.84 -26.93
CA ASP M 453 -41.77 -72.60 -26.53
C ASP M 453 -41.82 -72.86 -25.04
N GLU M 454 -40.68 -73.11 -24.42
CA GLU M 454 -40.60 -73.27 -22.96
C GLU M 454 -40.89 -71.98 -22.21
N ALA M 455 -40.64 -70.83 -22.83
CA ALA M 455 -40.98 -69.51 -22.26
C ALA M 455 -42.49 -69.27 -22.27
N VAL M 456 -43.14 -69.62 -23.37
CA VAL M 456 -44.60 -69.57 -23.49
C VAL M 456 -45.28 -70.50 -22.45
N GLU M 457 -44.69 -71.68 -22.26
CA GLU M 457 -45.14 -72.66 -21.27
C GLU M 457 -44.93 -72.15 -19.84
N LYS M 458 -43.80 -71.50 -19.57
CA LYS M 458 -43.51 -70.96 -18.25
C LYS M 458 -44.42 -69.78 -17.88
N ALA M 459 -44.89 -69.04 -18.88
CA ALA M 459 -45.80 -67.90 -18.67
C ALA M 459 -47.13 -68.35 -18.05
N LYS M 460 -47.64 -69.51 -18.49
CA LYS M 460 -48.88 -70.07 -17.94
C LYS M 460 -48.78 -70.33 -16.43
N LYS M 461 -47.59 -70.69 -15.95
CA LYS M 461 -47.34 -71.01 -14.55
C LYS M 461 -47.17 -69.77 -13.64
N LEU M 462 -47.47 -68.56 -14.15
CA LEU M 462 -47.25 -67.34 -13.44
C LEU M 462 -48.45 -66.43 -13.56
N ASN N 2 50.43 -54.19 -51.56
CA ASN N 2 49.60 -54.53 -52.73
C ASN N 2 48.53 -55.61 -52.58
N LYS N 3 48.85 -56.89 -52.41
CA LYS N 3 47.81 -57.95 -52.53
C LYS N 3 47.37 -58.54 -51.18
N GLY N 4 46.13 -59.06 -51.14
CA GLY N 4 45.55 -59.67 -49.96
C GLY N 4 44.59 -60.82 -50.24
N ARG N 5 44.32 -61.63 -49.19
CA ARG N 5 43.44 -62.79 -49.27
C ARG N 5 42.22 -62.53 -48.39
N ILE N 6 41.04 -62.86 -48.89
CA ILE N 6 39.83 -62.83 -48.05
C ILE N 6 39.90 -63.95 -47.01
N ILE N 7 39.78 -63.60 -45.74
CA ILE N 7 39.74 -64.58 -44.66
C ILE N 7 38.31 -64.81 -44.13
N GLN N 8 37.49 -63.76 -44.07
CA GLN N 8 36.06 -63.87 -43.67
C GLN N 8 35.13 -62.96 -44.47
N VAL N 9 33.88 -63.39 -44.58
CA VAL N 9 32.78 -62.61 -45.15
C VAL N 9 31.57 -62.74 -44.24
N MET N 10 31.09 -61.62 -43.70
CA MET N 10 29.96 -61.56 -42.78
C MET N 10 29.06 -60.40 -43.16
N GLY N 11 28.09 -60.67 -44.02
CA GLY N 11 27.23 -59.61 -44.55
C GLY N 11 28.08 -58.61 -45.32
N PRO N 12 27.88 -57.31 -45.07
CA PRO N 12 28.65 -56.31 -45.80
C PRO N 12 30.06 -56.05 -45.23
N VAL N 13 30.56 -56.95 -44.39
CA VAL N 13 31.87 -56.79 -43.76
C VAL N 13 32.79 -57.91 -44.21
N VAL N 14 33.97 -57.56 -44.71
CA VAL N 14 34.94 -58.48 -45.27
C VAL N 14 36.29 -58.29 -44.56
N ASP N 15 36.81 -59.36 -43.96
CA ASP N 15 38.15 -59.37 -43.37
C ASP N 15 39.15 -59.86 -44.40
N ILE N 16 40.23 -59.11 -44.57
CA ILE N 16 41.22 -59.38 -45.62
C ILE N 16 42.60 -59.41 -44.97
N GLN N 17 43.37 -60.46 -45.23
CA GLN N 17 44.73 -60.56 -44.72
C GLN N 17 45.75 -60.10 -45.75
N PHE N 18 46.66 -59.21 -45.35
CA PHE N 18 47.73 -58.72 -46.20
C PHE N 18 49.09 -59.21 -45.67
N GLU N 19 50.17 -58.91 -46.41
CA GLU N 19 51.51 -59.26 -45.96
C GLU N 19 52.12 -58.17 -45.10
N SER N 20 52.96 -58.61 -44.17
CA SER N 20 53.59 -57.74 -43.14
C SER N 20 53.71 -56.23 -43.41
N GLY N 21 54.56 -55.77 -44.33
CA GLY N 21 54.77 -54.37 -44.53
C GLY N 21 53.70 -53.57 -45.27
N GLN N 22 52.72 -54.25 -45.87
CA GLN N 22 51.84 -53.61 -46.86
C GLN N 22 50.36 -53.72 -46.48
N LEU N 23 50.01 -53.04 -45.38
CA LEU N 23 48.64 -52.91 -44.94
C LEU N 23 48.06 -51.61 -45.47
N PRO N 24 46.86 -51.67 -46.10
CA PRO N 24 46.21 -50.44 -46.55
C PRO N 24 45.88 -49.50 -45.40
N ASP N 25 46.03 -48.20 -45.64
CA ASP N 25 45.56 -47.17 -44.72
C ASP N 25 44.05 -47.29 -44.49
N ILE N 26 43.58 -46.82 -43.34
CA ILE N 26 42.15 -46.77 -43.06
C ILE N 26 41.50 -45.85 -44.10
N TYR N 27 40.31 -46.24 -44.54
CA TYR N 27 39.52 -45.58 -45.60
C TYR N 27 40.02 -45.85 -47.03
N ASN N 28 41.02 -46.70 -47.22
CA ASN N 28 41.48 -47.04 -48.57
C ASN N 28 40.53 -47.97 -49.31
N ALA N 29 40.37 -47.72 -50.60
CA ALA N 29 39.59 -48.58 -51.48
C ALA N 29 40.39 -49.82 -51.81
N ILE N 30 39.70 -50.97 -51.87
CA ILE N 30 40.30 -52.27 -52.13
C ILE N 30 39.38 -52.99 -53.12
N THR N 31 39.93 -53.50 -54.22
CA THR N 31 39.11 -54.19 -55.24
C THR N 31 39.24 -55.70 -55.11
N ILE N 32 38.12 -56.39 -55.29
CA ILE N 32 38.06 -57.85 -55.31
C ILE N 32 37.34 -58.25 -56.59
N GLU N 33 38.00 -59.05 -57.43
CA GLU N 33 37.38 -59.60 -58.62
C GLU N 33 36.42 -60.69 -58.22
N ARG N 34 35.14 -60.56 -58.57
CA ARG N 34 34.13 -61.57 -58.25
C ARG N 34 34.32 -62.84 -59.07
N PRO N 35 34.10 -64.03 -58.47
CA PRO N 35 34.07 -65.26 -59.26
C PRO N 35 33.06 -65.21 -60.40
N GLN N 36 31.91 -64.59 -60.16
CA GLN N 36 30.84 -64.45 -61.17
C GLN N 36 31.15 -63.40 -62.24
N GLY N 37 32.31 -62.74 -62.18
CA GLY N 37 32.62 -61.59 -63.04
C GLY N 37 32.23 -60.28 -62.39
N GLY N 38 32.97 -59.22 -62.70
CA GLY N 38 32.75 -57.90 -62.13
C GLY N 38 33.64 -57.67 -60.92
N THR N 39 33.77 -56.39 -60.53
CA THR N 39 34.61 -55.96 -59.42
C THR N 39 33.74 -55.47 -58.25
N LEU N 40 34.06 -55.93 -57.05
CA LEU N 40 33.49 -55.41 -55.81
C LEU N 40 34.51 -54.49 -55.17
N THR N 41 34.18 -53.21 -55.03
CA THR N 41 35.02 -52.29 -54.26
C THR N 41 34.64 -52.40 -52.78
N VAL N 42 35.61 -52.14 -51.91
CA VAL N 42 35.50 -52.42 -50.48
C VAL N 42 36.40 -51.39 -49.76
N GLU N 43 36.01 -50.93 -48.58
CA GLU N 43 36.69 -49.82 -47.91
C GLU N 43 37.23 -50.24 -46.55
N ALA N 44 38.53 -49.99 -46.33
CA ALA N 44 39.21 -50.42 -45.09
C ALA N 44 38.68 -49.62 -43.90
N ALA N 45 38.42 -50.30 -42.80
CA ALA N 45 37.82 -49.69 -41.60
C ALA N 45 38.63 -49.87 -40.33
N VAL N 46 38.98 -51.10 -40.02
CA VAL N 46 39.69 -51.45 -38.79
C VAL N 46 40.91 -52.30 -39.13
N HIS N 47 41.99 -52.12 -38.37
CA HIS N 47 43.17 -52.98 -38.42
C HIS N 47 43.09 -53.90 -37.23
N LEU N 48 42.70 -55.14 -37.48
CA LEU N 48 42.41 -56.11 -36.40
C LEU N 48 43.66 -56.68 -35.73
N GLY N 49 44.83 -56.56 -36.38
CA GLY N 49 46.06 -57.21 -35.92
C GLY N 49 46.32 -58.45 -36.72
N ASP N 50 47.54 -58.99 -36.59
CA ASP N 50 48.02 -60.13 -37.41
C ASP N 50 47.84 -59.86 -38.90
N ASN N 51 48.11 -58.63 -39.30
CA ASN N 51 48.01 -58.18 -40.70
C ASN N 51 46.65 -58.37 -41.36
N VAL N 52 45.58 -58.23 -40.58
CA VAL N 52 44.21 -58.32 -41.09
C VAL N 52 43.57 -56.94 -41.05
N VAL N 53 42.74 -56.64 -42.05
CA VAL N 53 41.95 -55.41 -42.09
C VAL N 53 40.48 -55.78 -42.28
N ARG N 54 39.63 -55.27 -41.41
CA ARG N 54 38.20 -55.41 -41.55
C ARG N 54 37.71 -54.29 -42.43
N CYS N 55 36.92 -54.63 -43.43
CA CYS N 55 36.51 -53.69 -44.46
C CYS N 55 35.00 -53.68 -44.69
N VAL N 56 34.46 -52.51 -45.07
CA VAL N 56 33.04 -52.31 -45.33
C VAL N 56 32.75 -52.29 -46.83
N ALA N 57 31.96 -53.25 -47.29
CA ALA N 57 31.65 -53.43 -48.71
C ALA N 57 30.71 -52.33 -49.24
N MET N 58 30.99 -51.88 -50.48
CA MET N 58 30.19 -50.88 -51.17
C MET N 58 29.18 -51.48 -52.16
N ALA N 59 29.09 -52.81 -52.18
CA ALA N 59 28.06 -53.55 -52.93
C ALA N 59 27.88 -54.93 -52.29
N SER N 60 26.98 -55.74 -52.85
CA SER N 60 26.68 -57.06 -52.26
C SER N 60 27.92 -57.96 -52.16
N THR N 61 28.04 -58.69 -51.06
CA THR N 61 29.10 -59.68 -50.86
C THR N 61 28.64 -61.12 -51.16
N ASP N 62 27.40 -61.29 -51.63
CA ASP N 62 26.93 -62.60 -52.06
C ASP N 62 27.79 -63.09 -53.22
N GLY N 63 28.17 -64.36 -53.18
CA GLY N 63 29.02 -64.97 -54.20
C GLY N 63 30.51 -64.98 -53.90
N LEU N 64 30.98 -64.21 -52.91
CA LEU N 64 32.39 -64.22 -52.54
C LEU N 64 32.77 -65.52 -51.86
N VAL N 65 34.06 -65.85 -51.97
CA VAL N 65 34.64 -67.08 -51.46
C VAL N 65 35.87 -66.70 -50.66
N ARG N 66 36.14 -67.45 -49.60
CA ARG N 66 37.34 -67.21 -48.81
C ARG N 66 38.56 -67.56 -49.66
N GLY N 67 39.60 -66.76 -49.54
CA GLY N 67 40.85 -66.99 -50.27
C GLY N 67 40.96 -66.27 -51.60
N LEU N 68 39.98 -65.44 -51.96
CA LEU N 68 40.07 -64.62 -53.17
C LEU N 68 41.10 -63.52 -53.04
N GLU N 69 41.66 -63.13 -54.18
CA GLU N 69 42.63 -62.06 -54.22
C GLU N 69 41.92 -60.70 -54.10
N ALA N 70 42.51 -59.82 -53.30
CA ALA N 70 42.07 -58.45 -53.12
C ALA N 70 43.26 -57.52 -53.35
N VAL N 71 43.01 -56.37 -53.96
CA VAL N 71 44.07 -55.44 -54.34
C VAL N 71 43.88 -54.06 -53.68
N ASP N 72 44.86 -53.62 -52.88
CA ASP N 72 44.88 -52.26 -52.33
C ASP N 72 45.10 -51.26 -53.47
N THR N 73 44.18 -50.32 -53.63
CA THR N 73 44.32 -49.25 -54.64
C THR N 73 45.29 -48.16 -54.19
N GLY N 74 45.60 -48.11 -52.90
CA GLY N 74 46.60 -47.20 -52.34
C GLY N 74 46.08 -45.84 -51.88
N ALA N 75 44.77 -45.60 -52.07
CA ALA N 75 44.12 -44.35 -51.68
C ALA N 75 42.62 -44.59 -51.44
N PRO N 76 41.91 -43.63 -50.80
CA PRO N 76 40.45 -43.77 -50.64
C PRO N 76 39.69 -43.87 -51.95
N ILE N 77 38.37 -44.06 -51.87
CA ILE N 77 37.55 -44.12 -53.07
C ILE N 77 37.68 -42.76 -53.72
N SER N 78 38.00 -42.74 -55.01
CA SER N 78 38.25 -41.49 -55.72
C SER N 78 37.27 -41.28 -56.88
N VAL N 79 36.86 -40.04 -57.05
CA VAL N 79 35.66 -39.69 -57.76
C VAL N 79 35.92 -38.49 -58.71
N PRO N 80 35.30 -38.46 -59.91
CA PRO N 80 35.49 -37.32 -60.82
C PRO N 80 34.97 -36.00 -60.27
N VAL N 81 35.71 -34.93 -60.51
CA VAL N 81 35.30 -33.58 -60.10
C VAL N 81 35.36 -32.63 -61.30
N GLY N 82 34.80 -31.43 -61.11
CA GLY N 82 34.82 -30.39 -62.11
C GLY N 82 33.70 -30.43 -63.11
N LYS N 83 33.90 -29.72 -64.23
CA LYS N 83 32.83 -29.48 -65.21
C LYS N 83 32.28 -30.73 -65.89
N ALA N 84 33.10 -31.79 -65.94
CA ALA N 84 32.68 -33.06 -66.50
C ALA N 84 31.53 -33.75 -65.72
N THR N 85 31.39 -33.40 -64.43
CA THR N 85 30.33 -33.93 -63.56
C THR N 85 28.97 -33.30 -63.84
N LEU N 86 28.95 -32.06 -64.31
CA LEU N 86 27.72 -31.31 -64.58
C LEU N 86 26.85 -32.02 -65.62
N GLY N 87 25.55 -32.11 -65.35
CA GLY N 87 24.62 -32.79 -66.23
C GLY N 87 24.60 -34.32 -66.15
N ARG N 88 25.47 -34.88 -65.32
CA ARG N 88 25.66 -36.33 -65.23
C ARG N 88 25.10 -36.90 -63.91
N VAL N 89 24.89 -38.21 -63.91
CA VAL N 89 24.37 -38.94 -62.76
C VAL N 89 25.34 -40.05 -62.36
N PHE N 90 25.78 -40.01 -61.10
CA PHE N 90 26.79 -40.93 -60.57
C PHE N 90 26.28 -41.83 -59.48
N ASN N 91 26.99 -42.92 -59.24
CA ASN N 91 26.81 -43.75 -58.05
C ASN N 91 27.89 -43.36 -57.04
N VAL N 92 27.97 -44.10 -55.94
CA VAL N 92 28.97 -43.85 -54.88
C VAL N 92 30.43 -43.87 -55.35
N LEU N 93 30.75 -44.74 -56.32
CA LEU N 93 32.12 -44.89 -56.79
C LEU N 93 32.56 -43.82 -57.78
N GLY N 94 31.64 -42.95 -58.22
CA GLY N 94 31.96 -41.94 -59.24
C GLY N 94 31.82 -42.46 -60.67
N GLU N 95 31.26 -43.66 -60.82
CA GLU N 95 30.97 -44.25 -62.13
C GLU N 95 29.65 -43.66 -62.58
N PRO N 96 29.55 -43.25 -63.87
CA PRO N 96 28.28 -42.71 -64.33
C PRO N 96 27.24 -43.81 -64.52
N ILE N 97 25.99 -43.52 -64.13
CA ILE N 97 24.86 -44.45 -64.24
C ILE N 97 23.74 -43.89 -65.14
N ASP N 98 24.06 -42.87 -65.93
CA ASP N 98 23.10 -42.26 -66.90
C ASP N 98 23.25 -42.83 -68.31
N GLU N 99 24.13 -43.80 -68.50
CA GLU N 99 24.35 -44.46 -69.79
C GLU N 99 24.77 -43.46 -70.88
N GLN N 100 25.67 -42.54 -70.53
CA GLN N 100 26.21 -41.53 -71.46
C GLN N 100 27.74 -41.64 -71.56
N GLY N 101 28.30 -42.85 -71.44
CA GLY N 101 29.74 -43.07 -71.60
C GLY N 101 30.62 -42.43 -70.54
N GLU N 102 31.92 -42.46 -70.77
CA GLU N 102 32.93 -41.99 -69.82
C GLU N 102 32.76 -40.50 -69.49
N VAL N 103 33.37 -40.14 -68.36
CA VAL N 103 33.41 -38.79 -67.85
C VAL N 103 34.83 -38.32 -68.03
N ASN N 104 35.06 -37.39 -68.95
CA ASN N 104 36.41 -36.89 -69.18
C ASN N 104 36.75 -35.76 -68.23
N ALA N 105 37.02 -36.15 -66.99
CA ALA N 105 37.64 -35.34 -65.96
C ALA N 105 39.05 -35.95 -65.89
N GLU N 106 40.11 -35.13 -65.94
CA GLU N 106 41.43 -35.72 -65.93
C GLU N 106 41.77 -36.24 -64.52
N GLU N 107 41.26 -35.55 -63.47
CA GLU N 107 41.58 -35.89 -62.11
C GLU N 107 40.36 -36.25 -61.26
N ARG N 108 40.69 -36.99 -60.19
CA ARG N 108 39.75 -37.67 -59.34
C ARG N 108 40.17 -37.45 -57.91
N HIS N 109 39.26 -36.87 -57.11
CA HIS N 109 39.55 -36.54 -55.72
C HIS N 109 39.05 -37.63 -54.80
N PRO N 110 39.76 -37.84 -53.66
CA PRO N 110 39.36 -38.86 -52.72
C PRO N 110 38.18 -38.34 -51.89
N ILE N 111 37.22 -39.22 -51.59
CA ILE N 111 35.98 -38.84 -50.87
C ILE N 111 36.16 -38.61 -49.37
N HIS N 112 37.26 -39.11 -48.80
CA HIS N 112 37.64 -38.83 -47.41
C HIS N 112 38.70 -37.76 -47.36
N ARG N 113 38.58 -36.92 -46.34
CA ARG N 113 39.27 -35.64 -46.31
C ARG N 113 39.01 -34.96 -44.97
N PRO N 114 40.03 -34.32 -44.36
CA PRO N 114 39.75 -33.53 -43.15
C PRO N 114 38.86 -32.31 -43.41
N ALA N 115 38.25 -31.79 -42.33
CA ALA N 115 37.41 -30.62 -42.43
C ALA N 115 38.28 -29.37 -42.61
N PRO N 116 37.74 -28.33 -43.28
CA PRO N 116 38.45 -27.07 -43.45
C PRO N 116 39.04 -26.51 -42.16
N GLU N 117 40.20 -25.85 -42.23
CA GLU N 117 40.83 -25.26 -41.04
C GLU N 117 40.03 -24.09 -40.52
N PHE N 118 40.23 -23.73 -39.26
CA PHE N 118 39.51 -22.63 -38.62
C PHE N 118 39.65 -21.29 -39.36
N GLU N 119 40.86 -21.05 -39.84
CA GLU N 119 41.20 -19.82 -40.58
C GLU N 119 40.35 -19.64 -41.86
N GLU N 120 40.01 -20.76 -42.50
CA GLU N 120 39.28 -20.74 -43.76
C GLU N 120 37.77 -20.46 -43.65
N LEU N 121 37.20 -20.39 -42.44
CA LEU N 121 35.74 -20.39 -42.29
C LEU N 121 35.09 -19.03 -42.25
N SER N 122 34.12 -18.81 -43.16
CA SER N 122 33.35 -17.57 -43.26
C SER N 122 31.87 -17.85 -42.90
N THR N 123 31.25 -17.03 -42.02
CA THR N 123 29.81 -17.14 -41.68
C THR N 123 29.05 -15.86 -42.05
N ALA N 124 28.57 -15.83 -43.28
CA ALA N 124 27.83 -14.70 -43.83
C ALA N 124 26.43 -14.65 -43.20
N ASP N 125 26.00 -13.45 -42.86
CA ASP N 125 24.65 -13.20 -42.27
C ASP N 125 23.65 -12.58 -43.27
N GLU N 126 23.44 -13.30 -44.35
CA GLU N 126 22.69 -12.77 -45.50
C GLU N 126 21.47 -13.63 -45.76
N ILE N 127 20.28 -13.06 -45.70
CA ILE N 127 19.03 -13.85 -45.91
C ILE N 127 18.93 -14.46 -47.32
N LEU N 128 18.47 -15.70 -47.41
CA LEU N 128 18.05 -16.33 -48.67
C LEU N 128 16.53 -16.39 -48.68
N GLU N 129 15.92 -15.59 -49.56
CA GLU N 129 14.47 -15.57 -49.74
C GLU N 129 14.09 -16.89 -50.42
N THR N 130 13.16 -17.63 -49.79
CA THR N 130 12.64 -18.87 -50.34
C THR N 130 11.30 -18.69 -51.05
N GLY N 131 10.59 -17.61 -50.74
CA GLY N 131 9.22 -17.42 -51.20
C GLY N 131 8.17 -18.18 -50.41
N ILE N 132 8.58 -18.87 -49.34
CA ILE N 132 7.67 -19.67 -48.50
C ILE N 132 7.47 -18.92 -47.18
N LYS N 133 6.23 -18.57 -46.89
CA LYS N 133 5.91 -17.60 -45.83
C LYS N 133 6.42 -18.02 -44.45
N VAL N 134 6.15 -19.27 -44.08
CA VAL N 134 6.51 -19.76 -42.76
C VAL N 134 8.01 -19.66 -42.48
N ILE N 135 8.80 -20.03 -43.49
CA ILE N 135 10.25 -20.05 -43.40
C ILE N 135 10.78 -18.62 -43.37
N ASP N 136 10.46 -17.84 -44.40
CA ASP N 136 10.97 -16.46 -44.52
C ASP N 136 10.68 -15.63 -43.28
N LEU N 137 9.50 -15.80 -42.69
CA LEU N 137 9.11 -15.02 -41.53
C LEU N 137 9.80 -15.47 -40.24
N LEU N 138 9.62 -16.75 -39.89
CA LEU N 138 9.91 -17.25 -38.53
C LEU N 138 11.24 -17.98 -38.34
N ALA N 139 11.76 -18.57 -39.42
CA ALA N 139 12.99 -19.32 -39.35
C ALA N 139 13.73 -19.21 -40.69
N PRO N 140 14.13 -17.98 -41.08
CA PRO N 140 14.66 -17.74 -42.42
C PRO N 140 15.99 -18.43 -42.69
N TYR N 141 16.17 -18.85 -43.93
CA TYR N 141 17.40 -19.50 -44.37
C TYR N 141 18.46 -18.46 -44.66
N ALA N 142 19.72 -18.80 -44.39
CA ALA N 142 20.86 -17.89 -44.63
C ALA N 142 21.69 -18.41 -45.80
N LYS N 143 22.16 -17.49 -46.66
CA LYS N 143 22.94 -17.85 -47.84
C LYS N 143 24.28 -18.36 -47.36
N GLY N 144 24.74 -19.44 -47.95
CA GLY N 144 25.97 -20.08 -47.46
C GLY N 144 25.86 -20.77 -46.12
N GLY N 145 24.64 -20.98 -45.63
CA GLY N 145 24.40 -21.69 -44.38
C GLY N 145 24.03 -23.14 -44.55
N LYS N 146 23.78 -23.79 -43.41
CA LYS N 146 23.25 -25.15 -43.41
C LYS N 146 21.85 -25.14 -42.85
N ILE N 147 20.97 -25.82 -43.58
CA ILE N 147 19.55 -25.70 -43.40
C ILE N 147 19.03 -27.13 -43.29
N GLY N 148 18.25 -27.40 -42.24
CA GLY N 148 17.72 -28.72 -42.06
C GLY N 148 16.23 -28.80 -42.16
N LEU N 149 15.74 -29.77 -42.93
CA LEU N 149 14.30 -30.10 -43.00
C LEU N 149 14.04 -31.38 -42.20
N PHE N 150 13.52 -31.22 -41.00
CA PHE N 150 13.18 -32.35 -40.13
C PHE N 150 11.73 -32.76 -40.33
N GLY N 151 11.45 -34.05 -40.42
CA GLY N 151 10.10 -34.53 -40.36
C GLY N 151 10.01 -36.03 -40.19
N GLY N 152 8.87 -36.47 -39.66
CA GLY N 152 8.52 -37.89 -39.63
C GLY N 152 8.12 -38.39 -41.01
N ALA N 153 7.70 -39.63 -41.08
CA ALA N 153 7.40 -40.28 -42.35
C ALA N 153 6.09 -39.73 -42.95
N GLY N 154 6.17 -39.31 -44.21
CA GLY N 154 5.00 -38.86 -44.97
C GLY N 154 4.48 -37.46 -44.70
N VAL N 155 5.32 -36.58 -44.20
CA VAL N 155 4.91 -35.27 -43.67
C VAL N 155 5.31 -34.09 -44.60
N GLY N 156 6.13 -34.35 -45.61
CA GLY N 156 6.43 -33.36 -46.64
C GLY N 156 7.87 -32.90 -46.80
N LYS N 157 8.84 -33.72 -46.42
CA LYS N 157 10.26 -33.36 -46.55
C LYS N 157 10.66 -33.25 -48.01
N THR N 158 10.45 -34.32 -48.78
CA THR N 158 10.80 -34.35 -50.20
C THR N 158 10.00 -33.32 -51.02
N VAL N 159 8.71 -33.15 -50.73
CA VAL N 159 7.93 -32.11 -51.40
C VAL N 159 8.55 -30.73 -51.13
N LEU N 160 8.90 -30.47 -49.87
CA LEU N 160 9.52 -29.20 -49.48
C LEU N 160 10.90 -29.03 -50.13
N ILE N 161 11.69 -30.08 -50.20
CA ILE N 161 13.02 -29.98 -50.79
C ILE N 161 12.92 -29.69 -52.29
N GLN N 162 11.92 -30.25 -52.96
CA GLN N 162 11.66 -29.96 -54.38
C GLN N 162 11.13 -28.57 -54.61
N GLU N 163 10.28 -28.08 -53.73
CA GLU N 163 9.77 -26.71 -53.83
C GLU N 163 10.90 -25.70 -53.62
N LEU N 164 11.87 -26.02 -52.79
CA LEU N 164 13.05 -25.18 -52.62
C LEU N 164 13.94 -25.19 -53.87
N ILE N 165 14.11 -26.36 -54.46
CA ILE N 165 14.79 -26.50 -55.75
C ILE N 165 14.07 -25.67 -56.81
N ASN N 166 12.75 -25.75 -56.85
CA ASN N 166 11.99 -24.94 -57.76
C ASN N 166 12.17 -23.44 -57.50
N ASN N 167 11.94 -23.00 -56.26
CA ASN N 167 11.94 -21.57 -55.93
C ASN N 167 13.31 -20.89 -55.90
N VAL N 168 14.37 -21.62 -55.54
CA VAL N 168 15.71 -21.01 -55.38
C VAL N 168 16.67 -21.38 -56.52
N ALA N 169 16.73 -22.65 -56.91
CA ALA N 169 17.77 -23.14 -57.83
C ALA N 169 17.59 -22.68 -59.28
N GLN N 170 16.35 -22.69 -59.79
CA GLN N 170 16.03 -22.25 -61.17
C GLN N 170 16.55 -20.86 -61.57
N GLU N 171 16.52 -19.93 -60.64
CA GLU N 171 17.15 -18.61 -60.80
C GLU N 171 18.42 -18.44 -59.94
N HIS N 172 19.24 -19.49 -59.84
CA HIS N 172 20.50 -19.43 -59.07
C HIS N 172 21.69 -19.16 -59.98
N GLY N 173 22.59 -18.27 -59.56
CA GLY N 173 23.74 -17.87 -60.37
C GLY N 173 24.87 -18.90 -60.46
N GLY N 174 24.92 -19.81 -59.51
CA GLY N 174 26.04 -20.75 -59.39
C GLY N 174 25.65 -22.16 -59.79
N LEU N 175 26.39 -23.12 -59.22
CA LEU N 175 26.20 -24.54 -59.54
C LEU N 175 25.43 -25.25 -58.42
N SER N 176 25.06 -26.50 -58.66
CA SER N 176 24.36 -27.34 -57.68
C SER N 176 24.82 -28.78 -57.67
N VAL N 177 24.61 -29.44 -56.54
CA VAL N 177 24.78 -30.87 -56.42
C VAL N 177 23.58 -31.45 -55.69
N PHE N 178 23.03 -32.53 -56.24
CA PHE N 178 21.97 -33.28 -55.58
C PHE N 178 22.49 -34.66 -55.16
N ALA N 179 22.49 -34.91 -53.84
CA ALA N 179 22.87 -36.21 -53.30
C ALA N 179 21.63 -36.94 -52.77
N GLY N 180 21.23 -38.00 -53.48
CA GLY N 180 20.11 -38.84 -53.05
C GLY N 180 20.63 -39.97 -52.19
N VAL N 181 20.52 -39.80 -50.88
CA VAL N 181 21.06 -40.74 -49.91
C VAL N 181 19.91 -41.58 -49.38
N GLY N 182 19.86 -42.83 -49.79
CA GLY N 182 18.97 -43.81 -49.20
C GLY N 182 17.47 -43.56 -49.30
N GLU N 183 16.99 -42.88 -50.35
CA GLU N 183 15.56 -42.64 -50.53
C GLU N 183 15.09 -43.35 -51.82
N ARG N 184 13.97 -42.95 -52.42
CA ARG N 184 13.33 -43.76 -53.44
C ARG N 184 13.96 -43.57 -54.80
N THR N 185 14.40 -44.65 -55.43
CA THR N 185 14.94 -44.58 -56.79
C THR N 185 13.95 -43.93 -57.76
N ARG N 186 12.67 -44.26 -57.62
CA ARG N 186 11.59 -43.60 -58.35
C ARG N 186 11.67 -42.07 -58.30
N GLU N 187 11.96 -41.49 -57.13
CA GLU N 187 12.04 -40.03 -56.97
C GLU N 187 13.31 -39.41 -57.58
N GLY N 188 14.39 -40.18 -57.64
CA GLY N 188 15.58 -39.75 -58.38
C GLY N 188 15.31 -39.66 -59.87
N ASN N 189 14.67 -40.70 -60.40
CA ASN N 189 14.23 -40.74 -61.80
C ASN N 189 13.32 -39.56 -62.17
N ASP N 190 12.38 -39.23 -61.29
CA ASP N 190 11.48 -38.10 -61.52
C ASP N 190 12.24 -36.79 -61.49
N LEU N 191 13.14 -36.64 -60.53
CA LEU N 191 13.93 -35.41 -60.39
C LEU N 191 14.91 -35.20 -61.55
N TYR N 192 15.44 -36.28 -62.11
CA TYR N 192 16.29 -36.20 -63.30
C TYR N 192 15.50 -35.59 -64.45
N HIS N 193 14.40 -36.24 -64.81
CA HIS N 193 13.54 -35.77 -65.90
C HIS N 193 12.96 -34.37 -65.63
N GLU N 194 12.63 -34.08 -64.37
CA GLU N 194 12.12 -32.75 -63.97
C GLU N 194 13.15 -31.66 -64.24
N MET N 195 14.42 -31.97 -63.94
CA MET N 195 15.52 -31.02 -64.15
C MET N 195 15.92 -30.92 -65.61
N LYS N 196 15.81 -32.02 -66.35
CA LYS N 196 16.07 -32.03 -67.79
C LYS N 196 15.08 -31.13 -68.54
N ASP N 197 13.80 -31.20 -68.18
CA ASP N 197 12.74 -30.37 -68.81
C ASP N 197 12.87 -28.88 -68.50
N SER N 198 13.15 -28.53 -67.25
CA SER N 198 13.39 -27.14 -66.87
C SER N 198 14.77 -26.63 -67.33
N GLY N 199 15.67 -27.51 -67.72
CA GLY N 199 16.98 -27.12 -68.23
C GLY N 199 18.04 -26.89 -67.16
N VAL N 200 17.66 -26.93 -65.89
CA VAL N 200 18.61 -26.76 -64.78
C VAL N 200 19.65 -27.89 -64.69
N ILE N 201 19.36 -29.04 -65.26
CA ILE N 201 20.27 -30.21 -65.26
C ILE N 201 21.72 -29.89 -65.61
N SER N 202 21.93 -29.02 -66.61
CA SER N 202 23.28 -28.67 -67.02
C SER N 202 24.06 -27.87 -65.97
N LYS N 203 23.38 -27.27 -65.00
CA LYS N 203 24.02 -26.59 -63.85
C LYS N 203 24.16 -27.50 -62.60
N THR N 204 23.89 -28.80 -62.71
CA THR N 204 23.72 -29.67 -61.52
C THR N 204 24.39 -31.06 -61.69
N SER N 205 25.23 -31.46 -60.73
CA SER N 205 25.78 -32.84 -60.70
C SER N 205 24.85 -33.66 -59.79
N MET N 206 24.60 -34.92 -60.14
CA MET N 206 23.70 -35.76 -59.35
C MET N 206 24.37 -37.06 -58.91
N VAL N 207 24.16 -37.44 -57.64
CA VAL N 207 24.71 -38.68 -57.08
C VAL N 207 23.60 -39.46 -56.37
N PHE N 208 23.41 -40.73 -56.74
CA PHE N 208 22.38 -41.57 -56.13
C PHE N 208 22.93 -42.83 -55.49
N GLY N 209 22.71 -42.97 -54.19
CA GLY N 209 22.95 -44.23 -53.48
C GLY N 209 21.74 -44.56 -52.70
N GLN N 210 20.70 -45.08 -53.36
CA GLN N 210 19.33 -45.08 -52.79
C GLN N 210 19.02 -46.23 -51.81
N MET N 211 17.80 -46.21 -51.27
CA MET N 211 17.36 -47.15 -50.23
C MET N 211 17.48 -48.62 -50.59
N ASN N 212 17.59 -48.98 -51.86
CA ASN N 212 17.84 -50.37 -52.27
C ASN N 212 19.29 -50.86 -52.07
N GLU N 213 20.25 -49.93 -51.90
CA GLU N 213 21.66 -50.28 -51.91
C GLU N 213 22.09 -50.86 -50.57
N PRO N 214 23.16 -51.65 -50.52
CA PRO N 214 23.71 -52.07 -49.22
C PRO N 214 24.20 -50.92 -48.35
N PRO N 215 24.44 -51.16 -47.06
CA PRO N 215 24.79 -50.10 -46.10
C PRO N 215 26.01 -49.28 -46.47
N GLY N 216 27.08 -49.95 -46.92
CA GLY N 216 28.32 -49.26 -47.28
C GLY N 216 28.04 -48.14 -48.29
N ALA N 217 27.22 -48.43 -49.32
CA ALA N 217 26.88 -47.46 -50.34
C ALA N 217 26.18 -46.24 -49.76
N ARG N 218 25.15 -46.49 -48.95
CA ARG N 218 24.37 -45.42 -48.31
C ARG N 218 25.18 -44.62 -47.29
N LEU N 219 26.20 -45.26 -46.69
CA LEU N 219 27.08 -44.59 -45.75
C LEU N 219 27.99 -43.56 -46.39
N ARG N 220 28.42 -43.83 -47.63
CA ARG N 220 29.46 -43.06 -48.30
C ARG N 220 29.03 -42.21 -49.48
N VAL N 221 27.84 -42.47 -50.03
CA VAL N 221 27.38 -41.73 -51.20
C VAL N 221 27.33 -40.22 -51.00
N ALA N 222 26.97 -39.77 -49.79
CA ALA N 222 26.93 -38.34 -49.50
C ALA N 222 28.29 -37.67 -49.64
N LEU N 223 29.34 -38.40 -49.29
CA LEU N 223 30.71 -37.90 -49.40
C LEU N 223 31.10 -37.70 -50.86
N THR N 224 30.65 -38.62 -51.72
CA THR N 224 30.87 -38.54 -53.17
C THR N 224 30.29 -37.23 -53.71
N GLY N 225 29.02 -36.98 -53.39
CA GLY N 225 28.36 -35.71 -53.74
C GLY N 225 29.08 -34.51 -53.18
N LEU N 226 29.41 -34.57 -51.91
CA LEU N 226 30.12 -33.48 -51.22
C LEU N 226 31.49 -33.15 -51.80
N THR N 227 32.19 -34.18 -52.26
CA THR N 227 33.50 -34.03 -52.90
C THR N 227 33.41 -33.26 -54.22
N MET N 228 32.32 -33.46 -54.95
CA MET N 228 32.06 -32.69 -56.18
C MET N 228 31.77 -31.23 -55.87
N ALA N 229 31.00 -30.99 -54.80
CA ALA N 229 30.68 -29.63 -54.34
C ALA N 229 31.90 -28.90 -53.80
N GLU N 230 32.80 -29.62 -53.15
CA GLU N 230 34.04 -29.06 -52.64
C GLU N 230 34.93 -28.49 -53.74
N TYR N 231 34.97 -29.18 -54.88
CA TYR N 231 35.69 -28.69 -56.04
C TYR N 231 35.13 -27.33 -56.46
N PHE N 232 33.82 -27.27 -56.70
CA PHE N 232 33.20 -26.04 -57.19
C PHE N 232 33.37 -24.85 -56.22
N ARG N 233 33.43 -25.13 -54.93
CA ARG N 233 33.71 -24.10 -53.94
C ARG N 233 35.16 -23.69 -54.02
N ASP N 234 36.05 -24.65 -53.78
CA ASP N 234 37.46 -24.35 -53.54
C ASP N 234 38.21 -23.99 -54.82
N ARG N 235 37.96 -24.71 -55.91
CA ARG N 235 38.72 -24.51 -57.16
C ARG N 235 37.98 -23.78 -58.30
N GLU N 236 36.72 -23.36 -58.09
CA GLU N 236 36.09 -22.40 -58.99
C GLU N 236 35.41 -21.23 -58.25
N GLY N 237 35.75 -21.03 -56.97
CA GLY N 237 35.21 -19.95 -56.16
C GLY N 237 33.72 -19.67 -56.19
N GLN N 238 32.92 -20.70 -56.39
CA GLN N 238 31.50 -20.54 -56.78
C GLN N 238 30.56 -20.62 -55.58
N ASP N 239 29.34 -20.11 -55.80
CA ASP N 239 28.18 -20.35 -54.92
C ASP N 239 27.57 -21.69 -55.29
N VAL N 240 27.62 -22.63 -54.37
CA VAL N 240 27.10 -23.96 -54.64
C VAL N 240 25.85 -24.20 -53.81
N LEU N 241 24.89 -24.90 -54.38
CA LEU N 241 23.74 -25.45 -53.64
C LEU N 241 23.96 -26.93 -53.50
N LEU N 242 23.94 -27.42 -52.26
CA LEU N 242 24.06 -28.85 -51.99
C LEU N 242 22.73 -29.27 -51.38
N PHE N 243 21.99 -30.14 -52.10
CA PHE N 243 20.75 -30.73 -51.59
C PHE N 243 21.07 -32.15 -51.20
N ILE N 244 20.64 -32.55 -50.01
CA ILE N 244 20.78 -33.94 -49.57
C ILE N 244 19.42 -34.41 -49.10
N ASP N 245 18.93 -35.51 -49.69
CA ASP N 245 17.67 -36.14 -49.29
C ASP N 245 17.96 -37.64 -49.31
N ASN N 246 18.22 -38.31 -48.18
CA ASN N 246 18.02 -37.87 -46.80
C ASN N 246 19.25 -38.22 -45.93
N ILE N 247 19.72 -37.22 -45.17
CA ILE N 247 20.94 -37.35 -44.37
C ILE N 247 20.80 -38.32 -43.19
N PHE N 248 19.57 -38.60 -42.76
CA PHE N 248 19.34 -39.65 -41.77
C PHE N 248 19.84 -41.00 -42.27
N ARG N 249 19.66 -41.28 -43.56
CA ARG N 249 20.01 -42.59 -44.10
C ARG N 249 21.50 -42.88 -44.10
N PHE N 250 22.31 -41.80 -44.08
CA PHE N 250 23.74 -41.91 -43.81
C PHE N 250 23.99 -42.40 -42.37
N THR N 251 23.34 -41.79 -41.40
CA THR N 251 23.45 -42.20 -39.98
C THR N 251 22.94 -43.62 -39.75
N GLN N 252 21.86 -43.98 -40.47
CA GLN N 252 21.24 -45.29 -40.32
C GLN N 252 22.15 -46.39 -40.89
N ALA N 253 22.74 -46.11 -42.04
CA ALA N 253 23.74 -47.01 -42.63
C ALA N 253 24.95 -47.16 -41.73
N GLY N 254 25.34 -46.09 -41.04
CA GLY N 254 26.38 -46.13 -40.03
C GLY N 254 26.09 -47.13 -38.95
N SER N 255 24.85 -47.14 -38.44
CA SER N 255 24.44 -48.09 -37.41
C SER N 255 24.38 -49.52 -37.94
N GLU N 256 24.01 -49.68 -39.22
CA GLU N 256 23.98 -51.00 -39.85
C GLU N 256 25.36 -51.63 -39.94
N VAL N 257 26.34 -50.84 -40.37
CA VAL N 257 27.73 -51.34 -40.46
C VAL N 257 28.39 -51.56 -39.11
N SER N 258 28.10 -50.67 -38.16
CA SER N 258 28.65 -50.70 -36.78
C SER N 258 28.28 -52.00 -36.08
N ALA N 259 27.03 -52.45 -36.25
CA ALA N 259 26.61 -53.70 -35.65
C ALA N 259 27.45 -54.89 -36.16
N LEU N 260 27.68 -54.92 -37.48
CA LEU N 260 28.45 -55.99 -38.11
C LEU N 260 29.95 -55.89 -37.88
N LEU N 261 30.47 -54.71 -37.63
CA LEU N 261 31.87 -54.56 -37.18
C LEU N 261 32.06 -54.97 -35.72
N GLY N 262 30.97 -55.20 -35.00
CA GLY N 262 31.03 -55.70 -33.62
C GLY N 262 31.11 -54.63 -32.55
N ARG N 263 30.82 -53.38 -32.88
CA ARG N 263 30.92 -52.29 -31.92
C ARG N 263 29.80 -52.36 -30.90
N MET N 264 30.10 -52.07 -29.64
CA MET N 264 29.09 -52.09 -28.60
C MET N 264 28.10 -50.96 -28.81
N PRO N 265 26.79 -51.27 -28.81
CA PRO N 265 25.81 -50.24 -29.13
C PRO N 265 25.66 -49.16 -28.07
N SER N 266 25.23 -47.98 -28.52
CA SER N 266 24.96 -46.83 -27.69
C SER N 266 23.45 -46.75 -27.46
N ALA N 267 22.97 -45.62 -26.97
CA ALA N 267 21.53 -45.43 -26.69
C ALA N 267 20.67 -45.63 -27.94
N VAL N 268 19.55 -46.33 -27.74
CA VAL N 268 18.56 -46.65 -28.78
C VAL N 268 19.15 -47.52 -29.91
N GLY N 269 20.22 -48.25 -29.59
CA GLY N 269 20.85 -49.15 -30.54
C GLY N 269 21.71 -48.53 -31.62
N TYR N 270 21.94 -47.22 -31.57
CA TYR N 270 22.78 -46.58 -32.58
C TYR N 270 24.26 -46.89 -32.29
N GLN N 271 25.08 -46.66 -33.31
CA GLN N 271 26.51 -46.82 -33.19
C GLN N 271 27.08 -45.88 -32.14
N PRO N 272 28.13 -46.30 -31.42
CA PRO N 272 28.76 -45.43 -30.44
C PRO N 272 29.48 -44.24 -31.10
N THR N 273 29.83 -44.34 -32.37
CA THR N 273 30.48 -43.29 -33.12
C THR N 273 29.50 -42.37 -33.89
N LEU N 274 28.24 -42.29 -33.43
CA LEU N 274 27.20 -41.53 -34.12
C LEU N 274 27.54 -40.07 -34.36
N ALA N 275 27.94 -39.41 -33.27
CA ALA N 275 28.21 -37.98 -33.25
C ALA N 275 29.46 -37.64 -34.09
N THR N 276 30.54 -38.38 -33.94
CA THR N 276 31.79 -38.09 -34.67
C THR N 276 31.67 -38.40 -36.16
N GLU N 277 31.03 -39.52 -36.51
CA GLU N 277 30.77 -39.86 -37.92
C GLU N 277 30.00 -38.73 -38.61
N MET N 278 29.02 -38.18 -37.90
CA MET N 278 28.24 -37.04 -38.40
C MET N 278 29.06 -35.78 -38.54
N GLY N 279 29.86 -35.48 -37.54
CA GLY N 279 30.75 -34.32 -37.59
C GLY N 279 31.75 -34.33 -38.72
N GLN N 280 32.30 -35.51 -39.02
CA GLN N 280 33.26 -35.67 -40.10
C GLN N 280 32.66 -35.41 -41.48
N LEU N 281 31.36 -35.65 -41.62
CA LEU N 281 30.66 -35.35 -42.86
C LEU N 281 30.24 -33.91 -42.87
N GLN N 282 29.58 -33.50 -41.79
CA GLN N 282 28.92 -32.20 -41.75
C GLN N 282 29.88 -31.03 -41.78
N GLU N 283 31.02 -31.12 -41.09
CA GLU N 283 31.94 -30.00 -41.03
C GLU N 283 32.57 -29.63 -42.38
N ARG N 284 32.63 -30.59 -43.29
CA ARG N 284 33.05 -30.34 -44.67
C ARG N 284 32.00 -29.60 -45.47
N ILE N 285 30.71 -29.78 -45.14
CA ILE N 285 29.63 -28.99 -45.73
C ILE N 285 29.64 -27.61 -45.05
N THR N 286 30.28 -26.64 -45.71
CA THR N 286 30.47 -25.32 -45.12
C THR N 286 30.90 -24.31 -46.18
N SER N 287 30.76 -23.03 -45.86
CA SER N 287 31.26 -21.95 -46.72
C SER N 287 32.65 -21.54 -46.22
N THR N 288 33.60 -21.48 -47.14
CA THR N 288 34.97 -21.04 -46.85
C THR N 288 35.17 -19.65 -47.42
N LYS N 289 36.39 -19.12 -47.29
CA LYS N 289 36.77 -17.87 -47.91
C LYS N 289 36.81 -17.96 -49.44
N LYS N 290 37.19 -19.13 -49.98
CA LYS N 290 37.26 -19.33 -51.43
C LYS N 290 35.88 -19.35 -52.13
N GLY N 291 34.89 -19.91 -51.46
CA GLY N 291 33.52 -19.96 -52.01
C GLY N 291 32.52 -20.36 -50.95
N SER N 292 31.29 -20.49 -51.39
CA SER N 292 30.14 -20.67 -50.49
C SER N 292 29.29 -21.87 -50.90
N ILE N 293 28.89 -22.65 -49.91
CA ILE N 293 27.97 -23.78 -50.10
C ILE N 293 26.75 -23.50 -49.21
N THR N 294 25.59 -23.31 -49.85
CA THR N 294 24.30 -23.31 -49.19
C THR N 294 23.70 -24.71 -49.26
N SER N 295 23.64 -25.37 -48.12
CA SER N 295 23.17 -26.77 -48.06
C SER N 295 21.79 -26.89 -47.45
N ILE N 296 20.94 -27.67 -48.10
CA ILE N 296 19.59 -27.88 -47.64
C ILE N 296 19.41 -29.38 -47.52
N GLN N 297 19.30 -29.87 -46.28
CA GLN N 297 19.31 -31.31 -46.02
C GLN N 297 18.01 -31.77 -45.40
N ALA N 298 17.36 -32.75 -46.05
CA ALA N 298 16.17 -33.39 -45.50
C ALA N 298 16.63 -34.36 -44.43
N ILE N 299 15.93 -34.36 -43.29
CA ILE N 299 16.32 -35.13 -42.09
C ILE N 299 15.13 -35.91 -41.54
N TYR N 300 15.14 -37.23 -41.68
CA TYR N 300 14.06 -38.08 -41.18
C TYR N 300 14.11 -38.14 -39.66
N VAL N 301 12.92 -38.18 -39.05
CA VAL N 301 12.73 -38.29 -37.62
C VAL N 301 12.04 -39.61 -37.30
N PRO N 302 12.81 -40.62 -36.82
CA PRO N 302 12.21 -41.94 -36.55
C PRO N 302 11.10 -41.92 -35.54
N ALA N 303 9.98 -42.58 -35.85
CA ALA N 303 8.81 -42.66 -34.98
C ALA N 303 8.29 -41.30 -34.49
N ASP N 304 8.45 -40.27 -35.32
CA ASP N 304 8.05 -38.89 -34.99
C ASP N 304 8.70 -38.33 -33.73
N ASP N 305 9.83 -38.90 -33.30
CA ASP N 305 10.43 -38.57 -32.03
C ASP N 305 11.67 -37.68 -32.26
N TYR N 306 11.52 -36.37 -32.02
CA TYR N 306 12.65 -35.46 -32.20
C TYR N 306 13.80 -35.63 -31.21
N THR N 307 13.57 -36.40 -30.14
CA THR N 307 14.62 -36.71 -29.16
C THR N 307 15.42 -37.96 -29.53
N ASP N 308 15.08 -38.63 -30.62
CA ASP N 308 15.85 -39.79 -31.09
C ASP N 308 17.30 -39.35 -31.35
N PRO N 309 18.29 -40.18 -30.98
CA PRO N 309 19.68 -39.74 -31.13
C PRO N 309 20.09 -39.21 -32.52
N ALA N 310 19.50 -39.72 -33.59
CA ALA N 310 19.86 -39.30 -34.95
C ALA N 310 19.50 -37.83 -35.20
N PRO N 311 18.21 -37.49 -35.17
CA PRO N 311 17.87 -36.08 -35.37
C PRO N 311 18.41 -35.16 -34.28
N ALA N 312 18.44 -35.64 -33.03
CA ALA N 312 18.93 -34.85 -31.90
C ALA N 312 20.36 -34.37 -32.13
N THR N 313 21.22 -35.26 -32.60
CA THR N 313 22.60 -34.90 -32.89
C THR N 313 22.75 -34.03 -34.13
N THR N 314 21.84 -34.18 -35.09
CA THR N 314 21.85 -33.40 -36.32
C THR N 314 21.63 -31.90 -36.11
N PHE N 315 20.82 -31.53 -35.10
CA PHE N 315 20.54 -30.10 -34.80
C PHE N 315 21.77 -29.21 -34.59
N ALA N 316 22.82 -29.76 -34.00
CA ALA N 316 24.04 -28.99 -33.73
C ALA N 316 24.70 -28.45 -34.99
N HIS N 317 24.39 -29.03 -36.15
CA HIS N 317 25.07 -28.68 -37.40
C HIS N 317 24.29 -27.73 -38.30
N LEU N 318 23.36 -26.95 -37.75
CA LEU N 318 22.39 -26.24 -38.61
C LEU N 318 22.26 -24.78 -38.21
N ASP N 319 22.20 -23.91 -39.22
CA ASP N 319 21.98 -22.46 -39.05
C ASP N 319 20.50 -22.07 -39.14
N ALA N 320 19.71 -22.93 -39.79
CA ALA N 320 18.27 -22.82 -39.72
C ALA N 320 17.64 -24.21 -39.77
N THR N 321 16.46 -24.32 -39.16
CA THR N 321 15.71 -25.58 -39.17
C THR N 321 14.26 -25.35 -39.55
N THR N 322 13.69 -26.33 -40.23
CA THR N 322 12.28 -26.34 -40.56
C THR N 322 11.77 -27.67 -40.03
N ASN N 323 11.01 -27.60 -38.92
CA ASN N 323 10.53 -28.78 -38.23
C ASN N 323 9.12 -29.12 -38.66
N LEU N 324 8.98 -30.17 -39.46
CA LEU N 324 7.68 -30.59 -39.94
C LEU N 324 7.04 -31.49 -38.88
N GLU N 325 5.77 -31.23 -38.57
CA GLU N 325 5.01 -32.00 -37.59
C GLU N 325 3.77 -32.64 -38.22
N ARG N 326 3.54 -33.93 -37.94
CA ARG N 326 2.43 -34.66 -38.54
C ARG N 326 1.06 -34.07 -38.14
N LYS N 327 0.94 -33.53 -36.91
CA LYS N 327 -0.32 -32.96 -36.45
C LYS N 327 -0.82 -31.89 -37.40
N LEU N 328 0.08 -31.02 -37.84
CA LEU N 328 -0.24 -29.96 -38.80
C LEU N 328 -0.63 -30.51 -40.17
N ALA N 329 0.12 -31.50 -40.64
CA ALA N 329 -0.19 -32.12 -41.93
C ALA N 329 -1.58 -32.72 -41.92
N GLU N 330 -1.95 -33.37 -40.81
CA GLU N 330 -3.27 -33.99 -40.68
C GLU N 330 -4.41 -32.96 -40.66
N MET N 331 -4.15 -31.76 -40.16
CA MET N 331 -5.12 -30.66 -40.24
C MET N 331 -5.27 -30.05 -41.64
N GLY N 332 -4.33 -30.34 -42.54
CA GLY N 332 -4.31 -29.75 -43.86
C GLY N 332 -3.42 -28.52 -43.97
N ILE N 333 -2.67 -28.19 -42.91
CA ILE N 333 -1.69 -27.10 -42.95
C ILE N 333 -0.41 -27.58 -43.65
N TYR N 334 -0.25 -27.20 -44.92
CA TYR N 334 0.96 -27.47 -45.68
C TYR N 334 1.60 -26.14 -46.13
N PRO N 335 2.93 -26.00 -46.09
CA PRO N 335 3.86 -26.97 -45.51
C PRO N 335 3.64 -27.10 -44.00
N ALA N 336 3.89 -28.29 -43.46
CA ALA N 336 3.53 -28.65 -42.09
C ALA N 336 4.51 -28.18 -40.99
N VAL N 337 4.81 -26.90 -41.01
CA VAL N 337 5.97 -26.35 -40.30
C VAL N 337 5.53 -25.89 -38.93
N ASP N 338 6.14 -26.50 -37.92
CA ASP N 338 5.97 -26.10 -36.51
C ASP N 338 6.54 -24.69 -36.38
N PRO N 339 5.67 -23.68 -36.21
CA PRO N 339 6.15 -22.30 -36.20
C PRO N 339 6.83 -21.89 -34.87
N LEU N 340 6.82 -22.75 -33.85
CA LEU N 340 7.55 -22.50 -32.61
C LEU N 340 8.86 -23.30 -32.52
N ALA N 341 8.86 -24.56 -32.98
CA ALA N 341 10.06 -25.41 -32.97
C ALA N 341 11.11 -25.05 -34.04
N SER N 342 10.66 -24.51 -35.18
CA SER N 342 11.56 -24.08 -36.25
C SER N 342 12.33 -22.83 -35.81
N THR N 343 13.58 -22.74 -36.24
CA THR N 343 14.49 -21.71 -35.74
C THR N 343 15.50 -21.32 -36.80
N SER N 344 16.05 -20.13 -36.62
CA SER N 344 17.09 -19.63 -37.47
C SER N 344 18.00 -18.73 -36.66
N ARG N 345 19.31 -18.90 -36.92
CA ARG N 345 20.33 -18.08 -36.31
C ARG N 345 20.23 -16.60 -36.70
N ILE N 346 19.68 -16.34 -37.89
CA ILE N 346 19.57 -14.97 -38.45
C ILE N 346 18.22 -14.29 -38.24
N LEU N 347 17.30 -14.88 -37.46
CA LEU N 347 16.08 -14.14 -37.08
C LEU N 347 16.45 -13.14 -35.98
N SER N 348 17.02 -12.02 -36.40
CA SER N 348 17.44 -10.96 -35.50
C SER N 348 17.28 -9.61 -36.20
N PRO N 349 17.04 -8.53 -35.43
CA PRO N 349 16.83 -7.21 -36.05
C PRO N 349 18.01 -6.77 -36.94
N ALA N 350 19.23 -7.15 -36.54
CA ALA N 350 20.44 -6.87 -37.32
C ALA N 350 20.41 -7.34 -38.77
N VAL N 351 19.71 -8.44 -39.06
CA VAL N 351 19.73 -9.07 -40.40
C VAL N 351 18.44 -8.83 -41.21
N VAL N 352 17.30 -9.19 -40.64
CA VAL N 352 16.00 -9.03 -41.29
C VAL N 352 15.37 -7.66 -41.01
N GLY N 353 16.00 -6.78 -40.26
CA GLY N 353 15.36 -5.48 -40.02
C GLY N 353 14.33 -5.54 -38.90
N GLU N 354 14.09 -4.36 -38.34
CA GLU N 354 13.42 -4.20 -37.04
C GLU N 354 11.94 -4.62 -37.10
N GLU N 355 11.27 -4.33 -38.20
CA GLU N 355 9.85 -4.62 -38.37
C GLU N 355 9.62 -6.13 -38.47
N HIS N 356 10.37 -6.79 -39.34
CA HIS N 356 10.32 -8.24 -39.52
C HIS N 356 10.41 -8.95 -38.17
N TYR N 357 11.44 -8.62 -37.39
CA TYR N 357 11.68 -9.26 -36.10
C TYR N 357 10.49 -9.08 -35.15
N ARG N 358 10.02 -7.83 -35.05
CA ARG N 358 8.89 -7.48 -34.20
C ARG N 358 7.63 -8.30 -34.56
N VAL N 359 7.36 -8.44 -35.86
CA VAL N 359 6.20 -9.16 -36.37
C VAL N 359 6.30 -10.64 -36.07
N ALA N 360 7.47 -11.22 -36.37
CA ALA N 360 7.71 -12.64 -36.16
C ALA N 360 7.55 -13.04 -34.69
N ARG N 361 8.10 -12.23 -33.80
CA ARG N 361 7.95 -12.46 -32.36
C ARG N 361 6.52 -12.26 -31.89
N GLY N 362 5.84 -11.28 -32.48
CA GLY N 362 4.42 -11.08 -32.26
C GLY N 362 3.60 -12.31 -32.64
N VAL N 363 3.88 -12.85 -33.82
CA VAL N 363 3.20 -14.06 -34.29
C VAL N 363 3.44 -15.24 -33.34
N GLN N 364 4.68 -15.41 -32.91
CA GLN N 364 5.04 -16.52 -32.02
C GLN N 364 4.43 -16.37 -30.63
N GLN N 365 4.28 -15.15 -30.15
CA GLN N 365 3.62 -14.90 -28.86
C GLN N 365 2.14 -15.34 -28.87
N VAL N 366 1.47 -15.04 -29.98
CA VAL N 366 0.06 -15.38 -30.16
C VAL N 366 -0.09 -16.91 -30.28
N LEU N 367 0.77 -17.52 -31.08
CA LEU N 367 0.75 -18.97 -31.24
C LEU N 367 1.09 -19.70 -29.95
N GLN N 368 2.02 -19.18 -29.17
CA GLN N 368 2.43 -19.81 -27.90
C GLN N 368 1.29 -19.81 -26.92
N ARG N 369 0.55 -18.70 -26.85
CA ARG N 369 -0.59 -18.61 -25.96
C ARG N 369 -1.68 -19.63 -26.37
N TYR N 370 -1.94 -19.70 -27.66
CA TYR N 370 -2.88 -20.68 -28.21
C TYR N 370 -2.46 -22.12 -27.87
N ASN N 371 -1.17 -22.38 -28.03
CA ASN N 371 -0.59 -23.67 -27.65
C ASN N 371 -0.84 -24.03 -26.19
N ASP N 372 -0.68 -23.07 -25.30
CA ASP N 372 -0.93 -23.28 -23.86
C ASP N 372 -2.38 -23.64 -23.57
N LEU N 373 -3.31 -23.05 -24.31
CA LEU N 373 -4.74 -23.31 -24.10
C LEU N 373 -5.28 -24.61 -24.74
N GLN N 374 -4.44 -25.30 -25.51
CA GLN N 374 -4.83 -26.51 -26.24
C GLN N 374 -5.42 -27.60 -25.43
N ASP N 375 -5.04 -27.79 -24.16
CA ASP N 375 -5.74 -28.76 -23.30
C ASP N 375 -7.15 -28.34 -22.94
N ILE N 376 -7.29 -27.09 -22.51
CA ILE N 376 -8.61 -26.55 -22.14
C ILE N 376 -9.53 -26.55 -23.38
N ILE N 377 -9.01 -26.15 -24.53
CA ILE N 377 -9.79 -26.11 -25.77
C ILE N 377 -10.21 -27.50 -26.23
N ALA N 378 -9.33 -28.48 -26.14
CA ALA N 378 -9.61 -29.86 -26.57
C ALA N 378 -10.79 -30.50 -25.86
N ILE N 379 -11.05 -30.11 -24.61
CA ILE N 379 -12.15 -30.65 -23.81
C ILE N 379 -13.35 -29.66 -23.82
N LEU N 380 -13.16 -28.44 -23.33
CA LEU N 380 -14.26 -27.49 -23.19
C LEU N 380 -14.65 -26.70 -24.42
N GLY N 381 -13.81 -26.72 -25.45
CA GLY N 381 -13.89 -25.74 -26.55
C GLY N 381 -13.51 -24.32 -26.15
N MET N 382 -13.91 -23.40 -27.01
CA MET N 382 -13.63 -21.99 -26.84
C MET N 382 -14.59 -21.25 -25.91
N ASP N 383 -15.71 -21.85 -25.52
CA ASP N 383 -16.79 -21.11 -24.85
C ASP N 383 -16.41 -20.60 -23.46
N GLU N 384 -15.51 -21.34 -22.78
CA GLU N 384 -15.16 -20.98 -21.39
C GLU N 384 -14.09 -19.91 -21.25
N LEU N 385 -13.49 -19.48 -22.37
CA LEU N 385 -12.35 -18.59 -22.35
C LEU N 385 -12.72 -17.16 -22.05
N SER N 386 -11.78 -16.41 -21.47
CA SER N 386 -11.93 -14.97 -21.29
C SER N 386 -11.97 -14.24 -22.61
N ASP N 387 -12.42 -13.01 -22.60
CA ASP N 387 -12.56 -12.21 -23.82
C ASP N 387 -11.19 -11.95 -24.45
N GLU N 388 -10.16 -11.80 -23.61
CA GLU N 388 -8.80 -11.58 -24.07
C GLU N 388 -8.33 -12.82 -24.84
N ASP N 389 -8.58 -14.00 -24.27
CA ASP N 389 -8.13 -15.26 -24.89
C ASP N 389 -8.90 -15.63 -26.15
N LYS N 390 -10.21 -15.41 -26.17
CA LYS N 390 -11.01 -15.67 -27.39
C LYS N 390 -10.52 -14.87 -28.58
N LEU N 391 -10.11 -13.62 -28.35
CA LEU N 391 -9.54 -12.77 -29.40
C LEU N 391 -8.17 -13.34 -29.85
N ILE N 392 -7.35 -13.80 -28.89
CA ILE N 392 -6.07 -14.39 -29.19
C ILE N 392 -6.23 -15.70 -29.99
N VAL N 393 -7.17 -16.53 -29.59
CA VAL N 393 -7.44 -17.77 -30.31
C VAL N 393 -7.93 -17.51 -31.71
N ALA N 394 -8.80 -16.53 -31.87
CA ALA N 394 -9.31 -16.12 -33.22
C ALA N 394 -8.16 -15.80 -34.16
N ARG N 395 -7.25 -14.96 -33.68
CA ARG N 395 -6.12 -14.52 -34.49
C ARG N 395 -5.11 -15.63 -34.70
N ALA N 396 -4.86 -16.41 -33.66
CA ALA N 396 -3.96 -17.55 -33.75
C ALA N 396 -4.37 -18.51 -34.89
N ARG N 397 -5.66 -18.77 -34.99
CA ARG N 397 -6.20 -19.66 -36.03
C ARG N 397 -6.10 -19.08 -37.42
N LYS N 398 -6.22 -17.77 -37.53
CA LYS N 398 -6.02 -17.08 -38.81
C LYS N 398 -4.55 -17.08 -39.17
N ILE N 399 -3.71 -16.76 -38.19
CA ILE N 399 -2.26 -16.82 -38.35
C ILE N 399 -1.83 -18.22 -38.82
N GLN N 400 -2.29 -19.25 -38.11
CA GLN N 400 -1.96 -20.65 -38.42
C GLN N 400 -2.30 -21.05 -39.85
N ARG N 401 -3.41 -20.52 -40.37
CA ARG N 401 -3.85 -20.76 -41.75
C ARG N 401 -3.09 -19.94 -42.77
N PHE N 402 -2.75 -18.70 -42.43
CA PHE N 402 -1.98 -17.86 -43.34
C PHE N 402 -0.53 -18.32 -43.51
N LEU N 403 -0.02 -19.12 -42.56
CA LEU N 403 1.28 -19.78 -42.70
C LEU N 403 1.25 -20.93 -43.72
N SER N 404 0.07 -21.46 -44.03
CA SER N 404 -0.07 -22.45 -45.09
C SER N 404 -0.01 -21.76 -46.44
N GLN N 405 0.34 -22.52 -47.46
CA GLN N 405 0.67 -21.97 -48.76
C GLN N 405 0.72 -23.07 -49.82
N PRO N 406 0.09 -22.85 -50.98
CA PRO N 406 0.15 -23.86 -52.04
C PRO N 406 1.51 -23.86 -52.72
N PHE N 407 2.03 -25.06 -52.98
CA PHE N 407 3.34 -25.21 -53.61
C PHE N 407 3.22 -25.45 -55.11
N HIS N 408 4.16 -24.88 -55.86
CA HIS N 408 4.28 -25.09 -57.31
C HIS N 408 4.42 -26.56 -57.64
N VAL N 409 5.22 -27.26 -56.84
CA VAL N 409 5.48 -28.70 -57.03
C VAL N 409 4.29 -29.58 -56.61
N ALA N 410 3.39 -29.03 -55.83
CA ALA N 410 2.18 -29.73 -55.38
C ALA N 410 0.94 -29.45 -56.23
N GLU N 411 1.10 -28.85 -57.41
CA GLU N 411 -0.03 -28.69 -58.36
C GLU N 411 -0.65 -30.04 -58.74
N GLN N 412 0.15 -31.11 -58.73
CA GLN N 412 -0.32 -32.47 -58.97
C GLN N 412 -1.21 -33.01 -57.85
N PHE N 413 -0.93 -32.69 -56.59
CA PHE N 413 -1.70 -33.22 -55.46
C PHE N 413 -2.90 -32.29 -55.15
N THR N 414 -2.61 -31.02 -54.88
CA THR N 414 -3.65 -30.07 -54.45
C THR N 414 -4.63 -29.73 -55.59
N GLY N 415 -4.15 -29.76 -56.83
CA GLY N 415 -4.90 -29.26 -57.97
C GLY N 415 -4.89 -27.74 -58.08
N MET N 416 -4.27 -27.01 -57.13
CA MET N 416 -4.22 -25.58 -57.12
C MET N 416 -2.87 -25.05 -57.53
N PRO N 417 -2.83 -23.92 -58.29
CA PRO N 417 -1.54 -23.36 -58.66
C PRO N 417 -0.75 -22.83 -57.43
N GLY N 418 0.56 -23.00 -57.49
CA GLY N 418 1.45 -22.58 -56.42
C GLY N 418 1.66 -21.08 -56.37
N LYS N 419 2.24 -20.61 -55.27
CA LYS N 419 2.46 -19.19 -55.04
C LYS N 419 3.83 -18.91 -54.45
N TYR N 420 4.54 -17.94 -55.01
CA TYR N 420 5.78 -17.40 -54.45
C TYR N 420 5.43 -16.08 -53.74
N VAL N 421 5.74 -15.97 -52.46
CA VAL N 421 5.43 -14.76 -51.69
C VAL N 421 6.74 -14.13 -51.18
N PRO N 422 7.06 -12.91 -51.67
CA PRO N 422 8.27 -12.26 -51.18
C PRO N 422 8.20 -11.85 -49.72
N VAL N 423 9.36 -11.68 -49.09
CA VAL N 423 9.46 -11.38 -47.66
C VAL N 423 8.66 -10.13 -47.28
N LYS N 424 8.77 -9.07 -48.07
CA LYS N 424 8.08 -7.78 -47.79
C LYS N 424 6.57 -7.99 -47.60
N GLU N 425 6.00 -8.86 -48.44
CA GLU N 425 4.58 -9.17 -48.43
C GLU N 425 4.19 -10.10 -47.27
N THR N 426 5.04 -11.08 -46.97
CA THR N 426 4.85 -11.96 -45.82
C THR N 426 4.81 -11.13 -44.54
N VAL N 427 5.78 -10.25 -44.36
CA VAL N 427 5.82 -9.40 -43.16
C VAL N 427 4.57 -8.52 -43.07
N ARG N 428 4.22 -7.89 -44.20
CA ARG N 428 3.04 -7.00 -44.27
C ARG N 428 1.76 -7.73 -43.88
N GLY N 429 1.57 -8.93 -44.41
CA GLY N 429 0.37 -9.72 -44.16
C GLY N 429 0.18 -10.06 -42.70
N PHE N 430 1.20 -10.65 -42.09
CA PHE N 430 1.14 -11.03 -40.69
C PHE N 430 1.08 -9.81 -39.77
N LYS N 431 1.71 -8.70 -40.18
CA LYS N 431 1.60 -7.45 -39.41
C LYS N 431 0.14 -7.02 -39.30
N GLU N 432 -0.57 -7.06 -40.43
CA GLU N 432 -1.96 -6.64 -40.50
C GLU N 432 -2.91 -7.53 -39.70
N ILE N 433 -2.66 -8.84 -39.70
CA ILE N 433 -3.47 -9.78 -38.91
C ILE N 433 -3.31 -9.49 -37.43
N LEU N 434 -2.07 -9.29 -36.99
CA LEU N 434 -1.78 -8.91 -35.61
C LEU N 434 -2.42 -7.58 -35.23
N GLU N 435 -2.39 -6.62 -36.15
CA GLU N 435 -3.00 -5.30 -35.92
C GLU N 435 -4.54 -5.30 -35.84
N GLY N 436 -5.19 -6.35 -36.33
CA GLY N 436 -6.65 -6.49 -36.26
C GLY N 436 -7.38 -6.10 -37.55
N LYS N 437 -6.64 -5.80 -38.61
CA LYS N 437 -7.23 -5.30 -39.85
C LYS N 437 -8.08 -6.33 -40.57
N HIS N 438 -7.91 -7.61 -40.25
CA HIS N 438 -8.67 -8.66 -40.89
C HIS N 438 -9.39 -9.56 -39.88
N ASP N 439 -9.81 -9.00 -38.75
CA ASP N 439 -10.60 -9.76 -37.76
C ASP N 439 -11.98 -10.22 -38.23
N ASN N 440 -12.47 -9.65 -39.32
CA ASN N 440 -13.83 -9.90 -39.83
C ASN N 440 -13.85 -10.81 -41.06
N LEU N 441 -12.69 -11.11 -41.64
CA LEU N 441 -12.61 -12.15 -42.66
C LEU N 441 -12.81 -13.52 -41.99
N PRO N 442 -13.54 -14.44 -42.66
CA PRO N 442 -13.65 -15.80 -42.12
C PRO N 442 -12.32 -16.55 -42.19
N GLU N 443 -12.16 -17.57 -41.35
CA GLU N 443 -10.88 -18.27 -41.22
C GLU N 443 -10.43 -18.92 -42.53
N GLU N 444 -11.35 -19.57 -43.25
CA GLU N 444 -11.04 -20.23 -44.52
C GLU N 444 -10.40 -19.29 -45.54
N ALA N 445 -10.66 -17.99 -45.41
CA ALA N 445 -10.06 -16.99 -46.32
C ALA N 445 -8.54 -16.99 -46.32
N PHE N 446 -7.93 -17.27 -45.19
CA PHE N 446 -6.46 -17.22 -45.02
C PHE N 446 -5.76 -18.51 -45.42
N TYR N 447 -6.53 -19.58 -45.52
CA TYR N 447 -6.01 -20.90 -45.84
C TYR N 447 -5.64 -21.02 -47.32
N MET N 448 -4.39 -21.36 -47.59
CA MET N 448 -3.91 -21.73 -48.93
C MET N 448 -4.09 -20.60 -49.96
N VAL N 449 -3.35 -19.54 -49.70
CA VAL N 449 -3.44 -18.34 -50.54
C VAL N 449 -2.17 -17.68 -51.14
N GLY N 450 -1.27 -17.06 -50.41
CA GLY N 450 -0.24 -16.31 -51.06
C GLY N 450 -0.26 -15.05 -50.27
N THR N 451 -0.45 -13.91 -50.92
CA THR N 451 -0.39 -12.61 -50.24
C THR N 451 -1.66 -12.35 -49.43
N ILE N 452 -1.61 -11.36 -48.55
CA ILE N 452 -2.79 -10.96 -47.76
C ILE N 452 -3.92 -10.48 -48.67
N ASP N 453 -3.57 -9.89 -49.80
CA ASP N 453 -4.54 -9.42 -50.79
C ASP N 453 -5.36 -10.56 -51.39
N GLU N 454 -4.72 -11.72 -51.61
CA GLU N 454 -5.44 -12.90 -52.08
C GLU N 454 -6.42 -13.46 -51.03
N ALA N 455 -6.14 -13.23 -49.75
CA ALA N 455 -7.05 -13.61 -48.67
C ALA N 455 -8.30 -12.74 -48.63
N VAL N 456 -8.11 -11.43 -48.81
CA VAL N 456 -9.23 -10.47 -48.93
C VAL N 456 -10.11 -10.82 -50.14
N GLU N 457 -9.48 -11.20 -51.24
CA GLU N 457 -10.15 -11.63 -52.47
C GLU N 457 -10.90 -12.94 -52.29
N LYS N 458 -10.31 -13.89 -51.57
CA LYS N 458 -10.95 -15.19 -51.31
C LYS N 458 -12.18 -15.04 -50.39
N ALA N 459 -12.16 -14.05 -49.49
CA ALA N 459 -13.28 -13.79 -48.58
C ALA N 459 -14.56 -13.45 -49.33
N LYS N 460 -14.44 -12.67 -50.39
CA LYS N 460 -15.57 -12.28 -51.26
C LYS N 460 -16.27 -13.49 -51.86
N LYS N 461 -15.52 -14.55 -52.14
CA LYS N 461 -16.10 -15.78 -52.71
C LYS N 461 -16.73 -16.74 -51.69
N LEU N 462 -17.03 -16.24 -50.51
CA LEU N 462 -17.52 -17.05 -49.39
C LEU N 462 -18.69 -16.31 -48.77
N GLY O 3 7.68 -39.66 -21.72
CA GLY O 3 7.98 -39.95 -20.29
C GLY O 3 6.72 -40.23 -19.48
N MET O 4 6.72 -41.32 -18.72
CA MET O 4 5.53 -41.78 -17.96
C MET O 4 5.15 -40.88 -16.78
N ARG O 5 6.11 -40.13 -16.25
CA ARG O 5 5.83 -39.23 -15.12
C ARG O 5 4.70 -38.24 -15.43
N GLU O 6 4.76 -37.60 -16.60
CA GLU O 6 3.68 -36.73 -17.11
C GLU O 6 2.40 -37.47 -17.43
N ILE O 7 2.51 -38.62 -18.11
CA ILE O 7 1.34 -39.29 -18.68
C ILE O 7 0.50 -39.96 -17.58
N LYS O 8 1.14 -40.58 -16.59
CA LYS O 8 0.48 -40.98 -15.31
C LYS O 8 -0.52 -39.93 -14.81
N ARG O 9 -0.03 -38.71 -14.67
CA ARG O 9 -0.77 -37.57 -14.12
C ARG O 9 -1.75 -36.95 -15.11
N ARG O 10 -1.40 -36.93 -16.40
CA ARG O 10 -2.31 -36.40 -17.44
C ARG O 10 -3.54 -37.29 -17.63
N ILE O 11 -3.34 -38.61 -17.53
CA ILE O 11 -4.45 -39.56 -17.57
C ILE O 11 -5.32 -39.40 -16.33
N ARG O 12 -4.68 -39.32 -15.17
CA ARG O 12 -5.38 -39.04 -13.91
C ARG O 12 -6.32 -37.83 -14.04
N SER O 13 -5.78 -36.69 -14.47
CA SER O 13 -6.56 -35.45 -14.62
C SER O 13 -7.77 -35.59 -15.51
N VAL O 14 -7.56 -36.15 -16.69
CA VAL O 14 -8.59 -36.26 -17.70
C VAL O 14 -9.66 -37.24 -17.25
N LYS O 15 -9.24 -38.29 -16.54
CA LYS O 15 -10.16 -39.34 -16.08
C LYS O 15 -11.04 -38.84 -14.93
N ASN O 16 -10.46 -38.12 -13.98
CA ASN O 16 -11.23 -37.48 -12.91
C ASN O 16 -12.21 -36.48 -13.50
N THR O 17 -11.67 -35.55 -14.29
CA THR O 17 -12.47 -34.52 -14.98
C THR O 17 -13.66 -35.10 -15.75
N ARG O 18 -13.46 -36.20 -16.45
CA ARG O 18 -14.53 -36.86 -17.23
C ARG O 18 -15.65 -37.39 -16.34
N GLN O 19 -15.31 -37.94 -15.18
CA GLN O 19 -16.32 -38.36 -14.20
C GLN O 19 -17.21 -37.19 -13.76
N ILE O 20 -16.61 -36.01 -13.63
CA ILE O 20 -17.35 -34.80 -13.27
C ILE O 20 -18.20 -34.28 -14.43
N THR O 21 -17.69 -34.24 -15.66
CA THR O 21 -18.51 -33.76 -16.80
C THR O 21 -19.68 -34.70 -17.04
N LYS O 22 -19.41 -36.00 -16.95
CA LYS O 22 -20.41 -37.07 -17.06
C LYS O 22 -21.56 -36.89 -16.06
N ALA O 23 -21.21 -36.65 -14.81
CA ALA O 23 -22.17 -36.36 -13.74
C ALA O 23 -22.91 -35.04 -13.96
N MET O 24 -22.18 -33.98 -14.29
CA MET O 24 -22.78 -32.65 -14.51
C MET O 24 -23.88 -32.66 -15.57
N LYS O 25 -23.68 -33.44 -16.65
CA LYS O 25 -24.73 -33.64 -17.65
C LYS O 25 -25.93 -34.27 -16.98
N MET O 26 -25.69 -35.29 -16.15
CA MET O 26 -26.78 -35.97 -15.43
C MET O 26 -27.53 -35.09 -14.42
N VAL O 27 -26.84 -34.15 -13.78
CA VAL O 27 -27.50 -33.18 -12.90
C VAL O 27 -28.28 -32.16 -13.73
N ALA O 28 -27.64 -31.59 -14.75
CA ALA O 28 -28.33 -30.71 -15.73
C ALA O 28 -29.57 -31.36 -16.32
N ALA O 29 -29.50 -32.67 -16.58
CA ALA O 29 -30.66 -33.43 -17.09
C ALA O 29 -31.81 -33.49 -16.10
N ALA O 30 -31.47 -33.68 -14.83
CA ALA O 30 -32.45 -33.67 -13.74
C ALA O 30 -33.18 -32.32 -13.63
N LYS O 31 -32.41 -31.24 -13.75
CA LYS O 31 -32.92 -29.89 -13.54
C LYS O 31 -33.76 -29.38 -14.68
N LEU O 32 -33.55 -29.94 -15.88
CA LEU O 32 -34.39 -29.67 -17.03
C LEU O 32 -35.78 -30.27 -16.84
N ARG O 33 -35.84 -31.45 -16.23
CA ARG O 33 -37.12 -32.07 -15.91
C ARG O 33 -37.83 -31.17 -14.91
N ARG O 34 -37.19 -30.84 -13.80
CA ARG O 34 -37.82 -30.01 -12.75
C ARG O 34 -38.25 -28.63 -13.26
N ALA O 35 -37.53 -28.09 -14.23
CA ALA O 35 -37.87 -26.79 -14.84
C ALA O 35 -39.08 -26.87 -15.77
N GLN O 36 -39.29 -28.01 -16.42
CA GLN O 36 -40.45 -28.23 -17.29
C GLN O 36 -41.68 -28.70 -16.51
N GLU O 37 -41.45 -29.47 -15.43
CA GLU O 37 -42.49 -29.76 -14.43
C GLU O 37 -43.06 -28.47 -13.90
N THR O 38 -42.22 -27.60 -13.32
CA THR O 38 -42.75 -26.36 -12.73
C THR O 38 -43.35 -25.42 -13.79
N ALA O 39 -42.98 -25.53 -15.06
CA ALA O 39 -43.65 -24.75 -16.13
C ALA O 39 -45.04 -25.27 -16.47
N GLU O 40 -45.27 -26.55 -16.20
CA GLU O 40 -46.59 -27.15 -16.39
C GLU O 40 -47.55 -26.79 -15.25
N ASN O 41 -47.04 -26.26 -14.14
CA ASN O 41 -47.87 -25.59 -13.10
C ASN O 41 -48.08 -24.10 -13.38
N ALA O 42 -47.03 -23.44 -13.89
CA ALA O 42 -47.10 -22.02 -14.18
C ALA O 42 -48.03 -21.68 -15.34
N ARG O 43 -48.14 -22.56 -16.33
CA ARG O 43 -49.05 -22.34 -17.48
C ARG O 43 -50.55 -22.30 -17.08
N PRO O 44 -51.07 -23.29 -16.31
CA PRO O 44 -52.46 -23.20 -15.81
C PRO O 44 -52.72 -22.12 -14.77
N TYR O 45 -51.76 -21.88 -13.88
CA TYR O 45 -51.80 -20.74 -12.95
C TYR O 45 -52.04 -19.45 -13.74
N ALA O 46 -51.25 -19.22 -14.79
CA ALA O 46 -51.39 -18.00 -15.59
C ALA O 46 -52.61 -18.01 -16.47
N ASP O 47 -53.02 -19.17 -16.97
CA ASP O 47 -54.26 -19.29 -17.75
C ASP O 47 -55.53 -18.95 -16.92
N LYS O 48 -55.53 -19.32 -15.64
CA LYS O 48 -56.66 -19.00 -14.70
C LYS O 48 -56.81 -17.50 -14.45
N ILE O 49 -55.69 -16.82 -14.26
CA ILE O 49 -55.66 -15.38 -14.16
C ILE O 49 -56.18 -14.76 -15.45
N LYS O 50 -55.73 -15.31 -16.57
CA LYS O 50 -56.19 -14.89 -17.90
C LYS O 50 -57.70 -15.09 -18.08
N GLU O 51 -58.23 -16.20 -17.56
CA GLU O 51 -59.69 -16.45 -17.55
C GLU O 51 -60.44 -15.31 -16.85
N VAL O 52 -60.01 -14.97 -15.64
CA VAL O 52 -60.70 -13.94 -14.85
C VAL O 52 -60.60 -12.56 -15.55
N ILE O 53 -59.45 -12.28 -16.17
CA ILE O 53 -59.24 -11.01 -16.90
C ILE O 53 -60.13 -10.90 -18.13
N SER O 54 -60.27 -12.00 -18.87
CA SER O 54 -61.14 -12.03 -20.05
C SER O 54 -62.64 -12.00 -19.71
N SER O 55 -63.02 -12.44 -18.51
CA SER O 55 -64.40 -12.32 -18.00
C SER O 55 -64.75 -10.87 -17.64
N ILE O 56 -63.85 -10.18 -16.97
CA ILE O 56 -64.09 -8.78 -16.58
C ILE O 56 -64.15 -7.87 -17.83
N ALA O 57 -63.28 -8.11 -18.81
CA ALA O 57 -63.32 -7.39 -20.10
C ALA O 57 -64.60 -7.64 -20.88
N ALA O 58 -65.10 -8.87 -20.82
CA ALA O 58 -66.33 -9.27 -21.51
C ALA O 58 -67.62 -8.64 -20.94
N GLY O 59 -67.55 -8.00 -19.77
CA GLY O 59 -68.68 -7.24 -19.21
C GLY O 59 -68.34 -5.85 -18.68
N THR O 60 -67.61 -5.05 -19.47
CA THR O 60 -67.36 -3.61 -19.17
C THR O 60 -67.83 -2.64 -20.28
N LYS O 61 -68.50 -3.17 -21.32
CA LYS O 61 -68.92 -2.42 -22.54
C LYS O 61 -67.74 -1.74 -23.29
N ASP O 62 -67.31 -0.58 -22.80
CA ASP O 62 -66.02 -0.01 -23.22
C ASP O 62 -64.99 -0.59 -22.29
N PHE O 63 -64.09 -1.41 -22.85
CA PHE O 63 -62.98 -1.95 -22.08
C PHE O 63 -61.64 -1.40 -22.57
N SER O 64 -60.88 -0.78 -21.66
CA SER O 64 -59.51 -0.38 -21.94
C SER O 64 -58.74 -0.18 -20.64
N HIS O 65 -57.44 -0.44 -20.70
CA HIS O 65 -56.51 -0.32 -19.56
C HIS O 65 -55.19 0.26 -20.09
N PRO O 66 -54.45 1.05 -19.26
CA PRO O 66 -53.10 1.52 -19.63
C PRO O 66 -52.14 0.44 -20.13
N MET O 67 -52.18 -0.74 -19.52
CA MET O 67 -51.33 -1.87 -19.88
C MET O 67 -51.63 -2.51 -21.25
N LEU O 68 -52.85 -2.31 -21.78
CA LEU O 68 -53.20 -2.77 -23.14
C LEU O 68 -53.11 -1.67 -24.21
N GLU O 69 -52.80 -0.44 -23.80
CA GLU O 69 -52.76 0.73 -24.70
C GLU O 69 -51.33 1.05 -25.14
N ALA O 70 -51.08 0.87 -26.45
CA ALA O 70 -49.80 1.23 -27.08
C ALA O 70 -49.64 2.75 -27.22
N ARG O 71 -48.46 3.26 -26.84
CA ARG O 71 -48.14 4.70 -26.89
C ARG O 71 -47.11 4.97 -27.98
N PRO O 72 -46.70 6.25 -28.15
CA PRO O 72 -45.42 6.55 -28.81
C PRO O 72 -44.21 6.16 -27.92
N VAL O 73 -43.28 5.42 -28.50
CA VAL O 73 -42.15 4.84 -27.76
C VAL O 73 -41.07 5.90 -27.46
N LYS O 74 -41.18 6.52 -26.29
CA LYS O 74 -40.22 7.55 -25.83
C LYS O 74 -38.91 6.96 -25.31
N LYS O 75 -39.02 5.90 -24.51
CA LYS O 75 -37.90 5.02 -24.17
C LYS O 75 -38.36 3.57 -24.19
N THR O 76 -37.41 2.65 -24.11
CA THR O 76 -37.71 1.22 -24.09
C THR O 76 -37.02 0.51 -22.90
N GLY O 77 -37.70 -0.51 -22.37
CA GLY O 77 -37.13 -1.35 -21.31
C GLY O 77 -36.82 -2.76 -21.79
N TYR O 78 -35.60 -3.20 -21.51
CA TYR O 78 -35.15 -4.52 -21.92
C TYR O 78 -34.76 -5.43 -20.76
N MET O 79 -35.51 -6.51 -20.60
CA MET O 79 -35.12 -7.59 -19.70
C MET O 79 -34.25 -8.58 -20.49
N VAL O 80 -33.18 -9.04 -19.84
CA VAL O 80 -32.22 -9.95 -20.47
C VAL O 80 -31.92 -11.08 -19.49
N ILE O 81 -32.30 -12.31 -19.86
CA ILE O 81 -32.10 -13.48 -19.00
C ILE O 81 -30.88 -14.27 -19.47
N THR O 82 -29.94 -14.45 -18.55
CA THR O 82 -28.69 -15.18 -18.75
C THR O 82 -28.50 -16.07 -17.54
N SER O 83 -27.50 -16.95 -17.57
CA SER O 83 -27.23 -17.85 -16.44
C SER O 83 -26.30 -17.16 -15.49
N ASP O 84 -26.17 -17.73 -14.30
CA ASP O 84 -25.22 -17.26 -13.29
C ASP O 84 -23.91 -18.00 -13.51
N ARG O 85 -24.01 -19.32 -13.57
CA ARG O 85 -22.87 -20.20 -13.83
C ARG O 85 -22.66 -20.39 -15.35
N GLY O 86 -21.43 -20.67 -15.75
CA GLY O 86 -21.10 -21.02 -17.13
C GLY O 86 -21.14 -22.51 -17.34
N LEU O 87 -20.20 -23.01 -18.15
CA LEU O 87 -20.15 -24.42 -18.61
C LEU O 87 -21.42 -24.82 -19.35
N ALA O 88 -21.97 -23.84 -20.07
CA ALA O 88 -23.23 -24.01 -20.78
C ALA O 88 -23.05 -23.73 -22.25
N GLY O 89 -21.88 -24.07 -22.80
CA GLY O 89 -21.59 -23.81 -24.20
C GLY O 89 -21.83 -22.34 -24.54
N PRO O 90 -22.25 -22.05 -25.77
CA PRO O 90 -22.47 -20.67 -26.16
C PRO O 90 -23.85 -20.07 -25.75
N TYR O 91 -24.55 -20.70 -24.79
CA TYR O 91 -25.86 -20.24 -24.27
C TYR O 91 -25.93 -18.74 -24.00
N ASN O 92 -25.01 -18.24 -23.19
CA ASN O 92 -24.97 -16.83 -22.87
C ASN O 92 -24.42 -15.98 -24.02
N ALA O 93 -23.47 -16.53 -24.77
CA ALA O 93 -22.92 -15.79 -25.93
C ALA O 93 -24.01 -15.45 -26.95
N ASN O 94 -24.83 -16.44 -27.29
CA ASN O 94 -25.87 -16.28 -28.31
C ASN O 94 -26.93 -15.23 -27.95
N ILE O 95 -27.40 -15.28 -26.70
CA ILE O 95 -28.41 -14.34 -26.23
C ILE O 95 -27.84 -12.94 -26.12
N LEU O 96 -26.62 -12.81 -25.61
CA LEU O 96 -25.97 -11.50 -25.53
C LEU O 96 -25.60 -10.87 -26.88
N ARG O 97 -25.23 -11.69 -27.86
CA ARG O 97 -24.96 -11.18 -29.21
C ARG O 97 -26.23 -10.62 -29.83
N LEU O 98 -27.37 -11.28 -29.56
CA LEU O 98 -28.69 -10.81 -30.05
C LEU O 98 -29.13 -9.53 -29.41
N VAL O 99 -28.86 -9.39 -28.11
CA VAL O 99 -29.09 -8.12 -27.43
C VAL O 99 -28.20 -7.04 -28.04
N SER O 100 -26.91 -7.34 -28.22
CA SER O 100 -25.98 -6.40 -28.87
C SER O 100 -26.40 -6.01 -30.27
N LYS O 101 -26.86 -6.98 -31.05
CA LYS O 101 -27.31 -6.69 -32.42
C LYS O 101 -28.54 -5.80 -32.39
N THR O 102 -29.63 -6.25 -31.76
CA THR O 102 -30.89 -5.47 -31.79
C THR O 102 -30.79 -4.04 -31.17
N ILE O 103 -29.82 -3.80 -30.28
CA ILE O 103 -29.57 -2.44 -29.78
C ILE O 103 -28.77 -1.59 -30.77
N GLU O 104 -27.90 -2.21 -31.56
CA GLU O 104 -27.17 -1.51 -32.62
C GLU O 104 -28.10 -1.07 -33.78
N GLU O 105 -28.99 -1.97 -34.22
CA GLU O 105 -29.96 -1.69 -35.29
C GLU O 105 -30.92 -0.56 -34.88
N ARG O 106 -31.46 -0.62 -33.66
CA ARG O 106 -32.49 0.34 -33.21
C ARG O 106 -31.94 1.67 -32.73
N HIS O 107 -31.20 1.62 -31.63
CA HIS O 107 -30.96 2.81 -30.84
C HIS O 107 -29.60 3.42 -31.16
N GLN O 108 -29.57 4.75 -31.22
CA GLN O 108 -28.36 5.51 -31.55
C GLN O 108 -27.70 6.14 -30.32
N SER O 109 -28.31 6.02 -29.14
CA SER O 109 -27.62 6.38 -27.89
C SER O 109 -28.11 5.59 -26.68
N LYS O 110 -27.32 5.65 -25.62
CA LYS O 110 -27.64 4.97 -24.34
C LYS O 110 -28.94 5.50 -23.68
N ASP O 111 -29.39 6.70 -24.06
CA ASP O 111 -30.60 7.33 -23.51
C ASP O 111 -31.92 6.69 -23.92
N GLU O 112 -31.94 5.94 -25.01
CA GLU O 112 -33.21 5.47 -25.60
C GLU O 112 -33.76 4.20 -24.94
N TYR O 113 -32.87 3.45 -24.28
CA TYR O 113 -33.21 2.15 -23.66
C TYR O 113 -32.65 2.07 -22.25
N VAL O 114 -33.15 1.08 -21.52
CA VAL O 114 -32.64 0.80 -20.19
C VAL O 114 -32.79 -0.70 -19.92
N ILE O 115 -31.80 -1.29 -19.22
CA ILE O 115 -31.68 -2.76 -19.12
C ILE O 115 -31.85 -3.33 -17.70
N PHE O 116 -32.65 -4.40 -17.63
CA PHE O 116 -32.78 -5.23 -16.44
C PHE O 116 -32.03 -6.54 -16.69
N ALA O 117 -30.95 -6.75 -15.96
CA ALA O 117 -30.08 -7.91 -16.19
C ALA O 117 -30.42 -9.03 -15.23
N VAL O 118 -31.06 -10.06 -15.74
CA VAL O 118 -31.34 -11.23 -14.95
C VAL O 118 -30.22 -12.24 -15.16
N GLY O 119 -29.43 -12.48 -14.11
CA GLY O 119 -28.32 -13.43 -14.17
C GLY O 119 -26.97 -12.75 -14.35
N ARG O 120 -25.95 -13.38 -13.75
CA ARG O 120 -24.63 -12.76 -13.53
C ARG O 120 -23.84 -12.61 -14.82
N LYS O 121 -23.82 -13.66 -15.63
CA LYS O 121 -23.21 -13.60 -16.95
C LYS O 121 -23.69 -12.40 -17.76
N GLY O 122 -24.99 -12.14 -17.74
CA GLY O 122 -25.54 -10.95 -18.40
C GLY O 122 -25.07 -9.62 -17.85
N ARG O 123 -25.16 -9.42 -16.53
CA ARG O 123 -24.76 -8.13 -15.93
C ARG O 123 -23.26 -7.87 -16.03
N ASP O 124 -22.45 -8.93 -15.88
CA ASP O 124 -21.01 -8.82 -16.03
C ASP O 124 -20.69 -8.33 -17.44
N PHE O 125 -21.33 -8.92 -18.45
CA PHE O 125 -21.16 -8.49 -19.85
C PHE O 125 -21.53 -7.03 -20.02
N PHE O 126 -22.74 -6.67 -19.59
CA PHE O 126 -23.27 -5.31 -19.82
C PHE O 126 -22.51 -4.25 -19.04
N LYS O 127 -22.12 -4.55 -17.81
CA LYS O 127 -21.42 -3.57 -16.95
C LYS O 127 -20.00 -3.29 -17.45
N LYS O 128 -19.29 -4.35 -17.81
CA LYS O 128 -17.98 -4.25 -18.45
C LYS O 128 -18.03 -3.29 -19.63
N ARG O 129 -19.07 -3.36 -20.44
CA ARG O 129 -19.22 -2.49 -21.62
C ARG O 129 -20.07 -1.22 -21.41
N GLY O 130 -20.27 -0.79 -20.16
CA GLY O 130 -21.00 0.45 -19.85
C GLY O 130 -22.35 0.64 -20.52
N TYR O 131 -23.21 -0.37 -20.41
CA TYR O 131 -24.62 -0.29 -20.83
C TYR O 131 -25.47 0.30 -19.69
N PRO O 132 -26.63 0.90 -20.01
CA PRO O 132 -27.51 1.46 -18.97
C PRO O 132 -28.27 0.38 -18.18
N VAL O 133 -27.56 -0.27 -17.27
CA VAL O 133 -28.13 -1.32 -16.40
C VAL O 133 -28.78 -0.67 -15.17
N VAL O 134 -30.11 -0.57 -15.18
CA VAL O 134 -30.84 0.12 -14.10
C VAL O 134 -31.16 -0.76 -12.87
N GLU O 135 -31.40 -2.06 -13.08
CA GLU O 135 -31.64 -3.02 -11.99
C GLU O 135 -31.13 -4.39 -12.36
N GLU O 136 -30.90 -5.20 -11.34
CA GLU O 136 -30.32 -6.53 -11.55
C GLU O 136 -30.84 -7.54 -10.55
N VAL O 137 -30.68 -8.80 -10.90
CA VAL O 137 -30.80 -9.89 -9.94
C VAL O 137 -29.85 -11.02 -10.32
N THR O 138 -29.09 -11.49 -9.35
CA THR O 138 -28.24 -12.68 -9.52
C THR O 138 -28.57 -13.70 -8.44
N GLY O 139 -27.98 -14.89 -8.57
CA GLY O 139 -28.22 -15.99 -7.63
C GLY O 139 -29.64 -16.52 -7.62
N ILE O 140 -30.33 -16.44 -8.77
CA ILE O 140 -31.61 -17.13 -8.94
C ILE O 140 -31.38 -18.63 -8.76
N SER O 141 -32.22 -19.30 -7.97
CA SER O 141 -32.11 -20.75 -7.78
C SER O 141 -32.49 -21.51 -9.04
N ASP O 142 -31.90 -22.69 -9.20
CA ASP O 142 -32.20 -23.59 -10.31
C ASP O 142 -33.58 -24.14 -10.04
N THR O 143 -34.50 -24.05 -10.99
CA THR O 143 -35.93 -24.32 -10.70
C THR O 143 -36.46 -23.35 -9.59
N PRO O 144 -36.74 -22.08 -9.97
CA PRO O 144 -37.05 -21.03 -8.98
C PRO O 144 -38.52 -20.78 -8.83
N SER O 145 -38.90 -20.21 -7.68
CA SER O 145 -40.26 -19.69 -7.48
C SER O 145 -40.40 -18.29 -8.10
N LEU O 146 -41.64 -17.89 -8.34
CA LEU O 146 -41.94 -16.56 -8.89
C LEU O 146 -41.38 -15.43 -8.03
N THR O 147 -41.36 -15.61 -6.72
CA THR O 147 -40.93 -14.57 -5.79
C THR O 147 -39.48 -14.08 -6.01
N GLU O 148 -38.64 -14.92 -6.61
CA GLU O 148 -37.24 -14.56 -6.88
C GLU O 148 -37.05 -13.58 -8.02
N ILE O 149 -38.05 -13.53 -8.92
CA ILE O 149 -38.07 -12.63 -10.07
C ILE O 149 -38.97 -11.43 -9.83
N GLN O 150 -39.62 -11.37 -8.67
CA GLN O 150 -40.75 -10.47 -8.47
C GLN O 150 -40.34 -9.01 -8.36
N ASP O 151 -39.37 -8.67 -7.50
CA ASP O 151 -38.92 -7.29 -7.35
C ASP O 151 -38.52 -6.61 -8.67
N ILE O 152 -37.81 -7.35 -9.54
CA ILE O 152 -37.29 -6.80 -10.81
C ILE O 152 -38.40 -6.76 -11.83
N ALA O 153 -39.36 -7.67 -11.72
CA ALA O 153 -40.58 -7.65 -12.55
C ALA O 153 -41.50 -6.49 -12.16
N GLN O 154 -41.66 -6.27 -10.87
CA GLN O 154 -42.54 -5.23 -10.38
C GLN O 154 -41.98 -3.86 -10.67
N SER O 155 -40.71 -3.62 -10.39
CA SER O 155 -40.11 -2.33 -10.73
C SER O 155 -40.13 -2.05 -12.26
N ALA O 156 -40.01 -3.10 -13.09
CA ALA O 156 -40.07 -2.97 -14.56
C ALA O 156 -41.47 -2.67 -15.07
N ILE O 157 -42.46 -3.27 -14.41
CA ILE O 157 -43.87 -2.95 -14.66
C ILE O 157 -44.18 -1.57 -14.08
N GLY O 158 -43.60 -1.25 -12.92
CA GLY O 158 -43.71 0.08 -12.32
C GLY O 158 -43.24 1.19 -13.24
N MET O 159 -42.12 0.96 -13.91
CA MET O 159 -41.58 1.93 -14.86
C MET O 159 -42.45 2.12 -16.13
N PHE O 160 -43.16 1.08 -16.55
CA PHE O 160 -44.14 1.22 -17.64
C PHE O 160 -45.45 1.78 -17.13
N ALA O 161 -45.83 1.47 -15.88
CA ALA O 161 -47.13 1.86 -15.32
C ALA O 161 -47.25 3.38 -15.19
N ASP O 162 -46.19 4.05 -14.74
CA ASP O 162 -46.01 5.49 -15.00
C ASP O 162 -45.56 5.61 -16.47
N GLU O 163 -44.60 6.47 -16.85
CA GLU O 163 -44.13 6.46 -18.26
C GLU O 163 -42.62 6.64 -18.41
N THR O 164 -41.84 6.10 -17.46
CA THR O 164 -40.37 6.12 -17.52
C THR O 164 -39.88 5.50 -18.83
N PHE O 165 -40.59 4.44 -19.26
CA PHE O 165 -40.51 3.91 -20.64
C PHE O 165 -41.88 3.40 -21.11
N ASP O 166 -42.01 3.27 -22.43
CA ASP O 166 -43.30 2.99 -23.09
C ASP O 166 -43.36 1.60 -23.78
N LYS O 167 -42.36 0.75 -23.52
CA LYS O 167 -42.37 -0.63 -24.03
C LYS O 167 -41.40 -1.47 -23.19
N LEU O 168 -41.84 -2.67 -22.80
CA LEU O 168 -41.02 -3.61 -22.05
C LEU O 168 -40.86 -4.90 -22.85
N THR O 169 -39.62 -5.36 -22.97
CA THR O 169 -39.28 -6.47 -23.85
C THR O 169 -38.29 -7.40 -23.17
N ILE O 170 -38.33 -8.68 -23.52
CA ILE O 170 -37.50 -9.67 -22.83
C ILE O 170 -36.73 -10.57 -23.79
N PHE O 171 -35.40 -10.53 -23.65
CA PHE O 171 -34.48 -11.41 -24.38
C PHE O 171 -34.13 -12.65 -23.54
N TYR O 172 -34.36 -13.83 -24.10
CA TYR O 172 -33.93 -15.08 -23.48
C TYR O 172 -33.72 -16.17 -24.53
N ASN O 173 -33.08 -17.27 -24.11
CA ASN O 173 -32.94 -18.46 -24.97
C ASN O 173 -34.19 -19.33 -24.86
N GLU O 174 -34.93 -19.44 -25.96
CA GLU O 174 -36.15 -20.24 -26.03
C GLU O 174 -35.81 -21.70 -26.16
N PHE O 175 -36.37 -22.53 -25.28
CA PHE O 175 -36.16 -23.97 -25.31
C PHE O 175 -36.84 -24.60 -26.52
N VAL O 176 -36.21 -25.63 -27.08
CA VAL O 176 -36.75 -26.39 -28.24
C VAL O 176 -36.53 -27.88 -27.96
N SER O 177 -35.29 -28.32 -28.02
CA SER O 177 -34.91 -29.65 -27.54
C SER O 177 -33.75 -29.45 -26.59
N PRO O 178 -33.32 -30.53 -25.90
CA PRO O 178 -32.05 -30.43 -25.19
C PRO O 178 -30.86 -30.06 -26.08
N ILE O 179 -30.95 -30.32 -27.39
CA ILE O 179 -29.92 -29.92 -28.36
C ILE O 179 -30.07 -28.48 -28.85
N VAL O 180 -31.31 -27.99 -29.03
CA VAL O 180 -31.53 -26.67 -29.64
C VAL O 180 -32.14 -25.65 -28.68
N GLN O 181 -31.55 -24.46 -28.64
CA GLN O 181 -32.08 -23.30 -27.91
C GLN O 181 -31.91 -22.03 -28.74
N ARG O 182 -33.00 -21.44 -29.22
CA ARG O 182 -32.91 -20.23 -30.05
C ARG O 182 -33.01 -18.96 -29.21
N PRO O 183 -32.02 -18.06 -29.31
CA PRO O 183 -32.22 -16.77 -28.67
C PRO O 183 -33.35 -16.00 -29.36
N VAL O 184 -34.19 -15.36 -28.57
CA VAL O 184 -35.36 -14.66 -29.06
C VAL O 184 -35.70 -13.43 -28.21
N GLU O 185 -36.47 -12.52 -28.79
CA GLU O 185 -37.04 -11.36 -28.10
C GLU O 185 -38.55 -11.44 -28.11
N LYS O 186 -39.17 -11.05 -27.02
CA LYS O 186 -40.63 -11.02 -26.90
C LYS O 186 -41.06 -9.72 -26.24
N GLN O 187 -42.20 -9.21 -26.67
CA GLN O 187 -42.82 -8.05 -26.04
C GLN O 187 -43.61 -8.52 -24.82
N LEU O 188 -43.46 -7.82 -23.69
CA LEU O 188 -44.30 -8.03 -22.51
C LEU O 188 -45.37 -6.96 -22.41
N LEU O 189 -44.95 -5.70 -22.50
CA LEU O 189 -45.83 -4.55 -22.40
C LEU O 189 -45.57 -3.52 -23.53
N PRO O 190 -46.61 -2.91 -24.10
CA PRO O 190 -48.02 -3.21 -23.78
C PRO O 190 -48.42 -4.63 -24.14
N LEU O 191 -49.42 -5.15 -23.45
CA LEU O 191 -49.99 -6.46 -23.79
C LEU O 191 -50.88 -6.31 -25.02
N THR O 192 -51.27 -7.43 -25.62
CA THR O 192 -52.21 -7.38 -26.75
C THR O 192 -53.48 -8.16 -26.40
N SER O 193 -54.60 -7.43 -26.30
CA SER O 193 -55.94 -8.00 -26.01
C SER O 193 -56.34 -9.17 -26.90
N GLU O 194 -55.78 -9.23 -28.11
CA GLU O 194 -55.88 -10.41 -28.97
C GLU O 194 -55.47 -11.71 -28.22
N GLU O 195 -54.38 -11.65 -27.44
CA GLU O 195 -53.84 -12.80 -26.70
C GLU O 195 -54.11 -12.87 -25.16
N VAL O 196 -54.58 -11.77 -24.56
CA VAL O 196 -54.93 -11.73 -23.11
C VAL O 196 -56.42 -12.04 -22.86
N LEU O 197 -57.29 -11.85 -23.85
CA LEU O 197 -58.74 -12.05 -23.68
C LEU O 197 -59.31 -13.35 -24.26
N ASP O 198 -58.57 -14.05 -25.12
CA ASP O 198 -59.00 -15.37 -25.61
C ASP O 198 -59.00 -16.42 -24.47
N GLY O 199 -60.04 -16.40 -23.66
CA GLY O 199 -60.20 -17.34 -22.55
C GLY O 199 -61.66 -17.55 -22.23
N PRO O 200 -61.97 -18.59 -21.42
CA PRO O 200 -63.36 -18.94 -21.14
C PRO O 200 -64.09 -17.92 -20.24
N VAL O 201 -65.09 -17.23 -20.80
CA VAL O 201 -65.80 -16.17 -20.09
C VAL O 201 -66.79 -16.81 -19.13
N SER O 202 -66.81 -16.35 -17.87
CA SER O 202 -67.65 -16.94 -16.80
C SER O 202 -68.33 -15.85 -15.96
N ALA O 203 -69.43 -16.24 -15.32
CA ALA O 203 -70.19 -15.32 -14.45
C ALA O 203 -69.61 -15.30 -13.05
N TYR O 204 -69.11 -14.13 -12.63
CA TYR O 204 -68.54 -13.95 -11.30
C TYR O 204 -69.11 -12.71 -10.64
N GLU O 205 -69.19 -12.73 -9.31
CA GLU O 205 -69.34 -11.52 -8.51
C GLU O 205 -67.94 -11.04 -8.13
N TYR O 206 -67.74 -9.72 -8.00
CA TYR O 206 -66.41 -9.14 -7.74
C TYR O 206 -66.45 -8.26 -6.50
N GLU O 207 -65.52 -8.47 -5.56
CA GLU O 207 -65.49 -7.79 -4.26
C GLU O 207 -64.13 -7.06 -4.11
N PRO O 208 -64.08 -5.73 -3.94
CA PRO O 208 -65.24 -4.83 -3.88
C PRO O 208 -65.99 -4.71 -5.21
N ASP O 209 -65.27 -4.62 -6.32
CA ASP O 209 -65.89 -4.53 -7.66
C ASP O 209 -64.93 -4.98 -8.75
N SER O 210 -65.46 -5.13 -9.97
CA SER O 210 -64.70 -5.70 -11.09
C SER O 210 -63.48 -4.86 -11.52
N GLU O 211 -63.57 -3.53 -11.40
CA GLU O 211 -62.45 -2.64 -11.78
C GLU O 211 -61.29 -2.74 -10.79
N SER O 212 -61.64 -3.02 -9.52
CA SER O 212 -60.65 -3.21 -8.45
C SER O 212 -59.84 -4.51 -8.54
N VAL O 213 -60.50 -5.64 -8.80
CA VAL O 213 -59.78 -6.93 -8.96
C VAL O 213 -58.96 -6.95 -10.27
N LEU O 214 -59.46 -6.27 -11.31
CA LEU O 214 -58.69 -6.09 -12.54
C LEU O 214 -57.41 -5.28 -12.32
N GLU O 215 -57.41 -4.42 -11.31
CA GLU O 215 -56.22 -3.64 -10.97
C GLU O 215 -55.12 -4.47 -10.30
N VAL O 216 -55.47 -5.59 -9.67
CA VAL O 216 -54.43 -6.50 -9.12
C VAL O 216 -54.02 -7.60 -10.11
N LEU O 217 -54.98 -8.17 -10.83
CA LEU O 217 -54.69 -9.30 -11.73
C LEU O 217 -53.82 -8.98 -12.98
N LEU O 218 -54.01 -7.82 -13.61
CA LEU O 218 -53.21 -7.42 -14.80
C LEU O 218 -51.69 -7.27 -14.54
N PRO O 219 -51.31 -6.57 -13.44
CA PRO O 219 -49.88 -6.61 -13.08
C PRO O 219 -49.42 -7.99 -12.63
N LYS O 220 -50.31 -8.75 -11.98
CA LYS O 220 -50.01 -10.13 -11.55
C LYS O 220 -49.82 -11.08 -12.73
N TYR O 221 -50.46 -10.77 -13.87
CA TYR O 221 -50.32 -11.55 -15.09
C TYR O 221 -49.01 -11.25 -15.83
N ALA O 222 -48.70 -9.97 -16.03
CA ALA O 222 -47.41 -9.58 -16.65
C ALA O 222 -46.25 -10.21 -15.89
N GLU O 223 -46.34 -10.13 -14.55
CA GLU O 223 -45.47 -10.82 -13.59
C GLU O 223 -45.20 -12.27 -13.98
N THR O 224 -46.25 -13.04 -14.24
CA THR O 224 -46.12 -14.47 -14.63
C THR O 224 -45.51 -14.68 -16.02
N LEU O 225 -45.68 -13.74 -16.94
CA LEU O 225 -45.00 -13.85 -18.24
C LEU O 225 -43.48 -13.80 -18.04
N ILE O 226 -43.05 -12.86 -17.23
CA ILE O 226 -41.64 -12.75 -16.90
C ILE O 226 -41.19 -14.08 -16.27
N TYR O 227 -41.97 -14.62 -15.34
CA TYR O 227 -41.67 -15.92 -14.73
C TYR O 227 -41.68 -17.10 -15.70
N SER O 228 -42.58 -17.09 -16.68
CA SER O 228 -42.58 -18.12 -17.73
C SER O 228 -41.34 -18.07 -18.58
N ALA O 229 -40.95 -16.85 -18.99
CA ALA O 229 -39.71 -16.66 -19.73
C ALA O 229 -38.47 -17.11 -18.96
N LEU O 230 -38.49 -16.96 -17.63
CA LEU O 230 -37.39 -17.43 -16.77
C LEU O 230 -37.31 -18.94 -16.76
N LEU O 231 -38.46 -19.59 -16.68
CA LEU O 231 -38.52 -21.06 -16.69
C LEU O 231 -38.14 -21.69 -18.04
N ASP O 232 -38.52 -21.04 -19.13
CA ASP O 232 -38.07 -21.45 -20.45
C ASP O 232 -36.55 -21.25 -20.56
N ALA O 233 -36.09 -20.08 -20.10
CA ALA O 233 -34.66 -19.73 -20.03
C ALA O 233 -33.82 -20.67 -19.14
N LYS O 234 -34.42 -21.20 -18.08
CA LYS O 234 -33.76 -22.20 -17.23
C LYS O 234 -33.66 -23.57 -17.91
N ALA O 235 -34.74 -24.00 -18.55
CA ALA O 235 -34.73 -25.21 -19.38
C ALA O 235 -33.64 -25.11 -20.46
N SER O 236 -33.61 -23.98 -21.14
CA SER O 236 -32.56 -23.74 -22.13
C SER O 236 -31.14 -23.78 -21.52
N GLU O 237 -30.95 -23.22 -20.32
CA GLU O 237 -29.65 -23.32 -19.62
C GLU O 237 -29.28 -24.80 -19.43
N PHE O 238 -30.19 -25.58 -18.86
CA PHE O 238 -29.90 -26.97 -18.53
C PHE O 238 -29.83 -27.91 -19.75
N GLY O 239 -30.43 -27.52 -20.85
CA GLY O 239 -30.24 -28.25 -22.10
C GLY O 239 -28.85 -27.96 -22.65
N ALA O 240 -28.51 -26.69 -22.75
CA ALA O 240 -27.19 -26.25 -23.19
C ALA O 240 -26.06 -26.86 -22.37
N ARG O 241 -26.26 -27.00 -21.05
CA ARG O 241 -25.24 -27.56 -20.17
C ARG O 241 -25.16 -29.06 -20.31
N MET O 242 -26.30 -29.73 -20.44
CA MET O 242 -26.34 -31.16 -20.81
C MET O 242 -25.47 -31.44 -22.01
N THR O 243 -25.67 -30.70 -23.10
CA THR O 243 -24.95 -30.96 -24.34
C THR O 243 -23.51 -30.45 -24.35
N ALA O 244 -23.19 -29.44 -23.54
CA ALA O 244 -21.79 -28.97 -23.45
C ALA O 244 -20.92 -29.96 -22.65
N MET O 245 -21.46 -30.45 -21.52
CA MET O 245 -20.75 -31.43 -20.69
C MET O 245 -20.82 -32.82 -21.29
N GLY O 246 -21.84 -33.08 -22.10
CA GLY O 246 -21.91 -34.28 -22.92
C GLY O 246 -20.70 -34.33 -23.83
N ASN O 247 -20.46 -33.27 -24.59
CA ASN O 247 -19.30 -33.19 -25.47
C ASN O 247 -17.96 -33.27 -24.75
N ALA O 248 -17.87 -32.59 -23.62
CA ALA O 248 -16.66 -32.64 -22.81
C ALA O 248 -16.37 -34.06 -22.31
N THR O 249 -17.41 -34.83 -22.02
CA THR O 249 -17.25 -36.24 -21.65
C THR O 249 -16.71 -37.07 -22.83
N ASP O 250 -17.28 -36.85 -24.00
CA ASP O 250 -16.84 -37.58 -25.20
C ASP O 250 -15.40 -37.18 -25.57
N ASN O 251 -15.13 -35.88 -25.59
CA ASN O 251 -13.79 -35.40 -25.85
C ASN O 251 -12.76 -35.96 -24.87
N ALA O 252 -13.15 -36.09 -23.60
CA ALA O 252 -12.27 -36.70 -22.60
C ALA O 252 -11.98 -38.16 -22.91
N THR O 253 -12.99 -38.94 -23.31
CA THR O 253 -12.75 -40.36 -23.67
C THR O 253 -11.82 -40.45 -24.89
N GLU O 254 -12.02 -39.56 -25.87
CA GLU O 254 -11.17 -39.50 -27.08
C GLU O 254 -9.71 -39.20 -26.73
N MET O 255 -9.51 -38.24 -25.84
CA MET O 255 -8.18 -37.91 -25.39
C MET O 255 -7.58 -39.04 -24.53
N LEU O 256 -8.42 -39.78 -23.79
CA LEU O 256 -7.93 -40.95 -23.01
C LEU O 256 -7.42 -42.10 -23.87
N GLU O 257 -7.97 -42.25 -25.06
CA GLU O 257 -7.46 -43.23 -26.00
C GLU O 257 -6.06 -42.83 -26.44
N THR O 258 -5.90 -41.61 -26.97
CA THR O 258 -4.57 -41.15 -27.43
C THR O 258 -3.56 -41.00 -26.28
N LEU O 259 -4.01 -40.77 -25.05
CA LEU O 259 -3.10 -40.78 -23.88
C LEU O 259 -2.70 -42.20 -23.45
N THR O 260 -3.65 -43.14 -23.48
CA THR O 260 -3.37 -44.56 -23.25
C THR O 260 -2.38 -45.12 -24.26
N LEU O 261 -2.59 -44.79 -25.53
CA LEU O 261 -1.69 -45.19 -26.60
C LEU O 261 -0.24 -44.71 -26.34
N GLN O 262 -0.11 -43.48 -25.88
CA GLN O 262 1.21 -42.93 -25.52
C GLN O 262 1.80 -43.53 -24.29
N PHE O 263 0.97 -43.74 -23.27
CA PHE O 263 1.41 -44.37 -22.03
C PHE O 263 1.99 -45.76 -22.28
N ASN O 264 1.32 -46.53 -23.12
CA ASN O 264 1.79 -47.88 -23.41
C ASN O 264 2.99 -47.95 -24.36
N ARG O 265 3.14 -46.99 -25.26
CA ARG O 265 4.39 -46.89 -26.01
C ARG O 265 5.56 -46.69 -25.05
N ALA O 266 5.35 -45.80 -24.09
CA ALA O 266 6.36 -45.41 -23.13
C ALA O 266 6.68 -46.54 -22.18
N ARG O 267 5.63 -47.23 -21.71
CA ARG O 267 5.77 -48.38 -20.80
C ARG O 267 6.58 -49.47 -21.47
N GLN O 268 6.22 -49.76 -22.71
CA GLN O 268 6.89 -50.81 -23.47
C GLN O 268 8.34 -50.47 -23.77
N ALA O 269 8.58 -49.21 -24.11
CA ALA O 269 9.92 -48.75 -24.46
C ALA O 269 10.84 -48.73 -23.24
N ALA O 270 10.32 -48.39 -22.07
CA ALA O 270 11.09 -48.46 -20.82
C ALA O 270 11.61 -49.87 -20.55
N ILE O 271 10.72 -50.84 -20.62
CA ILE O 271 11.12 -52.22 -20.42
C ILE O 271 12.14 -52.64 -21.49
N THR O 272 11.84 -52.37 -22.76
CA THR O 272 12.69 -52.76 -23.90
C THR O 272 14.10 -52.18 -23.81
N GLN O 273 14.16 -50.87 -23.55
CA GLN O 273 15.41 -50.11 -23.46
C GLN O 273 16.18 -50.48 -22.19
N GLU O 274 15.50 -50.66 -21.06
CA GLU O 274 16.17 -51.03 -19.81
C GLU O 274 16.91 -52.35 -19.97
N ILE O 275 16.23 -53.33 -20.55
CA ILE O 275 16.81 -54.65 -20.78
C ILE O 275 18.04 -54.64 -21.68
N ALA O 276 17.94 -53.98 -22.82
CA ALA O 276 19.07 -53.87 -23.74
C ALA O 276 20.32 -53.38 -23.01
N GLU O 277 20.15 -52.43 -22.08
CA GLU O 277 21.24 -51.86 -21.27
C GLU O 277 21.85 -52.91 -20.35
N ILE O 278 20.99 -53.68 -19.70
CA ILE O 278 21.41 -54.74 -18.79
C ILE O 278 22.18 -55.81 -19.54
N VAL O 279 21.64 -56.22 -20.67
CA VAL O 279 22.24 -57.22 -21.54
C VAL O 279 23.52 -56.71 -22.21
N ALA O 280 23.61 -55.42 -22.54
CA ALA O 280 24.85 -54.88 -23.14
C ALA O 280 26.00 -54.89 -22.14
N GLY O 281 25.68 -54.60 -20.88
CA GLY O 281 26.64 -54.65 -19.78
C GLY O 281 27.14 -56.04 -19.49
N ALA O 282 26.23 -57.00 -19.48
CA ALA O 282 26.57 -58.40 -19.27
C ALA O 282 27.39 -59.02 -20.42
N ASN O 283 27.16 -58.58 -21.66
CA ASN O 283 27.93 -59.06 -22.83
C ASN O 283 29.32 -58.44 -22.98
N ALA O 284 29.57 -57.31 -22.32
CA ALA O 284 30.93 -56.78 -22.18
C ALA O 284 31.83 -57.59 -21.22
N LEU O 285 31.25 -58.46 -20.39
CA LEU O 285 32.00 -59.38 -19.54
C LEU O 285 31.98 -60.85 -20.09
N ARG O 286 30.79 -61.37 -20.44
CA ARG O 286 30.66 -62.67 -21.15
C ARG O 286 31.08 -62.53 -22.61
N THR P 3 -69.77 -30.59 1.94
CA THR P 3 -68.34 -30.24 1.69
C THR P 3 -68.06 -29.69 0.27
N VAL P 4 -66.89 -29.04 0.12
CA VAL P 4 -66.44 -28.48 -1.17
C VAL P 4 -64.94 -28.74 -1.36
N GLN P 5 -64.52 -28.86 -2.61
CA GLN P 5 -63.13 -29.12 -2.91
C GLN P 5 -62.32 -27.83 -2.95
N VAL P 6 -61.18 -27.81 -2.26
CA VAL P 6 -60.26 -26.66 -2.29
C VAL P 6 -58.93 -27.04 -2.92
N ASP P 7 -58.40 -26.13 -3.74
CA ASP P 7 -57.03 -26.22 -4.25
C ASP P 7 -56.35 -24.87 -3.98
N ILE P 8 -55.40 -24.85 -3.04
CA ILE P 8 -54.51 -23.71 -2.86
C ILE P 8 -53.25 -23.98 -3.67
N VAL P 9 -52.87 -23.01 -4.50
CA VAL P 9 -51.88 -23.19 -5.55
C VAL P 9 -50.93 -21.98 -5.61
N THR P 10 -49.62 -22.21 -5.62
CA THR P 10 -48.62 -21.19 -6.01
C THR P 10 -48.27 -21.41 -7.50
N PRO P 11 -47.56 -20.45 -8.14
CA PRO P 11 -47.27 -20.66 -9.58
C PRO P 11 -46.41 -21.88 -9.92
N GLU P 12 -45.81 -22.50 -8.91
CA GLU P 12 -44.93 -23.63 -9.09
C GLU P 12 -45.52 -24.99 -8.64
N ARG P 13 -46.29 -25.01 -7.56
CA ARG P 13 -46.80 -26.28 -7.02
C ARG P 13 -48.19 -26.12 -6.41
N LYS P 14 -48.91 -27.25 -6.25
CA LYS P 14 -50.16 -27.28 -5.49
C LYS P 14 -49.82 -27.56 -4.05
N VAL P 15 -50.28 -26.69 -3.13
CA VAL P 15 -49.86 -26.72 -1.74
C VAL P 15 -50.83 -27.47 -0.85
N PHE P 16 -52.14 -27.24 -1.05
CA PHE P 16 -53.19 -28.01 -0.36
C PHE P 16 -54.30 -28.42 -1.31
N GLN P 17 -54.75 -29.66 -1.15
CA GLN P 17 -55.78 -30.25 -1.98
C GLN P 17 -56.65 -31.13 -1.06
N GLY P 18 -57.97 -31.13 -1.29
CA GLY P 18 -58.90 -31.94 -0.50
C GLY P 18 -60.34 -31.47 -0.47
N GLU P 19 -61.19 -32.28 0.16
CA GLU P 19 -62.55 -31.88 0.54
C GLU P 19 -62.48 -31.07 1.83
N ALA P 20 -63.42 -30.16 2.03
CA ALA P 20 -63.43 -29.29 3.21
C ALA P 20 -64.84 -28.81 3.57
N ASP P 21 -65.16 -28.87 4.86
CA ASP P 21 -66.47 -28.44 5.38
C ASP P 21 -66.67 -26.92 5.21
N ILE P 22 -65.60 -26.16 5.48
CA ILE P 22 -65.58 -24.70 5.31
C ILE P 22 -64.14 -24.19 5.06
N VAL P 23 -64.02 -23.05 4.37
CA VAL P 23 -62.74 -22.36 4.11
C VAL P 23 -62.83 -20.92 4.64
N ILE P 24 -62.15 -20.64 5.75
CA ILE P 24 -62.11 -19.29 6.34
C ILE P 24 -60.96 -18.53 5.68
N ALA P 25 -61.27 -17.40 5.05
CA ALA P 25 -60.28 -16.64 4.29
C ALA P 25 -60.50 -15.16 4.51
N ARG P 26 -59.43 -14.42 4.83
CA ARG P 26 -59.54 -12.99 5.04
C ARG P 26 -59.49 -12.26 3.70
N GLY P 27 -60.66 -12.01 3.12
CA GLY P 27 -60.77 -11.20 1.92
C GLY P 27 -60.37 -9.76 2.19
N VAL P 28 -60.18 -9.00 1.14
CA VAL P 28 -59.73 -7.61 1.27
C VAL P 28 -60.84 -6.71 1.88
N GLU P 29 -62.12 -7.07 1.69
CA GLU P 29 -63.28 -6.38 2.33
C GLU P 29 -63.71 -6.92 3.73
N GLY P 30 -63.09 -8.00 4.21
CA GLY P 30 -63.41 -8.63 5.51
C GLY P 30 -63.51 -10.15 5.39
N GLU P 31 -63.61 -10.85 6.53
CA GLU P 31 -63.71 -12.33 6.54
C GLU P 31 -64.84 -12.90 5.68
N LEU P 32 -64.57 -14.08 5.12
CA LEU P 32 -65.51 -14.83 4.29
C LEU P 32 -65.41 -16.31 4.69
N GLY P 33 -66.56 -16.95 4.89
CA GLY P 33 -66.62 -18.39 5.12
C GLY P 33 -67.25 -19.02 3.90
N VAL P 34 -66.44 -19.64 3.05
CA VAL P 34 -66.94 -20.33 1.86
C VAL P 34 -67.25 -21.78 2.23
N MET P 35 -68.55 -22.10 2.26
CA MET P 35 -69.05 -23.48 2.37
C MET P 35 -69.60 -23.89 1.01
N ALA P 36 -69.98 -25.16 0.89
CA ALA P 36 -70.53 -25.72 -0.35
C ALA P 36 -71.75 -24.91 -0.87
N GLY P 37 -71.86 -24.81 -2.20
CA GLY P 37 -72.93 -24.05 -2.84
C GLY P 37 -72.88 -22.52 -2.72
N HIS P 38 -71.74 -21.98 -2.32
CA HIS P 38 -71.55 -20.52 -2.24
C HIS P 38 -71.70 -19.89 -3.64
N ILE P 39 -72.07 -18.61 -3.69
CA ILE P 39 -72.21 -17.87 -4.95
C ILE P 39 -70.86 -17.66 -5.62
N PRO P 40 -70.77 -17.91 -6.96
CA PRO P 40 -69.56 -17.64 -7.76
C PRO P 40 -68.96 -16.25 -7.56
N LEU P 41 -67.68 -16.20 -7.20
CA LEU P 41 -67.05 -14.97 -6.66
C LEU P 41 -65.53 -14.93 -6.83
N VAL P 42 -64.99 -13.72 -7.05
CA VAL P 42 -63.53 -13.49 -7.12
C VAL P 42 -63.14 -12.21 -6.34
N THR P 43 -62.24 -12.36 -5.37
CA THR P 43 -61.80 -11.24 -4.49
C THR P 43 -60.32 -11.37 -4.13
N PRO P 44 -59.56 -10.26 -4.16
CA PRO P 44 -58.22 -10.37 -3.60
C PRO P 44 -58.25 -10.66 -2.10
N LEU P 45 -57.25 -11.39 -1.62
CA LEU P 45 -57.09 -11.70 -0.19
C LEU P 45 -55.99 -10.85 0.45
N LYS P 46 -56.13 -10.62 1.75
CA LYS P 46 -55.06 -10.02 2.52
C LYS P 46 -54.03 -11.10 2.84
N THR P 47 -52.80 -10.66 3.09
CA THR P 47 -51.74 -11.55 3.53
C THR P 47 -52.10 -12.04 4.93
N ALA P 48 -52.84 -13.15 4.98
CA ALA P 48 -53.36 -13.71 6.22
C ALA P 48 -53.33 -15.23 6.12
N PRO P 49 -53.63 -15.92 7.23
CA PRO P 49 -53.89 -17.34 7.07
C PRO P 49 -55.13 -17.60 6.23
N VAL P 50 -55.27 -18.85 5.79
CA VAL P 50 -56.56 -19.38 5.43
C VAL P 50 -56.71 -20.64 6.27
N ARG P 51 -57.86 -20.76 6.91
CA ARG P 51 -58.17 -21.87 7.81
C ARG P 51 -59.10 -22.78 7.04
N ILE P 52 -58.79 -24.07 7.03
CA ILE P 52 -59.63 -25.06 6.39
C ILE P 52 -60.05 -26.08 7.44
N LYS P 53 -61.36 -26.31 7.54
CA LYS P 53 -61.93 -27.27 8.49
C LYS P 53 -62.39 -28.54 7.79
N GLN P 54 -61.96 -29.67 8.36
CA GLN P 54 -62.43 -30.99 8.00
C GLN P 54 -62.86 -31.68 9.31
N GLY P 55 -64.10 -31.43 9.71
CA GLY P 55 -64.63 -31.91 10.97
C GLY P 55 -63.82 -31.45 12.16
N ASP P 56 -63.14 -32.41 12.79
CA ASP P 56 -62.33 -32.19 13.97
C ASP P 56 -60.96 -31.59 13.62
N LYS P 57 -60.52 -31.79 12.38
CA LYS P 57 -59.20 -31.37 11.92
C LYS P 57 -59.22 -29.92 11.39
N GLU P 58 -58.13 -29.19 11.64
CA GLU P 58 -57.97 -27.82 11.14
C GLU P 58 -56.55 -27.56 10.63
N THR P 59 -56.38 -27.57 9.31
CA THR P 59 -55.10 -27.16 8.69
C THR P 59 -55.16 -25.64 8.37
N LEU P 60 -54.05 -24.97 8.68
CA LEU P 60 -53.91 -23.53 8.57
C LEU P 60 -52.75 -23.25 7.58
N ILE P 61 -52.99 -22.44 6.53
CA ILE P 61 -51.98 -22.18 5.48
C ILE P 61 -51.63 -20.70 5.36
N ALA P 62 -50.34 -20.40 5.31
CA ALA P 62 -49.85 -19.02 5.27
C ALA P 62 -49.84 -18.44 3.85
N VAL P 63 -51.01 -17.99 3.40
CA VAL P 63 -51.20 -17.46 2.05
C VAL P 63 -50.77 -16.01 2.00
N SER P 64 -50.12 -15.60 0.89
CA SER P 64 -49.71 -14.20 0.66
C SER P 64 -49.80 -13.82 -0.82
N GLY P 65 -50.35 -12.64 -1.09
CA GLY P 65 -50.45 -12.15 -2.45
C GLY P 65 -51.33 -13.03 -3.28
N GLY P 66 -52.45 -13.45 -2.70
CA GLY P 66 -53.34 -14.39 -3.35
C GLY P 66 -54.72 -13.81 -3.60
N PHE P 67 -55.49 -14.51 -4.43
CA PHE P 67 -56.88 -14.15 -4.65
C PHE P 67 -57.71 -15.43 -4.78
N LEU P 68 -58.97 -15.31 -4.36
CA LEU P 68 -59.88 -16.44 -4.18
C LEU P 68 -60.86 -16.50 -5.34
N GLU P 69 -61.06 -17.71 -5.87
CA GLU P 69 -62.02 -17.93 -6.94
C GLU P 69 -62.90 -19.11 -6.56
N VAL P 70 -64.18 -18.84 -6.27
CA VAL P 70 -65.18 -19.89 -6.01
C VAL P 70 -66.10 -20.04 -7.22
N ARG P 71 -66.32 -21.29 -7.62
CA ARG P 71 -67.28 -21.66 -8.66
C ARG P 71 -68.29 -22.49 -7.86
N PRO P 72 -69.45 -22.87 -8.47
CA PRO P 72 -70.43 -23.63 -7.64
C PRO P 72 -69.87 -24.94 -6.99
N ASP P 73 -69.02 -25.63 -7.75
CA ASP P 73 -68.40 -26.94 -7.40
C ASP P 73 -67.16 -26.90 -6.46
N LYS P 74 -66.20 -26.02 -6.77
CA LYS P 74 -64.89 -26.00 -6.10
C LYS P 74 -64.42 -24.59 -5.73
N VAL P 75 -63.31 -24.56 -4.99
CA VAL P 75 -62.68 -23.32 -4.51
C VAL P 75 -61.18 -23.34 -4.85
N ASN P 76 -60.69 -22.35 -5.61
CA ASN P 76 -59.28 -22.19 -5.95
C ASN P 76 -58.73 -20.92 -5.32
N ILE P 77 -57.55 -20.99 -4.72
CA ILE P 77 -56.89 -19.81 -4.18
C ILE P 77 -55.52 -19.76 -4.82
N LEU P 78 -55.27 -18.75 -5.66
CA LEU P 78 -54.00 -18.61 -6.40
C LEU P 78 -53.05 -17.54 -5.82
N ALA P 79 -52.14 -17.98 -4.96
CA ALA P 79 -51.24 -17.08 -4.26
C ALA P 79 -49.79 -17.15 -4.76
N ASP P 80 -49.05 -16.04 -4.57
CA ASP P 80 -47.61 -15.99 -4.81
C ASP P 80 -46.87 -16.93 -3.85
N THR P 81 -47.39 -17.02 -2.64
CA THR P 81 -46.80 -17.78 -1.57
C THR P 81 -47.93 -18.53 -0.84
N ALA P 82 -47.63 -19.74 -0.37
CA ALA P 82 -48.57 -20.52 0.45
C ALA P 82 -47.78 -21.59 1.16
N GLU P 83 -47.76 -21.60 2.49
CA GLU P 83 -46.97 -22.60 3.24
C GLU P 83 -47.75 -23.27 4.35
N LEU P 84 -47.59 -24.59 4.47
CA LEU P 84 -48.16 -25.38 5.56
C LEU P 84 -47.34 -25.23 6.85
N PRO P 85 -47.93 -25.46 8.02
CA PRO P 85 -47.24 -25.13 9.27
C PRO P 85 -45.92 -25.88 9.44
N GLU P 86 -45.94 -27.18 9.26
CA GLU P 86 -44.73 -28.01 9.39
C GLU P 86 -43.59 -27.63 8.39
N GLU P 87 -43.92 -27.07 7.22
CA GLU P 87 -42.90 -26.66 6.23
C GLU P 87 -42.43 -25.19 6.33
N ILE P 88 -42.83 -24.47 7.37
CA ILE P 88 -42.42 -23.09 7.59
C ILE P 88 -41.17 -23.08 8.47
N ASP P 89 -40.13 -22.39 7.98
CA ASP P 89 -38.88 -22.17 8.69
C ASP P 89 -39.07 -21.04 9.69
N VAL P 90 -39.09 -21.38 10.97
CA VAL P 90 -39.47 -20.44 12.02
C VAL P 90 -38.38 -19.37 12.24
N GLU P 91 -37.11 -19.77 12.23
CA GLU P 91 -36.00 -18.84 12.51
C GLU P 91 -35.79 -17.83 11.38
N ARG P 92 -36.02 -18.27 10.15
CA ARG P 92 -36.04 -17.40 8.97
C ARG P 92 -37.20 -16.40 8.97
N ALA P 93 -38.37 -16.82 9.44
CA ALA P 93 -39.52 -15.91 9.58
C ALA P 93 -39.26 -14.81 10.60
N LYS P 94 -38.41 -15.08 11.59
CA LYS P 94 -38.01 -14.05 12.59
C LYS P 94 -36.96 -13.09 12.05
N LYS P 95 -36.06 -13.57 11.20
CA LYS P 95 -35.12 -12.70 10.46
C LYS P 95 -35.82 -11.83 9.41
N ALA P 96 -36.80 -12.41 8.71
CA ALA P 96 -37.66 -11.63 7.82
C ALA P 96 -38.42 -10.56 8.62
N LYS P 97 -38.92 -10.92 9.79
CA LYS P 97 -39.67 -9.98 10.62
C LYS P 97 -38.75 -8.85 11.14
N ALA P 98 -37.65 -9.22 11.78
CA ALA P 98 -36.71 -8.26 12.37
C ALA P 98 -36.22 -7.26 11.34
N ARG P 99 -35.80 -7.76 10.17
CA ARG P 99 -35.34 -6.90 9.06
C ARG P 99 -36.38 -5.83 8.73
N HIS P 100 -37.55 -6.27 8.27
CA HIS P 100 -38.55 -5.36 7.74
C HIS P 100 -39.21 -4.50 8.82
N GLU P 101 -39.17 -4.95 10.07
CA GLU P 101 -39.74 -4.22 11.20
C GLU P 101 -38.87 -3.00 11.58
N THR P 102 -37.55 -3.19 11.68
CA THR P 102 -36.63 -2.09 12.05
C THR P 102 -36.46 -1.04 10.92
N ILE P 103 -36.58 -1.47 9.66
CA ILE P 103 -36.61 -0.56 8.51
C ILE P 103 -37.90 0.25 8.47
N LEU P 104 -39.03 -0.39 8.74
CA LEU P 104 -40.33 0.30 8.83
C LEU P 104 -40.35 1.45 9.86
N LYS P 105 -39.72 1.23 11.02
CA LYS P 105 -39.68 2.24 12.11
C LYS P 105 -39.34 3.66 11.64
N ARG P 106 -38.37 3.76 10.74
CA ARG P 106 -37.76 5.04 10.37
C ARG P 106 -38.13 5.56 8.97
N LEU P 107 -38.81 4.77 8.16
CA LEU P 107 -39.18 5.21 6.81
C LEU P 107 -40.35 6.18 6.87
N ASP P 108 -40.30 7.18 6.00
CA ASP P 108 -41.42 8.08 5.79
C ASP P 108 -42.53 7.31 5.05
N LYS P 109 -43.78 7.69 5.29
CA LYS P 109 -44.92 6.92 4.78
C LYS P 109 -45.09 6.90 3.24
N THR P 110 -44.49 7.86 2.50
CA THR P 110 -44.57 7.86 1.01
C THR P 110 -43.20 8.00 0.33
N ASP P 111 -42.19 7.29 0.84
CA ASP P 111 -40.95 7.12 0.08
C ASP P 111 -41.09 5.82 -0.73
N LYS P 112 -40.09 5.57 -1.57
CA LYS P 112 -40.14 4.48 -2.56
C LYS P 112 -40.60 3.13 -1.98
N ASP P 113 -39.95 2.71 -0.90
CA ASP P 113 -40.04 1.32 -0.43
C ASP P 113 -41.06 1.00 0.66
N TYR P 114 -41.74 2.01 1.21
CA TYR P 114 -42.55 1.80 2.43
C TYR P 114 -43.49 0.62 2.28
N LEU P 115 -44.19 0.58 1.15
CA LEU P 115 -45.21 -0.42 0.90
C LEU P 115 -44.60 -1.81 0.77
N ARG P 116 -43.51 -1.94 0.01
CA ARG P 116 -42.83 -3.25 -0.12
C ARG P 116 -42.36 -3.87 1.22
N HIS P 117 -41.87 -3.05 2.13
CA HIS P 117 -41.38 -3.55 3.44
C HIS P 117 -42.53 -3.80 4.41
N LYS P 118 -43.64 -3.08 4.23
CA LYS P 118 -44.85 -3.36 5.00
C LYS P 118 -45.39 -4.72 4.58
N ARG P 119 -45.40 -4.95 3.26
CA ARG P 119 -45.88 -6.19 2.65
C ARG P 119 -45.06 -7.38 3.13
N ALA P 120 -43.74 -7.24 3.09
CA ALA P 120 -42.81 -8.29 3.52
C ALA P 120 -42.84 -8.59 5.02
N LEU P 121 -43.23 -7.61 5.81
CA LEU P 121 -43.39 -7.77 7.25
C LEU P 121 -44.61 -8.63 7.55
N GLU P 122 -45.72 -8.34 6.87
CA GLU P 122 -46.95 -9.12 7.01
C GLU P 122 -46.79 -10.57 6.56
N ARG P 123 -46.04 -10.82 5.47
CA ARG P 123 -45.76 -12.18 5.02
C ARG P 123 -45.07 -13.00 6.09
N ALA P 124 -44.15 -12.38 6.82
CA ALA P 124 -43.42 -13.04 7.90
C ALA P 124 -44.23 -13.14 9.21
N GLU P 125 -45.10 -12.15 9.45
CA GLU P 125 -46.00 -12.14 10.62
C GLU P 125 -46.99 -13.31 10.56
N VAL P 126 -47.49 -13.56 9.35
CA VAL P 126 -48.45 -14.62 9.08
C VAL P 126 -47.78 -16.00 9.20
N ARG P 127 -46.59 -16.14 8.62
CA ARG P 127 -45.84 -17.39 8.74
C ARG P 127 -45.57 -17.82 10.20
N LEU P 128 -45.38 -16.86 11.09
CA LEU P 128 -45.13 -17.15 12.49
C LEU P 128 -46.38 -17.65 13.20
N GLN P 129 -47.55 -17.07 12.87
CA GLN P 129 -48.83 -17.58 13.42
C GLN P 129 -49.16 -19.00 12.97
N VAL P 130 -48.99 -19.23 11.67
CA VAL P 130 -49.34 -20.48 11.02
C VAL P 130 -48.43 -21.58 11.55
N ALA P 131 -47.13 -21.28 11.73
CA ALA P 131 -46.18 -22.26 12.33
C ALA P 131 -46.48 -22.63 13.79
N ASN P 132 -47.17 -21.74 14.52
CA ASN P 132 -47.68 -22.06 15.86
C ASN P 132 -48.91 -22.95 15.89
N SER P 133 -49.76 -22.91 14.87
CA SER P 133 -50.93 -23.83 14.80
C SER P 133 -50.51 -25.33 14.68
N LYS P 134 -49.25 -25.58 14.34
CA LYS P 134 -48.61 -26.88 14.58
C LYS P 134 -48.52 -27.12 16.09
PB ADP Q . 12.58 30.84 38.07
O1B ADP Q . 12.46 31.91 37.03
O2B ADP Q . 12.98 31.40 39.42
O3B ADP Q . 11.43 29.87 38.04
PA ADP Q . 14.68 28.95 38.57
O1A ADP Q . 14.00 28.77 39.89
O2A ADP Q . 16.15 29.24 38.61
O3A ADP Q . 13.87 30.00 37.62
O5' ADP Q . 14.42 27.58 37.78
C5' ADP Q . 14.56 27.38 36.38
C4' ADP Q . 14.87 25.91 36.07
O4' ADP Q . 15.99 25.87 35.21
C3' ADP Q . 15.28 25.04 37.26
O3' ADP Q . 14.77 23.71 37.07
C2' ADP Q . 16.80 25.09 37.26
O2' ADP Q . 17.37 23.88 37.75
C1' ADP Q . 17.16 25.29 35.81
N9 ADP Q . 18.23 26.27 35.56
C8 ADP Q . 18.25 27.54 36.01
N7 ADP Q . 19.35 28.20 35.54
C5 ADP Q . 20.04 27.36 34.77
C6 ADP Q . 21.28 27.42 33.99
N6 ADP Q . 22.01 28.57 33.96
N1 ADP Q . 21.67 26.32 33.31
C2 ADP Q . 20.94 25.17 33.34
N3 ADP Q . 19.78 25.04 34.04
C4 ADP Q . 19.29 26.08 34.77
MG MG R . 11.93 31.57 41.32
C1 GOL S . -3.06 54.09 39.52
O1 GOL S . -2.49 54.40 38.24
C2 GOL S . -3.79 52.79 39.27
O2 GOL S . -4.87 53.14 38.37
C3 GOL S . -4.28 52.15 40.57
O3 GOL S . -3.26 51.94 41.53
PB ADP T . -3.07 71.22 13.26
O1B ADP T . -4.04 72.35 13.53
O2B ADP T . -3.77 69.99 12.68
O3B ADP T . -2.09 71.02 14.41
PA ADP T . -1.87 73.38 11.80
O1A ADP T . -2.85 73.99 10.82
O2A ADP T . -1.62 74.12 13.10
O3A ADP T . -2.15 71.80 12.05
O5' ADP T . -0.49 73.19 11.02
C5' ADP T . 0.69 72.69 11.66
C4' ADP T . 1.85 73.50 11.13
O4' ADP T . 1.96 73.27 9.71
C3' ADP T . 1.64 75.00 11.36
O3' ADP T . 2.59 75.52 12.31
C2' ADP T . 1.76 75.64 9.99
O2' ADP T . 2.79 76.64 10.02
C1' ADP T . 2.12 74.50 9.04
N9 ADP T . 1.26 74.52 7.85
C8 ADP T . -0.04 74.16 7.78
N7 ADP T . -0.51 74.29 6.51
C5 ADP T . 0.49 74.73 5.75
C6 ADP T . 0.66 75.09 4.33
N6 ADP T . -0.39 74.98 3.48
N1 ADP T . 1.87 75.53 3.92
C2 ADP T . 2.92 75.64 4.77
N3 ADP T . 2.84 75.33 6.09
C4 ADP T . 1.67 74.89 6.63
MG MG U . -4.66 73.09 15.48
PB ADP V . -27.36 28.39 12.93
O1B ADP V . -27.53 29.86 12.57
O2B ADP V . -28.45 27.79 13.78
O3B ADP V . -25.99 28.04 13.46
PA ADP V . -28.73 27.20 10.73
O1A ADP V . -29.75 28.31 10.80
O2A ADP V . -29.11 25.81 11.19
O3A ADP V . -27.37 27.59 11.52
O5' ADP V . -28.27 27.03 9.20
C5' ADP V . -27.77 28.14 8.48
C4' ADP V . -27.95 27.92 6.98
O4' ADP V . -27.07 26.88 6.55
C3' ADP V . -29.36 27.50 6.61
O3' ADP V . -29.75 28.19 5.43
C2' ADP V . -29.24 26.01 6.35
O2' ADP V . -30.17 25.58 5.39
C1' ADP V . -27.81 25.88 5.85
N9 ADP V . -27.21 24.53 6.08
C8 ADP V . -27.02 23.99 7.28
N7 ADP V . -26.45 22.77 7.18
C5 ADP V . -26.26 22.54 5.89
C6 ADP V . -25.72 21.44 5.14
N6 ADP V . -25.26 20.37 5.83
N1 ADP V . -25.70 21.55 3.78
C2 ADP V . -26.18 22.65 3.13
N3 ADP V . -26.69 23.70 3.79
C4 ADP V . -26.77 23.70 5.14
MG MG W . -30.04 28.60 15.04
PB ADP X . -10.67 18.14 30.33
O1B ADP X . -11.90 18.99 30.08
O2B ADP X . -10.56 17.52 31.71
O3B ADP X . -9.36 18.73 29.93
PA ADP X . -10.81 15.37 29.16
O1A ADP X . -12.15 14.68 29.29
O2A ADP X . -9.67 14.98 30.10
O3A ADP X . -11.01 16.99 29.20
O5' ADP X . -10.37 14.98 27.64
C5' ADP X . -10.98 15.59 26.48
C4' ADP X . -11.03 14.73 25.21
O4' ADP X . -9.80 14.84 24.48
C3' ADP X . -11.24 13.25 25.45
O3' ADP X . -12.60 12.90 25.42
C2' ADP X . -10.50 12.57 24.32
O2' ADP X . -11.36 12.29 23.21
C1' ADP X . -9.38 13.56 23.96
N9 ADP X . -8.10 13.04 24.54
C8 ADP X . -7.39 13.52 25.58
N7 ADP X . -6.28 12.76 25.84
C5 ADP X . -6.28 11.75 24.93
C6 ADP X . -5.42 10.57 24.61
N6 ADP X . -4.30 10.33 25.33
N1 ADP X . -5.80 9.79 23.56
C2 ADP X . -6.93 10.06 22.84
N3 ADP X . -7.74 11.08 23.08
C4 ADP X . -7.48 11.96 24.09
MG MG Y . -12.10 17.27 33.24
PB ADP Z . 22.58 60.26 30.36
O1B ADP Z . 21.66 59.70 29.30
O2B ADP Z . 22.17 61.57 31.00
O3B ADP Z . 23.00 59.28 31.42
PA ADP Z . 25.26 61.23 30.09
O1A ADP Z . 25.11 62.72 29.96
O2A ADP Z . 25.54 60.63 31.46
O3A ADP Z . 23.92 60.55 29.49
O5' ADP Z . 26.38 60.72 29.07
C5' ADP Z . 27.19 59.55 29.27
C4' ADP Z . 28.63 59.83 28.91
O4' ADP Z . 28.75 60.07 27.49
C3' ADP Z . 29.22 61.07 29.55
O3' ADP Z . 29.58 60.84 30.91
C2' ADP Z . 30.35 61.40 28.58
O2' ADP Z . 31.51 60.57 28.71
C1' ADP Z . 29.75 61.07 27.23
N9 ADP Z . 29.21 62.30 26.59
C8 ADP Z . 27.94 62.74 26.60
N7 ADP Z . 27.82 63.90 25.90
C5 ADP Z . 29.04 64.21 25.43
C6 ADP Z . 29.62 65.30 24.62
N6 ADP Z . 28.84 66.32 24.16
N1 ADP Z . 30.96 65.24 24.36
C2 ADP Z . 31.75 64.24 24.80
N3 ADP Z . 31.28 63.22 25.54
C4 ADP Z . 29.96 63.16 25.89
P PO4 AA . 14.46 58.76 33.23
O1 PO4 AA . 13.10 59.38 33.06
O2 PO4 AA . 14.37 57.76 34.36
O3 PO4 AA . 14.92 58.10 31.96
O4 PO4 AA . 15.43 59.89 33.50
PB ADP BA . -23.84 55.59 6.13
O1B ADP BA . -25.34 55.89 6.23
O2B ADP BA . -23.60 54.16 5.77
O3B ADP BA . -23.08 56.11 7.33
PA ADP BA . -24.02 56.66 3.57
O1A ADP BA . -24.93 57.88 3.78
O2A ADP BA . -24.75 55.42 3.19
O3A ADP BA . -23.15 56.36 4.88
O5' ADP BA . -22.99 57.02 2.39
C5' ADP BA . -21.58 57.15 2.54
C4' ADP BA . -20.96 57.91 1.36
O4' ADP BA . -20.21 56.93 0.64
C3' ADP BA . -21.82 58.61 0.27
O3' ADP BA . -22.08 60.02 0.50
C2' ADP BA . -21.02 58.38 -1.01
O2' ADP BA . -19.90 59.27 -1.19
C1' ADP BA . -20.45 56.99 -0.78
N9 ADP BA . -21.33 55.87 -1.19
C8 ADP BA . -22.07 55.09 -0.39
N7 ADP BA . -22.72 54.13 -1.08
C5 ADP BA . -22.41 54.30 -2.35
C6 ADP BA . -22.77 53.61 -3.59
N6 ADP BA . -23.61 52.56 -3.58
N1 ADP BA . -22.20 54.10 -4.71
C2 ADP BA . -21.36 55.15 -4.73
N3 ADP BA . -20.97 55.82 -3.63
C4 ADP BA . -21.48 55.44 -2.43
MG MG CA . -26.88 57.01 7.30
MG MG DA . 31.78 19.45 -14.39
PG ATP EA . 33.82 17.30 -11.08
O1G ATP EA . 32.47 17.86 -10.76
O2G ATP EA . 34.81 17.18 -9.94
O3G ATP EA . 33.78 16.06 -11.95
PB ATP EA . 34.65 18.39 -13.61
O1B ATP EA . 33.36 18.13 -14.36
O2B ATP EA . 35.78 17.38 -13.82
O3B ATP EA . 34.35 18.50 -12.03
PA ATP EA . 34.70 21.03 -14.88
O1A ATP EA . 33.24 20.81 -15.26
O2A ATP EA . 35.73 21.08 -15.99
O3A ATP EA . 35.18 19.91 -13.81
O5' ATP EA . 34.84 22.42 -14.06
C5' ATP EA . 33.92 22.76 -13.02
C4' ATP EA . 34.27 24.04 -12.25
O4' ATP EA . 34.86 23.70 -10.98
C3' ATP EA . 35.30 24.94 -12.91
O3' ATP EA . 34.97 26.27 -12.57
C2' ATP EA . 36.65 24.44 -12.35
O2' ATP EA . 37.78 25.33 -12.33
C1' ATP EA . 36.27 23.96 -10.95
N9 ATP EA . 36.96 22.72 -10.56
C8 ATP EA . 36.86 21.54 -11.19
N7 ATP EA . 37.59 20.58 -10.58
C5 ATP EA . 38.19 21.15 -9.50
C6 ATP EA . 39.11 20.71 -8.39
N6 ATP EA . 39.59 19.43 -8.28
N1 ATP EA . 39.47 21.66 -7.48
C2 ATP EA . 39.02 22.93 -7.56
N3 ATP EA . 38.21 23.37 -8.52
C4 ATP EA . 37.76 22.56 -9.50
PB ADP FA . 4.25 -50.48 5.35
O1B ADP FA . 3.31 -50.81 4.23
O2B ADP FA . 4.61 -51.75 6.11
O3B ADP FA . 5.38 -49.53 4.98
PA ADP FA . 3.24 -49.81 7.92
O1A ADP FA . 2.38 -51.01 8.30
O2A ADP FA . 4.68 -49.68 8.42
O3A ADP FA . 3.28 -49.65 6.32
O5' ADP FA . 2.37 -48.53 8.35
C5' ADP FA . 2.85 -47.20 8.15
C4' ADP FA . 2.16 -46.25 9.12
O4' ADP FA . 0.75 -46.41 8.97
C3' ADP FA . 2.48 -46.54 10.57
O3' ADP FA . 2.99 -45.37 11.19
C2' ADP FA . 1.16 -46.87 11.20
O2' ADP FA . 0.96 -46.21 12.45
C1' ADP FA . 0.12 -46.35 10.24
N9 ADP FA . -1.11 -47.18 10.25
C8 ADP FA . -1.19 -48.44 9.79
N7 ADP FA . -2.45 -48.93 9.93
C5 ADP FA . -3.20 -47.96 10.49
C6 ADP FA . -4.62 -47.79 10.92
N6 ADP FA . -5.56 -48.75 10.81
N1 ADP FA . -4.93 -46.59 11.47
C2 ADP FA . -4.04 -45.57 11.63
N3 ADP FA . -2.75 -45.69 11.25
C4 ADP FA . -2.29 -46.81 10.70
MG MG GA . 6.47 -52.85 6.33
PB ADP HA . -7.51 -58.63 -42.11
O1B ADP HA . -7.15 -57.17 -42.06
O2B ADP HA . -6.92 -59.44 -43.21
O3B ADP HA . -7.52 -59.37 -40.79
PA ADP HA . -9.79 -59.56 -43.65
O1A ADP HA . -9.58 -59.10 -45.08
O2A ADP HA . -9.57 -61.02 -43.27
O3A ADP HA . -9.05 -58.54 -42.62
O5' ADP HA . -11.32 -59.13 -43.38
C5' ADP HA . -11.86 -59.16 -42.07
C4' ADP HA . -13.19 -59.85 -42.15
O4' ADP HA . -14.07 -58.95 -42.78
C3' ADP HA . -13.16 -61.12 -42.99
O3' ADP HA . -13.42 -62.22 -42.11
C2' ADP HA . -14.20 -60.94 -44.06
O2' ADP HA . -15.13 -62.01 -43.87
C1' ADP HA . -14.84 -59.58 -43.79
N9 ADP HA . -14.97 -58.55 -44.88
C8 ADP HA . -13.97 -57.88 -45.49
N7 ADP HA . -14.45 -56.98 -46.39
C5 ADP HA . -15.78 -57.07 -46.34
C6 ADP HA . -16.91 -56.42 -47.02
N6 ADP HA . -16.66 -55.47 -47.95
N1 ADP HA . -18.18 -56.78 -46.68
C2 ADP HA . -18.43 -57.72 -45.75
N3 ADP HA . -17.44 -58.36 -45.08
C4 ADP HA . -16.13 -58.08 -45.33
MG MG IA . -5.50 -61.08 -43.28
PB ADP JA . 21.49 -21.59 -27.37
O1B ADP JA . 20.87 -22.30 -28.57
O2B ADP JA . 23.00 -21.41 -27.30
O3B ADP JA . 20.96 -22.11 -26.07
PA ADP JA . 21.65 -18.90 -28.34
O1A ADP JA . 22.45 -19.41 -29.50
O2A ADP JA . 22.34 -17.99 -27.36
O3A ADP JA . 20.91 -20.08 -27.49
O5' ADP JA . 20.42 -18.02 -28.91
C5' ADP JA . 19.26 -18.56 -29.57
C4' ADP JA . 18.50 -17.48 -30.37
O4' ADP JA . 17.84 -16.60 -29.45
C3' ADP JA . 19.42 -16.59 -31.20
O3' ADP JA . 18.77 -16.20 -32.41
C2' ADP JA . 19.63 -15.35 -30.36
O2' ADP JA . 19.92 -14.26 -31.23
C1' ADP JA . 18.32 -15.26 -29.60
N9 ADP JA . 18.42 -14.62 -28.26
C8 ADP JA . 19.20 -15.01 -27.23
N7 ADP JA . 19.07 -14.18 -26.16
C5 ADP JA . 18.16 -13.26 -26.52
C6 ADP JA . 17.53 -12.10 -25.88
N6 ADP JA . 17.87 -11.77 -24.61
N1 ADP JA . 16.64 -11.38 -26.59
C2 ADP JA . 16.29 -11.71 -27.86
N3 ADP JA . 16.80 -12.77 -28.51
C4 ADP JA . 17.73 -13.54 -27.90
MG MG KA . 24.77 -22.56 -27.83
PB ADP LA . 20.66 -29.90 -2.81
O1B ADP LA . 19.25 -30.33 -2.53
O2B ADP LA . 21.59 -30.34 -1.72
O3B ADP LA . 21.13 -30.24 -4.19
PA ADP LA . 20.86 -27.18 -1.69
O1A ADP LA . 22.21 -26.46 -1.87
O2A ADP LA . 20.59 -27.77 -0.32
O3A ADP LA . 20.66 -28.29 -2.87
O5' ADP LA . 19.68 -26.10 -1.99
C5' ADP LA . 19.67 -25.36 -3.21
C4' ADP LA . 18.83 -24.11 -3.17
O4' ADP LA . 17.59 -24.34 -2.49
C3' ADP LA . 19.52 -22.99 -2.43
O3' ADP LA . 20.39 -22.22 -3.28
C2' ADP LA . 18.40 -22.17 -1.80
O2' ADP LA . 18.11 -20.88 -2.41
C1' ADP LA . 17.17 -23.11 -1.89
N9 ADP LA . 16.63 -23.34 -0.52
C8 ADP LA . 16.49 -24.48 0.17
N7 ADP LA . 15.94 -24.27 1.40
C5 ADP LA . 15.75 -22.95 1.50
C6 ADP LA . 15.22 -22.02 2.53
N6 ADP LA . 14.76 -22.47 3.73
N1 ADP LA . 15.19 -20.70 2.18
C2 ADP LA . 15.64 -20.22 0.97
N3 ADP LA . 16.13 -21.02 0.01
C4 ADP LA . 16.19 -22.35 0.23
MG MG MA . 23.72 -30.74 -1.54
PB ADP NA . -14.92 -69.05 -11.86
O1B ADP NA . -14.72 -68.00 -12.95
O2B ADP NA . -14.41 -70.43 -12.24
O3B ADP NA . -14.50 -68.58 -10.49
PA ADP NA . -17.32 -70.43 -11.13
O1A ADP NA . -17.53 -71.41 -12.26
O2A ADP NA . -16.59 -70.90 -9.89
O3A ADP NA . -16.53 -69.15 -11.72
O5' ADP NA . -18.80 -69.87 -10.78
C5' ADP NA . -19.14 -69.08 -9.62
C4' ADP NA . -20.48 -69.46 -8.98
O4' ADP NA . -21.61 -68.98 -9.74
C3' ADP NA . -20.65 -70.97 -8.81
O3' ADP NA . -20.41 -71.34 -7.45
C2' ADP NA . -22.07 -71.27 -9.25
O2' ADP NA . -22.86 -71.67 -8.12
C1' ADP NA . -22.62 -69.99 -9.88
N9 ADP NA . -22.92 -70.24 -11.32
C8 ADP NA . -22.13 -69.96 -12.40
N7 ADP NA . -22.71 -70.32 -13.57
C5 ADP NA . -23.92 -70.86 -13.29
C6 ADP NA . -25.06 -71.44 -14.06
N6 ADP NA . -25.04 -71.53 -15.42
N1 ADP NA . -26.13 -71.88 -13.36
C2 ADP NA . -26.19 -71.79 -12.00
N3 ADP NA . -25.19 -71.29 -11.24
C4 ADP NA . -24.05 -70.80 -11.81
P PO4 OA . -6.82 -67.64 -14.21
O1 PO4 OA . -7.59 -66.35 -14.33
O2 PO4 OA . -5.93 -67.64 -12.99
O3 PO4 OA . -5.96 -67.92 -15.41
O4 PO4 OA . -7.82 -68.75 -14.05
PB ADP PA . 8.46 -37.56 -46.75
O1B ADP PA . 9.52 -37.28 -47.75
O2B ADP PA . 8.61 -36.57 -45.62
O3B ADP PA . 8.36 -39.01 -46.31
PA ADP PA . 6.84 -36.34 -48.85
O1A ADP PA . 7.78 -35.16 -49.02
O2A ADP PA . 6.88 -37.37 -49.95
O3A ADP PA . 7.04 -37.13 -47.42
O5' ADP PA . 5.29 -35.89 -48.84
C5' ADP PA . 4.30 -36.62 -48.11
C4' ADP PA . 2.89 -36.62 -48.75
O4' ADP PA . 2.09 -35.61 -48.10
C3' ADP PA . 2.74 -36.40 -50.26
O3' ADP PA . 2.55 -37.65 -50.93
C2' ADP PA . 1.54 -35.47 -50.41
O2' ADP PA . 0.32 -36.17 -50.67
C1' ADP PA . 1.45 -34.75 -49.06
N9 ADP PA . 2.17 -33.44 -49.03
C8 ADP PA . 3.44 -33.19 -48.59
N7 ADP PA . 3.77 -31.88 -48.69
C5 ADP PA . 2.72 -31.26 -49.22
C6 ADP PA . 2.38 -29.87 -49.60
N6 ADP PA . 3.27 -28.87 -49.43
N1 ADP PA . 1.14 -29.67 -50.11
C2 ADP PA . 0.21 -30.64 -50.26
N3 ADP PA . 0.43 -31.93 -49.95
C4 ADP PA . 1.65 -32.29 -49.43
MG MG QA . 10.99 -38.47 -48.84
MG MG RA . -38.47 -12.86 -1.09
PG ATP SA . -37.39 -14.16 3.45
O1G ATP SA . -37.46 -12.68 3.73
O2G ATP SA . -37.75 -15.03 4.65
O3G ATP SA . -36.17 -14.61 2.67
PB ATP SA . -39.70 -13.45 1.86
O1B ATP SA . -39.07 -12.59 0.79
O2B ATP SA . -40.40 -12.73 2.98
O3B ATP SA . -38.55 -14.48 2.37
PA ATP SA . -41.09 -14.65 -0.34
O1A ATP SA . -42.54 -14.24 -0.49
O2A ATP SA . -39.98 -14.01 -1.17
O3A ATP SA . -40.71 -14.53 1.21
O5' ATP SA . -41.03 -16.23 -0.61
C5' ATP SA . -39.80 -16.83 -1.02
C4' ATP SA . -39.92 -18.33 -1.28
O4' ATP SA . -39.38 -19.00 -0.14
C3' ATP SA . -41.34 -18.87 -1.47
O3' ATP SA . -41.32 -19.95 -2.41
C2' ATP SA . -41.73 -19.30 -0.07
O2' ATP SA . -42.61 -20.44 0.02
C1' ATP SA . -40.41 -19.59 0.63
N9 ATP SA . -40.41 -19.06 2.02
C8 ATP SA . -40.46 -17.78 2.42
N7 ATP SA . -40.44 -17.67 3.77
C5 ATP SA . -40.40 -18.91 4.27
C6 ATP SA . -40.36 -19.53 5.61
N6 ATP SA . -40.37 -18.75 6.73
N1 ATP SA . -40.30 -20.89 5.66
C2 ATP SA . -40.28 -21.67 4.55
N3 ATP SA . -40.32 -21.16 3.32
C4 ATP SA . -40.37 -19.83 3.11
#